data_7Z53
#
_entry.id   7Z53
#
_cell.length_a   257.022
_cell.length_b   157.196
_cell.length_c   166.560
_cell.angle_alpha   90.000
_cell.angle_beta   90.000
_cell.angle_gamma   90.000
#
_symmetry.space_group_name_H-M   'P 21 21 2'
#
loop_
_entity.id
_entity.type
_entity.pdbx_description
1 polymer 'Myeloperoxidase light chain'
2 polymer 'Myeloperoxidase heavy chain'
3 polymer 'Myeloperoxidase inhibitor SPIN'
4 branched beta-D-mannopyranose-(1-4)-2-acetamido-2-deoxy-beta-D-glucopyranose-(1-4)-2-acetamido-2-deoxy-beta-D-glucopyranose
5 branched alpha-D-mannopyranose-(1-6)-beta-D-mannopyranose-(1-4)-2-acetamido-2-deoxy-beta-D-glucopyranose-(1-4)-2-acetamido-2-deoxy-beta-D-glucopyranose
6 branched alpha-D-mannopyranose-(1-3)-[alpha-D-mannopyranose-(1-6)]beta-D-mannopyranose-(1-4)-2-acetamido-2-deoxy-beta-D-glucopyranose-(1-4)-[alpha-L-fucopyranose-(1-6)]2-acetamido-2-deoxy-beta-D-glucopyranose
7 branched 2-acetamido-2-deoxy-beta-D-glucopyranose-(1-4)-2-acetamido-2-deoxy-beta-D-glucopyranose
8 branched alpha-D-mannopyranose-(1-3)-beta-D-mannopyranose-(1-4)-2-acetamido-2-deoxy-beta-D-glucopyranose-(1-4)-2-acetamido-2-deoxy-beta-D-glucopyranose
9 branched alpha-D-mannopyranose-(1-3)-[alpha-D-mannopyranose-(1-6)]beta-D-mannopyranose-(1-4)-2-acetamido-2-deoxy-beta-D-glucopyranose-(1-4)-2-acetamido-2-deoxy-beta-D-glucopyranose
10 non-polymer 'CHLORIDE ION'
11 non-polymer 'HEME C'
12 non-polymer 'CALCIUM ION'
13 non-polymer 1,2-ETHANEDIOL
14 non-polymer 2-acetamido-2-deoxy-beta-D-glucopyranose
15 non-polymer 'ACETATE ION'
16 non-polymer 'OXALATE ION'
17 water water
#
loop_
_entity_poly.entity_id
_entity_poly.type
_entity_poly.pdbx_seq_one_letter_code
_entity_poly.pdbx_strand_id
1 'polypeptide(L)'
;TCPEQDKYRTITGMCNNRRSPTLGASNRAFVRWLPAEYEDGFSLPYGWTPGVKRNGFPVALARAVSNEIVRFPTDQLTPD
QERSLMFMQWGQLLDHDLDFTPEPAA
;
A,C,G,I,M,O,S,U
2 'polypeptide(L)'
;VNCETSCVQQPPCFPLKIPPNDPRIKNQADCIPFFRS(CSO)PACPGSNITIRNQINALTSFVDASMVYGSEEPLARNLR
NMSNQLGLLAVNQRFQDNGRALLPFDNLHDDPCLLTNRSARIPCFLAGDTRSSEMPELTSMHTLLLREHNRLATELKSLN
PRWDGERLYQEARKIVGAMVQIITYRDYLPLVLGPTAMRKYLPTYRSYNDSVDPRIANVFTNAFRYGHTLIQPFMFRLDN
RYQPMEPNPRVPLSRVFFASWRVVLEGGIDPILRGLMATPAKLNRQNQIAVDEIRERLFEQVMRIGLDLPALNMQRSRDH
GLPGYNAWRRFCGLPQPETVGQLGTVLRNLKLARKLMEQYGTPNNIDIWMGGVSEPLKRKGRVGPLLACIIGTQFRKLRD
GDRFWWENEGVFSMQQRQALAQISLPRIICDNTGITTVSKNNIFMSNSYPRDFVNCSTLPALNLASWREA
;
B,D,H,J,N,P,T,V
3 'polypeptide(L)' ANFLEHELSYIDVLLDKNADQATKDNLRSYFADKGLHSIKDIINKAKQDGFDVSKYEHV E,F,K,L,Q,R,W,X
#
loop_
_chem_comp.id
_chem_comp.type
_chem_comp.name
_chem_comp.formula
ACT non-polymer 'ACETATE ION' 'C2 H3 O2 -1'
BMA D-saccharide, beta linking beta-D-mannopyranose 'C6 H12 O6'
CA non-polymer 'CALCIUM ION' 'Ca 2'
CL non-polymer 'CHLORIDE ION' 'Cl -1'
EDO non-polymer 1,2-ETHANEDIOL 'C2 H6 O2'
FUC L-saccharide, alpha linking alpha-L-fucopyranose 'C6 H12 O5'
HEC non-polymer 'HEME C' 'C34 H34 Fe N4 O4'
MAN D-saccharide, alpha linking alpha-D-mannopyranose 'C6 H12 O6'
NAG D-saccharide, beta linking 2-acetamido-2-deoxy-beta-D-glucopyranose 'C8 H15 N O6'
OXL non-polymer 'OXALATE ION' 'C2 O4 -2'
#
# COMPACT_ATOMS: atom_id res chain seq x y z
N CYS A 2 1.48 -44.32 25.26
CA CYS A 2 1.90 -45.03 24.02
C CYS A 2 3.40 -44.89 23.82
N PRO A 3 4.11 -45.98 23.52
CA PRO A 3 5.56 -45.86 23.28
C PRO A 3 5.86 -44.98 22.08
N GLU A 4 6.79 -44.05 22.26
CA GLU A 4 7.25 -43.16 21.19
C GLU A 4 7.84 -43.91 20.00
N GLN A 5 8.34 -45.12 20.21
CA GLN A 5 8.97 -45.88 19.15
C GLN A 5 8.38 -47.28 19.18
N ASP A 6 8.17 -47.87 17.99
CA ASP A 6 7.62 -49.23 17.89
C ASP A 6 7.66 -49.79 16.47
N LYS A 7 8.12 -51.03 16.34
CA LYS A 7 8.25 -51.65 15.03
C LYS A 7 6.99 -52.40 14.60
N TYR A 8 6.16 -52.87 15.55
CA TYR A 8 5.09 -53.78 15.19
C TYR A 8 3.74 -53.32 15.72
N ARG A 9 2.70 -53.68 14.98
CA ARG A 9 1.34 -53.46 15.45
C ARG A 9 1.14 -54.13 16.79
N THR A 10 0.35 -53.50 17.65
CA THR A 10 -0.15 -54.24 18.79
C THR A 10 -1.28 -55.17 18.34
N ILE A 11 -1.54 -56.17 19.16
CA ILE A 11 -2.59 -57.12 18.78
C ILE A 11 -3.98 -56.48 18.88
N THR A 12 -4.21 -55.57 19.82
CA THR A 12 -5.53 -54.97 19.97
C THR A 12 -5.79 -53.78 19.04
N GLY A 13 -4.82 -53.35 18.26
CA GLY A 13 -4.96 -52.12 17.53
C GLY A 13 -4.62 -50.86 18.32
N MET A 14 -4.48 -50.93 19.63
CA MET A 14 -4.19 -49.75 20.40
C MET A 14 -2.93 -49.12 19.85
N CYS A 15 -2.83 -47.79 19.99
CA CYS A 15 -1.63 -47.03 19.72
C CYS A 15 -1.26 -46.95 18.24
N ASN A 16 -2.12 -47.42 17.33
CA ASN A 16 -1.97 -47.02 15.93
C ASN A 16 -2.01 -45.51 15.82
N ASN A 17 -3.11 -44.91 16.23
CA ASN A 17 -3.22 -43.46 16.26
C ASN A 17 -2.70 -42.96 17.60
N ARG A 18 -1.66 -42.14 17.56
CA ARG A 18 -0.99 -41.73 18.79
C ARG A 18 -1.71 -40.59 19.50
N ARG A 19 -2.41 -39.69 18.79
CA ARG A 19 -3.16 -38.64 19.48
C ARG A 19 -4.43 -39.19 20.13
N SER A 20 -5.04 -40.19 19.51
CA SER A 20 -6.28 -40.82 19.99
C SER A 20 -6.11 -42.33 19.94
N PRO A 21 -5.43 -42.93 20.94
CA PRO A 21 -4.92 -44.30 20.76
C PRO A 21 -5.94 -45.44 20.75
N THR A 22 -7.25 -45.20 20.90
CA THR A 22 -8.20 -46.30 20.72
C THR A 22 -8.78 -46.37 19.31
N LEU A 23 -8.52 -45.41 18.45
CA LEU A 23 -9.20 -45.45 17.16
C LEU A 23 -8.69 -46.65 16.37
N GLY A 24 -9.61 -47.52 15.99
CA GLY A 24 -9.26 -48.75 15.34
C GLY A 24 -8.97 -49.90 16.27
N ALA A 25 -8.82 -49.65 17.55
CA ALA A 25 -8.62 -50.80 18.41
C ALA A 25 -9.93 -51.51 18.66
N SER A 26 -9.80 -52.72 19.19
CA SER A 26 -10.89 -53.64 19.40
C SER A 26 -11.61 -53.41 20.73
N ASN A 27 -12.85 -53.92 20.77
CA ASN A 27 -13.79 -53.77 21.87
C ASN A 27 -14.01 -52.29 22.20
N ARG A 28 -14.41 -51.55 21.16
CA ARG A 28 -14.76 -50.15 21.24
C ARG A 28 -16.07 -49.93 20.47
N ALA A 29 -16.72 -48.84 20.74
CA ALA A 29 -17.94 -48.58 20.00
C ALA A 29 -17.68 -48.23 18.54
N PHE A 30 -18.63 -48.57 17.68
CA PHE A 30 -18.54 -48.13 16.29
C PHE A 30 -18.59 -46.62 16.21
N VAL A 31 -18.19 -46.10 15.09
CA VAL A 31 -18.39 -44.68 14.84
C VAL A 31 -19.69 -44.53 14.06
N ARG A 32 -20.35 -43.41 14.25
CA ARG A 32 -21.64 -43.14 13.62
C ARG A 32 -21.44 -42.09 12.55
N TRP A 33 -21.66 -42.45 11.28
CA TRP A 33 -21.63 -41.47 10.22
C TRP A 33 -22.94 -40.68 10.12
N LEU A 34 -24.04 -41.21 10.63
CA LEU A 34 -25.26 -40.45 10.85
C LEU A 34 -25.83 -40.76 12.23
N PRO A 35 -26.60 -39.82 12.82
CA PRO A 35 -27.25 -40.11 14.10
C PRO A 35 -28.25 -41.22 13.95
N ALA A 36 -28.38 -41.98 15.04
CA ALA A 36 -29.16 -43.21 15.04
C ALA A 36 -30.64 -42.89 15.01
N GLU A 37 -31.42 -43.87 14.58
CA GLU A 37 -32.87 -43.74 14.39
C GLU A 37 -33.56 -44.90 15.09
N TYR A 38 -34.04 -44.60 16.27
CA TYR A 38 -34.73 -45.53 17.14
C TYR A 38 -36.14 -44.99 17.40
N GLU A 39 -37.03 -45.91 17.72
CA GLU A 39 -38.44 -45.61 17.92
C GLU A 39 -38.65 -44.60 19.03
N ASP A 40 -37.94 -44.77 20.16
CA ASP A 40 -38.03 -43.88 21.31
C ASP A 40 -36.93 -42.81 21.33
N GLY A 41 -36.08 -42.79 20.31
CA GLY A 41 -35.00 -41.83 20.17
C GLY A 41 -33.65 -42.40 20.56
N PHE A 42 -33.63 -43.39 21.46
CA PHE A 42 -32.33 -43.78 22.02
C PHE A 42 -32.10 -45.28 22.20
N SER A 43 -33.09 -46.16 22.06
CA SER A 43 -32.81 -47.57 22.29
C SER A 43 -33.68 -48.58 21.54
N LEU A 44 -34.97 -48.37 21.49
CA LEU A 44 -35.84 -49.38 20.93
C LEU A 44 -35.86 -49.30 19.40
N PRO A 45 -35.68 -50.41 18.69
CA PRO A 45 -35.68 -50.36 17.22
C PRO A 45 -37.07 -50.15 16.66
N TYR A 46 -37.13 -49.71 15.41
CA TYR A 46 -38.43 -49.69 14.73
C TYR A 46 -38.89 -51.12 14.52
N GLY A 47 -40.18 -51.35 14.78
CA GLY A 47 -40.75 -52.67 14.71
C GLY A 47 -41.02 -53.29 16.06
N TRP A 48 -40.64 -52.61 17.14
CA TRP A 48 -40.64 -53.19 18.47
C TRP A 48 -41.99 -53.05 19.13
N THR A 49 -42.49 -51.86 19.26
CA THR A 49 -43.83 -51.60 19.79
C THR A 49 -44.84 -51.69 18.64
N PRO A 50 -45.92 -52.45 18.78
CA PRO A 50 -46.91 -52.54 17.69
C PRO A 50 -47.68 -51.25 17.51
N GLY A 51 -47.99 -50.96 16.25
CA GLY A 51 -48.72 -49.76 15.86
C GLY A 51 -47.88 -48.53 15.69
N VAL A 52 -46.60 -48.59 16.00
CA VAL A 52 -45.76 -47.40 15.98
C VAL A 52 -45.21 -47.25 14.58
N LYS A 53 -45.57 -46.17 13.93
CA LYS A 53 -45.08 -45.99 12.59
C LYS A 53 -43.68 -45.37 12.58
N ARG A 54 -43.04 -45.50 11.45
CA ARG A 54 -41.75 -44.90 11.20
C ARG A 54 -41.99 -43.84 10.15
N ASN A 55 -41.84 -42.58 10.54
CA ASN A 55 -41.89 -41.49 9.58
C ASN A 55 -43.18 -41.57 8.75
N GLY A 56 -44.28 -41.89 9.40
CA GLY A 56 -45.59 -41.80 8.79
C GLY A 56 -46.10 -43.06 8.13
N PHE A 57 -45.35 -44.16 8.20
CA PHE A 57 -45.72 -45.38 7.51
C PHE A 57 -45.46 -46.57 8.43
N PRO A 58 -46.24 -47.63 8.29
CA PRO A 58 -46.02 -48.81 9.15
C PRO A 58 -44.71 -49.49 8.82
N VAL A 59 -44.14 -50.11 9.83
CA VAL A 59 -42.90 -50.81 9.66
C VAL A 59 -43.19 -52.14 8.98
N ALA A 60 -42.53 -52.39 7.87
CA ALA A 60 -42.68 -53.67 7.19
C ALA A 60 -41.91 -54.77 7.92
N LEU A 61 -42.58 -55.88 8.17
CA LEU A 61 -41.87 -57.03 8.72
C LEU A 61 -40.70 -57.39 7.82
N ALA A 62 -39.54 -57.62 8.42
CA ALA A 62 -38.37 -57.92 7.59
C ALA A 62 -38.54 -59.24 6.84
N ARG A 63 -39.17 -60.23 7.46
CA ARG A 63 -39.42 -61.46 6.73
C ARG A 63 -40.30 -61.20 5.53
N ALA A 64 -41.16 -60.17 5.57
CA ALA A 64 -42.10 -59.94 4.47
C ALA A 64 -41.46 -59.17 3.33
N VAL A 65 -40.54 -58.26 3.65
CA VAL A 65 -39.71 -57.69 2.62
C VAL A 65 -38.92 -58.80 1.95
N SER A 66 -38.36 -59.71 2.74
CA SER A 66 -37.59 -60.77 2.12
C SER A 66 -38.45 -61.62 1.18
N ASN A 67 -39.68 -61.94 1.59
CA ASN A 67 -40.52 -62.85 0.81
C ASN A 67 -40.93 -62.24 -0.53
N GLU A 68 -41.16 -60.93 -0.53
CA GLU A 68 -41.80 -60.24 -1.63
C GLU A 68 -40.80 -59.59 -2.57
N ILE A 69 -39.57 -59.38 -2.11
CA ILE A 69 -38.57 -58.66 -2.90
C ILE A 69 -37.31 -59.47 -3.13
N VAL A 70 -36.90 -60.30 -2.18
CA VAL A 70 -35.62 -60.96 -2.29
C VAL A 70 -35.76 -62.35 -2.87
N ARG A 71 -36.83 -63.02 -2.51
CA ARG A 71 -37.10 -64.34 -3.03
C ARG A 71 -37.17 -64.35 -4.56
N PHE A 72 -36.59 -65.40 -5.15
CA PHE A 72 -36.68 -65.71 -6.57
C PHE A 72 -36.42 -67.19 -6.77
N PRO A 73 -36.85 -67.78 -7.90
CA PRO A 73 -36.65 -69.23 -8.12
C PRO A 73 -35.18 -69.56 -8.37
N THR A 74 -34.59 -70.31 -7.44
CA THR A 74 -33.14 -70.45 -7.42
C THR A 74 -32.61 -71.19 -8.64
N ASP A 75 -33.44 -71.93 -9.35
CA ASP A 75 -32.91 -72.62 -10.51
C ASP A 75 -32.51 -71.64 -11.60
N GLN A 76 -33.10 -70.43 -11.61
CA GLN A 76 -32.85 -69.41 -12.62
C GLN A 76 -31.60 -68.59 -12.32
N LEU A 77 -30.96 -68.82 -11.21
CA LEU A 77 -29.71 -68.16 -10.90
C LEU A 77 -28.85 -67.86 -12.11
N THR A 78 -28.31 -66.63 -12.19
CA THR A 78 -27.40 -66.22 -13.27
C THR A 78 -25.94 -66.29 -12.79
N PRO A 79 -25.12 -67.17 -13.34
CA PRO A 79 -23.70 -67.13 -12.98
C PRO A 79 -23.03 -65.90 -13.56
N ASP A 80 -22.08 -65.33 -12.78
CA ASP A 80 -21.34 -64.13 -13.13
C ASP A 80 -20.14 -64.55 -13.98
N GLN A 81 -20.16 -64.20 -15.28
CA GLN A 81 -19.10 -64.65 -16.21
C GLN A 81 -17.73 -64.04 -15.90
N GLU A 82 -17.70 -62.98 -15.09
CA GLU A 82 -16.50 -62.19 -14.87
C GLU A 82 -16.10 -62.18 -13.39
N ARG A 83 -16.64 -63.09 -12.58
CA ARG A 83 -16.25 -63.22 -11.17
C ARG A 83 -16.25 -64.69 -10.76
N SER A 84 -15.40 -65.01 -9.82
CA SER A 84 -15.29 -66.36 -9.32
C SER A 84 -15.91 -66.44 -7.94
N LEU A 85 -16.13 -67.66 -7.46
CA LEU A 85 -16.62 -67.77 -6.09
C LEU A 85 -15.58 -67.24 -5.11
N MET A 86 -14.29 -67.33 -5.45
CA MET A 86 -13.27 -66.78 -4.56
C MET A 86 -13.49 -65.29 -4.33
N PHE A 87 -14.13 -64.58 -5.27
CA PHE A 87 -14.46 -63.17 -5.07
C PHE A 87 -15.44 -62.99 -3.93
N MET A 88 -16.45 -63.84 -3.89
CA MET A 88 -17.32 -63.89 -2.75
C MET A 88 -16.54 -64.21 -1.50
N GLN A 89 -15.75 -65.28 -1.52
CA GLN A 89 -15.17 -65.74 -0.26
C GLN A 89 -14.16 -64.76 0.30
N TRP A 90 -13.39 -64.08 -0.54
CA TRP A 90 -12.46 -63.08 -0.02
C TRP A 90 -13.21 -61.98 0.70
N GLY A 91 -14.43 -61.70 0.25
CA GLY A 91 -15.25 -60.68 0.90
C GLY A 91 -15.56 -61.06 2.32
N GLN A 92 -16.04 -62.28 2.52
CA GLN A 92 -16.37 -62.73 3.87
C GLN A 92 -15.16 -62.71 4.78
N LEU A 93 -14.01 -63.19 4.28
CA LEU A 93 -12.81 -63.21 5.12
C LEU A 93 -12.38 -61.81 5.51
N LEU A 94 -12.42 -60.89 4.55
CA LEU A 94 -12.06 -59.50 4.80
C LEU A 94 -12.99 -58.89 5.84
N ASP A 95 -14.30 -59.06 5.65
CA ASP A 95 -15.26 -58.67 6.65
C ASP A 95 -14.79 -59.14 8.01
N HIS A 96 -14.34 -60.36 8.11
CA HIS A 96 -14.02 -60.87 9.44
C HIS A 96 -12.69 -60.35 9.94
N ASP A 97 -11.98 -59.60 9.12
CA ASP A 97 -10.83 -58.82 9.56
C ASP A 97 -11.22 -57.46 10.11
N LEU A 98 -12.44 -56.97 9.79
CA LEU A 98 -12.87 -55.60 10.11
C LEU A 98 -13.92 -55.47 11.21
N ASP A 99 -15.00 -56.23 11.18
CA ASP A 99 -16.03 -56.03 12.18
C ASP A 99 -16.65 -57.35 12.63
N PHE A 100 -16.83 -57.46 13.95
CA PHE A 100 -17.68 -58.46 14.58
C PHE A 100 -18.51 -57.75 15.64
N THR A 101 -19.82 -57.83 15.51
CA THR A 101 -20.73 -57.19 16.45
C THR A 101 -21.23 -58.22 17.44
N PRO A 102 -20.75 -58.20 18.67
CA PRO A 102 -21.15 -59.23 19.63
C PRO A 102 -22.58 -59.08 20.09
N GLU A 103 -23.22 -60.24 20.29
CA GLU A 103 -24.54 -60.49 20.87
C GLU A 103 -24.38 -61.17 22.23
N PRO A 104 -25.39 -61.13 23.10
CA PRO A 104 -25.31 -61.93 24.32
C PRO A 104 -25.48 -63.38 23.97
N ALA A 105 -24.91 -64.23 24.82
CA ALA A 105 -25.01 -65.68 24.66
C ALA A 105 -26.35 -66.20 25.18
N ALA A 106 -26.82 -67.28 24.57
CA ALA A 106 -28.04 -67.90 25.04
C ALA A 106 -27.90 -68.21 26.53
N VAL B 1 -34.73 -63.68 28.64
CA VAL B 1 -35.50 -64.66 27.88
C VAL B 1 -34.50 -65.44 26.98
N ASN B 2 -34.84 -66.68 26.64
CA ASN B 2 -33.96 -67.49 25.79
C ASN B 2 -34.32 -67.26 24.30
N CYS B 3 -33.62 -66.31 23.67
CA CYS B 3 -34.04 -65.84 22.35
C CYS B 3 -34.05 -66.93 21.31
N GLU B 4 -33.31 -68.02 21.52
CA GLU B 4 -33.22 -69.02 20.46
C GLU B 4 -34.43 -69.96 20.43
N THR B 5 -35.19 -70.06 21.55
CA THR B 5 -36.36 -70.96 21.65
C THR B 5 -37.70 -70.26 21.90
N SER B 6 -37.72 -69.12 22.59
CA SER B 6 -38.95 -68.39 22.85
C SER B 6 -39.20 -67.37 21.76
N CYS B 7 -40.48 -67.01 21.60
CA CYS B 7 -40.88 -65.94 20.68
C CYS B 7 -41.40 -64.72 21.41
N VAL B 8 -41.24 -64.66 22.72
CA VAL B 8 -41.52 -63.44 23.49
C VAL B 8 -40.50 -62.35 23.19
N GLN B 9 -40.99 -61.13 22.96
CA GLN B 9 -40.14 -59.96 22.71
C GLN B 9 -39.82 -59.21 24.01
N GLN B 10 -39.01 -59.85 24.88
CA GLN B 10 -38.31 -59.26 26.04
C GLN B 10 -36.80 -59.14 25.78
N PRO B 11 -36.12 -58.19 26.40
CA PRO B 11 -34.66 -58.11 26.20
C PRO B 11 -34.01 -59.34 26.64
N PRO B 12 -32.90 -59.79 25.97
CA PRO B 12 -32.25 -59.16 24.81
C PRO B 12 -32.82 -59.61 23.45
N CYS B 13 -34.04 -60.11 23.40
CA CYS B 13 -34.55 -60.65 22.16
C CYS B 13 -35.24 -59.55 21.35
N PHE B 14 -35.34 -59.79 20.05
CA PHE B 14 -36.10 -58.94 19.13
C PHE B 14 -36.47 -59.83 17.94
N PRO B 15 -37.31 -60.82 18.16
CA PRO B 15 -37.51 -61.83 17.12
C PRO B 15 -38.28 -61.33 15.91
N LEU B 16 -38.02 -61.96 14.78
CA LEU B 16 -38.67 -61.58 13.54
C LEU B 16 -40.03 -62.27 13.51
N LYS B 17 -41.07 -61.47 13.38
CA LYS B 17 -42.39 -62.09 13.29
C LYS B 17 -42.62 -62.53 11.85
N ILE B 18 -43.62 -63.40 11.69
CA ILE B 18 -43.86 -64.14 10.46
C ILE B 18 -45.08 -63.53 9.79
N PRO B 19 -45.03 -63.18 8.52
CA PRO B 19 -46.21 -62.71 7.83
C PRO B 19 -47.19 -63.85 7.62
N PRO B 20 -48.46 -63.52 7.43
CA PRO B 20 -49.46 -64.57 7.24
C PRO B 20 -49.33 -65.36 5.93
N ASN B 21 -48.73 -64.81 4.89
CA ASN B 21 -48.65 -65.52 3.61
C ASN B 21 -47.32 -66.26 3.45
N ASP B 22 -46.66 -66.61 4.53
CA ASP B 22 -45.29 -67.06 4.41
C ASP B 22 -45.21 -68.34 3.59
N PRO B 23 -44.21 -68.45 2.70
CA PRO B 23 -44.08 -69.67 1.89
C PRO B 23 -43.47 -70.87 2.62
N ARG B 24 -42.91 -70.68 3.80
CA ARG B 24 -42.21 -71.74 4.52
C ARG B 24 -42.77 -71.96 5.92
N ILE B 25 -42.83 -70.90 6.74
CA ILE B 25 -43.24 -70.96 8.14
C ILE B 25 -44.74 -70.73 8.20
N LYS B 26 -45.50 -71.80 8.34
CA LYS B 26 -46.96 -71.76 8.26
C LYS B 26 -47.62 -71.37 9.57
N ASN B 27 -46.89 -71.26 10.66
CA ASN B 27 -47.46 -70.91 11.96
C ASN B 27 -47.06 -69.48 12.32
N GLN B 28 -48.06 -68.59 12.45
CA GLN B 28 -47.76 -67.20 12.79
C GLN B 28 -47.36 -67.03 14.26
N ALA B 29 -47.65 -68.00 15.11
CA ALA B 29 -47.12 -67.95 16.48
C ALA B 29 -45.61 -68.18 16.56
N ASP B 30 -44.96 -68.53 15.45
CA ASP B 30 -43.56 -68.89 15.42
C ASP B 30 -42.79 -67.59 15.18
N CYS B 31 -41.49 -67.70 15.02
CA CYS B 31 -40.68 -66.52 14.80
C CYS B 31 -39.30 -67.01 14.37
N ILE B 32 -38.52 -66.09 13.84
CA ILE B 32 -37.12 -66.35 13.55
C ILE B 32 -36.31 -65.70 14.67
N PRO B 33 -35.46 -66.43 15.36
CA PRO B 33 -34.84 -65.88 16.56
C PRO B 33 -33.81 -64.78 16.27
N PHE B 34 -33.61 -63.95 17.28
CA PHE B 34 -32.80 -62.78 17.03
C PHE B 34 -32.43 -62.18 18.37
N PHE B 35 -31.13 -62.02 18.58
CA PHE B 35 -30.53 -61.37 19.74
C PHE B 35 -30.07 -59.96 19.35
N ARG B 36 -30.53 -58.93 20.08
CA ARG B 36 -30.01 -57.59 19.84
C ARG B 36 -28.50 -57.54 20.12
N SER B 37 -27.80 -56.80 19.29
CA SER B 37 -26.40 -56.60 19.51
C SER B 37 -26.18 -55.99 20.85
N CSO B 38 -25.13 -56.45 21.52
CA CSO B 38 -24.69 -55.80 22.76
CB CSO B 38 -23.34 -56.36 23.19
SG CSO B 38 -23.48 -58.08 23.69
C CSO B 38 -24.54 -54.29 22.64
O CSO B 38 -23.85 -53.81 21.73
OD CSO B 38 -24.18 -58.24 25.36
H CSO B 38 -24.65 -57.12 21.28
HA CSO B 38 -25.38 -55.99 23.44
HB2 CSO B 38 -23.00 -55.85 23.94
HB3 CSO B 38 -22.72 -56.31 22.45
HD CSO B 38 -24.16 -59.18 25.64
N PRO B 39 -25.15 -53.52 23.56
CA PRO B 39 -24.92 -52.08 23.59
C PRO B 39 -23.58 -51.69 24.23
N ALA B 40 -22.97 -50.63 23.72
CA ALA B 40 -21.71 -50.13 24.23
C ALA B 40 -21.84 -49.57 25.65
N CYS B 41 -23.03 -49.13 26.06
CA CYS B 41 -23.23 -48.54 27.38
C CYS B 41 -24.54 -49.02 27.96
N PRO B 42 -24.54 -50.19 28.59
CA PRO B 42 -25.80 -50.83 28.99
C PRO B 42 -26.65 -50.00 29.95
N GLY B 43 -27.96 -49.98 29.67
CA GLY B 43 -28.98 -49.41 30.54
C GLY B 43 -28.89 -47.92 30.77
N SER B 44 -28.24 -47.19 29.87
CA SER B 44 -28.08 -45.74 30.00
C SER B 44 -29.30 -45.01 29.48
N ASN B 45 -29.82 -44.08 30.29
CA ASN B 45 -30.86 -43.17 29.84
C ASN B 45 -30.30 -41.86 29.32
N ILE B 46 -29.01 -41.83 28.95
CA ILE B 46 -28.38 -40.59 28.49
C ILE B 46 -27.84 -40.75 27.08
N THR B 47 -26.99 -41.77 26.86
CA THR B 47 -26.41 -41.97 25.55
C THR B 47 -27.44 -42.59 24.60
N ILE B 48 -27.18 -42.41 23.31
CA ILE B 48 -27.92 -43.07 22.25
C ILE B 48 -27.26 -44.44 22.05
N ARG B 49 -28.04 -45.50 22.15
CA ARG B 49 -27.50 -46.85 22.04
C ARG B 49 -26.61 -46.98 20.83
N ASN B 50 -25.44 -47.57 21.01
CA ASN B 50 -24.56 -47.87 19.90
C ASN B 50 -23.99 -49.27 20.17
N GLN B 51 -23.33 -49.83 19.17
CA GLN B 51 -22.91 -51.22 19.21
C GLN B 51 -21.39 -51.24 19.23
N ILE B 52 -20.84 -52.45 19.38
CA ILE B 52 -19.44 -52.63 19.70
C ILE B 52 -18.79 -53.42 18.58
N ASN B 53 -17.54 -53.07 18.26
CA ASN B 53 -16.72 -53.83 17.34
C ASN B 53 -15.66 -54.60 18.11
N ALA B 54 -15.73 -55.94 18.06
CA ALA B 54 -14.80 -56.73 18.84
C ALA B 54 -13.45 -56.90 18.18
N LEU B 55 -13.32 -56.45 16.94
CA LEU B 55 -12.14 -56.64 16.13
C LEU B 55 -11.39 -55.32 15.91
N THR B 56 -10.10 -55.41 15.61
CA THR B 56 -9.40 -54.23 15.12
C THR B 56 -9.88 -53.93 13.73
N SER B 57 -10.12 -52.65 13.48
CA SER B 57 -10.66 -52.22 12.20
C SER B 57 -9.64 -52.31 11.09
N PHE B 58 -8.35 -52.19 11.39
CA PHE B 58 -7.37 -52.12 10.32
C PHE B 58 -7.35 -53.43 9.56
N VAL B 59 -6.98 -53.34 8.29
CA VAL B 59 -6.76 -54.51 7.45
C VAL B 59 -5.39 -55.06 7.88
N ASP B 60 -5.37 -55.84 8.97
CA ASP B 60 -4.13 -56.34 9.57
C ASP B 60 -4.11 -57.87 9.76
N ALA B 61 -4.93 -58.61 9.03
CA ALA B 61 -4.98 -60.05 9.22
C ALA B 61 -5.34 -60.43 10.65
N SER B 62 -6.20 -59.64 11.32
CA SER B 62 -6.62 -59.97 12.69
C SER B 62 -7.52 -61.20 12.75
N MET B 63 -8.06 -61.67 11.61
CA MET B 63 -8.75 -62.96 11.58
C MET B 63 -7.77 -64.13 11.59
N VAL B 64 -6.48 -63.89 11.45
CA VAL B 64 -5.45 -64.93 11.64
C VAL B 64 -4.81 -64.83 13.02
N TYR B 65 -4.54 -63.62 13.51
CA TYR B 65 -3.76 -63.43 14.74
C TYR B 65 -4.58 -63.12 15.99
N GLY B 66 -5.88 -62.91 15.90
CA GLY B 66 -6.63 -62.44 17.05
C GLY B 66 -6.65 -60.92 17.18
N SER B 67 -7.53 -60.43 18.06
CA SER B 67 -7.67 -59.01 18.34
C SER B 67 -7.68 -58.76 19.84
N GLU B 68 -7.16 -59.70 20.61
CA GLU B 68 -7.12 -59.62 22.07
C GLU B 68 -5.90 -60.42 22.55
N GLU B 69 -5.19 -59.93 23.55
CA GLU B 69 -3.89 -60.53 23.86
C GLU B 69 -4.00 -62.00 24.27
N PRO B 70 -4.95 -62.41 25.11
CA PRO B 70 -5.04 -63.83 25.48
C PRO B 70 -5.32 -64.74 24.32
N LEU B 71 -6.23 -64.35 23.44
CA LEU B 71 -6.50 -65.15 22.27
C LEU B 71 -5.26 -65.29 21.39
N ALA B 72 -4.54 -64.18 21.17
CA ALA B 72 -3.40 -64.23 20.25
C ALA B 72 -2.30 -65.14 20.75
N ARG B 73 -2.15 -65.29 22.08
CA ARG B 73 -1.17 -66.23 22.64
C ARG B 73 -1.62 -67.68 22.46
N ASN B 74 -2.91 -67.96 22.63
CA ASN B 74 -3.39 -69.31 22.36
C ASN B 74 -3.22 -69.72 20.90
N LEU B 75 -3.15 -68.77 19.97
CA LEU B 75 -2.95 -69.15 18.58
C LEU B 75 -1.48 -69.40 18.23
N ARG B 76 -0.55 -69.09 19.15
CA ARG B 76 0.86 -69.31 18.89
C ARG B 76 1.33 -70.66 19.41
N ASN B 77 2.34 -71.19 18.74
CA ASN B 77 2.98 -72.44 19.14
C ASN B 77 4.02 -72.07 20.19
N MET B 78 3.75 -72.37 21.45
CA MET B 78 4.62 -71.92 22.53
C MET B 78 5.58 -72.99 23.00
N SER B 79 5.85 -73.99 22.16
CA SER B 79 6.75 -75.08 22.54
C SER B 79 8.13 -74.93 21.91
N ASN B 80 8.41 -73.83 21.25
CA ASN B 80 9.75 -73.59 20.72
C ASN B 80 9.87 -72.11 20.39
N GLN B 81 10.98 -71.74 19.76
CA GLN B 81 11.28 -70.37 19.38
C GLN B 81 11.36 -70.19 17.87
N LEU B 82 10.38 -70.75 17.14
CA LEU B 82 10.28 -70.64 15.69
C LEU B 82 9.20 -69.68 15.23
N GLY B 83 8.45 -69.07 16.16
CA GLY B 83 7.51 -68.03 15.78
C GLY B 83 6.32 -68.53 14.99
N LEU B 84 5.81 -69.71 15.30
CA LEU B 84 4.76 -70.34 14.52
C LEU B 84 3.40 -70.20 15.19
N LEU B 85 2.36 -70.36 14.37
CA LEU B 85 0.99 -70.49 14.83
C LEU B 85 0.66 -71.96 15.08
N ALA B 86 -0.10 -72.20 16.15
CA ALA B 86 -0.51 -73.55 16.53
C ALA B 86 -1.33 -74.25 15.45
N VAL B 87 -1.07 -75.55 15.27
CA VAL B 87 -1.75 -76.40 14.28
C VAL B 87 -2.39 -77.62 14.99
N ASN B 88 -3.36 -78.23 14.32
CA ASN B 88 -4.05 -79.39 14.88
C ASN B 88 -3.05 -80.49 15.15
N GLN B 89 -3.15 -81.09 16.32
CA GLN B 89 -2.29 -82.19 16.73
C GLN B 89 -2.83 -83.55 16.31
N ARG B 90 -4.17 -83.70 16.19
CA ARG B 90 -4.85 -84.95 15.86
C ARG B 90 -4.99 -85.20 14.34
N PHE B 91 -5.12 -84.15 13.52
CA PHE B 91 -5.37 -84.31 12.09
C PHE B 91 -4.48 -83.42 11.20
N GLN B 92 -4.22 -83.93 10.00
CA GLN B 92 -3.49 -83.23 8.95
C GLN B 92 -4.23 -83.40 7.63
N ASP B 93 -3.85 -82.60 6.64
CA ASP B 93 -4.46 -82.56 5.30
C ASP B 93 -3.42 -83.00 4.27
N ASN B 94 -3.21 -84.31 4.14
CA ASN B 94 -2.13 -84.84 3.32
C ASN B 94 -0.80 -84.19 3.73
N GLY B 95 -0.49 -84.31 5.02
CA GLY B 95 0.73 -83.80 5.58
C GLY B 95 0.66 -82.34 5.97
N ARG B 96 -0.16 -81.57 5.29
CA ARG B 96 -0.18 -80.15 5.57
C ARG B 96 -0.96 -79.86 6.84
N ALA B 97 -0.76 -78.66 7.38
CA ALA B 97 -1.35 -78.31 8.66
C ALA B 97 -2.80 -77.88 8.51
N LEU B 98 -3.55 -78.16 9.57
CA LEU B 98 -4.93 -77.73 9.76
C LEU B 98 -4.98 -76.84 10.98
N LEU B 99 -5.99 -75.99 11.02
CA LEU B 99 -6.23 -75.13 12.16
C LEU B 99 -6.46 -75.96 13.42
N PRO B 100 -6.09 -75.44 14.57
CA PRO B 100 -6.40 -76.16 15.82
C PRO B 100 -7.89 -76.11 16.12
N PHE B 101 -8.28 -76.96 17.07
CA PHE B 101 -9.65 -77.03 17.55
C PHE B 101 -9.89 -76.12 18.77
N ASP B 102 -10.96 -75.35 18.72
CA ASP B 102 -11.47 -74.61 19.86
C ASP B 102 -12.18 -75.55 20.85
N ASN B 103 -12.54 -75.00 22.03
CA ASN B 103 -13.22 -75.76 23.11
C ASN B 103 -14.36 -74.90 23.62
N LEU B 104 -15.47 -74.90 22.89
CA LEU B 104 -16.63 -74.11 23.21
C LEU B 104 -17.66 -74.92 23.98
N HIS B 105 -18.40 -74.25 24.86
CA HIS B 105 -19.64 -74.81 25.37
C HIS B 105 -20.73 -74.59 24.33
N ASP B 106 -21.47 -75.65 23.99
CA ASP B 106 -22.45 -75.68 22.89
C ASP B 106 -21.77 -75.38 21.54
N ASP B 107 -20.99 -76.36 21.11
CA ASP B 107 -20.25 -76.34 19.86
C ASP B 107 -21.23 -76.68 18.76
N PRO B 108 -21.59 -75.72 17.88
CA PRO B 108 -22.51 -76.06 16.77
C PRO B 108 -21.93 -77.01 15.74
N CYS B 109 -20.60 -76.98 15.52
CA CYS B 109 -20.03 -77.88 14.52
C CYS B 109 -20.29 -79.33 14.86
N LEU B 110 -20.39 -79.64 16.16
CA LEU B 110 -20.67 -81.00 16.54
C LEU B 110 -22.06 -81.44 16.11
N LEU B 111 -22.97 -80.50 15.89
CA LEU B 111 -24.37 -80.85 15.61
C LEU B 111 -24.61 -81.20 14.15
N THR B 112 -23.66 -80.87 13.27
CA THR B 112 -23.80 -81.09 11.83
C THR B 112 -23.49 -82.52 11.41
N ASN B 113 -22.87 -83.31 12.27
CA ASN B 113 -22.59 -84.71 12.03
C ASN B 113 -22.16 -85.31 13.36
N ARG B 114 -23.13 -85.77 14.17
CA ARG B 114 -22.84 -86.20 15.54
C ARG B 114 -21.72 -87.24 15.58
N SER B 115 -21.68 -88.17 14.63
CA SER B 115 -20.74 -89.27 14.75
C SER B 115 -19.30 -88.85 14.45
N ALA B 116 -19.09 -87.77 13.69
CA ALA B 116 -17.74 -87.35 13.37
C ALA B 116 -17.02 -86.72 14.56
N ARG B 117 -17.75 -86.06 15.46
CA ARG B 117 -17.16 -85.42 16.62
C ARG B 117 -15.98 -84.51 16.26
N ILE B 118 -16.15 -83.70 15.22
CA ILE B 118 -15.15 -82.72 14.81
C ILE B 118 -15.60 -81.35 15.31
N PRO B 119 -14.97 -80.78 16.34
CA PRO B 119 -15.44 -79.49 16.84
C PRO B 119 -15.10 -78.34 15.92
N CYS B 120 -15.53 -77.14 16.29
CA CYS B 120 -15.19 -75.96 15.54
C CYS B 120 -13.71 -75.64 15.70
N PHE B 121 -13.20 -74.88 14.75
CA PHE B 121 -11.81 -74.52 14.74
C PHE B 121 -11.54 -73.27 15.58
N LEU B 122 -10.26 -73.14 15.97
CA LEU B 122 -9.74 -71.99 16.71
C LEU B 122 -8.98 -71.11 15.72
N ALA B 123 -9.45 -69.86 15.55
CA ALA B 123 -8.71 -68.91 14.74
C ALA B 123 -8.86 -67.53 15.35
N GLY B 124 -8.31 -66.53 14.65
CA GLY B 124 -8.35 -65.19 15.19
C GLY B 124 -9.76 -64.66 15.35
N ASP B 125 -10.67 -65.06 14.46
CA ASP B 125 -12.07 -64.68 14.47
C ASP B 125 -12.92 -65.91 14.80
N THR B 126 -14.03 -65.69 15.51
CA THR B 126 -14.87 -66.78 15.98
C THR B 126 -15.72 -67.45 14.90
N ARG B 127 -15.83 -66.86 13.71
CA ARG B 127 -16.70 -67.40 12.67
C ARG B 127 -15.96 -68.27 11.66
N SER B 128 -14.72 -68.67 11.96
CA SER B 128 -13.91 -69.39 10.99
C SER B 128 -14.58 -70.65 10.47
N SER B 129 -15.46 -71.29 11.25
CA SER B 129 -16.04 -72.56 10.82
C SER B 129 -17.41 -72.42 10.13
N GLU B 130 -17.89 -71.20 9.86
CA GLU B 130 -19.28 -71.03 9.47
C GLU B 130 -19.56 -71.64 8.09
N MET B 131 -18.54 -71.77 7.24
CA MET B 131 -18.60 -72.27 5.84
C MET B 131 -17.24 -72.95 5.67
N PRO B 132 -17.15 -74.16 5.11
CA PRO B 132 -15.81 -74.74 4.94
C PRO B 132 -14.98 -74.01 3.90
N GLU B 133 -15.60 -73.23 3.01
CA GLU B 133 -14.85 -72.39 2.09
C GLU B 133 -14.11 -71.27 2.84
N LEU B 134 -14.76 -70.66 3.84
CA LEU B 134 -14.07 -69.71 4.70
C LEU B 134 -12.92 -70.38 5.45
N THR B 135 -13.21 -71.50 6.11
CA THR B 135 -12.21 -72.29 6.82
C THR B 135 -10.99 -72.52 5.96
N SER B 136 -11.19 -72.95 4.70
CA SER B 136 -10.08 -73.12 3.77
C SER B 136 -9.19 -71.90 3.74
N MET B 137 -9.77 -70.71 3.58
CA MET B 137 -8.96 -69.49 3.49
C MET B 137 -8.18 -69.27 4.77
N HIS B 138 -8.83 -69.44 5.92
CA HIS B 138 -8.15 -69.37 7.21
C HIS B 138 -6.95 -70.33 7.26
N THR B 139 -7.19 -71.60 6.91
CA THR B 139 -6.11 -72.59 6.93
C THR B 139 -4.98 -72.14 6.01
N LEU B 140 -5.32 -71.60 4.84
CA LEU B 140 -4.31 -71.20 3.88
C LEU B 140 -3.39 -70.14 4.46
N LEU B 141 -3.96 -69.13 5.14
CA LEU B 141 -3.15 -68.05 5.71
C LEU B 141 -2.34 -68.52 6.90
N LEU B 142 -2.84 -69.51 7.65
CA LEU B 142 -2.07 -70.08 8.73
C LEU B 142 -0.85 -70.83 8.20
N ARG B 143 -1.01 -71.60 7.13
CA ARG B 143 0.14 -72.27 6.53
C ARG B 143 1.13 -71.27 5.92
N GLU B 144 0.64 -70.13 5.41
CA GLU B 144 1.56 -69.13 4.87
C GLU B 144 2.38 -68.48 5.98
N HIS B 145 1.72 -68.03 7.04
CA HIS B 145 2.47 -67.51 8.19
C HIS B 145 3.62 -68.45 8.60
N ASN B 146 3.34 -69.75 8.69
CA ASN B 146 4.36 -70.69 9.12
C ASN B 146 5.44 -70.88 8.07
N ARG B 147 5.04 -70.91 6.80
CA ARG B 147 6.01 -71.04 5.74
C ARG B 147 6.98 -69.86 5.75
N LEU B 148 6.45 -68.65 5.95
CA LEU B 148 7.32 -67.47 6.07
C LEU B 148 8.24 -67.56 7.29
N ALA B 149 7.69 -67.93 8.43
CA ALA B 149 8.52 -68.00 9.63
C ALA B 149 9.63 -69.02 9.46
N THR B 150 9.35 -70.15 8.82
CA THR B 150 10.42 -71.10 8.53
C THR B 150 11.48 -70.49 7.63
N GLU B 151 11.06 -69.77 6.58
CA GLU B 151 12.02 -69.20 5.63
C GLU B 151 12.87 -68.13 6.30
N LEU B 152 12.25 -67.29 7.14
CA LEU B 152 12.98 -66.23 7.84
C LEU B 152 13.99 -66.80 8.81
N LYS B 153 13.69 -67.98 9.36
CA LYS B 153 14.62 -68.66 10.26
C LYS B 153 15.88 -69.08 9.51
N SER B 154 15.73 -69.51 8.25
CA SER B 154 16.88 -69.82 7.42
C SER B 154 17.72 -68.57 7.15
N LEU B 155 17.08 -67.44 6.84
CA LEU B 155 17.84 -66.23 6.60
C LEU B 155 18.46 -65.71 7.87
N ASN B 156 17.72 -65.74 8.98
CA ASN B 156 18.15 -65.10 10.23
C ASN B 156 18.14 -66.10 11.37
N PRO B 157 19.15 -66.97 11.44
CA PRO B 157 19.17 -67.98 12.52
C PRO B 157 19.22 -67.39 13.94
N ARG B 158 19.71 -66.18 14.13
CA ARG B 158 19.82 -65.63 15.48
C ARG B 158 18.50 -65.12 16.02
N TRP B 159 17.52 -64.88 15.15
CA TRP B 159 16.22 -64.33 15.54
C TRP B 159 15.44 -65.28 16.44
N ASP B 160 14.79 -64.71 17.46
CA ASP B 160 14.04 -65.49 18.44
C ASP B 160 12.58 -65.66 18.02
N GLY B 161 11.83 -66.42 18.82
CA GLY B 161 10.44 -66.67 18.47
C GLY B 161 9.65 -65.40 18.21
N GLU B 162 9.76 -64.42 19.12
CA GLU B 162 8.94 -63.21 18.99
C GLU B 162 9.22 -62.47 17.68
N ARG B 163 10.49 -62.32 17.33
CA ARG B 163 10.84 -61.60 16.11
C ARG B 163 10.31 -62.35 14.90
N LEU B 164 10.44 -63.66 14.90
CA LEU B 164 9.97 -64.44 13.74
C LEU B 164 8.46 -64.35 13.58
N TYR B 165 7.73 -64.35 14.69
CA TYR B 165 6.27 -64.22 14.62
C TYR B 165 5.87 -62.82 14.16
N GLN B 166 6.48 -61.79 14.77
CA GLN B 166 6.13 -60.42 14.43
C GLN B 166 6.48 -60.11 12.99
N GLU B 167 7.60 -60.65 12.50
CA GLU B 167 8.03 -60.35 11.14
C GLU B 167 7.16 -61.06 10.10
N ALA B 168 6.74 -62.31 10.38
CA ALA B 168 5.84 -63.00 9.44
C ALA B 168 4.41 -62.42 9.47
N ARG B 169 3.93 -62.04 10.66
CA ARG B 169 2.65 -61.38 10.80
C ARG B 169 2.62 -60.09 9.98
N LYS B 170 3.70 -59.32 10.06
CA LYS B 170 3.81 -58.09 9.28
C LYS B 170 3.70 -58.38 7.80
N ILE B 171 4.27 -59.49 7.35
CA ILE B 171 4.17 -59.81 5.94
C ILE B 171 2.74 -60.23 5.61
N VAL B 172 2.20 -61.20 6.33
CA VAL B 172 0.85 -61.66 6.04
C VAL B 172 -0.13 -60.49 6.01
N GLY B 173 0.01 -59.55 6.95
CA GLY B 173 -0.85 -58.38 6.94
C GLY B 173 -0.72 -57.59 5.66
N ALA B 174 0.51 -57.39 5.19
CA ALA B 174 0.71 -56.66 3.94
C ALA B 174 0.12 -57.41 2.76
N MET B 175 0.21 -58.74 2.77
CA MET B 175 -0.41 -59.52 1.71
C MET B 175 -1.90 -59.30 1.69
N VAL B 176 -2.53 -59.28 2.86
CA VAL B 176 -3.99 -59.07 2.87
C VAL B 176 -4.33 -57.67 2.35
N GLN B 177 -3.54 -56.66 2.71
CA GLN B 177 -3.86 -55.31 2.22
C GLN B 177 -3.64 -55.22 0.71
N ILE B 178 -2.59 -55.86 0.24
CA ILE B 178 -2.23 -55.79 -1.17
C ILE B 178 -3.28 -56.51 -2.00
N ILE B 179 -3.65 -57.72 -1.61
CA ILE B 179 -4.68 -58.44 -2.35
C ILE B 179 -5.99 -57.66 -2.29
N THR B 180 -6.29 -57.09 -1.14
CA THR B 180 -7.56 -56.39 -0.98
C THR B 180 -7.64 -55.17 -1.90
N TYR B 181 -6.64 -54.28 -1.84
CA TYR B 181 -6.75 -53.00 -2.54
C TYR B 181 -6.32 -53.10 -3.99
N ARG B 182 -5.32 -53.93 -4.29
CA ARG B 182 -4.86 -54.11 -5.67
C ARG B 182 -5.84 -54.96 -6.49
N ASP B 183 -6.42 -56.02 -5.90
CA ASP B 183 -7.19 -57.00 -6.66
C ASP B 183 -8.67 -57.10 -6.32
N TYR B 184 -9.07 -56.99 -5.04
CA TYR B 184 -10.47 -57.20 -4.68
C TYR B 184 -11.30 -55.94 -4.92
N LEU B 185 -10.95 -54.83 -4.26
CA LEU B 185 -11.84 -53.66 -4.28
C LEU B 185 -12.07 -53.06 -5.66
N PRO B 186 -11.09 -53.01 -6.55
CA PRO B 186 -11.42 -52.53 -7.91
C PRO B 186 -12.54 -53.34 -8.54
N LEU B 187 -12.70 -54.62 -8.20
CA LEU B 187 -13.76 -55.40 -8.81
C LEU B 187 -15.08 -55.32 -8.02
N VAL B 188 -15.07 -54.80 -6.80
CA VAL B 188 -16.31 -54.51 -6.09
C VAL B 188 -16.91 -53.20 -6.59
N LEU B 189 -16.08 -52.17 -6.63
CA LEU B 189 -16.49 -50.80 -6.90
C LEU B 189 -16.54 -50.45 -8.37
N GLY B 190 -15.62 -50.94 -9.16
CA GLY B 190 -15.54 -50.54 -10.54
C GLY B 190 -14.54 -49.43 -10.65
N PRO B 191 -14.09 -49.12 -11.87
CA PRO B 191 -13.07 -48.08 -12.02
C PRO B 191 -13.51 -46.69 -11.56
N THR B 192 -14.76 -46.30 -11.81
CA THR B 192 -15.14 -44.91 -11.56
C THR B 192 -15.25 -44.63 -10.06
N ALA B 193 -15.84 -45.55 -9.29
CA ALA B 193 -15.84 -45.37 -7.86
C ALA B 193 -14.46 -45.61 -7.28
N MET B 194 -13.66 -46.44 -7.95
CA MET B 194 -12.30 -46.69 -7.45
C MET B 194 -11.49 -45.41 -7.52
N ARG B 195 -11.64 -44.63 -8.60
CA ARG B 195 -10.95 -43.35 -8.69
C ARG B 195 -11.49 -42.35 -7.69
N LYS B 196 -12.78 -42.38 -7.46
CA LYS B 196 -13.41 -41.34 -6.65
C LYS B 196 -13.12 -41.56 -5.19
N TYR B 197 -13.23 -42.80 -4.72
CA TYR B 197 -13.12 -43.05 -3.27
C TYR B 197 -11.76 -43.58 -2.85
N LEU B 198 -11.00 -44.18 -3.76
CA LEU B 198 -9.67 -44.69 -3.45
C LEU B 198 -8.61 -44.13 -4.39
N PRO B 199 -8.47 -42.81 -4.41
CA PRO B 199 -7.38 -42.19 -5.17
C PRO B 199 -6.02 -42.67 -4.71
N THR B 200 -5.03 -42.38 -5.54
CA THR B 200 -3.68 -42.84 -5.28
C THR B 200 -3.21 -42.50 -3.85
N TYR B 201 -2.61 -43.49 -3.19
CA TYR B 201 -2.08 -43.33 -1.84
C TYR B 201 -0.94 -42.32 -1.80
N ARG B 202 -1.08 -41.29 -0.97
CA ARG B 202 -0.07 -40.27 -0.75
C ARG B 202 0.69 -40.62 0.52
N SER B 203 0.08 -40.48 1.70
CA SER B 203 0.79 -40.93 2.90
C SER B 203 -0.14 -41.09 4.12
N TYR B 204 0.46 -41.57 5.21
CA TYR B 204 -0.27 -41.66 6.46
C TYR B 204 -0.79 -40.31 6.86
N ASN B 205 -2.07 -40.25 7.22
CA ASN B 205 -2.72 -39.02 7.69
C ASN B 205 -3.36 -39.30 9.05
N ASP B 206 -2.72 -38.83 10.11
CA ASP B 206 -3.13 -39.14 11.48
C ASP B 206 -4.45 -38.50 11.89
N SER B 207 -5.07 -37.73 11.00
CA SER B 207 -6.37 -37.13 11.27
C SER B 207 -7.49 -37.87 10.56
N VAL B 208 -7.21 -39.00 9.96
CA VAL B 208 -8.23 -39.83 9.35
C VAL B 208 -8.74 -40.77 10.42
N ASP B 209 -10.03 -40.77 10.69
CA ASP B 209 -10.55 -41.69 11.73
C ASP B 209 -10.68 -43.11 11.16
N PRO B 210 -9.92 -44.09 11.66
CA PRO B 210 -9.93 -45.42 11.03
C PRO B 210 -10.98 -46.38 11.56
N ARG B 211 -11.95 -45.91 12.34
CA ARG B 211 -12.96 -46.79 12.90
C ARG B 211 -13.93 -47.30 11.85
N ILE B 212 -14.49 -48.48 12.13
CA ILE B 212 -15.57 -49.01 11.31
C ILE B 212 -16.81 -48.24 11.65
N ALA B 213 -17.51 -47.78 10.65
CA ALA B 213 -18.78 -47.13 10.90
C ALA B 213 -19.88 -48.19 11.08
N ASN B 214 -20.88 -47.82 11.87
CA ASN B 214 -21.96 -48.77 12.12
C ASN B 214 -22.63 -49.21 10.83
N VAL B 215 -22.97 -48.25 9.95
CA VAL B 215 -23.64 -48.64 8.71
C VAL B 215 -22.81 -49.58 7.84
N PHE B 216 -21.49 -49.49 7.92
CA PHE B 216 -20.64 -50.39 7.11
C PHE B 216 -20.89 -51.85 7.43
N THR B 217 -21.23 -52.17 8.70
CA THR B 217 -21.48 -53.56 9.10
C THR B 217 -22.72 -54.13 8.43
N ASN B 218 -23.63 -53.26 7.95
CA ASN B 218 -24.76 -53.67 7.12
C ASN B 218 -24.47 -53.53 5.62
N ALA B 219 -23.94 -52.40 5.19
CA ALA B 219 -23.68 -52.22 3.76
C ALA B 219 -22.79 -53.32 3.19
N PHE B 220 -21.79 -53.77 3.96
CA PHE B 220 -20.80 -54.71 3.42
C PHE B 220 -21.37 -56.12 3.34
N ARG B 221 -22.57 -56.35 3.92
CA ARG B 221 -23.28 -57.57 3.61
C ARG B 221 -23.78 -57.61 2.15
N TYR B 222 -23.38 -56.65 1.30
CA TYR B 222 -23.73 -56.73 -0.11
C TYR B 222 -23.36 -58.10 -0.65
N GLY B 223 -22.32 -58.71 -0.09
CA GLY B 223 -21.79 -59.95 -0.62
C GLY B 223 -22.69 -61.14 -0.43
N HIS B 224 -23.76 -61.03 0.39
CA HIS B 224 -24.70 -62.14 0.47
C HIS B 224 -25.41 -62.40 -0.85
N THR B 225 -25.41 -61.42 -1.76
CA THR B 225 -26.02 -61.61 -3.06
C THR B 225 -25.10 -62.34 -4.02
N LEU B 226 -23.85 -62.60 -3.66
CA LEU B 226 -22.96 -63.39 -4.50
C LEU B 226 -22.95 -64.85 -4.15
N ILE B 227 -23.74 -65.25 -3.17
CA ILE B 227 -23.62 -66.58 -2.61
C ILE B 227 -24.33 -67.60 -3.49
N GLN B 228 -23.63 -68.60 -3.86
CA GLN B 228 -24.06 -69.72 -4.68
C GLN B 228 -24.74 -70.73 -3.75
N PRO B 229 -25.78 -71.46 -4.16
CA PRO B 229 -26.50 -72.33 -3.21
C PRO B 229 -25.87 -73.70 -3.01
N PHE B 230 -24.65 -73.93 -3.52
CA PHE B 230 -23.91 -75.16 -3.32
C PHE B 230 -22.46 -74.85 -2.97
N MET B 231 -21.83 -75.82 -2.28
CA MET B 231 -20.38 -75.88 -2.14
C MET B 231 -19.86 -76.89 -3.16
N PHE B 232 -19.01 -76.42 -4.07
CA PHE B 232 -18.43 -77.26 -5.09
C PHE B 232 -17.03 -77.67 -4.68
N ARG B 233 -16.69 -78.93 -4.98
CA ARG B 233 -15.36 -79.48 -4.72
C ARG B 233 -14.92 -80.15 -5.99
N LEU B 234 -13.68 -79.88 -6.40
CA LEU B 234 -13.10 -80.36 -7.65
C LEU B 234 -11.77 -81.08 -7.42
N ASP B 235 -11.56 -82.17 -8.16
CA ASP B 235 -10.34 -82.97 -8.01
C ASP B 235 -9.16 -82.27 -8.68
N ASN B 236 -8.02 -83.00 -8.81
CA ASN B 236 -6.79 -82.44 -9.36
C ASN B 236 -6.90 -82.07 -10.84
N ARG B 237 -7.84 -82.68 -11.58
CA ARG B 237 -8.11 -82.31 -12.96
C ARG B 237 -9.25 -81.28 -13.08
N TYR B 238 -9.62 -80.64 -11.96
CA TYR B 238 -10.69 -79.64 -11.88
C TYR B 238 -12.04 -80.19 -12.29
N GLN B 239 -12.24 -81.46 -12.04
CA GLN B 239 -13.50 -82.14 -12.27
C GLN B 239 -14.24 -82.37 -10.95
N PRO B 240 -15.54 -82.59 -11.00
CA PRO B 240 -16.29 -82.85 -9.77
C PRO B 240 -15.71 -83.98 -8.94
N MET B 241 -15.55 -83.72 -7.64
CA MET B 241 -14.92 -84.64 -6.68
C MET B 241 -15.83 -85.80 -6.33
N GLU B 242 -15.26 -87.00 -6.37
CA GLU B 242 -16.00 -88.27 -6.42
C GLU B 242 -17.13 -88.40 -5.41
N PRO B 243 -16.95 -88.13 -4.07
CA PRO B 243 -18.06 -88.35 -3.11
C PRO B 243 -19.30 -87.47 -3.40
N ASN B 244 -19.34 -86.25 -2.88
CA ASN B 244 -20.47 -85.33 -3.09
C ASN B 244 -19.92 -84.00 -3.59
N PRO B 245 -19.92 -83.76 -4.90
CA PRO B 245 -19.23 -82.58 -5.45
C PRO B 245 -20.04 -81.29 -5.45
N ARG B 246 -21.29 -81.32 -4.98
CA ARG B 246 -22.25 -80.25 -5.15
C ARG B 246 -23.19 -80.34 -3.94
N VAL B 247 -22.69 -79.91 -2.79
CA VAL B 247 -23.40 -80.05 -1.52
C VAL B 247 -24.22 -78.80 -1.25
N PRO B 248 -25.48 -78.95 -0.93
CA PRO B 248 -26.29 -77.78 -0.56
C PRO B 248 -25.73 -77.10 0.67
N LEU B 249 -25.86 -75.77 0.71
CA LEU B 249 -25.17 -75.02 1.75
C LEU B 249 -25.78 -75.25 3.12
N SER B 250 -27.08 -75.55 3.16
CA SER B 250 -27.74 -75.89 4.40
C SER B 250 -27.18 -77.15 5.05
N ARG B 251 -26.30 -77.87 4.36
CA ARG B 251 -25.62 -79.03 4.94
C ARG B 251 -24.12 -78.85 5.13
N VAL B 252 -23.58 -77.67 4.83
CA VAL B 252 -22.17 -77.38 5.08
C VAL B 252 -21.95 -76.31 6.16
N PHE B 253 -22.98 -75.61 6.61
CA PHE B 253 -22.73 -74.58 7.61
C PHE B 253 -22.19 -75.23 8.87
N PHE B 254 -21.09 -74.71 9.39
CA PHE B 254 -20.45 -75.26 10.59
C PHE B 254 -20.00 -76.69 10.41
N ALA B 255 -19.86 -77.17 9.18
CA ALA B 255 -19.45 -78.55 8.95
C ALA B 255 -17.93 -78.61 8.83
N SER B 256 -17.28 -78.46 9.98
CA SER B 256 -15.84 -78.56 9.96
C SER B 256 -15.39 -80.00 9.77
N TRP B 257 -16.25 -80.98 10.01
CA TRP B 257 -15.90 -82.36 9.67
C TRP B 257 -15.65 -82.54 8.18
N ARG B 258 -16.21 -81.69 7.33
CA ARG B 258 -16.02 -81.91 5.89
C ARG B 258 -14.60 -81.54 5.48
N VAL B 259 -14.03 -80.55 6.16
CA VAL B 259 -12.64 -80.21 5.93
C VAL B 259 -11.74 -81.34 6.37
N VAL B 260 -12.02 -81.92 7.54
CA VAL B 260 -11.11 -82.89 8.14
C VAL B 260 -11.24 -84.25 7.47
N LEU B 261 -12.47 -84.70 7.28
CA LEU B 261 -12.70 -86.09 6.91
C LEU B 261 -13.15 -86.30 5.46
N GLU B 262 -13.36 -85.25 4.68
CA GLU B 262 -13.82 -85.40 3.30
C GLU B 262 -12.91 -84.67 2.30
N GLY B 263 -11.59 -84.74 2.47
CA GLY B 263 -10.66 -84.31 1.44
C GLY B 263 -9.79 -83.10 1.74
N GLY B 264 -9.96 -82.41 2.86
CA GLY B 264 -9.09 -81.28 3.14
C GLY B 264 -9.49 -80.05 2.36
N ILE B 265 -8.54 -79.12 2.20
CA ILE B 265 -8.90 -77.83 1.60
C ILE B 265 -8.63 -77.71 0.10
N ASP B 266 -7.85 -78.61 -0.49
CA ASP B 266 -7.56 -78.51 -1.92
C ASP B 266 -8.81 -78.59 -2.78
N PRO B 267 -9.72 -79.54 -2.57
CA PRO B 267 -10.90 -79.59 -3.43
C PRO B 267 -11.78 -78.36 -3.27
N ILE B 268 -11.79 -77.75 -2.09
CA ILE B 268 -12.58 -76.55 -1.85
C ILE B 268 -11.95 -75.34 -2.52
N LEU B 269 -10.63 -75.18 -2.39
CA LEU B 269 -9.97 -74.07 -3.08
C LEU B 269 -10.09 -74.20 -4.58
N ARG B 270 -10.07 -75.44 -5.10
CA ARG B 270 -10.27 -75.60 -6.53
C ARG B 270 -11.69 -75.20 -6.93
N GLY B 271 -12.69 -75.55 -6.12
CA GLY B 271 -14.05 -75.15 -6.47
C GLY B 271 -14.27 -73.65 -6.40
N LEU B 272 -13.55 -72.97 -5.50
CA LEU B 272 -13.68 -71.53 -5.42
C LEU B 272 -13.03 -70.82 -6.60
N MET B 273 -11.94 -71.38 -7.15
CA MET B 273 -11.30 -70.73 -8.29
C MET B 273 -12.01 -71.01 -9.61
N ALA B 274 -12.71 -72.13 -9.74
CA ALA B 274 -13.18 -72.59 -11.04
C ALA B 274 -14.69 -72.61 -11.11
N THR B 275 -15.36 -71.95 -10.17
CA THR B 275 -16.81 -71.83 -10.19
C THR B 275 -17.19 -70.35 -10.15
N PRO B 276 -18.12 -69.90 -10.98
CA PRO B 276 -18.47 -68.49 -10.97
C PRO B 276 -19.24 -68.12 -9.71
N ALA B 277 -19.01 -66.90 -9.24
CA ALA B 277 -19.91 -66.31 -8.26
C ALA B 277 -21.30 -66.22 -8.87
N LYS B 278 -22.28 -65.99 -8.01
CA LYS B 278 -23.61 -65.59 -8.46
C LYS B 278 -23.63 -64.10 -8.79
N LEU B 279 -24.32 -63.75 -9.86
CA LEU B 279 -24.58 -62.35 -10.20
C LEU B 279 -25.80 -61.82 -9.45
N ASN B 280 -25.62 -60.72 -8.77
CA ASN B 280 -26.74 -60.03 -8.18
C ASN B 280 -27.51 -59.34 -9.29
N ARG B 281 -28.83 -59.56 -9.34
CA ARG B 281 -29.71 -58.88 -10.29
C ARG B 281 -30.97 -58.46 -9.55
N GLN B 282 -31.59 -57.38 -10.00
CA GLN B 282 -32.74 -56.82 -9.29
C GLN B 282 -33.88 -57.82 -9.12
N ASN B 283 -33.97 -58.83 -9.95
CA ASN B 283 -34.97 -59.89 -9.82
C ASN B 283 -34.38 -61.22 -9.32
N GLN B 284 -33.11 -61.24 -8.87
CA GLN B 284 -32.45 -62.43 -8.37
C GLN B 284 -31.50 -61.98 -7.27
N ILE B 285 -32.05 -61.54 -6.13
CA ILE B 285 -31.21 -60.94 -5.10
C ILE B 285 -30.50 -62.01 -4.27
N ALA B 286 -31.23 -62.93 -3.60
CA ALA B 286 -30.54 -63.96 -2.81
C ALA B 286 -31.21 -65.34 -2.86
N VAL B 287 -30.39 -66.37 -2.70
CA VAL B 287 -30.85 -67.75 -2.94
C VAL B 287 -31.54 -68.30 -1.70
N ASP B 288 -32.41 -69.28 -1.94
CA ASP B 288 -33.21 -69.84 -0.87
C ASP B 288 -32.37 -70.51 0.22
N GLU B 289 -31.14 -70.94 -0.10
CA GLU B 289 -30.35 -71.66 0.90
C GLU B 289 -30.00 -70.76 2.08
N ILE B 290 -29.70 -69.48 1.82
CA ILE B 290 -29.48 -68.56 2.92
C ILE B 290 -30.78 -67.86 3.31
N ARG B 291 -31.76 -67.82 2.44
CA ARG B 291 -33.00 -67.11 2.74
C ARG B 291 -34.00 -67.99 3.47
N GLU B 292 -33.86 -69.31 3.35
CA GLU B 292 -34.77 -70.27 3.94
C GLU B 292 -34.10 -71.27 4.87
N ARG B 293 -32.87 -71.66 4.58
CA ARG B 293 -32.24 -72.78 5.27
C ARG B 293 -30.95 -72.40 5.96
N LEU B 294 -30.77 -71.11 6.29
CA LEU B 294 -29.58 -70.72 7.01
C LEU B 294 -29.47 -71.41 8.37
N PHE B 295 -28.35 -72.08 8.61
CA PHE B 295 -28.06 -72.82 9.85
C PHE B 295 -29.15 -73.81 10.22
N GLU B 296 -29.80 -74.38 9.22
CA GLU B 296 -30.88 -75.33 9.46
C GLU B 296 -30.45 -76.48 10.35
N GLN B 297 -29.19 -76.92 10.26
CA GLN B 297 -28.76 -78.07 11.04
C GLN B 297 -28.47 -77.75 12.51
N VAL B 298 -28.24 -76.50 12.89
CA VAL B 298 -27.77 -76.21 14.24
C VAL B 298 -28.77 -75.34 14.97
N MET B 299 -30.02 -75.42 14.59
CA MET B 299 -30.99 -74.43 15.05
C MET B 299 -32.38 -75.03 14.90
N ARG B 300 -33.28 -74.56 15.74
CA ARG B 300 -34.62 -75.11 15.75
C ARG B 300 -35.38 -74.83 14.45
N ILE B 301 -34.99 -73.80 13.72
CA ILE B 301 -35.68 -73.40 12.49
C ILE B 301 -34.64 -72.76 11.60
N GLY B 302 -34.80 -72.88 10.30
CA GLY B 302 -33.88 -72.21 9.41
C GLY B 302 -34.09 -70.70 9.45
N LEU B 303 -33.00 -69.96 9.53
CA LEU B 303 -33.08 -68.51 9.50
C LEU B 303 -33.13 -67.98 8.07
N ASP B 304 -33.34 -66.67 7.94
CA ASP B 304 -33.46 -65.96 6.67
C ASP B 304 -32.45 -64.84 6.73
N LEU B 305 -31.28 -65.04 6.11
CA LEU B 305 -30.21 -64.05 6.23
C LEU B 305 -30.57 -62.66 5.70
N PRO B 306 -31.16 -62.51 4.51
CA PRO B 306 -31.63 -61.15 4.15
C PRO B 306 -32.60 -60.57 5.17
N ALA B 307 -33.48 -61.37 5.78
CA ALA B 307 -34.36 -60.78 6.79
C ALA B 307 -33.58 -60.38 8.02
N LEU B 308 -32.62 -61.20 8.45
CA LEU B 308 -31.78 -60.80 9.58
C LEU B 308 -31.07 -59.49 9.29
N ASN B 309 -30.51 -59.35 8.10
CA ASN B 309 -29.86 -58.10 7.75
C ASN B 309 -30.76 -56.89 7.98
N MET B 310 -32.02 -56.99 7.60
CA MET B 310 -32.87 -55.82 7.79
C MET B 310 -33.25 -55.66 9.25
N GLN B 311 -33.54 -56.75 9.96
CA GLN B 311 -33.80 -56.62 11.39
C GLN B 311 -32.60 -56.03 12.12
N ARG B 312 -31.39 -56.45 11.76
CA ARG B 312 -30.19 -55.97 12.42
C ARG B 312 -29.99 -54.49 12.21
N SER B 313 -30.23 -54.00 10.99
CA SER B 313 -30.15 -52.56 10.77
C SER B 313 -31.16 -51.81 11.65
N ARG B 314 -32.35 -52.39 11.89
CA ARG B 314 -33.25 -51.68 12.81
C ARG B 314 -32.74 -51.75 14.23
N ASP B 315 -32.26 -52.93 14.63
CA ASP B 315 -31.58 -53.09 15.90
C ASP B 315 -30.49 -52.03 16.12
N HIS B 316 -29.68 -51.77 15.10
CA HIS B 316 -28.63 -50.78 15.21
C HIS B 316 -29.11 -49.35 15.01
N GLY B 317 -30.38 -49.14 14.79
CA GLY B 317 -30.85 -47.77 14.64
C GLY B 317 -30.31 -47.06 13.43
N LEU B 318 -29.96 -47.79 12.38
CA LEU B 318 -29.49 -47.17 11.16
C LEU B 318 -30.60 -46.37 10.51
N PRO B 319 -30.26 -45.22 9.89
CA PRO B 319 -31.23 -44.51 9.04
C PRO B 319 -31.61 -45.28 7.78
N GLY B 320 -32.71 -44.83 7.15
CA GLY B 320 -33.19 -45.41 5.93
C GLY B 320 -32.45 -44.99 4.65
N TYR B 321 -32.93 -45.55 3.54
CA TYR B 321 -32.26 -45.43 2.25
C TYR B 321 -32.03 -43.98 1.92
N ASN B 322 -33.06 -43.13 2.06
CA ASN B 322 -32.86 -41.74 1.59
C ASN B 322 -31.85 -40.98 2.43
N ALA B 323 -31.82 -41.22 3.75
CA ALA B 323 -30.80 -40.55 4.54
C ALA B 323 -29.43 -40.95 4.06
N TRP B 324 -29.25 -42.18 3.60
CA TRP B 324 -27.89 -42.53 3.21
C TRP B 324 -27.57 -41.99 1.84
N ARG B 325 -28.56 -41.92 0.96
CA ARG B 325 -28.36 -41.25 -0.32
C ARG B 325 -27.94 -39.80 -0.11
N ARG B 326 -28.54 -39.12 0.84
CA ARG B 326 -28.19 -37.73 1.09
C ARG B 326 -26.77 -37.61 1.64
N PHE B 327 -26.42 -38.49 2.58
CA PHE B 327 -25.05 -38.60 3.09
C PHE B 327 -24.02 -38.71 1.97
N CYS B 328 -24.32 -39.49 0.93
CA CYS B 328 -23.40 -39.69 -0.17
C CYS B 328 -23.51 -38.64 -1.26
N GLY B 329 -24.46 -37.73 -1.17
CA GLY B 329 -24.57 -36.75 -2.23
C GLY B 329 -25.38 -37.19 -3.43
N LEU B 330 -26.18 -38.19 -3.30
CA LEU B 330 -26.97 -38.78 -4.37
C LEU B 330 -28.43 -38.33 -4.25
N PRO B 331 -29.14 -38.22 -5.37
CA PRO B 331 -30.55 -37.79 -5.33
C PRO B 331 -31.44 -38.74 -4.52
N GLN B 332 -32.47 -38.15 -3.89
CA GLN B 332 -33.34 -38.82 -2.92
C GLN B 332 -34.75 -38.93 -3.46
N PRO B 333 -35.20 -40.09 -3.93
CA PRO B 333 -36.54 -40.16 -4.47
C PRO B 333 -37.58 -40.13 -3.38
N GLU B 334 -38.69 -39.47 -3.70
CA GLU B 334 -39.85 -39.38 -2.83
C GLU B 334 -41.04 -40.18 -3.33
N THR B 335 -41.19 -40.32 -4.62
CA THR B 335 -42.33 -41.02 -5.19
C THR B 335 -41.90 -42.33 -5.82
N VAL B 336 -42.89 -43.13 -6.22
CA VAL B 336 -42.54 -44.40 -6.82
C VAL B 336 -41.96 -44.14 -8.20
N GLY B 337 -42.47 -43.12 -8.88
CA GLY B 337 -41.88 -42.74 -10.17
C GLY B 337 -40.43 -42.34 -10.07
N GLN B 338 -40.08 -41.54 -9.07
CA GLN B 338 -38.69 -41.15 -8.92
C GLN B 338 -37.82 -42.34 -8.49
N LEU B 339 -38.34 -43.18 -7.61
CA LEU B 339 -37.60 -44.37 -7.24
C LEU B 339 -37.36 -45.27 -8.46
N GLY B 340 -38.36 -45.38 -9.34
CA GLY B 340 -38.16 -46.16 -10.54
C GLY B 340 -37.01 -45.65 -11.38
N THR B 341 -36.91 -44.32 -11.53
CA THR B 341 -35.77 -43.71 -12.20
C THR B 341 -34.45 -43.99 -11.48
N VAL B 342 -34.43 -43.92 -10.17
CA VAL B 342 -33.19 -44.14 -9.42
C VAL B 342 -32.70 -45.58 -9.56
N LEU B 343 -33.60 -46.55 -9.52
CA LEU B 343 -33.26 -47.95 -9.72
C LEU B 343 -33.25 -48.42 -11.17
N ARG B 344 -33.54 -47.54 -12.14
CA ARG B 344 -33.82 -47.97 -13.52
C ARG B 344 -34.73 -49.17 -13.56
N ASN B 345 -35.75 -49.16 -12.75
CA ASN B 345 -36.58 -50.36 -12.68
C ASN B 345 -37.86 -50.05 -11.96
N LEU B 346 -38.91 -49.72 -12.69
CA LEU B 346 -40.15 -49.29 -12.05
C LEU B 346 -40.87 -50.44 -11.33
N LYS B 347 -40.83 -51.67 -11.87
CA LYS B 347 -41.46 -52.79 -11.20
C LYS B 347 -40.86 -52.99 -9.81
N LEU B 348 -39.54 -52.91 -9.71
CA LEU B 348 -38.93 -53.06 -8.41
C LEU B 348 -39.31 -51.90 -7.52
N ALA B 349 -39.38 -50.70 -8.09
CA ALA B 349 -39.73 -49.57 -7.25
C ALA B 349 -41.13 -49.75 -6.66
N ARG B 350 -42.08 -50.27 -7.44
CA ARG B 350 -43.45 -50.47 -6.94
C ARG B 350 -43.49 -51.47 -5.81
N LYS B 351 -42.73 -52.56 -5.94
CA LYS B 351 -42.69 -53.55 -4.88
C LYS B 351 -42.17 -52.95 -3.57
N LEU B 352 -41.15 -52.09 -3.65
CA LEU B 352 -40.57 -51.52 -2.44
C LEU B 352 -41.53 -50.57 -1.75
N MET B 353 -42.23 -49.74 -2.53
CA MET B 353 -43.21 -48.82 -1.94
C MET B 353 -44.38 -49.57 -1.31
N GLU B 354 -44.80 -50.67 -1.94
CA GLU B 354 -45.88 -51.44 -1.33
C GLU B 354 -45.46 -51.91 0.05
N GLN B 355 -44.18 -52.23 0.21
CA GLN B 355 -43.71 -52.71 1.49
C GLN B 355 -43.45 -51.58 2.46
N TYR B 356 -42.77 -50.55 1.99
CA TYR B 356 -42.21 -49.53 2.86
C TYR B 356 -43.00 -48.24 2.89
N GLY B 357 -43.80 -47.96 1.86
CA GLY B 357 -44.53 -46.71 1.83
C GLY B 357 -43.72 -45.51 1.36
N THR B 358 -42.44 -45.42 1.71
CA THR B 358 -41.67 -44.28 1.26
C THR B 358 -40.23 -44.70 1.10
N PRO B 359 -39.49 -44.15 0.16
CA PRO B 359 -38.08 -44.49 0.09
C PRO B 359 -37.35 -44.10 1.34
N ASN B 360 -37.87 -43.17 2.15
CA ASN B 360 -37.24 -42.84 3.42
C ASN B 360 -37.04 -44.05 4.31
N ASN B 361 -37.87 -45.07 4.15
CA ASN B 361 -37.87 -46.16 5.12
C ASN B 361 -37.18 -47.43 4.62
N ILE B 362 -36.79 -47.50 3.36
CA ILE B 362 -36.14 -48.70 2.87
C ILE B 362 -34.88 -48.97 3.70
N ASP B 363 -34.80 -50.14 4.27
CA ASP B 363 -33.60 -50.51 5.00
C ASP B 363 -32.39 -50.48 4.06
N ILE B 364 -31.25 -50.06 4.61
CA ILE B 364 -30.07 -49.72 3.81
C ILE B 364 -29.57 -50.90 2.99
N TRP B 365 -29.60 -52.12 3.53
CA TRP B 365 -29.16 -53.27 2.74
C TRP B 365 -30.12 -53.54 1.60
N MET B 366 -31.43 -53.37 1.83
CA MET B 366 -32.42 -53.57 0.77
C MET B 366 -32.31 -52.48 -0.31
N GLY B 367 -32.20 -51.24 0.09
CA GLY B 367 -31.95 -50.22 -0.89
C GLY B 367 -30.64 -50.46 -1.58
N GLY B 368 -29.58 -50.66 -0.79
CA GLY B 368 -28.27 -50.79 -1.36
C GLY B 368 -28.19 -51.83 -2.44
N VAL B 369 -28.75 -53.01 -2.20
CA VAL B 369 -28.60 -54.10 -3.15
C VAL B 369 -29.64 -54.08 -4.26
N SER B 370 -30.70 -53.29 -4.12
CA SER B 370 -31.66 -53.10 -5.21
C SER B 370 -31.10 -52.21 -6.31
N GLU B 371 -30.19 -51.32 -5.98
CA GLU B 371 -29.68 -50.38 -6.97
C GLU B 371 -28.92 -51.13 -8.08
N PRO B 372 -28.93 -50.59 -9.30
CA PRO B 372 -28.20 -51.24 -10.39
C PRO B 372 -26.69 -51.11 -10.22
N LEU B 373 -25.99 -52.17 -10.62
CA LEU B 373 -24.55 -52.26 -10.40
C LEU B 373 -23.83 -51.24 -11.29
N LYS B 374 -22.78 -50.64 -10.75
CA LYS B 374 -21.90 -49.77 -11.52
C LYS B 374 -21.09 -50.61 -12.50
N ARG B 375 -20.69 -49.96 -13.60
CA ARG B 375 -19.96 -50.62 -14.69
C ARG B 375 -18.70 -51.27 -14.15
N LYS B 376 -18.54 -52.57 -14.44
CA LYS B 376 -17.36 -53.37 -14.09
C LYS B 376 -17.16 -53.46 -12.58
N GLY B 377 -18.27 -53.33 -11.84
CA GLY B 377 -18.27 -53.48 -10.40
C GLY B 377 -19.52 -54.23 -9.98
N ARG B 378 -19.63 -54.49 -8.69
CA ARG B 378 -20.68 -55.41 -8.27
C ARG B 378 -21.51 -54.81 -7.15
N VAL B 379 -21.54 -53.47 -7.08
CA VAL B 379 -22.48 -52.72 -6.24
C VAL B 379 -22.97 -51.50 -6.98
N GLY B 380 -24.04 -50.93 -6.46
CA GLY B 380 -24.56 -49.68 -6.97
C GLY B 380 -23.91 -48.49 -6.30
N PRO B 381 -24.39 -47.28 -6.59
CA PRO B 381 -23.62 -46.11 -6.15
C PRO B 381 -23.72 -45.82 -4.68
N LEU B 382 -24.79 -46.23 -4.01
CA LEU B 382 -24.88 -46.00 -2.58
C LEU B 382 -23.87 -46.88 -1.83
N LEU B 383 -23.87 -48.18 -2.11
CA LEU B 383 -22.95 -49.07 -1.44
C LEU B 383 -21.51 -48.72 -1.79
N ALA B 384 -21.25 -48.39 -3.06
CA ALA B 384 -19.91 -47.98 -3.46
C ALA B 384 -19.41 -46.83 -2.60
N CYS B 385 -20.29 -45.88 -2.32
CA CYS B 385 -19.85 -44.73 -1.54
C CYS B 385 -19.58 -45.10 -0.08
N ILE B 386 -20.44 -45.90 0.54
CA ILE B 386 -20.22 -46.34 1.90
C ILE B 386 -18.98 -47.25 2.00
N ILE B 387 -18.90 -48.25 1.14
CA ILE B 387 -17.78 -49.19 1.19
C ILE B 387 -16.47 -48.52 0.84
N GLY B 388 -16.46 -47.76 -0.27
CA GLY B 388 -15.25 -47.07 -0.65
C GLY B 388 -14.76 -46.09 0.41
N THR B 389 -15.69 -45.28 0.96
CA THR B 389 -15.31 -44.33 2.00
C THR B 389 -14.64 -45.07 3.15
N GLN B 390 -15.18 -46.23 3.51
CA GLN B 390 -14.66 -46.96 4.67
C GLN B 390 -13.25 -47.45 4.44
N PHE B 391 -13.01 -48.07 3.29
CA PHE B 391 -11.67 -48.60 3.02
C PHE B 391 -10.64 -47.51 2.75
N ARG B 392 -11.06 -46.30 2.40
CA ARG B 392 -10.08 -45.22 2.30
C ARG B 392 -9.61 -44.79 3.68
N LYS B 393 -10.52 -44.74 4.64
CA LYS B 393 -10.16 -44.41 6.01
C LYS B 393 -9.27 -45.47 6.62
N LEU B 394 -9.53 -46.74 6.32
CA LEU B 394 -8.65 -47.77 6.88
C LEU B 394 -7.27 -47.73 6.28
N ARG B 395 -7.11 -47.16 5.09
CA ARG B 395 -5.79 -47.07 4.46
C ARG B 395 -5.05 -45.80 4.85
N ASP B 396 -5.65 -44.63 4.59
CA ASP B 396 -5.00 -43.39 5.00
C ASP B 396 -4.85 -43.30 6.51
N GLY B 397 -5.71 -43.97 7.27
CA GLY B 397 -5.65 -43.89 8.71
C GLY B 397 -4.87 -45.00 9.39
N ASP B 398 -4.09 -45.77 8.66
CA ASP B 398 -3.33 -46.87 9.22
C ASP B 398 -1.86 -46.49 9.29
N ARG B 399 -1.31 -46.41 10.50
CA ARG B 399 0.08 -46.00 10.63
C ARG B 399 1.01 -47.08 10.12
N PHE B 400 0.54 -48.32 10.06
CA PHE B 400 1.34 -49.44 9.57
C PHE B 400 0.93 -49.87 8.17
N TRP B 401 0.26 -49.02 7.43
CA TRP B 401 0.00 -49.34 6.03
C TRP B 401 1.33 -49.69 5.32
N TRP B 402 1.29 -50.73 4.47
CA TRP B 402 2.52 -51.30 3.94
C TRP B 402 3.34 -50.32 3.09
N GLU B 403 2.71 -49.33 2.47
CA GLU B 403 3.41 -48.35 1.64
C GLU B 403 3.83 -47.10 2.43
N ASN B 404 3.34 -46.95 3.67
CA ASN B 404 3.77 -45.82 4.50
C ASN B 404 5.27 -45.88 4.76
N GLU B 405 5.95 -44.76 4.59
CA GLU B 405 7.39 -44.73 4.76
C GLU B 405 7.77 -45.16 6.16
N GLY B 406 8.84 -45.98 6.25
CA GLY B 406 9.34 -46.50 7.51
C GLY B 406 8.84 -47.90 7.87
N VAL B 407 7.71 -48.33 7.33
CA VAL B 407 7.16 -49.64 7.70
C VAL B 407 7.94 -50.78 7.05
N PHE B 408 8.21 -50.66 5.75
CA PHE B 408 8.99 -51.64 5.01
C PHE B 408 10.08 -50.87 4.28
N SER B 409 11.20 -51.53 4.04
CA SER B 409 12.24 -50.91 3.23
C SER B 409 11.78 -50.78 1.78
N MET B 410 12.45 -49.90 1.04
CA MET B 410 12.18 -49.75 -0.38
C MET B 410 12.29 -51.09 -1.10
N GLN B 411 13.29 -51.90 -0.71
CA GLN B 411 13.49 -53.22 -1.31
C GLN B 411 12.41 -54.20 -0.87
N GLN B 412 12.06 -54.21 0.42
CA GLN B 412 10.99 -55.07 0.90
C GLN B 412 9.69 -54.79 0.15
N ARG B 413 9.38 -53.49 -0.11
CA ARG B 413 8.15 -53.13 -0.82
C ARG B 413 8.16 -53.61 -2.26
N GLN B 414 9.31 -53.47 -2.92
CA GLN B 414 9.49 -54.03 -4.25
C GLN B 414 9.17 -55.53 -4.27
N ALA B 415 9.62 -56.27 -3.26
CA ALA B 415 9.37 -57.71 -3.20
C ALA B 415 7.91 -58.04 -2.86
N LEU B 416 7.28 -57.27 -1.96
CA LEU B 416 5.89 -57.58 -1.58
C LEU B 416 4.93 -57.30 -2.73
N ALA B 417 5.22 -56.27 -3.51
CA ALA B 417 4.38 -55.96 -4.67
C ALA B 417 4.17 -57.17 -5.56
N GLN B 418 5.06 -58.16 -5.48
CA GLN B 418 4.98 -59.30 -6.36
C GLN B 418 4.04 -60.39 -5.88
N ILE B 419 3.50 -60.28 -4.67
CA ILE B 419 2.71 -61.38 -4.12
C ILE B 419 1.38 -61.46 -4.84
N SER B 420 0.77 -62.64 -4.79
CA SER B 420 -0.56 -62.87 -5.36
C SER B 420 -1.24 -64.01 -4.62
N LEU B 421 -2.56 -64.00 -4.63
CA LEU B 421 -3.30 -65.05 -3.95
C LEU B 421 -3.10 -66.40 -4.64
N PRO B 422 -3.06 -66.47 -5.98
CA PRO B 422 -2.69 -67.75 -6.62
C PRO B 422 -1.35 -68.30 -6.20
N ARG B 423 -0.38 -67.42 -5.89
CA ARG B 423 0.94 -67.90 -5.50
C ARG B 423 0.89 -68.51 -4.10
N ILE B 424 0.14 -67.87 -3.19
CA ILE B 424 0.02 -68.41 -1.83
C ILE B 424 -0.66 -69.77 -1.85
N ILE B 425 -1.52 -70.01 -2.84
CA ILE B 425 -2.15 -71.32 -2.98
C ILE B 425 -1.12 -72.34 -3.47
N CYS B 426 -0.26 -71.96 -4.41
CA CYS B 426 0.84 -72.85 -4.81
C CYS B 426 1.75 -73.21 -3.64
N ASP B 427 2.22 -72.20 -2.92
CA ASP B 427 3.22 -72.44 -1.89
C ASP B 427 2.70 -73.31 -0.76
N ASN B 428 1.37 -73.34 -0.53
CA ASN B 428 0.84 -73.96 0.69
C ASN B 428 -0.20 -75.06 0.43
N THR B 429 -0.25 -75.63 -0.77
CA THR B 429 -1.14 -76.75 -1.01
C THR B 429 -0.50 -77.70 -2.02
N GLY B 430 -1.25 -78.75 -2.39
CA GLY B 430 -0.89 -79.65 -3.46
C GLY B 430 -1.42 -79.25 -4.83
N ILE B 431 -1.98 -78.05 -4.95
CA ILE B 431 -2.50 -77.57 -6.22
C ILE B 431 -1.33 -77.11 -7.06
N THR B 432 -1.23 -77.64 -8.26
CA THR B 432 -0.18 -77.29 -9.21
C THR B 432 -0.70 -76.46 -10.37
N THR B 433 -2.02 -76.17 -10.41
CA THR B 433 -2.65 -75.39 -11.48
C THR B 433 -3.63 -74.44 -10.83
N VAL B 434 -3.41 -73.13 -11.00
CA VAL B 434 -4.21 -72.12 -10.33
C VAL B 434 -4.67 -71.07 -11.34
N SER B 435 -5.55 -70.19 -10.86
CA SER B 435 -6.17 -69.19 -11.73
C SER B 435 -5.16 -68.11 -12.13
N LYS B 436 -5.32 -67.62 -13.35
CA LYS B 436 -4.51 -66.51 -13.85
C LYS B 436 -4.78 -65.27 -13.00
N ASN B 437 -3.87 -64.30 -13.09
CA ASN B 437 -3.93 -63.21 -12.14
C ASN B 437 -5.20 -62.42 -12.34
N ASN B 438 -5.61 -61.82 -11.23
CA ASN B 438 -6.99 -61.57 -10.90
C ASN B 438 -7.76 -62.88 -10.81
N ILE B 439 -7.41 -63.58 -9.73
CA ILE B 439 -8.13 -64.74 -9.26
C ILE B 439 -9.59 -64.44 -9.01
N PHE B 440 -9.96 -63.18 -8.77
CA PHE B 440 -11.36 -62.86 -8.45
C PHE B 440 -12.22 -62.75 -9.69
N MET B 441 -11.61 -62.74 -10.85
CA MET B 441 -12.24 -62.66 -12.17
C MET B 441 -12.12 -63.98 -12.90
N SER B 442 -10.95 -64.58 -12.87
CA SER B 442 -10.73 -65.86 -13.51
C SER B 442 -11.64 -66.87 -12.85
N ASN B 443 -12.40 -67.58 -13.65
CA ASN B 443 -13.35 -68.53 -13.08
C ASN B 443 -13.63 -69.79 -13.89
N SER B 444 -12.96 -70.04 -15.02
CA SER B 444 -13.30 -71.15 -15.89
C SER B 444 -12.07 -71.99 -16.20
N TYR B 445 -12.20 -73.30 -16.02
CA TYR B 445 -11.07 -74.17 -16.32
C TYR B 445 -11.26 -74.84 -17.67
N PRO B 446 -10.26 -74.93 -18.53
CA PRO B 446 -8.86 -74.53 -18.34
C PRO B 446 -8.50 -73.13 -18.86
N ARG B 447 -9.45 -72.43 -19.49
CA ARG B 447 -9.15 -71.16 -20.15
C ARG B 447 -8.39 -70.23 -19.21
N ASP B 448 -8.85 -70.13 -17.96
CA ASP B 448 -8.35 -69.11 -17.06
C ASP B 448 -7.23 -69.59 -16.14
N PHE B 449 -6.46 -70.61 -16.52
CA PHE B 449 -5.59 -71.29 -15.55
C PHE B 449 -4.16 -71.44 -16.08
N VAL B 450 -3.24 -71.67 -15.12
CA VAL B 450 -1.80 -71.70 -15.41
C VAL B 450 -1.09 -72.61 -14.42
N ASN B 451 0.05 -73.17 -14.86
CA ASN B 451 0.90 -73.95 -13.98
C ASN B 451 1.53 -73.05 -12.92
N CYS B 452 1.69 -73.61 -11.71
CA CYS B 452 2.30 -72.87 -10.62
C CYS B 452 3.70 -72.37 -10.97
N SER B 453 4.46 -73.14 -11.75
CA SER B 453 5.86 -72.78 -12.01
C SER B 453 6.00 -71.44 -12.70
N THR B 454 4.97 -71.02 -13.43
CA THR B 454 5.04 -69.78 -14.19
C THR B 454 4.88 -68.55 -13.34
N LEU B 455 4.81 -68.69 -12.01
CA LEU B 455 4.55 -67.57 -11.13
C LEU B 455 5.74 -67.30 -10.23
N PRO B 456 6.13 -66.04 -10.04
CA PRO B 456 7.29 -65.74 -9.19
C PRO B 456 6.94 -65.83 -7.70
N ALA B 457 7.79 -66.52 -6.95
CA ALA B 457 7.65 -66.63 -5.50
C ALA B 457 8.04 -65.32 -4.78
N LEU B 458 7.65 -65.19 -3.52
CA LEU B 458 8.01 -64.03 -2.73
C LEU B 458 9.46 -64.18 -2.30
N ASN B 459 10.30 -63.22 -2.69
CA ASN B 459 11.73 -63.25 -2.40
C ASN B 459 11.99 -62.48 -1.11
N LEU B 460 12.40 -63.21 -0.07
CA LEU B 460 12.66 -62.64 1.24
C LEU B 460 14.14 -62.28 1.47
N ALA B 461 14.92 -62.05 0.41
CA ALA B 461 16.34 -61.76 0.61
C ALA B 461 16.54 -60.47 1.39
N SER B 462 15.72 -59.46 1.15
CA SER B 462 15.85 -58.16 1.81
C SER B 462 15.35 -58.17 3.24
N TRP B 463 15.00 -59.34 3.79
CA TRP B 463 14.66 -59.47 5.19
C TRP B 463 15.84 -59.94 6.04
N ARG B 464 17.06 -59.89 5.50
CA ARG B 464 18.24 -60.45 6.17
C ARG B 464 19.00 -59.41 6.99
N GLU B 465 19.65 -59.88 8.06
CA GLU B 465 20.50 -59.07 8.96
C GLU B 465 22.00 -59.04 8.66
N THR C 1 -44.07 -42.51 20.70
CA THR C 1 -43.38 -41.90 19.56
C THR C 1 -43.84 -40.44 19.43
N CYS C 2 -43.12 -39.66 18.63
CA CYS C 2 -43.41 -38.23 18.47
C CYS C 2 -44.74 -37.98 17.77
N PRO C 3 -45.59 -37.08 18.28
CA PRO C 3 -46.87 -36.80 17.62
C PRO C 3 -46.71 -36.28 16.20
N GLU C 4 -47.56 -36.80 15.30
CA GLU C 4 -47.56 -36.35 13.90
C GLU C 4 -47.80 -34.85 13.79
N GLN C 5 -48.53 -34.26 14.73
CA GLN C 5 -48.89 -32.85 14.70
C GLN C 5 -48.33 -32.18 15.95
N ASP C 6 -47.81 -30.96 15.77
CA ASP C 6 -46.99 -30.29 16.76
C ASP C 6 -47.20 -28.80 16.59
N LYS C 7 -47.73 -28.14 17.61
CA LYS C 7 -47.81 -26.68 17.53
C LYS C 7 -46.61 -26.03 18.20
N TYR C 8 -46.14 -26.59 19.32
CA TYR C 8 -45.13 -25.97 20.15
C TYR C 8 -43.95 -26.90 20.41
N ARG C 9 -42.83 -26.31 20.78
CA ARG C 9 -41.70 -27.12 21.21
C ARG C 9 -42.04 -27.81 22.52
N THR C 10 -41.52 -29.02 22.70
CA THR C 10 -41.44 -29.59 24.03
C THR C 10 -40.41 -28.81 24.83
N ILE C 11 -40.50 -28.92 26.15
CA ILE C 11 -39.54 -28.22 27.00
C ILE C 11 -38.14 -28.83 26.84
N THR C 12 -38.04 -30.16 26.74
CA THR C 12 -36.73 -30.81 26.75
C THR C 12 -36.09 -30.86 25.38
N GLY C 13 -36.82 -30.47 24.35
CA GLY C 13 -36.30 -30.55 23.02
C GLY C 13 -36.63 -31.84 22.30
N MET C 14 -37.03 -32.87 23.05
CA MET C 14 -37.57 -34.07 22.45
C MET C 14 -38.48 -33.71 21.28
N CYS C 15 -38.33 -34.48 20.19
CA CYS C 15 -39.23 -34.51 19.03
C CYS C 15 -39.13 -33.27 18.13
N ASN C 16 -38.04 -32.54 18.18
CA ASN C 16 -37.73 -31.51 17.20
C ASN C 16 -37.39 -32.18 15.88
N ASN C 17 -36.32 -32.98 15.90
CA ASN C 17 -35.98 -33.90 14.81
C ASN C 17 -36.85 -35.14 14.94
N ARG C 18 -37.79 -35.32 14.02
CA ARG C 18 -38.70 -36.45 14.13
C ARG C 18 -38.02 -37.78 13.81
N ARG C 19 -37.01 -37.78 12.94
CA ARG C 19 -36.33 -39.04 12.61
C ARG C 19 -35.39 -39.46 13.73
N SER C 20 -34.89 -38.51 14.50
CA SER C 20 -33.96 -38.78 15.59
C SER C 20 -34.36 -37.89 16.76
N PRO C 21 -35.38 -38.29 17.52
CA PRO C 21 -36.05 -37.33 18.41
C PRO C 21 -35.25 -36.84 19.61
N THR C 22 -34.06 -37.36 19.92
CA THR C 22 -33.30 -36.78 21.02
C THR C 22 -32.30 -35.72 20.56
N LEU C 23 -32.22 -35.42 19.25
CA LEU C 23 -31.14 -34.53 18.80
C LEU C 23 -31.48 -33.11 19.22
N GLY C 24 -30.56 -32.49 19.93
CA GLY C 24 -30.82 -31.21 20.55
C GLY C 24 -31.54 -31.27 21.88
N ALA C 25 -31.98 -32.45 22.31
CA ALA C 25 -32.70 -32.51 23.56
C ALA C 25 -31.72 -32.47 24.71
N SER C 26 -32.28 -32.34 25.93
CA SER C 26 -31.49 -32.08 27.13
C SER C 26 -31.05 -33.39 27.80
N ASN C 27 -29.96 -33.29 28.58
CA ASN C 27 -29.40 -34.43 29.33
C ASN C 27 -28.95 -35.54 28.38
N ARG C 28 -28.27 -35.13 27.32
CA ARG C 28 -27.76 -35.99 26.28
C ARG C 28 -26.29 -35.66 26.05
N ALA C 29 -25.52 -36.63 25.59
CA ALA C 29 -24.12 -36.35 25.33
C ALA C 29 -23.92 -35.27 24.27
N PHE C 30 -22.79 -34.57 24.38
CA PHE C 30 -22.32 -33.70 23.31
C PHE C 30 -21.96 -34.51 22.08
N VAL C 31 -22.12 -33.91 20.94
CA VAL C 31 -21.58 -34.50 19.72
C VAL C 31 -20.10 -34.13 19.64
N ARG C 32 -19.32 -34.96 18.97
CA ARG C 32 -17.89 -34.73 18.81
C ARG C 32 -17.61 -34.36 17.36
N TRP C 33 -17.00 -33.24 17.13
CA TRP C 33 -16.62 -32.98 15.76
C TRP C 33 -15.27 -33.63 15.41
N LEU C 34 -14.44 -33.93 16.42
CA LEU C 34 -13.16 -34.59 16.31
C LEU C 34 -13.07 -35.60 17.45
N PRO C 35 -12.41 -36.75 17.25
CA PRO C 35 -12.34 -37.73 18.35
C PRO C 35 -11.51 -37.21 19.52
N ALA C 36 -11.88 -37.67 20.70
CA ALA C 36 -11.27 -37.14 21.90
C ALA C 36 -9.81 -37.54 22.00
N GLU C 37 -9.04 -36.71 22.69
CA GLU C 37 -7.62 -36.94 22.95
C GLU C 37 -7.43 -36.99 24.46
N TYR C 38 -7.12 -38.16 24.96
CA TYR C 38 -6.96 -38.40 26.38
C TYR C 38 -5.67 -39.18 26.60
N GLU C 39 -5.06 -38.95 27.74
CA GLU C 39 -3.78 -39.56 28.10
C GLU C 39 -3.77 -41.07 27.87
N ASP C 40 -4.76 -41.79 28.41
CA ASP C 40 -4.87 -43.24 28.27
C ASP C 40 -5.68 -43.68 27.05
N GLY C 41 -6.11 -42.73 26.20
CA GLY C 41 -6.93 -43.04 25.05
C GLY C 41 -8.43 -42.87 25.28
N PHE C 42 -8.92 -42.95 26.53
CA PHE C 42 -10.37 -42.97 26.72
C PHE C 42 -10.93 -42.25 27.94
N SER C 43 -10.14 -41.83 28.93
CA SER C 43 -10.78 -41.18 30.06
C SER C 43 -9.92 -40.22 30.85
N LEU C 44 -8.53 -40.37 30.80
CA LEU C 44 -7.72 -39.52 31.68
C LEU C 44 -7.19 -38.35 30.90
N PRO C 45 -7.30 -37.13 31.43
CA PRO C 45 -6.88 -35.94 30.67
C PRO C 45 -5.38 -35.75 30.69
N TYR C 46 -4.87 -35.03 29.70
CA TYR C 46 -3.46 -34.65 29.71
C TYR C 46 -3.22 -33.73 30.89
N GLY C 47 -2.12 -34.00 31.62
CA GLY C 47 -1.86 -33.34 32.88
C GLY C 47 -2.22 -34.17 34.07
N TRP C 48 -2.77 -35.37 33.86
CA TRP C 48 -3.16 -36.22 34.97
C TRP C 48 -1.96 -36.96 35.60
N THR C 49 -1.25 -37.77 34.82
CA THR C 49 -0.15 -38.54 35.36
C THR C 49 1.13 -37.72 35.21
N PRO C 50 1.88 -37.46 36.28
CA PRO C 50 3.10 -36.66 36.14
C PRO C 50 4.15 -37.40 35.30
N GLY C 51 4.75 -36.65 34.36
CA GLY C 51 5.78 -37.17 33.47
C GLY C 51 5.29 -37.68 32.14
N VAL C 52 3.98 -37.73 31.91
CA VAL C 52 3.41 -38.23 30.66
C VAL C 52 3.25 -37.07 29.71
N LYS C 53 3.93 -37.17 28.56
CA LYS C 53 3.97 -36.11 27.58
C LYS C 53 2.74 -36.17 26.68
N ARG C 54 2.53 -35.07 25.99
CA ARG C 54 1.48 -34.97 25.00
C ARG C 54 2.17 -34.69 23.67
N ASN C 55 2.16 -35.68 22.78
CA ASN C 55 2.67 -35.47 21.44
C ASN C 55 4.15 -35.04 21.44
N GLY C 56 4.95 -35.66 22.32
CA GLY C 56 6.37 -35.40 22.40
C GLY C 56 6.82 -34.27 23.33
N PHE C 57 5.91 -33.51 23.94
CA PHE C 57 6.24 -32.36 24.77
C PHE C 57 5.51 -32.40 26.10
N PRO C 58 6.15 -31.93 27.16
CA PRO C 58 5.49 -31.91 28.47
C PRO C 58 4.22 -31.09 28.43
N VAL C 59 3.31 -31.38 29.36
CA VAL C 59 2.05 -30.67 29.44
C VAL C 59 2.28 -29.44 30.29
N ALA C 60 1.92 -28.30 29.74
CA ALA C 60 2.03 -27.04 30.44
C ALA C 60 0.89 -26.92 31.44
N LEU C 61 1.20 -26.57 32.69
CA LEU C 61 0.16 -26.26 33.67
C LEU C 61 -0.70 -25.09 33.20
N ALA C 62 -2.02 -25.26 33.27
CA ALA C 62 -2.91 -24.21 32.79
C ALA C 62 -2.65 -22.89 33.51
N ARG C 63 -2.46 -22.94 34.82
CA ARG C 63 -2.22 -21.70 35.55
C ARG C 63 -0.92 -21.04 35.11
N ALA C 64 0.09 -21.84 34.72
CA ALA C 64 1.34 -21.30 34.20
C ALA C 64 1.13 -20.55 32.89
N VAL C 65 0.44 -21.18 31.93
CA VAL C 65 0.03 -20.50 30.70
C VAL C 65 -0.69 -19.20 31.03
N SER C 66 -1.59 -19.24 32.01
CA SER C 66 -2.37 -18.06 32.37
C SER C 66 -1.48 -16.94 32.90
N ASN C 67 -0.45 -17.30 33.65
CA ASN C 67 0.44 -16.28 34.19
C ASN C 67 1.29 -15.66 33.10
N GLU C 68 1.72 -16.46 32.14
CA GLU C 68 2.73 -15.98 31.22
C GLU C 68 2.11 -15.34 30.01
N ILE C 69 0.84 -15.59 29.75
CA ILE C 69 0.26 -15.18 28.48
C ILE C 69 -1.01 -14.34 28.65
N VAL C 70 -1.84 -14.65 29.65
CA VAL C 70 -3.13 -13.98 29.84
C VAL C 70 -3.01 -12.78 30.77
N ARG C 71 -2.16 -12.88 31.78
CA ARG C 71 -1.94 -11.79 32.72
C ARG C 71 -1.54 -10.50 32.02
N PHE C 72 -2.13 -9.39 32.49
CA PHE C 72 -1.76 -8.07 32.01
C PHE C 72 -2.17 -7.03 33.05
N PRO C 73 -1.51 -5.88 33.10
CA PRO C 73 -1.83 -4.87 34.12
C PRO C 73 -3.18 -4.20 33.89
N THR C 74 -4.02 -4.22 34.93
CA THR C 74 -5.41 -3.80 34.79
C THR C 74 -5.53 -2.35 34.30
N ASP C 75 -4.60 -1.49 34.68
CA ASP C 75 -4.66 -0.07 34.31
C ASP C 75 -4.49 0.20 32.82
N GLN C 76 -4.13 -0.80 32.02
CA GLN C 76 -3.87 -0.58 30.60
C GLN C 76 -4.99 -1.17 29.75
N LEU C 77 -6.13 -1.41 30.34
CA LEU C 77 -7.23 -2.02 29.62
C LEU C 77 -7.70 -1.11 28.50
N THR C 78 -7.87 -1.69 27.31
CA THR C 78 -8.38 -0.93 26.18
C THR C 78 -9.90 -1.08 26.12
N PRO C 79 -10.66 0.01 26.12
CA PRO C 79 -12.11 -0.09 25.90
C PRO C 79 -12.47 -0.12 24.42
N ASP C 80 -13.34 -1.07 24.05
CA ASP C 80 -13.74 -1.27 22.66
C ASP C 80 -14.64 -0.12 22.23
N GLN C 81 -14.15 0.72 21.31
CA GLN C 81 -14.95 1.87 20.87
C GLN C 81 -16.23 1.48 20.14
N GLU C 82 -16.37 0.23 19.64
CA GLU C 82 -17.50 -0.13 18.80
C GLU C 82 -18.31 -1.31 19.36
N ARG C 83 -18.21 -1.60 20.65
CA ARG C 83 -19.03 -2.63 21.28
C ARG C 83 -19.44 -2.15 22.66
N SER C 84 -20.70 -2.36 23.02
CA SER C 84 -21.14 -2.06 24.37
C SER C 84 -20.98 -3.28 25.26
N LEU C 85 -21.11 -3.07 26.57
CA LEU C 85 -21.03 -4.19 27.51
C LEU C 85 -22.24 -5.13 27.39
N MET C 86 -23.36 -4.64 26.84
CA MET C 86 -24.46 -5.49 26.40
C MET C 86 -24.02 -6.53 25.35
N PHE C 87 -23.00 -6.22 24.56
CA PHE C 87 -22.45 -7.23 23.68
C PHE C 87 -21.92 -8.38 24.50
N MET C 88 -21.32 -8.07 25.64
CA MET C 88 -20.77 -9.14 26.46
C MET C 88 -21.89 -9.95 27.10
N GLN C 89 -22.92 -9.25 27.60
CA GLN C 89 -23.92 -9.94 28.40
C GLN C 89 -24.82 -10.81 27.52
N TRP C 90 -25.13 -10.35 26.33
CA TRP C 90 -25.93 -11.21 25.46
C TRP C 90 -25.20 -12.53 25.20
N GLY C 91 -23.89 -12.49 25.06
CA GLY C 91 -23.15 -13.71 24.81
C GLY C 91 -23.28 -14.72 25.94
N GLN C 92 -23.13 -14.24 27.18
CA GLN C 92 -23.32 -15.12 28.34
C GLN C 92 -24.75 -15.59 28.44
N LEU C 93 -25.72 -14.68 28.32
CA LEU C 93 -27.12 -15.09 28.28
C LEU C 93 -27.34 -16.14 27.20
N LEU C 94 -26.83 -15.90 26.02
CA LEU C 94 -27.03 -16.86 24.94
C LEU C 94 -26.27 -18.14 25.20
N ASP C 95 -25.11 -18.06 25.84
CA ASP C 95 -24.40 -19.29 26.16
C ASP C 95 -25.28 -20.18 27.02
N HIS C 96 -26.02 -19.58 27.93
CA HIS C 96 -26.80 -20.29 28.94
C HIS C 96 -28.14 -20.80 28.40
N ASP C 97 -28.42 -20.54 27.14
CA ASP C 97 -29.52 -21.13 26.40
C ASP C 97 -29.08 -22.38 25.62
N LEU C 98 -27.79 -22.45 25.25
CA LEU C 98 -27.25 -23.53 24.44
C LEU C 98 -26.64 -24.67 25.25
N ASP C 99 -25.79 -24.39 26.25
CA ASP C 99 -25.12 -25.48 26.95
C ASP C 99 -24.84 -25.19 28.42
N PHE C 100 -24.95 -26.26 29.20
CA PHE C 100 -24.47 -26.35 30.58
C PHE C 100 -23.96 -27.77 30.77
N THR C 101 -22.75 -27.88 31.27
CA THR C 101 -22.07 -29.16 31.43
C THR C 101 -22.06 -29.52 32.90
N PRO C 102 -22.90 -30.44 33.38
CA PRO C 102 -22.88 -30.73 34.80
C PRO C 102 -21.60 -31.44 35.23
N GLU C 103 -21.29 -31.24 36.48
CA GLU C 103 -20.16 -31.82 37.17
C GLU C 103 -20.70 -32.19 38.54
N PRO C 104 -20.08 -33.11 39.23
CA PRO C 104 -20.68 -33.59 40.48
C PRO C 104 -20.67 -32.51 41.55
N ALA C 105 -21.53 -32.73 42.53
CA ALA C 105 -21.73 -31.87 43.69
C ALA C 105 -20.78 -32.22 44.84
N ALA C 106 -20.40 -31.20 45.60
CA ALA C 106 -19.58 -31.39 46.80
C ALA C 106 -20.34 -32.13 47.90
N VAL D 1 -15.12 -36.26 46.09
CA VAL D 1 -16.20 -35.37 46.50
C VAL D 1 -15.64 -34.18 47.30
N ASN D 2 -14.37 -34.32 47.68
CA ASN D 2 -13.67 -33.31 48.47
C ASN D 2 -12.96 -32.26 47.58
N CYS D 3 -13.45 -32.02 46.36
CA CYS D 3 -12.61 -31.27 45.40
C CYS D 3 -12.39 -29.83 45.85
N GLU D 4 -13.40 -29.19 46.47
CA GLU D 4 -13.30 -27.76 46.80
C GLU D 4 -12.22 -27.47 47.83
N THR D 5 -11.92 -28.43 48.71
CA THR D 5 -10.99 -28.23 49.83
C THR D 5 -9.71 -29.04 49.69
N SER D 6 -9.81 -30.32 49.36
CA SER D 6 -8.61 -31.12 49.19
C SER D 6 -7.92 -30.74 47.89
N CYS D 7 -6.63 -31.08 47.83
CA CYS D 7 -5.81 -30.89 46.65
C CYS D 7 -5.34 -32.22 46.06
N VAL D 8 -5.68 -33.36 46.67
CA VAL D 8 -5.23 -34.65 46.14
C VAL D 8 -6.03 -34.99 44.88
N GLN D 9 -5.33 -35.57 43.92
CA GLN D 9 -5.90 -35.87 42.63
C GLN D 9 -6.46 -37.27 42.67
N GLN D 10 -7.72 -37.39 43.12
CA GLN D 10 -8.52 -38.60 42.96
C GLN D 10 -9.87 -38.24 42.38
N PRO D 11 -10.51 -39.18 41.67
CA PRO D 11 -11.77 -38.87 41.00
C PRO D 11 -12.84 -38.42 42.04
N PRO D 12 -13.73 -37.53 41.63
CA PRO D 12 -13.88 -36.83 40.35
C PRO D 12 -13.07 -35.53 40.19
N CYS D 13 -12.03 -35.32 40.98
CA CYS D 13 -11.33 -34.05 41.04
C CYS D 13 -10.22 -34.04 40.01
N PHE D 14 -9.86 -32.83 39.54
CA PHE D 14 -8.72 -32.67 38.64
C PHE D 14 -8.07 -31.32 38.93
N PRO D 15 -7.57 -31.11 40.15
CA PRO D 15 -7.14 -29.76 40.53
C PRO D 15 -5.98 -29.30 39.68
N LEU D 16 -5.89 -27.97 39.57
CA LEU D 16 -4.85 -27.29 38.80
C LEU D 16 -3.68 -27.03 39.73
N LYS D 17 -2.53 -27.56 39.38
CA LYS D 17 -1.35 -27.39 40.21
C LYS D 17 -0.77 -25.99 40.04
N ILE D 18 -0.11 -25.52 41.09
CA ILE D 18 0.45 -24.17 41.19
C ILE D 18 1.90 -24.17 40.72
N PRO D 19 2.27 -23.32 39.76
CA PRO D 19 3.66 -23.27 39.34
C PRO D 19 4.53 -22.54 40.34
N PRO D 20 5.84 -22.57 40.17
CA PRO D 20 6.71 -21.78 41.06
C PRO D 20 6.60 -20.30 40.80
N ASN D 21 6.87 -19.51 41.84
CA ASN D 21 6.87 -18.04 41.78
C ASN D 21 5.58 -17.50 41.13
N ASP D 22 4.46 -18.04 41.59
CA ASP D 22 3.15 -17.59 41.13
C ASP D 22 2.83 -16.21 41.72
N PRO D 23 2.28 -15.28 40.92
CA PRO D 23 2.02 -13.92 41.44
C PRO D 23 1.14 -13.85 42.67
N ARG D 24 0.25 -14.83 42.90
CA ARG D 24 -0.74 -14.77 43.97
C ARG D 24 -0.61 -15.91 44.95
N ILE D 25 -0.60 -17.15 44.48
CA ILE D 25 -0.70 -18.35 45.32
C ILE D 25 0.74 -18.78 45.61
N LYS D 26 1.25 -18.38 46.77
CA LYS D 26 2.67 -18.53 47.06
C LYS D 26 3.04 -19.95 47.50
N ASN D 27 2.08 -20.71 48.00
CA ASN D 27 2.30 -22.07 48.50
C ASN D 27 2.03 -23.06 47.38
N GLN D 28 3.04 -23.84 47.00
CA GLN D 28 2.88 -24.73 45.87
C GLN D 28 2.15 -26.04 46.19
N ALA D 29 1.87 -26.32 47.48
CA ALA D 29 1.08 -27.48 47.88
C ALA D 29 -0.43 -27.19 47.81
N ASP D 30 -0.79 -25.93 47.65
CA ASP D 30 -2.14 -25.48 47.39
C ASP D 30 -2.51 -25.80 45.93
N CYS D 31 -3.74 -25.47 45.54
CA CYS D 31 -4.19 -25.75 44.20
C CYS D 31 -5.45 -24.94 43.94
N ILE D 32 -5.82 -24.89 42.66
CA ILE D 32 -7.07 -24.29 42.22
C ILE D 32 -8.08 -25.42 42.02
N PRO D 33 -9.23 -25.39 42.68
CA PRO D 33 -10.10 -26.57 42.70
C PRO D 33 -10.87 -26.77 41.41
N PHE D 34 -11.22 -28.03 41.14
CA PHE D 34 -11.76 -28.34 39.82
C PHE D 34 -12.40 -29.71 39.85
N PHE D 35 -13.69 -29.75 39.55
CA PHE D 35 -14.43 -31.00 39.39
C PHE D 35 -14.42 -31.36 37.93
N ARG D 36 -14.07 -32.60 37.61
CA ARG D 36 -14.21 -33.10 36.24
C ARG D 36 -15.70 -33.13 35.86
N SER D 37 -15.99 -32.75 34.61
CA SER D 37 -17.36 -32.84 34.12
C SER D 37 -17.90 -34.27 34.11
N CSO D 38 -19.19 -34.40 34.42
CA CSO D 38 -19.84 -35.70 34.49
CB CSO D 38 -21.33 -35.53 34.82
SG CSO D 38 -21.60 -35.12 36.55
C CSO D 38 -19.74 -36.49 33.21
O CSO D 38 -20.09 -35.98 32.18
OD CSO D 38 -21.14 -36.56 37.57
H CSO D 38 -19.71 -33.75 34.59
HA CSO D 38 -19.39 -36.20 35.20
HB2 CSO D 38 -21.81 -36.35 34.62
HB3 CSO D 38 -21.70 -34.81 34.28
HD CSO D 38 -21.05 -36.29 38.51
N PRO D 39 -19.32 -37.76 33.29
CA PRO D 39 -19.28 -38.52 32.03
C PRO D 39 -20.65 -38.99 31.60
N ALA D 40 -20.82 -39.17 30.29
CA ALA D 40 -22.10 -39.62 29.79
C ALA D 40 -22.36 -41.08 30.07
N CYS D 41 -21.30 -41.87 30.18
CA CYS D 41 -21.38 -43.30 30.49
C CYS D 41 -20.41 -43.59 31.62
N PRO D 42 -20.84 -43.40 32.87
CA PRO D 42 -19.94 -43.59 34.02
C PRO D 42 -19.38 -45.00 34.17
N GLY D 43 -18.06 -45.06 34.34
CA GLY D 43 -17.35 -46.29 34.62
C GLY D 43 -17.02 -47.17 33.44
N SER D 44 -17.15 -46.68 32.19
CA SER D 44 -17.08 -47.57 31.04
C SER D 44 -15.62 -47.79 30.61
N ASN D 45 -15.29 -49.06 30.38
CA ASN D 45 -14.04 -49.44 29.75
C ASN D 45 -14.15 -49.56 28.23
N ILE D 46 -15.30 -49.20 27.66
CA ILE D 46 -15.58 -49.39 26.25
C ILE D 46 -15.72 -48.05 25.53
N THR D 47 -16.55 -47.15 26.07
CA THR D 47 -16.81 -45.87 25.44
C THR D 47 -15.74 -44.84 25.77
N ILE D 48 -15.34 -44.09 24.75
CA ILE D 48 -14.51 -42.92 24.95
C ILE D 48 -15.33 -41.87 25.70
N ARG D 49 -14.78 -41.41 26.81
CA ARG D 49 -15.52 -40.55 27.71
C ARG D 49 -16.03 -39.32 26.97
N ASN D 50 -17.30 -39.00 27.20
CA ASN D 50 -17.90 -37.77 26.71
C ASN D 50 -18.64 -37.11 27.86
N GLN D 51 -19.04 -35.86 27.65
CA GLN D 51 -19.71 -35.07 28.66
C GLN D 51 -21.15 -34.81 28.23
N ILE D 52 -21.93 -34.19 29.12
CA ILE D 52 -23.37 -34.05 28.95
C ILE D 52 -23.74 -32.60 28.76
N ASN D 53 -24.73 -32.31 27.90
CA ASN D 53 -25.37 -31.01 27.88
C ASN D 53 -26.68 -31.12 28.63
N ALA D 54 -26.82 -30.38 29.72
CA ALA D 54 -28.06 -30.45 30.47
C ALA D 54 -29.18 -29.61 29.88
N LEU D 55 -28.90 -28.83 28.84
CA LEU D 55 -29.83 -27.88 28.26
C LEU D 55 -30.23 -28.31 26.86
N THR D 56 -31.37 -27.78 26.39
CA THR D 56 -31.69 -27.95 24.98
C THR D 56 -30.73 -27.10 24.18
N SER D 57 -30.21 -27.68 23.10
CA SER D 57 -29.22 -26.94 22.32
C SER D 57 -29.87 -25.78 21.59
N PHE D 58 -31.17 -25.92 21.28
CA PHE D 58 -31.85 -24.94 20.45
C PHE D 58 -31.84 -23.57 21.09
N VAL D 59 -31.91 -22.56 20.23
CA VAL D 59 -32.15 -21.19 20.64
C VAL D 59 -33.63 -21.01 20.88
N ASP D 60 -34.08 -21.38 22.07
CA ASP D 60 -35.49 -21.54 22.37
C ASP D 60 -35.87 -20.85 23.68
N ALA D 61 -35.00 -19.98 24.20
CA ALA D 61 -35.23 -19.26 25.45
C ALA D 61 -35.33 -20.21 26.62
N SER D 62 -34.62 -21.33 26.54
CA SER D 62 -34.61 -22.29 27.63
C SER D 62 -33.95 -21.72 28.88
N MET D 63 -33.24 -20.60 28.79
CA MET D 63 -32.76 -19.91 29.98
C MET D 63 -33.87 -19.21 30.75
N VAL D 64 -35.04 -19.04 30.13
CA VAL D 64 -36.20 -18.48 30.79
C VAL D 64 -37.14 -19.58 31.27
N TYR D 65 -37.32 -20.60 30.44
CA TYR D 65 -38.38 -21.58 30.62
C TYR D 65 -37.90 -22.89 31.20
N GLY D 66 -36.62 -23.17 31.12
CA GLY D 66 -36.10 -24.41 31.64
C GLY D 66 -36.04 -25.46 30.55
N SER D 67 -35.28 -26.51 30.84
CA SER D 67 -35.08 -27.61 29.88
C SER D 67 -35.51 -28.96 30.42
N GLU D 68 -36.14 -29.00 31.59
CA GLU D 68 -36.70 -30.21 32.19
C GLU D 68 -38.13 -29.91 32.63
N GLU D 69 -38.98 -30.94 32.67
CA GLU D 69 -40.41 -30.70 32.82
C GLU D 69 -40.79 -30.14 34.19
N PRO D 70 -40.34 -30.69 35.32
CA PRO D 70 -40.76 -30.15 36.63
C PRO D 70 -40.26 -28.73 36.86
N LEU D 71 -39.01 -28.46 36.49
CA LEU D 71 -38.49 -27.09 36.58
C LEU D 71 -39.39 -26.15 35.79
N ALA D 72 -39.75 -26.53 34.59
CA ALA D 72 -40.57 -25.66 33.76
C ALA D 72 -41.93 -25.40 34.38
N ARG D 73 -42.47 -26.36 35.16
CA ARG D 73 -43.72 -26.07 35.87
C ARG D 73 -43.45 -25.21 37.10
N ASN D 74 -42.28 -25.40 37.74
CA ASN D 74 -41.92 -24.60 38.92
C ASN D 74 -41.71 -23.12 38.58
N LEU D 75 -41.34 -22.81 37.35
CA LEU D 75 -41.21 -21.42 36.95
C LEU D 75 -42.55 -20.76 36.60
N ARG D 76 -43.62 -21.54 36.47
CA ARG D 76 -44.91 -21.02 36.04
C ARG D 76 -45.79 -20.63 37.22
N ASN D 77 -46.69 -19.66 36.97
CA ASN D 77 -47.63 -19.17 37.98
C ASN D 77 -48.93 -19.97 37.90
N MET D 78 -49.04 -20.99 38.77
CA MET D 78 -50.16 -21.93 38.77
C MET D 78 -51.27 -21.54 39.74
N SER D 79 -51.47 -20.24 39.98
CA SER D 79 -52.57 -19.71 40.78
C SER D 79 -53.76 -19.25 39.94
N ASN D 80 -53.66 -19.31 38.62
CA ASN D 80 -54.63 -18.69 37.72
C ASN D 80 -54.31 -19.16 36.31
N GLN D 81 -55.21 -18.84 35.38
CA GLN D 81 -55.08 -19.23 33.99
C GLN D 81 -54.58 -18.09 33.11
N LEU D 82 -53.73 -17.22 33.64
CA LEU D 82 -53.19 -16.13 32.86
C LEU D 82 -51.88 -16.49 32.18
N GLY D 83 -51.40 -17.72 32.38
CA GLY D 83 -50.25 -18.20 31.66
C GLY D 83 -48.96 -17.51 32.02
N LEU D 84 -48.91 -16.89 33.20
CA LEU D 84 -47.74 -16.11 33.57
C LEU D 84 -46.60 -17.00 34.07
N LEU D 85 -45.39 -16.40 34.11
CA LEU D 85 -44.27 -16.96 34.84
C LEU D 85 -44.26 -16.45 36.28
N ALA D 86 -43.82 -17.33 37.18
CA ALA D 86 -43.79 -16.99 38.59
C ALA D 86 -42.82 -15.85 38.89
N VAL D 87 -43.26 -14.94 39.76
CA VAL D 87 -42.47 -13.81 40.21
C VAL D 87 -42.20 -13.91 41.70
N ASN D 88 -41.21 -13.13 42.16
CA ASN D 88 -40.84 -13.04 43.57
C ASN D 88 -42.00 -12.51 44.40
N GLN D 89 -42.21 -13.13 45.57
CA GLN D 89 -43.34 -12.78 46.41
C GLN D 89 -43.00 -11.77 47.51
N ARG D 90 -41.70 -11.53 47.76
CA ARG D 90 -41.26 -10.67 48.85
C ARG D 90 -40.81 -9.29 48.39
N PHE D 91 -40.21 -9.17 47.19
CA PHE D 91 -39.57 -7.93 46.75
C PHE D 91 -40.07 -7.49 45.38
N GLN D 92 -39.94 -6.20 45.09
CA GLN D 92 -40.18 -5.63 43.77
C GLN D 92 -39.14 -4.57 43.44
N ASP D 93 -38.98 -4.31 42.14
CA ASP D 93 -38.07 -3.30 41.58
C ASP D 93 -38.91 -2.12 41.06
N ASN D 94 -39.30 -1.23 41.98
CA ASN D 94 -40.19 -0.08 41.70
C ASN D 94 -41.56 -0.53 41.16
N GLY D 95 -42.11 -1.59 41.77
CA GLY D 95 -43.35 -2.16 41.30
C GLY D 95 -43.12 -3.36 40.43
N ARG D 96 -42.18 -3.28 39.51
CA ARG D 96 -42.09 -4.32 38.49
C ARG D 96 -41.54 -5.64 39.08
N ALA D 97 -41.70 -6.72 38.31
CA ALA D 97 -41.42 -8.07 38.78
C ALA D 97 -39.92 -8.33 38.96
N LEU D 98 -39.60 -9.17 39.96
CA LEU D 98 -38.27 -9.76 40.11
C LEU D 98 -38.38 -11.27 39.96
N LEU D 99 -37.24 -11.92 39.68
CA LEU D 99 -37.24 -13.38 39.63
C LEU D 99 -37.50 -13.96 41.01
N PRO D 100 -38.16 -15.11 41.07
CA PRO D 100 -38.36 -15.78 42.36
C PRO D 100 -37.04 -16.28 42.92
N PHE D 101 -37.09 -16.73 44.16
CA PHE D 101 -35.91 -17.24 44.83
C PHE D 101 -35.90 -18.74 44.69
N ASP D 102 -34.70 -19.28 44.54
CA ASP D 102 -34.40 -20.71 44.58
C ASP D 102 -34.04 -21.14 46.02
N ASN D 103 -34.24 -22.44 46.27
CA ASN D 103 -33.99 -23.08 47.56
C ASN D 103 -32.93 -24.18 47.38
N LEU D 104 -31.66 -23.79 47.49
CA LEU D 104 -30.49 -24.60 47.22
C LEU D 104 -29.90 -25.24 48.49
N HIS D 105 -29.35 -26.44 48.30
CA HIS D 105 -28.55 -27.16 49.28
C HIS D 105 -27.45 -26.27 49.88
N ASP D 106 -26.56 -25.71 49.04
CA ASP D 106 -25.45 -24.84 49.43
C ASP D 106 -25.62 -23.52 48.67
N ASP D 107 -26.27 -22.52 49.28
CA ASP D 107 -26.59 -21.30 48.56
C ASP D 107 -25.42 -20.32 48.60
N PRO D 108 -24.76 -20.04 47.48
CA PRO D 108 -23.62 -19.12 47.49
C PRO D 108 -23.97 -17.63 47.44
N CYS D 109 -25.19 -17.24 47.06
CA CYS D 109 -25.53 -15.82 47.11
C CYS D 109 -25.73 -15.33 48.55
N LEU D 110 -25.95 -16.25 49.51
CA LEU D 110 -26.07 -15.86 50.92
C LEU D 110 -24.72 -15.48 51.53
N LEU D 111 -23.62 -16.02 51.00
CA LEU D 111 -22.28 -15.73 51.50
C LEU D 111 -21.70 -14.38 51.05
N THR D 112 -22.28 -13.75 50.00
CA THR D 112 -21.73 -12.51 49.49
C THR D 112 -22.07 -11.31 50.35
N ASN D 113 -23.18 -11.39 51.10
CA ASN D 113 -23.50 -10.41 52.15
C ASN D 113 -24.32 -11.15 53.20
N ARG D 114 -23.73 -11.41 54.37
CA ARG D 114 -24.40 -12.25 55.37
C ARG D 114 -25.58 -11.54 56.04
N SER D 115 -25.56 -10.21 56.14
CA SER D 115 -26.68 -9.53 56.79
C SER D 115 -27.88 -9.36 55.86
N ALA D 116 -27.67 -9.36 54.54
CA ALA D 116 -28.78 -9.13 53.62
C ALA D 116 -29.68 -10.35 53.49
N ARG D 117 -29.12 -11.56 53.60
CA ARG D 117 -29.86 -12.83 53.52
C ARG D 117 -30.73 -12.91 52.25
N ILE D 118 -30.10 -12.65 51.12
CA ILE D 118 -30.77 -12.69 49.82
C ILE D 118 -30.25 -13.88 49.03
N PRO D 119 -31.01 -14.96 48.96
CA PRO D 119 -30.50 -16.15 48.26
C PRO D 119 -30.47 -15.98 46.76
N CYS D 120 -30.10 -17.04 46.02
CA CYS D 120 -29.97 -16.97 44.57
C CYS D 120 -31.33 -17.09 43.90
N PHE D 121 -31.37 -16.72 42.63
CA PHE D 121 -32.65 -16.65 41.96
C PHE D 121 -32.96 -17.96 41.27
N LEU D 122 -34.23 -18.06 40.87
CA LEU D 122 -34.79 -19.20 40.17
C LEU D 122 -35.11 -18.80 38.73
N ALA D 123 -34.32 -19.31 37.80
CA ALA D 123 -34.59 -19.13 36.39
C ALA D 123 -34.45 -20.49 35.71
N GLY D 124 -34.67 -20.50 34.40
CA GLY D 124 -34.60 -21.73 33.63
C GLY D 124 -33.23 -22.33 33.56
N ASP D 125 -32.19 -21.52 33.78
CA ASP D 125 -30.82 -21.98 33.88
C ASP D 125 -30.31 -21.72 35.29
N THR D 126 -29.51 -22.66 35.80
CA THR D 126 -29.03 -22.55 37.18
C THR D 126 -28.07 -21.38 37.42
N ARG D 127 -27.43 -20.82 36.37
CA ARG D 127 -26.37 -19.82 36.54
C ARG D 127 -26.89 -18.38 36.56
N SER D 128 -28.20 -18.20 36.68
CA SER D 128 -28.81 -16.89 36.59
C SER D 128 -28.13 -15.82 37.45
N SER D 129 -27.75 -16.15 38.67
CA SER D 129 -27.28 -15.17 39.63
C SER D 129 -25.79 -14.93 39.57
N GLU D 130 -25.08 -15.50 38.58
CA GLU D 130 -23.63 -15.46 38.62
C GLU D 130 -23.13 -14.01 38.59
N MET D 131 -23.92 -13.10 38.02
CA MET D 131 -23.53 -11.70 37.76
C MET D 131 -24.85 -10.92 37.79
N PRO D 132 -24.94 -9.79 38.49
CA PRO D 132 -26.21 -9.04 38.45
C PRO D 132 -26.53 -8.52 37.07
N GLU D 133 -25.53 -8.36 36.21
CA GLU D 133 -25.80 -8.06 34.82
C GLU D 133 -26.61 -9.19 34.19
N LEU D 134 -26.17 -10.43 34.39
CA LEU D 134 -26.89 -11.60 33.88
C LEU D 134 -28.30 -11.69 34.45
N THR D 135 -28.40 -11.57 35.76
CA THR D 135 -29.68 -11.55 36.44
C THR D 135 -30.64 -10.53 35.85
N SER D 136 -30.12 -9.42 35.36
CA SER D 136 -30.97 -8.36 34.85
C SER D 136 -31.55 -8.75 33.52
N MET D 137 -30.75 -9.42 32.68
CA MET D 137 -31.26 -9.92 31.42
C MET D 137 -32.30 -11.02 31.65
N HIS D 138 -32.06 -11.92 32.61
CA HIS D 138 -33.06 -12.93 32.96
C HIS D 138 -34.35 -12.28 33.43
N THR D 139 -34.26 -11.22 34.23
CA THR D 139 -35.45 -10.57 34.75
C THR D 139 -36.24 -9.87 33.64
N LEU D 140 -35.53 -9.20 32.73
CA LEU D 140 -36.17 -8.49 31.64
C LEU D 140 -36.96 -9.41 30.71
N LEU D 141 -36.50 -10.65 30.51
CA LEU D 141 -37.19 -11.58 29.61
C LEU D 141 -38.36 -12.27 30.32
N LEU D 142 -38.23 -12.52 31.61
CA LEU D 142 -39.38 -12.86 32.42
C LEU D 142 -40.49 -11.84 32.25
N ARG D 143 -40.15 -10.55 32.38
CA ARG D 143 -41.14 -9.49 32.26
C ARG D 143 -41.70 -9.45 30.85
N GLU D 144 -40.86 -9.66 29.84
CA GLU D 144 -41.36 -9.62 28.48
C GLU D 144 -42.36 -10.75 28.24
N HIS D 145 -42.14 -11.91 28.85
CA HIS D 145 -43.10 -13.00 28.72
C HIS D 145 -44.45 -12.61 29.30
N ASN D 146 -44.46 -12.12 30.53
CA ASN D 146 -45.73 -11.74 31.16
C ASN D 146 -46.42 -10.62 30.42
N ARG D 147 -45.66 -9.65 29.89
CA ARG D 147 -46.29 -8.58 29.13
C ARG D 147 -47.01 -9.14 27.89
N LEU D 148 -46.39 -10.09 27.18
CA LEU D 148 -47.02 -10.67 26.01
C LEU D 148 -48.24 -11.48 26.41
N ALA D 149 -48.15 -12.22 27.52
CA ALA D 149 -49.24 -13.07 27.96
C ALA D 149 -50.45 -12.25 28.40
N THR D 150 -50.18 -11.08 28.98
CA THR D 150 -51.26 -10.14 29.29
C THR D 150 -51.86 -9.58 28.01
N GLU D 151 -51.02 -9.16 27.07
CA GLU D 151 -51.51 -8.59 25.81
C GLU D 151 -52.30 -9.62 25.00
N LEU D 152 -51.91 -10.88 25.06
CA LEU D 152 -52.62 -11.91 24.31
C LEU D 152 -53.94 -12.26 24.96
N LYS D 153 -54.03 -12.15 26.29
CA LYS D 153 -55.32 -12.32 26.97
C LYS D 153 -56.30 -11.25 26.51
N SER D 154 -55.82 -10.03 26.31
CA SER D 154 -56.70 -8.99 25.80
C SER D 154 -57.31 -9.37 24.46
N LEU D 155 -56.49 -9.95 23.56
CA LEU D 155 -56.99 -10.27 22.23
C LEU D 155 -57.90 -11.49 22.24
N ASN D 156 -57.61 -12.48 23.08
CA ASN D 156 -58.25 -13.79 23.02
C ASN D 156 -58.67 -14.19 24.42
N PRO D 157 -59.76 -13.62 24.93
CA PRO D 157 -60.16 -13.91 26.32
C PRO D 157 -60.49 -15.37 26.58
N ARG D 158 -60.72 -16.16 25.54
CA ARG D 158 -61.11 -17.55 25.77
C ARG D 158 -59.91 -18.50 25.83
N TRP D 159 -58.71 -18.02 25.50
CA TRP D 159 -57.50 -18.81 25.65
C TRP D 159 -57.21 -19.12 27.12
N ASP D 160 -56.93 -20.40 27.42
CA ASP D 160 -56.65 -20.81 28.79
C ASP D 160 -55.17 -20.57 29.13
N GLY D 161 -54.75 -21.02 30.31
CA GLY D 161 -53.39 -20.75 30.76
C GLY D 161 -52.32 -21.38 29.89
N GLU D 162 -52.53 -22.64 29.48
CA GLU D 162 -51.52 -23.30 28.65
C GLU D 162 -51.37 -22.59 27.30
N ARG D 163 -52.48 -22.32 26.62
CA ARG D 163 -52.37 -21.63 25.33
C ARG D 163 -51.62 -20.31 25.48
N LEU D 164 -51.93 -19.53 26.52
CA LEU D 164 -51.25 -18.25 26.69
C LEU D 164 -49.76 -18.43 26.95
N TYR D 165 -49.40 -19.25 27.93
CA TYR D 165 -47.99 -19.50 28.22
C TYR D 165 -47.22 -19.91 26.98
N GLN D 166 -47.76 -20.85 26.20
CA GLN D 166 -47.05 -21.37 25.04
C GLN D 166 -46.85 -20.30 23.98
N GLU D 167 -47.89 -19.53 23.67
CA GLU D 167 -47.76 -18.49 22.64
C GLU D 167 -46.75 -17.42 23.05
N ALA D 168 -46.82 -16.95 24.30
CA ALA D 168 -45.80 -16.03 24.83
C ALA D 168 -44.41 -16.63 24.70
N ARG D 169 -44.24 -17.87 25.17
CA ARG D 169 -43.00 -18.61 25.05
C ARG D 169 -42.51 -18.67 23.60
N LYS D 170 -43.43 -18.90 22.66
CA LYS D 170 -43.06 -18.99 21.25
C LYS D 170 -42.49 -17.67 20.77
N ILE D 171 -43.16 -16.58 21.07
CA ILE D 171 -42.67 -15.27 20.63
C ILE D 171 -41.32 -14.96 21.25
N VAL D 172 -41.20 -15.13 22.58
CA VAL D 172 -39.93 -14.84 23.25
C VAL D 172 -38.81 -15.65 22.63
N GLY D 173 -39.05 -16.91 22.31
CA GLY D 173 -38.05 -17.70 21.62
C GLY D 173 -37.67 -17.13 20.27
N ALA D 174 -38.65 -16.59 19.54
CA ALA D 174 -38.33 -15.96 18.25
C ALA D 174 -37.55 -14.68 18.45
N MET D 175 -37.85 -13.92 19.49
CA MET D 175 -37.08 -12.70 19.75
C MET D 175 -35.65 -13.02 20.14
N VAL D 176 -35.42 -14.02 20.98
CA VAL D 176 -34.05 -14.41 21.21
C VAL D 176 -33.35 -14.86 19.90
N GLN D 177 -34.09 -15.46 18.96
CA GLN D 177 -33.46 -15.84 17.70
C GLN D 177 -33.15 -14.60 16.84
N ILE D 178 -34.13 -13.70 16.69
CA ILE D 178 -33.94 -12.57 15.79
C ILE D 178 -32.81 -11.70 16.29
N ILE D 179 -32.81 -11.38 17.59
CA ILE D 179 -31.72 -10.60 18.16
C ILE D 179 -30.39 -11.29 17.93
N THR D 180 -30.35 -12.61 18.11
CA THR D 180 -29.07 -13.29 18.07
C THR D 180 -28.50 -13.31 16.66
N TYR D 181 -29.30 -13.68 15.68
CA TYR D 181 -28.75 -13.88 14.35
C TYR D 181 -28.78 -12.62 13.48
N ARG D 182 -29.65 -11.66 13.79
CA ARG D 182 -29.64 -10.40 13.06
C ARG D 182 -28.68 -9.37 13.67
N ASP D 183 -28.58 -9.29 15.01
CA ASP D 183 -27.81 -8.24 15.69
C ASP D 183 -26.53 -8.71 16.37
N TYR D 184 -26.54 -9.85 17.06
CA TYR D 184 -25.35 -10.26 17.80
C TYR D 184 -24.30 -10.92 16.92
N LEU D 185 -24.67 -12.00 16.23
CA LEU D 185 -23.64 -12.79 15.55
C LEU D 185 -22.89 -12.01 14.47
N PRO D 186 -23.53 -11.17 13.69
CA PRO D 186 -22.78 -10.39 12.70
C PRO D 186 -21.62 -9.63 13.32
N LEU D 187 -21.74 -9.25 14.59
CA LEU D 187 -20.69 -8.48 15.24
C LEU D 187 -19.62 -9.35 15.88
N VAL D 188 -19.92 -10.64 16.12
CA VAL D 188 -18.91 -11.60 16.56
C VAL D 188 -18.01 -12.00 15.41
N LEU D 189 -18.63 -12.45 14.31
CA LEU D 189 -17.91 -13.04 13.20
C LEU D 189 -17.40 -12.02 12.19
N GLY D 190 -18.01 -10.86 12.11
CA GLY D 190 -17.63 -9.93 11.06
C GLY D 190 -18.32 -10.32 9.75
N PRO D 191 -18.37 -9.39 8.83
CA PRO D 191 -19.21 -9.61 7.64
C PRO D 191 -18.76 -10.77 6.78
N THR D 192 -17.45 -11.03 6.71
CA THR D 192 -16.94 -12.05 5.81
C THR D 192 -17.26 -13.44 6.31
N ALA D 193 -16.93 -13.72 7.58
CA ALA D 193 -17.26 -14.99 8.17
C ALA D 193 -18.75 -15.19 8.24
N MET D 194 -19.50 -14.11 8.39
CA MET D 194 -20.96 -14.24 8.49
C MET D 194 -21.57 -14.72 7.17
N ARG D 195 -21.07 -14.24 6.03
CA ARG D 195 -21.57 -14.74 4.75
C ARG D 195 -21.20 -16.20 4.56
N LYS D 196 -20.04 -16.61 5.07
CA LYS D 196 -19.48 -17.94 4.80
C LYS D 196 -20.16 -19.02 5.63
N TYR D 197 -20.38 -18.77 6.92
CA TYR D 197 -20.90 -19.78 7.82
C TYR D 197 -22.38 -19.64 8.09
N LEU D 198 -22.94 -18.47 7.85
CA LEU D 198 -24.37 -18.21 7.99
C LEU D 198 -24.92 -17.56 6.71
N PRO D 199 -24.87 -18.26 5.58
CA PRO D 199 -25.59 -17.81 4.39
C PRO D 199 -27.09 -17.77 4.64
N THR D 200 -27.77 -17.24 3.63
CA THR D 200 -29.18 -16.88 3.73
C THR D 200 -30.04 -18.11 3.96
N TYR D 201 -30.87 -18.03 5.00
CA TYR D 201 -31.74 -19.13 5.38
C TYR D 201 -32.61 -19.52 4.20
N ARG D 202 -32.66 -20.84 3.92
CA ARG D 202 -33.59 -21.39 2.94
C ARG D 202 -34.77 -22.05 3.62
N SER D 203 -34.56 -23.21 4.21
CA SER D 203 -35.61 -23.80 4.99
C SER D 203 -35.03 -24.84 5.93
N TYR D 204 -35.90 -25.56 6.61
CA TYR D 204 -35.51 -26.54 7.60
C TYR D 204 -34.96 -27.75 6.89
N ASN D 205 -33.87 -28.30 7.44
CA ASN D 205 -33.20 -29.46 6.90
C ASN D 205 -33.15 -30.46 8.04
N ASP D 206 -33.99 -31.48 7.97
CA ASP D 206 -34.00 -32.43 9.08
C ASP D 206 -32.80 -33.36 9.09
N SER D 207 -31.82 -33.19 8.21
CA SER D 207 -30.60 -33.96 8.26
C SER D 207 -29.47 -33.19 8.89
N VAL D 208 -29.75 -32.01 9.45
CA VAL D 208 -28.75 -31.20 10.11
C VAL D 208 -28.79 -31.51 11.60
N ASP D 209 -27.71 -32.05 12.12
CA ASP D 209 -27.60 -32.35 13.55
C ASP D 209 -27.56 -31.06 14.37
N PRO D 210 -28.56 -30.75 15.17
CA PRO D 210 -28.54 -29.49 15.93
C PRO D 210 -27.86 -29.58 17.28
N ARG D 211 -27.11 -30.64 17.55
CA ARG D 211 -26.51 -30.75 18.86
C ARG D 211 -25.35 -29.81 19.05
N ILE D 212 -25.17 -29.37 20.30
CA ILE D 212 -23.97 -28.63 20.64
C ILE D 212 -22.76 -29.54 20.57
N ALA D 213 -21.70 -29.04 19.98
CA ALA D 213 -20.48 -29.82 19.88
C ALA D 213 -19.64 -29.58 21.11
N ASN D 214 -18.88 -30.58 21.47
CA ASN D 214 -18.11 -30.46 22.70
C ASN D 214 -17.18 -29.27 22.64
N VAL D 215 -16.44 -29.12 21.53
CA VAL D 215 -15.50 -28.00 21.38
C VAL D 215 -16.20 -26.67 21.54
N PHE D 216 -17.47 -26.57 21.14
CA PHE D 216 -18.16 -25.29 21.21
C PHE D 216 -18.24 -24.78 22.63
N THR D 217 -18.47 -25.67 23.58
CA THR D 217 -18.61 -25.24 24.98
C THR D 217 -17.33 -24.60 25.51
N ASN D 218 -16.20 -24.85 24.85
CA ASN D 218 -14.92 -24.20 25.17
C ASN D 218 -14.60 -23.05 24.22
N ALA D 219 -14.99 -23.12 22.95
CA ALA D 219 -14.73 -22.01 22.02
C ALA D 219 -15.60 -20.78 22.32
N PHE D 220 -16.87 -20.97 22.63
CA PHE D 220 -17.73 -19.81 22.90
C PHE D 220 -17.32 -19.07 24.15
N ARG D 221 -16.37 -19.60 24.92
CA ARG D 221 -15.80 -18.81 26.00
C ARG D 221 -14.95 -17.70 25.52
N TYR D 222 -14.94 -17.38 24.23
CA TYR D 222 -14.20 -16.20 23.79
C TYR D 222 -14.66 -15.01 24.59
N GLY D 223 -15.93 -14.97 24.98
CA GLY D 223 -16.48 -13.79 25.62
C GLY D 223 -15.76 -13.36 26.88
N HIS D 224 -15.05 -14.27 27.55
CA HIS D 224 -14.33 -13.82 28.74
C HIS D 224 -13.31 -12.74 28.42
N THR D 225 -12.83 -12.65 27.17
CA THR D 225 -11.96 -11.56 26.79
C THR D 225 -12.68 -10.23 26.64
N LEU D 226 -14.02 -10.21 26.74
CA LEU D 226 -14.80 -8.98 26.69
C LEU D 226 -15.17 -8.42 28.05
N ILE D 227 -14.82 -9.12 29.13
CA ILE D 227 -15.29 -8.74 30.45
C ILE D 227 -14.44 -7.57 30.95
N GLN D 228 -15.09 -6.61 31.39
CA GLN D 228 -14.67 -5.38 32.04
C GLN D 228 -14.58 -5.69 33.53
N PRO D 229 -13.69 -5.03 34.27
CA PRO D 229 -13.42 -5.43 35.65
C PRO D 229 -14.41 -4.88 36.68
N PHE D 230 -15.40 -4.09 36.27
CA PHE D 230 -16.37 -3.51 37.19
C PHE D 230 -17.79 -3.74 36.69
N MET D 231 -18.74 -3.56 37.60
CA MET D 231 -20.14 -3.38 37.24
C MET D 231 -20.49 -1.89 37.30
N PHE D 232 -21.08 -1.39 36.23
CA PHE D 232 -21.40 0.03 36.10
C PHE D 232 -22.90 0.20 36.25
N ARG D 233 -23.31 1.20 37.04
CA ARG D 233 -24.71 1.50 37.28
C ARG D 233 -24.92 2.99 37.02
N LEU D 234 -26.04 3.31 36.37
CA LEU D 234 -26.33 4.68 35.96
C LEU D 234 -27.75 5.08 36.28
N ASP D 235 -27.91 6.35 36.70
CA ASP D 235 -29.19 6.90 37.13
C ASP D 235 -30.03 7.21 35.89
N ASN D 236 -31.24 7.78 36.11
CA ASN D 236 -32.17 7.98 35.01
C ASN D 236 -31.60 8.88 33.90
N ARG D 237 -30.57 9.69 34.20
CA ARG D 237 -29.92 10.55 33.21
C ARG D 237 -28.53 10.03 32.83
N TYR D 238 -28.32 8.72 33.00
CA TYR D 238 -27.10 8.01 32.59
C TYR D 238 -25.84 8.55 33.25
N GLN D 239 -25.96 9.13 34.43
CA GLN D 239 -24.82 9.50 35.23
C GLN D 239 -24.58 8.46 36.31
N PRO D 240 -23.37 8.36 36.85
CA PRO D 240 -23.11 7.40 37.92
C PRO D 240 -24.19 7.37 39.00
N MET D 241 -24.72 6.17 39.27
CA MET D 241 -25.72 5.95 40.30
C MET D 241 -25.06 6.04 41.68
N GLU D 242 -25.80 6.60 42.64
CA GLU D 242 -25.30 7.13 43.91
C GLU D 242 -24.72 6.12 44.90
N PRO D 243 -25.34 4.90 45.08
CA PRO D 243 -24.77 3.94 46.04
C PRO D 243 -23.30 3.60 45.76
N ASN D 244 -23.05 2.61 44.92
CA ASN D 244 -21.70 2.28 44.43
C ASN D 244 -21.70 2.28 42.90
N PRO D 245 -21.06 3.25 42.24
CA PRO D 245 -21.20 3.34 40.79
C PRO D 245 -20.26 2.42 40.03
N ARG D 246 -19.12 2.07 40.60
CA ARG D 246 -18.13 1.20 39.96
C ARG D 246 -17.78 0.11 40.97
N VAL D 247 -18.44 -1.03 40.91
CA VAL D 247 -18.21 -2.13 41.84
C VAL D 247 -17.23 -3.09 41.20
N PRO D 248 -16.13 -3.44 41.87
CA PRO D 248 -15.25 -4.50 41.37
C PRO D 248 -16.02 -5.80 41.19
N LEU D 249 -15.73 -6.51 40.09
CA LEU D 249 -16.52 -7.70 39.81
C LEU D 249 -16.33 -8.75 40.89
N SER D 250 -15.17 -8.74 41.57
CA SER D 250 -14.93 -9.73 42.61
C SER D 250 -15.89 -9.54 43.78
N ARG D 251 -16.69 -8.48 43.74
CA ARG D 251 -17.69 -8.20 44.78
C ARG D 251 -19.12 -8.16 44.25
N VAL D 252 -19.36 -8.68 43.04
CA VAL D 252 -20.70 -8.83 42.50
C VAL D 252 -21.06 -10.27 42.13
N PHE D 253 -20.13 -11.23 42.17
CA PHE D 253 -20.44 -12.57 41.71
C PHE D 253 -21.42 -13.16 42.71
N PHE D 254 -22.51 -13.74 42.23
CA PHE D 254 -23.53 -14.28 43.13
C PHE D 254 -24.03 -13.21 44.12
N ALA D 255 -24.00 -11.95 43.73
CA ALA D 255 -24.45 -10.88 44.62
C ALA D 255 -25.87 -10.47 44.26
N SER D 256 -26.78 -11.42 44.45
CA SER D 256 -28.19 -11.18 44.19
C SER D 256 -28.77 -10.09 45.08
N TRP D 257 -28.17 -9.85 46.26
CA TRP D 257 -28.63 -8.78 47.14
C TRP D 257 -28.48 -7.40 46.52
N ARG D 258 -27.59 -7.25 45.53
CA ARG D 258 -27.43 -5.95 44.86
C ARG D 258 -28.61 -5.63 43.94
N VAL D 259 -29.24 -6.64 43.34
CA VAL D 259 -30.45 -6.37 42.55
C VAL D 259 -31.61 -6.01 43.45
N VAL D 260 -31.85 -6.83 44.47
CA VAL D 260 -32.97 -6.60 45.39
C VAL D 260 -32.82 -5.29 46.15
N LEU D 261 -31.67 -5.08 46.79
CA LEU D 261 -31.54 -3.99 47.76
C LEU D 261 -30.86 -2.73 47.24
N GLU D 262 -30.33 -2.73 46.02
CA GLU D 262 -29.54 -1.57 45.57
C GLU D 262 -30.05 -1.00 44.24
N GLY D 263 -31.36 -0.99 44.03
CA GLY D 263 -31.96 -0.21 42.96
C GLY D 263 -32.51 -1.04 41.82
N GLY D 264 -32.27 -2.33 41.82
CA GLY D 264 -32.88 -3.18 40.82
C GLY D 264 -32.08 -3.20 39.54
N ILE D 265 -32.79 -3.54 38.45
CA ILE D 265 -32.12 -3.80 37.19
C ILE D 265 -31.98 -2.58 36.31
N ASP D 266 -32.78 -1.53 36.57
CA ASP D 266 -32.78 -0.34 35.71
C ASP D 266 -31.38 0.25 35.62
N PRO D 267 -30.64 0.43 36.73
CA PRO D 267 -29.27 0.98 36.62
C PRO D 267 -28.27 0.04 35.98
N ILE D 268 -28.43 -1.26 36.14
CA ILE D 268 -27.51 -2.19 35.52
C ILE D 268 -27.70 -2.20 34.01
N LEU D 269 -28.94 -2.30 33.54
CA LEU D 269 -29.18 -2.23 32.11
C LEU D 269 -28.60 -0.95 31.49
N ARG D 270 -28.66 0.17 32.20
CA ARG D 270 -28.19 1.42 31.60
C ARG D 270 -26.67 1.40 31.47
N GLY D 271 -25.98 0.93 32.51
CA GLY D 271 -24.54 0.77 32.41
C GLY D 271 -24.10 -0.24 31.35
N LEU D 272 -24.96 -1.22 31.05
CA LEU D 272 -24.63 -2.16 29.97
C LEU D 272 -24.71 -1.49 28.61
N MET D 273 -25.70 -0.61 28.40
CA MET D 273 -25.82 0.04 27.10
C MET D 273 -24.90 1.23 26.95
N ALA D 274 -24.51 1.86 28.06
CA ALA D 274 -23.71 3.08 28.03
C ALA D 274 -22.27 2.89 28.50
N THR D 275 -21.74 1.67 28.45
CA THR D 275 -20.33 1.42 28.80
C THR D 275 -19.72 0.59 27.68
N PRO D 276 -18.49 0.90 27.25
CA PRO D 276 -17.85 0.04 26.26
C PRO D 276 -17.47 -1.30 26.87
N ALA D 277 -17.51 -2.32 26.03
CA ALA D 277 -16.93 -3.60 26.41
C ALA D 277 -15.42 -3.55 26.33
N LYS D 278 -14.78 -4.50 27.00
CA LYS D 278 -13.34 -4.64 26.87
C LYS D 278 -12.96 -5.16 25.48
N LEU D 279 -11.90 -4.60 24.92
CA LEU D 279 -11.36 -5.08 23.65
C LEU D 279 -10.32 -6.18 23.87
N ASN D 280 -10.49 -7.28 23.19
CA ASN D 280 -9.46 -8.32 23.19
C ASN D 280 -8.29 -7.87 22.33
N ARG D 281 -7.10 -7.85 22.95
CA ARG D 281 -5.84 -7.58 22.30
C ARG D 281 -4.84 -8.64 22.77
N GLN D 282 -3.90 -8.99 21.89
CA GLN D 282 -2.98 -10.10 22.13
C GLN D 282 -2.15 -9.93 23.38
N ASN D 283 -2.00 -8.71 23.90
CA ASN D 283 -1.24 -8.50 25.13
C ASN D 283 -2.14 -8.08 26.28
N GLN D 284 -3.45 -8.16 26.11
CA GLN D 284 -4.43 -7.80 27.12
C GLN D 284 -5.62 -8.75 26.97
N ILE D 285 -5.39 -10.04 27.20
CA ILE D 285 -6.41 -11.03 26.85
C ILE D 285 -7.55 -11.04 27.87
N ALA D 286 -7.28 -11.20 29.16
CA ALA D 286 -8.38 -11.21 30.13
C ALA D 286 -7.96 -10.59 31.46
N VAL D 287 -8.93 -9.97 32.14
CA VAL D 287 -8.65 -9.14 33.30
C VAL D 287 -8.48 -10.01 34.54
N ASP D 288 -7.75 -9.46 35.54
CA ASP D 288 -7.40 -10.18 36.76
C ASP D 288 -8.58 -10.33 37.74
N GLU D 289 -9.67 -9.56 37.59
CA GLU D 289 -10.85 -9.86 38.39
C GLU D 289 -11.35 -11.27 38.12
N ILE D 290 -11.10 -11.81 36.92
CA ILE D 290 -11.52 -13.17 36.61
C ILE D 290 -10.35 -14.14 36.60
N ARG D 291 -9.12 -13.65 36.45
CA ARG D 291 -7.94 -14.49 36.47
C ARG D 291 -7.39 -14.73 37.88
N GLU D 292 -7.66 -13.80 38.84
CA GLU D 292 -7.15 -13.85 40.20
C GLU D 292 -8.22 -13.98 41.28
N ARG D 293 -9.43 -13.48 41.05
CA ARG D 293 -10.38 -13.25 42.13
C ARG D 293 -11.78 -13.78 41.80
N LEU D 294 -11.89 -14.68 40.82
CA LEU D 294 -13.20 -15.18 40.45
C LEU D 294 -13.83 -15.92 41.63
N PHE D 295 -15.03 -15.51 42.03
CA PHE D 295 -15.79 -16.19 43.10
C PHE D 295 -14.99 -16.18 44.42
N GLU D 296 -14.31 -15.06 44.65
CA GLU D 296 -13.44 -14.91 45.82
C GLU D 296 -14.25 -14.92 47.11
N GLN D 297 -15.45 -14.34 47.07
CA GLN D 297 -16.26 -14.22 48.27
C GLN D 297 -16.93 -15.52 48.67
N VAL D 298 -17.01 -16.52 47.79
CA VAL D 298 -17.79 -17.72 48.12
C VAL D 298 -16.95 -18.98 48.06
N MET D 299 -15.64 -18.88 48.26
CA MET D 299 -14.76 -20.04 48.15
C MET D 299 -13.44 -19.80 48.91
N ARG D 300 -12.75 -20.90 49.21
CA ARG D 300 -11.53 -20.79 50.02
C ARG D 300 -10.42 -20.02 49.29
N ILE D 301 -10.56 -19.82 47.98
CA ILE D 301 -9.54 -19.17 47.18
C ILE D 301 -10.20 -18.70 45.88
N GLY D 302 -9.77 -17.55 45.38
CA GLY D 302 -10.29 -17.07 44.11
C GLY D 302 -9.73 -17.85 42.94
N LEU D 303 -10.57 -18.11 41.95
CA LEU D 303 -10.23 -18.96 40.81
C LEU D 303 -9.61 -18.16 39.67
N ASP D 304 -9.10 -18.89 38.68
CA ASP D 304 -8.42 -18.34 37.49
C ASP D 304 -9.24 -18.84 36.32
N LEU D 305 -10.16 -18.00 35.82
CA LEU D 305 -11.11 -18.48 34.80
C LEU D 305 -10.42 -18.85 33.49
N PRO D 306 -9.50 -18.07 32.93
CA PRO D 306 -8.73 -18.58 31.76
C PRO D 306 -8.08 -19.95 32.01
N ALA D 307 -7.45 -20.12 33.18
CA ALA D 307 -6.86 -21.42 33.48
C ALA D 307 -7.92 -22.52 33.57
N LEU D 308 -9.06 -22.25 34.21
CA LEU D 308 -10.15 -23.22 34.22
C LEU D 308 -10.56 -23.61 32.81
N ASN D 309 -10.71 -22.62 31.93
CA ASN D 309 -11.05 -22.92 30.54
C ASN D 309 -10.07 -23.92 29.95
N MET D 310 -8.77 -23.73 30.21
CA MET D 310 -7.76 -24.61 29.61
C MET D 310 -7.77 -25.98 30.27
N GLN D 311 -7.97 -26.04 31.57
CA GLN D 311 -8.04 -27.35 32.21
C GLN D 311 -9.29 -28.08 31.75
N ARG D 312 -10.38 -27.33 31.57
CA ARG D 312 -11.63 -27.93 31.12
C ARG D 312 -11.49 -28.55 29.75
N SER D 313 -10.80 -27.86 28.83
CA SER D 313 -10.61 -28.43 27.51
C SER D 313 -9.89 -29.75 27.62
N ARG D 314 -9.00 -29.86 28.61
CA ARG D 314 -8.27 -31.10 28.82
C ARG D 314 -9.14 -32.17 29.48
N ASP D 315 -9.99 -31.74 30.44
CA ASP D 315 -10.97 -32.63 31.05
C ASP D 315 -11.85 -33.31 30.00
N HIS D 316 -12.31 -32.53 29.01
CA HIS D 316 -13.14 -32.99 27.92
C HIS D 316 -12.36 -33.63 26.78
N GLY D 317 -11.06 -33.80 26.95
CA GLY D 317 -10.28 -34.47 25.93
C GLY D 317 -10.30 -33.80 24.57
N LEU D 318 -10.45 -32.46 24.51
CA LEU D 318 -10.50 -31.76 23.22
C LEU D 318 -9.14 -31.80 22.55
N PRO D 319 -9.10 -31.88 21.23
CA PRO D 319 -7.82 -31.77 20.53
C PRO D 319 -7.27 -30.36 20.61
N GLY D 320 -6.01 -30.24 20.25
CA GLY D 320 -5.31 -28.99 20.36
C GLY D 320 -5.47 -28.13 19.13
N TYR D 321 -4.85 -26.95 19.21
CA TYR D 321 -5.10 -25.89 18.26
C TYR D 321 -4.95 -26.40 16.81
N ASN D 322 -3.79 -26.95 16.43
CA ASN D 322 -3.60 -27.35 15.03
C ASN D 322 -4.64 -28.35 14.54
N ALA D 323 -5.06 -29.29 15.38
CA ALA D 323 -6.12 -30.18 14.93
C ALA D 323 -7.43 -29.43 14.68
N TRP D 324 -7.72 -28.33 15.42
CA TRP D 324 -8.94 -27.58 15.10
C TRP D 324 -8.73 -26.71 13.87
N ARG D 325 -7.51 -26.19 13.66
CA ARG D 325 -7.20 -25.51 12.40
C ARG D 325 -7.39 -26.45 11.23
N ARG D 326 -6.88 -27.68 11.34
CA ARG D 326 -7.02 -28.62 10.25
C ARG D 326 -8.50 -28.89 9.97
N PHE D 327 -9.26 -29.15 11.04
CA PHE D 327 -10.70 -29.31 10.93
C PHE D 327 -11.34 -28.16 10.15
N CYS D 328 -10.99 -26.94 10.51
CA CYS D 328 -11.60 -25.75 9.92
C CYS D 328 -11.08 -25.42 8.54
N GLY D 329 -10.07 -26.12 8.05
CA GLY D 329 -9.53 -25.82 6.75
C GLY D 329 -8.56 -24.68 6.74
N LEU D 330 -7.88 -24.42 7.86
CA LEU D 330 -6.90 -23.36 8.01
C LEU D 330 -5.48 -23.93 8.12
N PRO D 331 -4.44 -23.20 7.68
CA PRO D 331 -3.09 -23.77 7.74
C PRO D 331 -2.67 -24.04 9.17
N GLN D 332 -1.85 -25.10 9.35
CA GLN D 332 -1.37 -25.53 10.67
C GLN D 332 0.10 -25.19 10.86
N PRO D 333 0.42 -24.12 11.60
CA PRO D 333 1.82 -23.76 11.81
C PRO D 333 2.56 -24.84 12.58
N GLU D 334 3.80 -25.11 12.17
CA GLU D 334 4.70 -26.02 12.88
C GLU D 334 5.72 -25.30 13.76
N THR D 335 6.37 -24.27 13.24
CA THR D 335 7.46 -23.60 13.91
C THR D 335 6.97 -22.33 14.58
N VAL D 336 7.82 -21.77 15.45
CA VAL D 336 7.50 -20.47 16.03
C VAL D 336 7.33 -19.42 14.94
N GLY D 337 8.19 -19.46 13.91
CA GLY D 337 8.08 -18.47 12.85
C GLY D 337 6.77 -18.59 12.09
N GLN D 338 6.35 -19.82 11.79
CA GLN D 338 5.08 -20.02 11.11
C GLN D 338 3.90 -19.60 11.97
N LEU D 339 4.00 -19.77 13.30
CA LEU D 339 2.92 -19.36 14.20
C LEU D 339 2.92 -17.85 14.37
N GLY D 340 4.10 -17.23 14.32
CA GLY D 340 4.17 -15.78 14.34
C GLY D 340 3.47 -15.14 13.16
N THR D 341 3.59 -15.74 11.97
CA THR D 341 2.84 -15.25 10.81
C THR D 341 1.32 -15.48 10.95
N VAL D 342 0.90 -16.59 11.52
CA VAL D 342 -0.52 -16.83 11.69
C VAL D 342 -1.11 -15.83 12.66
N LEU D 343 -0.39 -15.56 13.75
CA LEU D 343 -0.80 -14.63 14.79
C LEU D 343 -0.41 -13.20 14.49
N ARG D 344 0.28 -12.97 13.39
CA ARG D 344 0.93 -11.69 13.10
C ARG D 344 1.44 -11.07 14.38
N ASN D 345 2.23 -11.84 15.13
CA ASN D 345 2.76 -11.44 16.43
C ASN D 345 3.75 -12.51 16.86
N LEU D 346 5.01 -12.27 16.58
CA LEU D 346 6.05 -13.24 16.88
C LEU D 346 6.37 -13.30 18.36
N LYS D 347 6.31 -12.18 19.07
CA LYS D 347 6.57 -12.23 20.50
C LYS D 347 5.61 -13.18 21.20
N LEU D 348 4.32 -13.11 20.86
CA LEU D 348 3.34 -13.98 21.48
C LEU D 348 3.48 -15.43 21.01
N ALA D 349 3.75 -15.64 19.72
CA ALA D 349 4.06 -16.99 19.23
C ALA D 349 5.16 -17.63 20.05
N ARG D 350 6.22 -16.86 20.32
CA ARG D 350 7.35 -17.40 21.07
C ARG D 350 6.93 -17.80 22.47
N LYS D 351 6.08 -16.98 23.09
CA LYS D 351 5.57 -17.30 24.43
C LYS D 351 4.73 -18.56 24.41
N LEU D 352 3.88 -18.71 23.39
CA LEU D 352 3.07 -19.93 23.32
C LEU D 352 3.93 -21.18 23.14
N MET D 353 4.94 -21.13 22.26
CA MET D 353 5.86 -22.25 22.10
C MET D 353 6.71 -22.49 23.34
N GLU D 354 7.13 -21.44 24.03
CA GLU D 354 7.84 -21.64 25.31
C GLU D 354 7.00 -22.55 26.23
N GLN D 355 5.69 -22.33 26.29
CA GLN D 355 4.81 -23.06 27.20
C GLN D 355 4.44 -24.44 26.68
N TYR D 356 4.05 -24.51 25.42
CA TYR D 356 3.44 -25.69 24.85
C TYR D 356 4.36 -26.59 24.04
N GLY D 357 5.48 -26.07 23.51
CA GLY D 357 6.44 -26.85 22.74
C GLY D 357 6.10 -26.97 21.28
N THR D 358 4.80 -27.04 20.95
CA THR D 358 4.31 -27.19 19.58
C THR D 358 2.89 -26.62 19.45
N PRO D 359 2.57 -25.96 18.34
CA PRO D 359 1.18 -25.55 18.14
C PRO D 359 0.20 -26.72 18.10
N ASN D 360 0.66 -27.97 18.05
CA ASN D 360 -0.29 -29.08 18.18
C ASN D 360 -0.91 -29.16 19.57
N ASN D 361 -0.20 -28.70 20.60
CA ASN D 361 -0.65 -28.85 21.98
C ASN D 361 -1.29 -27.60 22.56
N ILE D 362 -1.27 -26.47 21.85
CA ILE D 362 -1.89 -25.26 22.36
C ILE D 362 -3.34 -25.58 22.60
N ASP D 363 -3.86 -25.22 23.79
CA ASP D 363 -5.26 -25.44 24.14
C ASP D 363 -6.15 -24.55 23.29
N ILE D 364 -7.32 -25.08 22.93
CA ILE D 364 -8.19 -24.45 21.93
C ILE D 364 -8.59 -23.04 22.35
N TRP D 365 -8.92 -22.83 23.62
CA TRP D 365 -9.30 -21.48 24.02
C TRP D 365 -8.12 -20.55 23.87
N MET D 366 -6.95 -20.99 24.31
CA MET D 366 -5.79 -20.11 24.30
C MET D 366 -5.37 -19.80 22.89
N GLY D 367 -5.33 -20.80 22.04
CA GLY D 367 -5.01 -20.53 20.66
C GLY D 367 -6.10 -19.72 19.99
N GLY D 368 -7.36 -19.98 20.33
CA GLY D 368 -8.46 -19.29 19.69
C GLY D 368 -8.49 -17.81 19.99
N VAL D 369 -8.28 -17.44 21.25
CA VAL D 369 -8.36 -16.02 21.63
C VAL D 369 -7.07 -15.26 21.35
N SER D 370 -5.94 -15.95 21.14
CA SER D 370 -4.67 -15.35 20.72
C SER D 370 -4.69 -14.86 19.29
N GLU D 371 -5.61 -15.38 18.48
CA GLU D 371 -5.65 -15.06 17.07
C GLU D 371 -6.10 -13.62 16.87
N PRO D 372 -5.68 -12.99 15.76
CA PRO D 372 -6.08 -11.60 15.50
C PRO D 372 -7.51 -11.54 15.01
N LEU D 373 -8.24 -10.56 15.53
CA LEU D 373 -9.65 -10.43 15.23
C LEU D 373 -9.90 -10.16 13.75
N LYS D 374 -10.97 -10.78 13.23
CA LYS D 374 -11.44 -10.54 11.87
C LYS D 374 -11.94 -9.10 11.72
N ARG D 375 -11.84 -8.56 10.50
CA ARG D 375 -12.40 -7.22 10.24
C ARG D 375 -13.87 -7.15 10.66
N LYS D 376 -14.18 -6.18 11.53
CA LYS D 376 -15.51 -5.93 12.09
C LYS D 376 -16.05 -7.13 12.89
N GLY D 377 -15.18 -8.01 13.35
CA GLY D 377 -15.55 -9.08 14.26
C GLY D 377 -14.71 -9.03 15.52
N ARG D 378 -15.05 -9.90 16.46
CA ARG D 378 -14.32 -10.00 17.72
C ARG D 378 -13.80 -11.40 17.98
N VAL D 379 -13.61 -12.19 16.90
CA VAL D 379 -12.89 -13.46 16.98
C VAL D 379 -11.99 -13.59 15.76
N GLY D 380 -11.02 -14.49 15.85
CA GLY D 380 -10.16 -14.79 14.74
C GLY D 380 -10.73 -15.88 13.85
N PRO D 381 -9.94 -16.32 12.86
CA PRO D 381 -10.46 -17.29 11.88
C PRO D 381 -10.92 -18.62 12.46
N LEU D 382 -10.13 -19.19 13.36
CA LEU D 382 -10.48 -20.47 13.95
C LEU D 382 -11.78 -20.35 14.74
N LEU D 383 -11.88 -19.40 15.66
CA LEU D 383 -13.09 -19.32 16.47
C LEU D 383 -14.30 -18.98 15.59
N ALA D 384 -14.12 -18.13 14.57
CA ALA D 384 -15.22 -17.88 13.64
C ALA D 384 -15.77 -19.18 13.05
N CYS D 385 -14.90 -20.10 12.64
CA CYS D 385 -15.39 -21.33 12.01
C CYS D 385 -16.17 -22.16 13.00
N ILE D 386 -15.70 -22.28 14.23
CA ILE D 386 -16.38 -23.13 15.20
C ILE D 386 -17.71 -22.51 15.62
N ILE D 387 -17.72 -21.22 15.96
CA ILE D 387 -18.94 -20.56 16.40
C ILE D 387 -19.95 -20.46 15.27
N GLY D 388 -19.50 -20.02 14.12
CA GLY D 388 -20.38 -19.96 12.97
C GLY D 388 -20.92 -21.33 12.59
N THR D 389 -20.06 -22.35 12.58
CA THR D 389 -20.52 -23.66 12.16
C THR D 389 -21.60 -24.13 13.11
N GLN D 390 -21.45 -23.83 14.39
CA GLN D 390 -22.41 -24.31 15.39
C GLN D 390 -23.77 -23.65 15.19
N PHE D 391 -23.78 -22.34 14.97
CA PHE D 391 -25.03 -21.59 14.88
C PHE D 391 -25.76 -21.85 13.57
N ARG D 392 -25.05 -22.18 12.49
CA ARG D 392 -25.76 -22.63 11.30
C ARG D 392 -26.53 -23.93 11.57
N LYS D 393 -25.97 -24.84 12.35
CA LYS D 393 -26.70 -26.05 12.67
C LYS D 393 -27.89 -25.78 13.59
N LEU D 394 -27.75 -24.87 14.54
CA LEU D 394 -28.89 -24.57 15.41
C LEU D 394 -30.00 -23.89 14.62
N ARG D 395 -29.70 -23.26 13.49
CA ARG D 395 -30.72 -22.59 12.70
C ARG D 395 -31.34 -23.55 11.71
N ASP D 396 -30.50 -24.20 10.90
CA ASP D 396 -31.00 -25.06 9.84
C ASP D 396 -31.65 -26.31 10.41
N GLY D 397 -31.23 -26.72 11.60
CA GLY D 397 -31.63 -27.95 12.26
C GLY D 397 -32.80 -27.82 13.21
N ASP D 398 -33.36 -26.66 13.31
CA ASP D 398 -34.40 -26.38 14.28
C ASP D 398 -35.73 -26.37 13.54
N ARG D 399 -36.54 -27.38 13.81
CA ARG D 399 -37.84 -27.41 13.17
C ARG D 399 -38.70 -26.21 13.52
N PHE D 400 -38.40 -25.53 14.63
CA PHE D 400 -39.22 -24.42 15.14
C PHE D 400 -38.54 -23.07 14.94
N TRP D 401 -37.63 -22.99 13.98
CA TRP D 401 -37.02 -21.73 13.61
C TRP D 401 -38.10 -20.76 13.15
N TRP D 402 -38.07 -19.53 13.67
CA TRP D 402 -39.21 -18.62 13.43
C TRP D 402 -39.50 -18.39 11.95
N GLU D 403 -38.50 -18.54 11.08
CA GLU D 403 -38.68 -18.30 9.64
C GLU D 403 -39.11 -19.54 8.88
N ASN D 404 -39.03 -20.73 9.48
CA ASN D 404 -39.51 -21.98 8.85
C ASN D 404 -41.01 -21.95 8.58
N GLU D 405 -41.42 -22.39 7.39
CA GLU D 405 -42.84 -22.32 7.09
C GLU D 405 -43.64 -23.22 8.02
N GLY D 406 -44.79 -22.71 8.48
CA GLY D 406 -45.67 -23.40 9.38
C GLY D 406 -45.52 -22.98 10.83
N VAL D 407 -44.35 -22.47 11.22
CA VAL D 407 -44.15 -22.10 12.61
C VAL D 407 -44.95 -20.85 12.92
N PHE D 408 -44.74 -19.80 12.13
CA PHE D 408 -45.46 -18.54 12.23
C PHE D 408 -46.10 -18.21 10.88
N SER D 409 -47.23 -17.50 10.91
CA SER D 409 -47.82 -17.03 9.66
C SER D 409 -46.95 -15.94 9.03
N MET D 410 -47.16 -15.74 7.73
CA MET D 410 -46.41 -14.72 7.01
C MET D 410 -46.57 -13.36 7.67
N GLN D 411 -47.77 -13.03 8.18
CA GLN D 411 -47.95 -11.74 8.85
C GLN D 411 -47.22 -11.70 10.20
N GLN D 412 -47.35 -12.75 11.01
CA GLN D 412 -46.59 -12.75 12.26
C GLN D 412 -45.10 -12.65 12.03
N ARG D 413 -44.61 -13.20 10.92
CA ARG D 413 -43.20 -13.06 10.55
C ARG D 413 -42.85 -11.60 10.26
N GLN D 414 -43.68 -10.93 9.44
CA GLN D 414 -43.41 -9.52 9.14
C GLN D 414 -43.52 -8.65 10.38
N ALA D 415 -44.27 -9.09 11.38
CA ALA D 415 -44.35 -8.33 12.63
C ALA D 415 -43.11 -8.53 13.48
N LEU D 416 -42.71 -9.80 13.66
CA LEU D 416 -41.56 -10.13 14.47
C LEU D 416 -40.27 -9.51 13.94
N ALA D 417 -40.19 -9.30 12.63
CA ALA D 417 -38.99 -8.68 12.08
C ALA D 417 -38.77 -7.27 12.61
N GLN D 418 -39.78 -6.66 13.23
CA GLN D 418 -39.67 -5.33 13.81
C GLN D 418 -39.18 -5.33 15.27
N ILE D 419 -38.98 -6.48 15.92
CA ILE D 419 -38.61 -6.44 17.34
C ILE D 419 -37.13 -6.10 17.47
N SER D 420 -36.76 -5.65 18.67
CA SER D 420 -35.37 -5.34 18.95
C SER D 420 -35.18 -5.21 20.45
N LEU D 421 -33.91 -5.32 20.91
CA LEU D 421 -33.64 -5.39 22.35
C LEU D 421 -33.93 -4.06 23.04
N PRO D 422 -33.55 -2.90 22.45
CA PRO D 422 -33.94 -1.62 23.03
C PRO D 422 -35.43 -1.46 23.24
N ARG D 423 -36.24 -1.89 22.27
CA ARG D 423 -37.68 -1.87 22.46
C ARG D 423 -38.09 -2.70 23.68
N ILE D 424 -37.59 -3.93 23.79
CA ILE D 424 -37.89 -4.80 24.94
C ILE D 424 -37.52 -4.13 26.26
N ILE D 425 -36.45 -3.33 26.27
CA ILE D 425 -36.04 -2.67 27.49
C ILE D 425 -36.99 -1.55 27.85
N CYS D 426 -37.52 -0.86 26.83
CA CYS D 426 -38.52 0.19 27.06
C CYS D 426 -39.81 -0.36 27.64
N ASP D 427 -40.31 -1.45 27.05
CA ASP D 427 -41.62 -1.94 27.41
C ASP D 427 -41.65 -2.49 28.83
N ASN D 428 -40.49 -2.86 29.37
CA ASN D 428 -40.46 -3.61 30.62
C ASN D 428 -39.67 -2.99 31.76
N THR D 429 -39.12 -1.79 31.61
CA THR D 429 -38.45 -1.09 32.70
C THR D 429 -38.87 0.37 32.73
N GLY D 430 -38.42 1.08 33.77
CA GLY D 430 -38.52 2.52 33.84
C GLY D 430 -37.53 3.28 32.98
N ILE D 431 -36.73 2.58 32.18
CA ILE D 431 -35.80 3.24 31.27
C ILE D 431 -36.57 3.86 30.12
N THR D 432 -36.31 5.14 29.84
CA THR D 432 -37.04 5.86 28.82
C THR D 432 -36.18 6.35 27.67
N THR D 433 -34.85 6.30 27.78
CA THR D 433 -33.93 6.56 26.68
C THR D 433 -33.01 5.35 26.50
N VAL D 434 -32.94 4.81 25.29
CA VAL D 434 -32.23 3.57 25.05
C VAL D 434 -31.32 3.74 23.84
N SER D 435 -30.60 2.69 23.52
CA SER D 435 -29.60 2.74 22.46
C SER D 435 -30.27 2.73 21.10
N LYS D 436 -29.73 3.52 20.17
CA LYS D 436 -30.00 3.32 18.77
C LYS D 436 -29.63 1.89 18.38
N ASN D 437 -30.38 1.31 17.47
CA ASN D 437 -29.93 0.03 16.91
C ASN D 437 -28.76 0.29 15.99
N ASN D 438 -27.83 -0.66 15.94
CA ASN D 438 -27.64 -1.89 16.71
C ASN D 438 -27.21 -1.66 18.15
N ILE D 439 -27.96 -2.19 19.10
CA ILE D 439 -27.64 -2.00 20.52
C ILE D 439 -26.25 -2.52 20.88
N PHE D 440 -25.76 -3.58 20.23
CA PHE D 440 -24.47 -4.12 20.66
C PHE D 440 -23.32 -3.27 20.19
N MET D 441 -23.54 -2.41 19.20
CA MET D 441 -22.50 -1.50 18.74
C MET D 441 -22.59 -0.16 19.45
N SER D 442 -23.81 0.36 19.61
CA SER D 442 -24.01 1.65 20.28
C SER D 442 -23.55 1.55 21.73
N ASN D 443 -22.66 2.46 22.14
CA ASN D 443 -22.07 2.46 23.48
C ASN D 443 -21.85 3.83 24.16
N SER D 444 -21.97 4.96 23.46
CA SER D 444 -21.67 6.26 24.03
C SER D 444 -22.96 7.05 24.28
N TYR D 445 -23.12 7.54 25.50
CA TYR D 445 -24.28 8.41 25.75
C TYR D 445 -23.86 9.87 25.66
N PRO D 446 -24.70 10.74 25.09
CA PRO D 446 -26.04 10.52 24.55
C PRO D 446 -26.07 10.34 23.03
N ARG D 447 -24.87 10.29 22.45
CA ARG D 447 -24.71 10.26 21.00
C ARG D 447 -25.47 9.09 20.39
N ASP D 448 -25.33 7.90 20.98
CA ASP D 448 -25.90 6.68 20.43
C ASP D 448 -27.21 6.32 21.10
N PHE D 449 -28.02 7.30 21.51
CA PHE D 449 -29.25 7.03 22.25
C PHE D 449 -30.43 7.80 21.67
N VAL D 450 -31.62 7.35 22.05
CA VAL D 450 -32.87 7.85 21.48
C VAL D 450 -33.97 7.60 22.52
N ASN D 451 -35.10 8.28 22.35
CA ASN D 451 -36.23 8.12 23.24
C ASN D 451 -37.03 6.90 22.85
N CYS D 452 -37.67 6.29 23.85
CA CYS D 452 -38.59 5.19 23.65
C CYS D 452 -39.83 5.65 22.87
N SER D 453 -39.68 5.91 21.59
CA SER D 453 -40.78 6.40 20.75
C SER D 453 -40.42 6.19 19.30
N THR D 454 -39.26 6.69 18.89
CA THR D 454 -38.77 6.44 17.53
C THR D 454 -38.75 4.95 17.17
N LEU D 455 -38.87 4.03 18.20
CA LEU D 455 -38.72 2.59 17.96
C LEU D 455 -40.07 1.93 17.72
N PRO D 456 -40.21 1.10 16.68
CA PRO D 456 -41.50 0.43 16.46
C PRO D 456 -41.76 -0.65 17.51
N ALA D 457 -42.93 -0.57 18.14
CA ALA D 457 -43.37 -1.60 19.07
C ALA D 457 -43.91 -2.82 18.29
N LEU D 458 -43.82 -3.99 18.93
CA LEU D 458 -44.35 -5.21 18.32
C LEU D 458 -45.87 -5.13 18.15
N ASN D 459 -46.35 -5.50 16.96
CA ASN D 459 -47.78 -5.55 16.68
C ASN D 459 -48.28 -6.99 16.81
N LEU D 460 -49.06 -7.26 17.85
CA LEU D 460 -49.62 -8.58 18.08
C LEU D 460 -50.97 -8.77 17.40
N ALA D 461 -51.40 -7.81 16.58
CA ALA D 461 -52.69 -7.92 15.90
C ALA D 461 -52.85 -9.29 15.24
N SER D 462 -51.82 -9.76 14.51
CA SER D 462 -51.97 -11.00 13.73
C SER D 462 -51.98 -12.26 14.61
N TRP D 463 -52.04 -12.11 15.93
CA TRP D 463 -52.22 -13.23 16.83
C TRP D 463 -53.67 -13.43 17.26
N ARG D 464 -54.62 -12.61 16.78
CA ARG D 464 -56.01 -12.77 17.19
C ARG D 464 -56.63 -14.02 16.55
N GLU D 465 -57.76 -14.47 17.09
CA GLU D 465 -58.49 -15.59 16.48
C GLU D 465 -59.98 -15.30 16.38
N ASN E 2 -11.32 -71.55 28.49
CA ASN E 2 -11.24 -73.01 28.64
C ASN E 2 -9.92 -73.58 28.10
N PHE E 3 -9.69 -74.87 28.34
CA PHE E 3 -8.45 -75.54 27.93
C PHE E 3 -8.58 -75.99 26.47
N LEU E 4 -7.49 -75.84 25.71
CA LEU E 4 -7.49 -76.20 24.30
C LEU E 4 -6.78 -77.52 24.07
N GLU E 5 -7.19 -78.22 23.01
CA GLU E 5 -6.68 -79.56 22.76
C GLU E 5 -5.20 -79.52 22.39
N HIS E 6 -4.74 -78.47 21.70
CA HIS E 6 -3.35 -78.45 21.31
C HIS E 6 -2.44 -78.18 22.50
N GLU E 7 -2.97 -77.59 23.57
CA GLU E 7 -2.21 -77.46 24.80
C GLU E 7 -1.91 -78.80 25.46
N LEU E 8 -2.50 -79.90 25.00
CA LEU E 8 -2.07 -81.19 25.53
C LEU E 8 -0.65 -81.51 25.10
N SER E 9 -0.24 -81.02 23.93
CA SER E 9 1.12 -81.33 23.48
C SER E 9 2.15 -80.61 24.33
N TYR E 10 1.81 -79.46 24.91
CA TYR E 10 2.71 -78.77 25.80
C TYR E 10 2.96 -79.56 27.08
N ILE E 11 1.96 -80.33 27.52
CA ILE E 11 2.19 -81.20 28.66
C ILE E 11 3.20 -82.28 28.30
N ASP E 12 3.08 -82.85 27.11
CA ASP E 12 4.04 -83.87 26.68
C ASP E 12 5.45 -83.34 26.77
N VAL E 13 5.64 -82.04 26.45
CA VAL E 13 6.95 -81.40 26.51
C VAL E 13 7.38 -81.17 27.96
N LEU E 14 6.45 -80.77 28.82
CA LEU E 14 6.82 -80.51 30.22
C LEU E 14 7.25 -81.81 30.92
N LEU E 15 6.62 -82.93 30.59
CA LEU E 15 7.00 -84.22 31.20
C LEU E 15 8.22 -84.85 30.52
N ASP E 16 8.37 -84.66 29.20
CA ASP E 16 9.51 -85.18 28.45
C ASP E 16 10.82 -84.79 29.14
N LYS E 17 11.50 -85.74 29.78
CA LYS E 17 12.70 -85.42 30.52
C LYS E 17 13.89 -85.04 29.62
N ASN E 18 13.79 -85.24 28.29
CA ASN E 18 14.90 -85.00 27.38
C ASN E 18 14.88 -83.61 26.75
N ALA E 19 13.74 -82.90 26.81
CA ALA E 19 13.65 -81.55 26.29
C ALA E 19 14.43 -80.58 27.17
N ASP E 20 14.74 -79.39 26.62
CA ASP E 20 15.62 -78.45 27.31
C ASP E 20 14.82 -77.55 28.25
N GLN E 21 15.48 -77.08 29.31
CA GLN E 21 14.80 -76.32 30.35
C GLN E 21 14.33 -74.95 29.85
N ALA E 22 15.03 -74.37 28.88
CA ALA E 22 14.55 -73.12 28.29
C ALA E 22 13.11 -73.29 27.78
N THR E 23 12.86 -74.37 27.04
CA THR E 23 11.53 -74.69 26.55
C THR E 23 10.54 -74.94 27.68
N LYS E 24 10.93 -75.73 28.69
CA LYS E 24 10.00 -76.02 29.76
C LYS E 24 9.69 -74.75 30.55
N ASP E 25 10.69 -73.89 30.77
CA ASP E 25 10.43 -72.65 31.52
C ASP E 25 9.40 -71.79 30.79
N ASN E 26 9.59 -71.58 29.48
CA ASN E 26 8.67 -70.71 28.74
C ASN E 26 7.25 -71.27 28.74
N LEU E 27 7.10 -72.61 28.73
CA LEU E 27 5.76 -73.20 28.80
C LEU E 27 5.16 -73.04 30.20
N ARG E 28 5.96 -73.16 31.26
CA ARG E 28 5.40 -73.00 32.60
C ARG E 28 4.92 -71.58 32.82
N SER E 29 5.65 -70.61 32.26
CA SER E 29 5.21 -69.22 32.28
C SER E 29 3.90 -69.04 31.49
N TYR E 30 3.83 -69.61 30.29
CA TYR E 30 2.62 -69.53 29.48
C TYR E 30 1.39 -70.02 30.24
N PHE E 31 1.49 -71.20 30.84
CA PHE E 31 0.40 -71.70 31.68
C PHE E 31 0.24 -70.86 32.96
N ALA E 32 1.34 -70.32 33.49
CA ALA E 32 1.24 -69.48 34.69
C ALA E 32 0.39 -68.23 34.45
N ASP E 33 0.56 -67.56 33.29
CA ASP E 33 -0.25 -66.40 32.91
C ASP E 33 -1.73 -66.75 32.86
N LYS E 34 -2.04 -68.02 32.73
CA LYS E 34 -3.41 -68.50 32.62
C LYS E 34 -3.97 -68.97 33.97
N GLY E 35 -3.18 -68.94 35.04
CA GLY E 35 -3.63 -69.38 36.35
C GLY E 35 -3.29 -70.81 36.74
N LEU E 36 -2.48 -71.49 35.95
CA LEU E 36 -2.16 -72.91 36.16
C LEU E 36 -0.68 -72.99 36.53
N HIS E 37 -0.40 -73.00 37.83
CA HIS E 37 0.93 -72.74 38.30
C HIS E 37 1.78 -73.98 38.50
N SER E 38 1.17 -75.15 38.63
CA SER E 38 1.91 -76.39 38.80
C SER E 38 1.41 -77.44 37.82
N ILE E 39 2.29 -78.37 37.47
CA ILE E 39 1.90 -79.42 36.55
C ILE E 39 0.64 -80.14 37.04
N LYS E 40 0.36 -80.13 38.35
CA LYS E 40 -0.89 -80.76 38.79
C LYS E 40 -2.07 -79.92 38.38
N ASP E 41 -1.94 -78.60 38.45
CA ASP E 41 -3.00 -77.67 38.07
C ASP E 41 -3.28 -77.73 36.57
N ILE E 42 -2.23 -77.90 35.76
CA ILE E 42 -2.40 -77.96 34.32
C ILE E 42 -3.17 -79.21 33.93
N ILE E 43 -2.73 -80.38 34.43
CA ILE E 43 -3.43 -81.64 34.14
C ILE E 43 -4.90 -81.53 34.54
N ASN E 44 -5.16 -81.18 35.80
CA ASN E 44 -6.53 -81.15 36.29
C ASN E 44 -7.41 -80.19 35.49
N LYS E 45 -6.81 -79.13 34.93
CA LYS E 45 -7.58 -78.21 34.08
C LYS E 45 -7.95 -78.89 32.77
N ALA E 46 -7.02 -79.64 32.20
CA ALA E 46 -7.33 -80.39 30.99
C ALA E 46 -8.44 -81.39 31.25
N LYS E 47 -8.37 -82.14 32.37
CA LYS E 47 -9.42 -83.12 32.68
C LYS E 47 -10.77 -82.41 32.93
N GLN E 48 -10.78 -81.43 33.83
CA GLN E 48 -11.96 -80.60 34.11
C GLN E 48 -12.71 -80.20 32.85
N ASP E 49 -11.97 -79.73 31.84
CA ASP E 49 -12.54 -79.24 30.60
C ASP E 49 -12.64 -80.32 29.53
N GLY E 50 -12.81 -81.59 29.94
CA GLY E 50 -13.30 -82.64 29.06
C GLY E 50 -12.25 -83.52 28.41
N PHE E 51 -10.97 -83.28 28.60
CA PHE E 51 -9.99 -84.07 27.89
C PHE E 51 -9.63 -85.33 28.70
N ASP E 52 -8.68 -86.10 28.19
CA ASP E 52 -8.12 -87.20 28.97
C ASP E 52 -6.61 -87.03 29.23
N ASN F 2 -37.05 -29.75 46.46
CA ASN F 2 -37.15 -28.66 47.44
C ASN F 2 -38.34 -27.71 47.22
N PHE F 3 -39.05 -27.43 48.31
CA PHE F 3 -40.12 -26.44 48.29
C PHE F 3 -39.55 -25.06 47.98
N LEU F 4 -40.21 -24.35 47.10
CA LEU F 4 -39.77 -23.03 46.71
C LEU F 4 -40.56 -22.00 47.49
N GLU F 5 -39.98 -20.80 47.61
CA GLU F 5 -40.59 -19.81 48.49
C GLU F 5 -41.94 -19.35 47.92
N HIS F 6 -42.03 -19.23 46.60
CA HIS F 6 -43.24 -18.71 45.98
C HIS F 6 -44.35 -19.74 45.93
N GLU F 7 -44.06 -20.99 46.26
CA GLU F 7 -45.12 -21.96 46.49
C GLU F 7 -45.80 -21.74 47.85
N LEU F 8 -45.21 -20.93 48.76
CA LEU F 8 -45.94 -20.55 49.97
C LEU F 8 -47.20 -19.77 49.64
N SER F 9 -47.18 -18.97 48.56
CA SER F 9 -48.39 -18.24 48.14
C SER F 9 -49.48 -19.20 47.71
N TYR F 10 -49.09 -20.35 47.15
CA TYR F 10 -50.06 -21.37 46.79
C TYR F 10 -50.76 -21.90 48.03
N ILE F 11 -50.03 -22.11 49.12
CA ILE F 11 -50.67 -22.64 50.33
C ILE F 11 -51.79 -21.71 50.78
N ASP F 12 -51.59 -20.40 50.67
CA ASP F 12 -52.64 -19.45 51.07
C ASP F 12 -53.85 -19.57 50.14
N VAL F 13 -53.63 -19.83 48.86
CA VAL F 13 -54.75 -20.01 47.94
C VAL F 13 -55.52 -21.29 48.24
N LEU F 14 -54.86 -22.31 48.76
CA LEU F 14 -55.55 -23.53 49.14
C LEU F 14 -56.31 -23.37 50.44
N LEU F 15 -55.85 -22.48 51.34
CA LEU F 15 -56.52 -22.27 52.61
C LEU F 15 -57.58 -21.18 52.56
N ASP F 16 -57.56 -20.31 51.55
CA ASP F 16 -58.58 -19.27 51.38
C ASP F 16 -59.93 -19.94 51.08
N LYS F 17 -60.89 -19.83 52.01
CA LYS F 17 -62.20 -20.44 51.77
C LYS F 17 -62.93 -19.79 50.59
N ASN F 18 -62.71 -18.50 50.37
CA ASN F 18 -63.36 -17.75 49.28
C ASN F 18 -62.44 -17.72 48.06
N ALA F 19 -62.30 -18.90 47.44
CA ALA F 19 -61.40 -19.06 46.30
C ALA F 19 -62.03 -19.98 45.27
N ASP F 20 -61.80 -19.65 44.02
CA ASP F 20 -62.36 -20.43 42.92
C ASP F 20 -62.05 -21.91 43.12
N GLN F 21 -63.06 -22.77 43.02
CA GLN F 21 -62.77 -24.20 43.21
C GLN F 21 -61.94 -24.77 42.04
N ALA F 22 -62.03 -24.17 40.86
CA ALA F 22 -61.23 -24.63 39.74
C ALA F 22 -59.75 -24.30 39.94
N THR F 23 -59.45 -23.14 40.54
CA THR F 23 -58.05 -22.79 40.76
C THR F 23 -57.42 -23.64 41.87
N LYS F 24 -58.24 -24.07 42.84
CA LYS F 24 -57.77 -24.91 43.94
C LYS F 24 -57.52 -26.34 43.48
N ASP F 25 -58.35 -26.85 42.57
CA ASP F 25 -58.10 -28.17 42.00
C ASP F 25 -56.81 -28.15 41.20
N ASN F 26 -56.59 -27.06 40.46
CA ASN F 26 -55.41 -26.93 39.60
C ASN F 26 -54.14 -26.81 40.44
N LEU F 27 -54.22 -26.24 41.64
CA LEU F 27 -53.09 -26.26 42.58
C LEU F 27 -52.92 -27.62 43.29
N ARG F 28 -54.01 -28.24 43.80
CA ARG F 28 -53.82 -29.55 44.43
C ARG F 28 -53.20 -30.52 43.42
N SER F 29 -53.59 -30.39 42.14
CA SER F 29 -53.04 -31.25 41.10
C SER F 29 -51.58 -30.94 40.85
N TYR F 30 -51.19 -29.65 40.90
CA TYR F 30 -49.80 -29.25 40.78
C TYR F 30 -48.96 -29.85 41.89
N PHE F 31 -49.47 -29.84 43.12
CA PHE F 31 -48.68 -30.38 44.21
C PHE F 31 -48.64 -31.90 44.15
N ALA F 32 -49.65 -32.52 43.56
CA ALA F 32 -49.71 -33.98 43.52
C ALA F 32 -48.58 -34.55 42.65
N ASP F 33 -48.22 -33.85 41.57
CA ASP F 33 -47.09 -34.24 40.72
C ASP F 33 -45.75 -34.11 41.44
N LYS F 34 -45.68 -33.33 42.52
CA LYS F 34 -44.50 -33.28 43.38
C LYS F 34 -44.52 -34.36 44.46
N GLY F 35 -45.56 -35.19 44.50
CA GLY F 35 -45.68 -36.19 45.54
C GLY F 35 -46.27 -35.69 46.83
N LEU F 36 -47.00 -34.55 46.80
CA LEU F 36 -47.65 -33.93 47.95
C LEU F 36 -49.16 -34.04 47.73
N HIS F 37 -49.82 -34.99 48.40
CA HIS F 37 -51.21 -35.31 48.05
C HIS F 37 -52.26 -34.73 49.01
N SER F 38 -51.85 -33.98 50.03
CA SER F 38 -52.79 -33.33 50.94
C SER F 38 -52.23 -31.97 51.39
N ILE F 39 -53.14 -31.13 51.90
CA ILE F 39 -52.73 -29.80 52.37
C ILE F 39 -51.71 -29.91 53.51
N LYS F 40 -51.92 -30.84 54.44
CA LYS F 40 -50.95 -30.98 55.51
C LYS F 40 -49.60 -31.46 54.99
N ASP F 41 -49.58 -32.35 53.99
CA ASP F 41 -48.29 -32.80 53.44
C ASP F 41 -47.55 -31.66 52.73
N ILE F 42 -48.30 -30.74 52.13
CA ILE F 42 -47.69 -29.54 51.55
C ILE F 42 -47.05 -28.69 52.64
N ILE F 43 -47.78 -28.51 53.75
CA ILE F 43 -47.27 -27.75 54.88
C ILE F 43 -45.97 -28.36 55.38
N ASN F 44 -45.92 -29.68 55.52
CA ASN F 44 -44.73 -30.31 56.13
C ASN F 44 -43.52 -30.25 55.22
N LYS F 45 -43.71 -30.25 53.90
CA LYS F 45 -42.58 -30.10 52.98
C LYS F 45 -42.01 -28.68 53.05
N ALA F 46 -42.88 -27.67 53.11
CA ALA F 46 -42.38 -26.31 53.33
C ALA F 46 -41.65 -26.21 54.66
N LYS F 47 -42.21 -26.83 55.71
CA LYS F 47 -41.58 -26.84 57.02
C LYS F 47 -40.20 -27.48 56.96
N GLN F 48 -40.12 -28.66 56.34
CA GLN F 48 -38.85 -29.40 56.30
C GLN F 48 -37.82 -28.68 55.43
N ASP F 49 -38.26 -27.98 54.39
CA ASP F 49 -37.33 -27.24 53.54
C ASP F 49 -37.11 -25.80 54.02
N GLY F 50 -37.28 -25.55 55.32
CA GLY F 50 -36.72 -24.39 55.98
C GLY F 50 -37.62 -23.18 56.17
N PHE F 51 -38.89 -23.27 55.81
CA PHE F 51 -39.72 -22.08 55.72
C PHE F 51 -40.58 -21.90 56.96
N ASP F 52 -41.08 -20.68 57.13
CA ASP F 52 -41.85 -20.29 58.32
C ASP F 52 -43.29 -20.73 58.12
N VAL F 53 -43.69 -21.75 58.87
CA VAL F 53 -45.00 -22.37 58.78
C VAL F 53 -45.86 -22.03 60.00
N SER F 54 -45.48 -20.97 60.75
CA SER F 54 -46.04 -20.76 62.09
C SER F 54 -47.50 -20.34 62.05
N LYS F 55 -47.94 -19.73 60.96
CA LYS F 55 -49.33 -19.34 60.80
C LYS F 55 -50.21 -20.50 60.30
N TYR F 56 -49.68 -21.70 60.21
CA TYR F 56 -50.48 -22.83 59.76
C TYR F 56 -50.42 -24.02 60.70
N GLU F 57 -49.92 -23.85 61.94
CA GLU F 57 -49.78 -24.97 62.87
C GLU F 57 -51.12 -25.61 63.23
N HIS F 58 -52.23 -24.93 63.01
CA HIS F 58 -53.53 -25.54 63.23
C HIS F 58 -53.86 -26.31 61.95
N THR G 1 24.17 -1.89 -14.67
CA THR G 1 24.54 -3.04 -15.51
C THR G 1 24.80 -2.56 -16.92
N CYS G 2 25.83 -3.17 -17.55
CA CYS G 2 26.32 -2.82 -18.87
C CYS G 2 25.87 -3.82 -19.92
N PRO G 3 25.91 -3.44 -21.18
CA PRO G 3 25.58 -4.40 -22.24
C PRO G 3 26.75 -5.32 -22.48
N GLU G 4 26.44 -6.60 -22.70
CA GLU G 4 27.46 -7.62 -22.93
C GLU G 4 28.30 -7.33 -24.17
N GLN G 5 27.88 -6.38 -25.00
CA GLN G 5 28.65 -5.98 -26.18
C GLN G 5 28.41 -4.50 -26.44
N ASP G 6 29.40 -3.86 -27.06
CA ASP G 6 29.31 -2.45 -27.42
C ASP G 6 30.48 -2.11 -28.31
N LYS G 7 30.26 -1.17 -29.23
CA LYS G 7 31.28 -0.84 -30.21
C LYS G 7 32.12 0.36 -29.78
N TYR G 8 31.51 1.35 -29.12
CA TYR G 8 32.15 2.64 -28.87
C TYR G 8 32.05 3.05 -27.40
N ARG G 9 32.89 3.99 -27.00
CA ARG G 9 32.88 4.47 -25.63
C ARG G 9 31.56 5.16 -25.33
N THR G 10 31.07 4.97 -24.11
CA THR G 10 30.05 5.88 -23.63
C THR G 10 30.66 7.24 -23.39
N ILE G 11 29.82 8.28 -23.48
CA ILE G 11 30.31 9.64 -23.27
C ILE G 11 30.77 9.83 -21.82
N THR G 12 30.02 9.26 -20.86
CA THR G 12 30.33 9.45 -19.45
C THR G 12 31.50 8.60 -18.98
N GLY G 13 31.89 7.59 -19.73
CA GLY G 13 32.93 6.68 -19.31
C GLY G 13 32.44 5.49 -18.51
N MET G 14 31.14 5.44 -18.18
CA MET G 14 30.59 4.25 -17.55
C MET G 14 30.82 3.07 -18.48
N CYS G 15 31.07 1.90 -17.90
CA CYS G 15 31.11 0.60 -18.55
C CYS G 15 32.44 0.29 -19.25
N ASN G 16 33.39 1.22 -19.25
CA ASN G 16 34.74 0.87 -19.71
C ASN G 16 35.26 -0.37 -18.99
N ASN G 17 35.17 -0.36 -17.66
CA ASN G 17 35.46 -1.51 -16.81
C ASN G 17 34.15 -2.23 -16.47
N ARG G 18 33.94 -3.43 -17.05
CA ARG G 18 32.69 -4.16 -16.89
C ARG G 18 32.45 -4.64 -15.46
N ARG G 19 33.52 -4.92 -14.70
CA ARG G 19 33.36 -5.39 -13.33
C ARG G 19 33.10 -4.27 -12.36
N SER G 20 33.64 -3.07 -12.59
CA SER G 20 33.42 -1.93 -11.70
C SER G 20 33.07 -0.76 -12.60
N PRO G 21 31.81 -0.70 -13.08
CA PRO G 21 31.50 0.15 -14.25
C PRO G 21 31.65 1.65 -14.04
N THR G 22 31.79 2.14 -12.80
CA THR G 22 32.02 3.57 -12.61
C THR G 22 33.48 3.98 -12.79
N LEU G 23 34.44 3.07 -12.69
CA LEU G 23 35.85 3.49 -12.70
C LEU G 23 36.19 4.25 -13.97
N GLY G 24 36.71 5.46 -13.79
CA GLY G 24 37.03 6.35 -14.89
C GLY G 24 35.87 7.15 -15.39
N ALA G 25 34.67 6.85 -14.94
CA ALA G 25 33.52 7.63 -15.37
C ALA G 25 33.53 8.99 -14.68
N SER G 26 32.78 9.90 -15.27
CA SER G 26 32.70 11.28 -14.79
C SER G 26 31.75 11.42 -13.61
N ASN G 27 32.06 12.45 -12.80
CA ASN G 27 31.30 12.84 -11.60
C ASN G 27 31.28 11.74 -10.57
N ARG G 28 32.49 11.26 -10.26
CA ARG G 28 32.81 10.31 -9.21
C ARG G 28 34.01 10.83 -8.46
N ALA G 29 34.27 10.29 -7.28
CA ALA G 29 35.38 10.78 -6.47
C ALA G 29 36.72 10.26 -6.97
N PHE G 30 37.75 11.09 -6.81
CA PHE G 30 39.10 10.67 -7.12
C PHE G 30 39.47 9.46 -6.27
N VAL G 31 40.47 8.71 -6.76
CA VAL G 31 41.14 7.68 -5.97
C VAL G 31 42.27 8.35 -5.19
N ARG G 32 42.49 7.92 -3.95
CA ARG G 32 43.60 8.33 -3.13
C ARG G 32 44.73 7.31 -3.21
N TRP G 33 45.91 7.77 -3.56
CA TRP G 33 47.08 6.89 -3.43
C TRP G 33 47.70 6.94 -2.04
N LEU G 34 47.44 7.98 -1.25
CA LEU G 34 47.79 8.05 0.15
C LEU G 34 46.61 8.63 0.89
N PRO G 35 46.43 8.25 2.15
CA PRO G 35 45.31 8.80 2.91
C PRO G 35 45.44 10.30 3.08
N ALA G 36 44.31 10.97 3.10
CA ALA G 36 44.29 12.41 3.19
C ALA G 36 44.79 12.86 4.53
N GLU G 37 45.35 14.07 4.54
CA GLU G 37 45.90 14.71 5.74
C GLU G 37 45.22 16.07 5.88
N TYR G 38 44.35 16.17 6.88
CA TYR G 38 43.60 17.36 7.22
C TYR G 38 43.82 17.71 8.69
N GLU G 39 43.59 18.97 8.99
CA GLU G 39 43.83 19.54 10.32
C GLU G 39 43.08 18.78 11.39
N ASP G 40 41.80 18.52 11.17
CA ASP G 40 40.97 17.75 12.09
C ASP G 40 40.95 16.26 11.74
N GLY G 41 41.72 15.83 10.75
CA GLY G 41 41.72 14.43 10.39
C GLY G 41 40.77 14.04 9.29
N PHE G 42 39.74 14.85 8.99
CA PHE G 42 38.73 14.41 8.01
C PHE G 42 38.08 15.49 7.15
N SER G 43 38.38 16.76 7.36
CA SER G 43 37.75 17.79 6.54
C SER G 43 38.43 19.16 6.44
N LEU G 44 38.92 19.72 7.56
CA LEU G 44 39.43 21.09 7.49
C LEU G 44 40.88 21.09 7.01
N PRO G 45 41.24 21.99 6.10
CA PRO G 45 42.62 22.02 5.60
C PRO G 45 43.59 22.71 6.55
N TYR G 46 44.84 22.25 6.50
CA TYR G 46 45.91 22.96 7.21
C TYR G 46 45.95 24.40 6.74
N GLY G 47 46.02 25.32 7.69
CA GLY G 47 45.85 26.73 7.40
C GLY G 47 44.50 27.29 7.78
N TRP G 48 43.54 26.44 8.12
CA TRP G 48 42.21 26.93 8.43
C TRP G 48 42.18 27.60 9.81
N THR G 49 42.54 26.85 10.87
CA THR G 49 42.42 27.41 12.22
C THR G 49 43.67 28.20 12.56
N PRO G 50 43.54 29.45 12.99
CA PRO G 50 44.74 30.22 13.35
C PRO G 50 45.48 29.54 14.48
N GLY G 51 46.78 29.30 14.25
CA GLY G 51 47.67 28.79 15.27
C GLY G 51 47.79 27.30 15.34
N VAL G 52 47.00 26.56 14.59
CA VAL G 52 47.12 25.10 14.57
C VAL G 52 48.30 24.72 13.68
N LYS G 53 49.25 23.99 14.24
CA LYS G 53 50.43 23.61 13.49
C LYS G 53 50.16 22.37 12.65
N ARG G 54 51.09 22.09 11.73
CA ARG G 54 51.15 20.86 10.97
C ARG G 54 52.39 20.11 11.40
N ASN G 55 52.21 18.90 11.92
CA ASN G 55 53.35 18.09 12.42
C ASN G 55 54.32 18.91 13.25
N GLY G 56 53.77 19.74 14.12
CA GLY G 56 54.59 20.54 15.01
C GLY G 56 55.19 21.84 14.46
N PHE G 57 54.93 22.18 13.20
CA PHE G 57 55.48 23.39 12.61
C PHE G 57 54.38 24.33 12.14
N PRO G 58 54.56 25.65 12.21
CA PRO G 58 53.56 26.56 11.67
C PRO G 58 53.33 26.31 10.20
N VAL G 59 52.08 26.51 9.78
CA VAL G 59 51.76 26.33 8.37
C VAL G 59 52.11 27.60 7.64
N ALA G 60 52.87 27.47 6.56
CA ALA G 60 53.33 28.63 5.80
C ALA G 60 52.22 29.14 4.90
N LEU G 61 52.01 30.46 4.91
CA LEU G 61 51.03 31.04 4.00
C LEU G 61 51.42 30.76 2.56
N ALA G 62 50.48 30.24 1.78
CA ALA G 62 50.82 29.90 0.39
C ALA G 62 51.38 31.10 -0.37
N ARG G 63 50.77 32.26 -0.22
CA ARG G 63 51.28 33.49 -0.83
C ARG G 63 52.66 33.86 -0.27
N ALA G 64 52.95 33.60 1.01
CA ALA G 64 54.31 33.82 1.50
C ALA G 64 55.34 32.94 0.80
N VAL G 65 55.01 31.66 0.62
CA VAL G 65 55.91 30.74 -0.08
C VAL G 65 56.12 31.19 -1.51
N SER G 66 55.03 31.60 -2.17
CA SER G 66 55.14 32.11 -3.54
C SER G 66 56.07 33.31 -3.61
N ASN G 67 55.92 34.26 -2.69
CA ASN G 67 56.73 35.49 -2.73
C ASN G 67 58.22 35.21 -2.55
N GLU G 68 58.58 34.22 -1.77
CA GLU G 68 59.98 34.00 -1.42
C GLU G 68 60.69 33.00 -2.32
N ILE G 69 59.95 32.08 -2.94
CA ILE G 69 60.55 30.98 -3.70
C ILE G 69 60.23 31.05 -5.18
N VAL G 70 59.02 31.49 -5.56
CA VAL G 70 58.61 31.39 -6.96
C VAL G 70 59.00 32.63 -7.75
N ARG G 71 58.88 33.79 -7.10
CA ARG G 71 59.03 35.08 -7.75
C ARG G 71 60.44 35.26 -8.32
N PHE G 72 60.53 35.92 -9.47
CA PHE G 72 61.79 36.25 -10.12
C PHE G 72 61.53 37.32 -11.18
N PRO G 73 62.57 38.05 -11.60
CA PRO G 73 62.38 39.13 -12.58
C PRO G 73 62.13 38.56 -13.97
N THR G 74 61.02 38.98 -14.55
CA THR G 74 60.51 38.39 -15.78
C THR G 74 61.43 38.64 -16.96
N ASP G 75 62.19 39.72 -16.96
CA ASP G 75 63.09 39.98 -18.08
C ASP G 75 64.27 38.99 -18.11
N GLN G 76 64.52 38.29 -17.01
CA GLN G 76 65.61 37.31 -16.97
C GLN G 76 65.15 35.91 -17.36
N LEU G 77 63.96 35.79 -17.94
CA LEU G 77 63.40 34.49 -18.25
C LEU G 77 64.35 33.66 -19.09
N THR G 78 64.49 32.37 -18.76
CA THR G 78 65.36 31.48 -19.54
C THR G 78 64.53 30.70 -20.55
N PRO G 79 64.75 30.83 -21.86
CA PRO G 79 64.03 29.98 -22.81
C PRO G 79 64.59 28.58 -22.89
N ASP G 80 63.72 27.66 -23.22
CA ASP G 80 64.01 26.23 -23.27
C ASP G 80 64.41 25.95 -24.71
N GLN G 81 65.69 25.83 -24.95
CA GLN G 81 66.18 25.64 -26.31
C GLN G 81 65.67 24.34 -26.96
N GLU G 82 65.08 23.42 -26.18
CA GLU G 82 64.69 22.12 -26.71
C GLU G 82 63.22 21.78 -26.49
N ARG G 83 62.35 22.78 -26.26
CA ARG G 83 60.90 22.58 -26.18
C ARG G 83 60.21 23.77 -26.82
N SER G 84 59.13 23.52 -27.55
CA SER G 84 58.33 24.61 -28.09
C SER G 84 57.27 25.02 -27.10
N LEU G 85 56.77 26.24 -27.25
CA LEU G 85 55.64 26.63 -26.43
C LEU G 85 54.45 25.71 -26.67
N MET G 86 54.46 24.94 -27.76
CA MET G 86 53.39 23.97 -28.01
C MET G 86 53.42 22.82 -27.02
N PHE G 87 54.63 22.42 -26.59
CA PHE G 87 54.79 21.51 -25.45
C PHE G 87 53.97 21.95 -24.25
N MET G 88 54.06 23.23 -23.88
CA MET G 88 53.25 23.73 -22.77
C MET G 88 51.77 23.53 -23.09
N GLN G 89 51.35 23.94 -24.28
CA GLN G 89 49.92 24.05 -24.56
C GLN G 89 49.27 22.68 -24.70
N TRP G 90 50.03 21.67 -25.13
CA TRP G 90 49.44 20.35 -25.22
C TRP G 90 49.25 19.78 -23.83
N GLY G 91 50.12 20.12 -22.90
CA GLY G 91 49.92 19.69 -21.53
C GLY G 91 48.61 20.19 -20.98
N GLN G 92 48.29 21.45 -21.23
CA GLN G 92 47.05 21.98 -20.68
C GLN G 92 45.85 21.35 -21.37
N LEU G 93 45.96 21.10 -22.66
CA LEU G 93 44.84 20.48 -23.36
C LEU G 93 44.64 19.07 -22.85
N LEU G 94 45.75 18.35 -22.65
CA LEU G 94 45.68 17.00 -22.11
C LEU G 94 45.09 16.99 -20.70
N ASP G 95 45.56 17.89 -19.84
CA ASP G 95 45.04 17.96 -18.48
C ASP G 95 43.54 18.12 -18.49
N HIS G 96 43.02 18.93 -19.42
CA HIS G 96 41.59 19.22 -19.52
C HIS G 96 40.77 18.08 -20.13
N ASP G 97 41.42 16.98 -20.49
CA ASP G 97 40.79 15.75 -20.91
C ASP G 97 40.68 14.74 -19.79
N LEU G 98 41.46 14.95 -18.71
CA LEU G 98 41.62 14.03 -17.60
C LEU G 98 40.93 14.44 -16.30
N ASP G 99 41.06 15.71 -15.88
CA ASP G 99 40.50 16.08 -14.59
C ASP G 99 40.01 17.53 -14.55
N PHE G 100 38.80 17.70 -14.00
CA PHE G 100 38.26 18.98 -13.62
C PHE G 100 37.64 18.80 -12.24
N THR G 101 38.13 19.57 -11.28
CA THR G 101 37.62 19.50 -9.91
C THR G 101 36.62 20.63 -9.67
N PRO G 102 35.34 20.32 -9.52
CA PRO G 102 34.35 21.40 -9.40
C PRO G 102 34.31 22.05 -8.03
N GLU G 103 33.96 23.34 -8.06
CA GLU G 103 33.88 24.29 -6.96
C GLU G 103 32.48 24.87 -6.90
N PRO G 104 31.95 25.18 -5.73
CA PRO G 104 30.62 25.81 -5.71
C PRO G 104 30.67 27.14 -6.43
N ALA G 105 29.57 27.48 -7.11
CA ALA G 105 29.46 28.76 -7.82
C ALA G 105 28.84 29.79 -6.90
N ALA G 106 29.34 31.03 -6.99
CA ALA G 106 28.83 32.12 -6.16
C ALA G 106 27.26 32.23 -6.20
N VAL H 1 27.55 31.91 0.65
CA VAL H 1 28.63 32.89 0.87
C VAL H 1 29.30 33.26 -0.47
N ASN H 2 29.69 34.52 -0.64
CA ASN H 2 30.34 34.96 -1.87
C ASN H 2 31.84 35.06 -1.62
N CYS H 3 32.53 33.97 -1.94
CA CYS H 3 33.97 33.90 -1.77
C CYS H 3 34.71 34.86 -2.67
N GLU H 4 34.09 35.35 -3.73
CA GLU H 4 34.85 36.19 -4.65
C GLU H 4 35.02 37.62 -4.13
N THR H 5 34.31 38.04 -3.06
CA THR H 5 34.32 39.42 -2.57
C THR H 5 34.65 39.58 -1.07
N SER H 6 34.36 38.57 -0.25
CA SER H 6 34.69 38.66 1.16
C SER H 6 36.06 38.06 1.48
N CYS H 7 36.58 38.42 2.65
CA CYS H 7 37.72 37.71 3.25
C CYS H 7 37.31 36.89 4.47
N VAL H 8 36.02 36.82 4.77
CA VAL H 8 35.61 36.02 5.90
C VAL H 8 35.72 34.55 5.54
N GLN H 9 36.26 33.77 6.46
CA GLN H 9 36.53 32.36 6.26
C GLN H 9 35.35 31.60 6.85
N GLN H 10 34.39 31.27 5.99
CA GLN H 10 33.21 30.46 6.28
C GLN H 10 33.10 29.50 5.11
N PRO H 11 32.58 28.31 5.31
CA PRO H 11 32.38 27.39 4.18
C PRO H 11 31.47 28.02 3.12
N PRO H 12 31.80 27.87 1.85
CA PRO H 12 32.95 27.13 1.30
C PRO H 12 34.21 27.93 1.12
N CYS H 13 34.39 29.10 1.69
CA CYS H 13 35.54 29.93 1.34
C CYS H 13 36.74 29.54 2.16
N PHE H 14 37.92 29.51 1.51
CA PHE H 14 39.21 29.27 2.17
C PHE H 14 40.22 30.25 1.59
N PRO H 15 40.05 31.54 1.87
CA PRO H 15 40.87 32.54 1.17
C PRO H 15 42.29 32.56 1.67
N LEU H 16 43.18 32.96 0.75
CA LEU H 16 44.60 33.07 1.03
C LEU H 16 44.90 34.40 1.70
N LYS H 17 45.39 34.35 2.93
CA LYS H 17 45.76 35.58 3.64
C LYS H 17 47.07 36.17 3.07
N ILE H 18 47.31 37.43 3.41
CA ILE H 18 48.33 38.26 2.79
C ILE H 18 49.47 38.45 3.80
N PRO H 19 50.68 37.98 3.50
CA PRO H 19 51.80 38.17 4.41
C PRO H 19 52.25 39.61 4.44
N PRO H 20 52.98 40.02 5.48
CA PRO H 20 53.53 41.37 5.51
C PRO H 20 54.64 41.57 4.50
N ASN H 21 54.80 42.82 4.07
CA ASN H 21 55.80 43.19 3.05
C ASN H 21 55.62 42.40 1.75
N ASP H 22 54.37 42.16 1.39
CA ASP H 22 54.05 41.59 0.09
C ASP H 22 54.47 42.59 -1.00
N PRO H 23 55.02 42.12 -2.12
CA PRO H 23 55.43 43.06 -3.19
C PRO H 23 54.27 43.77 -3.88
N ARG H 24 53.05 43.21 -3.85
CA ARG H 24 51.91 43.73 -4.59
C ARG H 24 50.75 44.22 -3.71
N ILE H 25 50.41 43.50 -2.64
CA ILE H 25 49.19 43.74 -1.89
C ILE H 25 49.61 44.30 -0.55
N LYS H 26 49.63 45.62 -0.42
CA LYS H 26 50.09 46.24 0.82
C LYS H 26 49.09 46.11 1.95
N ASN H 27 47.86 45.71 1.68
CA ASN H 27 46.77 45.67 2.66
C ASN H 27 46.70 44.24 3.21
N GLN H 28 47.14 44.04 4.44
CA GLN H 28 47.08 42.68 4.94
C GLN H 28 45.67 42.22 5.24
N ALA H 29 44.69 43.13 5.29
CA ALA H 29 43.30 42.73 5.55
C ALA H 29 42.62 42.19 4.30
N ASP H 30 43.19 42.45 3.14
CA ASP H 30 42.74 41.89 1.88
C ASP H 30 43.11 40.40 1.85
N CYS H 31 42.70 39.73 0.78
CA CYS H 31 42.98 38.32 0.61
C CYS H 31 42.82 37.99 -0.85
N ILE H 32 43.30 36.82 -1.23
CA ILE H 32 43.11 36.29 -2.58
C ILE H 32 41.93 35.31 -2.55
N PRO H 33 40.98 35.41 -3.46
CA PRO H 33 39.78 34.57 -3.38
C PRO H 33 40.07 33.11 -3.59
N PHE H 34 39.21 32.27 -2.99
CA PHE H 34 39.37 30.83 -3.07
C PHE H 34 38.16 30.07 -2.55
N PHE H 35 37.58 29.23 -3.40
CA PHE H 35 36.51 28.32 -3.05
C PHE H 35 37.10 26.95 -2.81
N ARG H 36 36.79 26.33 -1.69
CA ARG H 36 37.10 24.92 -1.52
C ARG H 36 36.37 24.06 -2.54
N SER H 37 37.00 22.98 -2.97
CA SER H 37 36.45 22.10 -3.98
C SER H 37 35.26 21.36 -3.46
N CSO H 38 34.31 21.01 -4.32
CA CSO H 38 33.11 20.28 -3.83
CB CSO H 38 32.08 20.03 -4.94
SG CSO H 38 31.42 21.57 -5.66
C CSO H 38 33.50 18.92 -3.22
O CSO H 38 34.15 18.13 -3.89
OD CSO H 38 30.13 22.12 -4.50
H CSO H 38 34.32 21.18 -5.16
HA CSO H 38 32.70 20.84 -3.14
HB2 CSO H 38 31.33 19.53 -4.57
HB3 CSO H 38 32.50 19.54 -5.66
HD CSO H 38 29.80 22.99 -4.77
N PRO H 39 33.09 18.64 -1.97
CA PRO H 39 33.34 17.32 -1.42
C PRO H 39 32.42 16.26 -2.01
N ALA H 40 32.87 15.00 -2.02
CA ALA H 40 32.08 13.91 -2.59
C ALA H 40 30.89 13.58 -1.71
N CYS H 41 31.05 13.72 -0.40
CA CYS H 41 30.03 13.35 0.57
C CYS H 41 29.78 14.58 1.44
N PRO H 42 29.01 15.54 0.92
CA PRO H 42 28.74 16.78 1.66
C PRO H 42 28.23 16.55 3.06
N GLY H 43 28.92 17.15 4.03
CA GLY H 43 28.48 17.17 5.40
C GLY H 43 28.83 15.95 6.23
N SER H 44 29.60 15.01 5.71
CA SER H 44 29.87 13.79 6.45
C SER H 44 30.83 14.04 7.60
N ASN H 45 30.61 13.32 8.69
CA ASN H 45 31.50 13.26 9.83
C ASN H 45 32.08 11.85 9.99
N ILE H 46 31.95 11.04 8.95
CA ILE H 46 32.32 9.64 8.94
C ILE H 46 33.33 9.38 7.86
N THR H 47 33.12 9.99 6.71
CA THR H 47 34.07 9.81 5.62
C THR H 47 35.14 10.91 5.68
N ILE H 48 36.31 10.54 5.19
CA ILE H 48 37.37 11.51 5.00
C ILE H 48 37.09 12.25 3.69
N ARG H 49 37.11 13.57 3.78
CA ARG H 49 36.69 14.41 2.68
C ARG H 49 37.53 14.12 1.47
N ASN H 50 36.85 13.86 0.37
CA ASN H 50 37.44 13.64 -0.93
C ASN H 50 36.79 14.59 -1.91
N GLN H 51 37.38 14.72 -3.10
CA GLN H 51 36.93 15.67 -4.09
C GLN H 51 36.39 14.94 -5.31
N ILE H 52 35.80 15.68 -6.24
CA ILE H 52 35.14 15.04 -7.38
C ILE H 52 35.86 15.41 -8.67
N ASN H 53 35.86 14.48 -9.63
CA ASN H 53 36.33 14.72 -10.98
C ASN H 53 35.16 14.66 -11.94
N ALA H 54 34.87 15.78 -12.60
CA ALA H 54 33.72 15.89 -13.48
C ALA H 54 33.97 15.39 -14.88
N LEU H 55 35.17 14.89 -15.18
CA LEU H 55 35.51 14.44 -16.52
C LEU H 55 35.81 12.95 -16.49
N THR H 56 35.78 12.33 -17.68
CA THR H 56 36.22 10.95 -17.80
C THR H 56 37.72 10.91 -17.66
N SER H 57 38.22 9.94 -16.90
CA SER H 57 39.66 9.88 -16.68
C SER H 57 40.42 9.43 -17.91
N PHE H 58 39.76 8.78 -18.87
CA PHE H 58 40.47 8.21 -20.00
C PHE H 58 40.91 9.28 -20.99
N VAL H 59 42.01 8.98 -21.69
CA VAL H 59 42.46 9.82 -22.80
C VAL H 59 41.54 9.50 -23.99
N ASP H 60 40.35 10.14 -24.00
CA ASP H 60 39.31 9.90 -24.99
C ASP H 60 38.86 11.20 -25.68
N ALA H 61 39.65 12.26 -25.60
CA ALA H 61 39.26 13.52 -26.23
C ALA H 61 37.96 14.03 -25.65
N SER H 62 37.76 13.81 -24.35
CA SER H 62 36.55 14.29 -23.67
C SER H 62 36.43 15.82 -23.70
N MET H 63 37.56 16.53 -23.78
CA MET H 63 37.57 17.99 -23.93
C MET H 63 37.05 18.47 -25.28
N VAL H 64 36.87 17.58 -26.25
CA VAL H 64 36.20 17.92 -27.49
C VAL H 64 34.74 17.52 -27.47
N TYR H 65 34.45 16.30 -27.01
CA TYR H 65 33.11 15.70 -27.08
C TYR H 65 32.30 15.82 -25.79
N GLY H 66 32.93 16.07 -24.67
CA GLY H 66 32.17 16.28 -23.45
C GLY H 66 32.10 15.00 -22.63
N SER H 67 31.75 15.18 -21.36
CA SER H 67 31.79 14.10 -20.38
C SER H 67 30.43 13.78 -19.78
N GLU H 68 29.38 14.44 -20.25
CA GLU H 68 28.00 14.21 -19.82
C GLU H 68 27.13 14.23 -21.07
N GLU H 69 25.99 13.54 -21.02
CA GLU H 69 25.27 13.22 -22.25
C GLU H 69 24.62 14.46 -22.87
N PRO H 70 24.06 15.38 -22.06
CA PRO H 70 23.40 16.54 -22.68
C PRO H 70 24.39 17.50 -23.33
N LEU H 71 25.49 17.84 -22.65
CA LEU H 71 26.57 18.59 -23.31
C LEU H 71 27.00 17.93 -24.62
N ALA H 72 27.18 16.61 -24.62
CA ALA H 72 27.66 15.94 -25.82
C ALA H 72 26.65 16.06 -26.96
N ARG H 73 25.34 15.91 -26.69
CA ARG H 73 24.36 16.16 -27.75
C ARG H 73 24.37 17.63 -28.18
N ASN H 74 24.51 18.56 -27.24
CA ASN H 74 24.62 19.97 -27.61
C ASN H 74 25.81 20.24 -28.52
N LEU H 75 26.95 19.61 -28.27
CA LEU H 75 28.10 19.92 -29.10
C LEU H 75 28.03 19.33 -30.49
N ARG H 76 26.94 18.64 -30.84
CA ARG H 76 26.81 17.98 -32.12
C ARG H 76 25.94 18.80 -33.07
N ASN H 77 26.01 18.45 -34.35
CA ASN H 77 25.16 19.06 -35.36
C ASN H 77 24.01 18.10 -35.61
N MET H 78 22.82 18.48 -35.15
CA MET H 78 21.62 17.67 -35.23
C MET H 78 20.70 18.10 -36.38
N SER H 79 21.18 18.99 -37.27
CA SER H 79 20.41 19.45 -38.42
C SER H 79 20.52 18.53 -39.64
N ASN H 80 21.52 17.63 -39.68
CA ASN H 80 21.69 16.71 -40.79
C ASN H 80 22.16 15.37 -40.27
N GLN H 81 22.33 14.40 -41.17
CA GLN H 81 22.84 13.08 -40.82
C GLN H 81 24.33 12.95 -41.07
N LEU H 82 25.04 14.07 -41.20
CA LEU H 82 26.47 13.98 -41.49
C LEU H 82 27.29 13.55 -40.28
N GLY H 83 26.79 13.73 -39.06
CA GLY H 83 27.55 13.36 -37.89
C GLY H 83 28.64 14.36 -37.54
N LEU H 84 28.34 15.64 -37.69
CA LEU H 84 29.30 16.72 -37.51
C LEU H 84 29.22 17.26 -36.09
N LEU H 85 30.26 18.02 -35.72
CA LEU H 85 30.28 18.85 -34.53
C LEU H 85 29.78 20.25 -34.87
N ALA H 86 28.95 20.80 -33.99
CA ALA H 86 28.39 22.10 -34.27
C ALA H 86 29.50 23.16 -34.32
N VAL H 87 29.30 24.12 -35.21
CA VAL H 87 30.21 25.22 -35.52
C VAL H 87 29.53 26.54 -35.15
N ASN H 88 30.34 27.58 -34.89
CA ASN H 88 29.79 28.92 -34.75
C ASN H 88 29.01 29.30 -36.00
N GLN H 89 27.83 29.89 -35.80
CA GLN H 89 26.94 30.30 -36.90
C GLN H 89 27.03 31.79 -37.24
N ARG H 90 27.84 32.55 -36.51
CA ARG H 90 27.93 34.00 -36.63
C ARG H 90 29.28 34.47 -37.17
N PHE H 91 30.34 33.71 -36.90
CA PHE H 91 31.70 34.07 -37.27
C PHE H 91 32.44 32.87 -37.85
N GLN H 92 33.41 33.20 -38.69
CA GLN H 92 34.27 32.23 -39.35
C GLN H 92 35.68 32.80 -39.38
N ASP H 93 36.64 31.90 -39.61
CA ASP H 93 38.08 32.22 -39.64
C ASP H 93 38.60 31.89 -41.04
N ASN H 94 38.58 32.88 -41.93
CA ASN H 94 38.92 32.68 -43.35
C ASN H 94 38.15 31.48 -43.93
N GLY H 95 36.84 31.48 -43.72
CA GLY H 95 35.99 30.40 -44.19
C GLY H 95 36.03 29.12 -43.37
N ARG H 96 36.88 29.04 -42.34
CA ARG H 96 37.02 27.83 -41.54
C ARG H 96 36.22 27.96 -40.25
N ALA H 97 35.83 26.80 -39.70
CA ALA H 97 34.93 26.77 -38.58
C ALA H 97 35.57 27.36 -37.34
N LEU H 98 34.71 27.87 -36.46
CA LEU H 98 35.08 28.32 -35.13
C LEU H 98 34.15 27.64 -34.14
N LEU H 99 34.60 27.54 -32.90
CA LEU H 99 33.79 26.86 -31.91
C LEU H 99 32.47 27.59 -31.74
N PRO H 100 31.42 26.88 -31.36
CA PRO H 100 30.16 27.55 -31.04
C PRO H 100 30.29 28.38 -29.76
N PHE H 101 29.37 29.35 -29.59
CA PHE H 101 29.35 30.24 -28.43
C PHE H 101 28.49 29.67 -27.30
N ASP H 102 28.97 29.86 -26.08
CA ASP H 102 28.28 29.38 -24.88
C ASP H 102 27.49 30.51 -24.23
N ASN H 103 26.31 30.17 -23.73
CA ASN H 103 25.41 31.12 -23.07
C ASN H 103 25.58 30.87 -21.58
N LEU H 104 26.52 31.59 -20.99
CA LEU H 104 26.79 31.47 -19.56
C LEU H 104 26.06 32.59 -18.83
N HIS H 105 25.65 32.32 -17.59
CA HIS H 105 25.30 33.42 -16.70
C HIS H 105 26.61 34.07 -16.24
N ASP H 106 26.70 35.39 -16.38
CA ASP H 106 27.93 36.13 -16.05
C ASP H 106 29.14 35.55 -16.82
N ASP H 107 29.12 35.82 -18.13
CA ASP H 107 30.14 35.36 -19.07
C ASP H 107 31.44 36.13 -18.87
N PRO H 108 32.54 35.48 -18.46
CA PRO H 108 33.78 36.23 -18.19
C PRO H 108 34.46 36.76 -19.43
N CYS H 109 34.24 36.17 -20.60
CA CYS H 109 34.95 36.65 -21.78
C CYS H 109 34.47 38.04 -22.17
N LEU H 110 33.19 38.34 -21.93
CA LEU H 110 32.65 39.64 -22.29
C LEU H 110 33.39 40.77 -21.57
N LEU H 111 33.95 40.48 -20.39
CA LEU H 111 34.64 41.52 -19.61
C LEU H 111 35.98 41.95 -20.22
N THR H 112 36.59 41.10 -21.07
CA THR H 112 37.94 41.38 -21.57
C THR H 112 37.97 42.39 -22.71
N ASN H 113 36.84 42.62 -23.39
CA ASN H 113 36.71 43.74 -24.31
C ASN H 113 35.21 43.97 -24.49
N ARG H 114 34.68 45.02 -23.85
CA ARG H 114 33.22 45.18 -23.81
C ARG H 114 32.68 45.62 -25.16
N SER H 115 33.45 46.36 -25.93
CA SER H 115 32.99 46.79 -27.23
C SER H 115 33.04 45.69 -28.28
N ALA H 116 33.58 44.51 -27.94
CA ALA H 116 33.69 43.42 -28.91
C ALA H 116 32.57 42.41 -28.74
N ARG H 117 31.97 42.33 -27.55
CA ARG H 117 30.79 41.52 -27.29
C ARG H 117 30.95 40.08 -27.75
N ILE H 118 32.17 39.55 -27.68
CA ILE H 118 32.44 38.16 -28.04
C ILE H 118 32.38 37.34 -26.75
N PRO H 119 31.49 36.35 -26.66
CA PRO H 119 31.38 35.58 -25.42
C PRO H 119 32.29 34.35 -25.40
N CYS H 120 32.25 33.56 -24.33
CA CYS H 120 33.10 32.37 -24.27
C CYS H 120 32.57 31.26 -25.18
N PHE H 121 33.49 30.44 -25.70
CA PHE H 121 33.15 29.35 -26.60
C PHE H 121 32.61 28.15 -25.81
N LEU H 122 31.92 27.27 -26.53
CA LEU H 122 31.36 26.02 -26.00
C LEU H 122 32.22 24.85 -26.47
N ALA H 123 32.66 24.02 -25.54
CA ALA H 123 33.45 22.84 -25.87
C ALA H 123 33.20 21.77 -24.82
N GLY H 124 33.78 20.60 -25.07
CA GLY H 124 33.59 19.50 -24.15
C GLY H 124 34.05 19.78 -22.73
N ASP H 125 35.03 20.67 -22.59
CA ASP H 125 35.53 21.13 -21.29
C ASP H 125 35.26 22.63 -21.16
N THR H 126 34.90 23.07 -19.95
CA THR H 126 34.40 24.42 -19.72
C THR H 126 35.48 25.49 -19.74
N ARG H 127 36.75 25.10 -19.71
CA ARG H 127 37.85 26.05 -19.65
C ARG H 127 38.36 26.47 -21.03
N SER H 128 37.66 26.12 -22.10
CA SER H 128 38.22 26.22 -23.45
C SER H 128 38.62 27.63 -23.84
N SER H 129 38.19 28.66 -23.10
CA SER H 129 38.53 30.02 -23.46
C SER H 129 39.51 30.65 -22.49
N GLU H 130 40.11 29.88 -21.58
CA GLU H 130 40.95 30.52 -20.57
C GLU H 130 42.11 31.26 -21.22
N MET H 131 42.61 30.72 -22.35
CA MET H 131 43.80 31.16 -23.06
C MET H 131 43.46 31.01 -24.54
N PRO H 132 43.71 32.03 -25.38
CA PRO H 132 43.45 31.85 -26.81
C PRO H 132 44.33 30.78 -27.45
N GLU H 133 45.48 30.49 -26.86
CA GLU H 133 46.28 29.36 -27.30
C GLU H 133 45.54 28.04 -27.06
N LEU H 134 44.88 27.91 -25.92
CA LEU H 134 44.10 26.70 -25.65
C LEU H 134 42.92 26.63 -26.60
N THR H 135 42.22 27.77 -26.78
CA THR H 135 41.10 27.82 -27.70
C THR H 135 41.50 27.36 -29.07
N SER H 136 42.72 27.71 -29.49
CA SER H 136 43.15 27.31 -30.81
C SER H 136 43.24 25.80 -30.91
N MET H 137 43.78 25.14 -29.88
CA MET H 137 43.87 23.68 -29.93
C MET H 137 42.48 23.05 -29.93
N HIS H 138 41.50 23.65 -29.24
CA HIS H 138 40.14 23.14 -29.28
C HIS H 138 39.53 23.32 -30.67
N THR H 139 39.79 24.48 -31.29
CA THR H 139 39.23 24.74 -32.61
C THR H 139 39.84 23.81 -33.65
N LEU H 140 41.13 23.52 -33.48
CA LEU H 140 41.84 22.61 -34.36
C LEU H 140 41.20 21.23 -34.37
N LEU H 141 40.89 20.69 -33.18
CA LEU H 141 40.30 19.35 -33.10
C LEU H 141 38.83 19.35 -33.52
N LEU H 142 38.10 20.45 -33.33
CA LEU H 142 36.76 20.54 -33.89
C LEU H 142 36.83 20.40 -35.41
N ARG H 143 37.63 21.25 -36.07
CA ARG H 143 37.83 21.13 -37.51
C ARG H 143 38.24 19.71 -37.91
N GLU H 144 39.14 19.08 -37.15
CA GLU H 144 39.66 17.77 -37.53
C GLU H 144 38.58 16.70 -37.50
N HIS H 145 37.77 16.65 -36.44
CA HIS H 145 36.65 15.72 -36.40
C HIS H 145 35.76 15.91 -37.61
N ASN H 146 35.40 17.16 -37.91
CA ASN H 146 34.53 17.45 -39.05
C ASN H 146 35.17 17.05 -40.38
N ARG H 147 36.47 17.34 -40.55
CA ARG H 147 37.17 16.84 -41.74
C ARG H 147 37.07 15.32 -41.85
N LEU H 148 37.25 14.61 -40.73
CA LEU H 148 37.17 13.15 -40.73
C LEU H 148 35.75 12.65 -41.06
N ALA H 149 34.73 13.24 -40.45
CA ALA H 149 33.37 12.75 -40.69
C ALA H 149 32.96 12.97 -42.13
N THR H 150 33.54 13.98 -42.78
CA THR H 150 33.28 14.28 -44.19
C THR H 150 34.01 13.32 -45.13
N GLU H 151 35.17 12.78 -44.70
CA GLU H 151 35.92 11.78 -45.45
C GLU H 151 35.32 10.39 -45.27
N LEU H 152 34.76 10.11 -44.08
CA LEU H 152 34.07 8.85 -43.84
C LEU H 152 32.72 8.79 -44.57
N LYS H 153 32.07 9.94 -44.77
CA LYS H 153 30.84 9.99 -45.56
C LYS H 153 31.10 9.61 -47.01
N SER H 154 32.13 10.22 -47.63
CA SER H 154 32.50 9.86 -49.01
C SER H 154 32.76 8.37 -49.16
N LEU H 155 33.42 7.74 -48.17
CA LEU H 155 33.78 6.33 -48.31
C LEU H 155 32.62 5.39 -47.96
N ASN H 156 31.71 5.81 -47.08
CA ASN H 156 30.58 4.98 -46.65
C ASN H 156 29.30 5.81 -46.71
N PRO H 157 28.68 5.92 -47.90
CA PRO H 157 27.50 6.78 -48.02
C PRO H 157 26.27 6.21 -47.35
N ARG H 158 26.29 4.94 -46.93
CA ARG H 158 25.15 4.32 -46.26
C ARG H 158 25.25 4.44 -44.74
N TRP H 159 26.20 5.24 -44.22
CA TRP H 159 26.36 5.45 -42.79
C TRP H 159 25.54 6.66 -42.32
N ASP H 160 24.88 6.48 -41.19
CA ASP H 160 24.00 7.53 -40.69
C ASP H 160 24.76 8.43 -39.70
N GLY H 161 24.08 9.47 -39.22
CA GLY H 161 24.75 10.47 -38.40
C GLY H 161 25.50 9.87 -37.23
N GLU H 162 24.86 8.94 -36.52
CA GLU H 162 25.46 8.39 -35.30
C GLU H 162 26.76 7.66 -35.64
N ARG H 163 26.71 6.76 -36.61
CA ARG H 163 27.90 6.01 -37.01
C ARG H 163 29.05 6.94 -37.42
N LEU H 164 28.76 7.98 -38.21
CA LEU H 164 29.83 8.88 -38.65
C LEU H 164 30.46 9.60 -37.46
N TYR H 165 29.62 10.14 -36.58
CA TYR H 165 30.13 10.83 -35.39
C TYR H 165 30.95 9.89 -34.53
N GLN H 166 30.45 8.68 -34.31
CA GLN H 166 31.19 7.75 -33.45
C GLN H 166 32.54 7.40 -34.07
N GLU H 167 32.61 7.19 -35.39
CA GLU H 167 33.85 6.73 -36.03
C GLU H 167 34.88 7.84 -36.22
N ALA H 168 34.43 9.10 -36.36
CA ALA H 168 35.35 10.22 -36.23
C ALA H 168 35.79 10.41 -34.78
N ARG H 169 34.85 10.34 -33.83
CA ARG H 169 35.21 10.42 -32.42
C ARG H 169 36.27 9.39 -32.09
N LYS H 170 36.09 8.16 -32.59
CA LYS H 170 37.00 7.07 -32.27
C LYS H 170 38.40 7.37 -32.78
N ILE H 171 38.48 8.03 -33.93
CA ILE H 171 39.77 8.39 -34.50
C ILE H 171 40.41 9.53 -33.70
N VAL H 172 39.63 10.58 -33.41
CA VAL H 172 40.21 11.77 -32.75
C VAL H 172 40.75 11.41 -31.38
N GLY H 173 40.07 10.52 -30.66
CA GLY H 173 40.58 10.07 -29.38
C GLY H 173 41.88 9.29 -29.51
N ALA H 174 42.00 8.47 -30.56
CA ALA H 174 43.22 7.71 -30.79
C ALA H 174 44.39 8.62 -31.13
N MET H 175 44.13 9.66 -31.93
CA MET H 175 45.18 10.64 -32.26
C MET H 175 45.70 11.34 -31.01
N VAL H 176 44.81 11.69 -30.07
CA VAL H 176 45.22 12.23 -28.78
C VAL H 176 46.05 11.20 -28.01
N GLN H 177 45.66 9.92 -28.06
CA GLN H 177 46.49 8.95 -27.37
C GLN H 177 47.86 8.85 -28.03
N ILE H 178 47.89 8.97 -29.34
CA ILE H 178 49.16 8.74 -30.02
C ILE H 178 50.10 9.91 -29.80
N ILE H 179 49.63 11.14 -30.08
CA ILE H 179 50.46 12.32 -29.84
C ILE H 179 50.97 12.34 -28.40
N THR H 180 50.10 11.97 -27.45
CA THR H 180 50.45 12.07 -26.03
C THR H 180 51.55 11.08 -25.65
N TYR H 181 51.36 9.80 -25.97
CA TYR H 181 52.24 8.76 -25.49
C TYR H 181 53.45 8.51 -26.39
N ARG H 182 53.41 8.97 -27.63
CA ARG H 182 54.54 8.81 -28.53
C ARG H 182 55.44 10.02 -28.55
N ASP H 183 54.87 11.22 -28.49
CA ASP H 183 55.62 12.47 -28.62
C ASP H 183 55.68 13.28 -27.33
N TYR H 184 54.57 13.38 -26.57
CA TYR H 184 54.51 14.28 -25.43
C TYR H 184 55.19 13.72 -24.18
N LEU H 185 54.70 12.61 -23.63
CA LEU H 185 55.23 12.12 -22.35
C LEU H 185 56.72 11.80 -22.39
N PRO H 186 57.28 11.25 -23.46
CA PRO H 186 58.72 10.97 -23.46
C PRO H 186 59.55 12.21 -23.20
N LEU H 187 59.04 13.37 -23.60
CA LEU H 187 59.70 14.65 -23.39
C LEU H 187 59.35 15.28 -22.04
N VAL H 188 58.28 14.83 -21.39
CA VAL H 188 58.00 15.20 -20.02
C VAL H 188 58.89 14.42 -19.05
N LEU H 189 58.89 13.10 -19.17
CA LEU H 189 59.56 12.26 -18.17
C LEU H 189 61.03 12.07 -18.44
N GLY H 190 61.45 12.17 -19.70
CA GLY H 190 62.77 11.75 -20.10
C GLY H 190 62.85 10.25 -20.33
N PRO H 191 63.84 9.81 -21.09
CA PRO H 191 63.86 8.40 -21.51
C PRO H 191 63.90 7.38 -20.38
N THR H 192 64.66 7.63 -19.31
CA THR H 192 64.78 6.66 -18.22
C THR H 192 63.44 6.48 -17.51
N ALA H 193 62.87 7.57 -17.02
CA ALA H 193 61.56 7.46 -16.41
C ALA H 193 60.53 6.87 -17.38
N MET H 194 60.69 7.11 -18.67
CA MET H 194 59.68 6.64 -19.61
C MET H 194 59.74 5.13 -19.74
N ARG H 195 60.94 4.53 -19.82
CA ARG H 195 61.05 3.07 -19.77
C ARG H 195 60.47 2.52 -18.47
N LYS H 196 60.76 3.18 -17.34
CA LYS H 196 60.41 2.65 -16.04
C LYS H 196 58.90 2.61 -15.82
N TYR H 197 58.21 3.70 -16.12
CA TYR H 197 56.81 3.84 -15.75
C TYR H 197 55.87 3.49 -16.90
N LEU H 198 56.35 3.51 -18.14
CA LEU H 198 55.55 3.20 -19.32
C LEU H 198 56.28 2.16 -20.17
N PRO H 199 56.47 0.97 -19.63
CA PRO H 199 57.05 -0.10 -20.42
C PRO H 199 56.07 -0.54 -21.50
N THR H 200 56.56 -1.42 -22.36
CA THR H 200 55.92 -1.69 -23.64
C THR H 200 54.50 -2.21 -23.48
N TYR H 201 53.55 -1.55 -24.14
CA TYR H 201 52.16 -2.00 -24.05
C TYR H 201 52.06 -3.48 -24.42
N ARG H 202 51.31 -4.23 -23.61
CA ARG H 202 51.01 -5.63 -23.85
C ARG H 202 49.55 -5.79 -24.30
N SER H 203 48.61 -5.41 -23.44
CA SER H 203 47.19 -5.67 -23.68
C SER H 203 46.36 -5.09 -22.53
N TYR H 204 45.05 -5.02 -22.75
CA TYR H 204 44.14 -4.45 -21.75
C TYR H 204 44.12 -5.34 -20.51
N ASN H 205 44.14 -4.69 -19.35
CA ASN H 205 44.10 -5.34 -18.05
C ASN H 205 42.97 -4.71 -17.24
N ASP H 206 41.87 -5.44 -17.05
CA ASP H 206 40.71 -4.88 -16.37
C ASP H 206 40.92 -4.75 -14.87
N SER H 207 42.00 -5.29 -14.32
CA SER H 207 42.26 -5.13 -12.91
C SER H 207 43.09 -3.89 -12.62
N VAL H 208 43.31 -3.05 -13.61
CA VAL H 208 44.04 -1.80 -13.47
C VAL H 208 43.03 -0.67 -13.27
N ASP H 209 43.18 0.09 -12.17
CA ASP H 209 42.30 1.18 -11.75
C ASP H 209 42.56 2.41 -12.61
N PRO H 210 41.68 2.72 -13.57
CA PRO H 210 41.97 3.81 -14.49
C PRO H 210 41.68 5.19 -13.94
N ARG H 211 41.36 5.32 -12.66
CA ARG H 211 40.88 6.59 -12.12
C ARG H 211 42.01 7.59 -11.90
N ILE H 212 41.66 8.88 -12.03
CA ILE H 212 42.61 9.93 -11.69
C ILE H 212 42.82 9.95 -10.18
N ALA H 213 44.09 9.93 -9.78
CA ALA H 213 44.40 10.04 -8.37
C ALA H 213 44.36 11.51 -7.94
N ASN H 214 43.93 11.73 -6.70
CA ASN H 214 43.76 13.10 -6.24
C ASN H 214 45.05 13.89 -6.39
N VAL H 215 46.18 13.29 -6.04
CA VAL H 215 47.43 14.02 -6.15
C VAL H 215 47.80 14.40 -7.58
N PHE H 216 47.29 13.68 -8.59
CA PHE H 216 47.66 14.02 -9.96
C PHE H 216 47.10 15.38 -10.35
N THR H 217 45.95 15.75 -9.78
CA THR H 217 45.36 17.05 -10.07
C THR H 217 46.29 18.17 -9.65
N ASN H 218 47.10 17.94 -8.62
CA ASN H 218 48.09 18.96 -8.25
C ASN H 218 49.46 18.76 -8.90
N ALA H 219 49.88 17.53 -9.20
CA ALA H 219 51.23 17.35 -9.69
C ALA H 219 51.34 17.71 -11.16
N PHE H 220 50.29 17.45 -11.93
CA PHE H 220 50.36 17.80 -13.35
C PHE H 220 50.35 19.30 -13.57
N ARG H 221 50.19 20.11 -12.55
CA ARG H 221 50.40 21.53 -12.68
C ARG H 221 51.85 21.91 -12.79
N TYR H 222 52.76 20.92 -12.88
CA TYR H 222 54.16 21.23 -13.14
C TYR H 222 54.23 22.19 -14.29
N GLY H 223 53.27 22.08 -15.23
CA GLY H 223 53.30 22.82 -16.48
C GLY H 223 53.18 24.30 -16.31
N HIS H 224 52.79 24.76 -15.12
CA HIS H 224 52.76 26.20 -14.86
C HIS H 224 54.14 26.81 -14.89
N THR H 225 55.20 26.01 -14.71
CA THR H 225 56.56 26.49 -14.85
C THR H 225 56.96 26.66 -16.31
N LEU H 226 56.18 26.13 -17.25
CA LEU H 226 56.47 26.25 -18.69
C LEU H 226 55.99 27.55 -19.32
N ILE H 227 55.22 28.35 -18.59
CA ILE H 227 54.38 29.37 -19.22
C ILE H 227 55.15 30.65 -19.48
N GLN H 228 55.13 31.09 -20.72
CA GLN H 228 55.75 32.36 -21.08
C GLN H 228 54.82 33.54 -20.79
N PRO H 229 55.39 34.69 -20.41
CA PRO H 229 54.57 35.83 -20.00
C PRO H 229 53.84 36.52 -21.13
N PHE H 230 53.92 36.03 -22.37
CA PHE H 230 53.24 36.66 -23.49
C PHE H 230 52.61 35.63 -24.41
N MET H 231 51.58 36.08 -25.14
CA MET H 231 51.03 35.34 -26.28
C MET H 231 51.69 35.90 -27.53
N PHE H 232 52.48 35.04 -28.21
CA PHE H 232 53.14 35.37 -29.44
C PHE H 232 52.30 34.93 -30.64
N ARG H 233 52.38 35.71 -31.73
CA ARG H 233 51.55 35.51 -32.90
C ARG H 233 52.33 35.95 -34.13
N LEU H 234 52.39 35.09 -35.14
CA LEU H 234 53.25 35.30 -36.30
C LEU H 234 52.46 35.20 -37.60
N ASP H 235 52.98 35.84 -38.65
CA ASP H 235 52.37 35.83 -39.99
C ASP H 235 52.94 34.67 -40.84
N ASN H 236 52.62 34.68 -42.13
CA ASN H 236 53.13 33.67 -43.07
C ASN H 236 54.64 33.44 -42.97
N ARG H 237 55.41 34.51 -43.00
CA ARG H 237 56.86 34.36 -42.97
C ARG H 237 57.39 34.06 -41.55
N TYR H 238 56.49 33.83 -40.60
CA TYR H 238 56.80 33.57 -39.18
C TYR H 238 57.44 34.80 -38.53
N GLN H 239 56.99 35.99 -38.96
CA GLN H 239 57.36 37.27 -38.37
C GLN H 239 56.27 37.74 -37.41
N PRO H 240 56.60 38.68 -36.52
CA PRO H 240 55.58 39.30 -35.67
C PRO H 240 54.39 39.85 -36.46
N MET H 241 53.19 39.45 -36.05
CA MET H 241 51.97 39.93 -36.67
C MET H 241 51.64 41.37 -36.24
N GLU H 242 51.27 42.21 -37.22
CA GLU H 242 51.22 43.66 -37.03
C GLU H 242 50.29 44.11 -35.91
N PRO H 243 49.05 43.52 -35.72
CA PRO H 243 48.19 43.88 -34.53
C PRO H 243 48.61 43.21 -33.22
N ASN H 244 49.59 43.82 -32.52
CA ASN H 244 50.03 43.39 -31.19
C ASN H 244 50.67 41.99 -31.19
N PRO H 245 51.92 41.86 -31.63
CA PRO H 245 52.53 40.53 -31.70
C PRO H 245 52.81 39.90 -30.33
N ARG H 246 53.31 40.65 -29.35
CA ARG H 246 53.60 40.11 -28.02
C ARG H 246 52.62 40.70 -27.01
N VAL H 247 51.54 39.98 -26.75
CA VAL H 247 50.48 40.42 -25.85
C VAL H 247 50.78 39.89 -24.45
N PRO H 248 50.88 40.74 -23.43
CA PRO H 248 51.01 40.22 -22.06
C PRO H 248 49.82 39.33 -21.70
N LEU H 249 50.15 38.19 -21.09
CA LEU H 249 49.13 37.18 -20.82
C LEU H 249 47.97 37.73 -19.99
N SER H 250 48.25 38.72 -19.13
CA SER H 250 47.23 39.30 -18.26
C SER H 250 46.10 39.96 -19.06
N ARG H 251 46.25 40.06 -20.39
CA ARG H 251 45.25 40.62 -21.29
C ARG H 251 44.79 39.62 -22.37
N VAL H 252 45.10 38.34 -22.21
CA VAL H 252 44.56 37.32 -23.09
C VAL H 252 43.64 36.36 -22.34
N PHE H 253 43.71 36.28 -21.01
CA PHE H 253 42.87 35.34 -20.27
C PHE H 253 41.41 35.59 -20.58
N PHE H 254 40.71 34.56 -21.08
CA PHE H 254 39.30 34.61 -21.41
C PHE H 254 39.01 35.55 -22.58
N ALA H 255 40.05 35.95 -23.31
CA ALA H 255 39.90 36.94 -24.37
C ALA H 255 39.55 36.24 -25.68
N SER H 256 38.35 35.64 -25.69
CA SER H 256 37.86 34.97 -26.88
C SER H 256 37.79 35.91 -28.08
N TRP H 257 37.53 37.19 -27.84
CA TRP H 257 37.48 38.15 -28.94
C TRP H 257 38.76 38.17 -29.75
N ARG H 258 39.89 37.80 -29.15
CA ARG H 258 41.14 37.86 -29.92
C ARG H 258 41.17 36.79 -30.99
N VAL H 259 40.50 35.67 -30.77
CA VAL H 259 40.40 34.67 -31.83
C VAL H 259 39.46 35.15 -32.92
N VAL H 260 38.38 35.85 -32.55
CA VAL H 260 37.37 36.17 -33.54
C VAL H 260 37.75 37.42 -34.36
N LEU H 261 38.21 38.48 -33.69
CA LEU H 261 38.41 39.78 -34.34
C LEU H 261 39.87 40.16 -34.54
N GLU H 262 40.83 39.34 -34.14
CA GLU H 262 42.24 39.65 -34.32
C GLU H 262 42.97 38.57 -35.12
N GLY H 263 42.27 37.86 -35.99
CA GLY H 263 42.92 37.09 -37.04
C GLY H 263 42.92 35.59 -36.90
N GLY H 264 42.04 35.03 -36.10
CA GLY H 264 41.88 33.59 -36.07
C GLY H 264 42.98 32.86 -35.33
N ILE H 265 43.06 31.56 -35.61
CA ILE H 265 43.94 30.67 -34.87
C ILE H 265 45.27 30.43 -35.61
N ASP H 266 45.42 30.91 -36.84
CA ASP H 266 46.68 30.66 -37.54
C ASP H 266 47.83 31.38 -36.89
N PRO H 267 47.72 32.67 -36.55
CA PRO H 267 48.89 33.33 -35.95
C PRO H 267 49.20 32.81 -34.58
N ILE H 268 48.20 32.25 -33.89
CA ILE H 268 48.43 31.72 -32.55
C ILE H 268 49.16 30.39 -32.62
N LEU H 269 48.80 29.56 -33.59
CA LEU H 269 49.49 28.27 -33.72
C LEU H 269 50.93 28.46 -34.16
N ARG H 270 51.18 29.37 -35.11
CA ARG H 270 52.54 29.61 -35.57
C ARG H 270 53.43 30.06 -34.42
N GLY H 271 52.88 30.87 -33.51
CA GLY H 271 53.64 31.31 -32.36
C GLY H 271 53.93 30.21 -31.38
N LEU H 272 52.99 29.26 -31.24
CA LEU H 272 53.26 28.07 -30.44
C LEU H 272 54.34 27.19 -31.09
N MET H 273 54.32 27.02 -32.41
CA MET H 273 55.30 26.11 -32.98
C MET H 273 56.70 26.69 -33.00
N ALA H 274 56.83 28.02 -33.04
CA ALA H 274 58.11 28.66 -33.29
C ALA H 274 58.54 29.55 -32.12
N THR H 275 58.20 29.16 -30.91
CA THR H 275 58.54 30.00 -29.78
C THR H 275 58.93 29.02 -28.69
N PRO H 276 60.08 29.20 -28.04
CA PRO H 276 60.45 28.28 -26.97
C PRO H 276 59.50 28.35 -25.80
N ALA H 277 59.24 27.19 -25.18
CA ALA H 277 58.66 27.24 -23.85
C ALA H 277 59.66 27.91 -22.91
N LYS H 278 59.18 28.15 -21.68
CA LYS H 278 60.02 28.60 -20.60
C LYS H 278 60.68 27.40 -19.94
N LEU H 279 61.92 27.59 -19.52
CA LEU H 279 62.64 26.57 -18.78
C LEU H 279 62.30 26.77 -17.32
N ASN H 280 62.00 25.67 -16.63
CA ASN H 280 61.79 25.70 -15.19
C ASN H 280 63.17 25.61 -14.61
N ARG H 281 63.53 26.59 -13.79
CA ARG H 281 64.79 26.65 -13.09
C ARG H 281 64.48 26.92 -11.62
N GLN H 282 65.41 26.51 -10.77
CA GLN H 282 65.13 26.51 -9.34
C GLN H 282 64.93 27.92 -8.76
N ASN H 283 65.57 28.93 -9.31
CA ASN H 283 65.21 30.30 -8.95
C ASN H 283 64.50 31.05 -10.09
N GLN H 284 63.84 30.33 -11.00
CA GLN H 284 62.90 30.92 -11.95
C GLN H 284 61.78 29.92 -12.15
N ILE H 285 60.92 29.77 -11.14
CA ILE H 285 59.90 28.73 -11.22
C ILE H 285 58.67 29.17 -12.03
N ALA H 286 58.13 30.36 -11.79
CA ALA H 286 56.95 30.82 -12.51
C ALA H 286 56.92 32.34 -12.71
N VAL H 287 56.25 32.80 -13.77
CA VAL H 287 56.33 34.21 -14.16
C VAL H 287 55.24 35.03 -13.50
N ASP H 288 55.54 36.33 -13.31
CA ASP H 288 54.63 37.22 -12.58
C ASP H 288 53.31 37.44 -13.32
N GLU H 289 53.23 37.21 -14.62
CA GLU H 289 51.92 37.30 -15.26
C GLU H 289 50.91 36.34 -14.62
N ILE H 290 51.36 35.16 -14.18
CA ILE H 290 50.46 34.24 -13.49
C ILE H 290 50.62 34.24 -11.96
N ARG H 291 51.68 34.83 -11.43
CA ARG H 291 51.90 34.96 -10.00
C ARG H 291 51.31 36.21 -9.41
N GLU H 292 51.09 37.26 -10.22
CA GLU H 292 50.62 38.58 -9.77
C GLU H 292 49.39 39.06 -10.49
N ARG H 293 49.12 38.56 -11.70
CA ARG H 293 48.14 39.18 -12.58
C ARG H 293 47.20 38.15 -13.20
N LEU H 294 47.04 36.99 -12.59
CA LEU H 294 46.16 35.99 -13.15
C LEU H 294 44.71 36.44 -13.11
N PHE H 295 44.04 36.41 -14.26
CA PHE H 295 42.64 36.80 -14.43
C PHE H 295 42.37 38.23 -13.96
N GLU H 296 43.42 39.05 -13.91
CA GLU H 296 43.33 40.44 -13.47
C GLU H 296 42.18 41.22 -14.10
N GLN H 297 41.80 40.91 -15.35
CA GLN H 297 40.68 41.64 -15.95
C GLN H 297 39.31 41.19 -15.45
N VAL H 298 39.16 39.93 -15.04
CA VAL H 298 37.85 39.34 -14.75
C VAL H 298 37.62 39.09 -13.28
N MET H 299 38.58 39.47 -12.41
CA MET H 299 38.48 39.30 -10.96
C MET H 299 38.71 40.65 -10.31
N ARG H 300 38.22 40.80 -9.06
CA ARG H 300 38.48 42.01 -8.29
C ARG H 300 39.97 42.23 -8.00
N ILE H 301 40.80 41.20 -8.13
CA ILE H 301 42.21 41.26 -7.76
C ILE H 301 42.93 40.21 -8.58
N GLY H 302 44.14 40.54 -9.01
CA GLY H 302 44.92 39.55 -9.73
C GLY H 302 45.30 38.43 -8.79
N LEU H 303 45.12 37.19 -9.24
CA LEU H 303 45.40 36.06 -8.38
C LEU H 303 46.87 35.64 -8.46
N ASP H 304 47.17 34.49 -7.87
CA ASP H 304 48.54 33.97 -7.77
C ASP H 304 48.43 32.45 -7.97
N LEU H 305 48.73 31.99 -9.19
CA LEU H 305 48.57 30.57 -9.53
C LEU H 305 49.44 29.66 -8.69
N PRO H 306 50.77 29.84 -8.63
CA PRO H 306 51.55 29.01 -7.68
C PRO H 306 50.94 28.94 -6.31
N ALA H 307 50.52 30.06 -5.74
CA ALA H 307 49.95 30.00 -4.39
C ALA H 307 48.61 29.28 -4.37
N LEU H 308 47.77 29.48 -5.40
CA LEU H 308 46.52 28.74 -5.44
C LEU H 308 46.81 27.27 -5.45
N ASN H 309 47.78 26.84 -6.25
CA ASN H 309 48.14 25.43 -6.29
C ASN H 309 48.44 24.91 -4.90
N MET H 310 49.07 25.74 -4.07
CA MET H 310 49.41 25.27 -2.74
C MET H 310 48.18 25.22 -1.82
N GLN H 311 47.29 26.23 -1.82
CA GLN H 311 46.06 26.10 -1.03
C GLN H 311 45.28 24.87 -1.44
N ARG H 312 45.25 24.63 -2.74
CA ARG H 312 44.45 23.55 -3.29
C ARG H 312 44.93 22.23 -2.74
N SER H 313 46.24 22.00 -2.75
CA SER H 313 46.73 20.77 -2.16
C SER H 313 46.33 20.66 -0.69
N ARG H 314 46.29 21.78 0.04
CA ARG H 314 45.78 21.72 1.41
C ARG H 314 44.27 21.51 1.42
N ASP H 315 43.54 22.21 0.54
CA ASP H 315 42.10 21.98 0.43
C ASP H 315 41.78 20.50 0.21
N HIS H 316 42.57 19.81 -0.65
CA HIS H 316 42.36 18.40 -0.97
C HIS H 316 43.02 17.46 0.03
N GLY H 317 43.64 17.98 1.08
CA GLY H 317 44.24 17.13 2.07
C GLY H 317 45.43 16.34 1.61
N LEU H 318 46.15 16.80 0.62
CA LEU H 318 47.27 16.01 0.12
C LEU H 318 48.42 15.94 1.12
N PRO H 319 49.00 14.76 1.34
CA PRO H 319 50.24 14.67 2.09
C PRO H 319 51.35 15.53 1.51
N GLY H 320 52.38 15.75 2.35
CA GLY H 320 53.50 16.59 1.96
C GLY H 320 54.57 15.84 1.17
N TYR H 321 55.55 16.64 0.73
CA TYR H 321 56.67 16.18 -0.09
C TYR H 321 57.24 14.82 0.31
N ASN H 322 57.71 14.64 1.56
CA ASN H 322 58.37 13.40 1.96
C ASN H 322 57.45 12.20 1.93
N ALA H 323 56.18 12.40 2.27
CA ALA H 323 55.27 11.28 2.15
C ALA H 323 55.16 10.82 0.71
N TRP H 324 55.27 11.74 -0.25
CA TRP H 324 55.18 11.32 -1.64
C TRP H 324 56.50 10.75 -2.15
N ARG H 325 57.64 11.27 -1.68
CA ARG H 325 58.92 10.59 -1.91
C ARG H 325 58.82 9.14 -1.48
N ARG H 326 58.25 8.89 -0.30
CA ARG H 326 58.16 7.52 0.21
C ARG H 326 57.27 6.68 -0.69
N PHE H 327 56.15 7.25 -1.11
CA PHE H 327 55.26 6.56 -2.03
C PHE H 327 56.01 6.12 -3.28
N CYS H 328 56.90 6.96 -3.77
CA CYS H 328 57.60 6.67 -5.02
C CYS H 328 58.82 5.80 -4.86
N GLY H 329 59.22 5.46 -3.65
CA GLY H 329 60.46 4.75 -3.46
C GLY H 329 61.68 5.65 -3.53
N LEU H 330 61.56 6.94 -3.13
CA LEU H 330 62.63 7.91 -3.19
C LEU H 330 63.02 8.30 -1.78
N PRO H 331 64.32 8.57 -1.53
CA PRO H 331 64.79 8.87 -0.16
C PRO H 331 64.18 10.13 0.42
N GLN H 332 63.92 10.11 1.71
CA GLN H 332 63.21 11.22 2.31
C GLN H 332 64.13 12.08 3.13
N PRO H 333 64.46 13.28 2.68
CA PRO H 333 65.39 14.12 3.45
C PRO H 333 64.77 14.68 4.72
N GLU H 334 65.55 14.67 5.80
CA GLU H 334 65.07 15.19 7.07
C GLU H 334 65.71 16.52 7.48
N THR H 335 66.87 16.86 6.98
CA THR H 335 67.53 18.08 7.38
C THR H 335 67.72 18.98 6.18
N VAL H 336 68.25 20.16 6.45
CA VAL H 336 68.50 21.11 5.38
C VAL H 336 69.68 20.68 4.51
N GLY H 337 70.71 20.04 5.09
CA GLY H 337 71.77 19.45 4.30
C GLY H 337 71.27 18.32 3.40
N GLN H 338 70.38 17.49 3.92
CA GLN H 338 69.86 16.38 3.11
C GLN H 338 68.99 16.90 1.98
N LEU H 339 68.15 17.88 2.28
CA LEU H 339 67.35 18.50 1.23
C LEU H 339 68.23 19.19 0.20
N GLY H 340 69.29 19.85 0.66
CA GLY H 340 70.23 20.44 -0.27
C GLY H 340 70.79 19.43 -1.23
N THR H 341 71.06 18.22 -0.75
CA THR H 341 71.60 17.19 -1.61
C THR H 341 70.58 16.70 -2.60
N VAL H 342 69.38 16.41 -2.12
CA VAL H 342 68.32 15.96 -3.00
C VAL H 342 68.04 16.96 -4.12
N LEU H 343 68.10 18.26 -3.80
CA LEU H 343 67.79 19.31 -4.77
C LEU H 343 69.02 19.78 -5.55
N ARG H 344 70.21 19.33 -5.16
CA ARG H 344 71.49 19.85 -5.67
C ARG H 344 71.48 21.38 -5.68
N ASN H 345 71.02 21.96 -4.57
CA ASN H 345 70.86 23.40 -4.44
C ASN H 345 70.64 23.73 -2.97
N LEU H 346 71.70 24.05 -2.22
CA LEU H 346 71.53 24.31 -0.79
C LEU H 346 70.81 25.64 -0.52
N LYS H 347 70.91 26.63 -1.41
CA LYS H 347 70.22 27.90 -1.19
C LYS H 347 68.71 27.70 -1.25
N LEU H 348 68.23 26.92 -2.22
CA LEU H 348 66.82 26.62 -2.30
C LEU H 348 66.35 25.83 -1.08
N ALA H 349 67.14 24.83 -0.66
CA ALA H 349 66.73 24.03 0.50
C ALA H 349 66.56 24.93 1.72
N ARG H 350 67.55 25.77 1.99
CA ARG H 350 67.50 26.70 3.11
C ARG H 350 66.25 27.57 3.06
N LYS H 351 65.77 27.92 1.86
CA LYS H 351 64.55 28.73 1.78
C LYS H 351 63.31 27.90 2.06
N LEU H 352 63.26 26.65 1.60
CA LEU H 352 62.08 25.84 1.85
C LEU H 352 61.90 25.56 3.32
N MET H 353 63.01 25.32 4.03
CA MET H 353 62.99 25.10 5.49
C MET H 353 62.57 26.34 6.24
N GLU H 354 62.97 27.52 5.74
CA GLU H 354 62.57 28.75 6.38
C GLU H 354 61.04 28.89 6.35
N GLN H 355 60.42 28.56 5.19
CA GLN H 355 58.96 28.62 5.07
C GLN H 355 58.28 27.49 5.82
N TYR H 356 58.70 26.24 5.56
CA TYR H 356 57.96 25.08 6.04
C TYR H 356 58.51 24.45 7.30
N GLY H 357 59.77 24.68 7.65
CA GLY H 357 60.38 24.09 8.84
C GLY H 357 60.96 22.68 8.73
N THR H 358 60.28 21.81 7.96
CA THR H 358 60.57 20.39 7.83
C THR H 358 60.19 20.05 6.40
N PRO H 359 60.97 19.24 5.70
CA PRO H 359 60.54 18.79 4.38
C PRO H 359 59.33 17.87 4.44
N ASN H 360 58.89 17.46 5.63
CA ASN H 360 57.64 16.71 5.69
C ASN H 360 56.44 17.54 5.29
N ASN H 361 56.55 18.87 5.37
CA ASN H 361 55.43 19.78 5.17
C ASN H 361 55.48 20.55 3.84
N ILE H 362 56.51 20.40 3.02
CA ILE H 362 56.51 21.11 1.74
C ILE H 362 55.35 20.62 0.90
N ASP H 363 54.48 21.52 0.47
CA ASP H 363 53.40 21.14 -0.43
C ASP H 363 53.94 20.41 -1.66
N ILE H 364 53.12 19.51 -2.19
CA ILE H 364 53.53 18.59 -3.25
C ILE H 364 53.97 19.34 -4.50
N TRP H 365 53.20 20.34 -4.94
CA TRP H 365 53.59 21.10 -6.14
C TRP H 365 54.92 21.75 -5.92
N MET H 366 55.12 22.36 -4.75
CA MET H 366 56.34 23.15 -4.55
C MET H 366 57.57 22.25 -4.47
N GLY H 367 57.50 21.12 -3.77
CA GLY H 367 58.64 20.22 -3.80
C GLY H 367 58.84 19.65 -5.19
N GLY H 368 57.73 19.28 -5.84
CA GLY H 368 57.80 18.65 -7.15
C GLY H 368 58.56 19.51 -8.12
N VAL H 369 58.16 20.77 -8.25
CA VAL H 369 58.80 21.64 -9.25
C VAL H 369 60.16 22.17 -8.79
N SER H 370 60.52 22.04 -7.51
CA SER H 370 61.84 22.44 -7.02
C SER H 370 62.93 21.45 -7.36
N GLU H 371 62.55 20.21 -7.59
CA GLU H 371 63.51 19.15 -7.86
C GLU H 371 64.22 19.39 -9.18
N PRO H 372 65.52 19.06 -9.26
CA PRO H 372 66.23 19.18 -10.53
C PRO H 372 65.65 18.24 -11.58
N LEU H 373 65.78 18.64 -12.83
CA LEU H 373 65.07 17.98 -13.92
C LEU H 373 65.88 16.80 -14.40
N LYS H 374 65.16 15.71 -14.67
CA LYS H 374 65.75 14.53 -15.28
C LYS H 374 66.25 14.84 -16.69
N ARG H 375 67.29 14.11 -17.07
CA ARG H 375 67.94 14.20 -18.36
C ARG H 375 66.98 13.99 -19.51
N LYS H 376 66.95 14.95 -20.44
CA LYS H 376 66.03 14.98 -21.58
C LYS H 376 64.56 14.93 -21.12
N GLY H 377 64.32 15.37 -19.88
CA GLY H 377 62.98 15.45 -19.34
C GLY H 377 62.79 16.79 -18.66
N ARG H 378 61.56 17.07 -18.27
CA ARG H 378 61.23 18.38 -17.69
C ARG H 378 60.49 18.24 -16.35
N VAL H 379 60.68 17.11 -15.65
CA VAL H 379 60.25 16.98 -14.27
C VAL H 379 61.34 16.26 -13.51
N GLY H 380 61.28 16.40 -12.21
CA GLY H 380 62.19 15.66 -11.36
C GLY H 380 61.70 14.26 -11.10
N PRO H 381 62.45 13.55 -10.25
CA PRO H 381 62.08 12.15 -9.96
C PRO H 381 60.71 12.00 -9.29
N LEU H 382 60.33 12.90 -8.41
CA LEU H 382 59.04 12.76 -7.74
C LEU H 382 57.88 12.94 -8.71
N LEU H 383 57.92 13.97 -9.57
CA LEU H 383 56.80 14.19 -10.47
C LEU H 383 56.80 13.16 -11.58
N ALA H 384 57.99 12.73 -12.00
CA ALA H 384 58.09 11.65 -12.98
C ALA H 384 57.35 10.41 -12.50
N CYS H 385 57.58 10.00 -11.25
CA CYS H 385 56.85 8.86 -10.70
C CYS H 385 55.32 9.08 -10.74
N ILE H 386 54.82 10.16 -10.13
CA ILE H 386 53.36 10.34 -10.05
C ILE H 386 52.76 10.45 -11.45
N ILE H 387 53.35 11.28 -12.30
CA ILE H 387 52.80 11.47 -13.64
C ILE H 387 52.90 10.19 -14.45
N GLY H 388 54.06 9.55 -14.44
CA GLY H 388 54.20 8.28 -15.16
C GLY H 388 53.23 7.25 -14.63
N THR H 389 53.18 7.08 -13.30
CA THR H 389 52.29 6.09 -12.74
C THR H 389 50.88 6.32 -13.26
N GLN H 390 50.44 7.59 -13.27
CA GLN H 390 49.06 7.88 -13.61
C GLN H 390 48.75 7.50 -15.04
N PHE H 391 49.66 7.82 -15.95
CA PHE H 391 49.40 7.59 -17.36
C PHE H 391 49.54 6.14 -17.74
N ARG H 392 50.30 5.35 -16.99
CA ARG H 392 50.26 3.91 -17.26
C ARG H 392 48.85 3.38 -16.96
N LYS H 393 48.30 3.75 -15.80
CA LYS H 393 46.96 3.30 -15.47
C LYS H 393 45.93 3.74 -16.51
N LEU H 394 46.04 4.99 -16.98
CA LEU H 394 45.11 5.41 -18.03
C LEU H 394 45.32 4.64 -19.31
N ARG H 395 46.47 4.00 -19.50
CA ARG H 395 46.69 3.27 -20.74
C ARG H 395 46.32 1.81 -20.57
N ASP H 396 46.82 1.18 -19.51
CA ASP H 396 46.64 -0.24 -19.32
C ASP H 396 45.22 -0.55 -18.90
N GLY H 397 44.53 0.41 -18.26
CA GLY H 397 43.19 0.19 -17.75
C GLY H 397 42.10 0.80 -18.59
N ASP H 398 42.39 1.03 -19.87
CA ASP H 398 41.43 1.60 -20.81
C ASP H 398 41.02 0.55 -21.85
N ARG H 399 39.77 0.11 -21.81
CA ARG H 399 39.31 -0.96 -22.68
C ARG H 399 39.28 -0.55 -24.14
N PHE H 400 39.31 0.75 -24.44
CA PHE H 400 39.32 1.26 -25.81
C PHE H 400 40.63 1.97 -26.16
N TRP H 401 41.72 1.56 -25.52
CA TRP H 401 43.04 1.97 -25.96
C TRP H 401 43.23 1.56 -27.41
N TRP H 402 43.88 2.41 -28.20
CA TRP H 402 43.90 2.21 -29.65
C TRP H 402 44.64 0.93 -30.07
N GLU H 403 45.64 0.49 -29.28
CA GLU H 403 46.42 -0.73 -29.52
C GLU H 403 45.76 -2.01 -29.01
N ASN H 404 44.73 -1.92 -28.16
CA ASN H 404 44.11 -3.12 -27.61
C ASN H 404 43.42 -3.87 -28.73
N GLU H 405 43.54 -5.19 -28.73
CA GLU H 405 42.91 -5.94 -29.81
C GLU H 405 41.40 -5.79 -29.71
N GLY H 406 40.74 -5.70 -30.85
CA GLY H 406 39.33 -5.50 -30.94
C GLY H 406 38.92 -4.07 -31.27
N VAL H 407 39.70 -3.09 -30.80
CA VAL H 407 39.32 -1.70 -31.00
C VAL H 407 39.46 -1.32 -32.48
N PHE H 408 40.64 -1.55 -33.05
CA PHE H 408 40.95 -1.27 -34.45
C PHE H 408 41.45 -2.56 -35.12
N SER H 409 41.37 -2.57 -36.44
CA SER H 409 41.93 -3.65 -37.23
C SER H 409 43.40 -3.37 -37.48
N MET H 410 44.16 -4.45 -37.69
CA MET H 410 45.60 -4.35 -37.89
C MET H 410 45.94 -3.29 -38.94
N GLN H 411 45.13 -3.19 -39.99
CA GLN H 411 45.36 -2.17 -41.02
C GLN H 411 45.05 -0.78 -40.49
N GLN H 412 43.95 -0.61 -39.77
CA GLN H 412 43.58 0.69 -39.23
C GLN H 412 44.67 1.26 -38.32
N ARG H 413 45.28 0.40 -37.49
CA ARG H 413 46.33 0.82 -36.57
C ARG H 413 47.56 1.35 -37.30
N GLN H 414 48.06 0.58 -38.29
CA GLN H 414 49.18 1.04 -39.12
C GLN H 414 48.93 2.41 -39.72
N ALA H 415 47.70 2.64 -40.24
CA ALA H 415 47.28 3.94 -40.75
C ALA H 415 47.40 5.02 -39.68
N LEU H 416 46.89 4.73 -38.48
CA LEU H 416 46.90 5.70 -37.38
C LEU H 416 48.30 5.94 -36.85
N ALA H 417 49.21 4.97 -37.01
CA ALA H 417 50.57 5.19 -36.54
C ALA H 417 51.35 6.22 -37.36
N GLN H 418 50.73 6.86 -38.35
CA GLN H 418 51.37 7.92 -39.14
C GLN H 418 50.79 9.30 -38.87
N ILE H 419 49.83 9.42 -37.95
CA ILE H 419 49.30 10.75 -37.69
C ILE H 419 50.35 11.58 -36.96
N SER H 420 50.18 12.89 -36.99
CA SER H 420 51.03 13.79 -36.23
C SER H 420 50.32 15.13 -36.11
N LEU H 421 50.61 15.82 -35.00
CA LEU H 421 50.03 17.15 -34.80
C LEU H 421 50.42 18.14 -35.90
N PRO H 422 51.65 18.20 -36.40
CA PRO H 422 51.91 19.08 -37.56
C PRO H 422 51.06 18.76 -38.77
N ARG H 423 50.75 17.49 -39.00
CA ARG H 423 49.86 17.13 -40.10
C ARG H 423 48.42 17.54 -39.80
N ILE H 424 47.98 17.34 -38.56
CA ILE H 424 46.66 17.81 -38.18
C ILE H 424 46.55 19.30 -38.41
N ILE H 425 47.61 20.03 -38.12
CA ILE H 425 47.62 21.47 -38.36
C ILE H 425 47.50 21.75 -39.85
N CYS H 426 48.38 21.15 -40.66
CA CYS H 426 48.28 21.30 -42.12
C CYS H 426 46.87 21.01 -42.66
N ASP H 427 46.25 19.90 -42.19
CA ASP H 427 44.99 19.42 -42.78
C ASP H 427 43.81 20.36 -42.49
N ASN H 428 43.89 21.20 -41.43
CA ASN H 428 42.76 21.98 -40.93
C ASN H 428 43.09 23.45 -40.72
N THR H 429 43.99 24.03 -41.51
CA THR H 429 44.37 25.42 -41.32
C THR H 429 44.98 25.90 -42.63
N GLY H 430 45.25 27.22 -42.68
CA GLY H 430 45.95 27.86 -43.79
C GLY H 430 47.43 28.07 -43.57
N ILE H 431 48.00 27.48 -42.52
CA ILE H 431 49.45 27.40 -42.37
C ILE H 431 49.97 26.31 -43.31
N THR H 432 51.05 26.62 -44.03
CA THR H 432 51.63 25.68 -44.97
C THR H 432 53.02 25.23 -44.58
N THR H 433 53.66 25.92 -43.65
CA THR H 433 54.98 25.56 -43.16
C THR H 433 54.88 25.29 -41.66
N VAL H 434 55.21 24.06 -41.26
CA VAL H 434 55.05 23.56 -39.89
C VAL H 434 56.32 22.86 -39.44
N SER H 435 56.36 22.55 -38.15
CA SER H 435 57.56 22.00 -37.52
C SER H 435 57.83 20.58 -37.97
N LYS H 436 59.12 20.25 -38.06
CA LYS H 436 59.51 18.85 -38.11
C LYS H 436 59.05 18.17 -36.82
N ASN H 437 58.57 16.94 -36.93
CA ASN H 437 58.36 16.15 -35.72
C ASN H 437 59.73 15.78 -35.16
N ASN H 438 59.86 15.76 -33.82
CA ASN H 438 58.84 16.03 -32.80
C ASN H 438 58.43 17.51 -32.67
N ILE H 439 57.13 17.77 -32.81
CA ILE H 439 56.64 19.14 -32.72
C ILE H 439 56.95 19.76 -31.37
N PHE H 440 57.04 18.93 -30.32
CA PHE H 440 57.25 19.46 -28.99
C PHE H 440 58.71 19.80 -28.70
N MET H 441 59.62 19.42 -29.59
CA MET H 441 61.04 19.77 -29.50
C MET H 441 61.44 20.85 -30.49
N SER H 442 60.77 20.95 -31.64
CA SER H 442 61.13 21.92 -32.66
C SER H 442 60.60 23.30 -32.29
N ASN H 443 61.43 24.32 -32.43
CA ASN H 443 61.04 25.60 -31.88
C ASN H 443 61.74 26.82 -32.47
N SER H 444 62.44 26.69 -33.61
CA SER H 444 63.11 27.85 -34.20
C SER H 444 62.89 27.86 -35.71
N TYR H 445 62.19 28.89 -36.19
CA TYR H 445 61.99 29.03 -37.62
C TYR H 445 63.21 29.71 -38.24
N PRO H 446 63.75 29.20 -39.33
CA PRO H 446 63.26 28.11 -40.18
C PRO H 446 63.98 26.79 -39.96
N ARG H 447 65.00 26.76 -39.09
CA ARG H 447 65.79 25.55 -38.87
C ARG H 447 64.96 24.28 -38.73
N ASP H 448 63.92 24.31 -37.87
CA ASP H 448 63.14 23.12 -37.54
C ASP H 448 61.79 23.07 -38.27
N PHE H 449 61.69 23.60 -39.49
CA PHE H 449 60.39 23.69 -40.15
C PHE H 449 60.44 23.12 -41.55
N VAL H 450 59.31 22.58 -42.00
CA VAL H 450 59.19 21.98 -43.33
C VAL H 450 57.83 22.30 -43.92
N ASN H 451 57.69 22.04 -45.22
CA ASN H 451 56.43 22.24 -45.93
C ASN H 451 55.48 21.09 -45.70
N CYS H 452 54.17 21.41 -45.78
CA CYS H 452 53.11 20.46 -45.47
C CYS H 452 53.14 19.28 -46.42
N SER H 453 53.48 19.52 -47.70
CA SER H 453 53.46 18.46 -48.70
C SER H 453 54.37 17.30 -48.30
N THR H 454 55.50 17.58 -47.65
CA THR H 454 56.46 16.54 -47.26
C THR H 454 55.93 15.58 -46.19
N LEU H 455 54.68 15.79 -45.67
CA LEU H 455 54.09 14.95 -44.65
C LEU H 455 52.97 14.08 -45.22
N PRO H 456 52.93 12.81 -44.85
CA PRO H 456 51.92 11.92 -45.43
C PRO H 456 50.58 12.06 -44.70
N ALA H 457 49.50 12.20 -45.49
CA ALA H 457 48.17 12.34 -44.90
C ALA H 457 47.67 10.99 -44.37
N LEU H 458 46.66 11.06 -43.49
CA LEU H 458 46.03 9.87 -42.91
C LEU H 458 45.13 9.19 -43.94
N ASN H 459 45.30 7.87 -44.11
CA ASN H 459 44.64 7.10 -45.16
C ASN H 459 43.52 6.27 -44.53
N LEU H 460 42.28 6.74 -44.70
CA LEU H 460 41.08 6.10 -44.17
C LEU H 460 40.61 4.91 -45.01
N ALA H 461 41.35 4.53 -46.06
CA ALA H 461 40.93 3.43 -46.92
C ALA H 461 40.54 2.20 -46.10
N SER H 462 41.32 1.86 -45.04
CA SER H 462 41.03 0.66 -44.24
C SER H 462 39.75 0.82 -43.36
N TRP H 463 39.02 1.91 -43.54
CA TRP H 463 37.75 2.15 -42.86
C TRP H 463 36.54 1.89 -43.75
N ARG H 464 36.75 1.66 -45.04
CA ARG H 464 35.64 1.39 -45.94
C ARG H 464 34.91 0.12 -45.50
N GLU H 465 33.59 0.14 -45.62
CA GLU H 465 32.72 -1.00 -45.34
C GLU H 465 31.90 -1.30 -46.58
N ALA H 466 31.84 -2.58 -46.94
CA ALA H 466 31.05 -2.98 -48.11
C ALA H 466 29.64 -3.39 -47.67
N CYS I 2 46.06 16.79 18.15
CA CYS I 2 46.82 15.61 18.59
C CYS I 2 48.03 15.97 19.46
N PRO I 3 47.96 15.78 20.78
CA PRO I 3 49.09 16.16 21.64
C PRO I 3 50.32 15.31 21.33
N GLU I 4 51.50 15.86 21.63
CA GLU I 4 52.71 15.24 21.11
C GLU I 4 53.46 14.38 22.12
N GLN I 5 53.12 14.46 23.42
CA GLN I 5 53.76 13.56 24.39
C GLN I 5 52.76 12.67 25.11
N ASP I 6 51.87 12.02 24.35
CA ASP I 6 50.83 11.20 24.95
C ASP I 6 51.37 9.84 25.42
N LYS I 7 50.92 9.42 26.62
CA LYS I 7 51.40 8.21 27.26
C LYS I 7 50.58 6.96 26.92
N TYR I 8 49.29 7.12 26.65
CA TYR I 8 48.41 5.99 26.44
C TYR I 8 47.53 6.17 25.21
N ARG I 9 46.91 5.06 24.83
CA ARG I 9 46.05 5.04 23.67
C ARG I 9 44.78 5.79 23.96
N THR I 10 44.22 6.43 22.95
CA THR I 10 42.89 6.96 23.17
C THR I 10 41.89 5.82 23.12
N ILE I 11 40.69 6.06 23.63
CA ILE I 11 39.67 5.03 23.57
C ILE I 11 39.18 4.80 22.14
N THR I 12 39.06 5.87 21.32
CA THR I 12 38.58 5.74 19.95
C THR I 12 39.64 5.44 18.92
N GLY I 13 40.90 5.42 19.28
CA GLY I 13 41.90 5.24 18.24
C GLY I 13 42.35 6.51 17.54
N MET I 14 41.73 7.65 17.84
CA MET I 14 42.20 8.90 17.27
C MET I 14 43.63 9.19 17.72
N CYS I 15 44.41 9.75 16.78
CA CYS I 15 45.74 10.27 17.03
C CYS I 15 46.79 9.16 17.20
N ASN I 16 46.48 7.94 16.78
CA ASN I 16 47.50 6.90 16.69
C ASN I 16 48.47 7.23 15.56
N ASN I 17 47.94 7.54 14.38
CA ASN I 17 48.71 8.09 13.29
C ASN I 17 48.62 9.60 13.39
N ARG I 18 49.74 10.30 13.50
CA ARG I 18 49.66 11.75 13.70
C ARG I 18 49.59 12.53 12.40
N ARG I 19 49.89 11.91 11.25
CA ARG I 19 49.67 12.58 9.98
C ARG I 19 48.20 12.46 9.57
N SER I 20 47.56 11.34 9.86
CA SER I 20 46.19 11.08 9.41
C SER I 20 45.42 10.51 10.60
N PRO I 21 44.91 11.39 11.46
CA PRO I 21 44.57 10.95 12.81
C PRO I 21 43.35 10.08 12.91
N THR I 22 42.54 9.92 11.87
CA THR I 22 41.40 9.03 11.99
C THR I 22 41.71 7.60 11.61
N LEU I 23 42.95 7.30 11.18
CA LEU I 23 43.26 5.95 10.69
C LEU I 23 43.33 4.99 11.87
N GLY I 24 42.47 3.97 11.82
CA GLY I 24 42.35 3.00 12.86
C GLY I 24 41.34 3.37 13.90
N ALA I 25 40.82 4.59 13.83
CA ALA I 25 39.86 5.03 14.79
C ALA I 25 38.45 4.53 14.43
N SER I 26 37.63 4.45 15.45
CA SER I 26 36.30 3.86 15.36
C SER I 26 35.33 4.79 14.64
N ASN I 27 34.27 4.17 14.10
CA ASN I 27 33.22 4.84 13.32
C ASN I 27 33.78 5.56 12.10
N ARG I 28 34.51 4.81 11.29
CA ARG I 28 35.07 5.29 10.04
C ARG I 28 34.87 4.24 8.97
N ALA I 29 34.96 4.66 7.71
CA ALA I 29 34.83 3.72 6.62
C ALA I 29 36.02 2.75 6.56
N PHE I 30 35.75 1.55 6.08
CA PHE I 30 36.81 0.58 5.83
C PHE I 30 37.64 1.06 4.65
N VAL I 31 38.88 0.66 4.61
CA VAL I 31 39.64 0.93 3.40
C VAL I 31 39.25 -0.13 2.37
N ARG I 32 39.35 0.23 1.09
CA ARG I 32 39.10 -0.71 0.00
C ARG I 32 40.43 -1.14 -0.63
N TRP I 33 40.83 -2.38 -0.44
CA TRP I 33 42.01 -2.90 -1.14
C TRP I 33 41.76 -3.23 -2.62
N LEU I 34 40.51 -3.37 -3.04
CA LEU I 34 40.11 -3.42 -4.45
C LEU I 34 38.84 -2.61 -4.64
N PRO I 35 38.62 -2.04 -5.81
CA PRO I 35 37.38 -1.31 -6.03
C PRO I 35 36.20 -2.25 -5.88
N ALA I 36 35.09 -1.70 -5.39
CA ALA I 36 33.88 -2.50 -5.12
C ALA I 36 33.15 -2.86 -6.39
N GLU I 37 32.44 -3.99 -6.34
CA GLU I 37 31.69 -4.53 -7.47
C GLU I 37 30.21 -4.60 -7.10
N TYR I 38 29.43 -3.68 -7.65
CA TYR I 38 27.99 -3.63 -7.45
C TYR I 38 27.24 -3.79 -8.77
N GLU I 39 26.00 -4.26 -8.66
CA GLU I 39 25.15 -4.48 -9.82
C GLU I 39 25.07 -3.24 -10.68
N ASP I 40 24.85 -2.09 -10.05
CA ASP I 40 24.70 -0.80 -10.73
C ASP I 40 25.98 0.03 -10.67
N GLY I 41 27.08 -0.57 -10.25
CA GLY I 41 28.36 0.10 -10.19
C GLY I 41 28.73 0.76 -8.87
N PHE I 42 27.74 1.33 -8.17
CA PHE I 42 27.98 2.14 -6.99
C PHE I 42 27.11 1.79 -5.77
N SER I 43 26.01 1.05 -5.91
CA SER I 43 25.29 0.69 -4.70
C SER I 43 24.56 -0.64 -4.55
N LEU I 44 23.97 -1.14 -5.60
CA LEU I 44 23.10 -2.31 -5.48
C LEU I 44 23.91 -3.61 -5.50
N PRO I 45 23.67 -4.53 -4.57
CA PRO I 45 24.44 -5.78 -4.55
C PRO I 45 24.03 -6.69 -5.71
N TYR I 46 24.87 -7.68 -6.00
CA TYR I 46 24.49 -8.67 -6.99
C TYR I 46 23.47 -9.61 -6.38
N GLY I 47 22.48 -9.97 -7.19
CA GLY I 47 21.34 -10.72 -6.72
C GLY I 47 20.18 -9.82 -6.39
N TRP I 48 20.37 -8.50 -6.47
CA TRP I 48 19.32 -7.57 -6.08
C TRP I 48 18.18 -7.61 -7.09
N THR I 49 18.50 -7.37 -8.37
CA THR I 49 17.50 -7.36 -9.43
C THR I 49 17.45 -8.72 -10.09
N PRO I 50 16.30 -9.39 -10.14
CA PRO I 50 16.24 -10.68 -10.85
C PRO I 50 16.58 -10.53 -12.32
N GLY I 51 17.29 -11.53 -12.85
CA GLY I 51 17.67 -11.57 -14.24
C GLY I 51 19.02 -10.95 -14.53
N VAL I 52 19.63 -10.27 -13.56
CA VAL I 52 20.87 -9.54 -13.81
C VAL I 52 22.05 -10.47 -13.58
N LYS I 53 22.80 -10.71 -14.63
CA LYS I 53 23.95 -11.58 -14.50
C LYS I 53 25.12 -10.83 -13.92
N ARG I 54 26.01 -11.57 -13.29
CA ARG I 54 27.29 -11.04 -12.83
C ARG I 54 28.37 -11.56 -13.76
N ASN I 55 28.97 -10.66 -14.55
CA ASN I 55 30.11 -11.04 -15.39
C ASN I 55 29.72 -12.14 -16.37
N GLY I 56 28.49 -12.07 -16.87
CA GLY I 56 28.02 -13.03 -17.83
C GLY I 56 27.51 -14.36 -17.29
N PHE I 57 27.15 -14.44 -16.01
CA PHE I 57 26.60 -15.67 -15.45
C PHE I 57 25.54 -15.31 -14.42
N PRO I 58 24.51 -16.14 -14.29
CA PRO I 58 23.47 -15.86 -13.30
C PRO I 58 23.98 -15.98 -11.88
N VAL I 59 23.43 -15.14 -11.01
CA VAL I 59 23.88 -15.08 -9.63
C VAL I 59 23.29 -16.25 -8.86
N ALA I 60 24.14 -16.98 -8.18
CA ALA I 60 23.70 -18.13 -7.40
C ALA I 60 23.13 -17.67 -6.07
N LEU I 61 21.98 -18.19 -5.68
CA LEU I 61 21.43 -17.84 -4.36
C LEU I 61 22.38 -18.30 -3.27
N ALA I 62 22.62 -17.43 -2.30
CA ALA I 62 23.55 -17.77 -1.24
C ALA I 62 23.08 -19.01 -0.46
N ARG I 63 21.77 -19.14 -0.26
CA ARG I 63 21.25 -20.31 0.44
C ARG I 63 21.51 -21.59 -0.35
N ALA I 64 21.40 -21.55 -1.69
CA ALA I 64 21.68 -22.72 -2.51
C ALA I 64 23.16 -23.09 -2.47
N VAL I 65 24.05 -22.12 -2.65
CA VAL I 65 25.47 -22.43 -2.50
C VAL I 65 25.71 -23.09 -1.17
N SER I 66 25.03 -22.63 -0.13
CA SER I 66 25.22 -23.26 1.15
C SER I 66 24.66 -24.69 1.18
N ASN I 67 23.57 -24.95 0.46
CA ASN I 67 22.98 -26.28 0.49
C ASN I 67 23.78 -27.27 -0.33
N GLU I 68 24.44 -26.81 -1.38
CA GLU I 68 25.08 -27.73 -2.31
C GLU I 68 26.52 -28.03 -1.94
N ILE I 69 27.19 -27.15 -1.19
CA ILE I 69 28.62 -27.24 -0.96
C ILE I 69 28.96 -27.34 0.52
N VAL I 70 28.28 -26.56 1.36
CA VAL I 70 28.68 -26.45 2.76
C VAL I 70 28.01 -27.52 3.60
N ARG I 71 26.75 -27.82 3.29
CA ARG I 71 26.00 -28.82 4.00
C ARG I 71 26.72 -30.16 4.04
N PHE I 72 26.66 -30.84 5.19
CA PHE I 72 27.23 -32.18 5.32
C PHE I 72 26.74 -32.86 6.60
N PRO I 73 26.65 -34.19 6.61
CA PRO I 73 26.11 -34.90 7.79
C PRO I 73 26.98 -34.76 9.04
N THR I 74 26.34 -34.37 10.14
CA THR I 74 27.10 -34.01 11.34
C THR I 74 27.81 -35.20 11.96
N ASP I 75 27.27 -36.42 11.79
CA ASP I 75 27.88 -37.57 12.44
C ASP I 75 29.29 -37.86 11.95
N GLN I 76 29.70 -37.31 10.80
CA GLN I 76 31.01 -37.58 10.21
C GLN I 76 32.03 -36.45 10.46
N LEU I 77 31.79 -35.62 11.48
CA LEU I 77 32.67 -34.49 11.75
C LEU I 77 34.07 -34.97 12.11
N THR I 78 35.09 -34.27 11.60
CA THR I 78 36.47 -34.66 11.85
C THR I 78 37.04 -33.75 12.90
N PRO I 79 37.41 -34.25 14.08
CA PRO I 79 38.06 -33.36 15.06
C PRO I 79 39.53 -33.15 14.73
N ASP I 80 39.97 -31.91 14.90
CA ASP I 80 41.33 -31.49 14.58
C ASP I 80 42.27 -31.97 15.67
N GLN I 81 43.09 -32.98 15.36
CA GLN I 81 44.01 -33.54 16.34
C GLN I 81 44.97 -32.48 16.91
N GLU I 82 45.32 -31.47 16.12
CA GLU I 82 46.36 -30.53 16.50
C GLU I 82 45.85 -29.12 16.79
N ARG I 83 44.55 -28.95 17.14
CA ARG I 83 44.00 -27.65 17.51
C ARG I 83 42.88 -27.85 18.53
N SER I 84 42.82 -26.95 19.50
CA SER I 84 41.76 -27.00 20.48
C SER I 84 40.65 -26.03 20.11
N LEU I 85 39.53 -26.21 20.78
CA LEU I 85 38.43 -25.31 20.53
C LEU I 85 38.73 -23.91 21.05
N MET I 86 39.76 -23.75 21.89
CA MET I 86 40.17 -22.40 22.25
C MET I 86 40.81 -21.67 21.07
N PHE I 87 41.39 -22.41 20.12
CA PHE I 87 41.86 -21.80 18.87
C PHE I 87 40.73 -21.10 18.14
N MET I 88 39.55 -21.73 18.11
CA MET I 88 38.36 -21.09 17.58
C MET I 88 37.97 -19.86 18.40
N GLN I 89 37.86 -20.01 19.72
CA GLN I 89 37.26 -18.92 20.48
C GLN I 89 38.15 -17.70 20.49
N TRP I 90 39.46 -17.88 20.47
CA TRP I 90 40.33 -16.72 20.42
C TRP I 90 40.18 -15.96 19.10
N GLY I 91 40.00 -16.68 17.99
CA GLY I 91 39.76 -16.00 16.75
C GLY I 91 38.53 -15.12 16.80
N GLN I 92 37.45 -15.60 17.46
CA GLN I 92 36.24 -14.80 17.52
C GLN I 92 36.41 -13.57 18.41
N LEU I 93 37.03 -13.76 19.57
CA LEU I 93 37.35 -12.62 20.44
C LEU I 93 38.25 -11.60 19.74
N LEU I 94 39.34 -12.07 19.15
CA LEU I 94 40.22 -11.20 18.37
C LEU I 94 39.41 -10.45 17.32
N ASP I 95 38.51 -11.14 16.64
CA ASP I 95 37.71 -10.52 15.59
C ASP I 95 36.93 -9.35 16.14
N HIS I 96 36.40 -9.49 17.36
CA HIS I 96 35.61 -8.44 18.02
C HIS I 96 36.47 -7.34 18.62
N ASP I 97 37.77 -7.43 18.46
CA ASP I 97 38.66 -6.35 18.80
C ASP I 97 38.92 -5.45 17.60
N LEU I 98 38.70 -5.96 16.38
CA LEU I 98 39.15 -5.35 15.14
C LEU I 98 38.06 -4.71 14.31
N ASP I 99 36.88 -5.34 14.21
CA ASP I 99 35.84 -4.89 13.29
C ASP I 99 34.45 -5.30 13.73
N PHE I 100 33.54 -4.32 13.74
CA PHE I 100 32.12 -4.55 13.90
C PHE I 100 31.45 -3.66 12.90
N THR I 101 30.73 -4.26 11.95
CA THR I 101 30.00 -3.53 10.91
C THR I 101 28.57 -3.29 11.33
N PRO I 102 28.17 -2.05 11.61
CA PRO I 102 26.78 -1.82 12.05
C PRO I 102 25.74 -1.94 10.94
N GLU I 103 24.53 -2.36 11.37
CA GLU I 103 23.30 -2.60 10.62
C GLU I 103 22.22 -1.75 11.26
N PRO I 104 21.26 -1.23 10.51
CA PRO I 104 20.16 -0.50 11.15
C PRO I 104 19.39 -1.42 12.09
N ALA I 105 18.82 -0.79 13.11
CA ALA I 105 18.01 -1.48 14.12
C ALA I 105 16.58 -1.58 13.61
N ALA I 106 15.95 -2.74 13.79
CA ALA I 106 14.54 -2.86 13.38
C ALA I 106 13.63 -1.77 14.02
N VAL J 1 11.62 -1.26 5.59
CA VAL J 1 10.63 -2.25 6.01
C VAL J 1 11.18 -2.95 7.26
N ASN J 2 10.37 -3.79 7.92
CA ASN J 2 10.85 -4.53 9.08
C ASN J 2 11.55 -5.80 8.60
N CYS J 3 12.86 -5.69 8.34
CA CYS J 3 13.60 -6.78 7.72
C CYS J 3 13.48 -8.09 8.49
N GLU J 4 13.05 -8.04 9.76
CA GLU J 4 13.06 -9.26 10.55
C GLU J 4 11.75 -10.02 10.44
N THR J 5 10.70 -9.41 9.90
CA THR J 5 9.42 -10.08 9.72
C THR J 5 8.92 -10.10 8.27
N SER J 6 9.31 -9.16 7.42
CA SER J 6 8.90 -9.16 6.04
C SER J 6 9.95 -9.77 5.11
N CYS J 7 9.49 -10.33 3.99
CA CYS J 7 10.35 -10.86 2.94
C CYS J 7 10.34 -9.96 1.70
N VAL J 8 9.92 -8.72 1.85
CA VAL J 8 9.99 -7.75 0.76
C VAL J 8 11.38 -7.18 0.66
N GLN J 9 11.86 -7.01 -0.57
CA GLN J 9 13.17 -6.45 -0.84
C GLN J 9 12.98 -4.96 -1.04
N GLN J 10 13.28 -4.19 0.00
CA GLN J 10 13.18 -2.76 -0.03
C GLN J 10 14.19 -2.24 0.97
N PRO J 11 14.91 -1.16 0.69
CA PRO J 11 15.93 -0.69 1.65
C PRO J 11 15.32 -0.49 3.02
N PRO J 12 16.03 -0.87 4.09
CA PRO J 12 17.38 -1.44 4.16
C PRO J 12 17.49 -2.96 4.01
N CYS J 13 16.49 -3.64 3.49
CA CYS J 13 16.47 -5.10 3.56
C CYS J 13 17.08 -5.72 2.30
N PHE J 14 17.66 -6.91 2.47
CA PHE J 14 18.22 -7.68 1.37
C PHE J 14 18.07 -9.15 1.73
N PRO J 15 16.85 -9.64 1.85
CA PRO J 15 16.65 -11.01 2.31
C PRO J 15 17.21 -12.03 1.35
N LEU J 16 17.66 -13.14 1.93
CA LEU J 16 18.06 -14.30 1.17
C LEU J 16 16.82 -15.06 0.73
N LYS J 17 16.74 -15.35 -0.55
CA LYS J 17 15.62 -16.09 -1.13
C LYS J 17 15.88 -17.59 -1.03
N ILE J 18 14.80 -18.35 -0.94
CA ILE J 18 14.84 -19.80 -0.68
C ILE J 18 14.83 -20.54 -2.01
N PRO J 19 15.79 -21.43 -2.25
CA PRO J 19 15.77 -22.20 -3.47
C PRO J 19 14.67 -23.24 -3.44
N PRO J 20 14.41 -23.92 -4.55
CA PRO J 20 13.54 -25.09 -4.50
C PRO J 20 14.29 -26.30 -3.96
N ASN J 21 13.52 -27.20 -3.37
CA ASN J 21 14.07 -28.36 -2.66
C ASN J 21 15.09 -27.93 -1.61
N ASP J 22 14.66 -27.07 -0.72
CA ASP J 22 15.54 -26.77 0.39
C ASP J 22 15.39 -27.87 1.44
N PRO J 23 16.48 -28.28 2.12
CA PRO J 23 16.35 -29.34 3.13
C PRO J 23 15.52 -28.96 4.35
N ARG J 24 15.32 -27.66 4.61
CA ARG J 24 14.67 -27.17 5.82
C ARG J 24 13.42 -26.36 5.52
N ILE J 25 13.51 -25.36 4.65
CA ILE J 25 12.47 -24.36 4.44
C ILE J 25 11.73 -24.72 3.16
N LYS J 26 10.54 -25.34 3.30
CA LYS J 26 9.84 -25.83 2.11
C LYS J 26 8.99 -24.77 1.42
N ASN J 27 8.73 -23.66 2.06
CA ASN J 27 7.94 -22.60 1.46
C ASN J 27 8.88 -21.58 0.79
N GLN J 28 8.97 -21.62 -0.54
CA GLN J 28 9.88 -20.74 -1.27
C GLN J 28 9.49 -19.26 -1.18
N ALA J 29 8.32 -18.92 -0.61
CA ALA J 29 8.01 -17.51 -0.35
C ALA J 29 8.58 -16.98 0.96
N ASP J 30 8.98 -17.85 1.90
CA ASP J 30 9.68 -17.44 3.10
C ASP J 30 11.02 -16.85 2.69
N CYS J 31 11.81 -16.45 3.68
CA CYS J 31 13.15 -15.93 3.43
C CYS J 31 13.93 -15.92 4.72
N ILE J 32 15.25 -15.90 4.59
CA ILE J 32 16.14 -15.70 5.73
C ILE J 32 16.38 -14.20 5.85
N PRO J 33 16.14 -13.59 7.00
CA PRO J 33 16.25 -12.13 7.07
C PRO J 33 17.69 -11.67 6.94
N PHE J 34 17.82 -10.40 6.59
CA PHE J 34 19.13 -9.83 6.36
C PHE J 34 19.02 -8.31 6.18
N PHE J 35 19.73 -7.57 7.03
CA PHE J 35 19.79 -6.11 6.98
C PHE J 35 21.06 -5.71 6.24
N ARG J 36 20.96 -4.73 5.35
CA ARG J 36 22.17 -4.22 4.69
C ARG J 36 23.02 -3.38 5.63
N SER J 37 24.33 -3.64 5.64
CA SER J 37 25.24 -2.87 6.49
C SER J 37 25.05 -1.38 6.22
N CSO J 38 25.14 -0.55 7.26
CA CSO J 38 25.03 0.89 7.09
CB CSO J 38 25.23 1.65 8.41
SG CSO J 38 23.90 1.33 9.54
C CSO J 38 26.05 1.43 6.13
O CSO J 38 27.25 1.19 6.32
OD CSO J 38 22.58 2.58 9.35
H CSO J 38 25.25 -0.81 8.08
HA CSO J 38 24.12 1.04 6.76
HB2 CSO J 38 25.27 2.60 8.23
HB3 CSO J 38 26.07 1.36 8.82
HD CSO J 38 21.88 2.41 9.99
N PRO J 39 25.61 2.24 5.16
CA PRO J 39 26.59 2.98 4.37
C PRO J 39 27.28 4.15 5.11
N ALA J 40 28.54 4.42 4.73
CA ALA J 40 29.28 5.57 5.20
C ALA J 40 28.72 6.88 4.65
N CYS J 41 28.15 6.86 3.45
CA CYS J 41 27.55 8.05 2.84
C CYS J 41 26.13 7.73 2.38
N PRO J 42 25.16 7.78 3.29
CA PRO J 42 23.78 7.42 2.93
C PRO J 42 23.24 8.26 1.78
N GLY J 43 22.53 7.59 0.88
CA GLY J 43 21.79 8.30 -0.14
C GLY J 43 22.63 8.91 -1.24
N SER J 44 23.94 8.72 -1.19
CA SER J 44 24.83 9.29 -2.19
C SER J 44 24.69 8.56 -3.52
N ASN J 45 24.65 9.35 -4.59
CA ASN J 45 24.71 8.82 -5.94
C ASN J 45 26.05 9.14 -6.61
N ILE J 46 26.99 9.75 -5.87
CA ILE J 46 28.34 10.02 -6.35
C ILE J 46 29.33 8.96 -5.86
N THR J 47 29.40 8.72 -4.55
CA THR J 47 30.41 7.81 -4.00
C THR J 47 30.00 6.36 -4.18
N ILE J 48 31.00 5.51 -4.38
CA ILE J 48 30.76 4.07 -4.38
C ILE J 48 30.52 3.63 -2.96
N ARG J 49 29.45 2.88 -2.74
CA ARG J 49 29.01 2.62 -1.37
C ARG J 49 30.10 1.89 -0.61
N ASN J 50 30.32 2.30 0.63
CA ASN J 50 31.23 1.62 1.53
C ASN J 50 30.51 1.39 2.86
N GLN J 51 31.18 0.66 3.76
CA GLN J 51 30.61 0.32 5.05
C GLN J 51 31.54 0.80 6.16
N ILE J 52 31.05 0.72 7.39
CA ILE J 52 31.68 1.39 8.50
C ILE J 52 32.23 0.39 9.49
N ASN J 53 33.36 0.73 10.11
CA ASN J 53 33.90 -0.06 11.18
C ASN J 53 33.70 0.68 12.48
N ALA J 54 32.94 0.08 13.40
CA ALA J 54 32.61 0.77 14.64
C ALA J 54 33.64 0.58 15.73
N LEU J 55 34.63 -0.27 15.54
CA LEU J 55 35.64 -0.51 16.54
C LEU J 55 36.96 0.15 16.12
N THR J 56 37.91 0.25 17.07
CA THR J 56 39.27 0.60 16.71
C THR J 56 39.90 -0.60 16.02
N SER J 57 40.56 -0.39 14.87
CA SER J 57 41.14 -1.53 14.15
C SER J 57 42.32 -2.13 14.89
N PHE J 58 43.01 -1.34 15.69
CA PHE J 58 44.18 -1.81 16.40
C PHE J 58 43.87 -3.03 17.25
N VAL J 59 44.94 -3.76 17.57
CA VAL J 59 44.84 -4.89 18.52
C VAL J 59 45.09 -4.27 19.89
N ASP J 60 44.03 -3.69 20.45
CA ASP J 60 44.18 -2.85 21.64
C ASP J 60 43.23 -3.25 22.76
N ALA J 61 42.65 -4.45 22.68
CA ALA J 61 41.74 -4.97 23.68
C ALA J 61 40.48 -4.11 23.82
N SER J 62 40.11 -3.42 22.74
CA SER J 62 38.88 -2.65 22.75
C SER J 62 37.64 -3.51 22.95
N MET J 63 37.77 -4.83 22.86
CA MET J 63 36.60 -5.63 23.21
C MET J 63 36.47 -5.80 24.72
N VAL J 64 37.48 -5.36 25.48
CA VAL J 64 37.39 -5.26 26.94
C VAL J 64 37.03 -3.85 27.37
N TYR J 65 37.64 -2.82 26.74
CA TYR J 65 37.60 -1.44 27.22
C TYR J 65 36.63 -0.55 26.48
N GLY J 66 36.25 -0.89 25.27
CA GLY J 66 35.37 -0.02 24.52
C GLY J 66 36.10 0.75 23.43
N SER J 67 35.31 1.18 22.43
CA SER J 67 35.82 1.98 21.32
C SER J 67 35.17 3.35 21.22
N GLU J 68 34.37 3.74 22.22
CA GLU J 68 33.73 5.04 22.30
C GLU J 68 33.77 5.47 23.76
N GLU J 69 33.92 6.77 23.98
CA GLU J 69 34.32 7.29 25.28
C GLU J 69 33.22 7.06 26.31
N PRO J 70 31.95 7.22 25.96
CA PRO J 70 30.88 7.05 26.94
C PRO J 70 30.75 5.60 27.44
N LEU J 71 30.68 4.64 26.51
CA LEU J 71 30.76 3.23 26.89
C LEU J 71 31.99 2.94 27.74
N ALA J 72 33.12 3.57 27.40
CA ALA J 72 34.35 3.28 28.13
C ALA J 72 34.25 3.68 29.59
N ARG J 73 33.51 4.75 29.92
CA ARG J 73 33.32 5.12 31.32
C ARG J 73 32.30 4.22 31.99
N ASN J 74 31.25 3.82 31.25
CA ASN J 74 30.25 2.90 31.81
C ASN J 74 30.87 1.60 32.31
N LEU J 75 31.90 1.09 31.61
CA LEU J 75 32.57 -0.16 31.96
C LEU J 75 33.55 -0.02 33.12
N ARG J 76 33.72 1.17 33.67
CA ARG J 76 34.73 1.45 34.69
C ARG J 76 34.07 1.64 36.05
N ASN J 77 34.80 1.27 37.10
CA ASN J 77 34.31 1.36 38.47
C ASN J 77 34.61 2.77 38.94
N MET J 78 33.58 3.59 39.07
CA MET J 78 33.73 5.01 39.40
C MET J 78 33.57 5.30 40.89
N SER J 79 33.41 4.26 41.73
CA SER J 79 33.23 4.33 43.17
C SER J 79 34.51 4.56 43.96
N ASN J 80 35.66 4.51 43.30
CA ASN J 80 36.92 4.60 44.02
C ASN J 80 38.04 4.87 43.02
N GLN J 81 39.24 5.08 43.56
CA GLN J 81 40.44 5.34 42.79
C GLN J 81 41.29 4.08 42.62
N LEU J 82 40.69 2.91 42.41
CA LEU J 82 41.47 1.69 42.22
C LEU J 82 41.67 1.31 40.75
N GLY J 83 41.03 2.02 39.82
CA GLY J 83 41.29 1.84 38.41
C GLY J 83 40.75 0.55 37.88
N LEU J 84 39.68 0.05 38.48
CA LEU J 84 39.12 -1.24 38.11
C LEU J 84 38.04 -1.06 37.05
N LEU J 85 37.74 -2.15 36.38
CA LEU J 85 36.54 -2.26 35.56
C LEU J 85 35.35 -2.71 36.39
N ALA J 86 34.18 -2.20 36.04
CA ALA J 86 32.99 -2.51 36.80
C ALA J 86 32.60 -3.98 36.68
N VAL J 87 32.01 -4.52 37.75
CA VAL J 87 31.63 -5.92 37.82
C VAL J 87 30.18 -6.06 38.30
N ASN J 88 29.64 -7.23 38.05
CA ASN J 88 28.25 -7.51 38.38
C ASN J 88 28.08 -7.41 39.89
N GLN J 89 26.99 -6.78 40.31
CA GLN J 89 26.63 -6.57 41.70
C GLN J 89 25.63 -7.58 42.25
N ARG J 90 24.93 -8.33 41.40
CA ARG J 90 24.05 -9.41 41.83
C ARG J 90 24.69 -10.79 41.82
N PHE J 91 25.66 -11.06 40.95
CA PHE J 91 26.12 -12.42 40.80
C PHE J 91 27.65 -12.49 40.84
N GLN J 92 28.13 -13.67 41.25
CA GLN J 92 29.54 -14.03 41.24
C GLN J 92 29.65 -15.53 40.88
N ASP J 93 30.84 -15.91 40.43
CA ASP J 93 31.16 -17.26 39.94
C ASP J 93 32.12 -17.81 40.98
N ASN J 94 31.58 -18.44 42.02
CA ASN J 94 32.38 -18.92 43.15
C ASN J 94 33.34 -17.83 43.67
N GLY J 95 32.78 -16.66 44.00
CA GLY J 95 33.52 -15.58 44.62
C GLY J 95 34.24 -14.63 43.68
N ARG J 96 34.32 -14.95 42.39
CA ARG J 96 35.03 -14.15 41.41
C ARG J 96 34.08 -13.34 40.55
N ALA J 97 34.64 -12.39 39.80
CA ALA J 97 33.83 -11.41 39.09
C ALA J 97 33.16 -11.95 37.85
N LEU J 98 31.93 -11.52 37.63
CA LEU J 98 31.25 -11.63 36.36
C LEU J 98 31.09 -10.25 35.74
N LEU J 99 30.82 -10.24 34.45
CA LEU J 99 30.67 -8.98 33.74
C LEU J 99 29.40 -8.29 34.22
N PRO J 100 29.35 -6.97 34.14
CA PRO J 100 28.10 -6.28 34.48
C PRO J 100 27.03 -6.56 33.44
N PHE J 101 25.77 -6.27 33.81
CA PHE J 101 24.68 -6.44 32.86
C PHE J 101 24.48 -5.17 32.06
N ASP J 102 24.03 -5.33 30.82
CA ASP J 102 23.65 -4.25 29.90
C ASP J 102 22.14 -4.10 29.99
N ASN J 103 21.63 -2.97 29.47
CA ASN J 103 20.21 -2.63 29.57
C ASN J 103 19.80 -2.34 28.13
N LEU J 104 19.53 -3.39 27.39
CA LEU J 104 19.09 -3.30 26.02
C LEU J 104 17.56 -3.27 25.96
N HIS J 105 17.03 -2.55 24.97
CA HIS J 105 15.58 -2.46 24.87
C HIS J 105 14.94 -3.82 24.54
N ASP J 106 15.48 -4.55 23.58
CA ASP J 106 14.96 -5.89 23.27
C ASP J 106 16.13 -6.84 23.51
N ASP J 107 16.20 -7.39 24.71
CA ASP J 107 17.36 -8.13 25.18
C ASP J 107 17.27 -9.57 24.69
N PRO J 108 17.99 -9.94 23.63
CA PRO J 108 17.82 -11.30 23.11
C PRO J 108 18.19 -12.38 24.10
N CYS J 109 18.98 -12.05 25.14
CA CYS J 109 19.39 -13.04 26.13
C CYS J 109 18.25 -13.44 27.06
N LEU J 110 17.30 -12.53 27.30
CA LEU J 110 16.12 -12.89 28.07
C LEU J 110 15.28 -13.95 27.38
N LEU J 111 15.37 -14.07 26.06
CA LEU J 111 14.50 -14.98 25.33
C LEU J 111 14.97 -16.41 25.44
N THR J 112 16.21 -16.65 25.85
CA THR J 112 16.76 -18.01 25.86
C THR J 112 16.33 -18.78 27.09
N ASN J 113 15.72 -18.09 28.05
CA ASN J 113 15.14 -18.72 29.22
C ASN J 113 14.30 -17.71 29.95
N ARG J 114 12.98 -17.78 29.77
CA ARG J 114 12.11 -16.75 30.31
C ARG J 114 12.28 -16.67 31.83
N SER J 115 12.26 -17.82 32.50
CA SER J 115 12.14 -17.83 33.96
C SER J 115 13.42 -17.38 34.66
N ALA J 116 14.56 -17.49 33.98
CA ALA J 116 15.82 -17.14 34.62
C ALA J 116 16.06 -15.63 34.65
N ARG J 117 15.48 -14.88 33.70
CA ARG J 117 15.58 -13.42 33.61
C ARG J 117 17.00 -12.89 33.83
N ILE J 118 17.92 -13.37 32.99
CA ILE J 118 19.32 -12.99 32.99
C ILE J 118 19.62 -12.24 31.70
N PRO J 119 19.80 -10.92 31.75
CA PRO J 119 20.06 -10.19 30.51
C PRO J 119 21.44 -10.41 29.93
N CYS J 120 21.68 -9.81 28.77
CA CYS J 120 23.00 -9.81 28.17
C CYS J 120 23.95 -9.01 29.03
N PHE J 121 25.24 -9.21 28.76
CA PHE J 121 26.33 -8.60 29.50
C PHE J 121 26.81 -7.31 28.83
N LEU J 122 27.41 -6.44 29.64
CA LEU J 122 27.99 -5.18 29.20
C LEU J 122 29.49 -5.38 29.10
N ALA J 123 30.05 -5.11 27.93
CA ALA J 123 31.46 -5.32 27.65
C ALA J 123 31.88 -4.26 26.63
N GLY J 124 33.14 -4.34 26.20
CA GLY J 124 33.60 -3.33 25.27
C GLY J 124 33.05 -3.49 23.89
N ASP J 125 32.50 -4.67 23.59
CA ASP J 125 31.91 -5.02 22.32
C ASP J 125 30.55 -5.63 22.60
N THR J 126 29.60 -5.39 21.71
CA THR J 126 28.19 -5.69 21.96
C THR J 126 27.86 -7.18 21.86
N ARG J 127 28.74 -7.96 21.25
CA ARG J 127 28.47 -9.35 20.96
C ARG J 127 28.96 -10.27 22.06
N SER J 128 29.33 -9.72 23.22
CA SER J 128 29.97 -10.52 24.25
C SER J 128 29.14 -11.74 24.66
N SER J 129 27.81 -11.67 24.60
CA SER J 129 26.94 -12.75 25.09
C SER J 129 26.49 -13.71 23.98
N GLU J 130 26.98 -13.50 22.76
CA GLU J 130 26.60 -14.28 21.59
C GLU J 130 26.80 -15.77 21.82
N MET J 131 27.74 -16.14 22.68
CA MET J 131 28.13 -17.54 22.96
C MET J 131 28.61 -17.54 24.40
N PRO J 132 28.27 -18.54 25.19
CA PRO J 132 28.89 -18.59 26.52
C PRO J 132 30.41 -18.74 26.49
N GLU J 133 30.98 -19.36 25.47
CA GLU J 133 32.43 -19.51 25.40
C GLU J 133 33.11 -18.16 25.17
N LEU J 134 32.49 -17.31 24.37
CA LEU J 134 32.98 -15.97 24.10
C LEU J 134 32.78 -15.04 25.29
N THR J 135 31.69 -15.22 26.04
CA THR J 135 31.51 -14.50 27.28
C THR J 135 32.61 -14.85 28.28
N SER J 136 32.91 -16.15 28.41
CA SER J 136 33.96 -16.60 29.32
C SER J 136 35.26 -15.86 29.10
N MET J 137 35.67 -15.65 27.83
CA MET J 137 36.93 -14.97 27.56
C MET J 137 36.84 -13.50 27.94
N HIS J 138 35.72 -12.85 27.62
CA HIS J 138 35.54 -11.48 28.07
C HIS J 138 35.64 -11.38 29.59
N THR J 139 35.05 -12.35 30.31
CA THR J 139 35.09 -12.36 31.76
C THR J 139 36.52 -12.53 32.24
N LEU J 140 37.26 -13.39 31.59
CA LEU J 140 38.64 -13.61 31.97
C LEU J 140 39.46 -12.32 31.87
N LEU J 141 39.43 -11.66 30.72
CA LEU J 141 40.23 -10.44 30.55
C LEU J 141 39.77 -9.32 31.47
N LEU J 142 38.51 -9.32 31.88
CA LEU J 142 38.07 -8.33 32.87
C LEU J 142 38.75 -8.58 34.20
N ARG J 143 38.64 -9.82 34.71
CA ARG J 143 39.31 -10.20 35.94
C ARG J 143 40.79 -9.90 35.86
N GLU J 144 41.41 -10.22 34.71
CA GLU J 144 42.84 -9.99 34.60
C GLU J 144 43.18 -8.51 34.62
N HIS J 145 42.33 -7.65 34.07
CA HIS J 145 42.55 -6.22 34.28
C HIS J 145 42.54 -5.89 35.76
N ASN J 146 41.51 -6.33 36.47
CA ASN J 146 41.36 -5.96 37.88
C ASN J 146 42.49 -6.53 38.73
N ARG J 147 43.01 -7.70 38.37
CA ARG J 147 44.16 -8.23 39.12
C ARG J 147 45.38 -7.37 38.95
N LEU J 148 45.62 -6.91 37.72
CA LEU J 148 46.79 -6.07 37.44
C LEU J 148 46.68 -4.75 38.19
N ALA J 149 45.56 -4.05 38.01
CA ALA J 149 45.38 -2.81 38.72
C ALA J 149 45.56 -3.00 40.21
N THR J 150 45.18 -4.16 40.73
CA THR J 150 45.28 -4.39 42.16
C THR J 150 46.73 -4.55 42.60
N GLU J 151 47.52 -5.30 41.81
CA GLU J 151 48.94 -5.49 42.09
C GLU J 151 49.73 -4.21 41.83
N LEU J 152 49.45 -3.52 40.74
CA LEU J 152 50.07 -2.22 40.50
C LEU J 152 49.82 -1.24 41.64
N LYS J 153 48.66 -1.33 42.31
CA LYS J 153 48.40 -0.47 43.47
C LYS J 153 49.33 -0.78 44.65
N SER J 154 49.67 -2.06 44.86
CA SER J 154 50.61 -2.38 45.93
C SER J 154 51.95 -1.74 45.67
N LEU J 155 52.43 -1.83 44.41
CA LEU J 155 53.76 -1.32 44.07
C LEU J 155 53.82 0.20 44.10
N ASN J 156 52.75 0.86 43.67
CA ASN J 156 52.72 2.31 43.48
C ASN J 156 51.55 2.87 44.24
N PRO J 157 51.65 2.96 45.57
CA PRO J 157 50.51 3.41 46.36
C PRO J 157 50.05 4.82 46.03
N ARG J 158 50.88 5.65 45.40
CA ARG J 158 50.52 7.04 45.12
C ARG J 158 49.86 7.23 43.75
N TRP J 159 49.76 6.16 42.95
CA TRP J 159 49.08 6.25 41.67
C TRP J 159 47.58 6.39 41.87
N ASP J 160 46.97 7.24 41.05
CA ASP J 160 45.54 7.48 41.14
C ASP J 160 44.83 6.52 40.18
N GLY J 161 43.50 6.65 40.10
CA GLY J 161 42.73 5.60 39.46
C GLY J 161 42.82 5.65 37.96
N GLU J 162 42.98 6.85 37.40
CA GLU J 162 43.18 6.94 35.96
C GLU J 162 44.48 6.28 35.56
N ARG J 163 45.51 6.45 36.37
CA ARG J 163 46.82 5.87 36.09
C ARG J 163 46.80 4.35 36.25
N LEU J 164 46.20 3.86 37.33
CA LEU J 164 46.11 2.41 37.50
C LEU J 164 45.35 1.79 36.34
N TYR J 165 44.22 2.38 35.98
CA TYR J 165 43.44 1.86 34.86
C TYR J 165 44.22 1.89 33.54
N GLN J 166 44.88 2.99 33.23
CA GLN J 166 45.56 3.10 31.93
C GLN J 166 46.70 2.11 31.83
N GLU J 167 47.41 1.89 32.95
CA GLU J 167 48.56 1.00 32.99
C GLU J 167 48.14 -0.46 32.90
N ALA J 168 47.10 -0.86 33.64
CA ALA J 168 46.54 -2.21 33.48
C ALA J 168 46.05 -2.42 32.06
N ARG J 169 45.39 -1.41 31.50
CA ARG J 169 44.88 -1.51 30.13
C ARG J 169 46.03 -1.69 29.15
N LYS J 170 47.10 -0.91 29.30
CA LYS J 170 48.29 -1.04 28.46
C LYS J 170 48.82 -2.47 28.45
N ILE J 171 48.90 -3.07 29.63
CA ILE J 171 49.37 -4.46 29.77
C ILE J 171 48.41 -5.43 29.09
N VAL J 172 47.12 -5.36 29.42
CA VAL J 172 46.14 -6.25 28.80
C VAL J 172 46.15 -6.11 27.28
N GLY J 173 46.30 -4.89 26.76
CA GLY J 173 46.46 -4.74 25.32
C GLY J 173 47.70 -5.43 24.78
N ALA J 174 48.82 -5.38 25.54
CA ALA J 174 50.02 -6.11 25.15
C ALA J 174 49.77 -7.61 25.15
N MET J 175 49.10 -8.12 26.19
CA MET J 175 48.90 -9.57 26.26
C MET J 175 48.08 -10.04 25.09
N VAL J 176 47.11 -9.23 24.67
CA VAL J 176 46.34 -9.66 23.50
C VAL J 176 47.25 -9.64 22.26
N GLN J 177 48.15 -8.67 22.15
CA GLN J 177 49.06 -8.65 21.01
C GLN J 177 49.96 -9.87 21.03
N ILE J 178 50.54 -10.17 22.19
CA ILE J 178 51.54 -11.24 22.25
C ILE J 178 50.91 -12.60 21.99
N ILE J 179 49.81 -12.92 22.68
CA ILE J 179 49.10 -14.18 22.44
C ILE J 179 48.74 -14.33 20.96
N THR J 180 48.18 -13.27 20.35
CA THR J 180 47.79 -13.26 18.94
C THR J 180 48.97 -13.51 17.99
N TYR J 181 50.03 -12.71 18.09
CA TYR J 181 51.08 -12.80 17.08
C TYR J 181 52.12 -13.86 17.37
N ARG J 182 52.29 -14.26 18.63
CA ARG J 182 53.20 -15.35 18.97
C ARG J 182 52.54 -16.76 18.97
N ASP J 183 51.29 -16.88 19.38
CA ASP J 183 50.66 -18.20 19.50
C ASP J 183 49.61 -18.48 18.43
N TYR J 184 48.67 -17.55 18.22
CA TYR J 184 47.52 -17.77 17.34
C TYR J 184 47.90 -17.72 15.86
N LEU J 185 48.39 -16.58 15.37
CA LEU J 185 48.58 -16.46 13.93
C LEU J 185 49.57 -17.48 13.33
N PRO J 186 50.57 -17.97 14.05
CA PRO J 186 51.44 -18.97 13.41
C PRO J 186 50.71 -20.27 13.16
N LEU J 187 49.67 -20.56 13.94
CA LEU J 187 48.85 -21.73 13.73
C LEU J 187 47.72 -21.49 12.74
N VAL J 188 47.44 -20.23 12.39
CA VAL J 188 46.46 -19.94 11.35
C VAL J 188 47.09 -20.06 9.98
N LEU J 189 48.22 -19.36 9.79
CA LEU J 189 48.89 -19.21 8.50
C LEU J 189 49.90 -20.30 8.20
N GLY J 190 50.46 -20.93 9.22
CA GLY J 190 51.51 -21.87 8.98
C GLY J 190 52.82 -21.12 8.82
N PRO J 191 53.94 -21.84 8.97
CA PRO J 191 55.23 -21.15 9.10
C PRO J 191 55.62 -20.38 7.88
N THR J 192 55.40 -20.96 6.70
CA THR J 192 55.77 -20.32 5.45
C THR J 192 55.08 -19.00 5.28
N ALA J 193 53.76 -18.97 5.48
CA ALA J 193 52.99 -17.74 5.34
C ALA J 193 53.27 -16.77 6.47
N MET J 194 53.47 -17.29 7.67
CA MET J 194 53.91 -16.47 8.78
C MET J 194 55.19 -15.71 8.41
N ARG J 195 56.24 -16.41 7.96
CA ARG J 195 57.49 -15.73 7.61
C ARG J 195 57.31 -14.80 6.40
N LYS J 196 56.31 -15.06 5.53
CA LYS J 196 56.18 -14.24 4.34
C LYS J 196 55.44 -12.93 4.63
N TYR J 197 54.30 -13.01 5.35
CA TYR J 197 53.44 -11.86 5.60
C TYR J 197 53.75 -11.14 6.91
N LEU J 198 54.48 -11.78 7.82
CA LEU J 198 54.78 -11.20 9.13
C LEU J 198 56.25 -11.42 9.47
N PRO J 199 57.17 -10.93 8.63
CA PRO J 199 58.57 -10.91 9.03
C PRO J 199 58.83 -10.24 10.37
N THR J 200 60.09 -10.27 10.75
CA THR J 200 60.51 -9.73 12.02
C THR J 200 60.17 -8.25 12.13
N TYR J 201 59.52 -7.89 13.23
CA TYR J 201 59.21 -6.51 13.53
C TYR J 201 60.49 -5.70 13.53
N ARG J 202 60.47 -4.58 12.82
CA ARG J 202 61.54 -3.57 12.92
C ARG J 202 61.09 -2.48 13.87
N SER J 203 60.29 -1.53 13.38
CA SER J 203 59.80 -0.44 14.19
C SER J 203 58.47 0.06 13.63
N TYR J 204 57.81 0.91 14.41
CA TYR J 204 56.59 1.56 13.95
C TYR J 204 56.87 2.28 12.67
N ASN J 205 56.02 2.06 11.66
CA ASN J 205 56.11 2.77 10.38
C ASN J 205 54.85 3.61 10.24
N ASP J 206 54.99 4.93 10.32
CA ASP J 206 53.81 5.78 10.32
C ASP J 206 53.19 5.98 8.93
N SER J 207 53.72 5.35 7.90
CA SER J 207 53.09 5.34 6.59
C SER J 207 52.33 4.04 6.31
N VAL J 208 52.18 3.19 7.32
CA VAL J 208 51.44 1.94 7.18
C VAL J 208 50.00 2.25 7.57
N ASP J 209 49.07 1.97 6.65
CA ASP J 209 47.65 2.23 6.88
C ASP J 209 47.09 1.14 7.79
N PRO J 210 46.74 1.46 9.04
CA PRO J 210 46.29 0.43 9.97
C PRO J 210 44.81 0.11 9.86
N ARG J 211 44.08 0.70 8.92
CA ARG J 211 42.65 0.44 8.83
C ARG J 211 42.35 -1.00 8.43
N ILE J 212 41.18 -1.46 8.83
CA ILE J 212 40.69 -2.77 8.44
C ILE J 212 40.19 -2.71 7.02
N ALA J 213 40.67 -3.62 6.17
CA ALA J 213 40.15 -3.74 4.82
C ALA J 213 38.74 -4.35 4.88
N ASN J 214 37.87 -3.87 4.00
CA ASN J 214 36.52 -4.43 3.89
C ASN J 214 36.58 -5.94 3.71
N VAL J 215 37.41 -6.40 2.77
CA VAL J 215 37.47 -7.84 2.51
C VAL J 215 37.81 -8.62 3.76
N PHE J 216 38.59 -8.05 4.67
CA PHE J 216 39.00 -8.79 5.86
C PHE J 216 37.81 -9.15 6.75
N THR J 217 36.76 -8.31 6.80
CA THR J 217 35.61 -8.61 7.63
C THR J 217 34.91 -9.87 7.17
N ASN J 218 35.04 -10.21 5.89
CA ASN J 218 34.55 -11.47 5.33
C ASN J 218 35.59 -12.60 5.32
N ALA J 219 36.83 -12.33 4.94
CA ALA J 219 37.82 -13.40 4.88
C ALA J 219 38.08 -14.00 6.27
N PHE J 220 38.10 -13.17 7.30
CA PHE J 220 38.43 -13.68 8.62
C PHE J 220 37.27 -14.49 9.21
N ARG J 221 36.18 -14.64 8.49
CA ARG J 221 35.14 -15.55 8.88
C ARG J 221 35.50 -17.00 8.59
N TYR J 222 36.73 -17.28 8.15
CA TYR J 222 37.18 -18.65 8.01
C TYR J 222 36.95 -19.44 9.29
N GLY J 223 36.90 -18.77 10.43
CA GLY J 223 36.73 -19.46 11.69
C GLY J 223 35.39 -20.15 11.88
N HIS J 224 34.41 -19.91 11.00
CA HIS J 224 33.17 -20.66 11.15
C HIS J 224 33.38 -22.12 10.79
N THR J 225 34.41 -22.44 10.01
CA THR J 225 34.67 -23.84 9.70
C THR J 225 35.24 -24.59 10.90
N LEU J 226 35.59 -23.90 11.98
CA LEU J 226 36.16 -24.52 13.15
C LEU J 226 35.12 -24.79 14.22
N ILE J 227 33.89 -24.31 14.02
CA ILE J 227 32.85 -24.37 15.05
C ILE J 227 32.35 -25.81 15.17
N GLN J 228 32.37 -26.29 16.39
CA GLN J 228 31.86 -27.57 16.85
C GLN J 228 30.36 -27.45 17.14
N PRO J 229 29.56 -28.50 16.94
CA PRO J 229 28.10 -28.37 17.16
C PRO J 229 27.66 -28.44 18.62
N PHE J 230 28.57 -28.50 19.57
CA PHE J 230 28.20 -28.56 20.97
C PHE J 230 29.04 -27.54 21.76
N MET J 231 28.53 -27.20 22.95
CA MET J 231 29.30 -26.51 23.96
C MET J 231 29.62 -27.54 25.03
N PHE J 232 30.90 -27.73 25.32
CA PHE J 232 31.31 -28.74 26.26
C PHE J 232 31.68 -28.06 27.58
N ARG J 233 31.41 -28.77 28.68
CA ARG J 233 31.77 -28.35 30.03
C ARG J 233 32.42 -29.53 30.73
N LEU J 234 33.51 -29.26 31.45
CA LEU J 234 34.22 -30.28 32.18
C LEU J 234 34.43 -29.83 33.62
N ASP J 235 34.37 -30.78 34.55
CA ASP J 235 34.61 -30.50 35.96
C ASP J 235 36.12 -30.50 36.25
N ASN J 236 36.47 -30.25 37.53
CA ASN J 236 37.88 -30.13 37.91
C ASN J 236 38.72 -31.35 37.51
N ARG J 237 38.12 -32.53 37.33
CA ARG J 237 38.85 -33.69 36.84
C ARG J 237 38.89 -33.79 35.31
N TYR J 238 38.42 -32.75 34.60
CA TYR J 238 38.28 -32.72 33.12
C TYR J 238 37.42 -33.85 32.56
N GLN J 239 36.42 -34.28 33.33
CA GLN J 239 35.35 -35.18 32.94
C GLN J 239 34.08 -34.40 32.61
N PRO J 240 33.14 -34.99 31.87
CA PRO J 240 31.91 -34.25 31.54
C PRO J 240 31.15 -33.86 32.79
N MET J 241 30.63 -32.64 32.80
CA MET J 241 30.06 -32.03 34.00
C MET J 241 28.57 -31.74 33.83
N GLU J 242 27.70 -32.25 34.83
CA GLU J 242 26.27 -31.93 34.95
C GLU J 242 26.06 -30.59 35.65
N PRO J 243 25.03 -29.79 35.25
CA PRO J 243 23.97 -30.10 34.25
C PRO J 243 24.35 -29.93 32.74
N ASN J 244 24.18 -31.02 31.95
CA ASN J 244 24.33 -31.03 30.49
C ASN J 244 25.76 -30.78 30.02
N PRO J 245 26.57 -31.81 29.86
CA PRO J 245 27.96 -31.58 29.44
C PRO J 245 28.12 -31.25 27.97
N ARG J 246 27.16 -31.59 27.12
CA ARG J 246 27.22 -31.30 25.68
C ARG J 246 25.91 -30.62 25.26
N VAL J 247 25.85 -29.30 25.38
CA VAL J 247 24.66 -28.58 24.96
C VAL J 247 24.80 -28.24 23.49
N PRO J 248 23.80 -28.49 22.66
CA PRO J 248 23.89 -28.08 21.25
C PRO J 248 23.94 -26.55 21.12
N LEU J 249 24.71 -26.08 20.13
CA LEU J 249 24.94 -24.64 20.03
C LEU J 249 23.64 -23.88 19.90
N SER J 250 22.69 -24.42 19.13
CA SER J 250 21.40 -23.78 18.94
C SER J 250 20.69 -23.47 20.26
N ARG J 251 21.22 -23.96 21.39
CA ARG J 251 20.64 -23.70 22.70
C ARG J 251 21.58 -22.95 23.64
N VAL J 252 22.68 -22.41 23.12
CA VAL J 252 23.57 -21.56 23.91
C VAL J 252 23.69 -20.14 23.35
N PHE J 253 23.19 -19.84 22.15
CA PHE J 253 23.34 -18.50 21.61
C PHE J 253 22.59 -17.50 22.48
N PHE J 254 23.32 -16.56 23.06
CA PHE J 254 22.76 -15.52 23.92
C PHE J 254 22.31 -16.06 25.27
N ALA J 255 22.77 -17.25 25.64
CA ALA J 255 22.30 -17.91 26.86
C ALA J 255 23.21 -17.56 28.03
N SER J 256 23.10 -16.29 28.45
CA SER J 256 23.92 -15.78 29.55
C SER J 256 23.44 -16.33 30.90
N TRP J 257 22.20 -16.81 30.97
CA TRP J 257 21.79 -17.55 32.17
C TRP J 257 22.69 -18.75 32.42
N ARG J 258 23.29 -19.33 31.37
CA ARG J 258 24.18 -20.48 31.53
C ARG J 258 25.48 -20.10 32.24
N VAL J 259 26.03 -18.93 31.94
CA VAL J 259 27.24 -18.48 32.63
C VAL J 259 26.94 -18.20 34.11
N VAL J 260 25.80 -17.60 34.39
CA VAL J 260 25.46 -17.15 35.74
C VAL J 260 24.86 -18.24 36.61
N LEU J 261 24.10 -19.18 36.04
CA LEU J 261 23.37 -20.18 36.83
C LEU J 261 23.80 -21.64 36.62
N GLU J 262 24.49 -22.00 35.53
CA GLU J 262 24.88 -23.38 35.26
C GLU J 262 26.39 -23.61 35.40
N GLY J 263 27.05 -22.90 36.33
CA GLY J 263 28.40 -23.26 36.75
C GLY J 263 29.50 -22.24 36.50
N GLY J 264 29.23 -21.04 36.01
CA GLY J 264 30.30 -20.09 35.84
C GLY J 264 31.15 -20.43 34.63
N ILE J 265 32.34 -19.81 34.58
CA ILE J 265 33.20 -19.89 33.42
C ILE J 265 34.24 -21.01 33.48
N ASP J 266 34.59 -21.52 34.66
CA ASP J 266 35.60 -22.56 34.76
C ASP J 266 35.23 -23.77 33.94
N PRO J 267 34.01 -24.31 34.02
CA PRO J 267 33.68 -25.49 33.20
C PRO J 267 33.76 -25.19 31.73
N ILE J 268 33.42 -23.97 31.33
CA ILE J 268 33.47 -23.61 29.92
C ILE J 268 34.91 -23.48 29.44
N LEU J 269 35.79 -22.84 30.23
CA LEU J 269 37.20 -22.72 29.82
C LEU J 269 37.86 -24.09 29.70
N ARG J 270 37.58 -25.00 30.64
CA ARG J 270 38.14 -26.34 30.55
C ARG J 270 37.77 -27.00 29.24
N GLY J 271 36.53 -26.81 28.79
CA GLY J 271 36.10 -27.48 27.57
C GLY J 271 36.83 -26.96 26.35
N LEU J 272 36.91 -25.65 26.22
CA LEU J 272 37.76 -25.05 25.21
C LEU J 272 39.19 -25.60 25.20
N MET J 273 39.69 -26.06 26.35
CA MET J 273 41.10 -26.46 26.41
C MET J 273 41.31 -27.95 26.21
N ALA J 274 40.33 -28.78 26.55
CA ALA J 274 40.47 -30.22 26.47
C ALA J 274 39.60 -30.81 25.38
N THR J 275 39.08 -30.00 24.50
CA THR J 275 38.22 -30.44 23.43
C THR J 275 38.85 -30.03 22.10
N PRO J 276 38.85 -30.90 21.09
CA PRO J 276 39.36 -30.47 19.78
C PRO J 276 38.38 -29.56 19.08
N ALA J 277 38.95 -28.70 18.26
CA ALA J 277 38.22 -27.88 17.33
C ALA J 277 37.76 -28.73 16.16
N LYS J 278 36.87 -28.18 15.35
CA LYS J 278 36.52 -28.84 14.11
C LYS J 278 37.63 -28.60 13.11
N LEU J 279 37.94 -29.64 12.34
CA LEU J 279 38.83 -29.53 11.19
C LEU J 279 37.98 -29.15 9.98
N ASN J 280 38.39 -28.08 9.30
CA ASN J 280 37.85 -27.75 7.99
C ASN J 280 38.33 -28.76 6.94
N ARG J 281 37.39 -29.42 6.27
CA ARG J 281 37.66 -30.26 5.12
C ARG J 281 36.73 -29.83 4.00
N GLN J 282 37.12 -30.19 2.77
CA GLN J 282 36.41 -29.73 1.58
C GLN J 282 35.01 -30.32 1.43
N ASN J 283 34.70 -31.40 2.17
CA ASN J 283 33.36 -31.99 2.18
C ASN J 283 32.75 -31.98 3.57
N GLN J 284 33.31 -31.16 4.49
CA GLN J 284 32.87 -30.94 5.85
C GLN J 284 33.22 -29.50 6.22
N ILE J 285 32.52 -28.52 5.63
CA ILE J 285 32.93 -27.13 5.75
C ILE J 285 32.38 -26.47 7.01
N ALA J 286 31.07 -26.44 7.18
CA ALA J 286 30.47 -25.87 8.39
C ALA J 286 29.29 -26.73 8.85
N VAL J 287 29.02 -26.74 10.19
CA VAL J 287 28.04 -27.65 10.76
C VAL J 287 26.64 -27.06 10.64
N ASP J 288 25.62 -27.91 10.75
CA ASP J 288 24.23 -27.43 10.64
C ASP J 288 23.78 -26.65 11.89
N GLU J 289 24.48 -26.73 13.01
CA GLU J 289 24.07 -25.89 14.12
C GLU J 289 24.18 -24.41 13.76
N ILE J 290 25.18 -24.03 12.94
CA ILE J 290 25.26 -22.66 12.44
C ILE J 290 24.72 -22.52 11.02
N ARG J 291 24.60 -23.63 10.27
CA ARG J 291 24.07 -23.61 8.91
C ARG J 291 22.57 -23.69 8.84
N GLU J 292 21.94 -24.32 9.84
CA GLU J 292 20.50 -24.46 9.92
C GLU J 292 19.84 -23.81 11.14
N ARG J 293 20.55 -23.64 12.28
CA ARG J 293 19.86 -23.28 13.52
C ARG J 293 20.45 -22.06 14.21
N LEU J 294 21.16 -21.22 13.48
CA LEU J 294 21.77 -20.06 14.07
C LEU J 294 20.71 -19.11 14.62
N PHE J 295 20.80 -18.80 15.92
CA PHE J 295 19.93 -17.83 16.63
C PHE J 295 18.48 -18.29 16.70
N GLU J 296 18.26 -19.59 16.51
CA GLU J 296 16.94 -20.16 16.42
C GLU J 296 16.07 -19.84 17.62
N GLN J 297 16.64 -19.50 18.77
CA GLN J 297 15.83 -19.22 19.96
C GLN J 297 15.34 -17.77 20.01
N VAL J 298 15.93 -16.86 19.25
CA VAL J 298 15.72 -15.44 19.43
C VAL J 298 15.29 -14.75 18.16
N MET J 299 15.10 -15.47 17.08
CA MET J 299 14.71 -14.91 15.80
C MET J 299 13.47 -15.64 15.32
N ARG J 300 12.87 -15.17 14.24
CA ARG J 300 11.67 -15.82 13.73
C ARG J 300 11.97 -17.09 12.98
N ILE J 301 13.21 -17.29 12.57
CA ILE J 301 13.61 -18.48 11.84
C ILE J 301 15.09 -18.65 12.11
N GLY J 302 15.57 -19.89 12.03
CA GLY J 302 16.99 -20.12 12.20
C GLY J 302 17.75 -19.68 10.97
N LEU J 303 18.85 -18.98 11.17
CA LEU J 303 19.59 -18.47 10.05
C LEU J 303 20.66 -19.48 9.60
N ASP J 304 21.36 -19.11 8.53
CA ASP J 304 22.33 -19.97 7.85
C ASP J 304 23.54 -19.07 7.78
N LEU J 305 24.52 -19.33 8.63
CA LEU J 305 25.63 -18.41 8.80
C LEU J 305 26.51 -18.40 7.57
N PRO J 306 26.80 -19.55 6.95
CA PRO J 306 27.59 -19.50 5.70
C PRO J 306 26.85 -18.76 4.58
N ALA J 307 25.53 -18.91 4.50
CA ALA J 307 24.78 -18.16 3.51
C ALA J 307 24.79 -16.67 3.83
N LEU J 308 24.77 -16.31 5.11
CA LEU J 308 24.88 -14.90 5.44
C LEU J 308 26.25 -14.36 5.02
N ASN J 309 27.28 -15.17 5.15
CA ASN J 309 28.62 -14.72 4.79
C ASN J 309 28.68 -14.37 3.32
N MET J 310 28.02 -15.15 2.47
CA MET J 310 28.09 -14.89 1.05
C MET J 310 27.23 -13.68 0.68
N GLN J 311 26.02 -13.57 1.26
CA GLN J 311 25.21 -12.38 1.02
C GLN J 311 25.91 -11.13 1.49
N ARG J 312 26.52 -11.19 2.67
CA ARG J 312 27.24 -10.04 3.17
C ARG J 312 28.30 -9.58 2.20
N SER J 313 29.07 -10.51 1.62
CA SER J 313 30.14 -10.10 0.71
C SER J 313 29.54 -9.43 -0.52
N ARG J 314 28.30 -9.78 -0.87
CA ARG J 314 27.62 -9.08 -1.97
C ARG J 314 27.11 -7.73 -1.52
N ASP J 315 26.47 -7.69 -0.34
CA ASP J 315 26.11 -6.41 0.28
C ASP J 315 27.27 -5.42 0.26
N HIS J 316 28.50 -5.90 0.49
CA HIS J 316 29.67 -5.04 0.63
C HIS J 316 30.39 -4.82 -0.70
N GLY J 317 29.83 -5.32 -1.79
CA GLY J 317 30.41 -5.11 -3.11
C GLY J 317 31.78 -5.72 -3.27
N LEU J 318 32.07 -6.81 -2.57
CA LEU J 318 33.38 -7.42 -2.66
C LEU J 318 33.57 -8.16 -4.00
N PRO J 319 34.71 -8.00 -4.66
CA PRO J 319 34.96 -8.75 -5.89
C PRO J 319 35.06 -10.24 -5.61
N GLY J 320 35.07 -11.00 -6.70
CA GLY J 320 35.05 -12.45 -6.65
C GLY J 320 36.41 -13.07 -6.36
N TYR J 321 36.41 -14.41 -6.31
CA TYR J 321 37.60 -15.18 -5.96
C TYR J 321 38.81 -14.87 -6.84
N ASN J 322 38.62 -14.83 -8.17
CA ASN J 322 39.78 -14.58 -9.03
C ASN J 322 40.34 -13.17 -8.88
N ALA J 323 39.50 -12.20 -8.56
CA ALA J 323 40.00 -10.84 -8.35
C ALA J 323 40.95 -10.81 -7.17
N TRP J 324 40.65 -11.59 -6.13
CA TRP J 324 41.46 -11.62 -4.91
C TRP J 324 42.69 -12.51 -5.05
N ARG J 325 42.57 -13.68 -5.67
CA ARG J 325 43.77 -14.38 -6.09
C ARG J 325 44.70 -13.42 -6.82
N ARG J 326 44.16 -12.69 -7.80
CA ARG J 326 45.01 -11.75 -8.54
C ARG J 326 45.63 -10.73 -7.61
N PHE J 327 44.85 -10.19 -6.66
CA PHE J 327 45.39 -9.23 -5.71
C PHE J 327 46.54 -9.85 -4.93
N CYS J 328 46.39 -11.11 -4.54
CA CYS J 328 47.41 -11.79 -3.75
C CYS J 328 48.60 -12.31 -4.54
N GLY J 329 48.54 -12.32 -5.88
CA GLY J 329 49.63 -12.80 -6.71
C GLY J 329 49.58 -14.28 -7.06
N LEU J 330 48.42 -14.96 -6.87
CA LEU J 330 48.25 -16.39 -7.08
C LEU J 330 47.57 -16.68 -8.41
N PRO J 331 47.79 -17.84 -9.01
CA PRO J 331 47.15 -18.12 -10.30
C PRO J 331 45.63 -18.06 -10.22
N GLN J 332 45.02 -17.66 -11.35
CA GLN J 332 43.59 -17.37 -11.47
C GLN J 332 42.90 -18.36 -12.38
N PRO J 333 42.33 -19.44 -11.86
CA PRO J 333 41.77 -20.48 -12.72
C PRO J 333 40.48 -20.02 -13.37
N GLU J 334 40.28 -20.49 -14.62
CA GLU J 334 39.17 -20.08 -15.47
C GLU J 334 38.28 -21.22 -15.95
N THR J 335 38.83 -22.43 -16.09
CA THR J 335 38.12 -23.66 -16.38
C THR J 335 37.92 -24.51 -15.12
N VAL J 336 37.01 -25.49 -15.23
CA VAL J 336 36.80 -26.43 -14.13
C VAL J 336 38.06 -27.20 -13.82
N GLY J 337 38.78 -27.61 -14.88
CA GLY J 337 40.00 -28.35 -14.64
C GLY J 337 41.03 -27.54 -13.89
N GLN J 338 41.27 -26.30 -14.34
CA GLN J 338 42.23 -25.46 -13.64
C GLN J 338 41.79 -25.25 -12.20
N LEU J 339 40.47 -25.10 -11.96
CA LEU J 339 40.00 -24.94 -10.58
C LEU J 339 40.25 -26.23 -9.79
N GLY J 340 40.07 -27.38 -10.44
CA GLY J 340 40.34 -28.64 -9.76
C GLY J 340 41.76 -28.73 -9.25
N THR J 341 42.72 -28.28 -10.07
CA THR J 341 44.14 -28.27 -9.68
C THR J 341 44.38 -27.29 -8.53
N VAL J 342 43.83 -26.08 -8.63
CA VAL J 342 44.00 -25.11 -7.56
C VAL J 342 43.45 -25.65 -6.24
N LEU J 343 42.32 -26.33 -6.31
CA LEU J 343 41.70 -26.88 -5.11
C LEU J 343 42.20 -28.27 -4.79
N ARG J 344 42.96 -28.88 -5.68
CA ARG J 344 43.35 -30.28 -5.53
C ARG J 344 42.13 -31.13 -5.17
N ASN J 345 41.04 -30.90 -5.92
CA ASN J 345 39.75 -31.53 -5.65
C ASN J 345 38.83 -31.24 -6.83
N LEU J 346 38.70 -32.18 -7.74
CA LEU J 346 37.93 -31.90 -8.94
C LEU J 346 36.43 -31.95 -8.70
N LYS J 347 35.96 -32.66 -7.66
CA LYS J 347 34.52 -32.73 -7.41
C LYS J 347 34.03 -31.40 -6.85
N LEU J 348 34.74 -30.85 -5.86
CA LEU J 348 34.39 -29.56 -5.30
C LEU J 348 34.40 -28.47 -6.37
N ALA J 349 35.40 -28.52 -7.25
CA ALA J 349 35.44 -27.56 -8.34
C ALA J 349 34.19 -27.68 -9.21
N ARG J 350 33.75 -28.90 -9.53
CA ARG J 350 32.54 -29.07 -10.34
C ARG J 350 31.35 -28.41 -9.65
N LYS J 351 31.10 -28.79 -8.40
CA LYS J 351 30.00 -28.20 -7.64
C LYS J 351 30.07 -26.67 -7.66
N LEU J 352 31.27 -26.11 -7.48
CA LEU J 352 31.38 -24.64 -7.44
C LEU J 352 31.06 -24.03 -8.81
N MET J 353 31.42 -24.71 -9.90
CA MET J 353 31.17 -24.21 -11.24
C MET J 353 29.70 -24.31 -11.62
N GLU J 354 29.00 -25.32 -11.12
CA GLU J 354 27.57 -25.45 -11.38
C GLU J 354 26.82 -24.30 -10.77
N GLN J 355 27.23 -23.88 -9.56
CA GLN J 355 26.56 -22.80 -8.84
C GLN J 355 26.88 -21.44 -9.44
N TYR J 356 28.18 -21.19 -9.68
CA TYR J 356 28.72 -19.87 -10.01
C TYR J 356 28.99 -19.67 -11.49
N GLY J 357 29.19 -20.74 -12.25
CA GLY J 357 29.44 -20.62 -13.67
C GLY J 357 30.87 -20.31 -14.03
N THR J 358 31.56 -19.58 -13.14
CA THR J 358 32.91 -19.15 -13.41
C THR J 358 33.63 -18.87 -12.11
N PRO J 359 34.92 -19.17 -12.01
CA PRO J 359 35.65 -18.78 -10.80
C PRO J 359 35.71 -17.29 -10.58
N ASN J 360 35.39 -16.46 -11.57
CA ASN J 360 35.38 -15.03 -11.32
C ASN J 360 34.28 -14.64 -10.34
N ASN J 361 33.24 -15.45 -10.21
CA ASN J 361 32.04 -15.09 -9.48
C ASN J 361 31.95 -15.74 -8.11
N ILE J 362 32.91 -16.60 -7.77
CA ILE J 362 32.88 -17.27 -6.48
C ILE J 362 33.04 -16.23 -5.39
N ASP J 363 32.25 -16.37 -4.33
CA ASP J 363 32.27 -15.45 -3.20
C ASP J 363 33.52 -15.68 -2.35
N ILE J 364 34.16 -14.59 -1.93
CA ILE J 364 35.50 -14.66 -1.35
C ILE J 364 35.54 -15.68 -0.23
N TRP J 365 34.53 -15.67 0.63
CA TRP J 365 34.50 -16.65 1.71
C TRP J 365 34.43 -18.07 1.17
N MET J 366 33.47 -18.32 0.27
CA MET J 366 33.29 -19.69 -0.22
C MET J 366 34.55 -20.18 -0.91
N GLY J 367 35.17 -19.34 -1.74
CA GLY J 367 36.43 -19.71 -2.35
C GLY J 367 37.53 -19.83 -1.33
N GLY J 368 37.64 -18.86 -0.42
CA GLY J 368 38.72 -18.86 0.54
C GLY J 368 38.75 -20.12 1.39
N VAL J 369 37.60 -20.53 1.94
CA VAL J 369 37.58 -21.67 2.84
C VAL J 369 37.51 -23.01 2.11
N SER J 370 37.40 -23.00 0.77
CA SER J 370 37.46 -24.21 -0.05
C SER J 370 38.87 -24.63 -0.41
N GLU J 371 39.80 -23.67 -0.45
CA GLU J 371 41.17 -23.96 -0.83
C GLU J 371 41.78 -24.93 0.17
N PRO J 372 42.71 -25.77 -0.27
CA PRO J 372 43.33 -26.73 0.65
C PRO J 372 44.25 -26.02 1.63
N LEU J 373 44.23 -26.50 2.86
CA LEU J 373 44.92 -25.83 3.94
C LEU J 373 46.44 -25.89 3.73
N LYS J 374 47.12 -24.81 4.07
CA LYS J 374 48.57 -24.77 4.06
C LYS J 374 49.16 -25.67 5.16
N ARG J 375 50.37 -26.16 4.92
CA ARG J 375 51.05 -27.04 5.87
C ARG J 375 51.18 -26.39 7.24
N LYS J 376 50.65 -27.06 8.26
CA LYS J 376 50.65 -26.60 9.65
C LYS J 376 49.86 -25.32 9.82
N GLY J 377 49.03 -24.96 8.85
CA GLY J 377 48.08 -23.88 8.97
C GLY J 377 46.64 -24.35 8.80
N ARG J 378 45.72 -23.39 8.87
CA ARG J 378 44.31 -23.73 8.78
C ARG J 378 43.57 -22.84 7.79
N VAL J 379 44.31 -22.16 6.91
CA VAL J 379 43.75 -21.41 5.81
C VAL J 379 44.54 -21.75 4.56
N GLY J 380 43.95 -21.47 3.41
CA GLY J 380 44.62 -21.71 2.15
C GLY J 380 45.50 -20.54 1.77
N PRO J 381 46.12 -20.57 0.60
CA PRO J 381 47.01 -19.45 0.25
C PRO J 381 46.26 -18.14 0.11
N LEU J 382 45.04 -18.17 -0.39
CA LEU J 382 44.30 -16.93 -0.58
C LEU J 382 44.02 -16.25 0.75
N LEU J 383 43.49 -17.01 1.72
CA LEU J 383 43.12 -16.42 3.00
C LEU J 383 44.36 -16.07 3.82
N ALA J 384 45.43 -16.87 3.70
CA ALA J 384 46.69 -16.54 4.34
C ALA J 384 47.18 -15.16 3.91
N CYS J 385 47.17 -14.89 2.61
CA CYS J 385 47.63 -13.57 2.15
C CYS J 385 46.80 -12.44 2.74
N ILE J 386 45.48 -12.54 2.71
CA ILE J 386 44.62 -11.46 3.18
C ILE J 386 44.73 -11.29 4.70
N ILE J 387 44.64 -12.39 5.44
CA ILE J 387 44.74 -12.33 6.88
C ILE J 387 46.13 -11.84 7.29
N GLY J 388 47.17 -12.47 6.74
CA GLY J 388 48.52 -12.05 7.05
C GLY J 388 48.77 -10.60 6.72
N THR J 389 48.22 -10.12 5.59
CA THR J 389 48.50 -8.75 5.18
C THR J 389 47.84 -7.77 6.17
N GLN J 390 46.64 -8.09 6.61
CA GLN J 390 45.96 -7.23 7.55
C GLN J 390 46.74 -7.15 8.84
N PHE J 391 47.12 -8.30 9.38
CA PHE J 391 47.82 -8.29 10.67
C PHE J 391 49.20 -7.66 10.56
N ARG J 392 49.83 -7.65 9.39
CA ARG J 392 51.08 -6.91 9.32
C ARG J 392 50.83 -5.41 9.41
N LYS J 393 49.81 -4.90 8.71
CA LYS J 393 49.48 -3.49 8.81
C LYS J 393 49.06 -3.08 10.22
N LEU J 394 48.33 -3.94 10.91
CA LEU J 394 47.90 -3.63 12.27
C LEU J 394 49.08 -3.61 13.24
N ARG J 395 50.18 -4.27 12.91
CA ARG J 395 51.36 -4.30 13.77
C ARG J 395 52.30 -3.14 13.47
N ASP J 396 52.64 -3.00 12.19
CA ASP J 396 53.60 -2.00 11.75
C ASP J 396 53.00 -0.63 11.77
N GLY J 397 51.68 -0.52 11.67
CA GLY J 397 51.02 0.78 11.66
C GLY J 397 50.42 1.22 12.98
N ASP J 398 50.83 0.57 14.07
CA ASP J 398 50.36 0.86 15.42
C ASP J 398 51.48 1.53 16.20
N ARG J 399 51.28 2.79 16.57
CA ARG J 399 52.27 3.53 17.34
C ARG J 399 52.51 2.97 18.73
N PHE J 400 51.54 2.21 19.25
CA PHE J 400 51.52 1.64 20.59
C PHE J 400 51.70 0.12 20.58
N TRP J 401 52.12 -0.45 19.45
CA TRP J 401 52.57 -1.83 19.45
C TRP J 401 53.54 -2.07 20.60
N TRP J 402 53.48 -3.24 21.19
CA TRP J 402 54.16 -3.39 22.46
C TRP J 402 55.68 -3.40 22.31
N GLU J 403 56.20 -3.82 21.16
CA GLU J 403 57.64 -3.86 20.94
C GLU J 403 58.22 -2.53 20.47
N ASN J 404 57.43 -1.48 20.37
CA ASN J 404 57.90 -0.25 19.77
C ASN J 404 58.59 0.59 20.83
N GLU J 405 59.79 1.08 20.51
CA GLU J 405 60.58 1.81 21.47
C GLU J 405 59.79 2.98 22.04
N GLY J 406 59.82 3.14 23.37
CA GLY J 406 59.06 4.18 24.06
C GLY J 406 57.71 3.74 24.60
N VAL J 407 57.15 2.63 24.11
CA VAL J 407 55.87 2.18 24.65
C VAL J 407 56.08 1.54 26.02
N PHE J 408 56.88 0.47 26.09
CA PHE J 408 57.33 -0.15 27.31
C PHE J 408 58.84 0.03 27.47
N SER J 409 59.35 -0.15 28.69
CA SER J 409 60.79 -0.14 28.87
C SER J 409 61.35 -1.48 28.43
N MET J 410 62.67 -1.57 28.37
CA MET J 410 63.29 -2.83 27.94
C MET J 410 62.95 -3.97 28.90
N GLN J 411 63.06 -3.72 30.22
CA GLN J 411 62.69 -4.72 31.21
C GLN J 411 61.22 -5.10 31.16
N GLN J 412 60.35 -4.12 30.91
CA GLN J 412 58.94 -4.42 30.76
C GLN J 412 58.70 -5.37 29.57
N ARG J 413 59.38 -5.13 28.44
CA ARG J 413 59.25 -6.03 27.30
C ARG J 413 59.78 -7.43 27.62
N GLN J 414 60.82 -7.52 28.43
CA GLN J 414 61.28 -8.83 28.88
C GLN J 414 60.25 -9.50 29.78
N ALA J 415 59.53 -8.72 30.60
CA ALA J 415 58.59 -9.35 31.52
C ALA J 415 57.36 -9.80 30.77
N LEU J 416 56.92 -9.04 29.78
CA LEU J 416 55.66 -9.39 29.12
C LEU J 416 55.83 -10.62 28.28
N ALA J 417 57.05 -10.87 27.83
CA ALA J 417 57.29 -12.03 26.98
C ALA J 417 57.04 -13.35 27.68
N GLN J 418 57.06 -13.36 29.03
CA GLN J 418 56.72 -14.55 29.83
C GLN J 418 55.21 -14.82 29.92
N ILE J 419 54.36 -13.92 29.42
CA ILE J 419 52.94 -14.14 29.60
C ILE J 419 52.44 -15.23 28.67
N SER J 420 51.25 -15.76 29.01
CA SER J 420 50.57 -16.82 28.26
C SER J 420 49.12 -16.95 28.75
N LEU J 421 48.27 -17.35 27.82
CA LEU J 421 46.85 -17.51 28.13
C LEU J 421 46.65 -18.59 29.20
N PRO J 422 47.36 -19.71 29.20
CA PRO J 422 47.19 -20.64 30.33
C PRO J 422 47.52 -19.99 31.66
N ARG J 423 48.47 -19.08 31.69
CA ARG J 423 48.80 -18.45 32.95
C ARG J 423 47.70 -17.51 33.40
N ILE J 424 47.16 -16.71 32.48
CA ILE J 424 46.07 -15.80 32.83
C ILE J 424 44.92 -16.58 33.44
N ILE J 425 44.67 -17.78 32.91
CA ILE J 425 43.56 -18.62 33.39
C ILE J 425 43.83 -19.10 34.81
N CYS J 426 45.05 -19.60 35.06
CA CYS J 426 45.43 -19.94 36.42
C CYS J 426 45.12 -18.80 37.39
N ASP J 427 45.54 -17.58 37.04
CA ASP J 427 45.56 -16.46 37.99
C ASP J 427 44.19 -15.87 38.25
N ASN J 428 43.19 -16.19 37.41
CA ASN J 428 41.89 -15.54 37.46
C ASN J 428 40.72 -16.49 37.52
N THR J 429 40.95 -17.79 37.75
CA THR J 429 39.88 -18.77 37.87
C THR J 429 40.24 -19.76 38.97
N GLY J 430 39.40 -20.75 39.15
CA GLY J 430 39.71 -21.84 40.05
C GLY J 430 40.37 -23.03 39.38
N ILE J 431 40.88 -22.88 38.16
CA ILE J 431 41.45 -23.99 37.39
C ILE J 431 42.92 -24.06 37.73
N THR J 432 43.32 -25.10 38.45
CA THR J 432 44.71 -25.34 38.82
C THR J 432 45.46 -26.21 37.82
N THR J 433 44.81 -26.70 36.79
CA THR J 433 45.43 -27.55 35.79
C THR J 433 45.01 -27.06 34.43
N VAL J 434 46.00 -26.63 33.64
CA VAL J 434 45.77 -25.97 32.36
C VAL J 434 46.63 -26.64 31.30
N SER J 435 46.43 -26.24 30.06
CA SER J 435 47.10 -26.88 28.96
C SER J 435 48.46 -26.26 28.77
N LYS J 436 49.43 -27.09 28.40
CA LYS J 436 50.77 -26.60 28.18
C LYS J 436 50.81 -25.76 26.90
N ASN J 437 51.69 -24.76 26.90
CA ASN J 437 51.90 -23.95 25.72
C ASN J 437 52.33 -24.86 24.57
N ASN J 438 51.77 -24.66 23.38
CA ASN J 438 50.81 -23.66 22.91
C ASN J 438 49.36 -24.09 23.16
N ILE J 439 48.61 -23.25 23.90
CA ILE J 439 47.23 -23.56 24.30
C ILE J 439 46.32 -23.83 23.11
N PHE J 440 46.65 -23.25 21.94
CA PHE J 440 45.80 -23.42 20.76
C PHE J 440 46.05 -24.75 20.05
N MET J 441 47.17 -25.40 20.32
CA MET J 441 47.45 -26.74 19.82
C MET J 441 47.12 -27.83 20.83
N SER J 442 47.55 -27.67 22.08
CA SER J 442 47.19 -28.59 23.15
C SER J 442 45.68 -28.84 23.21
N ASN J 443 45.28 -30.11 23.25
CA ASN J 443 43.84 -30.38 23.31
C ASN J 443 43.40 -31.68 23.99
N SER J 444 44.31 -32.56 24.41
CA SER J 444 43.94 -33.85 24.98
C SER J 444 44.30 -33.92 26.46
N TYR J 445 43.31 -34.21 27.29
CA TYR J 445 43.65 -34.40 28.69
C TYR J 445 43.93 -35.89 28.98
N PRO J 446 44.94 -36.27 29.78
CA PRO J 446 45.93 -35.46 30.51
C PRO J 446 47.23 -35.25 29.72
N ARG J 447 47.31 -35.77 28.50
CA ARG J 447 48.57 -35.71 27.74
C ARG J 447 49.14 -34.29 27.69
N ASP J 448 48.29 -33.30 27.40
CA ASP J 448 48.74 -31.96 27.06
C ASP J 448 48.49 -30.97 28.19
N PHE J 449 48.34 -31.46 29.42
CA PHE J 449 48.08 -30.60 30.56
C PHE J 449 49.20 -30.67 31.59
N VAL J 450 49.34 -29.56 32.31
CA VAL J 450 50.31 -29.40 33.39
C VAL J 450 49.66 -28.61 34.54
N ASN J 451 50.24 -28.75 35.73
CA ASN J 451 49.86 -27.98 36.89
C ASN J 451 50.21 -26.51 36.68
N CYS J 452 49.41 -25.62 37.29
CA CYS J 452 49.70 -24.20 37.17
C CYS J 452 51.07 -23.85 37.72
N SER J 453 51.55 -24.59 38.72
CA SER J 453 52.86 -24.25 39.30
C SER J 453 53.99 -24.26 38.28
N THR J 454 53.84 -24.96 37.16
CA THR J 454 54.93 -25.06 36.20
C THR J 454 55.08 -23.80 35.33
N LEU J 455 54.08 -22.94 35.30
CA LEU J 455 54.14 -21.74 34.48
C LEU J 455 54.64 -20.57 35.29
N PRO J 456 55.47 -19.71 34.73
CA PRO J 456 55.92 -18.55 35.48
C PRO J 456 54.90 -17.41 35.42
N ALA J 457 54.91 -16.62 36.47
CA ALA J 457 53.99 -15.50 36.57
C ALA J 457 54.62 -14.26 35.94
N LEU J 458 53.74 -13.36 35.52
CA LEU J 458 54.14 -12.04 35.04
C LEU J 458 54.67 -11.23 36.22
N ASN J 459 55.90 -10.76 36.11
CA ASN J 459 56.56 -10.06 37.19
C ASN J 459 56.44 -8.56 36.90
N LEU J 460 55.74 -7.85 37.77
CA LEU J 460 55.49 -6.43 37.56
C LEU J 460 56.54 -5.56 38.24
N ALA J 461 57.63 -6.16 38.70
CA ALA J 461 58.66 -5.38 39.36
C ALA J 461 59.09 -4.14 38.55
N SER J 462 59.20 -4.25 37.23
CA SER J 462 59.72 -3.09 36.49
C SER J 462 58.66 -2.00 36.23
N TRP J 463 57.51 -2.07 36.86
CA TRP J 463 56.52 -1.01 36.79
C TRP J 463 56.58 -0.10 38.02
N ARG J 464 57.52 -0.36 38.92
CA ARG J 464 57.55 0.28 40.22
C ARG J 464 58.19 1.64 40.10
N GLU J 465 57.64 2.62 40.83
CA GLU J 465 58.21 3.98 40.91
C GLU J 465 58.48 4.38 42.38
N ALA K 1 18.81 24.02 -18.79
CA ALA K 1 20.07 24.59 -19.29
C ALA K 1 19.78 25.64 -20.36
N ASN K 2 20.79 26.47 -20.64
CA ASN K 2 20.58 27.66 -21.45
C ASN K 2 20.49 27.32 -22.95
N PHE K 3 19.70 28.12 -23.65
CA PHE K 3 19.63 28.04 -25.09
C PHE K 3 20.92 28.60 -25.67
N LEU K 4 21.44 27.94 -26.70
CA LEU K 4 22.71 28.32 -27.30
C LEU K 4 22.51 29.03 -28.63
N GLU K 5 23.37 30.00 -28.92
CA GLU K 5 23.21 30.80 -30.12
C GLU K 5 23.12 29.93 -31.38
N HIS K 6 23.83 28.78 -31.39
CA HIS K 6 23.81 27.91 -32.56
C HIS K 6 22.50 27.16 -32.69
N GLU K 7 21.75 26.98 -31.59
CA GLU K 7 20.46 26.29 -31.67
C GLU K 7 19.43 27.10 -32.43
N LEU K 8 19.66 28.41 -32.58
CA LEU K 8 18.74 29.23 -33.39
C LEU K 8 18.66 28.71 -34.82
N SER K 9 19.79 28.30 -35.41
CA SER K 9 19.73 27.81 -36.79
C SER K 9 18.85 26.56 -36.93
N TYR K 10 18.57 25.85 -35.82
CA TYR K 10 17.64 24.74 -35.88
C TYR K 10 16.20 25.23 -35.94
N ILE K 11 15.93 26.42 -35.42
CA ILE K 11 14.60 27.00 -35.53
C ILE K 11 14.29 27.28 -36.99
N ASP K 12 15.26 27.89 -37.70
CA ASP K 12 15.07 28.18 -39.12
C ASP K 12 14.72 26.93 -39.92
N VAL K 13 15.28 25.79 -39.52
CA VAL K 13 15.07 24.56 -40.27
C VAL K 13 13.67 24.00 -40.02
N LEU K 14 13.29 23.89 -38.75
CA LEU K 14 11.93 23.46 -38.43
C LEU K 14 10.91 24.38 -39.11
N LEU K 15 11.07 25.69 -38.94
CA LEU K 15 10.19 26.68 -39.56
C LEU K 15 10.64 26.97 -40.99
N ASP K 16 10.53 25.94 -41.84
CA ASP K 16 10.90 26.08 -43.24
C ASP K 16 10.04 25.15 -44.07
N LYS K 17 9.47 25.70 -45.15
CA LYS K 17 8.67 24.88 -46.07
C LYS K 17 9.53 23.80 -46.73
N ASN K 18 10.73 24.17 -47.18
CA ASN K 18 11.68 23.22 -47.78
C ASN K 18 12.44 22.51 -46.66
N ALA K 19 11.75 21.58 -45.99
CA ALA K 19 12.31 20.90 -44.83
C ALA K 19 11.98 19.42 -44.94
N ASP K 20 13.00 18.59 -45.09
CA ASP K 20 12.81 17.14 -45.06
C ASP K 20 12.09 16.71 -43.79
N GLN K 21 11.07 15.82 -43.94
CA GLN K 21 10.23 15.41 -42.80
C GLN K 21 11.00 14.56 -41.79
N ALA K 22 12.06 13.88 -42.23
CA ALA K 22 12.85 13.07 -41.31
C ALA K 22 13.78 13.94 -40.46
N THR K 23 14.52 14.87 -41.09
CA THR K 23 15.41 15.73 -40.32
C THR K 23 14.63 16.77 -39.53
N LYS K 24 13.36 16.98 -39.86
CA LYS K 24 12.49 17.86 -39.10
C LYS K 24 11.97 17.16 -37.85
N ASP K 25 11.56 15.89 -37.96
CA ASP K 25 11.15 15.10 -36.80
C ASP K 25 12.33 14.67 -35.93
N ASN K 26 13.55 14.81 -36.42
CA ASN K 26 14.72 14.53 -35.60
C ASN K 26 15.06 15.70 -34.71
N LEU K 27 14.95 16.92 -35.24
CA LEU K 27 15.14 18.10 -34.40
C LEU K 27 14.01 18.29 -33.39
N ARG K 28 12.84 17.69 -33.62
CA ARG K 28 11.80 17.77 -32.59
C ARG K 28 12.03 16.72 -31.50
N SER K 29 12.70 15.62 -31.83
CA SER K 29 13.09 14.64 -30.83
C SER K 29 14.27 15.12 -29.98
N TYR K 30 15.10 16.01 -30.54
CA TYR K 30 16.24 16.60 -29.81
C TYR K 30 15.77 17.66 -28.82
N PHE K 31 14.97 18.61 -29.28
CA PHE K 31 14.36 19.59 -28.39
C PHE K 31 13.34 18.94 -27.43
N ALA K 32 12.84 17.73 -27.73
CA ALA K 32 11.97 17.03 -26.79
C ALA K 32 12.77 16.34 -25.68
N ASP K 33 14.02 15.98 -25.96
CA ASP K 33 14.93 15.47 -24.94
C ASP K 33 15.34 16.57 -23.95
N LYS K 34 15.11 17.84 -24.27
CA LYS K 34 15.46 18.94 -23.38
C LYS K 34 14.27 19.51 -22.62
N GLY K 35 13.05 19.13 -22.98
CA GLY K 35 11.86 19.65 -22.34
C GLY K 35 11.21 20.80 -23.09
N LEU K 36 11.20 20.71 -24.41
CA LEU K 36 10.56 21.73 -25.24
C LEU K 36 9.81 20.99 -26.35
N HIS K 37 8.50 20.81 -26.17
CA HIS K 37 7.73 19.86 -26.97
C HIS K 37 6.88 20.51 -28.05
N SER K 38 7.13 21.78 -28.37
CA SER K 38 6.36 22.53 -29.35
C SER K 38 7.20 23.70 -29.87
N ILE K 39 6.92 24.10 -31.11
CA ILE K 39 7.67 25.18 -31.74
C ILE K 39 7.47 26.50 -30.99
N LYS K 40 6.35 26.65 -30.27
CA LYS K 40 6.21 27.82 -29.41
C LYS K 40 7.15 27.72 -28.21
N ASP K 41 7.21 26.55 -27.57
CA ASP K 41 8.08 26.37 -26.41
C ASP K 41 9.54 26.63 -26.77
N ILE K 42 9.95 26.23 -27.96
CA ILE K 42 11.32 26.44 -28.37
C ILE K 42 11.63 27.92 -28.56
N ILE K 43 10.72 28.68 -29.18
CA ILE K 43 10.97 30.12 -29.36
C ILE K 43 11.07 30.83 -28.01
N ASN K 44 10.12 30.55 -27.09
CA ASN K 44 10.12 31.22 -25.79
C ASN K 44 11.41 30.96 -25.03
N LYS K 45 11.90 29.72 -25.08
CA LYS K 45 13.19 29.41 -24.46
C LYS K 45 14.27 30.35 -24.97
N ALA K 46 14.38 30.50 -26.30
CA ALA K 46 15.44 31.33 -26.89
C ALA K 46 15.28 32.80 -26.51
N LYS K 47 14.04 33.29 -26.47
CA LYS K 47 13.76 34.66 -26.05
C LYS K 47 14.16 34.87 -24.60
N GLN K 48 13.78 33.93 -23.72
CA GLN K 48 14.07 34.03 -22.30
C GLN K 48 15.56 34.16 -22.03
N ASP K 49 16.37 33.37 -22.74
CA ASP K 49 17.80 33.27 -22.56
C ASP K 49 18.57 34.34 -23.33
N GLY K 50 17.89 35.41 -23.76
CA GLY K 50 18.55 36.62 -24.23
C GLY K 50 18.62 36.82 -25.74
N PHE K 51 18.20 35.82 -26.53
CA PHE K 51 18.28 35.89 -27.99
C PHE K 51 17.06 36.62 -28.57
N ASP K 52 17.27 37.18 -29.78
CA ASP K 52 16.21 37.87 -30.52
C ASP K 52 15.32 36.86 -31.25
N VAL K 53 14.00 36.98 -31.06
CA VAL K 53 13.05 36.04 -31.66
C VAL K 53 12.02 36.75 -32.52
N SER K 54 12.44 37.77 -33.27
CA SER K 54 11.48 38.55 -34.05
C SER K 54 10.72 37.65 -35.02
N LYS K 55 11.44 36.88 -35.82
CA LYS K 55 10.84 36.06 -36.86
C LYS K 55 9.77 35.10 -36.32
N ALA L 1 22.32 5.07 26.92
CA ALA L 1 21.44 6.11 27.52
C ALA L 1 20.66 5.58 28.72
N ASN L 2 20.37 4.29 28.69
CA ASN L 2 19.60 3.70 29.76
C ASN L 2 20.52 3.53 30.97
N PHE L 3 19.96 3.74 32.16
CA PHE L 3 20.65 3.43 33.42
C PHE L 3 21.10 1.97 33.43
N LEU L 4 22.27 1.72 34.02
CA LEU L 4 22.78 0.35 34.15
C LEU L 4 22.65 -0.15 35.58
N GLU L 5 22.27 -1.43 35.72
CA GLU L 5 22.17 -2.02 37.04
C GLU L 5 23.37 -1.70 37.95
N HIS L 6 24.61 -1.82 37.44
CA HIS L 6 25.72 -1.67 38.37
C HIS L 6 25.85 -0.23 38.86
N GLU L 7 25.11 0.70 38.27
CA GLU L 7 25.17 2.08 38.72
C GLU L 7 24.30 2.31 39.94
N LEU L 8 23.37 1.41 40.21
CA LEU L 8 22.61 1.52 41.45
C LEU L 8 23.57 1.51 42.64
N SER L 9 24.67 0.76 42.56
CA SER L 9 25.60 0.73 43.71
C SER L 9 26.26 2.08 43.93
N TYR L 10 26.35 2.91 42.88
CA TYR L 10 26.84 4.27 43.04
C TYR L 10 25.83 5.15 43.80
N ILE L 11 24.53 4.92 43.62
CA ILE L 11 23.54 5.66 44.39
C ILE L 11 23.70 5.36 45.86
N ASP L 12 24.12 4.14 46.22
CA ASP L 12 24.34 3.82 47.64
C ASP L 12 25.49 4.67 48.21
N VAL L 13 26.60 4.75 47.47
CA VAL L 13 27.75 5.51 47.91
C VAL L 13 27.40 6.97 48.14
N LEU L 14 26.53 7.54 47.30
CA LEU L 14 26.17 8.96 47.45
C LEU L 14 25.28 9.23 48.64
N LEU L 15 24.68 8.20 49.23
CA LEU L 15 23.88 8.34 50.44
C LEU L 15 24.63 7.89 51.69
N ASP L 16 25.74 7.17 51.54
CA ASP L 16 26.50 6.70 52.70
C ASP L 16 27.20 7.87 53.38
N LYS L 17 26.93 8.03 54.69
CA LYS L 17 27.55 9.12 55.44
C LYS L 17 29.05 8.89 55.65
N ASN L 18 29.46 7.63 55.86
CA ASN L 18 30.86 7.30 56.11
C ASN L 18 31.72 7.33 54.84
N ALA L 19 31.11 7.56 53.68
CA ALA L 19 31.86 7.60 52.43
C ALA L 19 32.57 8.94 52.24
N ASP L 20 33.76 8.88 51.68
CA ASP L 20 34.59 10.07 51.48
C ASP L 20 33.81 11.13 50.71
N GLN L 21 34.29 12.37 50.76
CA GLN L 21 33.67 13.45 49.98
C GLN L 21 34.25 13.56 48.57
N ALA L 22 35.57 13.40 48.41
CA ALA L 22 36.09 13.37 47.04
C ALA L 22 35.49 12.19 46.28
N THR L 23 35.18 11.09 46.98
CA THR L 23 34.51 9.95 46.35
C THR L 23 33.14 10.34 45.79
N LYS L 24 32.29 10.96 46.61
CA LYS L 24 30.96 11.35 46.14
C LYS L 24 31.04 12.41 45.04
N ASP L 25 32.00 13.34 45.13
CA ASP L 25 32.10 14.38 44.10
C ASP L 25 32.40 13.76 42.73
N ASN L 26 33.20 12.69 42.69
CA ASN L 26 33.52 12.07 41.41
C ASN L 26 32.32 11.29 40.86
N LEU L 27 31.54 10.65 41.72
CA LEU L 27 30.33 10.00 41.26
C LEU L 27 29.30 11.01 40.74
N ARG L 28 29.19 12.18 41.41
CA ARG L 28 28.28 13.22 40.93
C ARG L 28 28.73 13.73 39.56
N SER L 29 30.03 13.97 39.39
CA SER L 29 30.53 14.39 38.08
C SER L 29 30.18 13.35 37.02
N TYR L 30 30.50 12.08 37.29
CA TYR L 30 30.19 10.98 36.38
C TYR L 30 28.73 11.01 35.97
N PHE L 31 27.83 11.16 36.94
CA PHE L 31 26.41 11.24 36.62
C PHE L 31 26.01 12.57 35.96
N ALA L 32 26.80 13.64 36.12
CA ALA L 32 26.51 14.88 35.39
C ALA L 32 26.82 14.72 33.91
N ASP L 33 27.99 14.15 33.60
CA ASP L 33 28.40 13.85 32.23
C ASP L 33 27.38 12.98 31.49
N LYS L 34 26.27 12.59 32.15
CA LYS L 34 25.18 11.86 31.50
C LYS L 34 23.87 12.59 31.59
N GLY L 35 23.84 13.77 32.19
CA GLY L 35 22.59 14.53 32.28
C GLY L 35 21.79 14.34 33.55
N LEU L 36 22.40 13.82 34.61
CA LEU L 36 21.73 13.50 35.88
C LEU L 36 22.44 14.33 36.95
N HIS L 37 21.80 15.40 37.44
CA HIS L 37 22.52 16.40 38.22
C HIS L 37 22.28 16.30 39.72
N SER L 38 21.03 16.14 40.16
CA SER L 38 20.73 15.92 41.55
C SER L 38 20.61 14.44 41.86
N ILE L 39 20.73 14.09 43.13
CA ILE L 39 20.57 12.69 43.54
C ILE L 39 19.17 12.19 43.22
N LYS L 40 18.17 13.05 43.30
CA LYS L 40 16.82 12.60 42.96
C LYS L 40 16.70 12.30 41.47
N ASP L 41 17.27 13.15 40.62
CA ASP L 41 17.22 12.91 39.17
C ASP L 41 17.85 11.56 38.82
N ILE L 42 18.92 11.18 39.54
CA ILE L 42 19.60 9.90 39.31
C ILE L 42 18.72 8.75 39.75
N ILE L 43 17.96 8.96 40.84
CA ILE L 43 17.00 7.96 41.29
C ILE L 43 15.90 7.77 40.25
N ASN L 44 15.31 8.89 39.82
CA ASN L 44 14.23 8.84 38.84
C ASN L 44 14.65 8.08 37.59
N LYS L 45 15.82 8.42 37.05
CA LYS L 45 16.30 7.76 35.84
C LYS L 45 16.29 6.26 36.01
N ALA L 46 16.82 5.79 37.15
CA ALA L 46 16.89 4.36 37.40
C ALA L 46 15.50 3.76 37.46
N LYS L 47 14.58 4.44 38.15
CA LYS L 47 13.18 4.00 38.20
C LYS L 47 12.58 3.89 36.80
N GLN L 48 12.80 4.92 35.97
CA GLN L 48 12.34 4.91 34.59
C GLN L 48 12.82 3.68 33.81
N ASP L 49 14.06 3.25 34.04
CA ASP L 49 14.61 2.18 33.22
C ASP L 49 14.48 0.81 33.89
N GLY L 50 13.56 0.68 34.86
CA GLY L 50 13.10 -0.62 35.29
C GLY L 50 13.60 -1.13 36.61
N PHE L 51 14.45 -0.40 37.32
CA PHE L 51 15.06 -0.96 38.52
C PHE L 51 14.24 -0.65 39.78
N ASP L 52 14.48 -1.45 40.82
CA ASP L 52 13.75 -1.29 42.06
C ASP L 52 14.39 -0.16 42.86
N VAL L 53 13.57 0.84 43.16
CA VAL L 53 14.01 2.10 43.76
C VAL L 53 13.38 2.30 45.13
N SER L 54 12.60 1.33 45.61
CA SER L 54 11.82 1.48 46.84
C SER L 54 12.67 1.95 48.03
N LYS L 55 13.89 1.43 48.14
CA LYS L 55 14.73 1.73 49.30
C LYS L 55 15.33 3.13 49.25
N TYR L 56 15.09 3.89 48.16
CA TYR L 56 15.38 5.31 48.07
C TYR L 56 14.07 6.11 47.96
N GLU L 57 13.07 5.73 48.76
CA GLU L 57 11.91 6.60 48.98
C GLU L 57 12.35 7.93 49.58
N HIS L 58 13.20 7.89 50.62
CA HIS L 58 13.49 9.07 51.43
C HIS L 58 14.10 10.25 50.66
N VAL L 59 14.39 10.08 49.36
CA VAL L 59 14.95 11.13 48.46
C VAL L 59 16.46 11.02 48.52
N CYS M 2 -12.65 48.98 -4.59
CA CYS M 2 -11.88 49.16 -5.83
C CYS M 2 -12.69 48.67 -7.02
N PRO M 3 -12.54 49.34 -8.17
CA PRO M 3 -13.21 48.85 -9.38
C PRO M 3 -12.67 47.48 -9.79
N GLU M 4 -13.59 46.62 -10.23
CA GLU M 4 -13.30 45.26 -10.66
C GLU M 4 -12.67 45.20 -12.05
N GLN M 5 -12.55 46.34 -12.75
CA GLN M 5 -11.91 46.42 -14.04
C GLN M 5 -11.34 47.82 -14.18
N ASP M 6 -10.12 47.94 -14.71
CA ASP M 6 -9.50 49.25 -14.94
C ASP M 6 -8.35 49.11 -15.91
N LYS M 7 -8.11 50.16 -16.70
CA LYS M 7 -7.12 50.11 -17.76
C LYS M 7 -5.80 50.71 -17.37
N TYR M 8 -5.80 51.73 -16.49
CA TYR M 8 -4.61 52.53 -16.18
C TYR M 8 -4.41 52.62 -14.69
N ARG M 9 -3.18 52.97 -14.30
CA ARG M 9 -2.90 53.24 -12.92
C ARG M 9 -3.67 54.47 -12.45
N THR M 10 -4.12 54.44 -11.20
CA THR M 10 -4.49 55.69 -10.55
C THR M 10 -3.25 56.53 -10.26
N ILE M 11 -3.47 57.83 -10.11
CA ILE M 11 -2.36 58.75 -9.83
C ILE M 11 -1.77 58.47 -8.45
N THR M 12 -2.62 58.14 -7.47
CA THR M 12 -2.14 57.96 -6.11
C THR M 12 -1.57 56.57 -5.84
N GLY M 13 -1.68 55.65 -6.78
CA GLY M 13 -1.33 54.28 -6.51
C GLY M 13 -2.43 53.49 -5.86
N MET M 14 -3.49 54.12 -5.41
CA MET M 14 -4.57 53.38 -4.78
C MET M 14 -5.07 52.33 -5.76
N CYS M 15 -5.44 51.17 -5.23
CA CYS M 15 -6.11 50.09 -5.94
C CYS M 15 -5.21 49.26 -6.83
N ASN M 16 -3.89 49.43 -6.74
CA ASN M 16 -2.98 48.54 -7.45
C ASN M 16 -3.10 47.12 -6.93
N ASN M 17 -3.17 46.97 -5.60
CA ASN M 17 -3.35 45.70 -4.92
C ASN M 17 -4.80 45.62 -4.51
N ARG M 18 -5.60 44.78 -5.16
CA ARG M 18 -7.03 44.81 -4.89
C ARG M 18 -7.40 44.22 -3.54
N ARG M 19 -6.59 43.33 -2.97
CA ARG M 19 -6.94 42.87 -1.62
C ARG M 19 -6.55 43.87 -0.54
N SER M 20 -5.54 44.69 -0.76
CA SER M 20 -5.10 45.66 0.25
C SER M 20 -4.83 46.98 -0.47
N PRO M 21 -5.88 47.74 -0.78
CA PRO M 21 -5.75 48.75 -1.83
C PRO M 21 -4.84 49.92 -1.52
N THR M 22 -4.30 50.08 -0.32
CA THR M 22 -3.37 51.19 -0.13
C THR M 22 -1.92 50.80 -0.32
N LEU M 23 -1.60 49.52 -0.50
CA LEU M 23 -0.19 49.15 -0.59
C LEU M 23 0.40 49.81 -1.82
N GLY M 24 1.42 50.63 -1.57
CA GLY M 24 2.08 51.40 -2.61
C GLY M 24 1.46 52.76 -2.89
N ALA M 25 0.29 53.04 -2.33
CA ALA M 25 -0.30 54.35 -2.57
C ALA M 25 0.45 55.43 -1.79
N SER M 26 0.25 56.67 -2.21
CA SER M 26 0.98 57.77 -1.61
C SER M 26 0.37 58.17 -0.27
N ASN M 27 1.17 58.92 0.51
CA ASN M 27 0.78 59.42 1.83
C ASN M 27 0.31 58.32 2.76
N ARG M 28 1.10 57.24 2.81
CA ARG M 28 0.94 56.16 3.79
C ARG M 28 2.30 55.92 4.47
N ALA M 29 2.25 55.25 5.61
CA ALA M 29 3.48 55.00 6.35
C ALA M 29 4.34 53.94 5.67
N PHE M 30 5.65 54.03 5.91
CA PHE M 30 6.58 53.04 5.36
C PHE M 30 6.36 51.69 6.01
N VAL M 31 6.69 50.62 5.28
CA VAL M 31 6.73 49.32 5.92
C VAL M 31 8.05 49.19 6.67
N ARG M 32 8.04 48.47 7.77
CA ARG M 32 9.25 48.23 8.55
C ARG M 32 9.73 46.82 8.32
N TRP M 33 10.93 46.65 7.73
CA TRP M 33 11.51 45.31 7.66
C TRP M 33 12.15 44.86 8.96
N LEU M 34 12.42 45.78 9.90
CA LEU M 34 12.90 45.52 11.23
C LEU M 34 12.24 46.49 12.19
N PRO M 35 11.93 46.08 13.42
CA PRO M 35 11.36 47.02 14.39
C PRO M 35 12.28 48.17 14.70
N ALA M 36 11.67 49.33 14.92
CA ALA M 36 12.39 50.57 15.12
C ALA M 36 13.16 50.54 16.43
N GLU M 37 14.19 51.39 16.51
CA GLU M 37 15.11 51.46 17.65
C GLU M 37 15.26 52.91 18.09
N TYR M 38 14.59 53.24 19.16
CA TYR M 38 14.50 54.59 19.65
C TYR M 38 14.91 54.62 21.11
N GLU M 39 15.43 55.76 21.51
CA GLU M 39 16.05 55.90 22.82
C GLU M 39 15.08 55.57 23.95
N ASP M 40 13.81 55.92 23.79
CA ASP M 40 12.74 55.57 24.72
C ASP M 40 11.90 54.35 24.28
N GLY M 41 12.19 53.75 23.14
CA GLY M 41 11.35 52.67 22.63
C GLY M 41 10.39 53.05 21.50
N PHE M 42 9.82 54.26 21.57
CA PHE M 42 8.74 54.63 20.69
C PHE M 42 8.84 56.01 20.06
N SER M 43 9.79 56.86 20.44
CA SER M 43 9.85 58.13 19.73
C SER M 43 11.20 58.84 19.59
N LEU M 44 11.94 58.98 20.67
CA LEU M 44 13.10 59.87 20.68
C LEU M 44 14.27 59.19 19.98
N PRO M 45 14.96 59.88 19.09
CA PRO M 45 16.11 59.26 18.43
C PRO M 45 17.34 59.22 19.34
N TYR M 46 18.23 58.29 19.04
CA TYR M 46 19.49 58.25 19.76
C TYR M 46 20.26 59.51 19.45
N GLY M 47 20.80 60.16 20.46
CA GLY M 47 21.48 61.43 20.29
C GLY M 47 20.69 62.58 20.85
N TRP M 48 19.46 62.29 21.28
CA TRP M 48 18.56 63.32 21.80
C TRP M 48 18.91 63.71 23.22
N THR M 49 18.89 62.75 24.13
CA THR M 49 19.13 63.02 25.53
C THR M 49 20.62 62.88 25.85
N PRO M 50 21.27 63.91 26.39
CA PRO M 50 22.71 63.81 26.62
C PRO M 50 23.02 62.75 27.67
N GLY M 51 24.09 61.99 27.41
CA GLY M 51 24.55 60.94 28.28
C GLY M 51 23.88 59.61 28.09
N VAL M 52 22.92 59.51 27.20
CA VAL M 52 22.16 58.27 27.08
C VAL M 52 22.87 57.38 26.08
N LYS M 53 23.39 56.27 26.55
CA LYS M 53 24.14 55.40 25.66
C LYS M 53 23.18 54.62 24.73
N ARG M 54 23.75 54.12 23.66
CA ARG M 54 23.06 53.18 22.77
C ARG M 54 23.74 51.83 22.86
N ASN M 55 23.01 50.83 23.34
CA ASN M 55 23.53 49.48 23.37
C ASN M 55 24.92 49.43 24.03
N GLY M 56 25.09 50.24 25.08
CA GLY M 56 26.27 50.24 25.92
C GLY M 56 27.37 51.22 25.56
N PHE M 57 27.22 51.98 24.49
CA PHE M 57 28.26 52.88 24.01
C PHE M 57 27.66 54.25 23.70
N PRO M 58 28.41 55.32 23.95
CA PRO M 58 27.92 56.65 23.63
C PRO M 58 27.65 56.82 22.14
N VAL M 59 26.77 57.73 21.85
CA VAL M 59 26.35 57.94 20.48
C VAL M 59 27.28 58.97 19.84
N ALA M 60 27.79 58.67 18.66
CA ALA M 60 28.68 59.56 17.96
C ALA M 60 27.88 60.67 17.32
N LEU M 61 28.32 61.91 17.48
CA LEU M 61 27.76 62.99 16.67
C LEU M 61 27.87 62.69 15.18
N ALA M 62 26.75 62.81 14.44
CA ALA M 62 26.80 62.52 13.01
C ALA M 62 27.87 63.38 12.32
N ARG M 63 28.05 64.62 12.74
CA ARG M 63 29.05 65.48 12.12
C ARG M 63 30.46 64.98 12.41
N ALA M 64 30.66 64.34 13.56
CA ALA M 64 31.99 63.81 13.89
C ALA M 64 32.36 62.60 13.04
N VAL M 65 31.45 61.62 12.94
CA VAL M 65 31.65 60.48 12.04
C VAL M 65 31.97 61.01 10.65
N SER M 66 31.20 62.02 10.20
CA SER M 66 31.44 62.63 8.90
C SER M 66 32.83 63.26 8.80
N ASN M 67 33.29 63.95 9.86
CA ASN M 67 34.60 64.58 9.80
C ASN M 67 35.73 63.55 9.75
N GLU M 68 35.58 62.46 10.51
CA GLU M 68 36.68 61.54 10.73
C GLU M 68 36.72 60.38 9.76
N ILE M 69 35.63 60.10 9.05
CA ILE M 69 35.53 58.95 8.17
C ILE M 69 35.20 59.33 6.73
N VAL M 70 34.32 60.30 6.51
CA VAL M 70 33.86 60.59 5.16
C VAL M 70 34.76 61.60 4.47
N ARG M 71 35.19 62.62 5.19
CA ARG M 71 36.06 63.64 4.64
C ARG M 71 37.27 63.04 3.95
N PHE M 72 37.61 63.59 2.78
CA PHE M 72 38.88 63.29 2.12
C PHE M 72 39.29 64.47 1.26
N PRO M 73 40.60 64.56 0.85
CA PRO M 73 41.05 65.67 -0.02
C PRO M 73 40.52 65.55 -1.45
N THR M 74 39.62 66.47 -1.79
CA THR M 74 38.77 66.34 -2.97
C THR M 74 39.56 66.37 -4.28
N ASP M 75 40.76 66.93 -4.30
CA ASP M 75 41.54 66.93 -5.53
C ASP M 75 42.04 65.54 -5.95
N GLN M 76 41.98 64.56 -5.04
CA GLN M 76 42.46 63.21 -5.29
C GLN M 76 41.32 62.30 -5.69
N LEU M 77 40.16 62.88 -5.93
CA LEU M 77 38.97 62.18 -6.40
C LEU M 77 39.27 61.20 -7.54
N THR M 78 38.67 60.01 -7.47
CA THR M 78 38.97 58.98 -8.48
C THR M 78 37.80 58.85 -9.44
N PRO M 79 37.94 59.30 -10.67
CA PRO M 79 36.85 59.09 -11.64
C PRO M 79 36.68 57.61 -11.97
N ASP M 80 35.43 57.19 -12.08
CA ASP M 80 35.05 55.83 -12.37
C ASP M 80 35.21 55.58 -13.86
N GLN M 81 36.14 54.70 -14.23
CA GLN M 81 36.39 54.40 -15.65
C GLN M 81 35.18 53.79 -16.34
N GLU M 82 34.26 53.14 -15.58
CA GLU M 82 33.18 52.32 -16.15
C GLU M 82 31.78 52.80 -15.78
N ARG M 83 31.60 54.08 -15.48
CA ARG M 83 30.28 54.61 -15.19
C ARG M 83 30.24 56.09 -15.56
N SER M 84 29.17 56.53 -16.18
CA SER M 84 29.04 57.94 -16.48
C SER M 84 28.39 58.68 -15.32
N LEU M 85 28.43 60.01 -15.42
CA LEU M 85 27.72 60.84 -14.45
C LEU M 85 26.22 60.68 -14.62
N MET M 86 25.77 60.18 -15.78
CA MET M 86 24.36 59.87 -15.97
C MET M 86 23.89 58.72 -15.08
N PHE M 87 24.80 57.83 -14.71
CA PHE M 87 24.48 56.77 -13.77
C PHE M 87 24.16 57.33 -12.40
N MET M 88 24.85 58.40 -12.00
CA MET M 88 24.49 59.07 -10.76
C MET M 88 23.08 59.65 -10.89
N GLN M 89 22.84 60.39 -11.97
CA GLN M 89 21.62 61.18 -12.07
C GLN M 89 20.39 60.31 -12.13
N TRP M 90 20.42 59.17 -12.81
CA TRP M 90 19.24 58.31 -12.85
C TRP M 90 18.91 57.78 -11.46
N GLY M 91 19.92 57.53 -10.65
CA GLY M 91 19.65 57.16 -9.27
C GLY M 91 18.80 58.17 -8.54
N GLN M 92 19.10 59.46 -8.72
CA GLN M 92 18.34 60.50 -8.02
C GLN M 92 16.94 60.61 -8.58
N LEU M 93 16.82 60.57 -9.91
CA LEU M 93 15.52 60.54 -10.55
C LEU M 93 14.71 59.35 -10.10
N LEU M 94 15.27 58.17 -10.27
CA LEU M 94 14.57 56.97 -9.82
C LEU M 94 14.14 57.11 -8.36
N ASP M 95 15.02 57.63 -7.51
CA ASP M 95 14.71 57.78 -6.09
C ASP M 95 13.48 58.63 -5.88
N HIS M 96 13.38 59.74 -6.61
CA HIS M 96 12.23 60.62 -6.59
C HIS M 96 11.01 60.06 -7.29
N ASP M 97 11.06 58.86 -7.82
CA ASP M 97 9.85 58.14 -8.22
C ASP M 97 9.31 57.30 -7.07
N LEU M 98 10.15 56.92 -6.10
CA LEU M 98 9.79 55.95 -5.06
C LEU M 98 9.54 56.53 -3.68
N ASP M 99 10.37 57.45 -3.18
CA ASP M 99 10.18 57.91 -1.81
C ASP M 99 10.47 59.39 -1.65
N PHE M 100 9.55 60.09 -0.99
CA PHE M 100 9.81 61.41 -0.44
C PHE M 100 9.28 61.40 0.98
N THR M 101 10.12 61.75 1.92
CA THR M 101 9.75 61.70 3.34
C THR M 101 9.54 63.12 3.85
N PRO M 102 8.31 63.52 4.12
CA PRO M 102 8.05 64.92 4.44
C PRO M 102 8.38 65.32 5.87
N GLU M 103 8.86 66.55 5.98
CA GLU M 103 9.23 67.22 7.21
C GLU M 103 8.23 68.34 7.41
N PRO M 104 8.13 68.90 8.61
CA PRO M 104 7.27 70.07 8.79
C PRO M 104 7.90 71.30 8.19
N ALA M 105 7.03 72.20 7.76
CA ALA M 105 7.45 73.44 7.15
C ALA M 105 7.89 74.44 8.22
N ALA M 106 8.86 75.29 7.85
CA ALA M 106 9.42 76.27 8.78
C ALA M 106 8.40 77.31 9.24
N VAL N 1 9.83 75.40 17.54
CA VAL N 1 10.76 76.47 17.20
C VAL N 1 11.08 76.45 15.72
N ASN N 2 11.78 77.50 15.26
CA ASN N 2 12.18 77.60 13.86
C ASN N 2 13.52 76.87 13.67
N CYS N 3 13.45 75.65 13.11
CA CYS N 3 14.65 74.83 13.06
C CYS N 3 15.68 75.36 12.08
N GLU N 4 15.34 76.39 11.29
CA GLU N 4 16.32 76.94 10.34
C GLU N 4 17.31 77.85 11.04
N THR N 5 16.89 78.47 12.14
CA THR N 5 17.63 79.54 12.79
C THR N 5 18.04 79.20 14.21
N SER N 6 17.22 78.44 14.93
CA SER N 6 17.54 78.07 16.29
C SER N 6 18.43 76.82 16.36
N CYS N 7 19.23 76.76 17.43
CA CYS N 7 20.00 75.56 17.72
C CYS N 7 19.50 74.85 18.96
N VAL N 8 18.32 75.23 19.43
CA VAL N 8 17.63 74.57 20.53
C VAL N 8 17.00 73.27 20.08
N GLN N 9 17.19 72.22 20.86
CA GLN N 9 16.63 70.92 20.56
C GLN N 9 15.26 70.83 21.22
N GLN N 10 14.26 71.33 20.52
CA GLN N 10 12.85 71.18 20.87
C GLN N 10 12.11 70.77 19.60
N PRO N 11 11.01 70.03 19.74
CA PRO N 11 10.28 69.59 18.55
C PRO N 11 9.78 70.77 17.74
N PRO N 12 9.78 70.65 16.41
CA PRO N 12 10.15 69.45 15.65
C PRO N 12 11.63 69.33 15.32
N CYS N 13 12.54 70.00 15.99
CA CYS N 13 13.92 70.04 15.52
C CYS N 13 14.76 68.94 16.16
N PHE N 14 15.86 68.59 15.49
CA PHE N 14 16.83 67.61 15.97
C PHE N 14 18.17 68.02 15.41
N PRO N 15 18.73 69.13 15.90
CA PRO N 15 19.88 69.70 15.23
C PRO N 15 21.14 68.90 15.47
N LEU N 16 21.98 68.87 14.45
CA LEU N 16 23.25 68.18 14.54
C LEU N 16 24.24 69.04 15.27
N LYS N 17 24.79 68.51 16.36
CA LYS N 17 25.75 69.26 17.13
C LYS N 17 27.12 69.20 16.47
N ILE N 18 27.97 70.11 16.89
CA ILE N 18 29.26 70.39 16.26
C ILE N 18 30.36 69.89 17.19
N PRO N 19 31.26 69.04 16.73
CA PRO N 19 32.33 68.63 17.61
C PRO N 19 33.37 69.73 17.76
N PRO N 20 34.20 69.62 18.79
CA PRO N 20 35.13 70.71 19.12
C PRO N 20 36.24 70.93 18.12
N ASN N 21 36.60 69.95 17.31
CA ASN N 21 37.68 70.09 16.36
C ASN N 21 37.19 70.15 14.92
N ASP N 22 36.00 70.70 14.69
CA ASP N 22 35.46 70.76 13.35
C ASP N 22 36.33 71.60 12.42
N PRO N 23 36.57 71.15 11.19
CA PRO N 23 37.37 71.93 10.25
C PRO N 23 36.69 73.17 9.72
N ARG N 24 35.37 73.23 9.72
CA ARG N 24 34.66 74.34 9.08
C ARG N 24 33.91 75.21 10.08
N ILE N 25 33.17 74.61 11.01
CA ILE N 25 32.30 75.33 11.93
C ILE N 25 33.01 75.46 13.26
N LYS N 26 33.47 76.68 13.58
CA LYS N 26 34.37 76.88 14.72
C LYS N 26 33.63 77.19 16.03
N ASN N 27 32.36 77.53 15.96
CA ASN N 27 31.58 77.87 17.15
C ASN N 27 30.74 76.67 17.55
N GLN N 28 31.09 76.02 18.68
CA GLN N 28 30.30 74.86 19.08
C GLN N 28 28.89 75.20 19.56
N ALA N 29 28.52 76.48 19.72
CA ALA N 29 27.11 76.80 19.93
C ALA N 29 26.30 76.82 18.63
N ASP N 30 26.96 76.71 17.49
CA ASP N 30 26.27 76.61 16.22
C ASP N 30 25.73 75.18 16.07
N CYS N 31 25.13 74.91 14.93
CA CYS N 31 24.61 73.59 14.67
C CYS N 31 24.20 73.55 13.21
N ILE N 32 24.08 72.35 12.68
CA ILE N 32 23.53 72.12 11.35
C ILE N 32 22.05 71.84 11.50
N PRO N 33 21.18 72.57 10.82
CA PRO N 33 19.75 72.46 11.10
C PRO N 33 19.12 71.23 10.50
N PHE N 34 18.03 70.80 11.15
CA PHE N 34 17.44 69.50 10.87
C PHE N 34 16.02 69.42 11.46
N PHE N 35 15.06 69.09 10.61
CA PHE N 35 13.68 68.91 11.01
C PHE N 35 13.42 67.42 11.04
N ARG N 36 12.88 66.92 12.13
CA ARG N 36 12.43 65.54 12.15
C ARG N 36 11.32 65.27 11.14
N SER N 37 11.39 64.12 10.50
CA SER N 37 10.39 63.70 9.55
C SER N 37 9.04 63.64 10.21
N CSO N 38 7.99 64.00 9.45
CA CSO N 38 6.62 63.94 9.99
CB CSO N 38 5.61 64.37 8.96
SG CSO N 38 5.81 66.09 8.47
C CSO N 38 6.25 62.54 10.42
O CSO N 38 6.42 61.61 9.64
OD CSO N 38 4.81 67.13 9.60
H CSO N 38 8.05 64.27 8.64
HA CSO N 38 6.60 64.55 10.76
HB2 CSO N 38 4.71 64.26 9.33
HB3 CSO N 38 5.70 63.81 8.17
HD CSO N 38 5.12 68.05 9.58
N PRO N 39 5.71 62.37 11.65
CA PRO N 39 5.23 61.08 12.08
C PRO N 39 3.86 60.74 11.50
N ALA N 40 3.71 59.48 11.11
CA ALA N 40 2.45 59.00 10.59
C ALA N 40 1.33 58.99 11.61
N CYS N 41 1.63 59.00 12.91
CA CYS N 41 0.62 59.14 13.95
C CYS N 41 1.07 60.15 14.99
N PRO N 42 0.86 61.44 14.74
CA PRO N 42 1.37 62.48 15.66
C PRO N 42 0.92 62.30 17.09
N GLY N 43 1.89 62.40 18.01
CA GLY N 43 1.62 62.53 19.42
C GLY N 43 1.13 61.29 20.14
N SER N 44 1.36 60.10 19.59
CA SER N 44 0.77 58.88 20.14
C SER N 44 1.68 58.31 21.23
N ASN N 45 1.07 57.94 22.36
CA ASN N 45 1.73 57.21 23.43
C ASN N 45 1.53 55.70 23.29
N ILE N 46 1.10 55.23 22.08
CA ILE N 46 0.77 53.83 21.82
C ILE N 46 1.58 53.27 20.66
N THR N 47 1.56 53.96 19.52
CA THR N 47 2.28 53.50 18.35
C THR N 47 3.76 53.82 18.43
N ILE N 48 4.58 52.92 17.86
CA ILE N 48 5.98 53.17 17.59
C ILE N 48 6.08 54.13 16.41
N ARG N 49 6.73 55.28 16.61
CA ARG N 49 6.72 56.34 15.61
C ARG N 49 7.22 55.82 14.26
N ASN N 50 6.54 56.21 13.18
CA ASN N 50 6.92 55.79 11.83
C ASN N 50 6.77 57.01 10.94
N GLN N 51 7.29 56.93 9.73
CA GLN N 51 7.33 58.10 8.88
C GLN N 51 6.49 57.81 7.65
N ILE N 52 6.34 58.84 6.82
CA ILE N 52 5.37 58.83 5.73
C ILE N 52 6.10 58.86 4.41
N ASN N 53 5.59 58.12 3.44
CA ASN N 53 5.98 58.25 2.04
C ASN N 53 4.89 59.00 1.29
N ALA N 54 5.23 60.14 0.72
CA ALA N 54 4.28 60.99 0.03
C ALA N 54 4.13 60.63 -1.44
N LEU N 55 4.93 59.68 -1.92
CA LEU N 55 4.96 59.26 -3.30
C LEU N 55 4.33 57.89 -3.46
N THR N 56 3.92 57.57 -4.69
CA THR N 56 3.59 56.19 -4.97
C THR N 56 4.88 55.39 -5.09
N SER N 57 4.92 54.22 -4.43
CA SER N 57 6.14 53.41 -4.40
C SER N 57 6.49 52.77 -5.74
N PHE N 58 5.48 52.43 -6.55
CA PHE N 58 5.74 51.79 -7.84
C PHE N 58 6.59 52.68 -8.73
N VAL N 59 7.34 52.03 -9.60
CA VAL N 59 8.14 52.69 -10.61
C VAL N 59 7.15 53.07 -11.70
N ASP N 60 6.48 54.22 -11.52
CA ASP N 60 5.38 54.58 -12.40
C ASP N 60 5.59 55.94 -13.02
N ALA N 61 6.83 56.44 -13.01
CA ALA N 61 7.11 57.79 -13.47
C ALA N 61 6.29 58.86 -12.73
N SER N 62 6.03 58.64 -11.44
CA SER N 62 5.30 59.61 -10.62
C SER N 62 6.08 60.91 -10.39
N MET N 63 7.41 60.95 -10.65
CA MET N 63 8.15 62.22 -10.65
C MET N 63 7.81 63.09 -11.85
N VAL N 64 7.14 62.53 -12.86
CA VAL N 64 6.61 63.32 -13.97
C VAL N 64 5.17 63.75 -13.75
N TYR N 65 4.32 62.82 -13.32
CA TYR N 65 2.88 62.99 -13.40
C TYR N 65 2.26 63.40 -12.09
N GLY N 66 2.94 63.23 -10.97
CA GLY N 66 2.39 63.51 -9.67
C GLY N 66 1.99 62.25 -8.92
N SER N 67 1.80 62.40 -7.61
CA SER N 67 1.25 61.34 -6.77
C SER N 67 0.01 61.78 -6.02
N GLU N 68 -0.55 62.92 -6.36
CA GLU N 68 -1.80 63.41 -5.81
C GLU N 68 -2.66 63.91 -6.98
N GLU N 69 -4.00 63.83 -6.81
CA GLU N 69 -4.90 64.11 -7.92
C GLU N 69 -4.88 65.58 -8.34
N PRO N 70 -4.81 66.51 -7.40
CA PRO N 70 -4.79 67.94 -7.78
C PRO N 70 -3.51 68.36 -8.46
N LEU N 71 -2.36 67.93 -7.91
CA LEU N 71 -1.10 68.20 -8.58
C LEU N 71 -1.06 67.59 -9.97
N ALA N 72 -1.64 66.40 -10.13
CA ALA N 72 -1.61 65.74 -11.43
C ALA N 72 -2.39 66.51 -12.50
N ARG N 73 -3.53 67.09 -12.15
CA ARG N 73 -4.25 68.00 -13.05
C ARG N 73 -3.43 69.26 -13.35
N ASN N 74 -2.86 69.90 -12.32
CA ASN N 74 -2.09 71.12 -12.56
C ASN N 74 -0.92 70.91 -13.50
N LEU N 75 -0.36 69.70 -13.54
CA LEU N 75 0.72 69.38 -14.48
C LEU N 75 0.22 69.12 -15.90
N ARG N 76 -1.08 69.08 -16.14
CA ARG N 76 -1.62 68.78 -17.47
C ARG N 76 -2.05 70.05 -18.20
N ASN N 77 -1.84 70.07 -19.52
CA ASN N 77 -2.32 71.17 -20.37
C ASN N 77 -3.82 70.99 -20.58
N MET N 78 -4.63 71.86 -19.97
CA MET N 78 -6.09 71.69 -19.96
C MET N 78 -6.80 72.64 -20.92
N SER N 79 -6.07 73.32 -21.80
CA SER N 79 -6.69 74.19 -22.79
C SER N 79 -6.94 73.48 -24.12
N ASN N 80 -6.76 72.17 -24.19
CA ASN N 80 -7.09 71.47 -25.42
C ASN N 80 -7.25 69.99 -25.11
N GLN N 81 -7.36 69.17 -26.13
CA GLN N 81 -7.69 67.76 -25.96
C GLN N 81 -6.54 66.86 -26.39
N LEU N 82 -5.32 67.39 -26.34
CA LEU N 82 -4.17 66.68 -26.87
C LEU N 82 -3.47 65.82 -25.82
N GLY N 83 -3.86 65.93 -24.55
CA GLY N 83 -3.27 65.05 -23.55
C GLY N 83 -1.86 65.39 -23.18
N LEU N 84 -1.47 66.63 -23.31
CA LEU N 84 -0.12 67.06 -23.04
C LEU N 84 0.03 67.43 -21.57
N LEU N 85 1.29 67.45 -21.14
CA LEU N 85 1.66 68.09 -19.90
C LEU N 85 1.90 69.59 -20.14
N ALA N 86 1.57 70.41 -19.15
CA ALA N 86 1.82 71.84 -19.27
C ALA N 86 3.31 72.11 -19.44
N VAL N 87 3.64 73.17 -20.18
CA VAL N 87 5.02 73.62 -20.33
C VAL N 87 5.12 75.11 -20.07
N ASN N 88 6.36 75.56 -19.85
CA ASN N 88 6.63 76.94 -19.46
C ASN N 88 6.06 77.86 -20.52
N GLN N 89 5.42 78.93 -20.09
CA GLN N 89 4.80 79.85 -21.04
C GLN N 89 5.68 81.04 -21.40
N ARG N 90 6.67 81.37 -20.55
CA ARG N 90 7.58 82.48 -20.78
C ARG N 90 8.86 82.08 -21.52
N PHE N 91 9.33 80.83 -21.35
CA PHE N 91 10.66 80.45 -21.78
C PHE N 91 10.66 79.16 -22.58
N GLN N 92 11.57 79.10 -23.56
CA GLN N 92 11.88 77.92 -24.32
C GLN N 92 13.39 77.69 -24.32
N ASP N 93 13.78 76.50 -24.79
CA ASP N 93 15.15 75.98 -24.85
C ASP N 93 15.42 75.78 -26.32
N ASN N 94 15.81 76.84 -27.00
CA ASN N 94 16.03 76.77 -28.44
C ASN N 94 14.84 76.10 -29.09
N GLY N 95 13.65 76.62 -28.80
CA GLY N 95 12.46 76.14 -29.42
C GLY N 95 11.82 74.96 -28.75
N ARG N 96 12.47 74.35 -27.78
CA ARG N 96 11.90 73.19 -27.12
C ARG N 96 11.33 73.55 -25.75
N ALA N 97 10.52 72.65 -25.21
CA ALA N 97 9.74 72.96 -24.02
C ALA N 97 10.57 72.86 -22.75
N LEU N 98 10.29 73.79 -21.83
CA LEU N 98 10.82 73.80 -20.48
C LEU N 98 9.73 73.50 -19.47
N LEU N 99 10.13 73.09 -18.28
CA LEU N 99 9.14 72.80 -17.25
C LEU N 99 8.45 74.08 -16.82
N PRO N 100 7.20 73.99 -16.40
CA PRO N 100 6.52 75.17 -15.88
C PRO N 100 7.07 75.57 -14.52
N PHE N 101 6.75 76.79 -14.12
CA PHE N 101 7.16 77.32 -12.83
C PHE N 101 6.13 77.04 -11.73
N ASP N 102 6.62 76.63 -10.57
CA ASP N 102 5.81 76.56 -9.36
C ASP N 102 5.69 77.95 -8.71
N ASN N 103 4.67 78.13 -7.88
CA ASN N 103 4.40 79.36 -7.12
C ASN N 103 4.50 78.99 -5.63
N LEU N 104 5.71 79.13 -5.09
CA LEU N 104 6.01 78.72 -3.73
C LEU N 104 6.05 79.95 -2.85
N HIS N 105 5.56 79.81 -1.63
CA HIS N 105 5.90 80.77 -0.58
C HIS N 105 7.31 80.40 -0.12
N ASP N 106 8.23 81.36 -0.17
CA ASP N 106 9.64 81.11 0.15
C ASP N 106 10.25 80.18 -0.91
N ASP N 107 10.64 80.75 -2.05
CA ASP N 107 11.15 79.97 -3.17
C ASP N 107 12.67 79.94 -3.06
N PRO N 108 13.28 78.81 -2.83
CA PRO N 108 14.74 78.83 -2.68
C PRO N 108 15.47 79.13 -3.98
N CYS N 109 14.88 78.80 -5.13
CA CYS N 109 15.57 79.05 -6.40
C CYS N 109 15.85 80.53 -6.60
N LEU N 110 14.92 81.38 -6.17
CA LEU N 110 15.15 82.81 -6.33
C LEU N 110 16.40 83.28 -5.59
N LEU N 111 16.76 82.63 -4.48
CA LEU N 111 17.92 83.08 -3.70
C LEU N 111 19.25 82.87 -4.41
N THR N 112 19.36 81.88 -5.31
CA THR N 112 20.66 81.59 -5.91
C THR N 112 21.09 82.65 -6.93
N ASN N 113 20.15 83.35 -7.55
CA ASN N 113 20.49 84.50 -8.40
C ASN N 113 19.32 85.47 -8.29
N ARG N 114 19.46 86.44 -7.40
CA ARG N 114 18.38 87.39 -7.12
C ARG N 114 17.93 88.09 -8.40
N SER N 115 18.88 88.63 -9.18
CA SER N 115 18.52 89.41 -10.34
C SER N 115 17.84 88.59 -11.42
N ALA N 116 18.16 87.29 -11.52
CA ALA N 116 17.58 86.51 -12.60
C ALA N 116 16.09 86.24 -12.38
N ARG N 117 15.63 86.22 -11.13
CA ARG N 117 14.20 86.05 -10.80
C ARG N 117 13.58 84.88 -11.56
N ILE N 118 14.23 83.72 -11.49
CA ILE N 118 13.75 82.49 -12.08
C ILE N 118 13.33 81.56 -10.94
N PRO N 119 12.03 81.32 -10.73
CA PRO N 119 11.62 80.48 -9.60
C PRO N 119 11.84 78.99 -9.90
N CYS N 120 11.50 78.16 -8.93
CA CYS N 120 11.66 76.73 -9.09
C CYS N 120 10.60 76.17 -10.03
N PHE N 121 10.90 75.03 -10.61
CA PHE N 121 10.01 74.41 -11.57
C PHE N 121 8.94 73.57 -10.88
N LEU N 122 7.88 73.30 -11.61
CA LEU N 122 6.78 72.44 -11.18
C LEU N 122 6.91 71.08 -11.85
N ALA N 123 7.01 70.02 -11.05
CA ALA N 123 7.05 68.69 -11.59
C ALA N 123 6.25 67.79 -10.67
N GLY N 124 6.22 66.51 -11.07
CA GLY N 124 5.51 65.54 -10.26
C GLY N 124 6.09 65.38 -8.88
N ASP N 125 7.37 65.74 -8.71
CA ASP N 125 8.08 65.73 -7.44
C ASP N 125 8.63 67.13 -7.17
N THR N 126 8.66 67.50 -5.87
CA THR N 126 8.99 68.84 -5.43
C THR N 126 10.46 69.15 -5.41
N ARG N 127 11.33 68.17 -5.60
CA ARG N 127 12.77 68.36 -5.60
C ARG N 127 13.36 68.52 -7.01
N SER N 128 12.52 68.78 -8.04
CA SER N 128 12.99 68.81 -9.42
C SER N 128 14.05 69.88 -9.65
N SER N 129 14.09 70.92 -8.87
CA SER N 129 15.07 71.97 -9.10
C SER N 129 16.34 71.82 -8.28
N GLU N 130 16.44 70.75 -7.46
CA GLU N 130 17.55 70.64 -6.50
C GLU N 130 18.89 70.77 -7.20
N MET N 131 18.99 70.37 -8.45
CA MET N 131 20.22 70.31 -9.26
C MET N 131 19.82 70.50 -10.71
N PRO N 132 20.52 71.30 -11.51
CA PRO N 132 20.15 71.38 -12.93
C PRO N 132 20.35 70.06 -13.68
N GLU N 133 21.31 69.25 -13.28
CA GLU N 133 21.40 67.91 -13.86
C GLU N 133 20.08 67.13 -13.71
N LEU N 134 19.38 67.31 -12.58
CA LEU N 134 18.13 66.61 -12.30
C LEU N 134 16.94 67.22 -13.04
N THR N 135 16.88 68.56 -13.07
CA THR N 135 15.89 69.26 -13.88
C THR N 135 15.93 68.81 -15.32
N SER N 136 17.14 68.71 -15.85
CA SER N 136 17.31 68.29 -17.22
C SER N 136 16.66 66.96 -17.48
N MET N 137 16.77 66.03 -16.54
CA MET N 137 16.10 64.74 -16.72
C MET N 137 14.59 64.90 -16.61
N HIS N 138 14.10 65.70 -15.66
CA HIS N 138 12.66 65.93 -15.60
C HIS N 138 12.18 66.55 -16.90
N THR N 139 12.91 67.54 -17.41
CA THR N 139 12.49 68.19 -18.64
C THR N 139 12.45 67.21 -19.78
N LEU N 140 13.34 66.24 -19.78
CA LEU N 140 13.42 65.31 -20.90
C LEU N 140 12.20 64.40 -20.94
N LEU N 141 11.78 63.88 -19.79
CA LEU N 141 10.63 62.98 -19.72
C LEU N 141 9.33 63.72 -20.01
N LEU N 142 9.26 65.02 -19.70
CA LEU N 142 8.12 65.85 -20.07
C LEU N 142 7.99 65.99 -21.58
N ARG N 143 9.09 66.35 -22.26
CA ARG N 143 9.08 66.39 -23.73
C ARG N 143 8.73 65.02 -24.31
N GLU N 144 9.24 63.94 -23.71
CA GLU N 144 8.95 62.62 -24.23
C GLU N 144 7.46 62.36 -24.16
N HIS N 145 6.83 62.77 -23.07
CA HIS N 145 5.39 62.57 -22.96
C HIS N 145 4.63 63.33 -24.05
N ASN N 146 4.99 64.57 -24.33
CA ASN N 146 4.28 65.34 -25.33
C ASN N 146 4.59 64.85 -26.74
N ARG N 147 5.78 64.28 -26.95
CA ARG N 147 6.07 63.69 -28.26
C ARG N 147 5.16 62.50 -28.51
N LEU N 148 5.12 61.55 -27.55
CA LEU N 148 4.32 60.34 -27.68
C LEU N 148 2.84 60.67 -27.89
N ALA N 149 2.28 61.52 -27.03
CA ALA N 149 0.89 61.88 -27.15
C ALA N 149 0.60 62.55 -28.50
N THR N 150 1.57 63.27 -29.05
CA THR N 150 1.39 63.87 -30.37
C THR N 150 1.39 62.81 -31.47
N GLU N 151 2.27 61.81 -31.35
CA GLU N 151 2.36 60.77 -32.36
C GLU N 151 1.15 59.85 -32.29
N LEU N 152 0.55 59.71 -31.10
CA LEU N 152 -0.63 58.87 -30.97
C LEU N 152 -1.86 59.55 -31.54
N LYS N 153 -1.99 60.86 -31.30
CA LYS N 153 -3.04 61.66 -31.93
C LYS N 153 -3.02 61.53 -33.46
N SER N 154 -1.86 61.25 -34.03
CA SER N 154 -1.80 60.95 -35.46
C SER N 154 -2.39 59.56 -35.75
N LEU N 155 -1.87 58.52 -35.08
CA LEU N 155 -2.38 57.17 -35.27
C LEU N 155 -3.89 57.11 -35.01
N ASN N 156 -4.34 57.71 -33.90
CA ASN N 156 -5.72 57.56 -33.42
C ASN N 156 -6.39 58.91 -33.27
N PRO N 157 -6.82 59.54 -34.37
CA PRO N 157 -7.35 60.92 -34.26
C PRO N 157 -8.61 61.03 -33.42
N ARG N 158 -9.33 59.94 -33.17
CA ARG N 158 -10.56 60.06 -32.40
C ARG N 158 -10.33 60.04 -30.89
N TRP N 159 -9.17 59.59 -30.42
CA TRP N 159 -8.91 59.56 -28.99
C TRP N 159 -8.99 60.95 -28.36
N ASP N 160 -9.66 61.03 -27.21
CA ASP N 160 -9.83 62.29 -26.50
C ASP N 160 -8.58 62.61 -25.66
N GLY N 161 -8.62 63.76 -24.99
CA GLY N 161 -7.50 64.14 -24.17
C GLY N 161 -7.12 63.09 -23.14
N GLU N 162 -8.10 62.60 -22.39
CA GLU N 162 -7.79 61.69 -21.28
C GLU N 162 -7.13 60.40 -21.78
N ARG N 163 -7.61 59.85 -22.88
CA ARG N 163 -7.01 58.64 -23.39
C ARG N 163 -5.58 58.89 -23.84
N LEU N 164 -5.36 60.00 -24.52
CA LEU N 164 -4.02 60.28 -25.03
C LEU N 164 -3.04 60.50 -23.89
N TYR N 165 -3.45 61.26 -22.87
CA TYR N 165 -2.61 61.40 -21.69
C TYR N 165 -2.35 60.04 -21.02
N GLN N 166 -3.41 59.26 -20.76
CA GLN N 166 -3.21 57.98 -20.08
C GLN N 166 -2.36 57.05 -20.94
N GLU N 167 -2.53 57.09 -22.26
CA GLU N 167 -1.77 56.15 -23.07
C GLU N 167 -0.31 56.54 -23.16
N ALA N 168 -0.04 57.84 -23.08
CA ALA N 168 1.34 58.31 -23.06
C ALA N 168 1.95 58.06 -21.71
N ARG N 169 1.19 58.30 -20.65
CA ARG N 169 1.66 58.02 -19.30
C ARG N 169 2.02 56.55 -19.15
N LYS N 170 1.21 55.68 -19.76
CA LYS N 170 1.49 54.26 -19.69
C LYS N 170 2.84 53.95 -20.29
N ILE N 171 3.16 54.58 -21.42
CA ILE N 171 4.41 54.27 -22.08
C ILE N 171 5.57 54.81 -21.27
N VAL N 172 5.48 56.05 -20.81
CA VAL N 172 6.61 56.66 -20.10
C VAL N 172 6.93 55.83 -18.88
N GLY N 173 5.89 55.32 -18.22
CA GLY N 173 6.10 54.46 -17.06
C GLY N 173 6.89 53.22 -17.41
N ALA N 174 6.54 52.58 -18.53
CA ALA N 174 7.25 51.39 -18.97
C ALA N 174 8.69 51.72 -19.32
N MET N 175 8.94 52.88 -19.90
CA MET N 175 10.32 53.24 -20.22
C MET N 175 11.10 53.47 -18.95
N VAL N 176 10.48 54.05 -17.93
CA VAL N 176 11.26 54.19 -16.70
C VAL N 176 11.54 52.82 -16.10
N GLN N 177 10.62 51.87 -16.25
CA GLN N 177 10.84 50.54 -15.71
C GLN N 177 11.86 49.81 -16.54
N ILE N 178 11.80 49.94 -17.86
CA ILE N 178 12.72 49.19 -18.70
C ILE N 178 14.14 49.69 -18.46
N ILE N 179 14.33 50.99 -18.54
CA ILE N 179 15.66 51.55 -18.35
C ILE N 179 16.17 51.20 -16.97
N THR N 180 15.32 51.23 -15.96
CA THR N 180 15.78 50.93 -14.61
C THR N 180 16.24 49.47 -14.44
N TYR N 181 15.38 48.50 -14.83
CA TYR N 181 15.70 47.11 -14.56
C TYR N 181 16.60 46.47 -15.59
N ARG N 182 16.62 46.93 -16.82
CA ARG N 182 17.46 46.28 -17.83
C ARG N 182 18.88 46.84 -17.82
N ASP N 183 18.99 48.18 -17.63
CA ASP N 183 20.19 48.99 -17.73
C ASP N 183 20.74 49.45 -16.38
N TYR N 184 19.93 50.05 -15.51
CA TYR N 184 20.47 50.62 -14.26
C TYR N 184 20.81 49.56 -13.20
N LEU N 185 19.83 48.78 -12.73
CA LEU N 185 20.09 47.97 -11.53
C LEU N 185 21.22 46.96 -11.70
N PRO N 186 21.39 46.36 -12.84
CA PRO N 186 22.53 45.43 -12.98
C PRO N 186 23.85 46.12 -12.77
N LEU N 187 23.95 47.43 -13.03
CA LEU N 187 25.19 48.16 -12.78
C LEU N 187 25.29 48.69 -11.35
N VAL N 188 24.20 48.70 -10.59
CA VAL N 188 24.31 48.97 -9.16
C VAL N 188 24.68 47.70 -8.41
N LEU N 189 24.00 46.60 -8.70
CA LEU N 189 24.10 45.40 -7.89
C LEU N 189 25.19 44.46 -8.33
N GLY N 190 25.50 44.41 -9.62
CA GLY N 190 26.44 43.44 -10.12
C GLY N 190 25.71 42.20 -10.58
N PRO N 191 26.39 41.36 -11.34
CA PRO N 191 25.72 40.17 -11.90
C PRO N 191 25.25 39.18 -10.85
N THR N 192 26.10 38.88 -9.86
CA THR N 192 25.73 37.90 -8.84
C THR N 192 24.49 38.36 -8.07
N ALA N 193 24.53 39.56 -7.48
CA ALA N 193 23.39 40.01 -6.69
C ALA N 193 22.16 40.23 -7.55
N MET N 194 22.35 40.63 -8.80
CA MET N 194 21.22 40.79 -9.71
C MET N 194 20.47 39.49 -9.91
N ARG N 195 21.21 38.38 -9.98
CA ARG N 195 20.58 37.07 -10.20
C ARG N 195 19.89 36.59 -8.93
N LYS N 196 20.42 36.93 -7.78
CA LYS N 196 19.84 36.47 -6.53
C LYS N 196 18.59 37.24 -6.17
N TYR N 197 18.65 38.57 -6.24
CA TYR N 197 17.54 39.40 -5.80
C TYR N 197 16.55 39.71 -6.92
N LEU N 198 16.96 39.67 -8.18
CA LEU N 198 16.08 39.99 -9.31
C LEU N 198 16.13 38.87 -10.35
N PRO N 199 15.68 37.68 -9.97
CA PRO N 199 15.61 36.58 -10.93
C PRO N 199 14.49 36.84 -11.92
N THR N 200 14.56 36.07 -13.01
CA THR N 200 13.68 36.22 -14.16
C THR N 200 12.21 36.40 -13.76
N TYR N 201 11.61 37.46 -14.31
CA TYR N 201 10.21 37.77 -14.02
C TYR N 201 9.31 36.63 -14.48
N ARG N 202 8.28 36.39 -13.68
CA ARG N 202 7.29 35.37 -14.00
C ARG N 202 5.93 36.03 -14.19
N SER N 203 5.32 36.54 -13.13
CA SER N 203 4.01 37.13 -13.25
C SER N 203 3.77 38.02 -12.03
N TYR N 204 2.69 38.79 -12.09
CA TYR N 204 2.22 39.54 -10.93
C TYR N 204 1.90 38.57 -9.81
N ASN N 205 2.34 38.91 -8.62
CA ASN N 205 2.04 38.20 -7.39
C ASN N 205 1.38 39.17 -6.42
N ASP N 206 0.10 38.97 -6.14
CA ASP N 206 -0.61 39.96 -5.35
C ASP N 206 -0.35 39.81 -3.85
N SER N 207 0.46 38.84 -3.45
CA SER N 207 0.84 38.68 -2.05
C SER N 207 2.18 39.33 -1.75
N VAL N 208 2.74 40.02 -2.72
CA VAL N 208 4.01 40.71 -2.50
C VAL N 208 3.68 42.14 -2.12
N ASP N 209 4.16 42.55 -0.95
CA ASP N 209 3.94 43.88 -0.39
C ASP N 209 4.82 44.88 -1.15
N PRO N 210 4.26 45.83 -1.91
CA PRO N 210 5.10 46.75 -2.72
C PRO N 210 5.50 48.05 -2.06
N ARG N 211 5.29 48.19 -0.76
CA ARG N 211 5.65 49.40 -0.08
C ARG N 211 7.16 49.52 0.05
N ILE N 212 7.64 50.77 -0.09
CA ILE N 212 8.99 51.11 0.29
C ILE N 212 9.20 50.87 1.77
N ALA N 213 10.30 50.24 2.08
CA ALA N 213 10.70 50.05 3.46
C ALA N 213 11.45 51.26 3.94
N ASN N 214 11.32 51.51 5.23
CA ASN N 214 11.92 52.69 5.83
C ASN N 214 13.41 52.70 5.57
N VAL N 215 14.06 51.54 5.78
CA VAL N 215 15.51 51.49 5.61
C VAL N 215 15.92 51.83 4.18
N PHE N 216 15.08 51.51 3.19
CA PHE N 216 15.44 51.79 1.81
C PHE N 216 15.63 53.28 1.60
N THR N 217 14.87 54.12 2.27
CA THR N 217 15.03 55.55 2.02
C THR N 217 16.40 56.03 2.46
N ASN N 218 17.06 55.31 3.36
CA ASN N 218 18.44 55.63 3.76
C ASN N 218 19.50 54.88 2.96
N ALA N 219 19.29 53.58 2.72
CA ALA N 219 20.23 52.74 1.97
C ALA N 219 20.47 53.22 0.54
N PHE N 220 19.41 53.68 -0.14
CA PHE N 220 19.52 54.09 -1.55
C PHE N 220 20.21 55.44 -1.70
N ARG N 221 20.47 56.13 -0.59
CA ARG N 221 21.41 57.25 -0.59
C ARG N 221 22.85 56.80 -0.83
N TYR N 222 23.11 55.51 -1.07
CA TYR N 222 24.44 55.10 -1.52
C TYR N 222 24.91 56.04 -2.61
N GLY N 223 23.98 56.57 -3.39
CA GLY N 223 24.32 57.36 -4.56
C GLY N 223 25.08 58.63 -4.25
N HIS N 224 24.97 59.14 -3.03
CA HIS N 224 25.75 60.33 -2.70
C HIS N 224 27.24 60.11 -2.89
N THR N 225 27.69 58.85 -2.79
CA THR N 225 29.12 58.66 -2.98
C THR N 225 29.52 58.77 -4.44
N LEU N 226 28.57 58.84 -5.37
CA LEU N 226 28.88 58.97 -6.78
C LEU N 226 28.99 60.40 -7.22
N ILE N 227 28.77 61.37 -6.34
CA ILE N 227 28.57 62.74 -6.74
C ILE N 227 29.92 63.39 -6.97
N GLN N 228 29.99 64.07 -8.02
CA GLN N 228 31.15 64.76 -8.48
C GLN N 228 31.04 66.23 -8.09
N PRO N 229 32.13 66.91 -7.75
CA PRO N 229 32.02 68.24 -7.15
C PRO N 229 31.75 69.38 -8.13
N PHE N 230 31.50 69.11 -9.40
CA PHE N 230 31.14 70.15 -10.36
C PHE N 230 29.96 69.69 -11.20
N MET N 231 29.37 70.67 -11.90
CA MET N 231 28.42 70.45 -12.98
C MET N 231 29.17 70.78 -14.27
N PHE N 232 29.22 69.81 -15.17
CA PHE N 232 30.01 69.93 -16.38
C PHE N 232 29.07 70.20 -17.56
N ARG N 233 29.44 71.16 -18.38
CA ARG N 233 28.62 71.58 -19.50
C ARG N 233 29.46 71.58 -20.76
N LEU N 234 28.99 70.86 -21.78
CA LEU N 234 29.73 70.67 -23.01
C LEU N 234 28.94 71.16 -24.21
N ASP N 235 29.65 71.67 -25.21
CA ASP N 235 29.02 72.11 -26.46
C ASP N 235 28.80 70.91 -27.37
N ASN N 236 28.34 71.17 -28.59
CA ASN N 236 27.91 70.11 -29.50
C ASN N 236 29.06 69.26 -30.04
N ARG N 237 30.32 69.71 -29.90
CA ARG N 237 31.48 68.85 -30.15
C ARG N 237 31.99 68.18 -28.88
N TYR N 238 31.19 68.20 -27.81
CA TYR N 238 31.54 67.63 -26.51
C TYR N 238 32.81 68.28 -25.95
N GLN N 239 33.04 69.54 -26.27
CA GLN N 239 34.09 70.30 -25.61
C GLN N 239 33.48 71.23 -24.57
N PRO N 240 34.29 71.76 -23.65
CA PRO N 240 33.73 72.59 -22.56
C PRO N 240 33.01 73.82 -23.09
N MET N 241 31.82 74.06 -22.56
CA MET N 241 30.99 75.21 -22.93
C MET N 241 31.65 76.49 -22.43
N GLU N 242 32.08 77.37 -23.37
CA GLU N 242 32.95 78.54 -23.18
C GLU N 242 32.85 79.31 -21.88
N PRO N 243 31.63 79.85 -21.47
CA PRO N 243 31.55 80.66 -20.24
C PRO N 243 32.01 79.92 -18.97
N ASN N 244 31.11 79.18 -18.29
CA ASN N 244 31.45 78.41 -17.08
C ASN N 244 31.27 76.91 -17.31
N PRO N 245 32.30 76.21 -17.81
CA PRO N 245 32.14 74.76 -18.03
C PRO N 245 32.17 73.91 -16.76
N ARG N 246 32.79 74.37 -15.66
CA ARG N 246 32.90 73.59 -14.42
C ARG N 246 32.36 74.43 -13.27
N VAL N 247 31.10 74.25 -12.91
CA VAL N 247 30.48 75.07 -11.86
C VAL N 247 30.51 74.29 -10.54
N PRO N 248 31.14 74.80 -9.51
CA PRO N 248 31.12 74.06 -8.24
C PRO N 248 29.69 73.81 -7.85
N LEU N 249 29.42 72.64 -7.27
CA LEU N 249 28.04 72.27 -6.99
C LEU N 249 27.36 73.24 -6.06
N SER N 250 28.09 73.81 -5.11
CA SER N 250 27.52 74.73 -4.15
C SER N 250 27.00 76.00 -4.83
N ARG N 251 27.20 76.14 -6.15
CA ARG N 251 26.60 77.24 -6.89
C ARG N 251 25.55 76.77 -7.91
N VAL N 252 25.12 75.51 -7.86
CA VAL N 252 24.05 75.07 -8.76
C VAL N 252 22.82 74.58 -8.04
N PHE N 253 22.89 74.39 -6.72
CA PHE N 253 21.77 73.86 -5.96
C PHE N 253 20.62 74.83 -6.05
N PHE N 254 19.47 74.37 -6.51
CA PHE N 254 18.33 75.24 -6.74
C PHE N 254 18.57 76.32 -7.78
N ALA N 255 19.56 76.16 -8.66
CA ALA N 255 19.89 77.17 -9.67
C ALA N 255 19.12 76.91 -10.97
N SER N 256 17.82 77.06 -10.86
CA SER N 256 16.99 76.84 -12.03
C SER N 256 17.28 77.89 -13.09
N TRP N 257 17.75 79.07 -12.70
CA TRP N 257 18.13 80.08 -13.67
C TRP N 257 19.22 79.60 -14.63
N ARG N 258 20.03 78.61 -14.25
CA ARG N 258 21.06 78.15 -15.19
C ARG N 258 20.46 77.40 -16.37
N VAL N 259 19.41 76.63 -16.14
CA VAL N 259 18.74 75.97 -17.25
C VAL N 259 18.07 76.97 -18.15
N VAL N 260 17.41 77.97 -17.56
CA VAL N 260 16.65 78.94 -18.36
C VAL N 260 17.59 79.91 -19.08
N LEU N 261 18.67 80.36 -18.46
CA LEU N 261 19.42 81.47 -19.00
C LEU N 261 20.86 81.14 -19.39
N GLU N 262 21.31 79.89 -19.27
CA GLU N 262 22.69 79.52 -19.59
C GLU N 262 22.76 78.29 -20.49
N GLY N 263 21.86 78.18 -21.46
CA GLY N 263 22.03 77.22 -22.54
C GLY N 263 21.08 76.05 -22.54
N GLY N 264 20.12 76.01 -21.61
CA GLY N 264 19.17 74.92 -21.64
C GLY N 264 19.76 73.59 -21.19
N ILE N 265 19.05 72.52 -21.54
CA ILE N 265 19.39 71.21 -21.01
C ILE N 265 20.36 70.44 -21.89
N ASP N 266 20.60 70.85 -23.13
CA ASP N 266 21.54 70.10 -23.96
C ASP N 266 22.94 70.09 -23.34
N PRO N 267 23.56 71.21 -23.00
CA PRO N 267 24.93 71.12 -22.45
C PRO N 267 24.98 70.27 -21.18
N ILE N 268 23.94 70.32 -20.37
CA ILE N 268 23.92 69.52 -19.17
C ILE N 268 23.87 68.03 -19.50
N LEU N 269 22.97 67.62 -20.38
CA LEU N 269 22.89 66.20 -20.72
C LEU N 269 24.21 65.72 -21.31
N ARG N 270 24.86 66.53 -22.12
CA ARG N 270 26.12 66.12 -22.69
C ARG N 270 27.13 65.81 -21.60
N GLY N 271 27.25 66.72 -20.61
CA GLY N 271 28.21 66.55 -19.53
C GLY N 271 27.92 65.32 -18.70
N LEU N 272 26.65 64.98 -18.55
CA LEU N 272 26.29 63.74 -17.87
C LEU N 272 26.74 62.53 -18.65
N MET N 273 26.59 62.53 -19.99
CA MET N 273 26.90 61.33 -20.77
C MET N 273 28.39 61.14 -21.01
N ALA N 274 29.19 62.21 -20.88
CA ALA N 274 30.59 62.23 -21.27
C ALA N 274 31.52 62.64 -20.12
N THR N 275 31.03 62.59 -18.89
CA THR N 275 31.86 62.79 -17.72
C THR N 275 31.77 61.52 -16.88
N PRO N 276 32.86 61.01 -16.34
CA PRO N 276 32.74 59.85 -15.46
C PRO N 276 32.12 60.25 -14.14
N ALA N 277 31.50 59.27 -13.50
CA ALA N 277 30.99 59.44 -12.14
C ALA N 277 32.16 59.33 -11.16
N LYS N 278 31.93 59.77 -9.93
CA LYS N 278 32.94 59.54 -8.92
C LYS N 278 32.87 58.08 -8.50
N LEU N 279 34.02 57.55 -8.16
CA LEU N 279 34.12 56.20 -7.63
C LEU N 279 34.12 56.26 -6.12
N ASN N 280 33.34 55.40 -5.51
CA ASN N 280 33.33 55.25 -4.08
C ASN N 280 34.52 54.41 -3.69
N ARG N 281 35.41 54.96 -2.86
CA ARG N 281 36.53 54.21 -2.32
C ARG N 281 36.52 54.42 -0.81
N GLN N 282 37.09 53.47 -0.08
CA GLN N 282 36.90 53.51 1.36
C GLN N 282 37.57 54.71 2.02
N ASN N 283 38.50 55.35 1.31
CA ASN N 283 39.16 56.58 1.78
C ASN N 283 38.76 57.80 0.94
N GLN N 284 37.69 57.72 0.16
CA GLN N 284 37.21 58.81 -0.70
C GLN N 284 35.70 58.64 -0.84
N ILE N 285 35.02 58.71 0.30
CA ILE N 285 33.61 58.33 0.35
C ILE N 285 32.73 59.39 -0.31
N ALA N 286 32.81 60.65 0.15
CA ALA N 286 32.00 61.73 -0.40
C ALA N 286 32.73 63.09 -0.40
N VAL N 287 32.42 63.92 -1.43
CA VAL N 287 33.19 65.14 -1.71
C VAL N 287 32.72 66.27 -0.81
N ASP N 288 33.57 67.27 -0.62
CA ASP N 288 33.24 68.32 0.35
C ASP N 288 32.20 69.31 -0.17
N GLU N 289 31.88 69.33 -1.46
CA GLU N 289 30.80 70.20 -1.91
C GLU N 289 29.45 69.80 -1.32
N ILE N 290 29.22 68.50 -1.04
CA ILE N 290 27.99 68.08 -0.34
C ILE N 290 28.23 67.85 1.14
N ARG N 291 29.47 67.68 1.57
CA ARG N 291 29.76 67.44 2.98
C ARG N 291 30.00 68.74 3.75
N GLU N 292 30.35 69.84 3.08
CA GLU N 292 30.59 71.14 3.67
C GLU N 292 29.73 72.26 3.11
N ARG N 293 29.25 72.15 1.89
CA ARG N 293 28.63 73.30 1.24
C ARG N 293 27.23 73.03 0.71
N LEU N 294 26.54 71.99 1.20
CA LEU N 294 25.22 71.70 0.66
C LEU N 294 24.29 72.90 0.90
N PHE N 295 23.65 73.35 -0.17
CA PHE N 295 22.64 74.40 -0.11
C PHE N 295 23.18 75.66 0.54
N GLU N 296 24.45 75.96 0.26
CA GLU N 296 25.12 77.13 0.82
C GLU N 296 24.48 78.44 0.41
N GLN N 297 24.03 78.54 -0.85
CA GLN N 297 23.44 79.80 -1.30
C GLN N 297 22.07 80.07 -0.73
N VAL N 298 21.39 79.07 -0.19
CA VAL N 298 19.98 79.19 0.16
C VAL N 298 19.70 78.94 1.63
N MET N 299 20.74 78.87 2.47
CA MET N 299 20.58 78.63 3.90
C MET N 299 21.56 79.50 4.69
N ARG N 300 21.37 79.52 6.02
CA ARG N 300 22.30 80.29 6.85
C ARG N 300 23.68 79.64 6.91
N ILE N 301 23.77 78.33 6.73
CA ILE N 301 25.04 77.63 6.82
C ILE N 301 25.05 76.45 5.83
N GLY N 302 26.23 76.02 5.42
CA GLY N 302 26.32 74.90 4.52
C GLY N 302 26.07 73.63 5.29
N LEU N 303 25.20 72.76 4.74
CA LEU N 303 24.92 71.51 5.43
C LEU N 303 25.89 70.42 5.00
N ASP N 304 25.74 69.24 5.62
CA ASP N 304 26.67 68.12 5.53
C ASP N 304 25.82 66.91 5.21
N LEU N 305 25.73 66.57 3.93
CA LEU N 305 24.80 65.53 3.48
C LEU N 305 25.07 64.18 4.14
N PRO N 306 26.27 63.62 4.14
CA PRO N 306 26.49 62.39 4.90
C PRO N 306 26.04 62.47 6.33
N ALA N 307 26.28 63.60 7.01
CA ALA N 307 25.86 63.74 8.40
C ALA N 307 24.36 63.78 8.52
N LEU N 308 23.68 64.38 7.52
CA LEU N 308 22.22 64.38 7.54
C LEU N 308 21.69 62.96 7.35
N ASN N 309 22.34 62.17 6.51
CA ASN N 309 21.93 60.77 6.36
C ASN N 309 22.00 60.01 7.67
N MET N 310 23.10 60.16 8.40
CA MET N 310 23.19 59.45 9.67
C MET N 310 22.14 59.97 10.66
N GLN N 311 22.00 61.28 10.79
CA GLN N 311 20.99 61.80 11.69
C GLN N 311 19.61 61.38 11.25
N ARG N 312 19.38 61.31 9.96
CA ARG N 312 18.05 60.90 9.53
C ARG N 312 17.78 59.44 9.87
N SER N 313 18.80 58.56 9.75
CA SER N 313 18.56 57.16 10.12
C SER N 313 18.26 57.04 11.61
N ARG N 314 18.78 57.95 12.46
CA ARG N 314 18.41 57.94 13.88
C ARG N 314 17.02 58.53 14.11
N ASP N 315 16.70 59.60 13.41
CA ASP N 315 15.36 60.18 13.45
C ASP N 315 14.29 59.15 13.12
N HIS N 316 14.56 58.32 12.12
CA HIS N 316 13.69 57.24 11.69
C HIS N 316 13.78 55.97 12.56
N GLY N 317 14.54 55.99 13.66
CA GLY N 317 14.73 54.81 14.49
C GLY N 317 15.29 53.58 13.80
N LEU N 318 16.14 53.74 12.80
CA LEU N 318 16.62 52.58 12.05
C LEU N 318 17.61 51.81 12.90
N PRO N 319 17.61 50.48 12.85
CA PRO N 319 18.66 49.71 13.53
C PRO N 319 20.03 49.94 12.91
N GLY N 320 21.05 49.52 13.68
CA GLY N 320 22.43 49.63 13.25
C GLY N 320 22.89 48.53 12.31
N TYR N 321 24.19 48.61 11.97
CA TYR N 321 24.74 47.83 10.86
C TYR N 321 24.61 46.33 11.10
N ASN N 322 24.90 45.83 12.30
CA ASN N 322 24.86 44.37 12.47
C ASN N 322 23.44 43.85 12.37
N ALA N 323 22.45 44.62 12.84
CA ALA N 323 21.08 44.16 12.76
C ALA N 323 20.66 43.97 11.33
N TRP N 324 21.21 44.76 10.42
CA TRP N 324 20.86 44.70 9.02
C TRP N 324 21.67 43.66 8.29
N ARG N 325 22.92 43.46 8.68
CA ARG N 325 23.62 42.29 8.19
C ARG N 325 22.84 41.04 8.53
N ARG N 326 22.31 40.98 9.74
CA ARG N 326 21.68 39.76 10.17
C ARG N 326 20.39 39.54 9.38
N PHE N 327 19.60 40.59 9.24
CA PHE N 327 18.44 40.56 8.35
C PHE N 327 18.79 40.02 6.96
N CYS N 328 19.91 40.47 6.40
CA CYS N 328 20.34 40.04 5.08
C CYS N 328 20.94 38.65 5.09
N GLY N 329 21.26 38.11 6.25
CA GLY N 329 21.85 36.79 6.28
C GLY N 329 23.34 36.79 6.05
N LEU N 330 24.03 37.90 6.41
CA LEU N 330 25.47 38.11 6.35
C LEU N 330 26.08 38.03 7.75
N PRO N 331 27.35 37.65 7.86
CA PRO N 331 27.98 37.59 9.18
C PRO N 331 28.02 38.95 9.83
N GLN N 332 28.10 38.96 11.16
CA GLN N 332 28.06 40.20 11.92
C GLN N 332 29.29 40.37 12.82
N PRO N 333 30.21 41.26 12.49
CA PRO N 333 31.44 41.34 13.27
C PRO N 333 31.17 41.96 14.62
N GLU N 334 31.90 41.47 15.62
CA GLU N 334 31.81 41.98 16.98
C GLU N 334 33.02 42.83 17.38
N THR N 335 34.20 42.49 16.87
CA THR N 335 35.48 43.06 17.22
C THR N 335 36.01 43.90 16.07
N VAL N 336 37.00 44.75 16.36
CA VAL N 336 37.58 45.57 15.30
C VAL N 336 38.27 44.68 14.27
N GLY N 337 38.88 43.58 14.74
CA GLY N 337 39.52 42.65 13.82
C GLY N 337 38.56 41.99 12.86
N GLN N 338 37.44 41.48 13.38
CA GLN N 338 36.42 40.88 12.50
C GLN N 338 35.84 41.90 11.53
N LEU N 339 35.57 43.12 12.01
CA LEU N 339 35.12 44.16 11.11
C LEU N 339 36.16 44.43 10.04
N GLY N 340 37.45 44.38 10.40
CA GLY N 340 38.49 44.61 9.40
C GLY N 340 38.39 43.65 8.25
N THR N 341 38.05 42.41 8.58
CA THR N 341 37.93 41.37 7.56
C THR N 341 36.69 41.57 6.68
N VAL N 342 35.55 41.93 7.27
CA VAL N 342 34.36 42.20 6.47
C VAL N 342 34.60 43.35 5.51
N LEU N 343 35.28 44.41 5.98
CA LEU N 343 35.57 45.56 5.16
C LEU N 343 36.83 45.42 4.30
N ARG N 344 37.61 44.36 4.46
CA ARG N 344 38.92 44.24 3.82
C ARG N 344 39.77 45.46 4.09
N ASN N 345 39.68 45.98 5.31
CA ASN N 345 40.37 47.22 5.60
C ASN N 345 40.43 47.46 7.09
N LEU N 346 41.56 47.18 7.71
CA LEU N 346 41.64 47.34 9.15
C LEU N 346 41.66 48.81 9.58
N LYS N 347 42.19 49.71 8.74
CA LYS N 347 42.31 51.11 9.14
C LYS N 347 40.92 51.70 9.34
N LEU N 348 40.04 51.45 8.38
CA LEU N 348 38.70 51.96 8.41
C LEU N 348 37.87 51.27 9.49
N ALA N 349 38.12 50.00 9.73
CA ALA N 349 37.49 49.35 10.88
C ALA N 349 37.88 50.07 12.16
N ARG N 350 39.17 50.44 12.27
CA ARG N 350 39.62 51.10 13.51
C ARG N 350 38.89 52.41 13.70
N LYS N 351 38.78 53.19 12.62
CA LYS N 351 38.15 54.50 12.74
C LYS N 351 36.69 54.36 13.14
N LEU N 352 35.97 53.43 12.53
CA LEU N 352 34.56 53.21 12.86
C LEU N 352 34.40 52.82 14.32
N MET N 353 35.25 51.91 14.81
CA MET N 353 35.16 51.49 16.21
C MET N 353 35.47 52.64 17.17
N GLU N 354 36.36 53.53 16.77
CA GLU N 354 36.68 54.70 17.57
C GLU N 354 35.48 55.63 17.73
N GLN N 355 34.64 55.74 16.70
CA GLN N 355 33.44 56.56 16.76
C GLN N 355 32.28 55.81 17.41
N TYR N 356 32.03 54.62 16.92
CA TYR N 356 30.81 53.94 17.25
C TYR N 356 30.92 52.99 18.41
N GLY N 357 32.12 52.54 18.75
CA GLY N 357 32.31 51.55 19.80
C GLY N 357 31.99 50.12 19.40
N THR N 358 30.88 49.92 18.71
CA THR N 358 30.54 48.56 18.36
C THR N 358 29.96 48.57 16.97
N PRO N 359 30.22 47.55 16.17
CA PRO N 359 29.53 47.47 14.87
C PRO N 359 28.03 47.27 15.00
N ASN N 360 27.52 47.04 16.21
CA ASN N 360 26.08 47.08 16.36
C ASN N 360 25.51 48.49 16.17
N ASN N 361 26.33 49.52 16.32
CA ASN N 361 25.88 50.91 16.34
C ASN N 361 26.23 51.69 15.08
N ILE N 362 27.05 51.15 14.19
CA ILE N 362 27.32 51.88 12.96
C ILE N 362 25.98 52.16 12.30
N ASP N 363 25.76 53.42 11.89
CA ASP N 363 24.55 53.80 11.17
C ASP N 363 24.53 53.15 9.80
N ILE N 364 23.33 52.78 9.32
CA ILE N 364 23.21 51.96 8.09
C ILE N 364 23.92 52.60 6.91
N TRP N 365 23.78 53.91 6.71
CA TRP N 365 24.45 54.49 5.55
C TRP N 365 25.94 54.34 5.69
N MET N 366 26.48 54.63 6.88
CA MET N 366 27.94 54.64 7.02
C MET N 366 28.52 53.26 6.77
N GLY N 367 27.98 52.24 7.42
CA GLY N 367 28.46 50.91 7.19
C GLY N 367 28.23 50.47 5.76
N GLY N 368 27.03 50.73 5.25
CA GLY N 368 26.69 50.23 3.93
C GLY N 368 27.69 50.66 2.86
N VAL N 369 28.00 51.97 2.83
CA VAL N 369 28.97 52.53 1.88
C VAL N 369 30.43 52.30 2.27
N SER N 370 30.71 51.91 3.51
CA SER N 370 32.06 51.50 3.87
C SER N 370 32.42 50.18 3.24
N GLU N 371 31.44 49.31 3.01
CA GLU N 371 31.74 47.96 2.55
C GLU N 371 32.31 47.99 1.13
N PRO N 372 33.23 47.10 0.82
CA PRO N 372 33.76 47.04 -0.54
C PRO N 372 32.72 46.59 -1.55
N LEU N 373 32.87 47.10 -2.76
CA LEU N 373 31.86 46.97 -3.79
C LEU N 373 31.86 45.58 -4.41
N LYS N 374 30.67 45.10 -4.75
CA LYS N 374 30.58 43.83 -5.43
C LYS N 374 31.17 43.96 -6.82
N ARG N 375 31.58 42.81 -7.37
CA ARG N 375 32.21 42.78 -8.67
C ARG N 375 31.23 43.29 -9.71
N LYS N 376 31.66 44.30 -10.47
CA LYS N 376 30.83 44.92 -11.52
C LYS N 376 29.58 45.60 -10.95
N GLY N 377 29.62 45.97 -9.67
CA GLY N 377 28.56 46.74 -9.05
C GLY N 377 29.18 47.90 -8.28
N ARG N 378 28.31 48.75 -7.73
CA ARG N 378 28.77 49.96 -7.06
C ARG N 378 28.18 50.07 -5.67
N VAL N 379 27.77 48.92 -5.10
CA VAL N 379 27.49 48.77 -3.67
C VAL N 379 28.06 47.46 -3.15
N GLY N 380 28.22 47.39 -1.85
CA GLY N 380 28.65 46.17 -1.25
C GLY N 380 27.50 45.23 -0.94
N PRO N 381 27.79 44.12 -0.26
CA PRO N 381 26.76 43.09 -0.07
C PRO N 381 25.55 43.56 0.74
N LEU N 382 25.74 44.39 1.77
CA LEU N 382 24.61 44.77 2.62
C LEU N 382 23.61 45.61 1.84
N LEU N 383 24.12 46.67 1.19
CA LEU N 383 23.25 47.55 0.41
C LEU N 383 22.63 46.81 -0.75
N ALA N 384 23.34 45.84 -1.32
CA ALA N 384 22.80 45.10 -2.46
C ALA N 384 21.58 44.28 -2.06
N CYS N 385 21.63 43.69 -0.86
CA CYS N 385 20.48 42.98 -0.34
C CYS N 385 19.28 43.91 -0.15
N ILE N 386 19.48 45.05 0.54
CA ILE N 386 18.37 45.97 0.78
C ILE N 386 17.84 46.53 -0.54
N ILE N 387 18.72 47.03 -1.41
CA ILE N 387 18.25 47.62 -2.64
C ILE N 387 17.63 46.57 -3.54
N GLY N 388 18.26 45.38 -3.61
CA GLY N 388 17.72 44.32 -4.47
C GLY N 388 16.35 43.84 -3.99
N THR N 389 16.20 43.66 -2.68
CA THR N 389 14.94 43.17 -2.13
C THR N 389 13.83 44.16 -2.39
N GLN N 390 14.14 45.45 -2.29
CA GLN N 390 13.14 46.48 -2.51
C GLN N 390 12.66 46.46 -3.95
N PHE N 391 13.59 46.48 -4.90
CA PHE N 391 13.18 46.53 -6.29
C PHE N 391 12.58 45.23 -6.78
N ARG N 392 12.73 44.14 -6.05
CA ARG N 392 11.96 42.98 -6.47
C ARG N 392 10.50 43.10 -6.05
N LYS N 393 10.23 43.69 -4.88
CA LYS N 393 8.83 43.87 -4.50
C LYS N 393 8.13 44.88 -5.40
N LEU N 394 8.81 45.93 -5.78
CA LEU N 394 8.18 46.88 -6.69
C LEU N 394 7.88 46.29 -8.03
N ARG N 395 8.58 45.22 -8.41
CA ARG N 395 8.33 44.58 -9.70
C ARG N 395 7.25 43.51 -9.59
N ASP N 396 7.53 42.50 -8.77
CA ASP N 396 6.62 41.38 -8.56
C ASP N 396 5.31 41.84 -7.97
N GLY N 397 5.32 42.89 -7.15
CA GLY N 397 4.12 43.44 -6.56
C GLY N 397 3.39 44.52 -7.34
N ASP N 398 3.69 44.73 -8.61
CA ASP N 398 3.11 45.82 -9.39
C ASP N 398 2.14 45.24 -10.40
N ARG N 399 0.87 45.53 -10.25
CA ARG N 399 -0.09 44.88 -11.14
C ARG N 399 0.02 45.45 -12.55
N PHE N 400 0.67 46.60 -12.70
CA PHE N 400 0.84 47.23 -13.99
C PHE N 400 2.28 47.11 -14.48
N TRP N 401 3.03 46.18 -13.93
CA TRP N 401 4.36 45.92 -14.48
C TRP N 401 4.21 45.73 -16.00
N TRP N 402 5.19 46.22 -16.76
CA TRP N 402 5.00 46.27 -18.22
C TRP N 402 4.98 44.88 -18.83
N GLU N 403 5.59 43.90 -18.20
CA GLU N 403 5.58 42.54 -18.74
C GLU N 403 4.38 41.71 -18.27
N ASN N 404 3.66 42.14 -17.24
CA ASN N 404 2.50 41.37 -16.78
C ASN N 404 1.46 41.26 -17.90
N GLU N 405 0.85 40.07 -18.02
CA GLU N 405 -0.10 39.82 -19.10
C GLU N 405 -1.32 40.73 -19.00
N GLY N 406 -1.67 41.38 -20.12
CA GLY N 406 -2.82 42.26 -20.16
C GLY N 406 -2.52 43.71 -19.99
N VAL N 407 -1.31 44.07 -19.58
CA VAL N 407 -0.94 45.46 -19.50
C VAL N 407 -0.64 46.02 -20.89
N PHE N 408 0.14 45.27 -21.68
CA PHE N 408 0.49 45.62 -23.04
C PHE N 408 0.23 44.39 -23.90
N SER N 409 0.02 44.62 -25.18
CA SER N 409 -0.10 43.48 -26.09
C SER N 409 1.26 42.88 -26.35
N MET N 410 1.26 41.66 -26.88
CA MET N 410 2.51 41.02 -27.24
C MET N 410 3.37 41.93 -28.15
N GLN N 411 2.76 42.57 -29.15
CA GLN N 411 3.53 43.41 -30.09
C GLN N 411 3.89 44.77 -29.49
N GLN N 412 3.04 45.32 -28.62
CA GLN N 412 3.45 46.46 -27.81
C GLN N 412 4.67 46.15 -26.95
N ARG N 413 4.73 44.95 -26.37
CA ARG N 413 5.90 44.57 -25.56
C ARG N 413 7.15 44.48 -26.41
N GLN N 414 7.01 44.03 -27.66
CA GLN N 414 8.16 43.89 -28.53
C GLN N 414 8.70 45.27 -28.84
N ALA N 415 7.81 46.20 -29.18
CA ALA N 415 8.21 47.55 -29.54
C ALA N 415 8.84 48.29 -28.37
N LEU N 416 8.42 47.99 -27.16
CA LEU N 416 8.94 48.74 -26.02
C LEU N 416 10.32 48.22 -25.65
N ALA N 417 10.60 46.96 -25.92
CA ALA N 417 11.92 46.45 -25.60
C ALA N 417 13.02 47.18 -26.36
N GLN N 418 12.69 47.88 -27.44
CA GLN N 418 13.66 48.61 -28.24
C GLN N 418 13.96 50.00 -27.70
N ILE N 419 13.35 50.42 -26.62
CA ILE N 419 13.62 51.77 -26.17
C ILE N 419 14.95 51.83 -25.46
N SER N 420 15.46 53.04 -25.36
CA SER N 420 16.73 53.32 -24.70
C SER N 420 16.73 54.78 -24.30
N LEU N 421 17.57 55.08 -23.35
CA LEU N 421 17.67 56.47 -22.90
C LEU N 421 18.41 57.30 -23.94
N PRO N 422 19.47 56.81 -24.56
CA PRO N 422 20.09 57.62 -25.62
C PRO N 422 19.12 57.96 -26.70
N ARG N 423 18.16 57.06 -26.98
CA ARG N 423 17.19 57.36 -28.03
C ARG N 423 16.20 58.42 -27.57
N ILE N 424 15.88 58.43 -26.27
CA ILE N 424 14.98 59.42 -25.72
C ILE N 424 15.64 60.79 -25.74
N ILE N 425 16.97 60.85 -25.74
CA ILE N 425 17.67 62.12 -25.83
C ILE N 425 17.72 62.63 -27.27
N CYS N 426 17.91 61.74 -28.23
CA CYS N 426 17.86 62.14 -29.63
C CYS N 426 16.52 62.75 -29.99
N ASP N 427 15.44 62.17 -29.47
CA ASP N 427 14.09 62.53 -29.90
C ASP N 427 13.64 63.88 -29.34
N ASN N 428 14.26 64.34 -28.27
CA ASN N 428 13.71 65.48 -27.57
C ASN N 428 14.71 66.61 -27.35
N THR N 429 15.92 66.52 -27.93
CA THR N 429 16.92 67.58 -27.83
C THR N 429 17.60 67.80 -29.18
N GLY N 430 18.50 68.77 -29.24
CA GLY N 430 19.38 69.03 -30.37
C GLY N 430 20.71 68.28 -30.39
N ILE N 431 20.88 67.33 -29.46
CA ILE N 431 22.04 66.46 -29.43
C ILE N 431 21.90 65.45 -30.56
N THR N 432 22.95 65.30 -31.37
CA THR N 432 22.95 64.38 -32.50
C THR N 432 23.86 63.18 -32.28
N THR N 433 24.84 63.34 -31.41
CA THR N 433 25.77 62.29 -31.04
C THR N 433 25.55 61.91 -29.59
N VAL N 434 25.16 60.66 -29.35
CA VAL N 434 24.85 60.20 -28.02
C VAL N 434 25.67 58.95 -27.73
N SER N 435 25.73 58.64 -26.45
CA SER N 435 26.52 57.51 -25.99
C SER N 435 25.89 56.17 -26.38
N LYS N 436 26.76 55.20 -26.62
CA LYS N 436 26.40 53.83 -26.92
C LYS N 436 25.84 53.12 -25.70
N ASN N 437 24.97 52.14 -25.93
CA ASN N 437 24.47 51.33 -24.84
C ASN N 437 25.61 50.47 -24.33
N ASN N 438 25.76 50.39 -22.98
CA ASN N 438 24.90 50.94 -21.93
C ASN N 438 25.22 52.40 -21.63
N ILE N 439 24.21 53.27 -21.58
CA ILE N 439 24.48 54.69 -21.38
C ILE N 439 25.18 54.94 -20.04
N PHE N 440 24.94 54.06 -19.05
CA PHE N 440 25.38 54.33 -17.69
C PHE N 440 26.83 53.94 -17.47
N MET N 441 27.40 53.26 -18.43
CA MET N 441 28.79 52.81 -18.45
C MET N 441 29.61 53.59 -19.45
N SER N 442 29.05 53.93 -20.62
CA SER N 442 29.76 54.79 -21.57
C SER N 442 30.04 56.14 -20.94
N ASN N 443 31.28 56.66 -21.13
CA ASN N 443 31.56 57.96 -20.50
C ASN N 443 32.69 58.76 -21.14
N SER N 444 33.14 58.45 -22.36
CA SER N 444 34.25 59.18 -22.94
C SER N 444 33.99 59.48 -24.40
N TYR N 445 34.10 60.74 -24.78
CA TYR N 445 33.97 61.14 -26.17
C TYR N 445 35.33 61.22 -26.84
N PRO N 446 35.49 60.68 -28.04
CA PRO N 446 34.47 60.08 -28.91
C PRO N 446 34.35 58.55 -28.76
N ARG N 447 35.22 57.90 -27.99
CA ARG N 447 35.32 56.45 -28.07
C ARG N 447 33.96 55.75 -27.92
N ASP N 448 33.11 56.22 -27.02
CA ASP N 448 31.86 55.53 -26.70
C ASP N 448 30.62 56.18 -27.29
N PHE N 449 30.68 56.79 -28.48
CA PHE N 449 29.57 57.60 -28.97
C PHE N 449 29.22 57.31 -30.42
N VAL N 450 27.96 57.57 -30.76
CA VAL N 450 27.39 57.22 -32.07
C VAL N 450 26.35 58.26 -32.46
N ASN N 451 26.08 58.34 -33.78
CA ASN N 451 25.09 59.25 -34.32
C ASN N 451 23.69 58.70 -34.07
N CYS N 452 22.72 59.62 -33.95
CA CYS N 452 21.35 59.21 -33.67
C CYS N 452 20.77 58.32 -34.77
N SER N 453 21.19 58.51 -36.02
CA SER N 453 20.60 57.75 -37.12
C SER N 453 20.76 56.24 -36.93
N THR N 454 21.81 55.79 -36.24
CA THR N 454 22.01 54.36 -36.06
C THR N 454 21.06 53.74 -35.05
N LEU N 455 20.40 54.56 -34.20
CA LEU N 455 19.51 54.04 -33.15
C LEU N 455 18.09 53.95 -33.66
N PRO N 456 17.41 52.81 -33.55
CA PRO N 456 16.03 52.73 -34.01
C PRO N 456 15.06 53.30 -32.98
N ALA N 457 14.09 54.07 -33.48
CA ALA N 457 13.13 54.77 -32.64
C ALA N 457 12.02 53.80 -32.18
N LEU N 458 11.13 54.31 -31.33
CA LEU N 458 10.01 53.53 -30.86
C LEU N 458 8.91 53.57 -31.90
N ASN N 459 8.42 52.39 -32.27
CA ASN N 459 7.33 52.23 -33.24
C ASN N 459 6.01 52.07 -32.50
N LEU N 460 5.11 53.01 -32.71
CA LEU N 460 3.78 52.98 -32.10
C LEU N 460 2.70 52.45 -33.04
N ALA N 461 3.09 51.65 -34.04
CA ALA N 461 2.08 51.04 -34.90
C ALA N 461 1.09 50.22 -34.07
N SER N 462 1.59 49.34 -33.19
CA SER N 462 0.73 48.47 -32.38
C SER N 462 -0.11 49.23 -31.33
N TRP N 463 -0.04 50.55 -31.30
CA TRP N 463 -0.98 51.32 -30.51
C TRP N 463 -2.14 51.83 -31.37
N ARG N 464 -2.17 51.51 -32.66
CA ARG N 464 -3.25 51.99 -33.52
C ARG N 464 -4.58 51.32 -33.19
N GLU N 465 -5.65 52.12 -33.16
CA GLU N 465 -7.02 51.60 -33.17
C GLU N 465 -7.83 52.09 -34.39
N CYS O 2 16.67 52.17 29.24
CA CYS O 2 16.60 50.89 29.94
C CYS O 2 17.86 50.67 30.79
N PRO O 3 17.73 50.06 31.97
CA PRO O 3 18.93 49.76 32.77
C PRO O 3 19.80 48.72 32.08
N GLU O 4 21.13 48.91 32.20
CA GLU O 4 22.14 48.02 31.64
C GLU O 4 22.26 46.70 32.42
N GLN O 5 21.66 46.61 33.61
CA GLN O 5 21.69 45.41 34.43
C GLN O 5 20.40 45.36 35.22
N ASP O 6 19.69 44.22 35.15
CA ASP O 6 18.44 44.03 35.88
C ASP O 6 18.15 42.54 36.06
N LYS O 7 17.33 42.24 37.06
CA LYS O 7 17.14 40.87 37.52
C LYS O 7 15.73 40.36 37.35
N TYR O 8 14.74 41.24 37.30
CA TYR O 8 13.36 40.80 37.21
C TYR O 8 12.69 41.46 36.02
N ARG O 9 11.64 40.80 35.56
CA ARG O 9 10.81 41.40 34.54
C ARG O 9 10.09 42.62 35.08
N THR O 10 10.04 43.66 34.28
CA THR O 10 9.06 44.70 34.53
C THR O 10 7.65 44.15 34.39
N ILE O 11 6.71 44.80 35.06
CA ILE O 11 5.30 44.40 34.98
C ILE O 11 4.71 44.72 33.61
N THR O 12 5.09 45.86 33.01
CA THR O 12 4.60 46.20 31.67
C THR O 12 5.26 45.38 30.57
N GLY O 13 6.36 44.70 30.83
CA GLY O 13 7.12 44.05 29.78
C GLY O 13 8.11 44.97 29.08
N MET O 14 8.04 46.25 29.36
CA MET O 14 9.01 47.20 28.90
C MET O 14 10.41 46.72 29.26
N CYS O 15 11.34 46.85 28.31
CA CYS O 15 12.77 46.63 28.48
C CYS O 15 13.18 45.16 28.47
N ASN O 16 12.27 44.27 28.11
CA ASN O 16 12.67 42.89 27.81
C ASN O 16 13.67 42.85 26.65
N ASN O 17 13.36 43.53 25.57
CA ASN O 17 14.26 43.63 24.42
C ASN O 17 15.01 44.94 24.53
N ARG O 18 16.30 44.89 24.75
CA ARG O 18 16.95 46.16 25.08
C ARG O 18 17.09 47.08 23.87
N ARG O 19 17.25 46.54 22.64
CA ARG O 19 17.40 47.38 21.46
C ARG O 19 16.10 48.07 21.07
N SER O 20 14.98 47.36 21.15
CA SER O 20 13.65 47.91 20.85
C SER O 20 12.75 47.67 22.07
N PRO O 21 12.80 48.55 23.05
CA PRO O 21 12.28 48.21 24.38
C PRO O 21 10.76 48.09 24.51
N THR O 22 9.95 48.41 23.52
CA THR O 22 8.51 48.18 23.70
C THR O 22 8.05 46.81 23.20
N LEU O 23 8.91 46.04 22.52
CA LEU O 23 8.41 44.81 21.93
C LEU O 23 7.99 43.87 23.04
N GLY O 24 6.70 43.52 23.03
CA GLY O 24 6.08 42.67 24.01
C GLY O 24 5.49 43.40 25.20
N ALA O 25 5.71 44.70 25.30
CA ALA O 25 5.17 45.38 26.43
C ALA O 25 3.70 45.66 26.21
N SER O 26 3.02 46.01 27.30
CA SER O 26 1.58 46.15 27.26
C SER O 26 1.19 47.46 26.58
N ASN O 27 -0.05 47.48 26.08
CA ASN O 27 -0.66 48.68 25.51
C ASN O 27 0.10 49.20 24.29
N ARG O 28 0.39 48.26 23.38
CA ARG O 28 1.02 48.58 22.10
C ARG O 28 0.29 47.80 21.01
N ALA O 29 0.50 48.25 19.78
CA ALA O 29 -0.17 47.62 18.66
C ALA O 29 0.36 46.22 18.36
N PHE O 30 -0.54 45.35 17.93
CA PHE O 30 -0.16 44.05 17.41
C PHE O 30 0.78 44.24 16.24
N VAL O 31 1.66 43.29 16.04
CA VAL O 31 2.40 43.21 14.79
C VAL O 31 1.52 42.57 13.72
N ARG O 32 1.78 42.89 12.48
CA ARG O 32 1.03 42.33 11.37
C ARG O 32 1.92 41.40 10.60
N TRP O 33 1.55 40.13 10.55
CA TRP O 33 2.27 39.19 9.72
C TRP O 33 1.85 39.24 8.26
N LEU O 34 0.67 39.78 7.96
CA LEU O 34 0.26 40.15 6.60
C LEU O 34 -0.45 41.49 6.65
N PRO O 35 -0.38 42.29 5.57
CA PRO O 35 -1.13 43.55 5.53
C PRO O 35 -2.63 43.33 5.65
N ALA O 36 -3.26 44.29 6.32
CA ALA O 36 -4.68 44.22 6.59
C ALA O 36 -5.48 44.41 5.31
N GLU O 37 -6.68 43.83 5.30
CA GLU O 37 -7.59 43.92 4.17
C GLU O 37 -8.88 44.49 4.70
N TYR O 38 -9.12 45.74 4.34
CA TYR O 38 -10.33 46.47 4.71
C TYR O 38 -11.02 46.96 3.46
N GLU O 39 -12.34 47.10 3.58
CA GLU O 39 -13.19 47.44 2.46
C GLU O 39 -12.69 48.67 1.74
N ASP O 40 -12.27 49.71 2.50
CA ASP O 40 -11.74 50.97 1.97
C ASP O 40 -10.22 51.05 1.96
N GLY O 41 -9.53 49.96 2.31
CA GLY O 41 -8.09 49.90 2.30
C GLY O 41 -7.45 50.13 3.66
N PHE O 42 -8.08 50.92 4.51
CA PHE O 42 -7.40 51.32 5.72
C PHE O 42 -8.25 51.31 6.98
N SER O 43 -9.54 51.07 6.92
CA SER O 43 -10.32 51.13 8.15
C SER O 43 -11.63 50.35 8.20
N LEU O 44 -12.41 50.40 7.14
CA LEU O 44 -13.76 49.83 7.23
C LEU O 44 -13.70 48.33 6.98
N PRO O 45 -14.44 47.53 7.76
CA PRO O 45 -14.39 46.07 7.61
C PRO O 45 -15.28 45.57 6.50
N TYR O 46 -14.95 44.39 5.99
CA TYR O 46 -15.82 43.76 4.99
C TYR O 46 -17.13 43.42 5.67
N GLY O 47 -18.22 43.88 5.08
CA GLY O 47 -19.53 43.75 5.67
C GLY O 47 -20.10 45.06 6.11
N TRP O 48 -19.33 46.14 5.96
CA TRP O 48 -19.76 47.45 6.42
C TRP O 48 -20.73 48.10 5.44
N THR O 49 -20.32 48.25 4.19
CA THR O 49 -21.15 48.93 3.19
C THR O 49 -21.90 47.90 2.35
N PRO O 50 -23.21 47.97 2.27
CA PRO O 50 -23.96 46.91 1.57
C PRO O 50 -23.70 46.91 0.07
N GLY O 51 -23.70 45.69 -0.50
CA GLY O 51 -23.46 45.52 -1.92
C GLY O 51 -22.00 45.56 -2.32
N VAL O 52 -21.11 45.79 -1.37
CA VAL O 52 -19.67 45.87 -1.63
C VAL O 52 -19.07 44.48 -1.44
N LYS O 53 -18.71 43.85 -2.55
CA LYS O 53 -18.18 42.51 -2.49
C LYS O 53 -16.73 42.52 -1.99
N ARG O 54 -16.27 41.34 -1.62
CA ARG O 54 -14.90 41.11 -1.24
C ARG O 54 -14.33 40.12 -2.25
N ASN O 55 -13.42 40.59 -3.10
CA ASN O 55 -12.71 39.70 -4.01
C ASN O 55 -13.66 39.05 -5.02
N GLY O 56 -14.68 39.78 -5.43
CA GLY O 56 -15.59 39.26 -6.42
C GLY O 56 -16.69 38.38 -5.91
N PHE O 57 -16.93 38.35 -4.59
CA PHE O 57 -18.04 37.61 -4.01
C PHE O 57 -18.68 38.34 -2.84
N PRO O 58 -20.00 38.27 -2.70
CA PRO O 58 -20.64 38.97 -1.58
C PRO O 58 -20.08 38.50 -0.25
N VAL O 59 -20.14 39.38 0.74
CA VAL O 59 -19.75 39.02 2.10
C VAL O 59 -20.86 38.20 2.74
N ALA O 60 -20.49 37.07 3.30
CA ALA O 60 -21.46 36.26 4.02
C ALA O 60 -21.61 36.76 5.44
N LEU O 61 -22.83 36.78 5.93
CA LEU O 61 -23.05 37.24 7.30
C LEU O 61 -22.37 36.26 8.27
N ALA O 62 -21.69 36.80 9.28
CA ALA O 62 -21.03 35.91 10.24
C ALA O 62 -22.02 34.95 10.85
N ARG O 63 -23.22 35.46 11.21
CA ARG O 63 -24.23 34.62 11.84
C ARG O 63 -24.70 33.50 10.90
N ALA O 64 -24.76 33.76 9.59
CA ALA O 64 -25.20 32.75 8.64
C ALA O 64 -24.22 31.59 8.54
N VAL O 65 -22.92 31.90 8.47
CA VAL O 65 -21.93 30.84 8.44
C VAL O 65 -22.09 29.98 9.67
N SER O 66 -22.26 30.61 10.82
CA SER O 66 -22.47 29.90 12.06
C SER O 66 -23.68 28.98 11.96
N ASN O 67 -24.78 29.51 11.44
CA ASN O 67 -25.99 28.71 11.35
C ASN O 67 -25.82 27.52 10.42
N GLU O 68 -25.01 27.65 9.38
CA GLU O 68 -24.96 26.63 8.35
C GLU O 68 -23.85 25.64 8.55
N ILE O 69 -22.73 26.05 9.12
CA ILE O 69 -21.54 25.23 9.21
C ILE O 69 -21.24 24.82 10.65
N VAL O 70 -21.39 25.76 11.60
CA VAL O 70 -21.01 25.52 12.97
C VAL O 70 -22.11 24.80 13.75
N ARG O 71 -23.37 25.17 13.54
CA ARG O 71 -24.46 24.59 14.30
C ARG O 71 -24.56 23.07 14.13
N PHE O 72 -24.72 22.36 15.26
CA PHE O 72 -24.97 20.92 15.29
C PHE O 72 -25.79 20.57 16.53
N PRO O 73 -26.52 19.45 16.52
CA PRO O 73 -27.40 19.11 17.67
C PRO O 73 -26.60 18.62 18.88
N THR O 74 -26.70 19.37 19.96
CA THR O 74 -25.89 19.11 21.14
C THR O 74 -25.84 17.64 21.52
N ASP O 75 -26.94 16.92 21.37
CA ASP O 75 -26.92 15.55 21.88
C ASP O 75 -25.93 14.67 21.12
N GLN O 76 -25.36 15.16 20.02
CA GLN O 76 -24.44 14.43 19.18
C GLN O 76 -22.99 14.67 19.58
N LEU O 77 -22.76 15.44 20.63
CA LEU O 77 -21.40 15.78 21.04
C LEU O 77 -20.56 14.51 21.16
N THR O 78 -19.33 14.59 20.65
CA THR O 78 -18.34 13.52 20.80
C THR O 78 -17.30 13.90 21.87
N PRO O 79 -17.18 13.18 22.97
CA PRO O 79 -16.14 13.49 23.95
C PRO O 79 -14.79 12.98 23.49
N ASP O 80 -13.75 13.78 23.77
CA ASP O 80 -12.36 13.41 23.45
C ASP O 80 -11.84 12.33 24.43
N GLN O 81 -11.52 11.16 23.91
CA GLN O 81 -10.95 10.09 24.72
C GLN O 81 -9.59 10.45 25.31
N GLU O 82 -8.84 11.33 24.65
CA GLU O 82 -7.45 11.61 24.97
C GLU O 82 -7.22 13.07 25.40
N ARG O 83 -8.23 13.77 25.90
CA ARG O 83 -8.02 15.11 26.43
C ARG O 83 -9.04 15.37 27.51
N SER O 84 -8.60 15.99 28.60
CA SER O 84 -9.42 16.49 29.70
C SER O 84 -9.89 17.92 29.45
N LEU O 85 -10.91 18.34 30.21
CA LEU O 85 -11.37 19.72 30.11
C LEU O 85 -10.29 20.70 30.57
N MET O 86 -9.35 20.25 31.39
CA MET O 86 -8.23 21.11 31.77
C MET O 86 -7.40 21.47 30.53
N PHE O 87 -7.44 20.64 29.49
CA PHE O 87 -6.76 20.98 28.24
C PHE O 87 -7.38 22.23 27.64
N MET O 88 -8.71 22.31 27.63
CA MET O 88 -9.40 23.53 27.25
C MET O 88 -9.11 24.65 28.24
N GLN O 89 -9.20 24.38 29.54
CA GLN O 89 -9.18 25.50 30.47
C GLN O 89 -7.82 26.12 30.60
N TRP O 90 -6.77 25.39 30.31
CA TRP O 90 -5.45 26.00 30.27
C TRP O 90 -5.24 26.81 29.02
N GLY O 91 -5.88 26.43 27.92
CA GLY O 91 -5.80 27.25 26.73
C GLY O 91 -6.35 28.63 26.99
N GLN O 92 -7.50 28.71 27.65
CA GLN O 92 -8.07 30.01 27.95
C GLN O 92 -7.18 30.80 28.89
N LEU O 93 -6.71 30.15 29.95
CA LEU O 93 -5.82 30.83 30.87
C LEU O 93 -4.55 31.30 30.16
N LEU O 94 -3.91 30.43 29.39
CA LEU O 94 -2.73 30.85 28.64
C LEU O 94 -3.03 32.04 27.72
N ASP O 95 -4.18 32.03 27.04
CA ASP O 95 -4.60 33.13 26.17
C ASP O 95 -4.62 34.48 26.90
N HIS O 96 -5.27 34.54 28.07
CA HIS O 96 -5.32 35.70 28.95
C HIS O 96 -3.98 36.11 29.54
N ASP O 97 -2.91 35.37 29.25
CA ASP O 97 -1.56 35.80 29.57
C ASP O 97 -0.89 36.49 28.38
N LEU O 98 -1.39 36.25 27.17
CA LEU O 98 -0.79 36.73 25.94
C LEU O 98 -1.51 37.92 25.32
N ASP O 99 -2.85 37.91 25.24
CA ASP O 99 -3.51 38.96 24.47
C ASP O 99 -4.84 39.33 25.09
N PHE O 100 -5.09 40.63 25.19
CA PHE O 100 -6.42 41.19 25.43
C PHE O 100 -6.56 42.38 24.49
N THR O 101 -7.56 42.36 23.63
CA THR O 101 -7.81 43.42 22.67
C THR O 101 -8.93 44.34 23.17
N PRO O 102 -8.65 45.57 23.60
CA PRO O 102 -9.71 46.39 24.18
C PRO O 102 -10.68 46.96 23.16
N GLU O 103 -11.92 47.17 23.64
CA GLU O 103 -13.10 47.75 23.06
C GLU O 103 -13.54 48.96 23.87
N PRO O 104 -14.12 49.97 23.25
CA PRO O 104 -14.71 51.04 24.06
C PRO O 104 -15.81 50.47 24.96
N ALA O 105 -15.94 51.03 26.15
CA ALA O 105 -16.96 50.58 27.09
C ALA O 105 -18.32 51.16 26.70
N ALA O 106 -19.39 50.45 27.07
CA ALA O 106 -20.74 50.97 26.91
C ALA O 106 -20.95 52.26 27.75
N VAL P 1 -21.59 55.79 22.73
CA VAL P 1 -21.23 54.38 22.56
C VAL P 1 -22.41 53.46 23.04
N ASN P 2 -23.28 53.05 22.08
CA ASN P 2 -24.55 52.38 22.37
C ASN P 2 -24.70 51.05 21.63
N CYS P 3 -23.60 50.34 21.42
CA CYS P 3 -23.58 49.09 20.65
C CYS P 3 -24.24 47.93 21.38
N GLU P 4 -24.49 48.08 22.70
CA GLU P 4 -25.13 47.06 23.50
C GLU P 4 -26.63 46.98 23.21
N THR P 5 -27.25 48.08 22.77
CA THR P 5 -28.69 48.14 22.65
C THR P 5 -29.18 48.69 21.32
N SER P 6 -28.30 49.20 20.47
CA SER P 6 -28.70 49.68 19.16
C SER P 6 -28.28 48.68 18.10
N CYS P 7 -29.08 48.62 17.04
CA CYS P 7 -28.72 47.85 15.85
C CYS P 7 -28.34 48.74 14.67
N VAL P 8 -28.10 50.04 14.89
CA VAL P 8 -27.58 50.93 13.86
C VAL P 8 -26.07 50.84 13.78
N GLN P 9 -25.56 50.84 12.55
CA GLN P 9 -24.15 50.64 12.28
C GLN P 9 -23.50 52.01 12.09
N GLN P 10 -23.19 52.65 13.21
CA GLN P 10 -22.35 53.83 13.30
C GLN P 10 -21.22 53.57 14.27
N PRO P 11 -20.11 54.27 14.13
CA PRO P 11 -18.97 54.05 15.01
C PRO P 11 -19.32 54.29 16.47
N PRO P 12 -18.78 53.51 17.43
CA PRO P 12 -17.81 52.39 17.33
C PRO P 12 -18.40 51.00 17.12
N CYS P 13 -19.61 50.88 16.59
CA CYS P 13 -20.33 49.62 16.54
C CYS P 13 -20.23 48.96 15.17
N PHE P 14 -20.36 47.64 15.15
CA PHE P 14 -20.30 46.84 13.92
C PHE P 14 -21.19 45.61 14.13
N PRO P 15 -22.49 45.81 14.40
CA PRO P 15 -23.37 44.71 14.77
C PRO P 15 -23.53 43.66 13.68
N LEU P 16 -23.85 42.44 14.12
CA LEU P 16 -24.05 41.31 13.25
C LEU P 16 -25.52 41.28 12.88
N LYS P 17 -25.78 41.37 11.58
CA LYS P 17 -27.14 41.28 11.08
C LYS P 17 -27.61 39.83 11.16
N ILE P 18 -28.92 39.67 11.14
CA ILE P 18 -29.56 38.37 11.31
C ILE P 18 -30.03 37.86 9.94
N PRO P 19 -29.67 36.67 9.53
CA PRO P 19 -30.17 36.17 8.27
C PRO P 19 -31.64 35.80 8.38
N PRO P 20 -32.32 35.66 7.24
CA PRO P 20 -33.67 35.09 7.26
C PRO P 20 -33.66 33.65 7.75
N ASN P 21 -34.79 33.22 8.31
CA ASN P 21 -34.97 31.86 8.82
C ASN P 21 -33.94 31.51 9.90
N ASP P 22 -33.52 32.49 10.68
CA ASP P 22 -32.59 32.22 11.77
C ASP P 22 -33.28 31.32 12.80
N PRO P 23 -32.60 30.28 13.30
CA PRO P 23 -33.29 29.33 14.20
C PRO P 23 -33.75 29.95 15.48
N ARG P 24 -33.17 31.08 15.91
CA ARG P 24 -33.40 31.61 17.26
C ARG P 24 -33.94 33.02 17.28
N ILE P 25 -33.26 33.94 16.59
CA ILE P 25 -33.62 35.37 16.52
C ILE P 25 -34.50 35.55 15.29
N LYS P 26 -35.80 35.77 15.49
CA LYS P 26 -36.73 35.75 14.37
C LYS P 26 -37.02 37.11 13.78
N ASN P 27 -36.52 38.16 14.38
CA ASN P 27 -36.71 39.51 13.90
C ASN P 27 -35.46 39.96 13.16
N GLN P 28 -35.56 40.11 11.84
CA GLN P 28 -34.36 40.46 11.07
C GLN P 28 -33.86 41.88 11.32
N ALA P 29 -34.65 42.75 11.96
CA ALA P 29 -34.21 44.08 12.38
C ALA P 29 -33.39 44.06 13.69
N ASP P 30 -33.34 42.92 14.38
CA ASP P 30 -32.51 42.74 15.56
C ASP P 30 -31.07 42.58 15.10
N CYS P 31 -30.19 42.23 16.02
CA CYS P 31 -28.79 42.04 15.71
C CYS P 31 -28.09 41.53 16.95
N ILE P 32 -26.87 41.07 16.75
CA ILE P 32 -26.00 40.61 17.84
C ILE P 32 -24.99 41.72 18.11
N PRO P 33 -24.94 42.25 19.33
CA PRO P 33 -24.12 43.44 19.57
C PRO P 33 -22.64 43.19 19.37
N PHE P 34 -21.95 44.25 18.98
CA PHE P 34 -20.53 44.16 18.63
C PHE P 34 -19.89 45.54 18.64
N PHE P 35 -18.80 45.68 19.40
CA PHE P 35 -18.03 46.91 19.43
C PHE P 35 -16.73 46.67 18.67
N ARG P 36 -16.42 47.51 17.71
CA ARG P 36 -15.12 47.46 17.09
C ARG P 36 -14.01 47.61 18.12
N SER P 37 -12.93 46.83 17.94
CA SER P 37 -11.73 46.91 18.75
C SER P 37 -11.09 48.28 18.65
N CSO P 38 -10.49 48.77 19.74
CA CSO P 38 -9.94 50.14 19.72
CB CSO P 38 -9.38 50.61 21.08
SG CSO P 38 -10.64 50.74 22.35
C CSO P 38 -8.82 50.21 18.73
O CSO P 38 -7.99 49.35 18.72
OD CSO P 38 -11.47 52.34 22.09
H CSO P 38 -10.39 48.35 20.48
HA CSO P 38 -10.68 50.74 19.49
HB2 CSO P 38 -8.97 51.49 20.96
HB3 CSO P 38 -8.72 49.97 21.38
HD CSO P 38 -12.10 52.52 22.80
N PRO P 39 -8.79 51.27 17.94
CA PRO P 39 -7.69 51.48 17.02
C PRO P 39 -6.43 52.01 17.70
N ALA P 40 -5.28 51.63 17.16
CA ALA P 40 -4.06 52.06 17.82
C ALA P 40 -3.75 53.52 17.53
N CYS P 41 -4.27 54.04 16.43
CA CYS P 41 -4.09 55.45 16.06
C CYS P 41 -5.46 56.01 15.69
N PRO P 42 -6.19 56.60 16.64
CA PRO P 42 -7.56 57.05 16.37
C PRO P 42 -7.66 58.11 15.29
N GLY P 43 -8.60 57.86 14.36
CA GLY P 43 -9.05 58.78 13.34
C GLY P 43 -8.06 59.06 12.25
N SER P 44 -6.99 58.27 12.15
CA SER P 44 -5.94 58.57 11.19
C SER P 44 -6.43 58.38 9.76
N ASN P 45 -6.07 59.31 8.91
CA ASN P 45 -6.26 59.16 7.48
C ASN P 45 -4.99 58.68 6.78
N ILE P 46 -3.99 58.25 7.56
CA ILE P 46 -2.68 57.90 7.05
C ILE P 46 -2.34 56.44 7.30
N THR P 47 -2.53 55.98 8.54
CA THR P 47 -2.11 54.64 8.92
C THR P 47 -3.23 53.66 8.59
N ILE P 48 -2.85 52.42 8.32
CA ILE P 48 -3.81 51.33 8.17
C ILE P 48 -4.19 50.90 9.57
N ARG P 49 -5.49 50.83 9.83
CA ARG P 49 -5.98 50.62 11.18
C ARG P 49 -5.44 49.33 11.79
N ASN P 50 -4.99 49.42 13.03
CA ASN P 50 -4.52 48.26 13.75
C ASN P 50 -5.10 48.32 15.16
N GLN P 51 -4.97 47.21 15.87
CA GLN P 51 -5.58 47.06 17.18
C GLN P 51 -4.49 46.97 18.23
N ILE P 52 -4.91 46.94 19.49
CA ILE P 52 -3.98 47.10 20.61
C ILE P 52 -3.98 45.85 21.45
N ASN P 53 -2.81 45.48 21.97
CA ASN P 53 -2.73 44.43 22.98
C ASN P 53 -2.44 45.07 24.32
N ALA P 54 -3.36 44.94 25.25
CA ALA P 54 -3.23 45.52 26.58
C ALA P 54 -2.40 44.68 27.54
N LEU P 55 -1.97 43.48 27.16
CA LEU P 55 -1.21 42.61 28.03
C LEU P 55 0.23 42.50 27.55
N THR P 56 1.11 42.00 28.43
CA THR P 56 2.42 41.60 27.97
C THR P 56 2.27 40.33 27.16
N SER P 57 2.92 40.29 26.01
CA SER P 57 2.85 39.12 25.16
C SER P 57 3.64 37.95 25.74
N PHE P 58 4.55 38.21 26.66
CA PHE P 58 5.37 37.12 27.13
C PHE P 58 4.56 36.20 28.02
N VAL P 59 4.98 34.94 28.02
CA VAL P 59 4.39 33.96 28.92
C VAL P 59 5.01 34.22 30.28
N ASP P 60 4.47 35.21 31.01
CA ASP P 60 5.06 35.70 32.25
C ASP P 60 4.07 35.70 33.41
N ALA P 61 3.02 34.91 33.30
CA ALA P 61 1.95 34.94 34.29
C ALA P 61 1.38 36.34 34.51
N SER P 62 1.30 37.15 33.45
CA SER P 62 0.63 38.44 33.64
C SER P 62 -0.87 38.30 33.91
N MET P 63 -1.44 37.10 33.85
CA MET P 63 -2.82 36.93 34.32
C MET P 63 -2.92 36.90 35.84
N VAL P 64 -1.83 36.62 36.54
CA VAL P 64 -1.80 36.67 38.00
C VAL P 64 -1.39 38.04 38.50
N TYR P 65 -0.37 38.66 37.89
CA TYR P 65 0.31 39.84 38.45
C TYR P 65 -0.08 41.17 37.81
N GLY P 66 -0.71 41.16 36.65
CA GLY P 66 -1.07 42.37 35.97
C GLY P 66 -0.08 42.74 34.88
N SER P 67 -0.52 43.65 34.00
CA SER P 67 0.33 44.18 32.94
C SER P 67 0.51 45.69 33.00
N GLU P 68 -0.06 46.35 34.02
CA GLU P 68 0.06 47.77 34.29
C GLU P 68 0.51 47.91 35.75
N GLU P 69 1.30 48.97 36.04
CA GLU P 69 1.96 49.10 37.35
C GLU P 69 0.97 49.39 38.47
N PRO P 70 -0.07 50.22 38.25
CA PRO P 70 -1.05 50.46 39.33
C PRO P 70 -1.87 49.22 39.66
N LEU P 71 -2.42 48.56 38.64
CA LEU P 71 -3.13 47.32 38.90
C LEU P 71 -2.26 46.36 39.69
N ALA P 72 -0.97 46.23 39.32
CA ALA P 72 -0.14 45.22 39.97
C ALA P 72 0.13 45.56 41.43
N ARG P 73 0.14 46.85 41.80
CA ARG P 73 0.21 47.21 43.22
C ARG P 73 -1.09 46.85 43.92
N ASN P 74 -2.21 47.07 43.25
CA ASN P 74 -3.51 46.74 43.82
C ASN P 74 -3.70 45.25 44.10
N LEU P 75 -2.95 44.37 43.46
CA LEU P 75 -3.07 42.94 43.71
C LEU P 75 -2.10 42.45 44.78
N ARG P 76 -1.25 43.33 45.29
CA ARG P 76 -0.26 42.97 46.28
C ARG P 76 -0.78 43.27 47.69
N ASN P 77 -0.44 42.40 48.64
CA ASN P 77 -0.80 42.62 50.04
C ASN P 77 0.19 43.61 50.63
N MET P 78 -0.26 44.83 50.89
CA MET P 78 0.61 45.92 51.29
C MET P 78 0.58 46.19 52.79
N SER P 79 0.05 45.28 53.58
CA SER P 79 0.01 45.48 55.02
C SER P 79 1.16 44.80 55.75
N ASN P 80 2.10 44.20 55.02
CA ASN P 80 3.28 43.61 55.66
C ASN P 80 4.36 43.41 54.60
N GLN P 81 5.43 42.75 55.00
CA GLN P 81 6.63 42.54 54.19
C GLN P 81 6.75 41.10 53.71
N LEU P 82 5.63 40.39 53.61
CA LEU P 82 5.69 38.99 53.27
C LEU P 82 5.67 38.73 51.78
N GLY P 83 5.49 39.77 50.95
CA GLY P 83 5.48 39.56 49.51
C GLY P 83 4.29 38.77 49.00
N LEU P 84 3.13 38.93 49.62
CA LEU P 84 1.95 38.17 49.27
C LEU P 84 1.09 38.94 48.30
N LEU P 85 0.29 38.19 47.55
CA LEU P 85 -0.77 38.76 46.74
C LEU P 85 -2.02 38.86 47.60
N ALA P 86 -2.77 39.96 47.42
CA ALA P 86 -3.99 40.19 48.19
C ALA P 86 -5.02 39.07 48.01
N VAL P 87 -5.76 38.81 49.09
CA VAL P 87 -6.82 37.82 49.11
C VAL P 87 -8.09 38.45 49.63
N ASN P 88 -9.21 37.81 49.30
CA ASN P 88 -10.52 38.23 49.76
C ASN P 88 -10.55 38.31 51.27
N GLN P 89 -11.19 39.36 51.79
CA GLN P 89 -11.26 39.61 53.22
C GLN P 89 -12.62 39.27 53.82
N ARG P 90 -13.49 38.69 53.03
CA ARG P 90 -14.84 38.38 53.47
C ARG P 90 -15.21 36.91 53.22
N PHE P 91 -14.47 36.17 52.40
CA PHE P 91 -14.85 34.80 52.08
C PHE P 91 -13.64 33.89 51.97
N GLN P 92 -13.84 32.60 52.28
CA GLN P 92 -12.77 31.61 52.17
C GLN P 92 -13.35 30.29 51.69
N ASP P 93 -12.51 29.48 51.03
CA ASP P 93 -12.87 28.17 50.47
C ASP P 93 -12.28 27.14 51.44
N ASN P 94 -13.04 26.85 52.48
CA ASN P 94 -12.63 25.88 53.50
C ASN P 94 -11.26 26.25 54.05
N GLY P 95 -11.19 27.46 54.61
CA GLY P 95 -9.96 27.99 55.14
C GLY P 95 -8.97 28.53 54.11
N ARG P 96 -9.15 28.26 52.83
CA ARG P 96 -8.13 28.69 51.88
C ARG P 96 -8.57 29.99 51.23
N ALA P 97 -7.64 30.61 50.50
CA ALA P 97 -7.82 31.96 49.97
C ALA P 97 -8.60 32.02 48.67
N LEU P 98 -9.39 33.08 48.52
CA LEU P 98 -10.10 33.39 47.29
C LEU P 98 -9.60 34.72 46.75
N LEU P 99 -9.74 34.92 45.46
CA LEU P 99 -9.37 36.19 44.88
C LEU P 99 -10.13 37.32 45.56
N PRO P 100 -9.54 38.49 45.65
CA PRO P 100 -10.28 39.66 46.09
C PRO P 100 -11.32 40.09 45.07
N PHE P 101 -12.24 40.94 45.54
CA PHE P 101 -13.35 41.41 44.72
C PHE P 101 -12.98 42.71 44.03
N ASP P 102 -13.32 42.80 42.75
CA ASP P 102 -13.16 44.05 42.01
C ASP P 102 -14.35 44.96 42.29
N ASN P 103 -14.16 46.24 42.01
CA ASN P 103 -15.22 47.25 42.08
C ASN P 103 -15.35 47.84 40.67
N LEU P 104 -16.35 47.39 39.92
CA LEU P 104 -16.60 47.87 38.57
C LEU P 104 -17.85 48.72 38.53
N HIS P 105 -17.88 49.61 37.54
CA HIS P 105 -19.09 50.40 37.32
C HIS P 105 -20.24 49.52 36.86
N ASP P 106 -20.00 48.73 35.80
CA ASP P 106 -20.93 47.72 35.27
C ASP P 106 -20.42 46.36 35.73
N ASP P 107 -20.99 45.83 36.81
CA ASP P 107 -20.55 44.52 37.27
C ASP P 107 -21.49 43.46 36.72
N PRO P 108 -21.06 42.67 35.79
CA PRO P 108 -21.97 41.67 35.23
C PRO P 108 -22.18 40.48 36.16
N CYS P 109 -21.20 40.18 37.01
CA CYS P 109 -21.34 39.05 37.92
C CYS P 109 -22.55 39.20 38.81
N LEU P 110 -22.84 40.44 39.27
CA LEU P 110 -24.03 40.73 40.07
C LEU P 110 -25.31 40.48 39.30
N LEU P 111 -25.28 40.46 37.98
CA LEU P 111 -26.52 40.17 37.29
C LEU P 111 -26.86 38.69 37.27
N THR P 112 -25.90 37.80 37.55
CA THR P 112 -26.18 36.36 37.43
C THR P 112 -27.02 35.82 38.56
N ASN P 113 -26.88 36.39 39.76
CA ASN P 113 -27.72 36.03 40.90
C ASN P 113 -27.90 37.29 41.75
N ARG P 114 -29.06 37.92 41.64
CA ARG P 114 -29.27 39.20 42.33
C ARG P 114 -29.19 39.05 43.84
N SER P 115 -29.80 38.00 44.41
CA SER P 115 -29.81 37.86 45.88
C SER P 115 -28.41 37.66 46.45
N ALA P 116 -27.55 36.91 45.75
CA ALA P 116 -26.25 36.56 46.32
C ALA P 116 -25.36 37.78 46.50
N ARG P 117 -25.40 38.71 45.55
CA ARG P 117 -24.62 39.96 45.55
C ARG P 117 -23.11 39.70 45.70
N ILE P 118 -22.57 38.88 44.81
CA ILE P 118 -21.18 38.46 44.80
C ILE P 118 -20.53 39.06 43.55
N PRO P 119 -19.67 40.09 43.66
CA PRO P 119 -19.20 40.78 42.45
C PRO P 119 -18.14 39.98 41.70
N CYS P 120 -17.55 40.58 40.67
CA CYS P 120 -16.51 39.91 39.91
C CYS P 120 -15.19 39.96 40.68
N PHE P 121 -14.29 39.04 40.32
CA PHE P 121 -13.02 38.89 41.00
C PHE P 121 -11.98 39.82 40.37
N LEU P 122 -11.00 40.20 41.19
CA LEU P 122 -9.91 41.06 40.80
C LEU P 122 -8.66 40.23 40.54
N ALA P 123 -8.10 40.35 39.36
CA ALA P 123 -6.96 39.54 39.01
C ALA P 123 -6.08 40.30 38.04
N GLY P 124 -5.00 39.66 37.66
CA GLY P 124 -4.10 40.28 36.73
C GLY P 124 -4.72 40.56 35.40
N ASP P 125 -5.77 39.81 35.04
CA ASP P 125 -6.52 40.00 33.81
C ASP P 125 -8.01 40.20 34.10
N THR P 126 -8.65 41.09 33.33
CA THR P 126 -10.04 41.48 33.59
C THR P 126 -11.08 40.42 33.30
N ARG P 127 -10.74 39.34 32.60
CA ARG P 127 -11.72 38.30 32.26
C ARG P 127 -11.73 37.14 33.26
N SER P 128 -11.28 37.35 34.51
CA SER P 128 -11.07 36.25 35.43
C SER P 128 -12.35 35.52 35.77
N SER P 129 -13.48 36.19 35.65
CA SER P 129 -14.75 35.69 36.15
C SER P 129 -15.64 35.10 35.04
N GLU P 130 -15.16 35.04 33.82
CA GLU P 130 -16.09 34.75 32.74
C GLU P 130 -16.66 33.34 32.85
N MET P 131 -15.98 32.46 33.58
CA MET P 131 -16.32 31.07 33.80
C MET P 131 -15.76 30.74 35.18
N PRO P 132 -16.46 29.98 36.00
CA PRO P 132 -15.87 29.58 37.29
C PRO P 132 -14.68 28.64 37.13
N GLU P 133 -14.60 27.87 36.05
CA GLU P 133 -13.43 27.02 35.81
C GLU P 133 -12.15 27.86 35.66
N LEU P 134 -12.24 28.95 34.88
CA LEU P 134 -11.14 29.90 34.74
C LEU P 134 -10.78 30.55 36.07
N THR P 135 -11.80 30.99 36.80
CA THR P 135 -11.59 31.56 38.12
C THR P 135 -10.79 30.60 39.00
N SER P 136 -11.10 29.32 38.90
CA SER P 136 -10.43 28.35 39.75
C SER P 136 -8.95 28.31 39.45
N MET P 137 -8.57 28.41 38.15
CA MET P 137 -7.17 28.37 37.75
C MET P 137 -6.43 29.61 38.24
N HIS P 138 -7.08 30.76 38.13
CA HIS P 138 -6.50 31.98 38.66
C HIS P 138 -6.28 31.85 40.15
N THR P 139 -7.29 31.31 40.85
CA THR P 139 -7.25 31.19 42.29
C THR P 139 -6.21 30.18 42.71
N LEU P 140 -6.02 29.14 41.91
CA LEU P 140 -4.96 28.19 42.18
C LEU P 140 -3.58 28.86 42.11
N LEU P 141 -3.35 29.74 41.12
CA LEU P 141 -2.04 30.38 40.97
C LEU P 141 -1.82 31.53 41.97
N LEU P 142 -2.88 32.13 42.49
CA LEU P 142 -2.69 33.08 43.57
C LEU P 142 -2.30 32.38 44.87
N ARG P 143 -2.96 31.27 45.18
CA ARG P 143 -2.55 30.50 46.35
C ARG P 143 -1.11 30.04 46.20
N GLU P 144 -0.71 29.61 44.99
CA GLU P 144 0.62 29.04 44.82
C GLU P 144 1.66 30.11 44.97
N HIS P 145 1.34 31.34 44.54
CA HIS P 145 2.26 32.44 44.78
C HIS P 145 2.44 32.65 46.27
N ASN P 146 1.36 32.68 47.03
CA ASN P 146 1.54 32.92 48.45
C ASN P 146 2.25 31.76 49.13
N ARG P 147 2.08 30.55 48.64
CA ARG P 147 2.76 29.42 49.26
C ARG P 147 4.27 29.52 49.10
N LEU P 148 4.74 29.75 47.86
CA LEU P 148 6.16 29.99 47.59
C LEU P 148 6.72 31.16 48.38
N ALA P 149 6.00 32.29 48.39
CA ALA P 149 6.48 33.46 49.14
C ALA P 149 6.69 33.12 50.61
N THR P 150 5.81 32.30 51.16
CA THR P 150 5.97 31.83 52.54
C THR P 150 7.19 30.92 52.67
N GLU P 151 7.29 29.93 51.80
CA GLU P 151 8.41 28.99 51.84
C GLU P 151 9.75 29.70 51.67
N LEU P 152 9.81 30.74 50.83
CA LEU P 152 11.05 31.50 50.65
C LEU P 152 11.34 32.37 51.88
N LYS P 153 10.31 32.94 52.50
CA LYS P 153 10.52 33.71 53.73
C LYS P 153 11.20 32.84 54.77
N SER P 154 10.89 31.54 54.80
CA SER P 154 11.56 30.62 55.74
C SER P 154 13.03 30.41 55.39
N LEU P 155 13.38 30.24 54.10
CA LEU P 155 14.78 30.10 53.73
C LEU P 155 15.56 31.39 53.98
N ASN P 156 14.97 32.52 53.65
CA ASN P 156 15.65 33.81 53.63
C ASN P 156 14.84 34.78 54.49
N PRO P 157 14.96 34.69 55.82
CA PRO P 157 14.15 35.58 56.66
C PRO P 157 14.51 37.03 56.51
N ARG P 158 15.69 37.34 55.93
CA ARG P 158 16.12 38.72 55.76
C ARG P 158 15.57 39.38 54.50
N TRP P 159 14.86 38.63 53.67
CA TRP P 159 14.31 39.18 52.45
C TRP P 159 13.08 40.04 52.77
N ASP P 160 13.00 41.19 52.13
CA ASP P 160 11.86 42.05 52.38
C ASP P 160 10.73 41.70 51.42
N GLY P 161 9.59 42.37 51.59
CA GLY P 161 8.45 42.06 50.74
C GLY P 161 8.77 42.07 49.26
N GLU P 162 9.48 43.11 48.79
CA GLU P 162 9.64 43.26 47.34
C GLU P 162 10.46 42.11 46.76
N ARG P 163 11.53 41.71 47.42
CA ARG P 163 12.31 40.57 46.95
C ARG P 163 11.48 39.29 46.98
N LEU P 164 10.76 39.05 48.08
CA LEU P 164 9.88 37.86 48.17
C LEU P 164 8.86 37.84 47.04
N TYR P 165 8.13 38.95 46.86
CA TYR P 165 7.20 39.03 45.74
C TYR P 165 7.90 38.68 44.42
N GLN P 166 9.09 39.27 44.16
CA GLN P 166 9.68 39.08 42.84
C GLN P 166 10.20 37.67 42.65
N GLU P 167 10.77 37.08 43.69
CA GLU P 167 11.30 35.72 43.51
C GLU P 167 10.15 34.72 43.29
N ALA P 168 9.05 34.91 44.01
CA ALA P 168 7.88 34.05 43.86
C ALA P 168 7.16 34.32 42.54
N ARG P 169 7.05 35.60 42.14
CA ARG P 169 6.54 35.90 40.81
C ARG P 169 7.39 35.24 39.73
N LYS P 170 8.70 35.18 39.94
CA LYS P 170 9.59 34.60 38.95
C LYS P 170 9.40 33.09 38.83
N ILE P 171 9.19 32.40 39.95
CA ILE P 171 8.96 30.96 39.88
C ILE P 171 7.66 30.66 39.17
N VAL P 172 6.61 31.42 39.50
CA VAL P 172 5.30 31.14 38.93
C VAL P 172 5.34 31.31 37.42
N GLY P 173 6.02 32.33 36.93
CA GLY P 173 6.13 32.49 35.49
C GLY P 173 6.87 31.35 34.82
N ALA P 174 7.92 30.85 35.46
CA ALA P 174 8.60 29.67 34.97
C ALA P 174 7.65 28.46 34.92
N MET P 175 6.81 28.32 35.94
CA MET P 175 5.88 27.20 35.93
C MET P 175 4.88 27.34 34.77
N VAL P 176 4.37 28.52 34.52
CA VAL P 176 3.42 28.65 33.40
C VAL P 176 4.12 28.29 32.10
N GLN P 177 5.38 28.70 31.95
CA GLN P 177 6.14 28.36 30.76
C GLN P 177 6.36 26.87 30.66
N ILE P 178 6.65 26.21 31.77
CA ILE P 178 7.00 24.80 31.71
C ILE P 178 5.77 23.98 31.37
N ILE P 179 4.64 24.23 32.04
CA ILE P 179 3.45 23.48 31.69
C ILE P 179 3.06 23.75 30.25
N THR P 180 3.17 25.00 29.82
CA THR P 180 2.76 25.35 28.47
C THR P 180 3.59 24.61 27.41
N TYR P 181 4.90 24.70 27.51
CA TYR P 181 5.72 24.20 26.42
C TYR P 181 6.04 22.72 26.55
N ARG P 182 6.10 22.20 27.75
CA ARG P 182 6.36 20.79 27.95
C ARG P 182 5.08 19.96 27.88
N ASP P 183 3.98 20.48 28.42
CA ASP P 183 2.78 19.66 28.57
C ASP P 183 1.66 20.02 27.62
N TYR P 184 1.43 21.30 27.39
CA TYR P 184 0.24 21.74 26.68
C TYR P 184 0.45 21.75 25.17
N LEU P 185 1.51 22.43 24.71
CA LEU P 185 1.67 22.62 23.28
C LEU P 185 1.87 21.33 22.51
N PRO P 186 2.60 20.34 23.01
CA PRO P 186 2.76 19.10 22.22
C PRO P 186 1.43 18.44 21.97
N LEU P 187 0.45 18.65 22.83
CA LEU P 187 -0.87 18.05 22.66
C LEU P 187 -1.80 18.92 21.81
N VAL P 188 -1.44 20.18 21.55
CA VAL P 188 -2.16 20.98 20.57
C VAL P 188 -1.62 20.74 19.18
N LEU P 189 -0.31 20.85 19.01
CA LEU P 189 0.26 20.71 17.69
C LEU P 189 0.38 19.26 17.24
N GLY P 190 0.63 18.32 18.14
CA GLY P 190 1.01 16.98 17.75
C GLY P 190 2.49 16.92 17.44
N PRO P 191 3.09 15.74 17.52
CA PRO P 191 4.57 15.66 17.45
C PRO P 191 5.19 16.28 16.21
N THR P 192 4.63 16.05 15.03
CA THR P 192 5.26 16.51 13.80
C THR P 192 5.35 18.05 13.74
N ALA P 193 4.26 18.74 14.06
CA ALA P 193 4.30 20.20 14.05
C ALA P 193 5.09 20.75 15.23
N MET P 194 5.15 20.00 16.33
CA MET P 194 5.92 20.45 17.49
C MET P 194 7.40 20.42 17.20
N ARG P 195 7.86 19.41 16.45
CA ARG P 195 9.27 19.40 16.07
C ARG P 195 9.58 20.50 15.06
N LYS P 196 8.60 20.86 14.21
CA LYS P 196 8.83 21.76 13.07
C LYS P 196 8.94 23.19 13.52
N TYR P 197 8.02 23.62 14.40
CA TYR P 197 7.89 25.00 14.83
C TYR P 197 8.52 25.30 16.17
N LEU P 198 8.75 24.29 17.00
CA LEU P 198 9.31 24.47 18.34
C LEU P 198 10.46 23.51 18.55
N PRO P 199 11.49 23.61 17.72
CA PRO P 199 12.71 22.82 17.94
C PRO P 199 13.37 23.18 19.27
N THR P 200 14.31 22.33 19.65
CA THR P 200 15.10 22.45 20.86
C THR P 200 15.56 23.89 21.09
N TYR P 201 15.36 24.37 22.30
CA TYR P 201 15.81 25.70 22.68
C TYR P 201 17.34 25.77 22.65
N ARG P 202 17.88 26.79 21.98
CA ARG P 202 19.31 27.11 22.02
C ARG P 202 19.58 28.26 23.00
N SER P 203 19.16 29.47 22.66
CA SER P 203 19.28 30.56 23.64
C SER P 203 18.44 31.73 23.18
N TYR P 204 18.48 32.79 24.00
CA TYR P 204 17.77 34.03 23.72
C TYR P 204 18.35 34.66 22.45
N ASN P 205 17.47 35.07 21.55
CA ASN P 205 17.84 35.71 20.30
C ASN P 205 17.16 37.06 20.32
N ASP P 206 17.93 38.12 20.49
CA ASP P 206 17.35 39.46 20.65
C ASP P 206 16.82 40.06 19.34
N SER P 207 16.95 39.36 18.22
CA SER P 207 16.37 39.81 16.98
C SER P 207 15.04 39.12 16.67
N VAL P 208 14.51 38.37 17.62
CA VAL P 208 13.23 37.70 17.41
C VAL P 208 12.14 38.63 17.93
N ASP P 209 11.24 39.03 17.07
CA ASP P 209 10.14 39.90 17.53
C ASP P 209 9.18 39.11 18.42
N PRO P 210 9.00 39.46 19.69
CA PRO P 210 8.10 38.66 20.55
C PRO P 210 6.67 39.19 20.63
N ARG P 211 6.27 40.12 19.77
CA ARG P 211 4.92 40.64 19.89
C ARG P 211 3.87 39.63 19.44
N ILE P 212 2.68 39.71 20.04
CA ILE P 212 1.57 38.93 19.53
C ILE P 212 1.18 39.49 18.18
N ALA P 213 0.95 38.60 17.21
CA ALA P 213 0.50 38.95 15.87
C ALA P 213 -1.01 39.03 15.87
N ASN P 214 -1.52 39.98 15.13
CA ASN P 214 -2.96 40.16 15.09
C ASN P 214 -3.67 38.85 14.80
N VAL P 215 -3.24 38.12 13.77
CA VAL P 215 -3.92 36.87 13.43
C VAL P 215 -3.96 35.88 14.59
N PHE P 216 -2.99 35.93 15.52
CA PHE P 216 -2.97 34.92 16.58
C PHE P 216 -4.16 35.08 17.50
N THR P 217 -4.62 36.32 17.73
CA THR P 217 -5.79 36.52 18.59
C THR P 217 -7.06 35.91 18.02
N ASN P 218 -7.09 35.55 16.73
CA ASN P 218 -8.25 34.88 16.13
C ASN P 218 -8.00 33.38 15.99
N ALA P 219 -6.81 33.01 15.48
CA ALA P 219 -6.42 31.60 15.38
C ALA P 219 -6.46 30.86 16.71
N PHE P 220 -6.07 31.53 17.79
CA PHE P 220 -5.99 30.79 19.05
C PHE P 220 -7.35 30.59 19.66
N ARG P 221 -8.39 31.12 19.05
CA ARG P 221 -9.77 30.76 19.41
C ARG P 221 -10.19 29.36 18.90
N TYR P 222 -9.26 28.55 18.37
CA TYR P 222 -9.58 27.16 18.12
C TYR P 222 -10.17 26.53 19.38
N GLY P 223 -9.77 27.01 20.55
CA GLY P 223 -10.21 26.43 21.81
C GLY P 223 -11.70 26.44 21.99
N HIS P 224 -12.41 27.33 21.31
CA HIS P 224 -13.86 27.32 21.44
C HIS P 224 -14.46 26.00 20.97
N THR P 225 -13.79 25.28 20.08
CA THR P 225 -14.28 23.97 19.66
C THR P 225 -14.16 22.91 20.75
N LEU P 226 -13.36 23.14 21.80
CA LEU P 226 -13.19 22.19 22.89
C LEU P 226 -14.19 22.37 24.02
N ILE P 227 -14.98 23.44 23.98
CA ILE P 227 -15.87 23.75 25.10
C ILE P 227 -17.01 22.73 25.18
N GLN P 228 -17.13 22.12 26.32
CA GLN P 228 -18.25 21.25 26.69
C GLN P 228 -19.42 22.13 27.19
N PRO P 229 -20.66 21.67 27.04
CA PRO P 229 -21.81 22.53 27.35
C PRO P 229 -22.15 22.62 28.84
N PHE P 230 -21.37 21.99 29.71
CA PHE P 230 -21.68 22.01 31.12
C PHE P 230 -20.43 22.37 31.91
N MET P 231 -20.65 22.79 33.14
CA MET P 231 -19.62 22.84 34.16
C MET P 231 -19.82 21.63 35.07
N PHE P 232 -18.78 20.82 35.19
CA PHE P 232 -18.83 19.60 35.98
C PHE P 232 -18.19 19.84 37.32
N ARG P 233 -18.89 19.47 38.38
CA ARG P 233 -18.34 19.46 39.72
C ARG P 233 -18.41 18.05 40.32
N LEU P 234 -17.34 17.67 41.00
CA LEU P 234 -17.20 16.39 41.65
C LEU P 234 -16.80 16.60 43.10
N ASP P 235 -17.30 15.75 43.98
CA ASP P 235 -17.00 15.76 45.40
C ASP P 235 -15.69 15.00 45.61
N ASN P 236 -15.31 14.76 46.88
CA ASN P 236 -14.02 14.17 47.18
C ASN P 236 -13.85 12.76 46.59
N ARG P 237 -14.93 12.01 46.37
CA ARG P 237 -14.82 10.68 45.77
C ARG P 237 -14.80 10.71 44.23
N TYR P 238 -14.80 11.89 43.61
CA TYR P 238 -14.87 12.04 42.15
C TYR P 238 -16.20 11.58 41.57
N GLN P 239 -17.25 11.63 42.40
CA GLN P 239 -18.65 11.44 42.04
C GLN P 239 -19.36 12.78 41.92
N PRO P 240 -20.47 12.85 41.19
CA PRO P 240 -21.21 14.12 41.08
C PRO P 240 -21.52 14.71 42.46
N MET P 241 -21.37 16.03 42.58
CA MET P 241 -21.61 16.75 43.83
C MET P 241 -23.03 17.32 43.82
N GLU P 242 -23.79 17.02 44.89
CA GLU P 242 -25.26 17.07 44.89
C GLU P 242 -25.92 18.40 44.54
N PRO P 243 -25.39 19.59 44.98
CA PRO P 243 -25.95 20.86 44.50
C PRO P 243 -25.56 21.12 43.05
N ASN P 244 -26.37 20.60 42.09
CA ASN P 244 -26.15 20.73 40.65
C ASN P 244 -24.83 20.11 40.18
N PRO P 245 -24.79 18.81 39.87
CA PRO P 245 -23.54 18.24 39.35
C PRO P 245 -23.17 18.72 37.95
N ARG P 246 -24.14 19.12 37.12
CA ARG P 246 -23.88 19.58 35.76
C ARG P 246 -24.73 20.82 35.52
N VAL P 247 -24.09 21.97 35.48
CA VAL P 247 -24.75 23.23 35.21
C VAL P 247 -24.53 23.56 33.74
N PRO P 248 -25.57 23.92 33.00
CA PRO P 248 -25.38 24.46 31.63
C PRO P 248 -24.49 25.68 31.62
N LEU P 249 -23.65 25.84 30.59
CA LEU P 249 -22.72 26.96 30.63
C LEU P 249 -23.46 28.30 30.63
N SER P 250 -24.61 28.37 29.96
CA SER P 250 -25.34 29.63 29.94
C SER P 250 -25.77 30.09 31.34
N ARG P 251 -25.55 29.28 32.38
CA ARG P 251 -25.84 29.67 33.75
C ARG P 251 -24.58 29.78 34.63
N VAL P 252 -23.37 29.69 34.05
CA VAL P 252 -22.14 29.90 34.81
C VAL P 252 -21.30 31.05 34.30
N PHE P 253 -21.71 31.75 33.23
CA PHE P 253 -20.92 32.89 32.75
C PHE P 253 -21.04 34.00 33.77
N PHE P 254 -19.91 34.54 34.21
CA PHE P 254 -19.82 35.57 35.25
C PHE P 254 -20.48 35.17 36.57
N ALA P 255 -20.62 33.87 36.82
CA ALA P 255 -21.29 33.40 38.04
C ALA P 255 -20.29 33.22 39.18
N SER P 256 -19.69 34.33 39.60
CA SER P 256 -18.73 34.26 40.70
C SER P 256 -19.38 33.76 42.00
N TRP P 257 -20.70 33.89 42.16
CA TRP P 257 -21.32 33.35 43.37
C TRP P 257 -21.14 31.85 43.46
N ARG P 258 -21.13 31.15 42.34
CA ARG P 258 -20.97 29.71 42.43
C ARG P 258 -19.62 29.32 43.01
N VAL P 259 -18.59 30.16 42.88
CA VAL P 259 -17.31 29.85 43.50
C VAL P 259 -17.36 30.12 45.00
N VAL P 260 -17.94 31.26 45.39
CA VAL P 260 -17.98 31.65 46.79
C VAL P 260 -18.93 30.75 47.60
N LEU P 261 -20.14 30.49 47.06
CA LEU P 261 -21.26 29.94 47.85
C LEU P 261 -21.64 28.50 47.52
N GLU P 262 -21.22 27.97 46.39
CA GLU P 262 -21.55 26.59 46.04
C GLU P 262 -20.30 25.69 46.05
N GLY P 263 -19.37 25.93 46.95
CA GLY P 263 -18.35 24.94 47.26
C GLY P 263 -16.95 25.22 46.80
N GLY P 264 -16.64 26.39 46.33
CA GLY P 264 -15.23 26.68 46.16
C GLY P 264 -14.64 26.04 44.92
N ILE P 265 -13.30 25.98 44.89
CA ILE P 265 -12.65 25.61 43.64
C ILE P 265 -12.37 24.12 43.54
N ASP P 266 -12.32 23.40 44.68
CA ASP P 266 -11.98 21.98 44.66
C ASP P 266 -12.88 21.19 43.74
N PRO P 267 -14.21 21.30 43.83
CA PRO P 267 -15.05 20.48 42.94
C PRO P 267 -14.98 20.92 41.50
N ILE P 268 -14.72 22.20 41.24
CA ILE P 268 -14.55 22.62 39.85
C ILE P 268 -13.31 21.96 39.27
N LEU P 269 -12.20 21.97 40.02
CA LEU P 269 -10.94 21.49 39.47
C LEU P 269 -11.02 20.01 39.16
N ARG P 270 -11.73 19.24 40.00
CA ARG P 270 -11.87 17.81 39.74
C ARG P 270 -12.68 17.56 38.47
N GLY P 271 -13.72 18.36 38.25
CA GLY P 271 -14.45 18.30 36.99
C GLY P 271 -13.53 18.46 35.80
N LEU P 272 -12.58 19.40 35.89
CA LEU P 272 -11.64 19.59 34.80
C LEU P 272 -10.75 18.37 34.58
N MET P 273 -10.27 17.73 35.65
CA MET P 273 -9.32 16.63 35.45
C MET P 273 -10.00 15.34 35.07
N ALA P 274 -11.21 15.12 35.57
CA ALA P 274 -11.93 13.87 35.41
C ALA P 274 -13.02 13.93 34.34
N THR P 275 -12.96 14.91 33.44
CA THR P 275 -14.02 15.07 32.45
C THR P 275 -13.36 15.29 31.10
N PRO P 276 -13.80 14.59 30.07
CA PRO P 276 -13.17 14.77 28.76
C PRO P 276 -13.60 16.09 28.12
N ALA P 277 -12.72 16.63 27.30
CA ALA P 277 -13.08 17.79 26.53
C ALA P 277 -13.90 17.36 25.33
N LYS P 278 -14.51 18.35 24.71
CA LYS P 278 -15.20 18.07 23.46
C LYS P 278 -14.18 17.83 22.36
N LEU P 279 -14.52 16.91 21.46
CA LEU P 279 -13.71 16.68 20.28
C LEU P 279 -14.24 17.58 19.17
N ASN P 280 -13.33 18.25 18.49
CA ASN P 280 -13.67 18.98 17.28
C ASN P 280 -13.75 18.01 16.11
N ARG P 281 -14.94 17.85 15.55
CA ARG P 281 -15.17 17.12 14.32
C ARG P 281 -15.80 18.06 13.31
N GLN P 282 -15.63 17.74 12.03
CA GLN P 282 -16.00 18.68 10.99
C GLN P 282 -17.50 18.96 10.95
N ASN P 283 -18.32 18.10 11.54
CA ASN P 283 -19.75 18.35 11.62
C ASN P 283 -20.25 18.53 13.05
N GLN P 284 -19.33 18.78 13.99
CA GLN P 284 -19.65 19.07 15.39
C GLN P 284 -18.67 20.14 15.84
N ILE P 285 -18.76 21.33 15.27
CA ILE P 285 -17.67 22.31 15.46
C ILE P 285 -17.76 22.98 16.84
N ALA P 286 -18.93 23.52 17.22
CA ALA P 286 -19.02 24.17 18.52
C ALA P 286 -20.44 24.12 19.06
N VAL P 287 -20.55 24.04 20.36
CA VAL P 287 -21.85 23.76 20.97
C VAL P 287 -22.73 25.01 20.97
N ASP P 288 -24.04 24.76 21.10
CA ASP P 288 -25.03 25.82 21.13
C ASP P 288 -24.98 26.61 22.43
N GLU P 289 -24.32 26.10 23.48
CA GLU P 289 -24.27 26.89 24.69
C GLU P 289 -23.51 28.18 24.45
N ILE P 290 -22.49 28.15 23.59
CA ILE P 290 -21.76 29.37 23.25
C ILE P 290 -22.24 29.94 21.93
N ARG P 291 -22.90 29.14 21.10
CA ARG P 291 -23.36 29.62 19.81
C ARG P 291 -24.74 30.29 19.86
N GLU P 292 -25.52 30.07 20.93
CA GLU P 292 -26.88 30.58 21.02
C GLU P 292 -27.13 31.35 22.32
N ARG P 293 -26.40 31.01 23.39
CA ARG P 293 -26.72 31.52 24.71
C ARG P 293 -25.52 32.11 25.43
N LEU P 294 -24.55 32.65 24.69
CA LEU P 294 -23.38 33.18 25.35
C LEU P 294 -23.77 34.44 26.10
N PHE P 295 -23.41 34.51 27.38
CA PHE P 295 -23.68 35.69 28.20
C PHE P 295 -25.16 36.04 28.25
N GLU P 296 -26.01 35.02 28.05
CA GLU P 296 -27.46 35.19 28.02
C GLU P 296 -28.02 35.89 29.25
N GLN P 297 -27.44 35.62 30.43
CA GLN P 297 -27.94 36.17 31.69
C GLN P 297 -27.59 37.63 31.90
N VAL P 298 -26.59 38.17 31.20
CA VAL P 298 -26.05 39.48 31.53
C VAL P 298 -26.14 40.47 30.35
N MET P 299 -27.00 40.20 29.37
CA MET P 299 -27.11 41.03 28.18
C MET P 299 -28.54 40.95 27.64
N ARG P 300 -28.91 41.90 26.77
CA ARG P 300 -30.25 41.87 26.17
C ARG P 300 -30.49 40.63 25.31
N ILE P 301 -29.44 39.91 24.91
CA ILE P 301 -29.59 38.78 24.00
C ILE P 301 -28.36 37.89 24.10
N GLY P 302 -28.55 36.59 23.91
CA GLY P 302 -27.41 35.68 23.87
C GLY P 302 -26.58 35.95 22.65
N LEU P 303 -25.27 35.85 22.79
CA LEU P 303 -24.36 36.02 21.68
C LEU P 303 -24.01 34.68 21.05
N ASP P 304 -23.32 34.75 19.91
CA ASP P 304 -22.93 33.61 19.08
C ASP P 304 -21.42 33.70 19.00
N LEU P 305 -20.70 33.00 19.87
CA LEU P 305 -19.24 33.14 19.88
C LEU P 305 -18.53 32.78 18.56
N PRO P 306 -18.86 31.68 17.86
CA PRO P 306 -18.27 31.50 16.52
C PRO P 306 -18.57 32.64 15.56
N ALA P 307 -19.79 33.17 15.58
CA ALA P 307 -20.07 34.35 14.76
C ALA P 307 -19.25 35.56 15.19
N LEU P 308 -19.07 35.77 16.49
CA LEU P 308 -18.25 36.88 16.94
C LEU P 308 -16.82 36.71 16.45
N ASN P 309 -16.32 35.50 16.49
CA ASN P 309 -14.95 35.29 16.01
C ASN P 309 -14.78 35.72 14.57
N MET P 310 -15.77 35.48 13.72
CA MET P 310 -15.64 35.82 12.32
C MET P 310 -15.79 37.32 12.09
N GLN P 311 -16.77 37.95 12.73
CA GLN P 311 -16.88 39.39 12.66
C GLN P 311 -15.63 40.05 13.21
N ARG P 312 -15.04 39.48 14.25
CA ARG P 312 -13.83 40.10 14.81
C ARG P 312 -12.67 40.03 13.83
N SER P 313 -12.54 38.94 13.09
CA SER P 313 -11.43 38.93 12.13
C SER P 313 -11.65 39.93 11.00
N ARG P 314 -12.90 40.22 10.62
CA ARG P 314 -13.15 41.34 9.70
C ARG P 314 -12.85 42.70 10.35
N ASP P 315 -13.35 42.92 11.58
CA ASP P 315 -13.02 44.14 12.33
C ASP P 315 -11.53 44.43 12.28
N HIS P 316 -10.72 43.38 12.43
CA HIS P 316 -9.27 43.45 12.52
C HIS P 316 -8.59 43.44 11.16
N GLY P 317 -9.38 43.40 10.08
CA GLY P 317 -8.81 43.43 8.75
C GLY P 317 -8.01 42.21 8.34
N LEU P 318 -8.31 41.05 8.87
CA LEU P 318 -7.44 39.92 8.68
C LEU P 318 -7.63 39.36 7.27
N PRO P 319 -6.55 38.95 6.61
CA PRO P 319 -6.73 38.23 5.34
C PRO P 319 -7.51 36.94 5.52
N GLY P 320 -7.89 36.37 4.38
CA GLY P 320 -8.72 35.19 4.38
C GLY P 320 -7.91 33.91 4.38
N TYR P 321 -8.63 32.80 4.50
CA TYR P 321 -8.01 31.48 4.54
C TYR P 321 -6.86 31.29 3.53
N ASN P 322 -7.10 31.48 2.24
CA ASN P 322 -6.05 31.19 1.25
C ASN P 322 -4.82 32.05 1.45
N ALA P 323 -5.00 33.30 1.89
CA ALA P 323 -3.83 34.14 2.13
C ALA P 323 -2.99 33.60 3.26
N TRP P 324 -3.64 32.97 4.25
CA TRP P 324 -2.87 32.51 5.39
C TRP P 324 -2.23 31.17 5.06
N ARG P 325 -2.96 30.32 4.34
CA ARG P 325 -2.34 29.12 3.78
C ARG P 325 -1.05 29.48 3.06
N ARG P 326 -1.11 30.46 2.14
CA ARG P 326 0.07 30.86 1.37
C ARG P 326 1.19 31.37 2.29
N PHE P 327 0.82 32.17 3.31
CA PHE P 327 1.78 32.64 4.32
C PHE P 327 2.53 31.47 4.98
N CYS P 328 1.79 30.43 5.35
CA CYS P 328 2.33 29.24 5.99
C CYS P 328 2.99 28.26 5.04
N GLY P 329 2.93 28.48 3.74
CA GLY P 329 3.63 27.62 2.82
C GLY P 329 2.83 26.40 2.44
N LEU P 330 1.50 26.44 2.65
CA LEU P 330 0.60 25.33 2.34
C LEU P 330 -0.20 25.59 1.06
N PRO P 331 -0.65 24.54 0.38
CA PRO P 331 -1.36 24.75 -0.89
C PRO P 331 -2.68 25.47 -0.70
N GLN P 332 -3.06 26.24 -1.74
CA GLN P 332 -4.23 27.13 -1.68
C GLN P 332 -5.32 26.63 -2.63
N PRO P 333 -6.36 25.96 -2.14
CA PRO P 333 -7.45 25.50 -3.02
C PRO P 333 -8.22 26.65 -3.63
N GLU P 334 -8.57 26.50 -4.92
CA GLU P 334 -9.43 27.45 -5.61
C GLU P 334 -10.84 26.94 -5.87
N THR P 335 -10.99 25.66 -6.09
CA THR P 335 -12.23 25.03 -6.44
C THR P 335 -12.81 24.28 -5.24
N VAL P 336 -14.07 23.86 -5.37
CA VAL P 336 -14.71 23.08 -4.31
C VAL P 336 -14.03 21.72 -4.15
N GLY P 337 -13.71 21.06 -5.26
CA GLY P 337 -13.00 19.79 -5.16
C GLY P 337 -11.61 19.92 -4.56
N GLN P 338 -10.92 21.01 -4.84
CA GLN P 338 -9.59 21.14 -4.25
C GLN P 338 -9.69 21.44 -2.77
N LEU P 339 -10.69 22.24 -2.37
CA LEU P 339 -10.95 22.47 -0.96
C LEU P 339 -11.44 21.20 -0.30
N GLY P 340 -12.23 20.39 -1.01
CA GLY P 340 -12.68 19.11 -0.46
C GLY P 340 -11.54 18.14 -0.18
N THR P 341 -10.51 18.14 -1.02
CA THR P 341 -9.30 17.37 -0.78
C THR P 341 -8.51 17.89 0.43
N VAL P 342 -8.33 19.21 0.50
CA VAL P 342 -7.65 19.83 1.65
C VAL P 342 -8.37 19.52 2.95
N LEU P 343 -9.70 19.48 2.92
CA LEU P 343 -10.45 19.20 4.12
C LEU P 343 -10.74 17.72 4.30
N ARG P 344 -10.47 16.88 3.29
CA ARG P 344 -10.86 15.48 3.35
C ARG P 344 -12.36 15.40 3.66
N ASN P 345 -13.14 16.25 2.98
CA ASN P 345 -14.58 16.34 3.22
C ASN P 345 -15.26 17.20 2.15
N LEU P 346 -15.70 16.58 1.05
CA LEU P 346 -16.36 17.34 -0.01
C LEU P 346 -17.65 18.01 0.47
N LYS P 347 -18.36 17.40 1.40
CA LYS P 347 -19.65 17.95 1.85
C LYS P 347 -19.46 19.30 2.54
N LEU P 348 -18.43 19.42 3.40
CA LEU P 348 -18.15 20.65 4.12
C LEU P 348 -17.56 21.71 3.19
N ALA P 349 -16.66 21.31 2.30
CA ALA P 349 -16.19 22.23 1.28
C ALA P 349 -17.37 22.85 0.55
N ARG P 350 -18.42 22.07 0.28
CA ARG P 350 -19.53 22.61 -0.49
C ARG P 350 -20.28 23.64 0.31
N LYS P 351 -20.43 23.41 1.60
CA LYS P 351 -21.04 24.42 2.46
C LYS P 351 -20.19 25.67 2.53
N LEU P 352 -18.88 25.54 2.63
CA LEU P 352 -18.03 26.74 2.70
C LEU P 352 -18.14 27.56 1.41
N MET P 353 -18.11 26.92 0.24
CA MET P 353 -18.19 27.66 -1.02
C MET P 353 -19.56 28.29 -1.20
N GLU P 354 -20.60 27.62 -0.74
CA GLU P 354 -21.93 28.19 -0.80
C GLU P 354 -22.00 29.49 -0.01
N GLN P 355 -21.34 29.54 1.15
CA GLN P 355 -21.35 30.74 1.98
C GLN P 355 -20.40 31.81 1.46
N TYR P 356 -19.16 31.41 1.17
CA TYR P 356 -18.12 32.37 0.91
C TYR P 356 -17.85 32.59 -0.58
N GLY P 357 -18.24 31.67 -1.44
CA GLY P 357 -17.99 31.82 -2.86
C GLY P 357 -16.59 31.41 -3.33
N THR P 358 -15.55 31.68 -2.53
CA THR P 358 -14.16 31.36 -2.88
C THR P 358 -13.41 31.09 -1.58
N PRO P 359 -12.49 30.13 -1.55
CA PRO P 359 -11.69 29.97 -0.32
C PRO P 359 -10.74 31.12 -0.08
N ASN P 360 -10.70 32.12 -0.96
CA ASN P 360 -9.98 33.33 -0.64
C ASN P 360 -10.68 34.11 0.45
N ASN P 361 -11.98 33.88 0.66
CA ASN P 361 -12.75 34.72 1.58
C ASN P 361 -13.17 34.00 2.86
N ILE P 362 -12.89 32.72 3.00
CA ILE P 362 -13.23 32.04 4.24
C ILE P 362 -12.49 32.72 5.39
N ASP P 363 -13.25 33.10 6.40
CA ASP P 363 -12.69 33.70 7.61
C ASP P 363 -11.70 32.73 8.28
N ILE P 364 -10.54 33.26 8.68
CA ILE P 364 -9.45 32.45 9.25
C ILE P 364 -9.93 31.51 10.35
N TRP P 365 -10.78 31.98 11.26
CA TRP P 365 -11.22 31.06 12.31
C TRP P 365 -12.00 29.93 11.67
N MET P 366 -12.90 30.24 10.75
CA MET P 366 -13.76 29.22 10.19
C MET P 366 -12.97 28.22 9.39
N GLY P 367 -12.05 28.72 8.57
CA GLY P 367 -11.20 27.84 7.82
C GLY P 367 -10.26 27.06 8.71
N GLY P 368 -9.74 27.70 9.74
CA GLY P 368 -8.80 27.00 10.61
C GLY P 368 -9.42 25.82 11.35
N VAL P 369 -10.54 26.05 12.04
CA VAL P 369 -11.17 24.94 12.76
C VAL P 369 -11.81 23.89 11.84
N SER P 370 -11.92 24.16 10.53
CA SER P 370 -12.48 23.22 9.58
C SER P 370 -11.47 22.18 9.10
N GLU P 371 -10.20 22.52 9.08
CA GLU P 371 -9.21 21.59 8.61
C GLU P 371 -9.21 20.38 9.52
N PRO P 372 -8.94 19.19 8.98
CA PRO P 372 -8.84 17.99 9.81
C PRO P 372 -7.58 17.99 10.66
N LEU P 373 -7.72 17.38 11.83
CA LEU P 373 -6.75 17.49 12.90
C LEU P 373 -5.49 16.73 12.59
N LYS P 374 -4.34 17.29 12.95
CA LYS P 374 -3.10 16.55 12.78
C LYS P 374 -3.05 15.39 13.78
N ARG P 375 -2.34 14.33 13.40
CA ARG P 375 -2.12 13.16 14.25
C ARG P 375 -1.59 13.57 15.62
N LYS P 376 -2.33 13.15 16.67
CA LYS P 376 -2.04 13.42 18.08
C LYS P 376 -2.13 14.90 18.43
N GLY P 377 -2.71 15.72 17.54
CA GLY P 377 -2.93 17.12 17.81
C GLY P 377 -4.40 17.44 17.75
N ARG P 378 -4.70 18.70 17.99
CA ARG P 378 -6.09 19.13 18.03
C ARG P 378 -6.34 20.37 17.20
N VAL P 379 -5.42 20.71 16.30
CA VAL P 379 -5.61 21.68 15.24
C VAL P 379 -5.10 21.05 13.94
N GLY P 380 -5.46 21.68 12.84
CA GLY P 380 -4.99 21.27 11.54
C GLY P 380 -3.71 21.97 11.15
N PRO P 381 -3.26 21.74 9.91
CA PRO P 381 -1.96 22.30 9.49
C PRO P 381 -1.86 23.82 9.54
N LEU P 382 -2.92 24.54 9.15
CA LEU P 382 -2.82 26.00 9.13
C LEU P 382 -2.75 26.57 10.53
N LEU P 383 -3.56 26.07 11.46
CA LEU P 383 -3.51 26.65 12.82
C LEU P 383 -2.22 26.24 13.52
N ALA P 384 -1.71 25.04 13.24
CA ALA P 384 -0.44 24.61 13.80
C ALA P 384 0.66 25.57 13.42
N CYS P 385 0.65 26.04 12.18
CA CYS P 385 1.71 26.95 11.77
C CYS P 385 1.59 28.27 12.50
N ILE P 386 0.38 28.83 12.58
CA ILE P 386 0.21 30.12 13.22
C ILE P 386 0.49 30.01 14.70
N ILE P 387 -0.12 29.04 15.36
CA ILE P 387 0.12 28.86 16.78
C ILE P 387 1.58 28.50 17.04
N GLY P 388 2.09 27.53 16.28
CA GLY P 388 3.49 27.17 16.44
C GLY P 388 4.40 28.37 16.33
N THR P 389 4.24 29.12 15.26
CA THR P 389 5.18 30.18 14.99
C THR P 389 5.12 31.22 16.10
N GLN P 390 3.91 31.50 16.59
CA GLN P 390 3.78 32.53 17.61
C GLN P 390 4.51 32.13 18.87
N PHE P 391 4.43 30.85 19.22
CA PHE P 391 4.98 30.43 20.50
C PHE P 391 6.48 30.26 20.41
N ARG P 392 7.01 30.02 19.22
CA ARG P 392 8.45 30.02 19.13
C ARG P 392 9.00 31.42 19.38
N LYS P 393 8.33 32.45 18.89
CA LYS P 393 8.80 33.81 19.09
C LYS P 393 8.61 34.25 20.54
N LEU P 394 7.56 33.79 21.19
CA LEU P 394 7.40 34.14 22.59
C LEU P 394 8.49 33.50 23.43
N ARG P 395 9.08 32.40 22.97
CA ARG P 395 10.13 31.73 23.71
C ARG P 395 11.51 32.27 23.33
N ASP P 396 11.84 32.23 22.04
CA ASP P 396 13.16 32.62 21.58
C ASP P 396 13.43 34.10 21.78
N GLY P 397 12.38 34.94 21.75
CA GLY P 397 12.53 36.36 21.99
C GLY P 397 12.21 36.85 23.40
N ASP P 398 12.26 35.98 24.40
CA ASP P 398 11.99 36.38 25.78
C ASP P 398 13.30 36.27 26.54
N ARG P 399 13.81 37.42 26.97
CA ARG P 399 15.09 37.47 27.68
C ARG P 399 15.03 36.75 29.02
N PHE P 400 13.84 36.57 29.58
CA PHE P 400 13.68 35.94 30.88
C PHE P 400 13.09 34.54 30.76
N TRP P 401 13.16 33.95 29.58
CA TRP P 401 12.82 32.55 29.40
C TRP P 401 13.58 31.74 30.41
N TRP P 402 12.89 30.76 31.04
CA TRP P 402 13.45 30.14 32.24
C TRP P 402 14.74 29.41 31.94
N GLU P 403 14.90 28.85 30.72
CA GLU P 403 16.12 28.12 30.32
C GLU P 403 17.25 29.03 29.84
N ASN P 404 16.99 30.33 29.65
CA ASN P 404 18.03 31.26 29.23
C ASN P 404 19.13 31.35 30.27
N GLU P 405 20.39 31.43 29.82
CA GLU P 405 21.50 31.59 30.75
C GLU P 405 21.31 32.89 31.53
N GLY P 406 21.42 32.80 32.85
CA GLY P 406 21.38 33.99 33.67
C GLY P 406 20.15 34.06 34.55
N VAL P 407 19.00 33.74 33.94
CA VAL P 407 17.70 33.91 34.59
C VAL P 407 17.65 33.11 35.90
N PHE P 408 17.80 31.80 35.82
CA PHE P 408 17.91 30.93 36.99
C PHE P 408 19.29 30.27 37.04
N SER P 409 19.65 29.76 38.21
CA SER P 409 20.86 28.95 38.34
C SER P 409 20.62 27.56 37.75
N MET P 410 21.70 26.82 37.54
CA MET P 410 21.53 25.50 36.96
C MET P 410 20.84 24.58 37.94
N GLN P 411 21.08 24.77 39.24
CA GLN P 411 20.37 24.00 40.25
C GLN P 411 18.90 24.41 40.28
N GLN P 412 18.64 25.71 40.21
CA GLN P 412 17.25 26.17 40.15
C GLN P 412 16.53 25.57 38.95
N ARG P 413 17.18 25.60 37.78
CA ARG P 413 16.58 24.99 36.59
C ARG P 413 16.27 23.53 36.85
N GLN P 414 17.17 22.82 37.53
CA GLN P 414 16.99 21.39 37.76
C GLN P 414 15.77 21.13 38.63
N ALA P 415 15.52 22.01 39.60
CA ALA P 415 14.36 21.86 40.48
C ALA P 415 13.06 22.18 39.76
N LEU P 416 13.06 23.27 38.97
CA LEU P 416 11.89 23.67 38.21
C LEU P 416 11.46 22.60 37.22
N ALA P 417 12.40 21.83 36.70
CA ALA P 417 12.01 20.78 35.77
C ALA P 417 11.04 19.80 36.41
N GLN P 418 11.13 19.59 37.72
CA GLN P 418 10.28 18.62 38.43
C GLN P 418 8.85 19.12 38.72
N ILE P 419 8.44 20.28 38.20
CA ILE P 419 7.13 20.79 38.54
C ILE P 419 6.11 20.26 37.55
N SER P 420 4.85 20.39 37.94
CA SER P 420 3.70 19.88 37.19
C SER P 420 2.43 20.50 37.78
N LEU P 421 1.42 20.64 36.95
CA LEU P 421 0.15 21.22 37.37
C LEU P 421 -0.53 20.33 38.42
N PRO P 422 -0.56 19.01 38.26
CA PRO P 422 -1.12 18.19 39.36
C PRO P 422 -0.50 18.53 40.71
N ARG P 423 0.83 18.56 40.81
CA ARG P 423 1.46 18.84 42.10
C ARG P 423 0.98 20.15 42.66
N ILE P 424 0.76 21.13 41.78
CA ILE P 424 0.29 22.46 42.20
C ILE P 424 -1.13 22.36 42.74
N ILE P 425 -1.94 21.51 42.13
CA ILE P 425 -3.29 21.28 42.67
C ILE P 425 -3.22 20.69 44.06
N CYS P 426 -2.35 19.68 44.26
CA CYS P 426 -2.17 19.07 45.59
C CYS P 426 -1.78 20.08 46.65
N ASP P 427 -0.87 21.01 46.30
CA ASP P 427 -0.27 21.89 47.28
C ASP P 427 -1.17 23.04 47.71
N ASN P 428 -2.22 23.36 46.95
CA ASN P 428 -2.99 24.56 47.20
C ASN P 428 -4.48 24.30 47.33
N THR P 429 -4.89 23.02 47.43
CA THR P 429 -6.29 22.65 47.57
C THR P 429 -6.44 21.48 48.55
N GLY P 430 -7.68 21.07 48.78
CA GLY P 430 -8.02 19.89 49.55
C GLY P 430 -8.09 18.63 48.73
N ILE P 431 -7.66 18.69 47.48
CA ILE P 431 -7.70 17.52 46.60
C ILE P 431 -6.45 16.69 46.87
N THR P 432 -6.67 15.43 47.28
CA THR P 432 -5.58 14.50 47.57
C THR P 432 -5.38 13.42 46.51
N THR P 433 -6.14 13.46 45.41
CA THR P 433 -6.00 12.50 44.32
C THR P 433 -6.16 13.25 43.01
N VAL P 434 -5.17 13.16 42.12
CA VAL P 434 -5.04 14.04 40.96
C VAL P 434 -4.52 13.28 39.75
N SER P 435 -4.69 13.89 38.58
CA SER P 435 -4.34 13.24 37.31
C SER P 435 -2.88 12.77 37.25
N LYS P 436 -2.68 11.58 36.70
CA LYS P 436 -1.37 11.19 36.22
C LYS P 436 -0.93 12.16 35.13
N ASN P 437 0.37 12.41 35.07
CA ASN P 437 0.91 13.10 33.90
C ASN P 437 0.72 12.22 32.68
N ASN P 438 0.38 12.83 31.54
CA ASN P 438 0.14 14.25 31.25
C ASN P 438 -1.27 14.66 31.66
N ILE P 439 -1.38 15.69 32.49
CA ILE P 439 -2.69 16.08 33.00
C ILE P 439 -3.63 16.47 31.88
N PHE P 440 -3.12 16.97 30.76
CA PHE P 440 -4.01 17.37 29.68
C PHE P 440 -4.55 16.17 28.90
N MET P 441 -4.03 14.97 29.15
CA MET P 441 -4.49 13.75 28.50
C MET P 441 -5.24 12.83 29.44
N SER P 442 -4.86 12.74 30.71
CA SER P 442 -5.63 12.01 31.72
C SER P 442 -7.01 12.63 31.92
N ASN P 443 -8.07 11.81 31.75
CA ASN P 443 -9.43 12.35 31.89
C ASN P 443 -10.44 11.34 32.43
N SER P 444 -10.01 10.18 32.89
CA SER P 444 -10.91 9.13 33.34
C SER P 444 -10.58 8.78 34.79
N TYR P 445 -11.58 8.91 35.64
CA TYR P 445 -11.38 8.43 37.00
C TYR P 445 -11.73 6.94 37.11
N PRO P 446 -11.02 6.16 37.90
CA PRO P 446 -9.77 6.41 38.63
C PRO P 446 -8.54 5.84 37.94
N ARG P 447 -8.78 5.23 36.75
CA ARG P 447 -7.74 4.66 35.90
C ARG P 447 -6.56 5.63 35.75
N ASP P 448 -6.84 6.87 35.40
CA ASP P 448 -5.82 7.86 35.08
C ASP P 448 -5.42 8.71 36.27
N PHE P 449 -5.47 8.18 37.50
CA PHE P 449 -5.29 9.03 38.66
C PHE P 449 -4.36 8.39 39.68
N VAL P 450 -3.71 9.26 40.48
CA VAL P 450 -2.76 8.87 41.53
C VAL P 450 -2.91 9.75 42.77
N ASN P 451 -2.38 9.25 43.90
CA ASN P 451 -2.36 9.98 45.16
C ASN P 451 -1.25 11.04 45.16
N CYS P 452 -1.53 12.17 45.79
CA CYS P 452 -0.55 13.25 45.88
C CYS P 452 0.75 12.82 46.55
N SER P 453 0.68 11.88 47.51
CA SER P 453 1.86 11.47 48.28
C SER P 453 2.99 10.98 47.38
N THR P 454 2.67 10.57 46.15
CA THR P 454 3.61 10.01 45.19
C THR P 454 4.25 11.08 44.29
N LEU P 455 3.85 12.36 44.43
CA LEU P 455 4.31 13.40 43.50
C LEU P 455 5.36 14.30 44.11
N PRO P 456 6.51 14.46 43.46
CA PRO P 456 7.58 15.27 44.07
C PRO P 456 7.18 16.74 44.20
N ALA P 457 7.54 17.34 45.34
CA ALA P 457 7.34 18.77 45.51
C ALA P 457 8.52 19.57 44.96
N LEU P 458 8.27 20.87 44.75
CA LEU P 458 9.32 21.76 44.26
C LEU P 458 10.32 22.02 45.38
N ASN P 459 11.57 21.56 45.19
CA ASN P 459 12.64 21.78 46.16
C ASN P 459 13.22 23.18 46.00
N LEU P 460 12.92 24.06 46.95
CA LEU P 460 13.42 25.44 46.95
C LEU P 460 14.75 25.62 47.70
N ALA P 461 15.55 24.56 47.86
CA ALA P 461 16.79 24.71 48.61
C ALA P 461 17.76 25.62 47.86
N SER P 462 17.81 25.51 46.54
CA SER P 462 18.75 26.29 45.75
C SER P 462 18.30 27.73 45.56
N TRP P 463 17.24 28.15 46.23
CA TRP P 463 16.90 29.56 46.39
C TRP P 463 17.43 30.13 47.71
N ARG P 464 18.36 29.43 48.39
CA ARG P 464 18.85 29.89 49.69
C ARG P 464 20.12 30.74 49.55
N GLU P 465 20.27 31.72 50.45
CA GLU P 465 21.42 32.63 50.50
C GLU P 465 22.06 32.69 51.90
N ALA Q 1 -4.68 75.66 -4.14
CA ALA Q 1 -3.29 76.06 -3.93
C ALA Q 1 -3.08 77.47 -4.47
N ASN Q 2 -1.81 77.87 -4.58
CA ASN Q 2 -1.46 79.14 -5.22
C ASN Q 2 -1.62 79.06 -6.73
N PHE Q 3 -2.18 80.14 -7.31
CA PHE Q 3 -2.33 80.22 -8.76
C PHE Q 3 -0.98 79.94 -9.42
N LEU Q 4 -0.99 79.18 -10.53
CA LEU Q 4 0.23 78.86 -11.27
C LEU Q 4 0.36 79.72 -12.53
N GLU Q 5 1.61 80.01 -12.91
CA GLU Q 5 1.83 80.98 -13.96
C GLU Q 5 1.35 80.49 -15.32
N HIS Q 6 1.39 79.17 -15.55
CA HIS Q 6 0.86 78.68 -16.82
C HIS Q 6 -0.66 78.73 -16.84
N GLU Q 7 -1.31 78.87 -15.69
CA GLU Q 7 -2.76 79.03 -15.69
C GLU Q 7 -3.16 80.40 -16.17
N LEU Q 8 -2.21 81.30 -16.43
CA LEU Q 8 -2.58 82.57 -17.04
C LEU Q 8 -2.93 82.39 -18.51
N SER Q 9 -2.35 81.38 -19.16
CA SER Q 9 -2.70 81.14 -20.55
C SER Q 9 -4.12 80.63 -20.68
N TYR Q 10 -4.65 80.02 -19.61
CA TYR Q 10 -6.04 79.57 -19.59
C TYR Q 10 -7.01 80.74 -19.58
N ILE Q 11 -6.68 81.80 -18.83
CA ILE Q 11 -7.53 83.00 -18.88
C ILE Q 11 -7.57 83.57 -20.27
N ASP Q 12 -6.42 83.60 -20.96
CA ASP Q 12 -6.39 84.11 -22.34
C ASP Q 12 -7.44 83.37 -23.19
N VAL Q 13 -7.47 82.03 -23.08
CA VAL Q 13 -8.43 81.21 -23.83
C VAL Q 13 -9.86 81.55 -23.45
N LEU Q 14 -10.11 81.84 -22.18
CA LEU Q 14 -11.47 82.15 -21.77
C LEU Q 14 -11.91 83.53 -22.29
N LEU Q 15 -10.98 84.48 -22.34
CA LEU Q 15 -11.30 85.81 -22.87
C LEU Q 15 -11.13 85.91 -24.39
N ASP Q 16 -10.76 84.81 -25.05
CA ASP Q 16 -10.67 84.75 -26.51
C ASP Q 16 -12.07 84.54 -27.09
N LYS Q 17 -12.50 85.49 -27.94
CA LYS Q 17 -13.86 85.46 -28.45
C LYS Q 17 -14.07 84.31 -29.44
N ASN Q 18 -13.13 84.08 -30.36
CA ASN Q 18 -13.28 83.06 -31.38
C ASN Q 18 -12.86 81.67 -30.92
N ALA Q 19 -12.44 81.52 -29.67
CA ALA Q 19 -12.03 80.19 -29.18
C ALA Q 19 -13.25 79.30 -28.95
N ASP Q 20 -13.09 78.02 -29.34
CA ASP Q 20 -14.12 76.99 -29.21
C ASP Q 20 -14.86 77.13 -27.87
N GLN Q 21 -16.12 76.67 -27.81
CA GLN Q 21 -16.86 76.78 -26.56
C GLN Q 21 -16.65 75.58 -25.63
N ALA Q 22 -16.68 74.36 -26.18
CA ALA Q 22 -16.36 73.20 -25.35
C ALA Q 22 -14.96 73.32 -24.75
N THR Q 23 -14.06 74.05 -25.42
CA THR Q 23 -12.72 74.32 -24.88
C THR Q 23 -12.76 75.26 -23.69
N LYS Q 24 -13.65 76.24 -23.70
CA LYS Q 24 -13.82 77.09 -22.53
C LYS Q 24 -14.57 76.36 -21.42
N ASP Q 25 -15.56 75.53 -21.78
CA ASP Q 25 -16.32 74.83 -20.75
C ASP Q 25 -15.41 73.96 -19.89
N ASN Q 26 -14.35 73.39 -20.49
CA ASN Q 26 -13.45 72.50 -19.75
C ASN Q 26 -12.47 73.28 -18.89
N LEU Q 27 -12.05 74.46 -19.33
CA LEU Q 27 -11.25 75.33 -18.46
C LEU Q 27 -12.04 75.81 -17.24
N ARG Q 28 -13.32 76.10 -17.41
CA ARG Q 28 -14.10 76.58 -16.28
C ARG Q 28 -14.35 75.49 -15.26
N SER Q 29 -14.49 74.25 -15.72
CA SER Q 29 -14.59 73.13 -14.79
C SER Q 29 -13.27 72.91 -14.07
N TYR Q 30 -12.15 73.04 -14.76
CA TYR Q 30 -10.85 72.95 -14.12
C TYR Q 30 -10.73 73.97 -12.98
N PHE Q 31 -11.21 75.20 -13.20
CA PHE Q 31 -11.11 76.24 -12.20
C PHE Q 31 -12.19 76.14 -11.13
N ALA Q 32 -13.29 75.45 -11.42
CA ALA Q 32 -14.34 75.27 -10.44
C ALA Q 32 -13.99 74.22 -9.38
N ASP Q 33 -13.21 73.20 -9.75
CA ASP Q 33 -12.70 72.23 -8.77
C ASP Q 33 -11.62 72.84 -7.90
N LYS Q 34 -11.19 74.08 -8.18
CA LYS Q 34 -10.25 74.81 -7.34
C LYS Q 34 -10.91 75.87 -6.48
N GLY Q 35 -12.22 76.04 -6.56
CA GLY Q 35 -12.90 77.03 -5.76
C GLY Q 35 -13.15 78.33 -6.47
N LEU Q 36 -12.75 78.46 -7.74
CA LEU Q 36 -12.90 79.67 -8.53
C LEU Q 36 -14.01 79.46 -9.55
N HIS Q 37 -15.19 80.04 -9.31
CA HIS Q 37 -16.36 79.71 -10.11
C HIS Q 37 -16.74 80.76 -11.16
N SER Q 38 -16.13 81.95 -11.17
CA SER Q 38 -16.38 82.93 -12.23
C SER Q 38 -15.07 83.49 -12.77
N ILE Q 39 -15.13 84.08 -13.98
CA ILE Q 39 -13.92 84.63 -14.59
C ILE Q 39 -13.37 85.79 -13.78
N LYS Q 40 -14.22 86.45 -12.98
CA LYS Q 40 -13.71 87.48 -12.07
C LYS Q 40 -12.89 86.86 -10.93
N ASP Q 41 -13.39 85.76 -10.33
CA ASP Q 41 -12.71 85.08 -9.23
C ASP Q 41 -11.38 84.48 -9.65
N ILE Q 42 -11.25 84.12 -10.93
CA ILE Q 42 -9.98 83.63 -11.44
C ILE Q 42 -8.96 84.76 -11.48
N ILE Q 43 -9.31 85.92 -12.05
CA ILE Q 43 -8.38 87.05 -12.06
C ILE Q 43 -7.97 87.40 -10.63
N ASN Q 44 -8.93 87.50 -9.72
CA ASN Q 44 -8.62 87.93 -8.35
C ASN Q 44 -7.68 86.97 -7.66
N LYS Q 45 -7.74 85.68 -8.03
CA LYS Q 45 -6.80 84.71 -7.48
C LYS Q 45 -5.41 84.93 -8.07
N ALA Q 46 -5.33 85.11 -9.38
CA ALA Q 46 -4.05 85.35 -10.03
C ALA Q 46 -3.40 86.62 -9.51
N LYS Q 47 -4.19 87.69 -9.35
CA LYS Q 47 -3.68 88.92 -8.72
C LYS Q 47 -3.24 88.66 -7.27
N GLN Q 48 -4.17 88.24 -6.42
CA GLN Q 48 -3.87 87.90 -5.03
C GLN Q 48 -2.58 87.11 -4.88
N ASP Q 49 -2.25 86.25 -5.87
CA ASP Q 49 -1.08 85.39 -5.81
C ASP Q 49 0.08 85.91 -6.65
N GLY Q 50 0.11 87.20 -6.96
CA GLY Q 50 1.35 87.83 -7.34
C GLY Q 50 1.57 88.10 -8.81
N PHE Q 51 0.64 87.77 -9.68
CA PHE Q 51 0.91 87.90 -11.11
C PHE Q 51 0.39 89.26 -11.61
N ASP Q 52 0.70 89.54 -12.86
CA ASP Q 52 0.30 90.79 -13.52
C ASP Q 52 -0.98 90.53 -14.32
N VAL Q 53 -2.10 91.05 -13.81
CA VAL Q 53 -3.43 90.81 -14.34
C VAL Q 53 -3.98 92.05 -15.02
N SER Q 54 -3.10 92.89 -15.55
CA SER Q 54 -3.52 94.18 -16.10
C SER Q 54 -4.70 94.03 -17.05
N LYS Q 55 -4.52 93.22 -18.10
CA LYS Q 55 -5.54 93.03 -19.12
C LYS Q 55 -6.94 92.76 -18.55
N ALA R 1 -8.92 55.89 40.79
CA ALA R 1 -9.61 54.62 40.63
C ALA R 1 -10.57 54.34 41.79
N ASN R 2 -11.41 53.33 41.59
CA ASN R 2 -12.35 52.95 42.61
C ASN R 2 -11.64 52.25 43.76
N PHE R 3 -11.99 52.65 44.97
CA PHE R 3 -11.53 51.94 46.16
C PHE R 3 -11.91 50.47 46.04
N LEU R 4 -11.05 49.59 46.52
CA LEU R 4 -11.26 48.15 46.49
C LEU R 4 -11.61 47.61 47.87
N GLU R 5 -12.36 46.51 47.90
CA GLU R 5 -12.82 46.01 49.19
C GLU R 5 -11.65 45.69 50.11
N HIS R 6 -10.65 44.97 49.61
CA HIS R 6 -9.60 44.52 50.50
C HIS R 6 -8.75 45.66 51.03
N GLU R 7 -8.90 46.87 50.49
CA GLU R 7 -8.27 48.06 51.03
C GLU R 7 -8.99 48.56 52.29
N LEU R 8 -10.22 48.14 52.56
CA LEU R 8 -10.78 48.43 53.87
C LEU R 8 -9.87 47.88 54.96
N SER R 9 -9.31 46.71 54.76
CA SER R 9 -8.44 46.13 55.78
C SER R 9 -7.21 46.98 56.06
N TYR R 10 -6.79 47.82 55.10
CA TYR R 10 -5.67 48.72 55.34
C TYR R 10 -6.07 49.83 56.30
N ILE R 11 -7.28 50.38 56.14
CA ILE R 11 -7.74 51.39 57.09
C ILE R 11 -7.70 50.86 58.52
N ASP R 12 -8.11 49.60 58.71
CA ASP R 12 -8.07 49.04 60.05
C ASP R 12 -6.66 48.97 60.60
N VAL R 13 -5.66 48.75 59.75
CA VAL R 13 -4.27 48.79 60.19
C VAL R 13 -3.85 50.23 60.50
N LEU R 14 -4.16 51.17 59.60
CA LEU R 14 -3.78 52.55 59.83
C LEU R 14 -4.42 53.14 61.09
N LEU R 15 -5.50 52.53 61.59
CA LEU R 15 -6.16 52.98 62.82
C LEU R 15 -5.82 52.11 64.02
N ASP R 16 -5.22 50.94 63.81
CA ASP R 16 -4.76 50.09 64.92
C ASP R 16 -3.64 50.83 65.65
N LYS R 17 -3.85 51.10 66.94
CA LYS R 17 -2.82 51.78 67.74
C LYS R 17 -1.56 50.94 67.90
N ASN R 18 -1.67 49.61 67.90
CA ASN R 18 -0.55 48.71 68.17
C ASN R 18 0.22 48.27 66.90
N ALA R 19 -0.07 48.86 65.74
CA ALA R 19 0.68 48.53 64.53
C ALA R 19 1.94 49.40 64.42
N ASP R 20 3.02 48.80 63.96
CA ASP R 20 4.29 49.50 64.01
C ASP R 20 4.37 50.52 62.87
N GLN R 21 5.16 51.56 63.09
CA GLN R 21 5.14 52.69 62.17
C GLN R 21 5.78 52.35 60.84
N ALA R 22 6.65 51.35 60.78
CA ALA R 22 7.16 50.93 59.48
C ALA R 22 5.99 50.49 58.60
N THR R 23 5.14 49.59 59.13
CA THR R 23 3.96 49.11 58.42
C THR R 23 3.05 50.26 58.00
N LYS R 24 2.72 51.15 58.95
CA LYS R 24 1.79 52.23 58.69
C LYS R 24 2.33 53.17 57.63
N ASP R 25 3.56 53.66 57.81
CA ASP R 25 4.14 54.57 56.83
C ASP R 25 4.06 53.96 55.42
N ASN R 26 4.23 52.64 55.32
CA ASN R 26 4.16 52.02 54.00
C ASN R 26 2.74 52.10 53.44
N LEU R 27 1.71 51.90 54.29
CA LEU R 27 0.33 51.97 53.79
C LEU R 27 -0.06 53.40 53.41
N ARG R 28 0.37 54.41 54.17
CA ARG R 28 0.07 55.79 53.80
C ARG R 28 0.74 56.14 52.49
N SER R 29 1.90 55.54 52.24
CA SER R 29 2.65 55.76 51.01
C SER R 29 1.98 55.13 49.81
N TYR R 30 1.33 53.98 50.01
CA TYR R 30 0.58 53.32 48.94
C TYR R 30 -0.70 54.09 48.62
N PHE R 31 -1.31 54.66 49.64
CA PHE R 31 -2.49 55.49 49.43
C PHE R 31 -2.10 56.87 48.88
N ALA R 32 -0.95 57.41 49.29
CA ALA R 32 -0.48 58.66 48.71
C ALA R 32 -0.28 58.54 47.19
N ASP R 33 0.17 57.36 46.71
CA ASP R 33 0.28 57.15 45.27
C ASP R 33 -1.05 57.09 44.56
N LYS R 34 -2.15 56.77 45.25
CA LYS R 34 -3.46 56.87 44.63
C LYS R 34 -4.13 58.22 44.85
N GLY R 35 -3.40 59.20 45.39
CA GLY R 35 -3.95 60.52 45.65
C GLY R 35 -4.75 60.68 46.92
N LEU R 36 -4.50 59.84 47.91
CA LEU R 36 -5.19 59.83 49.20
C LEU R 36 -4.11 60.08 50.24
N HIS R 37 -4.03 61.32 50.73
CA HIS R 37 -2.91 61.74 51.56
C HIS R 37 -3.28 61.86 53.04
N SER R 38 -4.47 61.47 53.42
CA SER R 38 -4.82 61.53 54.83
C SER R 38 -5.84 60.46 55.11
N ILE R 39 -5.85 59.95 56.36
CA ILE R 39 -6.75 58.88 56.71
C ILE R 39 -8.19 59.33 56.47
N LYS R 40 -8.46 60.62 56.62
CA LYS R 40 -9.81 61.10 56.38
C LYS R 40 -10.17 60.99 54.90
N ASP R 41 -9.23 61.37 54.02
CA ASP R 41 -9.44 61.23 52.58
C ASP R 41 -9.58 59.78 52.16
N ILE R 42 -8.89 58.87 52.83
CA ILE R 42 -9.03 57.45 52.52
C ILE R 42 -10.43 56.99 52.87
N ILE R 43 -10.92 57.39 54.05
CA ILE R 43 -12.23 56.95 54.48
C ILE R 43 -13.33 57.55 53.61
N ASN R 44 -13.18 58.81 53.19
CA ASN R 44 -14.15 59.40 52.27
C ASN R 44 -14.13 58.74 50.92
N LYS R 45 -12.96 58.33 50.44
CA LYS R 45 -12.93 57.61 49.17
C LYS R 45 -13.73 56.31 49.29
N ALA R 46 -13.45 55.51 50.34
CA ALA R 46 -14.19 54.27 50.50
C ALA R 46 -15.68 54.52 50.59
N LYS R 47 -16.06 55.57 51.35
CA LYS R 47 -17.47 55.95 51.47
C LYS R 47 -18.04 56.26 50.10
N GLN R 48 -17.32 57.07 49.32
CA GLN R 48 -17.81 57.53 48.03
C GLN R 48 -17.96 56.36 47.06
N ASP R 49 -17.16 55.31 47.22
CA ASP R 49 -17.19 54.16 46.34
C ASP R 49 -18.00 53.01 46.92
N GLY R 50 -18.99 53.32 47.75
CA GLY R 50 -20.05 52.37 48.07
C GLY R 50 -19.86 51.49 49.28
N PHE R 51 -18.75 51.65 50.01
CA PHE R 51 -18.43 50.74 51.11
C PHE R 51 -18.99 51.23 52.44
N ASP R 52 -19.08 50.30 53.38
CA ASP R 52 -19.61 50.57 54.71
C ASP R 52 -18.47 51.09 55.57
N VAL R 53 -18.59 52.36 55.96
CA VAL R 53 -17.61 53.12 56.72
C VAL R 53 -18.17 53.48 58.10
N SER R 54 -19.26 52.85 58.51
CA SER R 54 -19.89 53.18 59.78
C SER R 54 -18.92 53.04 60.96
N LYS R 55 -17.93 52.14 60.87
CA LYS R 55 -17.00 51.95 61.98
C LYS R 55 -16.20 53.20 62.29
N TYR R 56 -16.00 54.06 61.30
CA TYR R 56 -15.03 55.12 61.41
C TYR R 56 -15.64 56.51 61.24
N GLU R 57 -16.93 56.69 61.52
CA GLU R 57 -17.51 58.03 61.34
C GLU R 57 -16.86 59.04 62.29
N HIS R 58 -16.31 58.59 63.41
CA HIS R 58 -15.66 59.48 64.37
C HIS R 58 -14.24 59.89 63.96
N VAL R 59 -13.75 59.48 62.80
CA VAL R 59 -12.36 59.80 62.47
C VAL R 59 -12.31 61.14 61.72
N THR S 1 -44.56 -21.51 -21.31
CA THR S 1 -43.77 -20.77 -22.29
C THR S 1 -44.25 -19.30 -22.37
N CYS S 2 -44.21 -18.71 -23.57
CA CYS S 2 -44.88 -17.42 -23.84
C CYS S 2 -46.35 -17.64 -24.20
N PRO S 3 -47.30 -17.04 -23.47
CA PRO S 3 -48.72 -17.24 -23.83
C PRO S 3 -48.96 -16.88 -25.28
N GLU S 4 -49.77 -17.68 -25.99
CA GLU S 4 -49.85 -17.49 -27.43
C GLU S 4 -50.92 -16.48 -27.83
N GLN S 5 -51.76 -15.95 -26.91
CA GLN S 5 -52.79 -14.99 -27.33
C GLN S 5 -52.74 -13.70 -26.49
N ASP S 6 -51.57 -13.05 -26.46
CA ASP S 6 -51.37 -11.88 -25.62
C ASP S 6 -51.74 -10.61 -26.35
N LYS S 7 -52.40 -9.69 -25.64
CA LYS S 7 -52.89 -8.48 -26.27
C LYS S 7 -51.93 -7.29 -26.17
N TYR S 8 -51.06 -7.26 -25.16
CA TYR S 8 -50.29 -6.10 -24.79
C TYR S 8 -48.84 -6.47 -24.54
N ARG S 9 -47.97 -5.45 -24.54
CA ARG S 9 -46.56 -5.72 -24.30
C ARG S 9 -46.35 -6.08 -22.84
N THR S 10 -45.36 -6.90 -22.59
CA THR S 10 -44.91 -6.99 -21.21
C THR S 10 -44.09 -5.75 -20.89
N ILE S 11 -43.91 -5.51 -19.59
CA ILE S 11 -43.05 -4.44 -19.13
C ILE S 11 -41.59 -4.74 -19.41
N THR S 12 -41.16 -5.99 -19.21
CA THR S 12 -39.73 -6.27 -19.38
C THR S 12 -39.30 -6.41 -20.83
N GLY S 13 -40.25 -6.55 -21.75
CA GLY S 13 -39.93 -6.90 -23.12
C GLY S 13 -39.90 -8.40 -23.35
N MET S 14 -40.01 -9.19 -22.30
CA MET S 14 -39.95 -10.63 -22.46
C MET S 14 -41.10 -11.07 -23.36
N CYS S 15 -40.81 -12.00 -24.26
CA CYS S 15 -41.81 -12.72 -25.04
C CYS S 15 -42.30 -11.90 -26.24
N ASN S 16 -41.69 -10.75 -26.51
CA ASN S 16 -41.90 -10.08 -27.79
C ASN S 16 -41.50 -10.98 -28.95
N ASN S 17 -40.27 -11.53 -28.91
CA ASN S 17 -39.86 -12.58 -29.82
C ASN S 17 -40.14 -13.93 -29.17
N ARG S 18 -41.07 -14.67 -29.73
CA ARG S 18 -41.48 -15.94 -29.15
C ARG S 18 -40.51 -17.10 -29.42
N ARG S 19 -39.58 -16.97 -30.37
CA ARG S 19 -38.60 -18.05 -30.52
C ARG S 19 -37.45 -17.91 -29.54
N SER S 20 -36.99 -16.68 -29.33
CA SER S 20 -35.87 -16.33 -28.46
C SER S 20 -36.40 -15.23 -27.53
N PRO S 21 -37.09 -15.58 -26.46
CA PRO S 21 -37.91 -14.56 -25.75
C PRO S 21 -37.13 -13.49 -24.97
N THR S 22 -35.80 -13.56 -24.84
CA THR S 22 -35.13 -12.44 -24.16
C THR S 22 -34.67 -11.36 -25.12
N LEU S 23 -34.81 -11.56 -26.44
CA LEU S 23 -34.34 -10.55 -27.39
C LEU S 23 -35.17 -9.31 -27.24
N GLY S 24 -34.54 -8.24 -26.83
CA GLY S 24 -35.19 -6.99 -26.64
C GLY S 24 -35.56 -6.72 -25.20
N ALA S 25 -35.49 -7.74 -24.35
CA ALA S 25 -35.98 -7.54 -23.00
C ALA S 25 -34.92 -6.87 -22.18
N SER S 26 -35.34 -6.32 -21.06
CA SER S 26 -34.38 -5.59 -20.25
C SER S 26 -33.44 -6.53 -19.50
N ASN S 27 -32.31 -5.96 -19.05
CA ASN S 27 -31.25 -6.60 -18.23
C ASN S 27 -30.65 -7.81 -18.94
N ARG S 28 -30.22 -7.59 -20.17
CA ARG S 28 -29.53 -8.61 -20.94
C ARG S 28 -28.36 -7.94 -21.67
N ALA S 29 -27.34 -8.74 -21.99
CA ALA S 29 -26.20 -8.24 -22.75
C ALA S 29 -26.63 -7.59 -24.05
N PHE S 30 -25.86 -6.56 -24.48
CA PHE S 30 -26.00 -6.00 -25.82
C PHE S 30 -25.59 -7.04 -26.87
N VAL S 31 -26.06 -6.86 -28.09
CA VAL S 31 -25.51 -7.65 -29.17
C VAL S 31 -24.24 -6.98 -29.65
N ARG S 32 -23.32 -7.74 -30.25
CA ARG S 32 -22.14 -7.12 -30.83
C ARG S 32 -22.13 -7.27 -32.33
N TRP S 33 -22.21 -6.14 -33.03
CA TRP S 33 -22.11 -6.16 -34.48
C TRP S 33 -20.67 -6.34 -34.95
N LEU S 34 -19.68 -5.99 -34.13
CA LEU S 34 -18.30 -6.38 -34.38
C LEU S 34 -17.66 -6.95 -33.10
N PRO S 35 -16.75 -7.90 -33.26
CA PRO S 35 -16.00 -8.41 -32.09
C PRO S 35 -15.30 -7.28 -31.34
N ALA S 36 -15.29 -7.39 -30.02
CA ALA S 36 -14.73 -6.34 -29.18
C ALA S 36 -13.22 -6.24 -29.32
N GLU S 37 -12.69 -5.08 -28.94
CA GLU S 37 -11.24 -4.83 -29.00
C GLU S 37 -10.77 -4.31 -27.65
N TYR S 38 -10.02 -5.16 -27.00
CA TYR S 38 -9.50 -4.91 -25.69
C TYR S 38 -7.99 -5.12 -25.70
N GLU S 39 -7.34 -4.49 -24.70
CA GLU S 39 -5.89 -4.45 -24.59
C GLU S 39 -5.31 -5.83 -24.43
N ASP S 40 -5.98 -6.67 -23.63
CA ASP S 40 -5.57 -8.04 -23.40
C ASP S 40 -6.42 -9.04 -24.19
N GLY S 41 -7.31 -8.56 -25.03
CA GLY S 41 -8.11 -9.40 -25.85
C GLY S 41 -9.52 -9.64 -25.33
N PHE S 42 -9.70 -9.64 -24.02
CA PHE S 42 -11.00 -9.99 -23.45
C PHE S 42 -11.55 -9.02 -22.40
N SER S 43 -10.75 -8.13 -21.81
CA SER S 43 -11.34 -7.29 -20.78
C SER S 43 -10.77 -5.91 -20.47
N LEU S 44 -9.46 -5.75 -20.45
CA LEU S 44 -8.91 -4.46 -20.13
C LEU S 44 -9.09 -3.51 -21.32
N PRO S 45 -9.43 -2.26 -21.07
CA PRO S 45 -9.61 -1.31 -22.15
C PRO S 45 -8.28 -0.71 -22.58
N TYR S 46 -8.23 -0.33 -23.86
CA TYR S 46 -7.11 0.45 -24.36
C TYR S 46 -6.99 1.73 -23.55
N GLY S 47 -5.75 2.04 -23.13
CA GLY S 47 -5.41 3.14 -22.25
C GLY S 47 -5.14 2.70 -20.82
N TRP S 48 -5.45 1.44 -20.50
CA TRP S 48 -5.35 0.95 -19.13
C TRP S 48 -3.89 0.83 -18.69
N THR S 49 -3.14 -0.04 -19.36
CA THR S 49 -1.76 -0.31 -19.02
C THR S 49 -0.85 0.71 -19.69
N PRO S 50 0.06 1.36 -18.95
CA PRO S 50 0.88 2.40 -19.58
C PRO S 50 1.98 1.81 -20.43
N GLY S 51 2.17 2.43 -21.59
CA GLY S 51 3.12 1.99 -22.58
C GLY S 51 2.53 1.13 -23.69
N VAL S 52 1.36 0.55 -23.48
CA VAL S 52 0.81 -0.47 -24.38
C VAL S 52 0.07 0.24 -25.50
N LYS S 53 0.45 -0.05 -26.73
CA LYS S 53 -0.08 0.66 -27.87
C LYS S 53 -1.33 -0.02 -28.40
N ARG S 54 -2.05 0.71 -29.25
CA ARG S 54 -3.20 0.19 -29.96
C ARG S 54 -2.87 0.09 -31.44
N ASN S 55 -3.07 -1.09 -32.03
CA ASN S 55 -2.45 -1.38 -33.32
C ASN S 55 -0.99 -1.05 -33.10
N GLY S 56 -0.44 -0.07 -33.81
CA GLY S 56 0.96 0.25 -33.62
C GLY S 56 1.23 1.61 -33.00
N PHE S 57 0.21 2.27 -32.46
CA PHE S 57 0.26 3.68 -32.10
C PHE S 57 -0.19 3.91 -30.67
N PRO S 58 0.39 4.90 -29.98
CA PRO S 58 0.00 5.16 -28.59
C PRO S 58 -1.46 5.51 -28.46
N VAL S 59 -2.04 5.15 -27.32
CA VAL S 59 -3.44 5.46 -27.04
C VAL S 59 -3.50 6.92 -26.61
N ALA S 60 -4.31 7.71 -27.31
CA ALA S 60 -4.48 9.10 -26.97
C ALA S 60 -5.40 9.23 -25.77
N LEU S 61 -5.08 10.15 -24.86
CA LEU S 61 -5.98 10.41 -23.72
C LEU S 61 -7.28 11.00 -24.22
N ALA S 62 -8.40 10.49 -23.73
CA ALA S 62 -9.71 11.03 -24.11
C ALA S 62 -9.80 12.52 -23.85
N ARG S 63 -9.23 12.96 -22.74
CA ARG S 63 -9.35 14.37 -22.37
C ARG S 63 -8.49 15.25 -23.28
N ALA S 64 -7.36 14.73 -23.77
CA ALA S 64 -6.54 15.48 -24.71
C ALA S 64 -7.20 15.58 -26.08
N VAL S 65 -7.76 14.49 -26.58
CA VAL S 65 -8.50 14.56 -27.83
C VAL S 65 -9.58 15.59 -27.71
N SER S 66 -10.30 15.57 -26.57
CA SER S 66 -11.35 16.56 -26.33
C SER S 66 -10.80 17.97 -26.32
N ASN S 67 -9.59 18.17 -25.81
CA ASN S 67 -9.01 19.52 -25.76
C ASN S 67 -8.59 20.03 -27.13
N GLU S 68 -8.15 19.15 -28.03
CA GLU S 68 -7.55 19.62 -29.29
C GLU S 68 -8.55 19.70 -30.44
N ILE S 69 -9.61 18.90 -30.39
CA ILE S 69 -10.50 18.73 -31.51
C ILE S 69 -11.91 19.23 -31.21
N VAL S 70 -12.40 19.00 -29.99
CA VAL S 70 -13.77 19.35 -29.64
C VAL S 70 -13.90 20.77 -29.09
N ARG S 71 -12.85 21.27 -28.44
CA ARG S 71 -12.91 22.58 -27.81
C ARG S 71 -13.10 23.65 -28.86
N PHE S 72 -13.97 24.61 -28.57
CA PHE S 72 -14.16 25.79 -29.41
C PHE S 72 -14.67 26.92 -28.52
N PRO S 73 -14.52 28.18 -28.95
CA PRO S 73 -15.01 29.29 -28.11
C PRO S 73 -16.51 29.50 -28.30
N THR S 74 -17.23 29.54 -27.18
CA THR S 74 -18.69 29.57 -27.19
C THR S 74 -19.27 30.78 -27.93
N ASP S 75 -18.54 31.89 -28.01
CA ASP S 75 -19.10 33.07 -28.69
C ASP S 75 -19.29 32.83 -30.19
N GLN S 76 -18.77 31.74 -30.72
CA GLN S 76 -18.86 31.46 -32.16
C GLN S 76 -19.85 30.35 -32.48
N LEU S 77 -20.60 29.88 -31.48
CA LEU S 77 -21.62 28.86 -31.72
C LEU S 77 -22.55 29.26 -32.87
N THR S 78 -22.89 28.26 -33.66
CA THR S 78 -23.71 28.45 -34.85
C THR S 78 -25.11 27.88 -34.62
N PRO S 79 -26.13 28.73 -34.46
CA PRO S 79 -27.49 28.20 -34.40
C PRO S 79 -27.84 27.54 -35.71
N ASP S 80 -28.53 26.39 -35.63
CA ASP S 80 -29.01 25.65 -36.79
C ASP S 80 -30.29 26.32 -37.31
N GLN S 81 -30.24 26.85 -38.52
CA GLN S 81 -31.40 27.54 -39.06
C GLN S 81 -32.60 26.63 -39.19
N GLU S 82 -32.38 25.32 -39.29
CA GLU S 82 -33.41 24.38 -39.67
C GLU S 82 -33.67 23.29 -38.62
N ARG S 83 -33.26 23.49 -37.38
CA ARG S 83 -33.61 22.53 -36.34
C ARG S 83 -33.80 23.28 -35.03
N SER S 84 -34.79 22.84 -34.26
CA SER S 84 -35.13 23.43 -32.98
C SER S 84 -34.46 22.63 -31.87
N LEU S 85 -34.45 23.20 -30.67
CA LEU S 85 -33.91 22.42 -29.55
C LEU S 85 -34.78 21.24 -29.21
N MET S 86 -36.03 21.23 -29.65
CA MET S 86 -36.87 20.04 -29.47
C MET S 86 -36.29 18.85 -30.22
N PHE S 87 -35.47 19.10 -31.25
CA PHE S 87 -34.80 18.04 -32.01
C PHE S 87 -33.77 17.37 -31.15
N MET S 88 -32.99 18.19 -30.45
CA MET S 88 -32.03 17.69 -29.47
C MET S 88 -32.74 16.89 -28.41
N GLN S 89 -33.80 17.45 -27.82
CA GLN S 89 -34.39 16.86 -26.63
C GLN S 89 -35.13 15.57 -26.96
N TRP S 90 -35.77 15.48 -28.12
CA TRP S 90 -36.38 14.20 -28.46
C TRP S 90 -35.34 13.10 -28.59
N GLY S 91 -34.19 13.43 -29.16
CA GLY S 91 -33.11 12.47 -29.22
C GLY S 91 -32.80 11.88 -27.87
N GLN S 92 -32.71 12.72 -26.84
CA GLN S 92 -32.30 12.22 -25.53
C GLN S 92 -33.41 11.37 -24.92
N LEU S 93 -34.64 11.86 -24.95
CA LEU S 93 -35.77 11.08 -24.48
C LEU S 93 -35.82 9.71 -25.15
N LEU S 94 -35.80 9.70 -26.48
CA LEU S 94 -35.79 8.44 -27.20
C LEU S 94 -34.62 7.55 -26.75
N ASP S 95 -33.45 8.14 -26.50
CA ASP S 95 -32.31 7.33 -26.10
C ASP S 95 -32.60 6.60 -24.80
N HIS S 96 -33.36 7.23 -23.91
CA HIS S 96 -33.75 6.69 -22.61
C HIS S 96 -34.92 5.73 -22.72
N ASP S 97 -35.38 5.45 -23.93
CA ASP S 97 -36.31 4.39 -24.20
C ASP S 97 -35.59 3.15 -24.72
N LEU S 98 -34.40 3.31 -25.28
CA LEU S 98 -33.66 2.23 -25.91
C LEU S 98 -32.60 1.63 -25.03
N ASP S 99 -31.82 2.44 -24.33
CA ASP S 99 -30.66 1.86 -23.67
C ASP S 99 -30.23 2.70 -22.49
N PHE S 100 -29.88 2.00 -21.39
CA PHE S 100 -29.20 2.55 -20.21
C PHE S 100 -28.16 1.52 -19.78
N THR S 101 -26.90 1.93 -19.68
CA THR S 101 -25.82 0.98 -19.42
C THR S 101 -25.39 1.12 -17.97
N PRO S 102 -25.74 0.19 -17.10
CA PRO S 102 -25.46 0.38 -15.68
C PRO S 102 -23.99 0.29 -15.31
N GLU S 103 -23.66 0.97 -14.22
CA GLU S 103 -22.34 1.04 -13.60
C GLU S 103 -22.51 0.68 -12.13
N PRO S 104 -21.45 0.25 -11.45
CA PRO S 104 -21.56 0.07 -10.01
C PRO S 104 -21.72 1.42 -9.35
N ALA S 105 -22.39 1.42 -8.21
CA ALA S 105 -22.59 2.65 -7.47
C ALA S 105 -21.38 2.93 -6.58
N ALA S 106 -21.22 4.20 -6.21
CA ALA S 106 -20.13 4.61 -5.30
C ALA S 106 -19.99 3.68 -4.07
N VAL T 1 -10.41 2.46 -5.75
CA VAL T 1 -11.62 1.70 -5.38
C VAL T 1 -12.86 2.58 -5.27
N ASN T 2 -12.70 3.76 -4.66
CA ASN T 2 -13.80 4.72 -4.60
C ASN T 2 -13.71 5.66 -5.79
N CYS T 3 -14.35 5.29 -6.90
CA CYS T 3 -14.08 5.93 -8.18
C CYS T 3 -14.48 7.40 -8.22
N GLU T 4 -15.41 7.82 -7.38
CA GLU T 4 -15.85 9.22 -7.47
C GLU T 4 -14.88 10.17 -6.74
N THR T 5 -13.96 9.65 -5.94
CA THR T 5 -12.99 10.47 -5.21
C THR T 5 -11.52 10.12 -5.48
N SER T 6 -11.19 8.85 -5.60
CA SER T 6 -9.80 8.50 -5.82
C SER T 6 -9.42 8.65 -7.29
N CYS T 7 -8.13 8.76 -7.54
CA CYS T 7 -7.61 8.76 -8.90
C CYS T 7 -6.75 7.54 -9.20
N VAL T 8 -6.68 6.57 -8.27
CA VAL T 8 -6.00 5.30 -8.56
C VAL T 8 -6.83 4.44 -9.54
N GLN T 9 -6.13 3.69 -10.37
CA GLN T 9 -6.78 2.85 -11.36
C GLN T 9 -6.82 1.43 -10.83
N GLN T 10 -7.85 1.14 -10.06
CA GLN T 10 -8.13 -0.23 -9.66
C GLN T 10 -9.56 -0.52 -10.04
N PRO T 11 -9.88 -1.73 -10.47
CA PRO T 11 -11.29 -2.04 -10.82
C PRO T 11 -12.23 -1.73 -9.66
N PRO T 12 -13.40 -1.16 -9.93
CA PRO T 12 -14.06 -0.91 -11.22
C PRO T 12 -13.83 0.46 -11.83
N CYS T 13 -12.74 1.10 -11.47
CA CYS T 13 -12.45 2.46 -11.90
C CYS T 13 -11.57 2.43 -13.12
N PHE T 14 -11.72 3.47 -13.94
CA PHE T 14 -10.87 3.71 -15.12
C PHE T 14 -10.80 5.22 -15.32
N PRO T 15 -10.14 5.96 -14.43
CA PRO T 15 -10.22 7.42 -14.51
C PRO T 15 -9.50 7.95 -15.73
N LEU T 16 -9.97 9.10 -16.19
CA LEU T 16 -9.30 9.80 -17.27
C LEU T 16 -8.15 10.60 -16.71
N LYS T 17 -6.94 10.34 -17.21
CA LYS T 17 -5.73 11.07 -16.85
C LYS T 17 -5.77 12.43 -17.54
N ILE T 18 -5.09 13.39 -16.93
CA ILE T 18 -5.10 14.78 -17.38
C ILE T 18 -3.85 15.01 -18.22
N PRO T 19 -3.96 15.61 -19.40
CA PRO T 19 -2.76 15.86 -20.19
C PRO T 19 -2.09 17.13 -19.73
N PRO T 20 -0.86 17.36 -20.17
CA PRO T 20 -0.20 18.63 -19.86
C PRO T 20 -0.88 19.79 -20.56
N ASN T 21 -0.71 20.98 -19.95
CA ASN T 21 -1.28 22.25 -20.44
C ASN T 21 -2.80 22.13 -20.66
N ASP T 22 -3.46 21.35 -19.81
CA ASP T 22 -4.90 21.31 -19.89
C ASP T 22 -5.45 22.72 -19.65
N PRO T 23 -6.50 23.11 -20.37
CA PRO T 23 -7.02 24.48 -20.20
C PRO T 23 -7.71 24.72 -18.86
N ARG T 24 -8.09 23.68 -18.13
CA ARG T 24 -8.87 23.83 -16.90
C ARG T 24 -8.20 23.19 -15.68
N ILE T 25 -7.66 21.97 -15.82
CA ILE T 25 -7.14 21.23 -14.69
C ILE T 25 -5.62 21.30 -14.81
N LYS T 26 -4.97 22.15 -14.00
CA LYS T 26 -3.53 22.34 -14.13
C LYS T 26 -2.75 21.25 -13.43
N ASN T 27 -3.39 20.49 -12.53
CA ASN T 27 -2.72 19.48 -11.72
C ASN T 27 -2.93 18.11 -12.36
N GLN T 28 -1.90 17.64 -13.09
CA GLN T 28 -1.94 16.34 -13.75
C GLN T 28 -2.07 15.16 -12.79
N ALA T 29 -2.01 15.35 -11.48
CA ALA T 29 -2.32 14.27 -10.54
C ALA T 29 -3.83 14.10 -10.32
N ASP T 30 -4.63 15.11 -10.63
CA ASP T 30 -6.08 15.04 -10.61
C ASP T 30 -6.55 14.13 -11.75
N CYS T 31 -7.87 13.95 -11.86
CA CYS T 31 -8.42 13.08 -12.88
C CYS T 31 -9.92 13.28 -12.93
N ILE T 32 -10.52 12.87 -14.03
CA ILE T 32 -11.97 12.91 -14.20
C ILE T 32 -12.52 11.54 -13.82
N PRO T 33 -13.44 11.45 -12.87
CA PRO T 33 -13.88 10.15 -12.39
C PRO T 33 -14.63 9.37 -13.46
N PHE T 34 -14.56 8.04 -13.32
CA PHE T 34 -15.12 7.15 -14.34
C PHE T 34 -15.22 5.73 -13.79
N PHE T 35 -16.42 5.16 -13.81
CA PHE T 35 -16.69 3.78 -13.43
C PHE T 35 -16.88 2.96 -14.69
N ARG T 36 -16.18 1.84 -14.81
CA ARG T 36 -16.46 0.91 -15.91
C ARG T 36 -17.91 0.42 -15.87
N SER T 37 -18.54 0.36 -17.02
CA SER T 37 -19.83 -0.30 -17.14
C SER T 37 -19.81 -1.74 -16.58
N CSO T 38 -20.92 -2.20 -15.97
CA CSO T 38 -21.01 -3.52 -15.32
CB CSO T 38 -22.36 -3.78 -14.62
SG CSO T 38 -22.62 -2.76 -13.13
C CSO T 38 -20.83 -4.58 -16.36
O CSO T 38 -21.39 -4.49 -17.43
OD CSO T 38 -21.92 -3.54 -11.63
H CSO T 38 -21.66 -1.76 -15.94
HA CSO T 38 -20.31 -3.55 -14.64
HB2 CSO T 38 -22.38 -4.71 -14.34
HB3 CSO T 38 -23.08 -3.59 -15.24
HD CSO T 38 -22.06 -2.96 -10.86
N PRO T 39 -20.10 -5.63 -16.04
CA PRO T 39 -19.98 -6.66 -17.04
C PRO T 39 -21.11 -7.68 -16.96
N ALA T 40 -21.51 -8.21 -18.12
CA ALA T 40 -22.57 -9.21 -18.17
C ALA T 40 -22.19 -10.52 -17.49
N CYS T 41 -20.90 -10.87 -17.49
CA CYS T 41 -20.40 -12.08 -16.86
C CYS T 41 -19.23 -11.70 -15.95
N PRO T 42 -19.53 -11.33 -14.72
CA PRO T 42 -18.48 -10.75 -13.88
C PRO T 42 -17.35 -11.72 -13.59
N GLY T 43 -16.13 -11.26 -13.86
CA GLY T 43 -14.94 -11.95 -13.41
C GLY T 43 -14.61 -13.17 -14.23
N SER T 44 -14.86 -13.13 -15.55
CA SER T 44 -14.64 -14.26 -16.42
C SER T 44 -13.35 -14.06 -17.23
N ASN T 45 -12.52 -15.10 -17.25
CA ASN T 45 -11.32 -15.10 -18.05
C ASN T 45 -11.54 -15.81 -19.38
N ILE T 46 -12.77 -16.26 -19.67
CA ILE T 46 -13.11 -16.98 -20.88
C ILE T 46 -13.91 -16.12 -21.87
N THR T 47 -14.90 -15.40 -21.38
CA THR T 47 -15.82 -14.67 -22.25
C THR T 47 -15.26 -13.29 -22.54
N ILE T 48 -15.46 -12.82 -23.77
CA ILE T 48 -15.15 -11.45 -24.10
C ILE T 48 -16.10 -10.53 -23.34
N ARG T 49 -15.54 -9.55 -22.63
CA ARG T 49 -16.35 -8.71 -21.76
C ARG T 49 -17.39 -7.99 -22.58
N ASN T 50 -18.60 -7.86 -22.03
CA ASN T 50 -19.72 -7.18 -22.70
C ASN T 50 -20.55 -6.49 -21.63
N GLN T 51 -21.44 -5.63 -22.05
CA GLN T 51 -22.19 -4.81 -21.11
C GLN T 51 -23.69 -5.08 -21.24
N ILE T 52 -24.42 -4.47 -20.30
CA ILE T 52 -25.80 -4.81 -20.05
C ILE T 52 -26.67 -3.63 -20.42
N ASN T 53 -27.83 -3.94 -21.00
CA ASN T 53 -28.83 -2.93 -21.30
C ASN T 53 -29.97 -3.10 -20.32
N ALA T 54 -30.13 -2.14 -19.41
CA ALA T 54 -31.17 -2.24 -18.38
C ALA T 54 -32.59 -1.94 -18.88
N LEU T 55 -32.76 -1.53 -20.13
CA LEU T 55 -34.07 -1.13 -20.63
C LEU T 55 -34.59 -2.09 -21.69
N THR T 56 -35.86 -1.95 -22.08
CA THR T 56 -36.32 -2.69 -23.24
C THR T 56 -35.80 -2.00 -24.45
N SER T 57 -35.30 -2.77 -25.42
CA SER T 57 -34.75 -2.12 -26.61
C SER T 57 -35.83 -1.48 -27.45
N PHE T 58 -37.06 -2.04 -27.41
CA PHE T 58 -38.16 -1.61 -28.26
C PHE T 58 -38.52 -0.16 -28.00
N VAL T 59 -39.07 0.49 -29.05
CA VAL T 59 -39.61 1.84 -28.92
C VAL T 59 -41.00 1.69 -28.33
N ASP T 60 -41.07 1.48 -27.03
CA ASP T 60 -42.31 1.14 -26.36
C ASP T 60 -42.69 2.13 -25.27
N ALA T 61 -42.06 3.31 -25.26
CA ALA T 61 -42.29 4.28 -24.22
C ALA T 61 -41.94 3.74 -22.84
N SER T 62 -40.91 2.88 -22.76
CA SER T 62 -40.45 2.42 -21.47
C SER T 62 -39.85 3.54 -20.60
N MET T 63 -39.52 4.71 -21.17
CA MET T 63 -39.14 5.81 -20.29
C MET T 63 -40.31 6.35 -19.48
N VAL T 64 -41.53 6.04 -19.87
CA VAL T 64 -42.71 6.46 -19.14
C VAL T 64 -43.22 5.36 -18.22
N TYR T 65 -43.17 4.11 -18.67
CA TYR T 65 -43.86 3.04 -17.94
C TYR T 65 -42.94 2.18 -17.10
N GLY T 66 -41.63 2.23 -17.35
CA GLY T 66 -40.65 1.38 -16.70
C GLY T 66 -40.29 0.17 -17.54
N SER T 67 -39.22 -0.50 -17.12
CA SER T 67 -38.73 -1.69 -17.81
C SER T 67 -38.59 -2.87 -16.87
N GLU T 68 -39.04 -2.73 -15.63
CA GLU T 68 -39.05 -3.79 -14.63
C GLU T 68 -40.36 -3.67 -13.87
N GLU T 69 -40.87 -4.81 -13.39
CA GLU T 69 -42.26 -4.93 -12.97
C GLU T 69 -42.55 -4.18 -11.68
N PRO T 70 -41.69 -4.22 -10.66
CA PRO T 70 -41.95 -3.43 -9.44
C PRO T 70 -41.93 -1.92 -9.69
N LEU T 71 -40.99 -1.42 -10.49
CA LEU T 71 -41.04 -0.01 -10.81
C LEU T 71 -42.34 0.32 -11.52
N ALA T 72 -42.77 -0.54 -12.44
CA ALA T 72 -43.98 -0.24 -13.21
C ALA T 72 -45.21 -0.17 -12.33
N ARG T 73 -45.27 -0.96 -11.25
CA ARG T 73 -46.35 -0.79 -10.28
C ARG T 73 -46.23 0.55 -9.53
N ASN T 74 -45.01 0.94 -9.14
CA ASN T 74 -44.84 2.15 -8.34
C ASN T 74 -45.25 3.42 -9.08
N LEU T 75 -45.16 3.42 -10.40
CA LEU T 75 -45.54 4.54 -11.24
C LEU T 75 -47.03 4.63 -11.53
N ARG T 76 -47.82 3.66 -11.10
CA ARG T 76 -49.25 3.67 -11.39
C ARG T 76 -50.06 4.15 -10.19
N ASN T 77 -51.20 4.77 -10.49
CA ASN T 77 -52.13 5.17 -9.45
C ASN T 77 -52.94 3.96 -9.06
N MET T 78 -52.77 3.51 -7.83
CA MET T 78 -53.47 2.32 -7.32
C MET T 78 -54.66 2.66 -6.42
N SER T 79 -55.08 3.94 -6.36
CA SER T 79 -56.17 4.44 -5.54
C SER T 79 -57.55 4.18 -6.12
N ASN T 80 -57.61 3.80 -7.39
CA ASN T 80 -58.88 3.68 -8.10
C ASN T 80 -58.67 2.83 -9.35
N GLN T 81 -59.78 2.56 -10.04
CA GLN T 81 -59.77 1.73 -11.25
C GLN T 81 -59.76 2.56 -12.52
N LEU T 82 -59.07 3.71 -12.55
CA LEU T 82 -59.05 4.58 -13.72
C LEU T 82 -57.81 4.43 -14.60
N GLY T 83 -56.80 3.65 -14.18
CA GLY T 83 -55.69 3.32 -15.07
C GLY T 83 -54.73 4.47 -15.29
N LEU T 84 -54.63 5.36 -14.32
CA LEU T 84 -53.76 6.51 -14.37
C LEU T 84 -52.35 6.11 -13.91
N LEU T 85 -51.36 6.94 -14.27
CA LEU T 85 -50.04 6.93 -13.68
C LEU T 85 -50.02 7.83 -12.45
N ALA T 86 -49.20 7.49 -11.47
CA ALA T 86 -49.16 8.30 -10.26
C ALA T 86 -48.67 9.71 -10.57
N VAL T 87 -49.16 10.67 -9.79
CA VAL T 87 -48.72 12.06 -9.95
C VAL T 87 -48.33 12.64 -8.60
N ASN T 88 -47.51 13.69 -8.67
CA ASN T 88 -47.05 14.38 -7.49
C ASN T 88 -48.24 14.80 -6.63
N GLN T 89 -48.13 14.59 -5.32
CA GLN T 89 -49.20 14.92 -4.39
C GLN T 89 -48.97 16.20 -3.61
N ARG T 90 -47.75 16.74 -3.65
CA ARG T 90 -47.38 17.97 -2.96
C ARG T 90 -47.39 19.20 -3.86
N PHE T 91 -47.08 19.04 -5.17
CA PHE T 91 -46.97 20.15 -6.10
C PHE T 91 -47.72 19.92 -7.42
N GLN T 92 -48.19 21.02 -8.00
CA GLN T 92 -48.76 21.01 -9.34
C GLN T 92 -48.25 22.20 -10.13
N ASP T 93 -48.46 22.13 -11.43
CA ASP T 93 -47.99 23.11 -12.39
C ASP T 93 -49.24 23.81 -12.94
N ASN T 94 -49.57 24.96 -12.37
CA ASN T 94 -50.81 25.67 -12.70
C ASN T 94 -51.96 24.68 -12.90
N GLY T 95 -52.16 23.82 -11.90
CA GLY T 95 -53.29 22.94 -11.86
C GLY T 95 -53.15 21.63 -12.61
N ARG T 96 -52.01 21.41 -13.28
CA ARG T 96 -51.73 20.20 -14.03
C ARG T 96 -50.66 19.38 -13.34
N ALA T 97 -50.59 18.11 -13.75
CA ALA T 97 -49.84 17.10 -13.03
C ALA T 97 -48.34 17.28 -13.21
N LEU T 98 -47.61 16.93 -12.15
CA LEU T 98 -46.16 16.80 -12.19
C LEU T 98 -45.78 15.36 -11.86
N LEU T 99 -44.59 14.96 -12.32
CA LEU T 99 -44.06 13.66 -11.96
C LEU T 99 -43.97 13.52 -10.45
N PRO T 100 -44.27 12.34 -9.92
CA PRO T 100 -44.07 12.09 -8.49
C PRO T 100 -42.60 12.16 -8.14
N PHE T 101 -42.32 12.38 -6.85
CA PHE T 101 -40.94 12.36 -6.37
C PHE T 101 -40.49 10.94 -6.07
N ASP T 102 -39.20 10.71 -6.27
CA ASP T 102 -38.47 9.48 -5.98
C ASP T 102 -37.69 9.59 -4.66
N ASN T 103 -37.32 8.43 -4.12
CA ASN T 103 -36.67 8.36 -2.81
C ASN T 103 -35.32 7.63 -2.92
N LEU T 104 -34.29 8.36 -3.35
CA LEU T 104 -32.96 7.81 -3.56
C LEU T 104 -32.08 7.96 -2.33
N HIS T 105 -31.15 7.01 -2.18
CA HIS T 105 -30.19 7.05 -1.07
C HIS T 105 -29.24 8.24 -1.16
N ASP T 106 -28.76 8.57 -2.36
CA ASP T 106 -27.89 9.72 -2.57
C ASP T 106 -28.55 10.59 -3.64
N ASP T 107 -29.37 11.54 -3.21
CA ASP T 107 -30.18 12.30 -4.15
C ASP T 107 -29.34 13.45 -4.72
N PRO T 108 -28.98 13.42 -6.01
CA PRO T 108 -28.20 14.54 -6.58
C PRO T 108 -28.99 15.81 -6.76
N CYS T 109 -30.32 15.72 -6.93
CA CYS T 109 -31.13 16.90 -7.18
C CYS T 109 -31.22 17.79 -5.96
N LEU T 110 -31.21 17.20 -4.76
CA LEU T 110 -31.16 18.01 -3.54
C LEU T 110 -29.92 18.90 -3.49
N LEU T 111 -28.84 18.52 -4.17
CA LEU T 111 -27.59 19.26 -4.07
C LEU T 111 -27.58 20.54 -4.89
N THR T 112 -28.44 20.66 -5.92
CA THR T 112 -28.40 21.83 -6.79
C THR T 112 -28.97 23.07 -6.09
N ASN T 113 -29.86 22.90 -5.13
CA ASN T 113 -30.36 24.02 -4.34
C ASN T 113 -30.70 23.49 -2.96
N ARG T 114 -29.90 23.88 -1.97
CA ARG T 114 -29.98 23.23 -0.67
C ARG T 114 -31.27 23.58 0.03
N SER T 115 -31.74 24.83 -0.13
CA SER T 115 -32.91 25.27 0.63
C SER T 115 -34.24 24.91 -0.02
N ALA T 116 -34.27 24.66 -1.33
CA ALA T 116 -35.54 24.29 -1.95
C ALA T 116 -35.94 22.86 -1.58
N ARG T 117 -34.98 21.96 -1.43
CA ARG T 117 -35.24 20.61 -0.92
C ARG T 117 -36.22 19.88 -1.84
N ILE T 118 -35.94 19.93 -3.14
CA ILE T 118 -36.76 19.30 -4.16
C ILE T 118 -35.98 18.10 -4.71
N PRO T 119 -36.43 16.85 -4.43
CA PRO T 119 -35.66 15.66 -4.85
C PRO T 119 -35.84 15.32 -6.31
N CYS T 120 -35.32 14.17 -6.76
CA CYS T 120 -35.47 13.83 -8.17
C CYS T 120 -36.86 13.26 -8.41
N PHE T 121 -37.23 13.17 -9.68
CA PHE T 121 -38.54 12.70 -10.07
C PHE T 121 -38.47 11.21 -10.35
N LEU T 122 -39.61 10.56 -10.20
CA LEU T 122 -39.76 9.12 -10.40
C LEU T 122 -40.42 8.95 -11.76
N ALA T 123 -39.67 8.42 -12.74
CA ALA T 123 -40.20 8.13 -14.07
C ALA T 123 -39.81 6.70 -14.48
N GLY T 124 -40.16 6.31 -15.71
CA GLY T 124 -39.81 4.97 -16.20
C GLY T 124 -38.32 4.75 -16.37
N ASP T 125 -37.56 5.84 -16.51
CA ASP T 125 -36.12 5.85 -16.64
C ASP T 125 -35.56 6.72 -15.51
N THR T 126 -34.42 6.30 -14.96
CA THR T 126 -33.78 6.94 -13.80
C THR T 126 -33.09 8.26 -14.10
N ARG T 127 -32.88 8.60 -15.37
CA ARG T 127 -32.25 9.84 -15.77
C ARG T 127 -33.24 10.98 -16.00
N SER T 128 -34.49 10.84 -15.57
CA SER T 128 -35.52 11.82 -15.88
C SER T 128 -35.12 13.23 -15.50
N SER T 129 -34.19 13.39 -14.55
CA SER T 129 -33.88 14.70 -14.00
C SER T 129 -32.56 15.29 -14.45
N GLU T 130 -31.80 14.64 -15.36
CA GLU T 130 -30.49 15.20 -15.73
C GLU T 130 -30.61 16.64 -16.23
N MET T 131 -31.77 17.05 -16.75
CA MET T 131 -32.03 18.38 -17.38
C MET T 131 -33.52 18.67 -17.16
N PRO T 132 -33.92 19.92 -16.95
CA PRO T 132 -35.38 20.18 -16.86
C PRO T 132 -36.10 20.15 -18.22
N GLU T 133 -35.37 20.34 -19.33
CA GLU T 133 -35.94 20.09 -20.63
C GLU T 133 -36.32 18.60 -20.81
N LEU T 134 -35.48 17.70 -20.32
CA LEU T 134 -35.87 16.29 -20.39
C LEU T 134 -37.07 16.03 -19.50
N THR T 135 -37.05 16.58 -18.29
CA THR T 135 -38.14 16.39 -17.35
C THR T 135 -39.47 16.86 -17.92
N SER T 136 -39.46 17.95 -18.66
CA SER T 136 -40.70 18.42 -19.27
C SER T 136 -41.29 17.40 -20.25
N MET T 137 -40.46 16.77 -21.09
CA MET T 137 -40.99 15.75 -22.01
C MET T 137 -41.57 14.57 -21.23
N HIS T 138 -40.84 14.06 -20.25
CA HIS T 138 -41.39 13.04 -19.36
C HIS T 138 -42.73 13.44 -18.76
N THR T 139 -42.81 14.65 -18.19
CA THR T 139 -44.06 15.14 -17.61
C THR T 139 -45.18 15.18 -18.65
N LEU T 140 -44.84 15.64 -19.85
CA LEU T 140 -45.80 15.72 -20.94
C LEU T 140 -46.39 14.34 -21.27
N LEU T 141 -45.58 13.30 -21.30
CA LEU T 141 -46.08 11.99 -21.70
C LEU T 141 -46.87 11.37 -20.57
N LEU T 142 -46.48 11.65 -19.35
CA LEU T 142 -47.31 11.25 -18.23
C LEU T 142 -48.71 11.82 -18.37
N ARG T 143 -48.80 13.11 -18.71
CA ARG T 143 -50.11 13.74 -18.80
C ARG T 143 -50.89 13.12 -19.94
N GLU T 144 -50.27 13.07 -21.13
CA GLU T 144 -50.90 12.43 -22.29
C GLU T 144 -51.47 11.07 -21.93
N HIS T 145 -50.72 10.25 -21.18
CA HIS T 145 -51.27 8.94 -20.80
C HIS T 145 -52.59 9.11 -20.05
N ASN T 146 -52.57 9.95 -18.99
CA ASN T 146 -53.75 10.16 -18.16
C ASN T 146 -54.90 10.78 -18.97
N ARG T 147 -54.60 11.73 -19.86
CA ARG T 147 -55.66 12.27 -20.73
C ARG T 147 -56.32 11.15 -21.54
N LEU T 148 -55.51 10.22 -22.07
CA LEU T 148 -56.09 9.14 -22.87
C LEU T 148 -56.88 8.18 -22.01
N ALA T 149 -56.36 7.82 -20.84
CA ALA T 149 -57.07 6.88 -19.99
C ALA T 149 -58.40 7.46 -19.51
N THR T 150 -58.47 8.80 -19.31
CA THR T 150 -59.73 9.44 -18.93
C THR T 150 -60.74 9.47 -20.10
N GLU T 151 -60.26 9.72 -21.32
CA GLU T 151 -61.15 9.73 -22.48
C GLU T 151 -61.63 8.33 -22.86
N LEU T 152 -60.73 7.34 -22.81
CA LEU T 152 -61.16 5.96 -23.02
C LEU T 152 -62.22 5.53 -22.01
N LYS T 153 -62.19 6.09 -20.79
CA LYS T 153 -63.14 5.67 -19.75
C LYS T 153 -64.52 6.24 -19.99
N SER T 154 -64.60 7.40 -20.64
CA SER T 154 -65.89 7.93 -21.10
C SER T 154 -66.47 7.10 -22.24
N LEU T 155 -65.61 6.57 -23.14
CA LEU T 155 -66.10 5.76 -24.24
C LEU T 155 -66.53 4.38 -23.76
N ASN T 156 -65.74 3.78 -22.90
CA ASN T 156 -65.95 2.42 -22.42
C ASN T 156 -66.02 2.42 -20.90
N PRO T 157 -67.17 2.78 -20.32
CA PRO T 157 -67.26 2.85 -18.86
C PRO T 157 -67.12 1.50 -18.17
N ARG T 158 -67.25 0.38 -18.91
CA ARG T 158 -67.10 -0.94 -18.33
C ARG T 158 -65.65 -1.38 -18.23
N TRP T 159 -64.73 -0.71 -18.92
CA TRP T 159 -63.32 -1.10 -18.83
C TRP T 159 -62.80 -0.81 -17.43
N ASP T 160 -62.08 -1.79 -16.88
CA ASP T 160 -61.48 -1.73 -15.55
C ASP T 160 -60.13 -1.02 -15.62
N GLY T 161 -59.45 -0.96 -14.49
CA GLY T 161 -58.21 -0.18 -14.45
C GLY T 161 -57.13 -0.75 -15.35
N GLU T 162 -56.96 -2.07 -15.35
CA GLU T 162 -55.86 -2.67 -16.10
C GLU T 162 -56.07 -2.43 -17.57
N ARG T 163 -57.28 -2.67 -18.07
CA ARG T 163 -57.55 -2.39 -19.47
C ARG T 163 -57.26 -0.94 -19.80
N LEU T 164 -57.79 -0.01 -18.99
CA LEU T 164 -57.58 1.40 -19.29
C LEU T 164 -56.09 1.73 -19.34
N TYR T 165 -55.33 1.30 -18.34
CA TYR T 165 -53.89 1.53 -18.35
C TYR T 165 -53.26 0.95 -19.59
N GLN T 166 -53.52 -0.33 -19.88
CA GLN T 166 -52.87 -0.98 -21.02
C GLN T 166 -53.21 -0.29 -22.33
N GLU T 167 -54.48 0.12 -22.52
CA GLU T 167 -54.86 0.68 -23.81
C GLU T 167 -54.30 2.07 -24.00
N ALA T 168 -54.04 2.80 -22.92
CA ALA T 168 -53.38 4.10 -23.06
C ALA T 168 -51.87 3.94 -23.26
N ARG T 169 -51.24 3.03 -22.52
CA ARG T 169 -49.85 2.67 -22.75
C ARG T 169 -49.58 2.31 -24.22
N LYS T 170 -50.51 1.55 -24.82
CA LYS T 170 -50.38 1.12 -26.22
C LYS T 170 -50.45 2.29 -27.20
N ILE T 171 -51.30 3.28 -26.91
CA ILE T 171 -51.34 4.51 -27.72
C ILE T 171 -50.06 5.32 -27.54
N VAL T 172 -49.67 5.59 -26.30
CA VAL T 172 -48.46 6.40 -26.09
C VAL T 172 -47.27 5.74 -26.79
N GLY T 173 -47.15 4.42 -26.68
CA GLY T 173 -46.11 3.72 -27.40
C GLY T 173 -46.17 3.97 -28.89
N ALA T 174 -47.36 3.82 -29.50
CA ALA T 174 -47.46 4.14 -30.93
C ALA T 174 -47.09 5.60 -31.20
N MET T 175 -47.56 6.53 -30.36
CA MET T 175 -47.19 7.93 -30.55
C MET T 175 -45.67 8.08 -30.59
N VAL T 176 -44.97 7.39 -29.70
CA VAL T 176 -43.53 7.56 -29.67
C VAL T 176 -42.91 7.00 -30.95
N GLN T 177 -43.48 5.90 -31.47
CA GLN T 177 -42.97 5.29 -32.70
C GLN T 177 -43.23 6.17 -33.91
N ILE T 178 -44.41 6.80 -33.97
CA ILE T 178 -44.77 7.65 -35.12
C ILE T 178 -43.93 8.93 -35.13
N ILE T 179 -43.89 9.64 -34.01
CA ILE T 179 -43.05 10.83 -33.98
C ILE T 179 -41.61 10.48 -34.30
N THR T 180 -41.16 9.32 -33.84
CA THR T 180 -39.76 8.95 -34.05
C THR T 180 -39.46 8.63 -35.52
N TYR T 181 -40.25 7.74 -36.12
CA TYR T 181 -39.93 7.32 -37.46
C TYR T 181 -40.54 8.19 -38.53
N ARG T 182 -41.63 8.92 -38.26
CA ARG T 182 -42.12 9.81 -39.29
C ARG T 182 -41.53 11.21 -39.24
N ASP T 183 -41.21 11.71 -38.06
CA ASP T 183 -40.73 13.08 -37.93
C ASP T 183 -39.28 13.21 -37.52
N TYR T 184 -38.80 12.43 -36.54
CA TYR T 184 -37.44 12.59 -36.02
C TYR T 184 -36.39 12.00 -36.96
N LEU T 185 -36.45 10.68 -37.19
CA LEU T 185 -35.34 10.05 -37.91
C LEU T 185 -35.07 10.66 -39.28
N PRO T 186 -36.06 11.02 -40.08
CA PRO T 186 -35.72 11.61 -41.39
C PRO T 186 -34.91 12.90 -41.27
N LEU T 187 -35.02 13.63 -40.14
CA LEU T 187 -34.22 14.82 -39.95
C LEU T 187 -32.84 14.51 -39.36
N VAL T 188 -32.67 13.33 -38.78
CA VAL T 188 -31.34 12.87 -38.40
C VAL T 188 -30.56 12.36 -39.61
N LEU T 189 -31.15 11.40 -40.34
CA LEU T 189 -30.45 10.72 -41.43
C LEU T 189 -30.46 11.47 -42.76
N GLY T 190 -31.43 12.36 -43.00
CA GLY T 190 -31.64 12.91 -44.32
C GLY T 190 -32.32 11.91 -45.24
N PRO T 191 -32.81 12.38 -46.39
CA PRO T 191 -33.70 11.54 -47.20
C PRO T 191 -33.05 10.35 -47.87
N THR T 192 -31.79 10.47 -48.31
CA THR T 192 -31.12 9.37 -49.00
C THR T 192 -30.83 8.21 -48.04
N ALA T 193 -30.32 8.50 -46.84
CA ALA T 193 -30.08 7.44 -45.86
C ALA T 193 -31.38 6.89 -45.31
N MET T 194 -32.39 7.76 -45.14
CA MET T 194 -33.70 7.30 -44.69
C MET T 194 -34.27 6.22 -45.64
N ARG T 195 -34.14 6.41 -46.96
CA ARG T 195 -34.66 5.43 -47.90
C ARG T 195 -33.79 4.16 -47.97
N LYS T 196 -32.46 4.31 -47.81
CA LYS T 196 -31.58 3.17 -47.85
C LYS T 196 -31.80 2.26 -46.65
N TYR T 197 -31.81 2.84 -45.43
CA TYR T 197 -31.83 2.08 -44.19
C TYR T 197 -33.22 1.81 -43.64
N LEU T 198 -34.20 2.67 -43.94
CA LEU T 198 -35.57 2.48 -43.49
C LEU T 198 -36.53 2.47 -44.67
N PRO T 199 -36.52 1.42 -45.48
CA PRO T 199 -37.55 1.25 -46.51
C PRO T 199 -38.93 1.03 -45.90
N THR T 200 -39.92 1.11 -46.77
CA THR T 200 -41.33 0.99 -46.37
C THR T 200 -41.57 -0.30 -45.59
N TYR T 201 -42.25 -0.16 -44.45
CA TYR T 201 -42.58 -1.30 -43.60
C TYR T 201 -43.41 -2.30 -44.39
N ARG T 202 -43.05 -3.57 -44.25
CA ARG T 202 -43.83 -4.65 -44.82
C ARG T 202 -44.59 -5.31 -43.69
N SER T 203 -43.88 -6.03 -42.84
CA SER T 203 -44.52 -6.73 -41.75
C SER T 203 -43.47 -7.11 -40.72
N TYR T 204 -43.97 -7.55 -39.56
CA TYR T 204 -43.12 -8.09 -38.51
C TYR T 204 -42.38 -9.30 -39.04
N ASN T 205 -41.08 -9.30 -38.81
CA ASN T 205 -40.15 -10.36 -39.20
C ASN T 205 -39.55 -10.84 -37.89
N ASP T 206 -39.95 -12.03 -37.44
CA ASP T 206 -39.41 -12.53 -36.18
C ASP T 206 -37.99 -13.07 -36.30
N SER T 207 -37.35 -12.99 -37.46
CA SER T 207 -35.93 -13.28 -37.54
C SER T 207 -35.06 -12.03 -37.53
N VAL T 208 -35.64 -10.87 -37.30
CA VAL T 208 -34.86 -9.65 -37.12
C VAL T 208 -34.53 -9.49 -35.65
N ASP T 209 -33.23 -9.45 -35.32
CA ASP T 209 -32.80 -9.33 -33.92
C ASP T 209 -33.05 -7.91 -33.40
N PRO T 210 -33.95 -7.70 -32.45
CA PRO T 210 -34.26 -6.34 -31.98
C PRO T 210 -33.31 -5.77 -30.94
N ARG T 211 -32.20 -6.41 -30.57
CA ARG T 211 -31.42 -5.88 -29.45
C ARG T 211 -30.70 -4.59 -29.82
N ILE T 212 -30.46 -3.76 -28.80
CA ILE T 212 -29.57 -2.63 -29.01
C ILE T 212 -28.17 -3.18 -29.19
N ALA T 213 -27.47 -2.66 -30.19
CA ALA T 213 -26.07 -3.01 -30.38
C ALA T 213 -25.20 -2.13 -29.50
N ASN T 214 -24.12 -2.73 -29.01
CA ASN T 214 -23.19 -1.99 -28.14
C ASN T 214 -22.78 -0.68 -28.78
N VAL T 215 -22.32 -0.72 -30.03
CA VAL T 215 -21.90 0.51 -30.70
C VAL T 215 -22.98 1.58 -30.70
N PHE T 216 -24.26 1.19 -30.76
CA PHE T 216 -25.30 2.21 -30.86
C PHE T 216 -25.35 3.09 -29.61
N THR T 217 -25.08 2.51 -28.43
CA THR T 217 -25.10 3.33 -27.22
C THR T 217 -24.05 4.43 -27.23
N ASN T 218 -23.01 4.29 -28.03
CA ASN T 218 -22.04 5.37 -28.21
C ASN T 218 -22.33 6.24 -29.46
N ALA T 219 -22.77 5.65 -30.58
CA ALA T 219 -23.01 6.48 -31.76
C ALA T 219 -24.26 7.35 -31.62
N PHE T 220 -25.27 6.88 -30.91
CA PHE T 220 -26.41 7.77 -30.76
C PHE T 220 -26.07 8.93 -29.86
N ARG T 221 -24.85 9.02 -29.32
CA ARG T 221 -24.47 10.23 -28.61
C ARG T 221 -24.10 11.37 -29.56
N TYR T 222 -24.34 11.20 -30.87
CA TYR T 222 -24.12 12.30 -31.80
C TYR T 222 -24.86 13.52 -31.31
N GLY T 223 -25.96 13.31 -30.58
CA GLY T 223 -26.79 14.40 -30.12
C GLY T 223 -26.12 15.37 -29.19
N HIS T 224 -24.96 15.00 -28.63
CA HIS T 224 -24.28 15.93 -27.73
C HIS T 224 -23.78 17.14 -28.48
N THR T 225 -23.63 17.00 -29.80
CA THR T 225 -23.22 18.12 -30.63
C THR T 225 -24.35 19.07 -30.94
N LEU T 226 -25.60 18.75 -30.60
CA LEU T 226 -26.70 19.68 -30.74
C LEU T 226 -26.97 20.49 -29.49
N ILE T 227 -26.24 20.20 -28.41
CA ILE T 227 -26.57 20.77 -27.13
C ILE T 227 -26.18 22.24 -27.07
N GLN T 228 -27.14 23.08 -26.67
CA GLN T 228 -27.02 24.51 -26.52
C GLN T 228 -26.56 24.84 -25.10
N PRO T 229 -25.77 25.90 -24.86
CA PRO T 229 -25.23 26.11 -23.50
C PRO T 229 -26.18 26.76 -22.51
N PHE T 230 -27.43 27.03 -22.87
CA PHE T 230 -28.41 27.60 -21.97
C PHE T 230 -29.68 26.79 -22.02
N MET T 231 -30.44 26.86 -20.93
CA MET T 231 -31.85 26.52 -20.92
C MET T 231 -32.64 27.81 -21.12
N PHE T 232 -33.41 27.88 -22.21
CA PHE T 232 -34.19 29.06 -22.57
C PHE T 232 -35.64 28.90 -22.15
N ARG T 233 -36.17 29.93 -21.50
CA ARG T 233 -37.52 29.89 -20.96
C ARG T 233 -38.25 31.08 -21.53
N LEU T 234 -39.40 30.83 -22.14
CA LEU T 234 -40.18 31.86 -22.81
C LEU T 234 -41.62 31.88 -22.29
N ASP T 235 -42.19 33.09 -22.21
CA ASP T 235 -43.51 33.35 -21.65
C ASP T 235 -44.56 33.14 -22.73
N ASN T 236 -45.83 33.48 -22.43
CA ASN T 236 -46.92 33.12 -23.35
C ASN T 236 -46.88 33.90 -24.67
N ARG T 237 -46.12 34.99 -24.76
CA ARG T 237 -45.90 35.72 -26.02
C ARG T 237 -44.56 35.34 -26.67
N TYR T 238 -44.02 34.16 -26.32
CA TYR T 238 -42.69 33.67 -26.72
C TYR T 238 -41.57 34.69 -26.56
N GLN T 239 -41.68 35.58 -25.53
CA GLN T 239 -40.61 36.48 -25.10
C GLN T 239 -39.85 35.89 -23.90
N PRO T 240 -38.59 36.29 -23.69
CA PRO T 240 -37.85 35.78 -22.52
C PRO T 240 -38.60 35.98 -21.21
N MET T 241 -38.55 34.94 -20.35
CA MET T 241 -39.19 34.99 -19.03
C MET T 241 -38.43 35.90 -18.09
N GLU T 242 -39.18 36.74 -17.36
CA GLU T 242 -38.60 37.86 -16.60
C GLU T 242 -37.43 37.50 -15.68
N PRO T 243 -37.56 36.47 -14.73
CA PRO T 243 -36.44 36.19 -13.80
C PRO T 243 -35.12 35.83 -14.49
N ASN T 244 -34.93 34.55 -14.89
CA ASN T 244 -33.69 34.06 -15.49
C ASN T 244 -33.98 33.36 -16.81
N PRO T 245 -34.16 34.12 -17.89
CA PRO T 245 -34.56 33.50 -19.17
C PRO T 245 -33.47 32.67 -19.87
N ARG T 246 -32.19 32.74 -19.44
CA ARG T 246 -31.07 32.03 -20.09
C ARG T 246 -30.13 31.51 -18.99
N VAL T 247 -30.51 30.42 -18.36
CA VAL T 247 -29.70 29.79 -17.32
C VAL T 247 -28.57 29.00 -17.97
N PRO T 248 -27.32 29.21 -17.59
CA PRO T 248 -26.27 28.29 -18.06
C PRO T 248 -26.66 26.85 -17.73
N LEU T 249 -26.28 25.91 -18.62
CA LEU T 249 -26.66 24.51 -18.41
C LEU T 249 -26.04 23.93 -17.14
N SER T 250 -24.84 24.39 -16.76
CA SER T 250 -24.17 23.90 -15.57
C SER T 250 -24.89 24.27 -14.27
N ARG T 251 -26.02 24.98 -14.36
CA ARG T 251 -26.84 25.25 -13.20
C ARG T 251 -28.24 24.67 -13.34
N VAL T 252 -28.44 23.74 -14.28
CA VAL T 252 -29.73 23.09 -14.44
C VAL T 252 -29.65 21.58 -14.32
N PHE T 253 -28.44 20.98 -14.35
CA PHE T 253 -28.31 19.52 -14.25
C PHE T 253 -28.86 19.08 -12.91
N PHE T 254 -29.84 18.18 -12.92
CA PHE T 254 -30.46 17.65 -11.72
C PHE T 254 -31.25 18.68 -10.96
N ALA T 255 -31.47 19.86 -11.56
CA ALA T 255 -32.14 20.97 -10.87
C ALA T 255 -33.65 20.84 -11.06
N SER T 256 -34.20 19.81 -10.45
CA SER T 256 -35.64 19.59 -10.51
C SER T 256 -36.41 20.66 -9.74
N TRP T 257 -35.75 21.37 -8.83
CA TRP T 257 -36.39 22.51 -8.17
C TRP T 257 -36.81 23.61 -9.18
N ARG T 258 -36.19 23.67 -10.36
CA ARG T 258 -36.61 24.68 -11.34
C ARG T 258 -37.96 24.36 -11.98
N VAL T 259 -38.32 23.07 -12.11
CA VAL T 259 -39.61 22.72 -12.67
C VAL T 259 -40.72 23.04 -11.69
N VAL T 260 -40.53 22.64 -10.43
CA VAL T 260 -41.52 22.85 -9.38
C VAL T 260 -41.68 24.32 -9.00
N LEU T 261 -40.57 25.06 -8.85
CA LEU T 261 -40.61 26.39 -8.24
C LEU T 261 -40.28 27.58 -9.16
N GLU T 262 -39.89 27.38 -10.42
CA GLU T 262 -39.66 28.50 -11.34
C GLU T 262 -40.55 28.41 -12.60
N GLY T 263 -41.79 27.92 -12.45
CA GLY T 263 -42.79 28.07 -13.50
C GLY T 263 -43.25 26.85 -14.29
N GLY T 264 -42.91 25.64 -13.86
CA GLY T 264 -43.45 24.46 -14.50
C GLY T 264 -42.79 24.23 -15.83
N ILE T 265 -43.48 23.44 -16.67
CA ILE T 265 -42.87 22.97 -17.91
C ILE T 265 -43.22 23.82 -19.14
N ASP T 266 -44.26 24.67 -19.06
CA ASP T 266 -44.69 25.43 -20.24
C ASP T 266 -43.58 26.35 -20.75
N PRO T 267 -42.93 27.15 -19.91
CA PRO T 267 -41.84 27.99 -20.44
C PRO T 267 -40.71 27.18 -21.02
N ILE T 268 -40.41 26.02 -20.43
CA ILE T 268 -39.36 25.18 -20.97
C ILE T 268 -39.76 24.65 -22.35
N LEU T 269 -41.01 24.24 -22.53
CA LEU T 269 -41.41 23.69 -23.82
C LEU T 269 -41.44 24.76 -24.92
N ARG T 270 -41.84 25.98 -24.62
CA ARG T 270 -41.78 27.01 -25.64
C ARG T 270 -40.34 27.30 -26.03
N GLY T 271 -39.43 27.27 -25.06
CA GLY T 271 -38.04 27.48 -25.37
C GLY T 271 -37.50 26.41 -26.27
N LEU T 272 -37.91 25.17 -26.04
CA LEU T 272 -37.52 24.09 -26.93
C LEU T 272 -38.08 24.28 -28.35
N MET T 273 -39.25 24.91 -28.50
CA MET T 273 -39.85 25.01 -29.82
C MET T 273 -39.36 26.20 -30.60
N ALA T 274 -39.02 27.29 -29.90
CA ALA T 274 -38.76 28.58 -30.50
C ALA T 274 -37.29 28.96 -30.39
N THR T 275 -36.43 28.02 -30.01
CA THR T 275 -35.00 28.26 -29.97
C THR T 275 -34.31 27.29 -30.92
N PRO T 276 -33.28 27.72 -31.64
CA PRO T 276 -32.61 26.77 -32.53
C PRO T 276 -31.65 25.87 -31.78
N ALA T 277 -31.47 24.67 -32.33
CA ALA T 277 -30.44 23.80 -31.79
C ALA T 277 -29.08 24.33 -32.22
N LYS T 278 -28.04 23.88 -31.52
CA LYS T 278 -26.70 24.13 -32.03
C LYS T 278 -26.47 23.29 -33.28
N LEU T 279 -25.78 23.86 -34.25
CA LEU T 279 -25.31 23.12 -35.41
C LEU T 279 -23.95 22.47 -35.15
N ASN T 280 -23.83 21.22 -35.54
CA ASN T 280 -22.56 20.55 -35.44
C ASN T 280 -21.76 20.93 -36.66
N ARG T 281 -20.66 21.64 -36.44
CA ARG T 281 -19.71 22.04 -37.48
C ARG T 281 -18.35 21.54 -37.03
N GLN T 282 -17.46 21.33 -38.00
CA GLN T 282 -16.25 20.56 -37.71
C GLN T 282 -15.26 21.29 -36.81
N ASN T 283 -15.37 22.60 -36.65
CA ASN T 283 -14.56 23.30 -35.66
C ASN T 283 -15.39 23.86 -34.51
N GLN T 284 -16.59 23.32 -34.32
CA GLN T 284 -17.52 23.70 -33.26
C GLN T 284 -18.29 22.46 -32.81
N ILE T 285 -17.60 21.46 -32.26
CA ILE T 285 -18.23 20.15 -32.12
C ILE T 285 -19.13 20.10 -30.89
N ALA T 286 -18.62 20.49 -29.71
CA ALA T 286 -19.42 20.44 -28.49
C ALA T 286 -19.01 21.57 -27.54
N VAL T 287 -20.01 22.20 -26.88
CA VAL T 287 -19.76 23.41 -26.11
C VAL T 287 -19.16 23.08 -24.75
N ASP T 288 -18.59 24.11 -24.10
CA ASP T 288 -17.87 23.89 -22.86
C ASP T 288 -18.79 23.68 -21.66
N GLU T 289 -20.08 23.99 -21.78
CA GLU T 289 -20.98 23.70 -20.67
C GLU T 289 -21.05 22.20 -20.38
N ILE T 290 -20.79 21.38 -21.40
CA ILE T 290 -20.71 19.95 -21.22
C ILE T 290 -19.29 19.43 -21.33
N ARG T 291 -18.37 20.18 -21.91
CA ARG T 291 -16.98 19.74 -21.99
C ARG T 291 -16.21 20.07 -20.72
N GLU T 292 -16.57 21.17 -20.03
CA GLU T 292 -15.85 21.65 -18.87
C GLU T 292 -16.66 21.63 -17.58
N ARG T 293 -17.98 21.70 -17.65
CA ARG T 293 -18.77 21.96 -16.45
C ARG T 293 -19.93 20.98 -16.28
N LEU T 294 -19.81 19.77 -16.85
CA LEU T 294 -20.89 18.81 -16.72
C LEU T 294 -21.03 18.37 -15.27
N PHE T 295 -22.27 18.36 -14.75
CA PHE T 295 -22.58 17.88 -13.40
C PHE T 295 -21.76 18.58 -12.32
N GLU T 296 -21.29 19.78 -12.62
CA GLU T 296 -20.38 20.50 -11.73
C GLU T 296 -20.96 20.71 -10.33
N GLN T 297 -22.28 20.94 -10.22
CA GLN T 297 -22.86 21.20 -8.91
C GLN T 297 -23.05 19.96 -8.04
N VAL T 298 -23.00 18.77 -8.60
CA VAL T 298 -23.27 17.57 -7.81
C VAL T 298 -22.06 16.62 -7.78
N MET T 299 -20.89 17.12 -8.16
CA MET T 299 -19.70 16.28 -8.29
C MET T 299 -18.52 16.99 -7.65
N ARG T 300 -17.46 16.23 -7.37
CA ARG T 300 -16.25 16.89 -6.86
C ARG T 300 -15.60 17.75 -7.91
N ILE T 301 -15.79 17.42 -9.18
CA ILE T 301 -15.18 18.17 -10.27
C ILE T 301 -16.13 18.12 -11.46
N GLY T 302 -16.02 19.14 -12.33
CA GLY T 302 -16.85 19.16 -13.52
C GLY T 302 -16.32 18.20 -14.57
N LEU T 303 -17.19 17.36 -15.11
CA LEU T 303 -16.85 16.37 -16.09
C LEU T 303 -16.79 16.97 -17.51
N ASP T 304 -16.29 16.14 -18.44
CA ASP T 304 -16.08 16.46 -19.85
C ASP T 304 -16.85 15.43 -20.67
N LEU T 305 -18.04 15.79 -21.14
CA LEU T 305 -18.89 14.77 -21.78
C LEU T 305 -18.23 14.16 -23.02
N PRO T 306 -17.68 14.93 -23.97
CA PRO T 306 -17.05 14.25 -25.12
C PRO T 306 -15.91 13.32 -24.74
N ALA T 307 -15.16 13.64 -23.69
CA ALA T 307 -14.11 12.72 -23.24
C ALA T 307 -14.70 11.45 -22.67
N LEU T 308 -15.68 11.57 -21.76
CA LEU T 308 -16.36 10.38 -21.27
C LEU T 308 -16.85 9.49 -22.41
N ASN T 309 -17.37 10.08 -23.48
CA ASN T 309 -17.83 9.27 -24.60
C ASN T 309 -16.71 8.43 -25.19
N MET T 310 -15.50 8.99 -25.30
CA MET T 310 -14.37 8.23 -25.86
C MET T 310 -13.85 7.21 -24.87
N GLN T 311 -13.72 7.56 -23.59
CA GLN T 311 -13.35 6.55 -22.59
C GLN T 311 -14.38 5.41 -22.55
N ARG T 312 -15.66 5.74 -22.65
CA ARG T 312 -16.68 4.70 -22.55
C ARG T 312 -16.57 3.72 -23.70
N SER T 313 -16.28 4.22 -24.92
CA SER T 313 -16.17 3.33 -26.05
C SER T 313 -15.02 2.37 -25.88
N ARG T 314 -13.96 2.81 -25.15
CA ARG T 314 -12.86 1.92 -24.82
C ARG T 314 -13.22 0.97 -23.70
N ASP T 315 -13.86 1.47 -22.66
CA ASP T 315 -14.43 0.59 -21.66
C ASP T 315 -15.24 -0.50 -22.31
N HIS T 316 -15.95 -0.18 -23.40
CA HIS T 316 -16.82 -1.16 -24.04
C HIS T 316 -16.12 -1.96 -25.12
N GLY T 317 -14.83 -1.73 -25.33
CA GLY T 317 -14.09 -2.47 -26.35
C GLY T 317 -14.55 -2.25 -27.76
N LEU T 318 -15.13 -1.09 -28.06
CA LEU T 318 -15.58 -0.82 -29.41
C LEU T 318 -14.38 -0.73 -30.34
N PRO T 319 -14.47 -1.32 -31.53
CA PRO T 319 -13.44 -1.11 -32.55
C PRO T 319 -13.40 0.34 -33.01
N GLY T 320 -12.31 0.70 -33.70
CA GLY T 320 -12.12 2.07 -34.12
C GLY T 320 -12.79 2.42 -35.43
N TYR T 321 -12.60 3.70 -35.83
CA TYR T 321 -13.35 4.29 -36.94
C TYR T 321 -13.32 3.44 -38.21
N ASN T 322 -12.15 2.96 -38.61
CA ASN T 322 -12.11 2.23 -39.88
C ASN T 322 -12.88 0.92 -39.83
N ALA T 323 -12.83 0.20 -38.71
CA ALA T 323 -13.58 -1.06 -38.66
C ALA T 323 -15.07 -0.83 -38.82
N TRP T 324 -15.59 0.32 -38.34
CA TRP T 324 -17.01 0.64 -38.51
C TRP T 324 -17.30 1.16 -39.92
N ARG T 325 -16.37 1.92 -40.53
CA ARG T 325 -16.50 2.22 -41.94
C ARG T 325 -16.59 0.93 -42.73
N ARG T 326 -15.75 -0.04 -42.41
CA ARG T 326 -15.80 -1.29 -43.19
C ARG T 326 -17.14 -1.99 -43.00
N PHE T 327 -17.58 -2.09 -41.73
CA PHE T 327 -18.88 -2.65 -41.36
C PHE T 327 -20.00 -2.05 -42.21
N CYS T 328 -19.96 -0.74 -42.41
CA CYS T 328 -21.00 -0.01 -43.12
C CYS T 328 -20.88 -0.07 -44.63
N GLY T 329 -19.79 -0.59 -45.17
CA GLY T 329 -19.58 -0.57 -46.61
C GLY T 329 -18.94 0.69 -47.16
N LEU T 330 -18.17 1.42 -46.34
CA LEU T 330 -17.63 2.72 -46.74
C LEU T 330 -16.11 2.64 -46.88
N PRO T 331 -15.52 3.52 -47.69
CA PRO T 331 -14.06 3.51 -47.84
C PRO T 331 -13.39 3.82 -46.53
N GLN T 332 -12.23 3.17 -46.32
CA GLN T 332 -11.43 3.26 -45.11
C GLN T 332 -10.14 4.02 -45.37
N PRO T 333 -10.03 5.28 -44.97
CA PRO T 333 -8.79 6.02 -45.24
C PRO T 333 -7.63 5.55 -44.37
N GLU T 334 -6.45 5.50 -44.97
CA GLU T 334 -5.24 5.03 -44.29
C GLU T 334 -4.25 6.13 -43.97
N THR T 335 -4.18 7.17 -44.81
CA THR T 335 -3.23 8.28 -44.70
C THR T 335 -3.93 9.58 -44.35
N VAL T 336 -3.15 10.62 -44.10
CA VAL T 336 -3.78 11.85 -43.64
C VAL T 336 -4.52 12.51 -44.80
N GLY T 337 -4.01 12.35 -46.01
CA GLY T 337 -4.70 12.91 -47.16
C GLY T 337 -6.02 12.21 -47.45
N GLN T 338 -6.07 10.91 -47.23
CA GLN T 338 -7.31 10.21 -47.55
C GLN T 338 -8.36 10.49 -46.50
N LEU T 339 -7.94 10.67 -45.25
CA LEU T 339 -8.85 11.13 -44.21
C LEU T 339 -9.35 12.53 -44.52
N GLY T 340 -8.47 13.42 -44.99
CA GLY T 340 -8.92 14.75 -45.44
C GLY T 340 -10.03 14.72 -46.48
N THR T 341 -9.87 13.85 -47.49
CA THR T 341 -10.89 13.67 -48.53
C THR T 341 -12.23 13.22 -47.94
N VAL T 342 -12.19 12.18 -47.09
CA VAL T 342 -13.38 11.63 -46.47
C VAL T 342 -14.06 12.65 -45.56
N LEU T 343 -13.30 13.52 -44.91
CA LEU T 343 -13.89 14.47 -44.02
C LEU T 343 -14.16 15.82 -44.69
N ARG T 344 -13.77 15.97 -45.94
CA ARG T 344 -13.82 17.27 -46.65
C ARG T 344 -13.19 18.38 -45.81
N ASN T 345 -12.07 18.03 -45.14
CA ASN T 345 -11.38 18.93 -44.21
C ASN T 345 -9.98 18.46 -43.83
N LEU T 346 -8.93 18.96 -44.49
CA LEU T 346 -7.59 18.46 -44.22
C LEU T 346 -7.05 18.87 -42.85
N LYS T 347 -7.37 20.08 -42.35
CA LYS T 347 -6.88 20.52 -41.05
C LYS T 347 -7.41 19.62 -39.94
N LEU T 348 -8.73 19.35 -39.96
CA LEU T 348 -9.31 18.43 -38.98
C LEU T 348 -8.62 17.07 -39.07
N ALA T 349 -8.45 16.57 -40.29
CA ALA T 349 -7.82 15.28 -40.46
C ALA T 349 -6.42 15.25 -39.84
N ARG T 350 -5.63 16.31 -40.03
CA ARG T 350 -4.28 16.36 -39.46
C ARG T 350 -4.31 16.43 -37.94
N LYS T 351 -5.30 17.13 -37.39
CA LYS T 351 -5.46 17.13 -35.94
C LYS T 351 -5.74 15.73 -35.42
N LEU T 352 -6.59 14.97 -36.11
CA LEU T 352 -6.94 13.62 -35.64
C LEU T 352 -5.74 12.68 -35.72
N MET T 353 -4.91 12.82 -36.76
CA MET T 353 -3.72 11.98 -36.88
C MET T 353 -2.67 12.35 -35.85
N GLU T 354 -2.53 13.62 -35.54
CA GLU T 354 -1.61 14.00 -34.47
C GLU T 354 -1.99 13.30 -33.19
N GLN T 355 -3.29 13.21 -32.89
CA GLN T 355 -3.72 12.51 -31.69
C GLN T 355 -3.67 11.02 -31.86
N TYR T 356 -4.10 10.50 -33.00
CA TYR T 356 -4.36 9.08 -33.09
C TYR T 356 -3.31 8.29 -33.86
N GLY T 357 -2.60 8.91 -34.78
CA GLY T 357 -1.59 8.21 -35.53
C GLY T 357 -2.16 7.52 -36.76
N THR T 358 -3.32 6.88 -36.61
CA THR T 358 -3.95 6.19 -37.73
C THR T 358 -5.46 6.29 -37.58
N PRO T 359 -6.19 6.33 -38.69
CA PRO T 359 -7.64 6.36 -38.58
C PRO T 359 -8.23 5.03 -38.14
N ASN T 360 -7.43 3.97 -38.09
CA ASN T 360 -7.89 2.74 -37.44
C ASN T 360 -8.22 2.93 -35.97
N ASN T 361 -7.64 3.93 -35.35
CA ASN T 361 -7.69 4.07 -33.90
C ASN T 361 -8.65 5.14 -33.44
N ILE T 362 -9.23 5.90 -34.37
CA ILE T 362 -10.09 7.00 -33.99
C ILE T 362 -11.30 6.42 -33.30
N ASP T 363 -11.59 6.91 -32.10
CA ASP T 363 -12.77 6.50 -31.36
C ASP T 363 -14.04 6.80 -32.17
N ILE T 364 -14.97 5.83 -32.16
CA ILE T 364 -16.17 5.87 -33.01
C ILE T 364 -16.96 7.16 -32.81
N TRP T 365 -17.26 7.55 -31.57
CA TRP T 365 -17.93 8.84 -31.41
C TRP T 365 -17.17 9.95 -32.10
N MET T 366 -15.86 10.05 -31.83
CA MET T 366 -15.07 11.16 -32.36
C MET T 366 -15.04 11.15 -33.89
N GLY T 367 -14.81 10.00 -34.51
CA GLY T 367 -14.82 9.98 -35.96
C GLY T 367 -16.21 10.22 -36.54
N GLY T 368 -17.23 9.69 -35.87
CA GLY T 368 -18.58 9.79 -36.40
C GLY T 368 -19.06 11.22 -36.44
N VAL T 369 -18.78 12.00 -35.39
CA VAL T 369 -19.23 13.38 -35.34
C VAL T 369 -18.29 14.32 -36.09
N SER T 370 -17.08 13.85 -36.46
CA SER T 370 -16.17 14.62 -37.29
C SER T 370 -16.61 14.68 -38.76
N GLU T 371 -17.24 13.61 -39.27
CA GLU T 371 -17.62 13.51 -40.68
C GLU T 371 -18.59 14.62 -41.06
N PRO T 372 -18.59 15.05 -42.34
CA PRO T 372 -19.53 16.09 -42.75
C PRO T 372 -20.96 15.57 -42.83
N LEU T 373 -21.90 16.43 -42.43
CA LEU T 373 -23.30 16.03 -42.31
C LEU T 373 -23.87 15.71 -43.68
N LYS T 374 -24.69 14.66 -43.73
CA LYS T 374 -25.43 14.34 -44.95
C LYS T 374 -26.45 15.44 -45.22
N ARG T 375 -26.81 15.58 -46.50
CA ARG T 375 -27.72 16.64 -46.93
C ARG T 375 -29.09 16.47 -46.30
N LYS T 376 -29.57 17.53 -45.66
CA LYS T 376 -30.85 17.58 -44.96
C LYS T 376 -30.88 16.61 -43.81
N GLY T 377 -29.68 16.19 -43.38
CA GLY T 377 -29.53 15.31 -42.25
C GLY T 377 -28.59 15.99 -41.28
N ARG T 378 -28.41 15.37 -40.10
CA ARG T 378 -27.53 15.95 -39.08
C ARG T 378 -26.53 14.93 -38.55
N VAL T 379 -26.23 13.90 -39.35
CA VAL T 379 -25.06 13.03 -39.14
C VAL T 379 -24.42 12.74 -40.48
N GLY T 380 -23.22 12.19 -40.41
CA GLY T 380 -22.50 11.80 -41.59
C GLY T 380 -22.85 10.40 -42.00
N PRO T 381 -22.09 9.84 -42.94
CA PRO T 381 -22.48 8.53 -43.49
C PRO T 381 -22.33 7.40 -42.50
N LEU T 382 -21.26 7.44 -41.71
CA LEU T 382 -21.03 6.38 -40.74
C LEU T 382 -22.16 6.30 -39.73
N LEU T 383 -22.52 7.43 -39.13
CA LEU T 383 -23.53 7.40 -38.09
C LEU T 383 -24.89 7.16 -38.70
N ALA T 384 -25.09 7.57 -39.95
CA ALA T 384 -26.35 7.26 -40.62
C ALA T 384 -26.54 5.75 -40.71
N CYS T 385 -25.49 5.04 -41.10
CA CYS T 385 -25.61 3.59 -41.25
C CYS T 385 -25.83 2.89 -39.90
N ILE T 386 -25.07 3.26 -38.88
CA ILE T 386 -25.22 2.62 -37.57
C ILE T 386 -26.58 2.93 -36.97
N ILE T 387 -26.93 4.22 -36.88
CA ILE T 387 -28.23 4.63 -36.37
C ILE T 387 -29.38 4.05 -37.19
N GLY T 388 -29.25 4.11 -38.52
CA GLY T 388 -30.30 3.57 -39.39
C GLY T 388 -30.48 2.07 -39.18
N THR T 389 -29.38 1.33 -39.16
CA THR T 389 -29.49 -0.10 -39.00
C THR T 389 -30.16 -0.45 -37.69
N GLN T 390 -29.79 0.24 -36.61
CA GLN T 390 -30.42 -0.03 -35.32
C GLN T 390 -31.92 0.21 -35.38
N PHE T 391 -32.34 1.32 -36.00
CA PHE T 391 -33.78 1.62 -36.01
C PHE T 391 -34.54 0.73 -36.98
N ARG T 392 -33.87 0.17 -37.98
CA ARG T 392 -34.62 -0.75 -38.80
C ARG T 392 -34.97 -1.96 -37.99
N LYS T 393 -34.02 -2.42 -37.19
CA LYS T 393 -34.17 -3.66 -36.44
C LYS T 393 -35.19 -3.50 -35.33
N LEU T 394 -35.21 -2.33 -34.70
CA LEU T 394 -36.22 -2.09 -33.69
C LEU T 394 -37.63 -2.02 -34.27
N ARG T 395 -37.78 -1.67 -35.56
CA ARG T 395 -39.09 -1.66 -36.23
C ARG T 395 -39.50 -3.05 -36.71
N ASP T 396 -38.67 -3.64 -37.55
CA ASP T 396 -39.00 -4.91 -38.18
C ASP T 396 -38.99 -6.07 -37.21
N GLY T 397 -38.45 -5.89 -36.01
CA GLY T 397 -38.40 -7.00 -35.05
C GLY T 397 -39.23 -6.75 -33.82
N ASP T 398 -40.14 -5.81 -33.90
CA ASP T 398 -41.10 -5.51 -32.83
C ASP T 398 -42.45 -6.07 -33.21
N ARG T 399 -42.89 -7.09 -32.48
CA ARG T 399 -44.16 -7.72 -32.76
C ARG T 399 -45.34 -6.79 -32.52
N PHE T 400 -45.12 -5.74 -31.73
CA PHE T 400 -46.15 -4.78 -31.39
C PHE T 400 -45.91 -3.43 -32.08
N TRP T 401 -45.12 -3.42 -33.12
CA TRP T 401 -44.98 -2.23 -33.93
C TRP T 401 -46.38 -1.84 -34.38
N TRP T 402 -46.66 -0.56 -34.38
CA TRP T 402 -48.03 -0.09 -34.47
C TRP T 402 -48.65 -0.36 -35.82
N GLU T 403 -47.85 -0.55 -36.90
CA GLU T 403 -48.42 -0.91 -38.20
C GLU T 403 -48.52 -2.40 -38.38
N ASN T 404 -47.99 -3.18 -37.45
CA ASN T 404 -48.04 -4.62 -37.63
C ASN T 404 -49.49 -5.05 -37.54
N GLU T 405 -49.87 -5.98 -38.40
CA GLU T 405 -51.27 -6.40 -38.44
C GLU T 405 -51.63 -7.16 -37.18
N GLY T 406 -52.76 -6.80 -36.58
CA GLY T 406 -53.23 -7.43 -35.37
C GLY T 406 -52.92 -6.67 -34.10
N VAL T 407 -52.13 -5.61 -34.19
CA VAL T 407 -51.88 -4.74 -33.04
C VAL T 407 -52.99 -3.72 -32.89
N PHE T 408 -53.23 -2.94 -33.95
CA PHE T 408 -54.31 -1.96 -34.01
C PHE T 408 -55.24 -2.35 -35.14
N SER T 409 -56.43 -1.78 -35.14
CA SER T 409 -57.31 -2.01 -36.29
C SER T 409 -56.87 -1.10 -37.44
N MET T 410 -57.44 -1.32 -38.62
CA MET T 410 -57.18 -0.40 -39.74
C MET T 410 -57.69 0.99 -39.42
N GLN T 411 -58.83 1.08 -38.71
CA GLN T 411 -59.40 2.37 -38.36
C GLN T 411 -58.58 3.06 -37.28
N GLN T 412 -58.10 2.29 -36.32
CA GLN T 412 -57.23 2.85 -35.30
C GLN T 412 -55.91 3.31 -35.91
N ARG T 413 -55.38 2.56 -36.89
CA ARG T 413 -54.15 3.01 -37.55
C ARG T 413 -54.39 4.31 -38.30
N GLN T 414 -55.60 4.52 -38.85
CA GLN T 414 -55.90 5.79 -39.50
C GLN T 414 -56.04 6.94 -38.50
N ALA T 415 -56.53 6.67 -37.30
CA ALA T 415 -56.63 7.74 -36.31
C ALA T 415 -55.24 8.15 -35.79
N LEU T 416 -54.35 7.16 -35.60
CA LEU T 416 -53.02 7.45 -35.05
C LEU T 416 -52.18 8.24 -36.03
N ALA T 417 -52.39 8.05 -37.32
CA ALA T 417 -51.59 8.83 -38.23
C ALA T 417 -51.85 10.33 -38.11
N GLN T 418 -52.94 10.77 -37.42
CA GLN T 418 -53.18 12.20 -37.21
C GLN T 418 -52.32 12.82 -36.11
N ILE T 419 -51.68 12.02 -35.25
CA ILE T 419 -51.06 12.57 -34.04
C ILE T 419 -49.81 13.35 -34.39
N SER T 420 -49.47 14.30 -33.54
CA SER T 420 -48.26 15.08 -33.68
C SER T 420 -47.82 15.62 -32.32
N LEU T 421 -46.55 15.89 -32.19
CA LEU T 421 -46.05 16.33 -30.90
C LEU T 421 -46.65 17.72 -30.58
N PRO T 422 -46.81 18.61 -31.55
CA PRO T 422 -47.44 19.88 -31.23
C PRO T 422 -48.84 19.73 -30.73
N ARG T 423 -49.56 18.73 -31.22
CA ARG T 423 -50.91 18.52 -30.72
C ARG T 423 -50.88 18.01 -29.28
N ILE T 424 -49.94 17.13 -28.96
CA ILE T 424 -49.81 16.64 -27.59
C ILE T 424 -49.51 17.78 -26.65
N ILE T 425 -48.71 18.76 -27.11
CA ILE T 425 -48.39 19.91 -26.28
C ILE T 425 -49.64 20.76 -26.07
N CYS T 426 -50.44 20.96 -27.10
CA CYS T 426 -51.69 21.71 -26.95
C CYS T 426 -52.62 21.07 -25.95
N ASP T 427 -52.65 19.72 -25.91
CA ASP T 427 -53.67 19.01 -25.16
C ASP T 427 -53.34 18.87 -23.68
N ASN T 428 -52.09 19.07 -23.29
CA ASN T 428 -51.70 18.80 -21.92
C ASN T 428 -50.94 19.93 -21.25
N THR T 429 -50.97 21.14 -21.83
CA THR T 429 -50.33 22.30 -21.20
C THR T 429 -51.25 23.51 -21.34
N GLY T 430 -50.74 24.67 -20.92
CA GLY T 430 -51.38 25.95 -21.18
C GLY T 430 -51.00 26.60 -22.49
N ILE T 431 -50.19 25.94 -23.30
CA ILE T 431 -49.71 26.52 -24.54
C ILE T 431 -50.82 26.42 -25.59
N THR T 432 -51.18 27.57 -26.20
CA THR T 432 -52.21 27.65 -27.23
C THR T 432 -51.65 27.98 -28.60
N THR T 433 -50.34 28.25 -28.69
CA THR T 433 -49.65 28.49 -29.94
C THR T 433 -48.38 27.66 -29.96
N VAL T 434 -48.28 26.77 -30.94
CA VAL T 434 -47.21 25.78 -31.00
C VAL T 434 -46.58 25.83 -32.40
N SER T 435 -45.49 25.10 -32.58
CA SER T 435 -44.82 25.16 -33.87
C SER T 435 -45.59 24.35 -34.92
N LYS T 436 -45.44 24.76 -36.18
CA LYS T 436 -45.91 23.95 -37.28
C LYS T 436 -45.18 22.63 -37.33
N ASN T 437 -45.86 21.59 -37.80
CA ASN T 437 -45.14 20.43 -38.29
C ASN T 437 -44.21 20.93 -39.39
N ASN T 438 -43.02 20.32 -39.49
CA ASN T 438 -42.33 19.38 -38.59
C ASN T 438 -41.86 20.15 -37.35
N ILE T 439 -42.14 19.65 -36.14
CA ILE T 439 -41.82 20.41 -34.96
C ILE T 439 -40.32 20.50 -34.77
N PHE T 440 -39.56 19.52 -35.28
CA PHE T 440 -38.12 19.55 -35.12
C PHE T 440 -37.43 20.49 -36.09
N MET T 441 -38.10 20.91 -37.14
CA MET T 441 -37.55 21.87 -38.09
C MET T 441 -37.98 23.29 -37.74
N SER T 442 -39.26 23.48 -37.38
CA SER T 442 -39.77 24.77 -36.97
C SER T 442 -39.03 25.29 -35.74
N ASN T 443 -38.51 26.52 -35.81
CA ASN T 443 -37.76 27.06 -34.68
C ASN T 443 -37.82 28.57 -34.47
N SER T 444 -38.47 29.31 -35.37
CA SER T 444 -38.51 30.76 -35.27
C SER T 444 -39.93 31.20 -35.00
N TYR T 445 -40.12 32.09 -34.02
CA TYR T 445 -41.42 32.69 -33.75
C TYR T 445 -41.45 34.13 -34.25
N PRO T 446 -42.55 34.59 -34.89
CA PRO T 446 -43.83 33.89 -35.14
C PRO T 446 -43.93 33.10 -36.45
N ARG T 447 -42.96 33.25 -37.34
CA ARG T 447 -43.01 32.61 -38.65
C ARG T 447 -43.49 31.17 -38.64
N ASP T 448 -42.94 30.32 -37.76
CA ASP T 448 -43.11 28.86 -37.86
C ASP T 448 -44.15 28.31 -36.88
N PHE T 449 -45.09 29.15 -36.41
CA PHE T 449 -46.05 28.81 -35.37
C PHE T 449 -47.49 29.03 -35.84
N VAL T 450 -48.40 28.34 -35.15
CA VAL T 450 -49.82 28.31 -35.48
C VAL T 450 -50.59 28.17 -34.19
N ASN T 451 -51.87 28.58 -34.21
CA ASN T 451 -52.74 28.33 -33.07
C ASN T 451 -53.04 26.82 -33.00
N CYS T 452 -53.42 26.36 -31.81
CA CYS T 452 -53.70 24.93 -31.65
C CYS T 452 -54.86 24.46 -32.52
N SER T 453 -55.86 25.32 -32.73
CA SER T 453 -57.02 24.94 -33.52
C SER T 453 -56.70 24.47 -34.93
N THR T 454 -55.51 24.75 -35.46
CA THR T 454 -55.24 24.27 -36.82
C THR T 454 -54.83 22.81 -36.86
N LEU T 455 -54.52 22.25 -35.74
CA LEU T 455 -54.07 20.88 -35.69
C LEU T 455 -55.24 19.96 -35.38
N PRO T 456 -55.43 18.89 -36.12
CA PRO T 456 -56.49 17.94 -35.78
C PRO T 456 -56.19 17.19 -34.51
N ALA T 457 -57.24 16.82 -33.78
CA ALA T 457 -57.07 16.00 -32.59
C ALA T 457 -57.11 14.51 -32.91
N LEU T 458 -56.81 13.70 -31.89
CA LEU T 458 -56.84 12.25 -32.03
C LEU T 458 -58.27 11.78 -31.77
N ASN T 459 -58.86 11.15 -32.79
CA ASN T 459 -60.20 10.60 -32.69
C ASN T 459 -60.13 9.19 -32.11
N LEU T 460 -60.69 9.02 -30.90
CA LEU T 460 -60.68 7.73 -30.24
C LEU T 460 -61.93 6.90 -30.53
N ALA T 461 -62.80 7.37 -31.43
CA ALA T 461 -64.03 6.64 -31.71
C ALA T 461 -63.81 5.17 -32.03
N SER T 462 -62.70 4.82 -32.70
CA SER T 462 -62.54 3.42 -33.14
C SER T 462 -61.99 2.53 -32.03
N TRP T 463 -61.85 3.08 -30.83
CA TRP T 463 -61.58 2.31 -29.63
C TRP T 463 -62.86 1.99 -28.86
N ARG T 464 -64.01 2.51 -29.28
CA ARG T 464 -65.24 2.22 -28.55
C ARG T 464 -65.67 0.77 -28.68
N GLU T 465 -66.25 0.20 -27.61
CA GLU T 465 -66.90 -1.15 -27.63
C GLU T 465 -68.32 -1.21 -27.05
N CYS U 2 0.23 -8.51 -28.05
CA CYS U 2 0.72 -9.25 -29.23
C CYS U 2 1.99 -8.60 -29.82
N PRO U 3 3.09 -9.35 -29.95
CA PRO U 3 4.32 -8.73 -30.46
C PRO U 3 4.17 -8.22 -31.89
N GLU U 4 4.91 -7.13 -32.18
CA GLU U 4 4.85 -6.47 -33.48
C GLU U 4 5.15 -7.43 -34.63
N GLN U 5 6.08 -8.37 -34.41
CA GLN U 5 6.40 -9.43 -35.38
C GLN U 5 6.36 -10.78 -34.66
N ASP U 6 6.31 -11.88 -35.44
CA ASP U 6 6.26 -13.16 -34.77
C ASP U 6 6.78 -14.39 -35.50
N LYS U 7 6.69 -14.45 -36.84
CA LYS U 7 7.18 -15.61 -37.61
C LYS U 7 6.31 -16.86 -37.59
N TYR U 8 5.82 -17.31 -36.42
CA TYR U 8 5.08 -18.57 -36.32
C TYR U 8 3.76 -18.42 -35.55
N ARG U 9 2.86 -19.37 -35.82
CA ARG U 9 1.65 -19.48 -35.03
C ARG U 9 1.98 -19.72 -33.57
N THR U 10 1.15 -19.16 -32.70
CA THR U 10 1.08 -19.61 -31.33
C THR U 10 0.29 -20.93 -31.25
N ILE U 11 0.55 -21.66 -30.17
CA ILE U 11 -0.15 -22.91 -29.96
C ILE U 11 -1.63 -22.66 -29.68
N THR U 12 -1.95 -21.60 -28.91
CA THR U 12 -3.32 -21.35 -28.49
C THR U 12 -4.15 -20.61 -29.52
N GLY U 13 -3.54 -20.15 -30.60
CA GLY U 13 -4.25 -19.32 -31.56
C GLY U 13 -4.30 -17.84 -31.22
N MET U 14 -3.86 -17.44 -30.02
CA MET U 14 -3.81 -16.02 -29.68
C MET U 14 -2.92 -15.26 -30.65
N CYS U 15 -3.31 -14.02 -30.93
CA CYS U 15 -2.58 -13.09 -31.76
C CYS U 15 -2.64 -13.42 -33.23
N ASN U 16 -3.52 -14.29 -33.66
CA ASN U 16 -3.69 -14.45 -35.09
C ASN U 16 -4.32 -13.19 -35.66
N ASN U 17 -5.38 -12.72 -35.01
CA ASN U 17 -6.01 -11.45 -35.35
C ASN U 17 -5.44 -10.41 -34.40
N ARG U 18 -4.58 -9.53 -34.91
CA ARG U 18 -3.97 -8.56 -34.01
C ARG U 18 -4.99 -7.58 -33.43
N ARG U 19 -6.14 -7.34 -34.08
CA ARG U 19 -7.05 -6.34 -33.54
C ARG U 19 -7.96 -6.90 -32.47
N SER U 20 -8.27 -8.19 -32.52
CA SER U 20 -9.06 -8.88 -31.49
C SER U 20 -8.33 -10.19 -31.20
N PRO U 21 -7.33 -10.17 -30.30
CA PRO U 21 -6.37 -11.28 -30.26
C PRO U 21 -6.92 -12.63 -29.83
N THR U 22 -8.15 -12.74 -29.31
CA THR U 22 -8.68 -14.05 -28.95
C THR U 22 -9.47 -14.71 -30.09
N LEU U 23 -9.72 -14.05 -31.21
CA LEU U 23 -10.58 -14.68 -32.20
C LEU U 23 -9.86 -15.87 -32.77
N GLY U 24 -10.50 -17.03 -32.71
CA GLY U 24 -9.93 -18.27 -33.13
C GLY U 24 -9.09 -18.96 -32.09
N ALA U 25 -8.84 -18.31 -30.96
CA ALA U 25 -8.00 -18.93 -29.96
C ALA U 25 -8.79 -19.94 -29.18
N SER U 26 -8.07 -20.81 -28.48
CA SER U 26 -8.67 -21.92 -27.75
C SER U 26 -9.33 -21.45 -26.46
N ASN U 27 -10.33 -22.23 -26.00
CA ASN U 27 -11.01 -22.03 -24.71
C ASN U 27 -11.70 -20.67 -24.67
N ARG U 28 -12.40 -20.38 -25.73
CA ARG U 28 -13.24 -19.22 -25.82
C ARG U 28 -14.59 -19.67 -26.31
N ALA U 29 -15.57 -18.80 -26.18
CA ALA U 29 -16.93 -19.15 -26.57
C ALA U 29 -17.09 -19.22 -28.08
N PHE U 30 -17.97 -20.11 -28.53
CA PHE U 30 -18.33 -20.13 -29.93
C PHE U 30 -18.96 -18.80 -30.32
N VAL U 31 -19.04 -18.56 -31.59
CA VAL U 31 -19.80 -17.41 -32.07
C VAL U 31 -21.18 -17.92 -32.49
N ARG U 32 -22.17 -17.05 -32.34
CA ARG U 32 -23.54 -17.38 -32.70
C ARG U 32 -23.91 -16.68 -33.99
N TRP U 33 -24.17 -17.46 -35.04
CA TRP U 33 -24.70 -16.92 -36.28
C TRP U 33 -26.21 -16.64 -36.20
N LEU U 34 -26.90 -17.17 -35.20
CA LEU U 34 -28.29 -16.88 -34.89
C LEU U 34 -28.49 -16.87 -33.38
N PRO U 35 -29.43 -16.08 -32.86
CA PRO U 35 -29.65 -16.11 -31.42
C PRO U 35 -30.18 -17.45 -30.92
N ALA U 36 -29.73 -17.83 -29.74
CA ALA U 36 -30.04 -19.16 -29.24
C ALA U 36 -31.51 -19.29 -28.90
N GLU U 37 -31.99 -20.54 -28.93
CA GLU U 37 -33.37 -20.91 -28.61
C GLU U 37 -33.36 -21.94 -27.49
N TYR U 38 -33.72 -21.50 -26.30
CA TYR U 38 -33.88 -22.29 -25.11
C TYR U 38 -35.31 -22.16 -24.53
N GLU U 39 -35.72 -23.18 -23.81
CA GLU U 39 -37.08 -23.29 -23.27
C GLU U 39 -37.43 -22.10 -22.40
N ASP U 40 -36.49 -21.60 -21.62
CA ASP U 40 -36.70 -20.46 -20.74
C ASP U 40 -36.08 -19.20 -21.31
N GLY U 41 -35.66 -19.21 -22.56
CA GLY U 41 -35.14 -18.02 -23.20
C GLY U 41 -33.63 -17.85 -23.11
N PHE U 42 -33.00 -18.41 -22.08
CA PHE U 42 -31.57 -18.23 -21.87
C PHE U 42 -30.73 -19.43 -21.36
N SER U 43 -31.29 -20.57 -20.95
CA SER U 43 -30.43 -21.61 -20.44
C SER U 43 -30.90 -23.05 -20.62
N LEU U 44 -32.19 -23.31 -20.40
CA LEU U 44 -32.66 -24.70 -20.34
C LEU U 44 -33.00 -25.23 -21.71
N PRO U 45 -32.65 -26.46 -22.01
CA PRO U 45 -32.84 -26.95 -23.36
C PRO U 45 -34.26 -27.44 -23.57
N TYR U 46 -34.70 -27.35 -24.83
CA TYR U 46 -35.99 -27.93 -25.20
C TYR U 46 -35.99 -29.42 -24.94
N GLY U 47 -37.03 -29.87 -24.25
CA GLY U 47 -37.14 -31.23 -23.78
C GLY U 47 -36.84 -31.35 -22.30
N TRP U 48 -36.55 -30.24 -21.63
CA TRP U 48 -36.14 -30.34 -20.24
C TRP U 48 -37.35 -30.49 -19.33
N THR U 49 -38.21 -29.57 -19.41
CA THR U 49 -39.38 -29.59 -18.56
C THR U 49 -40.48 -30.41 -19.22
N PRO U 50 -41.06 -31.40 -18.54
CA PRO U 50 -42.18 -32.14 -19.17
C PRO U 50 -43.34 -31.21 -19.48
N GLY U 51 -43.92 -31.41 -20.69
CA GLY U 51 -45.15 -30.76 -21.07
C GLY U 51 -44.95 -29.42 -21.72
N VAL U 52 -43.75 -28.87 -21.64
CA VAL U 52 -43.44 -27.61 -22.27
C VAL U 52 -43.16 -27.85 -23.75
N LYS U 53 -43.81 -27.07 -24.59
CA LYS U 53 -43.71 -27.24 -26.02
C LYS U 53 -42.72 -26.28 -26.63
N ARG U 54 -42.40 -26.54 -27.89
CA ARG U 54 -41.56 -25.68 -28.70
C ARG U 54 -42.47 -25.15 -29.80
N ASN U 55 -42.66 -23.83 -29.83
CA ASN U 55 -43.52 -23.19 -30.83
C ASN U 55 -44.86 -23.87 -30.94
N GLY U 56 -45.42 -24.23 -29.80
CA GLY U 56 -46.72 -24.84 -29.75
C GLY U 56 -46.74 -26.33 -29.99
N PHE U 57 -45.64 -26.91 -30.46
CA PHE U 57 -45.66 -28.33 -30.70
C PHE U 57 -44.84 -29.09 -29.67
N PRO U 58 -45.27 -30.29 -29.31
CA PRO U 58 -44.47 -31.13 -28.42
C PRO U 58 -43.06 -31.38 -28.94
N VAL U 59 -42.13 -31.58 -28.00
CA VAL U 59 -40.74 -31.84 -28.33
C VAL U 59 -40.56 -33.36 -28.52
N ALA U 60 -40.08 -33.75 -29.68
CA ALA U 60 -39.96 -35.15 -30.02
C ALA U 60 -38.72 -35.74 -29.35
N LEU U 61 -38.89 -36.81 -28.59
CA LEU U 61 -37.75 -37.49 -28.01
C LEU U 61 -36.73 -37.77 -29.11
N ALA U 62 -35.50 -37.33 -28.88
CA ALA U 62 -34.41 -37.56 -29.83
C ALA U 62 -34.32 -39.02 -30.16
N ARG U 63 -34.52 -39.87 -29.19
CA ARG U 63 -34.38 -41.29 -29.45
C ARG U 63 -35.54 -41.78 -30.30
N ALA U 64 -36.75 -41.21 -30.12
CA ALA U 64 -37.86 -41.54 -31.00
C ALA U 64 -37.59 -41.10 -32.43
N VAL U 65 -37.09 -39.89 -32.62
CA VAL U 65 -36.78 -39.46 -33.98
C VAL U 65 -35.80 -40.46 -34.61
N SER U 66 -34.72 -40.78 -33.90
CA SER U 66 -33.73 -41.73 -34.41
C SER U 66 -34.36 -43.05 -34.81
N ASN U 67 -35.21 -43.60 -33.93
CA ASN U 67 -35.87 -44.87 -34.21
C ASN U 67 -36.69 -44.79 -35.48
N GLU U 68 -37.33 -43.66 -35.71
CA GLU U 68 -38.34 -43.63 -36.77
C GLU U 68 -37.77 -43.19 -38.08
N ILE U 69 -36.68 -42.43 -38.07
CA ILE U 69 -36.21 -41.81 -39.29
C ILE U 69 -34.83 -42.29 -39.65
N VAL U 70 -34.03 -42.67 -38.65
CA VAL U 70 -32.60 -42.90 -38.88
C VAL U 70 -32.30 -44.39 -39.06
N ARG U 71 -33.08 -45.23 -38.44
CA ARG U 71 -32.86 -46.67 -38.45
C ARG U 71 -33.11 -47.28 -39.82
N PHE U 72 -32.25 -48.24 -40.22
CA PHE U 72 -32.46 -49.04 -41.41
C PHE U 72 -31.69 -50.34 -41.26
N PRO U 73 -32.02 -51.37 -42.05
CA PRO U 73 -31.34 -52.68 -41.88
C PRO U 73 -29.93 -52.72 -42.45
N THR U 74 -28.98 -53.12 -41.59
CA THR U 74 -27.55 -52.95 -41.87
C THR U 74 -27.13 -53.60 -43.18
N ASP U 75 -27.70 -54.76 -43.52
CA ASP U 75 -27.18 -55.47 -44.68
C ASP U 75 -27.63 -54.86 -46.00
N GLN U 76 -28.47 -53.83 -45.96
CA GLN U 76 -28.96 -53.18 -47.17
C GLN U 76 -28.19 -51.89 -47.43
N LEU U 77 -27.03 -51.76 -46.82
CA LEU U 77 -26.27 -50.52 -46.91
C LEU U 77 -25.81 -50.29 -48.34
N THR U 78 -25.80 -49.02 -48.74
CA THR U 78 -25.43 -48.64 -50.10
C THR U 78 -23.99 -48.14 -50.14
N PRO U 79 -23.08 -48.79 -50.83
CA PRO U 79 -21.72 -48.25 -50.96
C PRO U 79 -21.68 -47.03 -51.86
N ASP U 80 -20.78 -46.13 -51.54
CA ASP U 80 -20.56 -44.94 -52.35
C ASP U 80 -19.54 -45.29 -53.43
N GLN U 81 -19.99 -45.41 -54.65
CA GLN U 81 -19.01 -45.80 -55.65
C GLN U 81 -18.04 -44.66 -55.98
N GLU U 82 -18.21 -43.48 -55.39
CA GLU U 82 -17.37 -42.34 -55.74
C GLU U 82 -16.63 -41.73 -54.54
N ARG U 83 -16.69 -42.37 -53.39
CA ARG U 83 -15.99 -41.91 -52.20
C ARG U 83 -15.37 -43.12 -51.56
N SER U 84 -14.21 -42.94 -50.93
CA SER U 84 -13.55 -43.96 -50.14
C SER U 84 -13.82 -43.68 -48.67
N LEU U 85 -13.62 -44.69 -47.83
CA LEU U 85 -13.72 -44.49 -46.39
C LEU U 85 -12.73 -43.41 -45.94
N MET U 86 -11.63 -43.22 -46.66
CA MET U 86 -10.67 -42.17 -46.29
C MET U 86 -11.33 -40.78 -46.33
N PHE U 87 -12.35 -40.60 -47.18
CA PHE U 87 -13.19 -39.40 -47.18
C PHE U 87 -13.89 -39.22 -45.85
N MET U 88 -14.43 -40.30 -45.29
CA MET U 88 -15.08 -40.19 -43.99
C MET U 88 -14.06 -39.76 -42.94
N GLN U 89 -12.87 -40.38 -42.97
CA GLN U 89 -11.92 -40.25 -41.85
C GLN U 89 -11.15 -38.94 -41.85
N TRP U 90 -10.88 -38.38 -43.02
CA TRP U 90 -10.32 -37.02 -43.05
C TRP U 90 -11.28 -36.02 -42.40
N GLY U 91 -12.58 -36.24 -42.59
CA GLY U 91 -13.57 -35.37 -41.98
C GLY U 91 -13.49 -35.36 -40.47
N GLN U 92 -13.46 -36.53 -39.86
CA GLN U 92 -13.25 -36.63 -38.42
C GLN U 92 -11.90 -36.03 -38.00
N LEU U 93 -10.82 -36.43 -38.67
CA LEU U 93 -9.52 -35.82 -38.36
C LEU U 93 -9.63 -34.32 -38.47
N LEU U 94 -10.26 -33.83 -39.52
CA LEU U 94 -10.34 -32.40 -39.70
C LEU U 94 -11.22 -31.78 -38.64
N ASP U 95 -12.30 -32.48 -38.25
CA ASP U 95 -13.21 -31.94 -37.26
C ASP U 95 -12.47 -31.72 -35.97
N HIS U 96 -11.54 -32.59 -35.65
CA HIS U 96 -10.77 -32.52 -34.43
C HIS U 96 -9.65 -31.49 -34.48
N ASP U 97 -9.47 -30.79 -35.60
CA ASP U 97 -8.59 -29.64 -35.69
C ASP U 97 -9.35 -28.34 -35.48
N LEU U 98 -10.68 -28.36 -35.64
CA LEU U 98 -11.53 -27.19 -35.55
C LEU U 98 -12.30 -27.05 -34.24
N ASP U 99 -12.99 -28.08 -33.72
CA ASP U 99 -13.78 -27.86 -32.51
C ASP U 99 -13.79 -29.06 -31.56
N PHE U 100 -13.76 -28.74 -30.27
CA PHE U 100 -14.03 -29.69 -29.20
C PHE U 100 -14.77 -28.95 -28.11
N THR U 101 -16.00 -29.36 -27.86
CA THR U 101 -16.88 -28.76 -26.89
C THR U 101 -16.78 -29.52 -25.59
N PRO U 102 -16.15 -28.96 -24.55
CA PRO U 102 -15.94 -29.71 -23.32
C PRO U 102 -17.21 -29.92 -22.52
N GLU U 103 -17.25 -31.04 -21.79
CA GLU U 103 -18.29 -31.46 -20.87
C GLU U 103 -17.70 -31.64 -19.49
N PRO U 104 -18.47 -31.48 -18.41
CA PRO U 104 -17.89 -31.74 -17.11
C PRO U 104 -17.46 -33.18 -17.02
N ALA U 105 -16.39 -33.42 -16.28
CA ALA U 105 -15.91 -34.76 -15.98
C ALA U 105 -16.66 -35.30 -14.77
N ALA U 106 -16.96 -36.60 -14.79
CA ALA U 106 -17.50 -37.25 -13.59
C ALA U 106 -16.63 -36.93 -12.33
N VAL V 1 -24.16 -34.77 -10.08
CA VAL V 1 -24.87 -36.02 -10.42
C VAL V 1 -23.97 -36.69 -11.46
N ASN V 2 -23.66 -37.99 -11.31
CA ASN V 2 -22.84 -38.66 -12.29
C ASN V 2 -23.70 -39.06 -13.49
N CYS V 3 -23.55 -38.37 -14.60
CA CYS V 3 -24.51 -38.57 -15.68
C CYS V 3 -24.35 -39.90 -16.38
N GLU V 4 -23.24 -40.64 -16.13
CA GLU V 4 -23.04 -41.88 -16.86
C GLU V 4 -23.84 -43.02 -16.24
N THR V 5 -24.13 -42.97 -14.95
CA THR V 5 -24.91 -44.00 -14.28
C THR V 5 -26.34 -43.58 -13.95
N SER V 6 -26.56 -42.31 -13.68
CA SER V 6 -27.87 -41.83 -13.24
C SER V 6 -28.77 -41.51 -14.42
N CYS V 7 -30.07 -41.66 -14.17
CA CYS V 7 -31.10 -41.18 -15.09
C CYS V 7 -31.86 -39.97 -14.52
N VAL V 8 -31.47 -39.48 -13.34
CA VAL V 8 -32.14 -38.32 -12.77
C VAL V 8 -31.72 -37.08 -13.53
N GLN V 9 -32.68 -36.24 -13.86
CA GLN V 9 -32.40 -35.07 -14.69
C GLN V 9 -32.11 -33.90 -13.77
N GLN V 10 -30.84 -33.70 -13.50
CA GLN V 10 -30.36 -32.64 -12.63
C GLN V 10 -29.08 -32.13 -13.25
N PRO V 11 -28.75 -30.86 -13.07
CA PRO V 11 -27.50 -30.33 -13.59
C PRO V 11 -26.33 -31.13 -13.05
N PRO V 12 -25.36 -31.47 -13.89
CA PRO V 12 -25.22 -31.12 -15.31
C PRO V 12 -25.76 -32.09 -16.34
N CYS V 13 -26.66 -33.01 -15.99
CA CYS V 13 -27.09 -34.11 -16.86
C CYS V 13 -28.36 -33.74 -17.61
N PHE V 14 -28.51 -34.28 -18.84
CA PHE V 14 -29.70 -34.11 -19.67
C PHE V 14 -29.98 -35.44 -20.37
N PRO V 15 -30.36 -36.47 -19.63
CA PRO V 15 -30.42 -37.79 -20.23
C PRO V 15 -31.57 -37.89 -21.20
N LEU V 16 -31.34 -38.68 -22.25
CA LEU V 16 -32.33 -38.93 -23.29
C LEU V 16 -33.28 -39.99 -22.81
N LYS V 17 -34.56 -39.71 -22.95
CA LYS V 17 -35.57 -40.61 -22.45
C LYS V 17 -35.83 -41.65 -23.53
N ILE V 18 -36.20 -42.83 -23.04
CA ILE V 18 -36.53 -43.97 -23.89
C ILE V 18 -38.02 -43.88 -24.25
N PRO V 19 -38.35 -43.90 -25.51
CA PRO V 19 -39.74 -43.97 -25.92
C PRO V 19 -40.31 -45.37 -25.75
N PRO V 20 -41.65 -45.48 -25.71
CA PRO V 20 -42.30 -46.81 -25.76
C PRO V 20 -42.01 -47.55 -27.06
N ASN V 21 -41.93 -48.86 -26.96
CA ASN V 21 -41.66 -49.74 -28.12
C ASN V 21 -40.33 -49.43 -28.79
N ASP V 22 -39.34 -49.04 -28.00
CA ASP V 22 -38.01 -48.91 -28.54
C ASP V 22 -37.54 -50.28 -29.00
N PRO V 23 -36.85 -50.37 -30.14
CA PRO V 23 -36.43 -51.68 -30.66
C PRO V 23 -35.36 -52.37 -29.85
N ARG V 24 -34.65 -51.66 -28.98
CA ARG V 24 -33.50 -52.21 -28.24
C ARG V 24 -33.64 -52.17 -26.74
N ILE V 25 -34.15 -51.05 -26.20
CA ILE V 25 -34.21 -50.75 -24.77
C ILE V 25 -35.66 -50.88 -24.33
N LYS V 26 -36.04 -52.04 -23.82
CA LYS V 26 -37.44 -52.26 -23.50
C LYS V 26 -37.87 -51.65 -22.19
N ASN V 27 -36.90 -51.22 -21.38
CA ASN V 27 -37.11 -50.65 -20.05
C ASN V 27 -37.16 -49.14 -20.17
N GLN V 28 -38.35 -48.54 -19.99
CA GLN V 28 -38.50 -47.09 -20.11
C GLN V 28 -37.99 -46.31 -18.92
N ALA V 29 -37.73 -46.96 -17.79
CA ALA V 29 -37.03 -46.34 -16.68
C ALA V 29 -35.55 -46.17 -16.96
N ASP V 30 -35.05 -46.75 -18.03
CA ASP V 30 -33.67 -46.55 -18.41
C ASP V 30 -33.53 -45.21 -19.14
N CYS V 31 -32.32 -44.92 -19.60
CA CYS V 31 -32.06 -43.73 -20.36
C CYS V 31 -30.71 -43.86 -21.02
N ILE V 32 -30.48 -43.03 -22.02
CA ILE V 32 -29.16 -42.91 -22.62
C ILE V 32 -28.42 -41.77 -21.97
N PRO V 33 -27.19 -41.97 -21.46
CA PRO V 33 -26.49 -40.89 -20.74
C PRO V 33 -26.05 -39.71 -21.60
N PHE V 34 -25.97 -38.54 -20.95
CA PHE V 34 -25.70 -37.30 -21.65
C PHE V 34 -25.34 -36.19 -20.66
N PHE V 35 -24.19 -35.57 -20.88
CA PHE V 35 -23.71 -34.41 -20.10
C PHE V 35 -23.94 -33.15 -20.89
N ARG V 36 -24.49 -32.13 -20.27
CA ARG V 36 -24.56 -30.86 -20.98
C ARG V 36 -23.17 -30.30 -21.21
N SER V 37 -22.99 -29.62 -22.31
CA SER V 37 -21.73 -28.94 -22.53
C SER V 37 -21.53 -27.84 -21.50
N CSO V 38 -20.27 -27.59 -21.18
CA CSO V 38 -19.94 -26.55 -20.22
CB CSO V 38 -18.45 -26.54 -19.93
SG CSO V 38 -17.93 -28.03 -19.10
C CSO V 38 -20.26 -25.20 -20.75
O CSO V 38 -19.86 -24.87 -21.84
OD CSO V 38 -18.01 -27.77 -17.29
H CSO V 38 -19.60 -27.99 -21.51
HA CSO V 38 -20.43 -26.75 -19.41
HB2 CSO V 38 -18.24 -25.79 -19.36
HB3 CSO V 38 -17.95 -26.47 -20.76
HD CSO V 38 -17.77 -28.58 -16.83
N PRO V 39 -20.94 -24.40 -19.95
CA PRO V 39 -21.32 -23.06 -20.38
C PRO V 39 -20.15 -22.10 -20.25
N ALA V 40 -20.08 -21.12 -21.17
CA ALA V 40 -19.03 -20.10 -21.08
C ALA V 40 -19.17 -19.24 -19.83
N CYS V 41 -20.40 -18.96 -19.38
CA CYS V 41 -20.64 -18.11 -18.22
C CYS V 41 -21.42 -18.92 -17.19
N PRO V 42 -20.72 -19.74 -16.39
CA PRO V 42 -21.43 -20.65 -15.47
C PRO V 42 -22.29 -19.89 -14.48
N GLY V 43 -23.50 -20.40 -14.28
CA GLY V 43 -24.36 -19.91 -13.21
C GLY V 43 -25.07 -18.60 -13.48
N SER V 44 -24.98 -18.07 -14.69
CA SER V 44 -25.52 -16.74 -14.98
C SER V 44 -27.00 -16.78 -15.35
N ASN V 45 -27.72 -15.76 -14.87
CA ASN V 45 -29.09 -15.48 -15.27
C ASN V 45 -29.20 -14.34 -16.29
N ILE V 46 -28.13 -13.57 -16.50
CA ILE V 46 -28.11 -12.38 -17.37
C ILE V 46 -27.82 -12.75 -18.82
N THR V 47 -26.81 -13.58 -19.02
CA THR V 47 -26.33 -13.91 -20.35
C THR V 47 -27.05 -15.13 -20.89
N ILE V 48 -27.15 -15.17 -22.22
CA ILE V 48 -27.75 -16.31 -22.91
C ILE V 48 -26.67 -17.39 -23.02
N ARG V 49 -26.96 -18.55 -22.48
CA ARG V 49 -25.97 -19.60 -22.34
C ARG V 49 -25.35 -19.91 -23.68
N ASN V 50 -24.02 -20.00 -23.69
CA ASN V 50 -23.24 -20.37 -24.85
C ASN V 50 -22.21 -21.38 -24.40
N GLN V 51 -21.61 -22.09 -25.38
CA GLN V 51 -20.69 -23.18 -25.13
C GLN V 51 -19.27 -22.79 -25.56
N ILE V 52 -18.32 -23.69 -25.28
CA ILE V 52 -16.89 -23.39 -25.38
C ILE V 52 -16.23 -24.28 -26.42
N ASN V 53 -15.28 -23.71 -27.17
CA ASN V 53 -14.40 -24.47 -28.06
C ASN V 53 -13.02 -24.53 -27.44
N ALA V 54 -12.52 -25.72 -27.21
CA ALA V 54 -11.24 -25.90 -26.51
C ALA V 54 -10.05 -25.95 -27.44
N LEU V 55 -10.29 -25.91 -28.76
CA LEU V 55 -9.30 -25.96 -29.82
C LEU V 55 -9.20 -24.65 -30.58
N THR V 56 -8.09 -24.51 -31.34
CA THR V 56 -7.96 -23.38 -32.24
C THR V 56 -8.81 -23.62 -33.47
N SER V 57 -9.67 -22.66 -33.80
CA SER V 57 -10.52 -22.86 -34.96
C SER V 57 -9.70 -23.01 -36.24
N PHE V 58 -8.52 -22.43 -36.30
CA PHE V 58 -7.75 -22.46 -37.54
C PHE V 58 -7.42 -23.88 -37.96
N VAL V 59 -7.28 -24.06 -39.27
CA VAL V 59 -6.80 -25.30 -39.86
C VAL V 59 -5.28 -25.27 -39.72
N ASP V 60 -4.77 -25.74 -38.60
CA ASP V 60 -3.39 -25.50 -38.22
C ASP V 60 -2.72 -26.74 -37.68
N ALA V 61 -3.36 -27.90 -37.82
CA ALA V 61 -2.87 -29.18 -37.31
C ALA V 61 -2.77 -29.17 -35.79
N SER V 62 -3.65 -28.41 -35.16
CA SER V 62 -3.80 -28.48 -33.71
C SER V 62 -4.14 -29.91 -33.24
N MET V 63 -4.61 -30.81 -34.10
CA MET V 63 -4.75 -32.19 -33.64
C MET V 63 -3.41 -32.89 -33.52
N VAL V 64 -2.36 -32.36 -34.15
CA VAL V 64 -1.04 -32.94 -33.96
C VAL V 64 -0.30 -32.27 -32.82
N TYR V 65 -0.37 -30.95 -32.76
CA TYR V 65 0.51 -30.13 -31.93
C TYR V 65 -0.09 -29.65 -30.60
N GLY V 66 -1.39 -29.77 -30.43
CA GLY V 66 -2.08 -29.30 -29.24
C GLY V 66 -2.64 -27.89 -29.41
N SER V 67 -3.59 -27.56 -28.55
CA SER V 67 -4.10 -26.19 -28.51
C SER V 67 -3.79 -25.47 -27.23
N GLU V 68 -3.08 -26.10 -26.31
CA GLU V 68 -2.69 -25.49 -25.04
C GLU V 68 -1.18 -25.67 -24.85
N GLU V 69 -0.51 -24.70 -24.18
CA GLU V 69 0.94 -24.67 -24.27
C GLU V 69 1.58 -25.86 -23.55
N PRO V 70 1.03 -26.33 -22.37
CA PRO V 70 1.64 -27.49 -21.67
C PRO V 70 1.54 -28.81 -22.42
N LEU V 71 0.35 -29.14 -22.92
CA LEU V 71 0.21 -30.25 -23.84
C LEU V 71 1.24 -30.17 -24.95
N ALA V 72 1.34 -29.02 -25.64
CA ALA V 72 2.28 -28.90 -26.76
C ALA V 72 3.69 -29.29 -26.35
N ARG V 73 4.14 -28.87 -25.15
CA ARG V 73 5.48 -29.23 -24.70
C ARG V 73 5.59 -30.72 -24.39
N ASN V 74 4.56 -31.29 -23.75
CA ASN V 74 4.52 -32.73 -23.52
C ASN V 74 4.60 -33.56 -24.81
N LEU V 75 4.08 -33.04 -25.91
CA LEU V 75 4.14 -33.79 -27.15
C LEU V 75 5.48 -33.69 -27.85
N ARG V 76 6.40 -32.88 -27.37
CA ARG V 76 7.66 -32.69 -28.07
C ARG V 76 8.74 -33.52 -27.42
N ASN V 77 9.69 -33.97 -28.24
CA ASN V 77 10.85 -34.71 -27.77
C ASN V 77 11.84 -33.70 -27.22
N MET V 78 12.05 -33.72 -25.90
CA MET V 78 12.96 -32.77 -25.26
C MET V 78 14.35 -33.35 -25.01
N SER V 79 14.62 -34.54 -25.51
CA SER V 79 15.90 -35.23 -25.30
C SER V 79 17.02 -34.75 -26.19
N ASN V 80 16.75 -33.85 -27.14
CA ASN V 80 17.75 -33.43 -28.11
C ASN V 80 17.23 -32.18 -28.80
N GLN V 81 18.10 -31.58 -29.62
CA GLN V 81 17.77 -30.40 -30.43
C GLN V 81 17.30 -30.76 -31.84
N LEU V 82 16.55 -31.85 -32.02
CA LEU V 82 16.18 -32.25 -33.37
C LEU V 82 14.78 -31.83 -33.77
N GLY V 83 14.01 -31.24 -32.86
CA GLY V 83 12.71 -30.71 -33.22
C GLY V 83 11.65 -31.76 -33.43
N LEU V 84 11.76 -32.91 -32.75
CA LEU V 84 10.85 -34.01 -33.00
C LEU V 84 9.66 -33.97 -32.06
N LEU V 85 8.56 -34.62 -32.47
CA LEU V 85 7.51 -34.94 -31.54
C LEU V 85 7.86 -36.25 -30.86
N ALA V 86 7.41 -36.39 -29.60
CA ALA V 86 7.66 -37.63 -28.87
C ALA V 86 6.99 -38.81 -29.54
N VAL V 87 7.62 -39.97 -29.38
CA VAL V 87 7.10 -41.24 -29.89
C VAL V 87 7.07 -42.29 -28.77
N ASN V 88 6.16 -43.25 -28.91
CA ASN V 88 6.04 -44.33 -27.95
C ASN V 88 7.39 -45.00 -27.74
N GLN V 89 7.71 -45.34 -26.48
CA GLN V 89 9.03 -45.88 -26.12
C GLN V 89 9.06 -47.40 -25.92
N ARG V 90 7.89 -48.06 -25.81
CA ARG V 90 7.82 -49.51 -25.69
C ARG V 90 7.40 -50.20 -26.98
N PHE V 91 6.65 -49.55 -27.86
CA PHE V 91 6.12 -50.25 -29.03
C PHE V 91 6.44 -49.53 -30.32
N GLN V 92 6.69 -50.32 -31.37
CA GLN V 92 6.86 -49.82 -32.71
C GLN V 92 5.96 -50.62 -33.63
N ASP V 93 5.68 -50.03 -34.82
CA ASP V 93 4.91 -50.61 -35.91
C ASP V 93 5.90 -50.94 -37.03
N ASN V 94 6.50 -52.14 -36.96
CA ASN V 94 7.53 -52.57 -37.91
C ASN V 94 8.69 -51.58 -38.04
N GLY V 95 9.16 -51.08 -36.90
CA GLY V 95 10.29 -50.18 -36.88
C GLY V 95 9.96 -48.72 -37.07
N ARG V 96 8.67 -48.37 -37.15
CA ARG V 96 8.23 -47.00 -37.30
C ARG V 96 7.46 -46.53 -36.05
N ALA V 97 7.36 -45.23 -35.90
CA ALA V 97 6.94 -44.70 -34.62
C ALA V 97 5.44 -44.87 -34.42
N LEU V 98 5.07 -45.03 -33.15
CA LEU V 98 3.68 -44.97 -32.72
C LEU V 98 3.52 -43.79 -31.77
N LEU V 99 2.30 -43.28 -31.67
CA LEU V 99 2.06 -42.18 -30.76
C LEU V 99 2.39 -42.60 -29.33
N PRO V 100 2.77 -41.66 -28.50
CA PRO V 100 3.00 -41.95 -27.10
C PRO V 100 1.70 -42.20 -26.36
N PHE V 101 1.80 -42.92 -25.23
CA PHE V 101 0.65 -43.21 -24.39
C PHE V 101 0.32 -42.01 -23.51
N ASP V 102 -0.96 -41.75 -23.33
CA ASP V 102 -1.37 -40.79 -22.32
C ASP V 102 -1.50 -41.48 -20.97
N ASN V 103 -1.52 -40.68 -19.89
CA ASN V 103 -1.75 -41.18 -18.54
C ASN V 103 -2.99 -40.48 -17.98
N LEU V 104 -4.15 -40.95 -18.41
CA LEU V 104 -5.44 -40.42 -18.03
C LEU V 104 -5.91 -41.04 -16.72
N HIS V 105 -6.78 -40.31 -16.03
CA HIS V 105 -7.48 -40.89 -14.88
C HIS V 105 -8.59 -41.83 -15.32
N ASP V 106 -9.59 -41.32 -16.08
CA ASP V 106 -10.62 -42.17 -16.68
C ASP V 106 -10.10 -42.62 -18.03
N ASP V 107 -9.44 -43.78 -18.07
CA ASP V 107 -8.93 -44.23 -19.36
C ASP V 107 -9.87 -45.26 -19.96
N PRO V 108 -10.64 -44.93 -21.00
CA PRO V 108 -11.51 -45.95 -21.59
C PRO V 108 -10.78 -47.03 -22.40
N CYS V 109 -9.55 -46.79 -22.86
CA CYS V 109 -8.97 -47.75 -23.80
C CYS V 109 -8.57 -49.05 -23.12
N LEU V 110 -8.17 -48.97 -21.85
CA LEU V 110 -7.82 -50.20 -21.12
C LEU V 110 -8.98 -51.16 -21.05
N LEU V 111 -10.20 -50.63 -21.02
CA LEU V 111 -11.41 -51.42 -20.85
C LEU V 111 -11.74 -52.26 -22.06
N THR V 112 -11.25 -51.88 -23.24
CA THR V 112 -11.65 -52.65 -24.42
C THR V 112 -11.02 -54.03 -24.43
N ASN V 113 -9.83 -54.19 -23.86
CA ASN V 113 -9.19 -55.51 -23.70
C ASN V 113 -8.42 -55.50 -22.39
N ARG V 114 -8.95 -56.18 -21.38
CA ARG V 114 -8.31 -56.15 -20.06
C ARG V 114 -6.87 -56.68 -20.14
N SER V 115 -6.68 -57.84 -20.77
CA SER V 115 -5.36 -58.49 -20.72
C SER V 115 -4.31 -57.71 -21.49
N ALA V 116 -4.71 -56.95 -22.52
CA ALA V 116 -3.75 -56.30 -23.40
C ALA V 116 -3.08 -55.11 -22.75
N ARG V 117 -3.75 -54.48 -21.79
CA ARG V 117 -3.27 -53.31 -21.05
C ARG V 117 -2.55 -52.29 -21.96
N ILE V 118 -3.30 -51.80 -22.95
CA ILE V 118 -2.75 -50.81 -23.85
C ILE V 118 -3.53 -49.52 -23.67
N PRO V 119 -2.94 -48.46 -23.14
CA PRO V 119 -3.71 -47.25 -22.84
C PRO V 119 -4.04 -46.44 -24.09
N CYS V 120 -4.80 -45.38 -23.85
CA CYS V 120 -5.08 -44.40 -24.88
C CYS V 120 -3.81 -43.60 -25.26
N PHE V 121 -3.82 -43.07 -26.47
CA PHE V 121 -2.70 -42.37 -27.07
C PHE V 121 -2.74 -40.89 -26.72
N LEU V 122 -1.56 -40.29 -26.68
CA LEU V 122 -1.40 -38.87 -26.45
C LEU V 122 -1.23 -38.19 -27.81
N ALA V 123 -2.13 -37.26 -28.13
CA ALA V 123 -2.04 -36.53 -29.38
C ALA V 123 -2.50 -35.10 -29.17
N GLY V 124 -2.37 -34.30 -30.22
CA GLY V 124 -2.82 -32.92 -30.13
C GLY V 124 -4.21 -32.81 -29.56
N ASP V 125 -5.05 -33.81 -29.82
CA ASP V 125 -6.47 -33.81 -29.47
C ASP V 125 -6.81 -35.05 -28.66
N THR V 126 -7.79 -34.91 -27.78
CA THR V 126 -8.09 -35.96 -26.80
C THR V 126 -8.88 -37.13 -27.35
N ARG V 127 -9.38 -37.07 -28.58
CA ARG V 127 -10.17 -38.17 -29.12
C ARG V 127 -9.39 -39.02 -30.12
N SER V 128 -8.06 -38.99 -30.07
CA SER V 128 -7.27 -39.69 -31.08
C SER V 128 -7.51 -41.18 -31.04
N SER V 129 -7.94 -41.73 -29.91
CA SER V 129 -8.11 -43.18 -29.79
C SER V 129 -9.54 -43.63 -30.03
N GLU V 130 -10.42 -42.72 -30.46
CA GLU V 130 -11.84 -43.06 -30.55
C GLU V 130 -12.08 -44.17 -31.56
N MET V 131 -11.22 -44.30 -32.56
CA MET V 131 -11.35 -45.26 -33.69
C MET V 131 -9.91 -45.57 -34.10
N PRO V 132 -9.56 -46.81 -34.38
CA PRO V 132 -8.20 -47.06 -34.85
C PRO V 132 -7.95 -46.38 -36.17
N GLU V 133 -9.00 -46.24 -36.97
CA GLU V 133 -8.86 -45.56 -38.25
C GLU V 133 -8.39 -44.13 -38.04
N LEU V 134 -8.98 -43.43 -37.06
CA LEU V 134 -8.54 -42.09 -36.67
C LEU V 134 -7.13 -42.12 -36.13
N THR V 135 -6.85 -43.06 -35.23
CA THR V 135 -5.51 -43.15 -34.67
C THR V 135 -4.48 -43.27 -35.78
N SER V 136 -4.81 -43.97 -36.85
CA SER V 136 -3.83 -44.18 -37.91
C SER V 136 -3.48 -42.87 -38.59
N MET V 137 -4.48 -41.99 -38.79
CA MET V 137 -4.18 -40.67 -39.36
C MET V 137 -3.33 -39.83 -38.41
N HIS V 138 -3.61 -39.83 -37.10
CA HIS V 138 -2.75 -39.06 -36.20
C HIS V 138 -1.33 -39.60 -36.26
N THR V 139 -1.19 -40.92 -36.18
CA THR V 139 0.12 -41.53 -36.21
C THR V 139 0.85 -41.16 -37.48
N LEU V 140 0.12 -41.11 -38.58
CA LEU V 140 0.73 -40.78 -39.86
C LEU V 140 1.27 -39.35 -39.87
N LEU V 141 0.53 -38.39 -39.32
CA LEU V 141 1.03 -37.00 -39.31
C LEU V 141 2.13 -36.80 -38.27
N LEU V 142 2.15 -37.61 -37.20
CA LEU V 142 3.31 -37.60 -36.31
C LEU V 142 4.58 -38.02 -37.04
N ARG V 143 4.55 -39.14 -37.77
CA ARG V 143 5.72 -39.59 -38.52
C ARG V 143 6.15 -38.55 -39.54
N GLU V 144 5.17 -37.93 -40.22
CA GLU V 144 5.48 -36.95 -41.26
C GLU V 144 6.18 -35.71 -40.66
N HIS V 145 5.75 -35.25 -39.48
CA HIS V 145 6.49 -34.16 -38.84
C HIS V 145 7.93 -34.56 -38.61
N ASN V 146 8.14 -35.73 -37.98
CA ASN V 146 9.51 -36.12 -37.70
C ASN V 146 10.34 -36.32 -38.97
N ARG V 147 9.71 -36.79 -40.06
CA ARG V 147 10.43 -36.89 -41.33
C ARG V 147 10.89 -35.52 -41.83
N LEU V 148 9.98 -34.54 -41.84
CA LEU V 148 10.35 -33.18 -42.25
C LEU V 148 11.45 -32.64 -41.36
N ALA V 149 11.31 -32.76 -40.05
CA ALA V 149 12.30 -32.15 -39.17
C ALA V 149 13.67 -32.80 -39.38
N THR V 150 13.69 -34.05 -39.82
CA THR V 150 14.95 -34.74 -40.07
C THR V 150 15.59 -34.27 -41.37
N GLU V 151 14.76 -34.09 -42.41
CA GLU V 151 15.25 -33.54 -43.66
C GLU V 151 15.74 -32.09 -43.47
N LEU V 152 15.00 -31.28 -42.73
CA LEU V 152 15.35 -29.88 -42.56
C LEU V 152 16.65 -29.73 -41.77
N LYS V 153 16.91 -30.67 -40.86
CA LYS V 153 18.20 -30.69 -40.18
C LYS V 153 19.33 -30.96 -41.19
N SER V 154 19.16 -31.93 -42.09
CA SER V 154 20.20 -32.17 -43.08
C SER V 154 20.47 -30.95 -43.95
N LEU V 155 19.47 -30.08 -44.14
CA LEU V 155 19.65 -28.93 -45.02
C LEU V 155 20.31 -27.79 -44.28
N ASN V 156 19.84 -27.55 -43.06
CA ASN V 156 20.23 -26.40 -42.24
C ASN V 156 20.74 -26.97 -40.92
N PRO V 157 22.00 -27.40 -40.87
CA PRO V 157 22.53 -27.93 -39.61
C PRO V 157 22.60 -26.89 -38.52
N ARG V 158 22.54 -25.59 -38.84
CA ARG V 158 22.72 -24.58 -37.79
C ARG V 158 21.44 -24.34 -37.00
N TRP V 159 20.32 -24.93 -37.42
CA TRP V 159 19.02 -24.67 -36.83
C TRP V 159 18.84 -25.46 -35.55
N ASP V 160 18.36 -24.81 -34.51
CA ASP V 160 18.20 -25.46 -33.23
C ASP V 160 16.87 -26.23 -33.18
N GLY V 161 16.58 -26.85 -32.04
CA GLY V 161 15.42 -27.70 -31.97
C GLY V 161 14.10 -26.96 -32.10
N GLU V 162 14.06 -25.70 -31.66
CA GLU V 162 12.81 -24.94 -31.76
C GLU V 162 12.52 -24.53 -33.20
N ARG V 163 13.53 -24.08 -33.93
CA ARG V 163 13.35 -23.75 -35.34
C ARG V 163 12.89 -24.97 -36.13
N LEU V 164 13.59 -26.09 -35.98
CA LEU V 164 13.18 -27.29 -36.70
C LEU V 164 11.75 -27.64 -36.38
N TYR V 165 11.36 -27.53 -35.12
CA TYR V 165 9.99 -27.84 -34.75
C TYR V 165 9.02 -26.89 -35.44
N GLN V 166 9.30 -25.60 -35.38
CA GLN V 166 8.35 -24.65 -35.92
C GLN V 166 8.25 -24.81 -37.42
N GLU V 167 9.38 -25.05 -38.09
CA GLU V 167 9.35 -25.13 -39.54
C GLU V 167 8.63 -26.38 -40.00
N ALA V 168 8.83 -27.50 -39.33
CA ALA V 168 8.07 -28.69 -39.71
C ALA V 168 6.59 -28.53 -39.36
N ARG V 169 6.27 -27.94 -38.20
CA ARG V 169 4.87 -27.65 -37.86
C ARG V 169 4.22 -26.79 -38.94
N LYS V 170 4.97 -25.82 -39.46
CA LYS V 170 4.43 -24.89 -40.43
C LYS V 170 4.08 -25.62 -41.72
N ILE V 171 4.93 -26.60 -42.09
CA ILE V 171 4.69 -27.37 -43.29
C ILE V 171 3.49 -28.30 -43.11
N VAL V 172 3.48 -29.06 -42.00
CA VAL V 172 2.36 -29.95 -41.74
C VAL V 172 1.06 -29.17 -41.72
N GLY V 173 1.06 -27.99 -41.13
CA GLY V 173 -0.15 -27.18 -41.12
C GLY V 173 -0.64 -26.85 -42.50
N ALA V 174 0.28 -26.51 -43.42
CA ALA V 174 -0.12 -26.21 -44.80
C ALA V 174 -0.55 -27.46 -45.56
N MET V 175 0.00 -28.64 -45.22
CA MET V 175 -0.46 -29.83 -45.90
C MET V 175 -1.91 -30.13 -45.51
N VAL V 176 -2.26 -29.96 -44.23
CA VAL V 176 -3.67 -30.12 -43.85
C VAL V 176 -4.55 -29.12 -44.60
N GLN V 177 -4.12 -27.87 -44.73
CA GLN V 177 -4.92 -26.90 -45.45
C GLN V 177 -5.02 -27.25 -46.93
N ILE V 178 -3.97 -27.84 -47.50
CA ILE V 178 -4.01 -28.08 -48.95
C ILE V 178 -4.90 -29.26 -49.25
N ILE V 179 -4.67 -30.37 -48.55
CA ILE V 179 -5.52 -31.53 -48.76
C ILE V 179 -6.98 -31.17 -48.52
N THR V 180 -7.24 -30.40 -47.47
CA THR V 180 -8.61 -30.04 -47.11
C THR V 180 -9.30 -29.18 -48.17
N TYR V 181 -8.67 -28.08 -48.59
CA TYR V 181 -9.37 -27.17 -49.48
C TYR V 181 -9.27 -27.56 -50.96
N ARG V 182 -8.30 -28.38 -51.30
CA ARG V 182 -8.10 -28.76 -52.70
C ARG V 182 -8.76 -30.08 -53.05
N ASP V 183 -8.76 -31.06 -52.13
CA ASP V 183 -9.23 -32.42 -52.36
C ASP V 183 -10.51 -32.79 -51.63
N TYR V 184 -10.64 -32.38 -50.35
CA TYR V 184 -11.77 -32.81 -49.54
C TYR V 184 -13.03 -31.98 -49.78
N LEU V 185 -12.95 -30.68 -49.49
CA LEU V 185 -14.16 -29.85 -49.50
C LEU V 185 -14.84 -29.81 -50.84
N PRO V 186 -14.15 -29.84 -51.96
CA PRO V 186 -14.86 -29.90 -53.24
C PRO V 186 -15.73 -31.13 -53.37
N LEU V 187 -15.31 -32.24 -52.74
CA LEU V 187 -16.08 -33.46 -52.73
C LEU V 187 -17.17 -33.46 -51.66
N VAL V 188 -17.10 -32.60 -50.65
CA VAL V 188 -18.24 -32.44 -49.76
C VAL V 188 -19.31 -31.59 -50.40
N LEU V 189 -18.91 -30.43 -50.89
CA LEU V 189 -19.82 -29.38 -51.32
C LEU V 189 -20.31 -29.57 -52.74
N GLY V 190 -19.55 -30.23 -53.59
CA GLY V 190 -19.89 -30.31 -55.00
C GLY V 190 -19.48 -29.04 -55.67
N PRO V 191 -19.27 -29.06 -56.99
CA PRO V 191 -18.66 -27.88 -57.64
C PRO V 191 -19.41 -26.57 -57.45
N THR V 192 -20.74 -26.54 -57.60
CA THR V 192 -21.48 -25.28 -57.57
C THR V 192 -21.34 -24.58 -56.21
N ALA V 193 -21.51 -25.34 -55.13
CA ALA V 193 -21.37 -24.77 -53.80
C ALA V 193 -19.94 -24.34 -53.54
N MET V 194 -18.98 -25.08 -54.07
CA MET V 194 -17.57 -24.77 -53.85
C MET V 194 -17.22 -23.42 -54.44
N ARG V 195 -17.60 -23.19 -55.72
CA ARG V 195 -17.44 -21.87 -56.35
C ARG V 195 -18.20 -20.80 -55.58
N LYS V 196 -19.28 -21.15 -54.89
CA LYS V 196 -20.15 -20.12 -54.32
C LYS V 196 -19.69 -19.69 -52.95
N TYR V 197 -19.21 -20.64 -52.14
CA TYR V 197 -18.81 -20.35 -50.78
C TYR V 197 -17.31 -20.27 -50.64
N LEU V 198 -16.56 -20.86 -51.55
CA LEU V 198 -15.12 -20.77 -51.54
C LEU V 198 -14.61 -20.27 -52.89
N PRO V 199 -14.93 -19.02 -53.24
CA PRO V 199 -14.31 -18.42 -54.42
C PRO V 199 -12.81 -18.32 -54.22
N THR V 200 -12.16 -17.99 -55.33
CA THR V 200 -10.70 -17.94 -55.41
C THR V 200 -10.13 -17.07 -54.30
N TYR V 201 -9.17 -17.62 -53.56
CA TYR V 201 -8.47 -16.88 -52.52
C TYR V 201 -7.79 -15.63 -53.08
N ARG V 202 -7.96 -14.52 -52.34
CA ARG V 202 -7.31 -13.23 -52.63
C ARG V 202 -6.18 -12.95 -51.62
N SER V 203 -6.54 -12.54 -50.40
CA SER V 203 -5.53 -12.19 -49.41
C SER V 203 -6.15 -12.26 -48.02
N TYR V 204 -5.28 -12.21 -47.01
CA TYR V 204 -5.73 -12.23 -45.62
C TYR V 204 -6.58 -11.01 -45.35
N ASN V 205 -7.76 -11.25 -44.76
CA ASN V 205 -8.67 -10.19 -44.38
C ASN V 205 -8.84 -10.21 -42.86
N ASP V 206 -8.22 -9.25 -42.17
CA ASP V 206 -8.31 -9.17 -40.72
C ASP V 206 -9.69 -8.78 -40.21
N SER V 207 -10.70 -8.59 -41.05
CA SER V 207 -12.05 -8.36 -40.55
C SER V 207 -12.94 -9.58 -40.67
N VAL V 208 -12.40 -10.71 -41.07
CA VAL V 208 -13.17 -11.94 -41.13
C VAL V 208 -12.98 -12.64 -39.79
N ASP V 209 -14.08 -12.80 -39.08
CA ASP V 209 -14.12 -13.52 -37.80
C ASP V 209 -13.79 -14.98 -38.04
N PRO V 210 -12.67 -15.50 -37.55
CA PRO V 210 -12.32 -16.90 -37.80
C PRO V 210 -12.96 -17.90 -36.85
N ARG V 211 -13.78 -17.46 -35.89
CA ARG V 211 -14.29 -18.38 -34.88
C ARG V 211 -15.23 -19.47 -35.42
N ILE V 212 -15.16 -20.65 -34.78
CA ILE V 212 -16.14 -21.68 -35.08
C ILE V 212 -17.50 -21.22 -34.61
N ALA V 213 -18.51 -21.42 -35.46
CA ALA V 213 -19.87 -21.05 -35.12
C ALA V 213 -20.54 -22.20 -34.39
N ASN V 214 -21.37 -21.85 -33.43
CA ASN V 214 -21.92 -22.92 -32.61
C ASN V 214 -22.59 -23.98 -33.46
N VAL V 215 -23.30 -23.54 -34.50
CA VAL V 215 -24.05 -24.49 -35.31
C VAL V 215 -23.13 -25.41 -36.08
N PHE V 216 -21.93 -24.96 -36.44
CA PHE V 216 -21.05 -25.83 -37.21
C PHE V 216 -20.72 -27.10 -36.45
N THR V 217 -20.63 -27.03 -35.13
CA THR V 217 -20.32 -28.22 -34.35
C THR V 217 -21.38 -29.29 -34.48
N ASN V 218 -22.62 -28.93 -34.81
CA ASN V 218 -23.66 -29.93 -35.14
C ASN V 218 -23.77 -30.24 -36.64
N ALA V 219 -23.79 -29.22 -37.49
CA ALA V 219 -23.85 -29.41 -38.95
C ALA V 219 -22.71 -30.29 -39.49
N PHE V 220 -21.47 -30.01 -39.09
CA PHE V 220 -20.36 -30.81 -39.61
C PHE V 220 -20.46 -32.27 -39.19
N ARG V 221 -21.37 -32.62 -38.27
CA ARG V 221 -21.59 -34.06 -38.02
C ARG V 221 -22.32 -34.77 -39.16
N TYR V 222 -22.45 -34.15 -40.33
CA TYR V 222 -22.98 -34.84 -41.50
C TYR V 222 -22.18 -36.13 -41.72
N GLY V 223 -20.92 -36.15 -41.31
CA GLY V 223 -20.04 -37.27 -41.62
C GLY V 223 -20.41 -38.58 -40.96
N HIS V 224 -21.31 -38.55 -39.99
CA HIS V 224 -21.82 -39.77 -39.35
C HIS V 224 -22.68 -40.62 -40.29
N THR V 225 -23.20 -40.03 -41.36
CA THR V 225 -23.92 -40.76 -42.40
C THR V 225 -22.97 -41.50 -43.35
N LEU V 226 -21.69 -41.20 -43.30
CA LEU V 226 -20.69 -41.87 -44.12
C LEU V 226 -20.09 -43.07 -43.42
N ILE V 227 -20.50 -43.37 -42.20
CA ILE V 227 -19.78 -44.37 -41.42
C ILE V 227 -20.26 -45.76 -41.81
N GLN V 228 -19.35 -46.60 -42.12
CA GLN V 228 -19.46 -48.00 -42.50
C GLN V 228 -19.45 -48.81 -41.20
N PRO V 229 -20.16 -49.92 -41.07
CA PRO V 229 -20.25 -50.58 -39.76
C PRO V 229 -19.09 -51.52 -39.43
N PHE V 230 -18.02 -51.53 -40.20
CA PHE V 230 -16.84 -52.31 -39.84
C PHE V 230 -15.55 -51.49 -39.98
N MET V 231 -14.50 -51.98 -39.34
CA MET V 231 -13.12 -51.63 -39.64
C MET V 231 -12.51 -52.67 -40.59
N PHE V 232 -12.17 -52.24 -41.80
CA PHE V 232 -11.56 -53.13 -42.77
C PHE V 232 -10.04 -53.04 -42.68
N ARG V 233 -9.39 -54.19 -42.60
CA ARG V 233 -7.95 -54.30 -42.66
C ARG V 233 -7.55 -55.18 -43.82
N LEU V 234 -6.58 -54.71 -44.62
CA LEU V 234 -6.10 -55.38 -45.82
C LEU V 234 -4.59 -55.51 -45.75
N ASP V 235 -4.07 -56.59 -46.35
CA ASP V 235 -2.64 -56.90 -46.32
C ASP V 235 -1.94 -56.28 -47.54
N ASN V 236 -0.65 -56.54 -47.73
CA ASN V 236 0.12 -55.83 -48.75
C ASN V 236 -0.42 -56.08 -50.17
N ARG V 237 -1.27 -57.09 -50.36
CA ARG V 237 -1.91 -57.37 -51.64
C ARG V 237 -3.36 -56.87 -51.71
N TYR V 238 -3.80 -56.10 -50.72
CA TYR V 238 -5.16 -55.55 -50.64
C TYR V 238 -6.21 -56.65 -50.49
N GLN V 239 -5.81 -57.76 -49.95
CA GLN V 239 -6.69 -58.84 -49.56
C GLN V 239 -6.95 -58.79 -48.06
N PRO V 240 -8.06 -59.36 -47.61
CA PRO V 240 -8.38 -59.35 -46.18
C PRO V 240 -7.27 -59.98 -45.33
N MET V 241 -7.01 -59.33 -44.17
CA MET V 241 -6.04 -59.79 -43.17
C MET V 241 -6.62 -60.84 -42.24
N GLU V 242 -5.86 -61.92 -42.00
CA GLU V 242 -6.35 -63.14 -41.37
C GLU V 242 -6.78 -62.97 -39.91
N PRO V 243 -6.06 -62.16 -39.10
CA PRO V 243 -6.61 -61.83 -37.75
C PRO V 243 -7.74 -60.79 -37.81
N ASN V 244 -9.01 -61.24 -38.04
CA ASN V 244 -10.22 -60.41 -37.97
C ASN V 244 -10.24 -59.24 -38.96
N PRO V 245 -10.57 -59.51 -40.23
CA PRO V 245 -10.46 -58.46 -41.27
C PRO V 245 -11.63 -57.51 -41.37
N ARG V 246 -12.73 -57.78 -40.68
CA ARG V 246 -13.94 -56.96 -40.72
C ARG V 246 -14.48 -56.95 -39.30
N VAL V 247 -13.94 -56.07 -38.47
CA VAL V 247 -14.32 -56.00 -37.06
C VAL V 247 -15.51 -55.05 -36.98
N PRO V 248 -16.63 -55.46 -36.40
CA PRO V 248 -17.71 -54.49 -36.13
C PRO V 248 -17.15 -53.31 -35.37
N LEU V 249 -17.65 -52.11 -35.69
CA LEU V 249 -17.15 -50.89 -35.05
C LEU V 249 -17.39 -50.90 -33.55
N SER V 250 -18.47 -51.52 -33.10
CA SER V 250 -18.70 -51.60 -31.68
C SER V 250 -17.62 -52.36 -30.93
N ARG V 251 -16.63 -52.95 -31.62
CA ARG V 251 -15.51 -53.59 -30.95
C ARG V 251 -14.17 -52.92 -31.24
N VAL V 252 -14.18 -51.76 -31.89
CA VAL V 252 -12.95 -51.03 -32.18
C VAL V 252 -12.90 -49.65 -31.54
N PHE V 253 -13.97 -49.20 -30.87
CA PHE V 253 -13.93 -47.89 -30.22
C PHE V 253 -12.96 -47.93 -29.07
N PHE V 254 -12.06 -46.96 -29.00
CA PHE V 254 -11.05 -46.86 -27.95
C PHE V 254 -10.17 -48.10 -27.88
N ALA V 255 -10.15 -48.90 -28.95
CA ALA V 255 -9.38 -50.14 -28.96
C ALA V 255 -7.99 -49.86 -29.50
N SER V 256 -7.24 -49.09 -28.69
CA SER V 256 -5.85 -48.79 -29.03
C SER V 256 -5.01 -50.06 -29.12
N TRP V 257 -5.39 -51.12 -28.43
CA TRP V 257 -4.60 -52.35 -28.50
C TRP V 257 -4.57 -52.94 -29.89
N ARG V 258 -5.53 -52.62 -30.74
CA ARG V 258 -5.51 -53.17 -32.09
C ARG V 258 -4.38 -52.57 -32.90
N VAL V 259 -4.15 -51.27 -32.75
CA VAL V 259 -3.05 -50.61 -33.43
C VAL V 259 -1.71 -51.19 -32.97
N VAL V 260 -1.53 -51.30 -31.66
CA VAL V 260 -0.24 -51.73 -31.12
C VAL V 260 -0.01 -53.22 -31.39
N LEU V 261 -1.06 -54.04 -31.24
CA LEU V 261 -0.91 -55.50 -31.16
C LEU V 261 -1.45 -56.27 -32.37
N GLU V 262 -2.22 -55.65 -33.25
CA GLU V 262 -2.86 -56.35 -34.35
C GLU V 262 -2.45 -55.80 -35.71
N GLY V 263 -1.17 -55.45 -35.86
CA GLY V 263 -0.61 -55.17 -37.17
C GLY V 263 -0.18 -53.74 -37.42
N GLY V 264 -0.50 -52.79 -36.56
CA GLY V 264 -0.07 -51.42 -36.79
C GLY V 264 -1.02 -50.68 -37.70
N ILE V 265 -0.54 -49.56 -38.26
CA ILE V 265 -1.44 -48.72 -39.04
C ILE V 265 -1.51 -49.05 -40.54
N ASP V 266 -0.60 -49.86 -41.08
CA ASP V 266 -0.61 -50.10 -42.52
C ASP V 266 -1.88 -50.80 -42.98
N PRO V 267 -2.36 -51.86 -42.30
CA PRO V 267 -3.58 -52.51 -42.77
C PRO V 267 -4.80 -51.62 -42.63
N ILE V 268 -4.81 -50.78 -41.61
CA ILE V 268 -5.94 -49.89 -41.43
C ILE V 268 -5.98 -48.88 -42.56
N LEU V 269 -4.83 -48.33 -42.92
CA LEU V 269 -4.86 -47.30 -43.96
C LEU V 269 -5.26 -47.91 -45.30
N ARG V 270 -4.90 -49.15 -45.55
CA ARG V 270 -5.28 -49.73 -46.82
C ARG V 270 -6.79 -49.95 -46.88
N GLY V 271 -7.39 -50.33 -45.76
CA GLY V 271 -8.83 -50.53 -45.74
C GLY V 271 -9.57 -49.24 -46.02
N LEU V 272 -9.11 -48.13 -45.43
CA LEU V 272 -9.68 -46.83 -45.73
C LEU V 272 -9.53 -46.48 -47.21
N MET V 273 -8.41 -46.84 -47.84
CA MET V 273 -8.17 -46.42 -49.21
C MET V 273 -8.94 -47.26 -50.23
N ALA V 274 -9.14 -48.55 -49.93
CA ALA V 274 -9.70 -49.49 -50.88
C ALA V 274 -11.09 -50.00 -50.48
N THR V 275 -11.78 -49.25 -49.62
CA THR V 275 -13.15 -49.56 -49.19
C THR V 275 -14.01 -48.33 -49.47
N PRO V 276 -15.17 -48.49 -50.09
CA PRO V 276 -16.03 -47.32 -50.27
C PRO V 276 -16.62 -46.89 -48.93
N ALA V 277 -16.79 -45.58 -48.80
CA ALA V 277 -17.61 -45.00 -47.76
C ALA V 277 -19.07 -45.46 -47.89
N LYS V 278 -19.84 -45.29 -46.82
CA LYS V 278 -21.27 -45.43 -46.92
C LYS V 278 -21.86 -44.22 -47.62
N LEU V 279 -22.88 -44.46 -48.42
CA LEU V 279 -23.64 -43.39 -49.04
C LEU V 279 -24.81 -42.97 -48.13
N ASN V 280 -24.95 -41.67 -47.89
CA ASN V 280 -26.12 -41.19 -47.19
C ASN V 280 -27.31 -41.23 -48.14
N ARG V 281 -28.38 -41.93 -47.75
CA ARG V 281 -29.65 -41.97 -48.49
C ARG V 281 -30.77 -41.72 -47.47
N GLN V 282 -31.89 -41.20 -47.97
CA GLN V 282 -32.89 -40.68 -47.05
C GLN V 282 -33.59 -41.75 -46.21
N ASN V 283 -33.55 -43.01 -46.62
CA ASN V 283 -33.98 -44.11 -45.75
C ASN V 283 -32.81 -45.04 -45.40
N GLN V 284 -31.57 -44.54 -45.44
CA GLN V 284 -30.42 -45.23 -44.91
C GLN V 284 -29.47 -44.18 -44.34
N ILE V 285 -29.91 -43.48 -43.29
CA ILE V 285 -29.13 -42.34 -42.82
C ILE V 285 -27.94 -42.77 -41.98
N ALA V 286 -28.12 -43.66 -41.00
CA ALA V 286 -26.98 -44.00 -40.18
C ALA V 286 -27.06 -45.43 -39.69
N VAL V 287 -25.91 -46.07 -39.55
CA VAL V 287 -25.88 -47.50 -39.23
C VAL V 287 -26.05 -47.72 -37.73
N ASP V 288 -26.52 -48.93 -37.42
CA ASP V 288 -26.77 -49.34 -36.05
C ASP V 288 -25.49 -49.57 -35.26
N GLU V 289 -24.33 -49.72 -35.90
CA GLU V 289 -23.13 -49.78 -35.08
C GLU V 289 -22.94 -48.47 -34.33
N ILE V 290 -23.44 -47.34 -34.84
CA ILE V 290 -23.42 -46.10 -34.07
C ILE V 290 -24.79 -45.71 -33.53
N ARG V 291 -25.86 -46.31 -34.02
CA ARG V 291 -27.20 -45.94 -33.55
C ARG V 291 -27.67 -46.77 -32.37
N GLU V 292 -27.09 -47.93 -32.15
CA GLU V 292 -27.49 -48.82 -31.07
C GLU V 292 -26.34 -49.28 -30.22
N ARG V 293 -25.09 -49.25 -30.72
CA ARG V 293 -23.97 -49.92 -30.06
C ARG V 293 -22.75 -49.02 -29.90
N LEU V 294 -22.95 -47.70 -29.90
CA LEU V 294 -21.82 -46.80 -29.79
C LEU V 294 -21.22 -46.92 -28.40
N PHE V 295 -19.90 -47.09 -28.34
CA PHE V 295 -19.17 -47.13 -27.06
C PHE V 295 -19.69 -48.21 -26.11
N GLU V 296 -20.28 -49.27 -26.68
CA GLU V 296 -20.82 -50.35 -25.87
C GLU V 296 -19.82 -50.94 -24.90
N GLN V 297 -18.54 -50.94 -25.26
CA GLN V 297 -17.58 -51.64 -24.41
C GLN V 297 -17.17 -50.81 -23.22
N VAL V 298 -17.39 -49.50 -23.27
CA VAL V 298 -16.85 -48.58 -22.27
C VAL V 298 -17.94 -47.78 -21.55
N MET V 299 -19.22 -48.06 -21.81
CA MET V 299 -20.32 -47.41 -21.12
C MET V 299 -21.23 -48.49 -20.55
N ARG V 300 -22.09 -48.11 -19.62
CA ARG V 300 -23.06 -49.05 -19.12
C ARG V 300 -24.04 -49.48 -20.20
N ILE V 301 -24.24 -48.67 -21.23
CA ILE V 301 -25.23 -48.96 -22.25
C ILE V 301 -24.74 -48.39 -23.57
N GLY V 302 -25.16 -49.00 -24.66
CA GLY V 302 -24.83 -48.48 -25.96
C GLY V 302 -25.55 -47.17 -26.22
N LEU V 303 -24.83 -46.24 -26.78
CA LEU V 303 -25.43 -44.96 -27.06
C LEU V 303 -25.96 -44.93 -28.49
N ASP V 304 -26.53 -43.79 -28.88
CA ASP V 304 -27.23 -43.59 -30.15
C ASP V 304 -26.64 -42.29 -30.65
N LEU V 305 -25.73 -42.35 -31.62
CA LEU V 305 -25.06 -41.13 -32.06
C LEU V 305 -25.99 -40.15 -32.76
N PRO V 306 -26.80 -40.55 -33.74
CA PRO V 306 -27.77 -39.59 -34.28
C PRO V 306 -28.62 -38.92 -33.19
N ALA V 307 -29.07 -39.65 -32.19
CA ALA V 307 -29.91 -39.04 -31.16
C ALA V 307 -29.10 -38.12 -30.26
N LEU V 308 -27.86 -38.49 -29.93
CA LEU V 308 -26.97 -37.56 -29.25
C LEU V 308 -26.84 -36.27 -30.03
N ASN V 309 -26.60 -36.35 -31.33
CA ASN V 309 -26.49 -35.13 -32.12
C ASN V 309 -27.71 -34.23 -31.95
N MET V 310 -28.90 -34.80 -31.86
CA MET V 310 -30.12 -33.99 -31.72
C MET V 310 -30.27 -33.43 -30.30
N GLN V 311 -29.96 -34.23 -29.27
CA GLN V 311 -29.98 -33.68 -27.92
C GLN V 311 -28.96 -32.55 -27.79
N ARG V 312 -27.85 -32.69 -28.48
CA ARG V 312 -26.78 -31.71 -28.33
C ARG V 312 -27.20 -30.40 -28.94
N SER V 313 -27.88 -30.45 -30.08
CA SER V 313 -28.37 -29.21 -30.65
C SER V 313 -29.38 -28.56 -29.72
N ARG V 314 -30.16 -29.34 -28.97
CA ARG V 314 -31.05 -28.69 -28.00
C ARG V 314 -30.25 -28.17 -26.81
N ASP V 315 -29.27 -28.93 -26.33
CA ASP V 315 -28.40 -28.46 -25.26
C ASP V 315 -27.76 -27.13 -25.62
N HIS V 316 -27.38 -26.96 -26.89
CA HIS V 316 -26.68 -25.79 -27.39
C HIS V 316 -27.64 -24.69 -27.85
N GLY V 317 -28.93 -24.88 -27.60
CA GLY V 317 -29.90 -23.87 -27.98
C GLY V 317 -29.95 -23.55 -29.44
N LEU V 318 -29.63 -24.50 -30.33
CA LEU V 318 -29.65 -24.19 -31.76
C LEU V 318 -31.09 -24.04 -32.29
N PRO V 319 -31.34 -23.01 -33.10
CA PRO V 319 -32.61 -22.91 -33.82
C PRO V 319 -32.87 -24.11 -34.72
N GLY V 320 -34.12 -24.20 -35.18
CA GLY V 320 -34.59 -25.36 -35.92
C GLY V 320 -34.33 -25.21 -37.41
N TYR V 321 -34.76 -26.21 -38.16
CA TYR V 321 -34.43 -26.32 -39.57
C TYR V 321 -34.80 -25.05 -40.35
N ASN V 322 -36.03 -24.56 -40.20
CA ASN V 322 -36.40 -23.43 -41.06
C ASN V 322 -35.65 -22.15 -40.68
N ALA V 323 -35.23 -21.98 -39.44
CA ALA V 323 -34.44 -20.80 -39.13
C ALA V 323 -33.13 -20.82 -39.89
N TRP V 324 -32.55 -22.01 -40.10
CA TRP V 324 -31.24 -22.06 -40.77
C TRP V 324 -31.41 -21.99 -42.30
N ARG V 325 -32.48 -22.57 -42.85
CA ARG V 325 -32.83 -22.30 -44.23
C ARG V 325 -32.87 -20.80 -44.47
N ARG V 326 -33.61 -20.06 -43.63
CA ARG V 326 -33.72 -18.61 -43.78
C ARG V 326 -32.36 -17.92 -43.70
N PHE V 327 -31.58 -18.24 -42.66
CA PHE V 327 -30.21 -17.76 -42.54
C PHE V 327 -29.42 -17.91 -43.85
N CYS V 328 -29.61 -19.02 -44.56
CA CYS V 328 -28.83 -19.33 -45.77
C CYS V 328 -29.46 -18.80 -47.04
N GLY V 329 -30.66 -18.26 -46.95
CA GLY V 329 -31.30 -17.74 -48.14
C GLY V 329 -32.12 -18.74 -48.90
N LEU V 330 -32.38 -19.88 -48.34
CA LEU V 330 -33.16 -20.91 -48.97
C LEU V 330 -34.61 -20.82 -48.52
N PRO V 331 -35.56 -21.29 -49.30
CA PRO V 331 -36.97 -21.19 -48.89
C PRO V 331 -37.31 -22.07 -47.70
N GLN V 332 -38.37 -21.68 -46.97
CA GLN V 332 -38.76 -22.33 -45.72
C GLN V 332 -40.09 -23.05 -45.84
N PRO V 333 -40.12 -24.37 -46.03
CA PRO V 333 -41.41 -25.06 -46.14
C PRO V 333 -42.20 -25.01 -44.85
N GLU V 334 -43.51 -24.77 -44.95
CA GLU V 334 -44.36 -24.79 -43.77
C GLU V 334 -45.29 -25.99 -43.69
N THR V 335 -45.64 -26.58 -44.81
CA THR V 335 -46.59 -27.68 -44.82
C THR V 335 -45.85 -28.97 -45.10
N VAL V 336 -46.57 -30.09 -44.98
CA VAL V 336 -45.93 -31.36 -45.27
C VAL V 336 -45.67 -31.48 -46.77
N GLY V 337 -46.48 -30.82 -47.58
CA GLY V 337 -46.30 -30.87 -49.04
C GLY V 337 -45.13 -30.03 -49.52
N GLN V 338 -44.98 -28.85 -48.93
CA GLN V 338 -43.82 -28.02 -49.22
C GLN V 338 -42.54 -28.69 -48.76
N LEU V 339 -42.57 -29.36 -47.61
CA LEU V 339 -41.36 -30.06 -47.17
C LEU V 339 -41.06 -31.25 -48.07
N GLY V 340 -42.10 -31.91 -48.61
CA GLY V 340 -41.86 -33.02 -49.49
C GLY V 340 -41.21 -32.58 -50.77
N THR V 341 -41.57 -31.39 -51.23
CA THR V 341 -40.92 -30.83 -52.39
C THR V 341 -39.49 -30.44 -52.06
N VAL V 342 -39.27 -29.84 -50.91
CA VAL V 342 -37.89 -29.46 -50.57
C VAL V 342 -37.00 -30.68 -50.49
N LEU V 343 -37.48 -31.75 -49.86
CA LEU V 343 -36.71 -32.98 -49.72
C LEU V 343 -36.84 -33.91 -50.91
N ARG V 344 -37.76 -33.63 -51.85
CA ARG V 344 -38.01 -34.53 -53.00
C ARG V 344 -38.31 -35.96 -52.54
N ASN V 345 -39.10 -36.05 -51.45
CA ASN V 345 -39.41 -37.32 -50.79
C ASN V 345 -40.64 -37.04 -49.91
N LEU V 346 -41.85 -37.35 -50.40
CA LEU V 346 -42.98 -37.09 -49.50
C LEU V 346 -43.05 -38.08 -48.32
N LYS V 347 -42.53 -39.31 -48.45
CA LYS V 347 -42.52 -40.25 -47.32
C LYS V 347 -41.74 -39.69 -46.14
N LEU V 348 -40.51 -39.26 -46.39
CA LEU V 348 -39.68 -38.74 -45.32
C LEU V 348 -40.30 -37.49 -44.70
N ALA V 349 -40.90 -36.66 -45.54
CA ALA V 349 -41.54 -35.44 -45.04
C ALA V 349 -42.67 -35.77 -44.09
N ARG V 350 -43.50 -36.75 -44.43
CA ARG V 350 -44.57 -37.16 -43.51
C ARG V 350 -44.00 -37.65 -42.20
N LYS V 351 -42.91 -38.42 -42.25
CA LYS V 351 -42.31 -38.90 -41.01
C LYS V 351 -41.81 -37.75 -40.17
N LEU V 352 -41.11 -36.79 -40.77
CA LEU V 352 -40.59 -35.66 -40.01
C LEU V 352 -41.73 -34.84 -39.38
N MET V 353 -42.79 -34.60 -40.14
CA MET V 353 -43.95 -33.90 -39.57
C MET V 353 -44.62 -34.69 -38.46
N GLU V 354 -44.73 -36.01 -38.63
CA GLU V 354 -45.32 -36.84 -37.58
C GLU V 354 -44.54 -36.70 -36.28
N GLN V 355 -43.19 -36.61 -36.37
CA GLN V 355 -42.35 -36.45 -35.19
C GLN V 355 -42.40 -35.04 -34.63
N TYR V 356 -42.19 -34.06 -35.50
CA TYR V 356 -41.88 -32.70 -35.08
C TYR V 356 -43.07 -31.74 -35.15
N GLY V 357 -44.14 -32.08 -35.84
CA GLY V 357 -45.26 -31.17 -36.02
C GLY V 357 -45.11 -30.05 -37.05
N THR V 358 -43.98 -29.36 -37.04
CA THR V 358 -43.71 -28.26 -37.95
C THR V 358 -42.26 -28.34 -38.41
N PRO V 359 -41.96 -28.01 -39.67
CA PRO V 359 -40.55 -27.89 -40.06
C PRO V 359 -39.82 -26.82 -39.32
N ASN V 360 -40.49 -25.97 -38.55
CA ASN V 360 -39.74 -25.03 -37.73
C ASN V 360 -38.93 -25.71 -36.67
N ASN V 361 -39.35 -26.92 -36.24
CA ASN V 361 -38.77 -27.58 -35.06
C ASN V 361 -37.84 -28.72 -35.40
N ILE V 362 -37.65 -29.03 -36.69
CA ILE V 362 -36.70 -30.08 -37.03
C ILE V 362 -35.31 -29.67 -36.56
N ASP V 363 -34.68 -30.55 -35.80
CA ASP V 363 -33.33 -30.29 -35.34
C ASP V 363 -32.37 -30.18 -36.53
N ILE V 364 -31.43 -29.26 -36.44
CA ILE V 364 -30.58 -28.94 -37.59
C ILE V 364 -29.89 -30.17 -38.16
N TRP V 365 -29.34 -31.06 -37.30
CA TRP V 365 -28.67 -32.23 -37.87
C TRP V 365 -29.64 -33.03 -38.69
N MET V 366 -30.86 -33.20 -38.20
CA MET V 366 -31.78 -34.15 -38.85
C MET V 366 -32.27 -33.57 -40.17
N GLY V 367 -32.71 -32.30 -40.18
CA GLY V 367 -33.10 -31.71 -41.44
C GLY V 367 -31.91 -31.64 -42.40
N GLY V 368 -30.76 -31.27 -41.88
CA GLY V 368 -29.59 -31.15 -42.72
C GLY V 368 -29.26 -32.42 -43.46
N VAL V 369 -29.16 -33.54 -42.76
CA VAL V 369 -28.83 -34.78 -43.47
C VAL V 369 -30.00 -35.39 -44.24
N SER V 370 -31.24 -34.96 -43.96
CA SER V 370 -32.40 -35.43 -44.72
C SER V 370 -32.42 -34.90 -46.15
N GLU V 371 -31.82 -33.75 -46.39
CA GLU V 371 -31.94 -33.09 -47.67
C GLU V 371 -31.23 -33.87 -48.76
N PRO V 372 -31.76 -33.85 -49.97
CA PRO V 372 -31.10 -34.55 -51.07
C PRO V 372 -29.76 -33.91 -51.40
N LEU V 373 -28.81 -34.76 -51.81
CA LEU V 373 -27.43 -34.38 -52.00
C LEU V 373 -27.21 -33.50 -53.23
N LYS V 374 -26.37 -32.49 -53.08
CA LYS V 374 -25.97 -31.70 -54.24
C LYS V 374 -25.18 -32.57 -55.21
N ARG V 375 -25.31 -32.27 -56.51
CA ARG V 375 -24.55 -32.93 -57.57
C ARG V 375 -23.05 -32.94 -57.29
N LYS V 376 -22.48 -34.14 -57.30
CA LYS V 376 -21.07 -34.38 -57.00
C LYS V 376 -20.66 -33.90 -55.60
N GLY V 377 -21.62 -33.74 -54.69
CA GLY V 377 -21.31 -33.48 -53.31
C GLY V 377 -22.02 -34.48 -52.42
N ARG V 378 -21.85 -34.28 -51.11
CA ARG V 378 -22.36 -35.26 -50.14
C ARG V 378 -23.15 -34.59 -49.03
N VAL V 379 -23.57 -33.35 -49.25
CA VAL V 379 -24.51 -32.64 -48.40
C VAL V 379 -25.53 -31.98 -49.32
N GLY V 380 -26.68 -31.68 -48.76
CA GLY V 380 -27.66 -30.90 -49.48
C GLY V 380 -27.37 -29.42 -49.30
N PRO V 381 -28.27 -28.58 -49.79
CA PRO V 381 -27.95 -27.14 -49.83
C PRO V 381 -27.75 -26.50 -48.46
N LEU V 382 -28.49 -26.91 -47.43
CA LEU V 382 -28.38 -26.24 -46.14
C LEU V 382 -27.02 -26.49 -45.51
N LEU V 383 -26.60 -27.75 -45.44
CA LEU V 383 -25.26 -28.03 -44.91
C LEU V 383 -24.17 -27.45 -45.81
N ALA V 384 -24.39 -27.44 -47.11
CA ALA V 384 -23.41 -26.81 -47.99
C ALA V 384 -23.14 -25.38 -47.55
N CYS V 385 -24.20 -24.63 -47.31
CA CYS V 385 -24.05 -23.24 -46.92
C CYS V 385 -23.34 -23.12 -45.58
N ILE V 386 -23.74 -23.93 -44.59
CA ILE V 386 -23.18 -23.76 -43.25
C ILE V 386 -21.71 -24.18 -43.24
N ILE V 387 -21.42 -25.31 -43.85
CA ILE V 387 -20.05 -25.79 -43.96
C ILE V 387 -19.20 -24.84 -44.79
N GLY V 388 -19.64 -24.56 -46.01
CA GLY V 388 -18.90 -23.64 -46.86
C GLY V 388 -18.65 -22.30 -46.20
N THR V 389 -19.67 -21.72 -45.58
CA THR V 389 -19.46 -20.43 -44.95
C THR V 389 -18.37 -20.54 -43.89
N GLN V 390 -18.38 -21.63 -43.14
CA GLN V 390 -17.43 -21.76 -42.05
C GLN V 390 -16.00 -21.84 -42.58
N PHE V 391 -15.76 -22.67 -43.58
CA PHE V 391 -14.41 -22.82 -44.12
C PHE V 391 -13.94 -21.59 -44.93
N ARG V 392 -14.83 -20.81 -45.54
CA ARG V 392 -14.40 -19.52 -46.10
C ARG V 392 -13.79 -18.65 -45.02
N LYS V 393 -14.36 -18.68 -43.81
CA LYS V 393 -13.90 -17.81 -42.74
C LYS V 393 -12.57 -18.27 -42.16
N LEU V 394 -12.38 -19.57 -42.06
CA LEU V 394 -11.14 -20.10 -41.54
C LEU V 394 -10.00 -19.86 -42.50
N ARG V 395 -10.30 -19.70 -43.78
CA ARG V 395 -9.24 -19.41 -44.73
C ARG V 395 -8.98 -17.91 -44.83
N ASP V 396 -10.04 -17.09 -45.01
CA ASP V 396 -9.82 -15.66 -45.22
C ASP V 396 -9.47 -14.93 -43.93
N GLY V 397 -9.72 -15.54 -42.75
CA GLY V 397 -9.46 -14.89 -41.47
C GLY V 397 -8.23 -15.41 -40.75
N ASP V 398 -7.35 -16.06 -41.50
CA ASP V 398 -6.23 -16.84 -40.95
C ASP V 398 -4.94 -16.16 -41.42
N ARG V 399 -4.32 -15.43 -40.52
CA ARG V 399 -3.16 -14.66 -40.93
C ARG V 399 -2.04 -15.54 -41.44
N PHE V 400 -2.03 -16.82 -41.10
CA PHE V 400 -0.96 -17.74 -41.48
C PHE V 400 -1.42 -18.75 -42.54
N TRP V 401 -2.57 -18.52 -43.16
CA TRP V 401 -2.94 -19.25 -44.36
C TRP V 401 -1.75 -19.35 -45.30
N TRP V 402 -1.62 -20.49 -45.98
CA TRP V 402 -0.37 -20.83 -46.65
C TRP V 402 -0.14 -20.03 -47.92
N GLU V 403 -1.21 -19.50 -48.53
CA GLU V 403 -1.13 -18.66 -49.72
C GLU V 403 -1.08 -17.18 -49.40
N ASN V 404 -1.12 -16.80 -48.13
CA ASN V 404 -1.05 -15.39 -47.77
C ASN V 404 0.37 -14.90 -47.94
N GLU V 405 0.53 -13.72 -48.54
CA GLU V 405 1.86 -13.16 -48.75
C GLU V 405 2.60 -13.06 -47.42
N GLY V 406 3.83 -13.54 -47.40
CA GLY V 406 4.70 -13.43 -46.25
C GLY V 406 4.85 -14.73 -45.47
N VAL V 407 3.88 -15.63 -45.59
CA VAL V 407 3.95 -16.91 -44.88
C VAL V 407 5.03 -17.79 -45.49
N PHE V 408 4.93 -18.08 -46.78
CA PHE V 408 5.90 -18.87 -47.51
C PHE V 408 6.38 -18.07 -48.72
N SER V 409 7.58 -18.38 -49.20
CA SER V 409 8.03 -17.77 -50.43
C SER V 409 7.31 -18.37 -51.65
N MET V 410 7.42 -17.69 -52.79
CA MET V 410 6.84 -18.25 -54.00
C MET V 410 7.40 -19.65 -54.27
N GLN V 411 8.71 -19.84 -54.12
CA GLN V 411 9.28 -21.18 -54.30
C GLN V 411 8.64 -22.21 -53.37
N GLN V 412 8.55 -21.90 -52.09
CA GLN V 412 7.94 -22.82 -51.15
C GLN V 412 6.51 -23.14 -51.54
N ARG V 413 5.69 -22.12 -51.84
CA ARG V 413 4.32 -22.39 -52.27
C ARG V 413 4.31 -23.32 -53.48
N GLN V 414 5.17 -23.07 -54.46
CA GLN V 414 5.18 -23.91 -55.65
C GLN V 414 5.51 -25.36 -55.28
N ALA V 415 6.34 -25.58 -54.26
CA ALA V 415 6.75 -26.92 -53.85
C ALA V 415 5.65 -27.62 -53.06
N LEU V 416 4.97 -26.88 -52.19
CA LEU V 416 3.90 -27.46 -51.38
C LEU V 416 2.71 -27.85 -52.24
N ALA V 417 2.47 -27.15 -53.34
CA ALA V 417 1.35 -27.52 -54.20
C ALA V 417 1.44 -28.97 -54.68
N GLN V 418 2.64 -29.53 -54.72
CA GLN V 418 2.84 -30.91 -55.17
C GLN V 418 2.51 -31.97 -54.12
N ILE V 419 2.14 -31.59 -52.91
CA ILE V 419 1.92 -32.62 -51.90
C ILE V 419 0.57 -33.28 -52.09
N SER V 420 0.47 -34.50 -51.60
CA SER V 420 -0.78 -35.21 -51.63
C SER V 420 -0.82 -36.13 -50.41
N LEU V 421 -2.01 -36.56 -50.07
CA LEU V 421 -2.13 -37.48 -48.94
C LEU V 421 -1.55 -38.85 -49.32
N PRO V 422 -1.73 -39.34 -50.55
CA PRO V 422 -1.10 -40.63 -50.90
C PRO V 422 0.40 -40.61 -50.81
N ARG V 423 1.04 -39.52 -51.25
CA ARG V 423 2.49 -39.40 -51.09
C ARG V 423 2.90 -39.40 -49.62
N ILE V 424 2.11 -38.75 -48.76
CA ILE V 424 2.42 -38.80 -47.34
C ILE V 424 2.40 -40.23 -46.84
N ILE V 425 1.43 -41.01 -47.32
CA ILE V 425 1.32 -42.40 -46.91
C ILE V 425 2.54 -43.18 -47.35
N CYS V 426 3.05 -42.88 -48.54
CA CYS V 426 4.25 -43.55 -49.04
C CYS V 426 5.50 -43.18 -48.24
N ASP V 427 5.68 -41.88 -47.94
CA ASP V 427 6.90 -41.48 -47.24
C ASP V 427 6.99 -42.05 -45.84
N ASN V 428 5.90 -42.49 -45.24
CA ASN V 428 5.88 -42.77 -43.81
C ASN V 428 5.29 -44.13 -43.46
N THR V 429 5.15 -45.05 -44.40
CA THR V 429 4.57 -46.34 -44.04
C THR V 429 5.21 -47.40 -44.91
N GLY V 430 4.89 -48.66 -44.58
CA GLY V 430 5.34 -49.75 -45.42
C GLY V 430 4.52 -49.97 -46.68
N ILE V 431 3.47 -49.18 -46.88
CA ILE V 431 2.63 -49.32 -48.06
C ILE V 431 3.38 -48.78 -49.27
N THR V 432 3.38 -49.54 -50.38
CA THR V 432 4.04 -49.08 -51.59
C THR V 432 3.13 -48.93 -52.81
N THR V 433 1.83 -49.23 -52.65
CA THR V 433 0.82 -49.05 -53.67
C THR V 433 -0.33 -48.27 -53.04
N VAL V 434 -0.70 -47.13 -53.64
CA VAL V 434 -1.62 -46.19 -53.00
C VAL V 434 -2.61 -45.70 -54.03
N SER V 435 -3.64 -45.01 -53.54
CA SER V 435 -4.69 -44.56 -54.43
C SER V 435 -4.20 -43.43 -55.32
N LYS V 436 -4.70 -43.43 -56.55
CA LYS V 436 -4.62 -42.27 -57.42
C LYS V 436 -5.25 -41.08 -56.73
N ASN V 437 -4.73 -39.90 -57.05
CA ASN V 437 -5.46 -38.68 -56.76
C ASN V 437 -6.67 -38.57 -57.67
N ASN V 438 -7.82 -38.17 -57.12
CA ASN V 438 -8.18 -37.75 -55.74
C ASN V 438 -8.40 -38.97 -54.81
N ILE V 439 -7.62 -39.05 -53.74
CA ILE V 439 -7.67 -40.18 -52.81
C ILE V 439 -9.03 -40.32 -52.17
N PHE V 440 -9.80 -39.23 -52.08
CA PHE V 440 -11.13 -39.31 -51.51
C PHE V 440 -12.15 -39.84 -52.49
N MET V 441 -11.81 -39.85 -53.78
CA MET V 441 -12.65 -40.47 -54.79
C MET V 441 -12.19 -41.87 -55.16
N SER V 442 -10.90 -42.14 -55.14
CA SER V 442 -10.42 -43.48 -55.45
C SER V 442 -10.78 -44.46 -54.34
N ASN V 443 -11.33 -45.65 -54.71
CA ASN V 443 -11.77 -46.58 -53.69
C ASN V 443 -11.79 -48.05 -54.10
N SER V 444 -11.29 -48.42 -55.28
CA SER V 444 -11.34 -49.80 -55.73
C SER V 444 -9.95 -50.23 -56.14
N TYR V 445 -9.43 -51.31 -55.47
CA TYR V 445 -8.12 -51.87 -55.81
C TYR V 445 -8.30 -52.98 -56.83
N PRO V 446 -7.57 -52.99 -57.93
CA PRO V 446 -6.44 -52.15 -58.34
C PRO V 446 -6.76 -51.04 -59.36
N ARG V 447 -8.02 -50.97 -59.81
CA ARG V 447 -8.42 -50.00 -60.82
C ARG V 447 -7.92 -48.59 -60.51
N ASP V 448 -8.10 -48.13 -59.27
CA ASP V 448 -7.81 -46.77 -58.85
C ASP V 448 -6.47 -46.60 -58.11
N PHE V 449 -5.47 -47.48 -58.36
CA PHE V 449 -4.28 -47.56 -57.54
C PHE V 449 -3.01 -47.53 -58.37
N VAL V 450 -1.96 -46.91 -57.80
CA VAL V 450 -0.66 -46.78 -58.45
C VAL V 450 0.45 -47.03 -57.45
N ASN V 451 1.64 -47.31 -57.99
CA ASN V 451 2.82 -47.62 -57.18
C ASN V 451 3.41 -46.30 -56.69
N CYS V 452 4.04 -46.35 -55.51
CA CYS V 452 4.50 -45.10 -54.90
C CYS V 452 5.53 -44.38 -55.75
N SER V 453 6.22 -45.08 -56.65
CA SER V 453 7.32 -44.48 -57.41
C SER V 453 6.85 -43.43 -58.42
N THR V 454 5.60 -43.51 -58.87
CA THR V 454 5.02 -42.55 -59.80
C THR V 454 4.55 -41.28 -59.12
N LEU V 455 4.87 -41.12 -57.86
CA LEU V 455 4.44 -39.95 -57.08
C LEU V 455 5.67 -39.15 -56.67
N PRO V 456 5.86 -37.94 -57.15
CA PRO V 456 7.07 -37.20 -56.77
C PRO V 456 6.95 -36.72 -55.32
N ALA V 457 8.07 -36.74 -54.61
CA ALA V 457 8.07 -36.28 -53.23
C ALA V 457 8.09 -34.75 -53.14
N LEU V 458 7.96 -34.28 -51.91
CA LEU V 458 8.04 -32.87 -51.61
C LEU V 458 9.50 -32.44 -51.57
N ASN V 459 9.82 -31.36 -52.27
CA ASN V 459 11.20 -30.90 -52.40
C ASN V 459 11.40 -29.71 -51.48
N LEU V 460 12.24 -29.90 -50.46
CA LEU V 460 12.50 -28.90 -49.45
C LEU V 460 13.68 -27.98 -49.78
N ALA V 461 14.09 -27.95 -51.06
CA ALA V 461 15.25 -27.16 -51.47
C ALA V 461 15.12 -25.69 -51.08
N SER V 462 13.96 -25.08 -51.35
CA SER V 462 13.79 -23.66 -51.05
C SER V 462 13.69 -23.33 -49.56
N TRP V 463 13.71 -24.33 -48.67
CA TRP V 463 13.82 -24.12 -47.23
C TRP V 463 15.28 -24.05 -46.75
N ARG V 464 16.26 -24.10 -47.66
CA ARG V 464 17.65 -23.94 -47.28
C ARG V 464 17.96 -22.47 -47.00
N GLU V 465 18.66 -22.22 -45.89
CA GLU V 465 19.26 -20.93 -45.51
C GLU V 465 20.78 -21.02 -45.42
N ALA V 466 21.28 -22.15 -44.90
CA ALA V 466 22.70 -22.52 -44.83
C ALA V 466 23.62 -21.72 -45.75
N ALA W 1 -37.34 -0.47 -2.75
CA ALA W 1 -37.74 -1.01 -1.44
C ALA W 1 -38.01 0.13 -0.48
N ASN W 2 -37.67 1.35 -0.91
CA ASN W 2 -37.94 2.56 -0.17
C ASN W 2 -39.37 3.06 -0.40
N PHE W 3 -39.87 3.82 0.57
CA PHE W 3 -41.24 4.30 0.57
C PHE W 3 -41.28 5.58 -0.24
N LEU W 4 -42.23 5.68 -1.14
CA LEU W 4 -42.34 6.81 -2.03
C LEU W 4 -43.36 7.79 -1.49
N GLU W 5 -43.09 9.07 -1.69
CA GLU W 5 -43.98 10.09 -1.15
C GLU W 5 -45.43 9.90 -1.60
N HIS W 6 -45.64 9.59 -2.88
CA HIS W 6 -47.03 9.57 -3.34
C HIS W 6 -47.81 8.44 -2.73
N GLU W 7 -47.16 7.49 -2.05
CA GLU W 7 -47.88 6.40 -1.40
C GLU W 7 -48.49 6.80 -0.06
N LEU W 8 -48.12 7.96 0.49
CA LEU W 8 -48.84 8.48 1.64
C LEU W 8 -50.30 8.70 1.30
N SER W 9 -50.59 9.16 0.09
CA SER W 9 -51.99 9.41 -0.27
C SER W 9 -52.80 8.12 -0.22
N TYR W 10 -52.15 6.97 -0.44
CA TYR W 10 -52.80 5.67 -0.29
C TYR W 10 -53.16 5.38 1.16
N ILE W 11 -52.30 5.77 2.11
CA ILE W 11 -52.65 5.57 3.53
C ILE W 11 -53.96 6.29 3.84
N ASP W 12 -54.10 7.53 3.35
CA ASP W 12 -55.31 8.30 3.59
C ASP W 12 -56.53 7.58 3.05
N VAL W 13 -56.41 6.97 1.87
CA VAL W 13 -57.52 6.20 1.32
C VAL W 13 -57.86 4.99 2.18
N LEU W 14 -56.88 4.40 2.87
CA LEU W 14 -57.21 3.26 3.71
C LEU W 14 -57.85 3.69 5.02
N LEU W 15 -57.57 4.93 5.47
CA LEU W 15 -58.16 5.50 6.67
C LEU W 15 -59.45 6.28 6.40
N ASP W 16 -59.72 6.63 5.13
CA ASP W 16 -60.98 7.26 4.74
C ASP W 16 -62.13 6.25 4.88
N LYS W 17 -63.12 6.58 5.73
CA LYS W 17 -64.21 5.64 6.01
C LYS W 17 -65.30 5.66 4.95
N ASN W 18 -65.37 6.70 4.13
CA ASN W 18 -66.30 6.80 3.02
C ASN W 18 -65.78 6.10 1.75
N ALA W 19 -64.58 5.54 1.78
CA ALA W 19 -63.95 4.99 0.59
C ALA W 19 -64.47 3.61 0.27
N ASP W 20 -64.79 3.38 -1.00
CA ASP W 20 -65.24 2.09 -1.53
C ASP W 20 -64.51 0.93 -0.84
N GLN W 21 -65.16 -0.21 -0.63
CA GLN W 21 -64.46 -1.31 0.02
C GLN W 21 -63.48 -1.99 -0.92
N ALA W 22 -63.84 -2.12 -2.20
CA ALA W 22 -62.94 -2.76 -3.17
C ALA W 22 -61.65 -1.95 -3.36
N THR W 23 -61.74 -0.61 -3.37
CA THR W 23 -60.51 0.16 -3.55
C THR W 23 -59.59 0.00 -2.36
N LYS W 24 -60.14 -0.13 -1.15
CA LYS W 24 -59.30 -0.42 0.01
C LYS W 24 -58.67 -1.79 -0.11
N ASP W 25 -59.43 -2.78 -0.58
CA ASP W 25 -58.91 -4.13 -0.75
C ASP W 25 -57.66 -4.10 -1.65
N ASN W 26 -57.75 -3.41 -2.80
CA ASN W 26 -56.67 -3.46 -3.77
C ASN W 26 -55.42 -2.73 -3.29
N LEU W 27 -55.58 -1.68 -2.50
CA LEU W 27 -54.42 -1.02 -1.90
C LEU W 27 -53.79 -1.89 -0.82
N ARG W 28 -54.59 -2.59 -0.01
CA ARG W 28 -54.00 -3.49 0.97
C ARG W 28 -53.23 -4.61 0.27
N SER W 29 -53.70 -5.03 -0.91
CA SER W 29 -52.91 -5.94 -1.74
C SER W 29 -51.63 -5.28 -2.24
N TYR W 30 -51.73 -4.04 -2.75
CA TYR W 30 -50.53 -3.35 -3.24
C TYR W 30 -49.45 -3.29 -2.16
N PHE W 31 -49.84 -3.02 -0.92
CA PHE W 31 -48.87 -2.93 0.17
C PHE W 31 -48.54 -4.29 0.76
N ALA W 32 -49.40 -5.28 0.53
CA ALA W 32 -49.04 -6.66 0.91
C ALA W 32 -47.80 -7.16 0.15
N ASP W 33 -47.76 -6.99 -1.17
CA ASP W 33 -46.57 -7.35 -1.95
C ASP W 33 -45.35 -6.48 -1.65
N LYS W 34 -45.43 -5.57 -0.70
CA LYS W 34 -44.26 -4.89 -0.17
C LYS W 34 -43.99 -5.26 1.29
N GLY W 35 -44.63 -6.31 1.80
CA GLY W 35 -44.43 -6.77 3.17
C GLY W 35 -45.20 -5.99 4.20
N LEU W 36 -46.05 -5.06 3.79
CA LEU W 36 -46.74 -4.15 4.68
C LEU W 36 -48.18 -4.63 4.79
N HIS W 37 -48.46 -5.47 5.80
CA HIS W 37 -49.71 -6.21 5.83
C HIS W 37 -50.75 -5.58 6.75
N SER W 38 -50.56 -4.33 7.12
CA SER W 38 -51.55 -3.63 7.93
C SER W 38 -51.29 -2.14 7.86
N ILE W 39 -52.33 -1.37 8.15
CA ILE W 39 -52.22 0.09 8.14
C ILE W 39 -51.16 0.56 9.14
N LYS W 40 -51.19 0.02 10.36
CA LYS W 40 -50.12 0.37 11.31
C LYS W 40 -48.74 0.08 10.72
N ASP W 41 -48.60 -1.04 10.01
CA ASP W 41 -47.30 -1.44 9.48
C ASP W 41 -46.84 -0.52 8.35
N ILE W 42 -47.76 -0.08 7.49
CA ILE W 42 -47.41 0.83 6.40
C ILE W 42 -46.94 2.16 6.96
N ILE W 43 -47.71 2.71 7.91
CA ILE W 43 -47.35 3.93 8.61
C ILE W 43 -45.97 3.80 9.21
N ASN W 44 -45.69 2.65 9.82
CA ASN W 44 -44.38 2.40 10.40
C ASN W 44 -43.26 2.51 9.36
N LYS W 45 -43.45 1.93 8.18
CA LYS W 45 -42.44 2.02 7.13
C LYS W 45 -42.20 3.44 6.67
N ALA W 46 -43.27 4.19 6.37
CA ALA W 46 -43.12 5.56 5.94
C ALA W 46 -42.34 6.39 6.94
N LYS W 47 -42.71 6.28 8.23
CA LYS W 47 -41.99 7.01 9.29
C LYS W 47 -40.52 6.65 9.29
N GLN W 48 -40.23 5.34 9.32
CA GLN W 48 -38.84 4.91 9.31
C GLN W 48 -38.11 5.41 8.07
N ASP W 49 -38.81 5.82 7.01
CA ASP W 49 -38.15 6.33 5.82
C ASP W 49 -38.18 7.85 5.70
N GLY W 50 -38.43 8.55 6.81
CA GLY W 50 -38.25 9.99 6.90
C GLY W 50 -39.43 10.88 6.56
N PHE W 51 -40.58 10.31 6.21
CA PHE W 51 -41.74 11.13 5.90
C PHE W 51 -42.45 11.56 7.18
N ASP W 52 -43.19 12.67 7.09
CA ASP W 52 -43.93 13.16 8.24
C ASP W 52 -45.22 12.38 8.34
N VAL W 53 -45.35 11.65 9.46
CA VAL W 53 -46.45 10.74 9.74
C VAL W 53 -47.38 11.29 10.82
N SER W 54 -46.98 12.34 11.54
CA SER W 54 -47.89 13.08 12.40
C SER W 54 -49.15 13.44 11.63
N LYS W 55 -50.28 12.84 12.00
CA LYS W 55 -51.54 12.84 11.25
C LYS W 55 -52.17 11.45 11.34
N TYR W 56 -51.42 10.46 11.86
CA TYR W 56 -51.93 9.11 12.04
C TYR W 56 -51.55 8.53 13.42
N ALA X 1 -0.41 -32.58 -15.93
CA ALA X 1 -0.24 -32.87 -14.52
C ALA X 1 0.31 -34.28 -14.33
N ASN X 2 -0.37 -35.27 -14.90
CA ASN X 2 0.08 -36.66 -14.73
C ASN X 2 1.40 -36.91 -15.44
N PHE X 3 2.29 -37.64 -14.78
CA PHE X 3 3.54 -38.03 -15.42
C PHE X 3 3.26 -38.93 -16.62
N LEU X 4 4.05 -38.77 -17.69
CA LEU X 4 3.80 -39.49 -18.94
C LEU X 4 4.86 -40.56 -19.16
N GLU X 5 4.47 -41.65 -19.82
CA GLU X 5 5.38 -42.80 -19.90
C GLU X 5 6.68 -42.46 -20.62
N HIS X 6 6.61 -41.64 -21.69
CA HIS X 6 7.82 -41.30 -22.44
C HIS X 6 8.73 -40.39 -21.65
N GLU X 7 8.25 -39.77 -20.57
CA GLU X 7 9.14 -38.94 -19.77
C GLU X 7 10.11 -39.81 -18.96
N LEU X 8 9.80 -41.09 -18.76
CA LEU X 8 10.76 -42.01 -18.15
C LEU X 8 12.06 -42.07 -18.94
N SER X 9 12.00 -41.90 -20.25
CA SER X 9 13.24 -41.93 -21.02
C SER X 9 14.07 -40.68 -20.75
N TYR X 10 13.43 -39.61 -20.28
CA TYR X 10 14.19 -38.41 -19.94
C TYR X 10 14.97 -38.61 -18.64
N ILE X 11 14.42 -39.37 -17.68
CA ILE X 11 15.18 -39.79 -16.50
C ILE X 11 16.43 -40.57 -16.90
N ASP X 12 16.26 -41.57 -17.78
CA ASP X 12 17.41 -42.36 -18.25
C ASP X 12 18.55 -41.46 -18.70
N VAL X 13 18.23 -40.43 -19.48
CA VAL X 13 19.24 -39.45 -19.90
C VAL X 13 19.85 -38.73 -18.69
N LEU X 14 19.02 -38.21 -17.78
CA LEU X 14 19.54 -37.39 -16.68
C LEU X 14 20.48 -38.16 -15.76
N LEU X 15 20.47 -39.49 -15.85
CA LEU X 15 21.40 -40.32 -15.08
C LEU X 15 22.55 -40.86 -15.93
N ASP X 16 22.44 -40.79 -17.26
CA ASP X 16 23.53 -41.19 -18.17
C ASP X 16 24.72 -40.25 -17.99
N LYS X 17 25.84 -40.80 -17.52
CA LYS X 17 27.06 -40.01 -17.34
C LYS X 17 27.68 -39.56 -18.65
N ASN X 18 27.50 -40.35 -19.74
CA ASN X 18 28.01 -40.03 -21.08
C ASN X 18 27.15 -39.04 -21.84
N ALA X 19 26.07 -38.54 -21.25
CA ALA X 19 25.18 -37.62 -21.97
C ALA X 19 25.69 -36.20 -21.86
N ASP X 20 25.36 -35.41 -22.88
CA ASP X 20 25.80 -34.03 -22.94
C ASP X 20 25.20 -33.23 -21.80
N GLN X 21 25.95 -32.22 -21.35
CA GLN X 21 25.49 -31.44 -20.20
C GLN X 21 24.36 -30.48 -20.59
N ALA X 22 24.49 -29.80 -21.73
CA ALA X 22 23.42 -28.93 -22.18
C ALA X 22 22.11 -29.70 -22.43
N THR X 23 22.22 -30.99 -22.76
CA THR X 23 21.04 -31.84 -22.90
C THR X 23 20.37 -32.07 -21.55
N LYS X 24 21.15 -32.50 -20.54
CA LYS X 24 20.62 -32.70 -19.18
C LYS X 24 20.03 -31.42 -18.61
N ASP X 25 20.64 -30.28 -18.88
CA ASP X 25 20.15 -29.04 -18.28
C ASP X 25 18.83 -28.60 -18.93
N ASN X 26 18.59 -28.93 -20.20
CA ASN X 26 17.29 -28.63 -20.79
C ASN X 26 16.20 -29.54 -20.24
N LEU X 27 16.52 -30.81 -20.00
CA LEU X 27 15.53 -31.72 -19.43
C LEU X 27 15.21 -31.35 -17.97
N ARG X 28 16.20 -30.85 -17.22
CA ARG X 28 15.95 -30.34 -15.86
C ARG X 28 15.08 -29.09 -15.88
N SER X 29 15.26 -28.24 -16.89
CA SER X 29 14.45 -27.04 -17.04
C SER X 29 13.02 -27.38 -17.45
N TYR X 30 12.86 -28.39 -18.32
CA TYR X 30 11.54 -28.90 -18.66
C TYR X 30 10.81 -29.43 -17.43
N PHE X 31 11.50 -30.24 -16.62
CA PHE X 31 10.85 -30.77 -15.42
C PHE X 31 10.69 -29.71 -14.34
N ALA X 32 11.57 -28.70 -14.29
CA ALA X 32 11.36 -27.58 -13.38
C ALA X 32 10.03 -26.91 -13.66
N ASP X 33 9.74 -26.66 -14.95
CA ASP X 33 8.51 -26.00 -15.36
C ASP X 33 7.26 -26.82 -15.03
N LYS X 34 7.42 -28.04 -14.50
CA LYS X 34 6.34 -28.92 -14.04
C LYS X 34 6.41 -29.12 -12.53
N GLY X 35 7.15 -28.29 -11.83
CA GLY X 35 7.25 -28.41 -10.40
C GLY X 35 8.07 -29.57 -9.90
N LEU X 36 8.98 -30.10 -10.70
CA LEU X 36 9.88 -31.18 -10.30
C LEU X 36 11.31 -30.68 -10.42
N HIS X 37 11.97 -30.44 -9.28
CA HIS X 37 13.30 -29.79 -9.31
C HIS X 37 14.47 -30.74 -9.04
N SER X 38 14.32 -31.79 -8.24
CA SER X 38 15.36 -32.78 -8.05
C SER X 38 15.05 -34.04 -8.86
N ILE X 39 16.10 -34.80 -9.20
CA ILE X 39 15.89 -36.05 -9.92
C ILE X 39 15.08 -37.04 -9.07
N LYS X 40 15.29 -37.02 -7.76
CA LYS X 40 14.45 -37.82 -6.86
C LYS X 40 12.99 -37.41 -6.92
N ASP X 41 12.71 -36.09 -6.95
CA ASP X 41 11.34 -35.60 -7.14
C ASP X 41 10.74 -36.12 -8.44
N ILE X 42 11.52 -36.04 -9.53
CA ILE X 42 11.07 -36.53 -10.82
C ILE X 42 10.78 -38.02 -10.74
N ILE X 43 11.65 -38.78 -10.06
CA ILE X 43 11.45 -40.21 -9.92
C ILE X 43 10.19 -40.52 -9.11
N ASN X 44 9.97 -39.78 -8.03
CA ASN X 44 8.85 -40.09 -7.15
C ASN X 44 7.52 -39.68 -7.78
N LYS X 45 7.51 -38.67 -8.64
CA LYS X 45 6.28 -38.37 -9.38
C LYS X 45 5.92 -39.54 -10.27
N ALA X 46 6.91 -40.09 -10.96
CA ALA X 46 6.67 -41.22 -11.84
C ALA X 46 6.08 -42.41 -11.08
N LYS X 47 6.71 -42.82 -9.97
CA LYS X 47 6.17 -43.87 -9.11
C LYS X 47 4.74 -43.57 -8.67
N GLN X 48 4.53 -42.34 -8.21
CA GLN X 48 3.22 -41.93 -7.72
C GLN X 48 2.16 -42.11 -8.80
N ASP X 49 2.49 -41.76 -10.03
CA ASP X 49 1.55 -41.85 -11.14
C ASP X 49 1.60 -43.22 -11.84
N GLY X 50 2.05 -44.26 -11.14
CA GLY X 50 1.79 -45.61 -11.58
C GLY X 50 2.91 -46.33 -12.30
N PHE X 51 4.09 -45.70 -12.45
CA PHE X 51 5.16 -46.27 -13.24
C PHE X 51 6.16 -46.98 -12.35
N ASP X 52 6.99 -47.83 -12.99
CA ASP X 52 8.00 -48.66 -12.32
C ASP X 52 9.34 -47.92 -12.25
N VAL X 53 9.86 -47.79 -11.03
CA VAL X 53 11.00 -46.94 -10.71
C VAL X 53 12.03 -47.76 -9.94
N SER X 54 12.30 -48.97 -10.41
CA SER X 54 13.28 -49.83 -9.76
C SER X 54 14.68 -49.21 -9.82
N LYS X 55 15.15 -48.92 -11.04
CA LYS X 55 16.46 -48.32 -11.29
C LYS X 55 16.70 -46.99 -10.53
C1 NAG Y . 5.15 -76.50 17.36
C2 NAG Y . 3.99 -77.46 17.13
C3 NAG Y . 4.50 -78.88 17.08
C4 NAG Y . 5.57 -79.00 16.00
C5 NAG Y . 6.66 -77.99 16.28
C6 NAG Y . 7.81 -78.02 15.29
C7 NAG Y . 1.78 -76.73 17.82
C8 NAG Y . 0.78 -76.65 18.93
N2 NAG Y . 2.94 -77.33 18.12
O3 NAG Y . 3.36 -79.69 16.83
O4 NAG Y . 6.14 -80.30 16.02
O5 NAG Y . 6.12 -76.66 16.31
O6 NAG Y . 7.53 -77.38 14.06
O7 NAG Y . 1.56 -76.25 16.69
H2 NAG Y . 3.60 -77.23 16.26
H3 NAG Y . 4.92 -79.16 17.91
H4 NAG Y . 5.16 -78.83 15.12
H5 NAG Y . 7.04 -78.19 17.16
H61 NAG Y . 8.05 -78.95 15.12
H62 NAG Y . 8.58 -77.57 15.70
H81 NAG Y . -0.01 -76.17 18.62
H82 NAG Y . 1.17 -76.19 19.69
H83 NAG Y . 0.51 -77.56 19.21
HN2 NAG Y . 3.08 -77.65 18.96
HO3 NAG Y . 3.43 -80.03 16.01
HO6 NAG Y . 6.65 -77.26 14.00
C1 NAG Y . 5.75 -81.36 15.22
C2 NAG Y . 6.68 -82.55 15.18
C3 NAG Y . 6.21 -83.52 14.11
C4 NAG Y . 4.75 -83.88 14.32
C5 NAG Y . 3.88 -82.64 14.56
C6 NAG Y . 2.50 -82.99 15.09
C7 NAG Y . 8.83 -81.69 15.95
C8 NAG Y . 10.20 -81.25 15.56
N2 NAG Y . 8.05 -82.13 14.95
O3 NAG Y . 7.04 -84.67 14.20
O4 NAG Y . 4.25 -84.52 13.15
O5 NAG Y . 4.47 -81.77 15.54
O6 NAG Y . 2.56 -83.41 16.45
O7 NAG Y . 8.41 -81.66 17.12
H2 NAG Y . 6.64 -83.02 16.04
H3 NAG Y . 6.31 -83.12 13.22
H4 NAG Y . 4.70 -84.45 15.10
H5 NAG Y . 3.80 -82.15 13.72
H61 NAG Y . 2.13 -83.71 14.55
H62 NAG Y . 1.93 -82.21 15.02
H81 NAG Y . 10.67 -80.90 16.35
H82 NAG Y . 10.13 -80.53 14.90
H83 NAG Y . 10.69 -81.99 15.18
HN2 NAG Y . 8.39 -82.17 14.10
HO3 NAG Y . 6.56 -85.39 14.02
HO6 NAG Y . 3.34 -83.19 16.80
C1 BMA Y . 3.94 -85.96 12.98
C2 BMA Y . 3.03 -86.56 11.85
C3 BMA Y . 2.28 -87.85 12.43
C4 BMA Y . 3.28 -88.83 13.17
C5 BMA Y . 4.22 -88.09 14.20
C6 BMA Y . 5.31 -89.00 14.77
O2 BMA Y . 3.82 -86.89 10.66
O3 BMA Y . 1.49 -88.56 11.44
O4 BMA Y . 2.56 -89.83 13.88
O5 BMA Y . 4.88 -86.95 13.54
O6 BMA Y . 6.03 -88.28 15.77
H2 BMA Y . 2.26 -85.84 11.53
H3 BMA Y . 1.54 -87.52 13.16
H4 BMA Y . 3.93 -89.22 12.38
H5 BMA Y . 3.59 -87.73 15.02
H61 BMA Y . 5.97 -89.31 13.94
H62 BMA Y . 4.84 -89.90 15.18
HO2 BMA Y . 3.46 -87.72 10.31
HO3 BMA Y . 1.75 -89.49 11.50
HO4 BMA Y . 3.00 -90.64 13.63
HO6 BMA Y . 5.75 -87.36 15.71
C1 NAG Z . -20.76 -88.06 9.03
C2 NAG Z . -21.36 -88.44 7.70
C3 NAG Z . -20.86 -89.80 7.24
C4 NAG Z . -19.35 -89.91 7.38
C5 NAG Z . -18.89 -89.40 8.73
C6 NAG Z . -17.39 -89.35 8.83
C7 NAG Z . -23.56 -87.50 7.15
C8 NAG Z . -25.05 -87.60 7.34
N2 NAG Z . -22.82 -88.41 7.78
O3 NAG Z . -21.17 -89.91 5.86
O4 NAG Z . -18.87 -91.25 7.34
O5 NAG Z . -19.38 -88.08 8.93
O6 NAG Z . -17.02 -89.31 10.20
O7 NAG Z . -23.06 -86.64 6.42
H2 NAG Z . -21.07 -87.79 7.03
H3 NAG Z . -21.28 -90.50 7.78
H4 NAG Z . -18.99 -89.39 6.64
H5 NAG Z . -19.23 -89.98 9.44
H61 NAG Z . -17.06 -88.55 8.38
H62 NAG Z . -17.00 -90.15 8.41
H81 NAG Z . -25.48 -86.81 6.96
H82 NAG Z . -25.25 -87.66 8.30
H83 NAG Z . -25.38 -88.41 6.90
HN2 NAG Z . -23.24 -89.05 8.29
HO3 NAG Z . -20.80 -90.63 5.52
HO6 NAG Z . -16.27 -89.77 10.32
C1 NAG Z . -18.29 -91.66 6.16
C2 NAG Z . -17.74 -93.06 6.30
C3 NAG Z . -16.97 -93.42 5.05
C4 NAG Z . -17.96 -93.45 3.90
C5 NAG Z . -18.58 -92.07 3.73
C6 NAG Z . -19.68 -92.03 2.70
C7 NAG Z . -15.82 -92.52 7.72
C8 NAG Z . -15.10 -92.83 8.99
N2 NAG Z . -16.92 -93.22 7.49
O3 NAG Z . -16.29 -94.65 5.19
O4 NAG Z . -17.35 -93.90 2.70
O5 NAG Z . -19.16 -91.59 4.96
O6 NAG Z . -20.75 -92.90 3.05
O7 NAG Z . -15.43 -91.66 6.93
H2 NAG Z . -18.49 -93.67 6.40
H3 NAG Z . -16.27 -92.75 4.88
H4 NAG Z . -18.68 -94.09 4.10
H5 NAG Z . -17.87 -91.45 3.48
H61 NAG Z . -19.32 -92.29 1.83
H62 NAG Z . -20.03 -91.11 2.63
H81 NAG Z . -14.30 -92.29 9.05
H82 NAG Z . -14.85 -93.77 9.01
H83 NAG Z . -15.68 -92.64 9.75
HN2 NAG Z . -17.18 -93.84 8.12
HO3 NAG Z . -15.76 -94.80 4.48
HO6 NAG Z . -20.90 -92.84 3.93
C1 BMA Z . -17.41 -95.29 2.21
C2 BMA Z . -17.45 -95.44 0.68
C3 BMA Z . -17.52 -96.92 0.30
C4 BMA Z . -16.38 -97.71 1.01
C5 BMA Z . -16.34 -97.44 2.54
C6 BMA Z . -15.16 -98.23 3.28
O2 BMA Z . -16.21 -94.95 0.16
O3 BMA Z . -17.53 -97.15 -1.15
O4 BMA Z . -16.58 -99.11 0.86
O5 BMA Z . -16.27 -95.99 2.74
O6 BMA Z . -14.18 -97.33 3.84
H2 BMA Z . -18.31 -94.91 0.26
H3 BMA Z . -18.49 -97.35 0.61
H4 BMA Z . -15.45 -97.34 0.57
H5 BMA Z . -17.26 -97.78 3.04
H61 BMA Z . -14.71 -98.90 2.55
H62 BMA Z . -15.63 -98.84 4.07
HO2 BMA Z . -15.97 -94.18 0.73
HO3 BMA Z . -16.82 -96.61 -1.50
HO4 BMA Z . -15.69 -99.47 0.70
C1 MAN Z . -13.07 -97.74 4.73
C2 MAN Z . -13.37 -97.92 6.26
C3 MAN Z . -13.59 -96.53 6.94
C4 MAN Z . -12.33 -95.61 6.65
C5 MAN Z . -11.95 -95.53 5.11
C6 MAN Z . -10.58 -94.81 4.87
O2 MAN Z . -12.22 -98.50 6.95
O3 MAN Z . -13.94 -96.63 8.39
O4 MAN Z . -12.55 -94.27 7.12
O5 MAN Z . -11.90 -96.90 4.50
O6 MAN Z . -10.30 -94.86 3.49
H2 MAN Z . -14.26 -98.55 6.37
H3 MAN Z . -14.48 -96.05 6.52
H4 MAN Z . -11.49 -96.10 7.17
H5 MAN Z . -12.73 -94.98 4.58
H61 MAN Z . -9.81 -95.34 5.45
H62 MAN Z . -10.67 -93.78 5.24
HO2 MAN Z . -12.18 -98.15 7.85
HO3 MAN Z . -13.67 -95.79 8.77
HO4 MAN Z . -11.66 -93.92 7.29
HO6 MAN Z . -10.90 -95.50 3.09
C1 NAG AA . -5.88 -35.39 6.43
C2 NAG AA . -5.90 -34.21 5.49
C3 NAG AA . -6.80 -33.14 6.06
C4 NAG AA . -8.20 -33.70 6.23
C5 NAG AA . -8.19 -35.00 7.04
C6 NAG AA . -9.53 -35.70 6.99
C7 NAG AA . -3.75 -34.23 4.33
C8 NAG AA . -2.41 -33.58 4.20
N2 NAG AA . -4.57 -33.69 5.24
O3 NAG AA . -6.82 -32.03 5.18
O4 NAG AA . -8.99 -32.79 7.00
O5 NAG AA . -7.22 -35.93 6.54
O6 NAG AA . -9.93 -35.92 5.65
O7 NAG AA . -4.06 -35.19 3.64
H2 NAG AA . -6.26 -34.51 4.63
H3 NAG AA . -6.47 -32.85 6.93
H4 NAG AA . -8.58 -33.86 5.35
H5 NAG AA . -7.95 -34.78 7.96
H61 NAG AA . -10.20 -35.15 7.45
H62 NAG AA . -9.46 -36.56 7.46
H81 NAG AA . -1.86 -34.08 3.58
H82 NAG AA . -1.98 -33.55 5.08
H83 NAG AA . -2.52 -32.66 3.88
HN2 NAG AA . -4.28 -32.97 5.72
HO3 NAG AA . -7.64 -31.71 5.11
C1 NAG AA . -10.19 -32.36 6.59
C2 NAG AA . -11.02 -31.92 7.79
C3 NAG AA . -12.35 -31.35 7.31
C4 NAG AA . -12.11 -30.24 6.30
C5 NAG AA . -11.25 -30.77 5.16
C6 NAG AA . -10.88 -29.67 4.19
C7 NAG AA . -10.53 -33.21 9.85
C8 NAG AA . -10.87 -34.43 10.64
N2 NAG AA . -11.23 -33.03 8.71
O3 NAG AA . -13.05 -30.87 8.45
O4 NAG AA . -13.29 -29.70 5.73
O5 NAG AA . -10.03 -31.28 5.71
O6 NAG AA . -10.24 -28.62 4.87
O7 NAG AA . -9.67 -32.42 10.24
H2 NAG AA . -10.54 -31.21 8.26
H3 NAG AA . -12.89 -32.04 6.87
H4 NAG AA . -11.67 -29.52 6.80
H5 NAG AA . -11.72 -31.48 4.70
H61 NAG AA . -11.69 -29.34 3.77
H62 NAG AA . -10.29 -30.04 3.52
H81 NAG AA . -10.30 -34.48 11.42
H82 NAG AA . -10.74 -35.22 10.08
H83 NAG AA . -11.81 -34.38 10.92
HN2 NAG AA . -11.87 -33.64 8.51
HO3 NAG AA . -12.90 -30.00 8.55
HO6 NAG AA . -9.53 -28.94 5.31
C1 BMA AA . -13.67 -28.44 6.35
C2 BMA AA . -14.30 -27.68 5.19
C3 BMA AA . -14.90 -26.33 5.67
C4 BMA AA . -15.77 -26.45 6.93
C5 BMA AA . -15.04 -27.21 7.98
C6 BMA AA . -15.92 -27.38 9.22
O2 BMA AA . -15.37 -28.46 4.70
O3 BMA AA . -15.72 -25.75 4.65
O4 BMA AA . -16.13 -25.17 7.48
O5 BMA AA . -14.64 -28.53 7.44
O6 BMA AA . -17.06 -28.09 8.81
H2 BMA AA . -13.54 -27.47 4.42
H3 BMA AA . -14.08 -25.65 5.90
H4 BMA AA . -16.67 -27.01 6.62
H5 BMA AA . -14.11 -26.70 8.28
H61 BMA AA . -16.18 -26.39 9.62
H62 BMA AA . -15.35 -27.93 9.98
HO2 BMA AA . -15.23 -29.36 5.06
HO4 BMA AA . -16.32 -24.61 6.71
C1 MAN AA . -15.30 -24.42 4.26
C2 MAN AA . -16.51 -24.11 3.29
C3 MAN AA . -16.00 -23.32 2.08
C4 MAN AA . -14.86 -24.08 1.36
C5 MAN AA . -13.65 -24.48 2.33
C6 MAN AA . -12.54 -23.34 2.59
O2 MAN AA . -17.57 -23.29 3.93
O3 MAN AA . -15.54 -21.99 2.47
O4 MAN AA . -15.48 -25.22 0.79
O5 MAN AA . -14.14 -25.03 3.64
O6 MAN AA . -12.76 -22.63 3.86
H2 MAN AA . -16.96 -25.06 2.96
H3 MAN AA . -16.82 -23.19 1.37
H4 MAN AA . -14.37 -23.42 0.63
H5 MAN AA . -13.12 -25.30 1.82
H61 MAN AA . -12.58 -22.65 1.74
H62 MAN AA . -11.55 -23.84 2.58
HO2 MAN AA . -17.29 -22.37 3.98
HO3 MAN AA . -14.72 -22.14 2.98
HO4 MAN AA . -14.92 -25.47 0.06
HO6 MAN AA . -12.49 -23.20 4.58
C1 MAN AA . -16.94 -29.57 8.94
C2 MAN AA . -17.58 -29.95 7.65
C3 MAN AA . -19.10 -29.61 7.73
C4 MAN AA . -19.72 -30.18 9.01
C5 MAN AA . -18.84 -29.85 10.26
C6 MAN AA . -19.30 -30.54 11.57
O2 MAN AA . -17.40 -31.40 7.43
O3 MAN AA . -19.81 -30.06 6.57
O4 MAN AA . -21.00 -29.60 9.17
O5 MAN AA . -17.54 -30.29 9.98
O6 MAN AA . -19.39 -31.94 11.39
H2 MAN AA . -17.17 -29.40 6.78
H3 MAN AA . -19.20 -28.53 7.75
H4 MAN AA . -19.77 -31.28 8.92
H5 MAN AA . -18.88 -28.78 10.45
H61 MAN AA . -20.27 -30.12 11.86
H62 MAN AA . -18.57 -30.30 12.35
HO2 MAN AA . -18.14 -31.73 6.93
HO3 MAN AA . -20.73 -30.20 6.87
HO4 MAN AA . -21.58 -30.33 9.40
HO6 MAN AA . -18.64 -32.21 10.83
C1 FUC AA . -11.20 -36.61 5.52
C2 FUC AA . -11.65 -36.03 4.14
C3 FUC AA . -10.70 -36.36 2.99
C4 FUC AA . -10.52 -37.85 2.93
C5 FUC AA . -9.96 -38.32 4.27
C6 FUC AA . -9.85 -39.80 4.31
O2 FUC AA . -11.79 -34.64 4.11
O3 FUC AA . -11.25 -35.88 1.75
O4 FUC AA . -11.79 -38.48 2.64
O5 FUC AA . -10.83 -37.96 5.42
H2 FUC AA . -12.61 -36.52 3.98
H3 FUC AA . -9.71 -35.90 3.16
H4 FUC AA . -9.80 -38.11 2.14
H5 FUC AA . -8.99 -37.82 4.42
H61 FUC AA . -9.48 -40.13 5.29
H62 FUC AA . -9.15 -40.14 3.54
H63 FUC AA . -10.82 -40.26 4.12
HO2 FUC AA . -11.00 -34.31 4.60
HO3 FUC AA . -11.67 -35.02 1.97
HO4 FUC AA . -12.20 -37.93 1.96
C1 NAG BA . -24.64 -5.66 52.99
C2 NAG BA . -23.95 -4.37 52.57
C3 NAG BA . -24.58 -3.17 53.28
C4 NAG BA . -26.08 -3.15 53.03
C5 NAG BA . -26.65 -4.47 53.51
C6 NAG BA . -28.15 -4.58 53.34
C7 NAG BA . -21.66 -4.95 51.90
C8 NAG BA . -20.20 -4.86 52.26
N2 NAG BA . -22.52 -4.42 52.79
O3 NAG BA . -24.01 -1.95 52.83
O4 NAG BA . -26.68 -2.09 53.76
O5 NAG BA . -26.05 -5.54 52.79
O6 NAG BA . -28.68 -5.37 54.39
O7 NAG BA . -22.03 -5.45 50.86
H2 NAG BA . -24.10 -4.26 51.60
H3 NAG BA . -24.39 -3.25 54.24
H4 NAG BA . -26.26 -3.03 52.08
H5 NAG BA . -26.45 -4.59 54.47
H61 NAG BA . -28.35 -5.00 52.48
H62 NAG BA . -28.54 -3.69 53.36
H81 NAG BA . -19.67 -5.28 51.57
H82 NAG BA . -20.05 -5.30 53.11
H83 NAG BA . -19.95 -3.91 52.34
HN2 NAG BA . -22.18 -4.08 53.57
HO3 NAG BA . -24.44 -1.27 53.22
HO6 NAG BA . -29.54 -5.54 54.24
C1 NAG BA . -27.27 -0.91 53.08
C2 NAG BA . -28.61 -0.50 53.80
C3 NAG BA . -28.35 -0.10 55.27
C4 NAG BA . -27.31 1.02 55.36
C5 NAG BA . -26.62 1.26 54.01
C6 NAG BA . -25.42 2.21 54.08
C7 NAG BA . -30.61 0.83 53.25
C8 NAG BA . -31.17 1.99 52.45
N2 NAG BA . -29.31 0.57 53.09
O3 NAG BA . -28.03 -1.26 56.04
O4 NAG BA . -27.91 2.25 55.76
O5 NAG BA . -26.16 0.02 53.47
O6 NAG BA . -24.29 1.64 54.69
O7 NAG BA . -31.32 0.16 54.00
H2 NAG BA . -29.19 -1.29 53.81
H3 NAG BA . -29.17 0.27 55.66
H4 NAG BA . -26.64 0.73 56.02
H5 NAG BA . -27.27 1.66 53.40
H61 NAG BA . -25.69 3.01 54.58
H62 NAG BA . -25.20 2.47 53.17
H81 NAG BA . -32.13 2.04 52.58
H82 NAG BA . -30.97 1.85 51.51
H83 NAG BA . -30.75 2.82 52.74
HN2 NAG BA . -28.83 1.09 52.52
HO3 NAG BA . -27.24 -1.59 55.81
HO4 NAG BA . -27.36 2.69 56.30
HO6 NAG BA . -24.38 0.77 54.80
C1 NAG CA . -29.21 -30.88 4.40
C2 NAG CA . -28.71 -30.74 2.99
C3 NAG CA . -27.85 -31.93 2.66
C4 NAG CA . -26.70 -32.02 3.66
C5 NAG CA . -27.16 -31.87 5.11
C6 NAG CA . -26.03 -31.53 6.06
C7 NAG CA . -30.39 -29.43 1.80
C8 NAG CA . -31.52 -29.47 0.84
N2 NAG CA . -29.82 -30.61 2.07
O3 NAG CA . -27.31 -31.91 1.34
O4 NAG CA . -26.16 -33.32 3.52
O5 NAG CA . -28.14 -30.82 5.28
O6 NAG CA . -25.19 -30.51 5.54
O7 NAG CA . -30.00 -28.38 2.33
H2 NAG CA . -28.16 -29.94 2.92
H3 NAG CA . -28.43 -32.72 2.70
H4 NAG CA . -26.07 -31.30 3.48
H5 NAG CA . -27.59 -32.71 5.36
H61 NAG CA . -25.50 -32.33 6.22
H62 NAG CA . -26.41 -31.22 6.91
H81 NAG CA . -31.89 -28.57 0.75
H82 NAG CA . -32.21 -30.07 1.18
H83 NAG CA . -31.20 -29.78 -0.02
HN2 NAG CA . -30.14 -31.36 1.66
HO3 NAG CA . -26.47 -32.18 1.37
C1 NAG CA . -24.83 -33.27 3.26
C2 NAG CA . -24.36 -34.65 3.77
C3 NAG CA . -22.88 -34.84 3.44
C4 NAG CA . -22.66 -34.66 1.95
C5 NAG CA . -23.14 -33.29 1.54
C6 NAG CA . -22.97 -33.05 0.07
C7 NAG CA . -25.66 -35.42 5.71
C8 NAG CA . -25.77 -35.44 7.21
N2 NAG CA . -24.60 -34.77 5.20
O3 NAG CA . -22.42 -36.10 3.87
O4 NAG CA . -21.28 -34.73 1.65
O5 NAG CA . -24.53 -33.14 1.84
O6 NAG CA . -23.92 -33.76 -0.72
O7 NAG CA . -26.50 -35.95 5.00
H2 NAG CA . -24.87 -35.35 3.31
H3 NAG CA . -22.37 -34.16 3.92
H4 NAG CA . -23.14 -35.37 1.46
H5 NAG CA . -22.66 -32.61 2.04
H61 NAG CA . -22.07 -33.32 -0.20
H62 NAG CA . -23.08 -32.09 -0.11
H81 NAG CA . -26.60 -35.89 7.47
H82 NAG CA . -25.76 -34.53 7.56
H83 NAG CA . -25.01 -35.93 7.59
HN2 NAG CA . -24.00 -34.39 5.78
HO3 NAG CA . -22.37 -36.66 3.18
HO6 NAG CA . -24.56 -34.07 -0.20
C1 BMA CA . -20.88 -35.91 0.94
C2 BMA CA . -19.73 -35.50 0.06
C3 BMA CA . -19.09 -36.67 -0.66
C4 BMA CA . -18.68 -37.77 0.33
C5 BMA CA . -19.88 -38.11 1.20
C6 BMA CA . -19.50 -39.08 2.29
O2 BMA CA . -18.70 -35.05 0.85
O3 BMA CA . -17.93 -36.22 -1.33
O4 BMA CA . -18.28 -38.93 -0.37
O5 BMA CA . -20.42 -36.91 1.88
O6 BMA CA . -18.31 -38.63 2.89
H2 BMA CA . -20.13 -34.77 -0.67
H3 BMA CA . -19.76 -37.11 -1.38
H4 BMA CA . -17.88 -37.37 0.96
H5 BMA CA . -20.66 -38.52 0.56
H61 BMA CA . -19.37 -40.07 1.83
H62 BMA CA . -20.32 -39.12 3.02
HO2 BMA CA . -19.13 -34.66 1.62
HO4 BMA CA . -17.76 -39.45 0.27
C1 MAN CA . -17.50 -36.91 -2.53
C2 MAN CA . -16.00 -36.64 -2.89
C3 MAN CA . -15.81 -35.13 -2.98
C4 MAN CA . -16.75 -34.58 -4.06
C5 MAN CA . -18.23 -34.86 -3.64
C6 MAN CA . -19.23 -34.51 -4.69
O2 MAN CA . -15.61 -37.16 -4.17
O3 MAN CA . -14.45 -34.74 -3.20
O4 MAN CA . -16.52 -33.19 -4.18
O5 MAN CA . -18.42 -36.27 -3.42
O6 MAN CA . -19.12 -35.49 -5.72
H2 MAN CA . -15.36 -37.08 -2.12
H3 MAN CA . -16.03 -34.66 -2.02
H4 MAN CA . -16.59 -35.11 -5.02
H5 MAN CA . -18.41 -34.27 -2.73
H61 MAN CA . -19.03 -33.50 -5.06
H62 MAN CA . -20.24 -34.52 -4.23
HO2 MAN CA . -14.91 -36.61 -4.54
HO3 MAN CA . -14.49 -33.77 -3.34
HO4 MAN CA . -16.88 -32.95 -5.06
HO6 MAN CA . -19.02 -36.36 -5.30
C1 MAN CA . -18.74 -37.81 4.10
C2 MAN CA . -17.74 -36.67 4.04
C3 MAN CA . -16.33 -37.18 4.26
C4 MAN CA . -16.21 -38.08 5.47
C5 MAN CA . -17.38 -39.07 5.57
C6 MAN CA . -17.49 -39.60 6.99
O2 MAN CA . -18.04 -35.64 5.04
O3 MAN CA . -15.37 -36.10 4.38
O4 MAN CA . -14.99 -38.84 5.32
O5 MAN CA . -18.64 -38.42 5.33
O6 MAN CA . -17.92 -38.47 7.79
H2 MAN CA . -17.78 -36.20 3.04
H3 MAN CA . -16.06 -37.78 3.38
H4 MAN CA . -16.25 -37.46 6.38
H5 MAN CA . -17.23 -39.85 4.82
H61 MAN CA . -16.50 -39.98 7.32
H62 MAN CA . -18.21 -40.42 7.02
HO2 MAN CA . -17.19 -35.28 5.36
HO3 MAN CA . -14.64 -36.45 4.91
HO4 MAN CA . -14.47 -38.65 6.11
HO6 MAN CA . -18.69 -38.05 7.34
C1 FUC CA . -24.13 -30.14 6.35
C2 FUC CA . -23.24 -29.49 5.31
C3 FUC CA . -23.94 -28.25 4.71
C4 FUC CA . -24.28 -27.33 5.83
C5 FUC CA . -25.20 -28.05 6.79
C6 FUC CA . -25.54 -27.18 8.00
O2 FUC CA . -22.82 -30.39 4.25
O3 FUC CA . -23.06 -27.50 3.80
O4 FUC CA . -23.05 -26.95 6.48
O5 FUC CA . -24.59 -29.22 7.30
H2 FUC CA . -22.32 -29.19 5.82
H3 FUC CA . -24.85 -28.57 4.16
H4 FUC CA . -24.83 -26.44 5.47
H5 FUC CA . -26.11 -28.35 6.25
H61 FUC CA . -26.12 -27.76 8.73
H62 FUC CA . -26.12 -26.31 7.70
H63 FUC CA . -24.63 -26.84 8.49
HO2 FUC CA . -23.64 -30.79 3.91
HO3 FUC CA . -22.56 -26.89 4.37
HO4 FUC CA . -23.29 -26.16 6.98
C1 NAG DA . 25.32 21.47 -39.87
C2 NAG DA . 25.76 22.83 -39.36
C3 NAG DA . 25.49 23.88 -40.44
C4 NAG DA . 26.28 23.53 -41.69
C5 NAG DA . 25.96 22.11 -42.14
C6 NAG DA . 26.92 21.65 -43.21
C7 NAG DA . 25.77 23.50 -37.00
C8 NAG DA . 24.92 23.88 -35.83
N2 NAG DA . 25.10 23.18 -38.12
O3 NAG DA . 25.85 25.18 -39.98
O4 NAG DA . 25.94 24.38 -42.77
O5 NAG DA . 26.04 21.15 -41.08
O6 NAG DA . 26.74 20.27 -43.49
O7 NAG DA . 26.99 23.50 -36.95
H2 NAG DA . 26.72 22.79 -39.19
H3 NAG DA . 24.54 23.89 -40.63
H4 NAG DA . 27.23 23.61 -41.46
H5 NAG DA . 25.03 22.09 -42.46
H61 NAG DA . 27.83 21.80 -42.91
H62 NAG DA . 26.76 22.17 -44.03
H81 NAG DA . 25.50 24.16 -35.09
H82 NAG DA . 24.38 23.12 -35.54
H83 NAG DA . 24.33 24.62 -36.06
HN2 NAG DA . 24.19 23.19 -38.10
HO3 NAG DA . 25.62 25.78 -40.60
HO6 NAG DA . 26.51 19.85 -42.75
C1 NAG DA . 26.37 25.63 -43.39
C2 NAG DA . 26.02 26.07 -44.81
C3 NAG DA . 26.92 27.23 -45.25
C4 NAG DA . 26.89 28.37 -44.22
C5 NAG DA . 27.22 27.81 -42.82
C6 NAG DA . 27.10 28.82 -41.72
C7 NAG DA . 25.29 23.93 -45.81
C8 NAG DA . 25.66 22.83 -46.78
N2 NAG DA . 26.18 24.93 -45.73
O3 NAG DA . 26.50 27.72 -46.52
O4 NAG DA . 27.78 29.42 -44.59
O5 NAG DA . 26.29 26.76 -42.51
O6 NAG DA . 25.74 29.20 -41.49
O7 NAG DA . 24.24 23.91 -45.16
H2 NAG DA . 25.09 26.38 -44.84
H3 NAG DA . 27.83 26.90 -45.31
H4 NAG DA . 26.00 28.76 -44.18
H5 NAG DA . 28.13 27.46 -42.84
H61 NAG DA . 27.61 29.63 -41.95
H62 NAG DA . 27.47 28.44 -40.89
H81 NAG DA . 24.90 22.22 -46.88
H82 NAG DA . 26.43 22.33 -46.43
H83 NAG DA . 25.89 23.22 -47.65
HN2 NAG DA . 26.92 24.91 -46.26
HO3 NAG DA . 26.73 28.57 -46.61
HO4 NAG DA . 27.49 30.19 -44.29
HO6 NAG DA . 25.20 28.54 -41.74
C1 NAG EA . 46.88 -6.64 -14.21
C2 NAG EA . 47.95 -7.66 -14.00
C3 NAG EA . 48.01 -8.07 -12.54
C4 NAG EA . 48.20 -6.84 -11.66
C5 NAG EA . 47.24 -5.70 -12.02
C6 NAG EA . 47.61 -4.40 -11.37
C7 NAG EA . 48.48 -8.86 -16.05
C8 NAG EA . 48.33 -10.12 -16.86
N2 NAG EA . 47.83 -8.82 -14.87
O3 NAG EA . 49.13 -8.93 -12.35
O4 NAG EA . 47.96 -7.20 -10.30
O5 NAG EA . 47.19 -5.47 -13.44
O6 NAG EA . 48.98 -4.04 -11.60
O7 NAG EA . 49.16 -7.91 -16.44
H2 NAG EA . 48.81 -7.24 -14.24
H3 NAG EA . 47.18 -8.53 -12.29
H4 NAG EA . 49.11 -6.51 -11.79
H5 NAG EA . 46.34 -5.97 -11.75
H61 NAG EA . 47.48 -4.46 -10.41
H62 NAG EA . 47.05 -3.69 -11.72
H81 NAG EA . 48.79 -10.02 -17.72
H82 NAG EA . 47.39 -10.31 -17.01
H83 NAG EA . 48.73 -10.88 -16.37
HN2 NAG EA . 47.30 -9.52 -14.63
HO3 NAG EA . 49.26 -9.05 -11.48
C1 NAG EA . 48.78 -6.89 -9.31
C2 NAG EA . 47.95 -6.80 -8.02
C3 NAG EA . 48.87 -6.58 -6.83
C4 NAG EA . 49.96 -7.65 -6.79
C5 NAG EA . 50.69 -7.68 -8.13
C6 NAG EA . 51.76 -8.74 -8.20
C7 NAG EA . 45.64 -5.99 -8.23
C8 NAG EA . 44.76 -4.80 -8.38
N2 NAG EA . 46.96 -5.75 -8.11
O3 NAG EA . 48.09 -6.61 -5.64
O4 NAG EA . 50.90 -7.38 -5.75
O5 NAG EA . 49.76 -7.92 -9.20
O6 NAG EA . 51.23 -10.06 -8.16
O7 NAG EA . 45.18 -7.14 -8.21
H2 NAG EA . 47.49 -7.66 -7.90
H3 NAG EA . 49.31 -5.71 -6.90
H4 NAG EA . 49.55 -8.52 -6.61
H5 NAG EA . 51.11 -6.81 -8.27
H61 NAG EA . 52.37 -8.63 -7.45
H62 NAG EA . 52.25 -8.63 -9.04
H81 NAG EA . 43.85 -5.08 -8.55
H82 NAG EA . 45.08 -4.25 -9.12
H83 NAG EA . 44.79 -4.28 -7.55
HN2 NAG EA . 47.24 -4.87 -8.08
HO3 NAG EA . 48.21 -7.39 -5.23
HO6 NAG EA . 50.41 -10.05 -8.50
C1 BMA EA . 50.81 -8.37 -4.74
C2 BMA EA . 52.22 -8.54 -4.28
C3 BMA EA . 52.27 -9.34 -2.96
C4 BMA EA . 51.31 -8.88 -1.88
C5 BMA EA . 49.92 -8.66 -2.50
C6 BMA EA . 48.90 -8.02 -1.53
O2 BMA EA . 52.80 -7.26 -4.05
O3 BMA EA . 53.57 -9.37 -2.42
O4 BMA EA . 51.25 -9.87 -0.83
O5 BMA EA . 50.07 -7.78 -3.70
O6 BMA EA . 49.50 -6.83 -0.89
H2 BMA EA . 52.81 -9.08 -5.04
H3 BMA EA . 51.98 -10.37 -3.20
H4 BMA EA . 51.64 -7.90 -1.48
H5 BMA EA . 49.50 -9.63 -2.81
H61 BMA EA . 48.62 -8.78 -0.78
H62 BMA EA . 48.00 -7.76 -2.11
HO2 BMA EA . 53.34 -7.35 -3.25
HO4 BMA EA . 50.96 -9.40 -0.02
C1 MAN EA . 53.89 -10.61 -1.66
C2 MAN EA . 55.15 -10.18 -0.79
C3 MAN EA . 56.25 -9.70 -1.77
C4 MAN EA . 56.53 -10.80 -2.89
C5 MAN EA . 55.23 -11.24 -3.64
C6 MAN EA . 55.41 -12.45 -4.57
O2 MAN EA . 55.70 -11.27 0.05
O3 MAN EA . 57.40 -9.29 -1.04
O4 MAN EA . 57.38 -10.26 -3.88
O5 MAN EA . 54.20 -11.61 -2.66
O6 MAN EA . 55.64 -13.65 -3.78
H2 MAN EA . 54.87 -9.37 -0.10
H3 MAN EA . 55.93 -8.81 -2.33
H4 MAN EA . 56.95 -11.67 -2.37
H5 MAN EA . 54.90 -10.40 -4.24
H61 MAN EA . 56.26 -12.25 -5.24
H62 MAN EA . 54.50 -12.55 -5.18
HO2 MAN EA . 56.67 -11.26 0.00
HO3 MAN EA . 58.12 -9.34 -1.69
HO4 MAN EA . 57.88 -11.01 -4.22
HO6 MAN EA . 56.58 -13.74 -3.66
C1 MAN EA . 49.17 -5.71 -1.73
C2 MAN EA . 50.53 -5.01 -1.80
C3 MAN EA . 50.92 -4.47 -0.42
C4 MAN EA . 49.79 -3.64 0.22
C5 MAN EA . 48.44 -4.42 0.17
C6 MAN EA . 47.28 -3.50 0.55
O2 MAN EA . 50.54 -3.90 -2.73
O3 MAN EA . 52.09 -3.68 -0.46
O4 MAN EA . 50.11 -3.31 1.65
O5 MAN EA . 48.17 -4.92 -1.15
O6 MAN EA . 47.14 -2.45 -0.46
H2 MAN EA . 51.30 -5.73 -2.13
H3 MAN EA . 51.12 -5.34 0.22
H4 MAN EA . 49.67 -2.73 -0.38
H5 MAN EA . 48.50 -5.29 0.84
H61 MAN EA . 47.48 -3.06 1.54
H62 MAN EA . 46.36 -4.10 0.62
HO2 MAN EA . 50.99 -3.16 -2.32
HO3 MAN EA . 51.82 -2.81 -0.10
HO4 MAN EA . 49.79 -2.39 1.79
HO6 MAN EA . 47.39 -2.82 -1.33
C1 FUC EA . 49.18 -2.66 -11.07
C2 FUC EA . 50.65 -2.88 -10.78
C3 FUC EA . 51.42 -3.12 -12.07
C4 FUC EA . 51.18 -2.04 -13.05
C5 FUC EA . 49.67 -1.85 -13.23
C6 FUC EA . 49.30 -0.70 -14.14
O2 FUC EA . 50.95 -3.97 -9.85
O3 FUC EA . 52.81 -3.09 -11.75
O4 FUC EA . 51.81 -0.84 -12.58
O5 FUC EA . 49.03 -1.60 -11.99
H2 FUC EA . 50.99 -1.97 -10.30
H3 FUC EA . 51.11 -4.08 -12.52
H4 FUC EA . 51.60 -2.30 -14.05
H5 FUC EA . 49.28 -2.79 -13.64
H61 FUC EA . 48.21 -0.61 -14.23
H62 FUC EA . 49.73 -0.86 -15.14
H63 FUC EA . 49.71 0.24 -13.75
HO2 FUC EA . 50.24 -4.63 -10.00
HO3 FUC EA . 53.06 -2.17 -11.88
HO4 FUC EA . 52.03 -0.33 -13.37
C1 NAG FA . 34.22 -1.18 42.78
C2 NAG FA . 33.00 -2.10 42.73
C3 NAG FA . 32.57 -2.51 44.11
C4 NAG FA . 33.74 -3.14 44.85
C5 NAG FA . 34.90 -2.14 44.91
C6 NAG FA . 36.15 -2.66 45.61
C7 NAG FA . 31.59 -1.88 40.75
C8 NAG FA . 30.47 -1.11 40.09
N2 NAG FA . 31.90 -1.50 42.00
O3 NAG FA . 31.52 -3.44 43.91
O4 NAG FA . 33.31 -3.55 46.14
O5 NAG FA . 35.29 -1.80 43.57
O6 NAG FA . 36.76 -3.75 44.94
O7 NAG FA . 32.19 -2.80 40.19
H2 NAG FA . 33.27 -2.92 42.26
H3 NAG FA . 32.26 -1.74 44.65
H4 NAG FA . 34.05 -3.93 44.39
H5 NAG FA . 34.60 -1.35 45.38
H61 NAG FA . 35.90 -2.94 46.50
H62 NAG FA . 36.79 -1.93 45.66
H81 NAG FA . 30.31 -1.48 39.20
H82 NAG FA . 30.71 -0.18 40.02
H83 NAG FA . 29.65 -1.20 40.63
HN2 NAG FA . 31.40 -0.85 42.40
HO3 NAG FA . 31.22 -3.74 44.69
HO6 NAG FA . 36.58 -3.73 44.07
C1 NAG FA . 33.19 -4.95 46.56
C2 NAG FA . 33.21 -5.10 48.09
C3 NAG FA . 32.80 -6.51 48.46
C4 NAG FA . 31.43 -6.82 47.87
C5 NAG FA . 31.33 -6.51 46.38
C6 NAG FA . 29.90 -6.54 45.86
C7 NAG FA . 34.82 -3.55 49.12
C8 NAG FA . 36.25 -3.37 49.57
N2 NAG FA . 34.52 -4.77 48.63
O3 NAG FA . 32.75 -6.67 49.87
O4 NAG FA . 31.14 -8.21 48.08
O5 NAG FA . 31.87 -5.22 46.06
O6 NAG FA . 29.00 -5.62 46.48
O7 NAG FA . 33.99 -2.64 49.16
H2 NAG FA . 32.57 -4.48 48.47
H3 NAG FA . 33.47 -7.12 48.10
H4 NAG FA . 30.77 -6.27 48.33
H5 NAG FA . 31.86 -7.18 45.90
H61 NAG FA . 29.54 -7.44 45.98
H62 NAG FA . 29.91 -6.34 44.90
H81 NAG FA . 36.37 -2.47 49.92
H82 NAG FA . 36.86 -3.51 48.82
H83 NAG FA . 36.45 -4.03 50.27
HN2 NAG FA . 35.16 -5.41 48.64
HO3 NAG FA . 32.16 -7.31 50.08
HO6 NAG FA . 29.42 -4.87 46.71
C1 BMA FA . 30.21 -8.56 49.10
C2 BMA FA . 29.44 -9.79 48.53
C3 BMA FA . 28.08 -9.99 49.32
C4 BMA FA . 28.37 -10.02 50.87
C5 BMA FA . 29.15 -8.69 51.26
C6 BMA FA . 29.49 -8.48 52.75
O2 BMA FA . 30.27 -10.95 48.65
O3 BMA FA . 27.23 -11.12 48.84
O4 BMA FA . 27.15 -10.16 51.60
O5 BMA FA . 30.44 -8.65 50.51
O6 BMA FA . 29.84 -7.08 52.92
H2 BMA FA . 29.18 -9.64 47.47
H3 BMA FA . 27.39 -9.15 49.13
H4 BMA FA . 29.03 -10.88 51.10
H5 BMA FA . 28.49 -7.86 50.99
H61 BMA FA . 30.33 -9.15 53.02
H62 BMA FA . 28.62 -8.76 53.35
HO2 BMA FA . 29.69 -11.69 48.85
HO3 BMA FA . 26.48 -11.17 49.46
HO4 BMA FA . 27.41 -10.54 52.45
HO6 BMA FA . 30.52 -6.88 52.26
C1 NAG GA . 16.19 -22.15 32.65
C2 NAG GA . 16.65 -23.60 32.61
C3 NAG GA . 16.12 -24.35 33.81
C4 NAG GA . 16.65 -23.65 35.06
C5 NAG GA . 16.12 -22.22 35.05
C6 NAG GA . 16.49 -21.38 36.26
C7 NAG GA . 15.27 -24.02 30.59
C8 NAG GA . 15.20 -24.77 29.30
N2 NAG GA . 16.33 -24.29 31.36
O3 NAG GA . 16.51 -25.70 33.75
O4 NAG GA . 16.24 -24.35 36.22
O5 NAG GA . 16.62 -21.55 33.89
O6 NAG GA . 17.59 -21.94 36.97
O7 NAG GA . 14.39 -23.23 30.94
H2 NAG GA . 17.63 -23.59 32.66
H3 NAG GA . 15.14 -24.35 33.82
H4 NAG GA . 17.62 -23.64 35.08
H5 NAG GA . 15.15 -22.25 35.02
H61 NAG GA . 15.73 -21.32 36.86
H62 NAG GA . 16.75 -20.49 35.95
H81 NAG GA . 14.30 -24.69 28.93
H82 NAG GA . 15.40 -25.71 29.47
H83 NAG GA . 15.85 -24.40 28.68
HN2 NAG GA . 16.91 -24.93 31.09
HO3 NAG GA . 16.36 -26.09 34.53
HO6 NAG GA . 17.94 -21.31 37.50
C1 NAG GA . 17.04 -25.18 37.03
C2 NAG GA . 16.42 -25.33 38.42
C3 NAG GA . 17.27 -26.28 39.26
C4 NAG GA . 17.35 -27.63 38.55
C5 NAG GA . 17.90 -27.43 37.13
C6 NAG GA . 17.90 -28.70 36.29
C7 NAG GA . 15.01 -23.48 39.14
C8 NAG GA . 14.95 -22.11 39.76
N2 NAG GA . 16.22 -24.04 39.06
O3 NAG GA . 16.71 -26.40 40.55
O4 NAG GA . 18.11 -28.56 39.29
O5 NAG GA . 17.12 -26.47 36.39
O6 NAG GA . 16.60 -28.97 35.75
O7 NAG GA . 13.99 -24.07 38.74
H2 NAG GA . 15.54 -25.74 38.33
H3 NAG GA . 18.17 -25.91 39.36
H4 NAG GA . 16.45 -28.00 38.48
H5 NAG GA . 18.82 -27.11 37.20
H61 NAG GA . 18.17 -29.45 36.85
H62 NAG GA . 18.52 -28.60 35.55
H81 NAG GA . 14.02 -21.80 39.78
H82 NAG GA . 15.49 -21.49 39.24
H83 NAG GA . 15.29 -22.15 40.67
HN2 NAG GA . 16.94 -23.61 39.42
HO3 NAG GA . 17.13 -27.03 41.00
HO4 NAG GA . 17.93 -29.39 39.01
HO6 NAG GA . 16.09 -28.24 35.79
C1 NAG HA . 56.94 2.09 5.62
C2 NAG HA . 58.16 1.84 4.78
C3 NAG HA . 57.93 2.37 3.40
C4 NAG HA . 56.71 1.69 2.79
C5 NAG HA . 55.51 1.82 3.70
C6 NAG HA . 54.33 0.99 3.27
C7 NAG HA . 60.24 1.70 6.08
C8 NAG HA . 61.40 2.45 6.64
N2 NAG HA . 59.35 2.42 5.38
O3 NAG HA . 59.05 2.19 2.56
O4 NAG HA . 56.41 2.39 1.59
O5 NAG HA . 55.83 1.41 5.05
O6 NAG HA . 54.66 -0.39 3.13
O7 NAG HA . 60.08 0.49 6.28
H2 NAG HA . 58.31 0.87 4.73
H3 NAG HA . 57.79 3.33 3.47
H4 NAG HA . 56.89 0.75 2.63
H5 NAG HA . 55.25 2.76 3.74
H61 NAG HA . 54.00 1.32 2.42
H62 NAG HA . 53.62 1.08 3.93
H81 NAG HA . 61.95 1.85 7.18
H82 NAG HA . 61.08 3.19 7.19
H83 NAG HA . 61.94 2.81 5.91
HN2 NAG HA . 59.50 3.31 5.28
HO3 NAG HA . 58.77 2.04 1.73
C1 NAG HA . 56.17 1.81 0.38
C2 NAG HA . 55.30 2.75 -0.46
C3 NAG HA . 55.11 2.17 -1.84
C4 NAG HA . 56.47 1.88 -2.47
C5 NAG HA . 57.30 1.01 -1.55
C6 NAG HA . 58.70 0.83 -2.07
C7 NAG HA . 53.69 4.12 0.83
C8 NAG HA . 52.30 4.13 1.42
N2 NAG HA . 54.01 2.98 0.19
O3 NAG HA . 54.35 3.07 -2.62
O4 NAG HA . 56.29 1.15 -3.68
O5 NAG HA . 57.42 1.62 -0.26
O6 NAG HA . 59.39 2.07 -2.05
O7 NAG HA . 54.45 5.09 0.93
H2 NAG HA . 55.77 3.61 -0.54
H3 NAG HA . 54.61 1.33 -1.78
H4 NAG HA . 56.90 2.73 -2.65
H5 NAG HA . 56.87 0.14 -1.44
H61 NAG HA . 58.68 0.50 -2.99
H62 NAG HA . 59.18 0.19 -1.50
H81 NAG HA . 52.15 4.98 1.88
H82 NAG HA . 52.22 3.40 2.07
H83 NAG HA . 51.64 4.01 0.72
HN2 NAG HA . 53.40 2.32 0.14
HO3 NAG HA . 54.89 3.49 -3.19
HO6 NAG HA . 59.20 2.50 -1.29
C1 BMA HA . 56.57 1.96 -4.80
C2 BMA HA . 57.21 0.95 -5.72
C3 BMA HA . 57.52 1.61 -7.07
C4 BMA HA . 56.30 2.35 -7.66
C5 BMA HA . 55.67 3.26 -6.57
C6 BMA HA . 54.39 3.96 -7.03
O2 BMA HA . 56.25 -0.07 -5.97
O3 BMA HA . 57.99 0.64 -8.03
O4 BMA HA . 56.71 3.14 -8.75
O5 BMA HA . 55.37 2.43 -5.41
O6 BMA HA . 53.47 2.96 -7.55
H2 BMA HA . 58.14 0.57 -5.29
H3 BMA HA . 58.33 2.35 -6.93
H4 BMA HA . 55.55 1.59 -7.96
H5 BMA HA . 56.37 4.05 -6.29
H61 BMA HA . 54.67 4.68 -7.81
H62 BMA HA . 53.97 4.49 -6.17
HO2 BMA HA . 56.26 -0.20 -6.93
HO4 BMA HA . 57.23 3.86 -8.36
C1 MAN HA . 58.94 1.15 -9.08
C2 MAN HA . 58.90 -0.04 -10.08
C3 MAN HA . 59.54 -1.25 -9.35
C4 MAN HA . 60.95 -0.89 -8.83
C5 MAN HA . 60.87 0.31 -7.86
C6 MAN HA . 62.21 0.77 -7.25
O2 MAN HA . 59.68 0.27 -11.24
O3 MAN HA . 59.54 -2.44 -10.13
O4 MAN HA . 61.48 -1.98 -8.12
O5 MAN HA . 60.28 1.43 -8.57
O6 MAN HA . 63.27 0.63 -8.19
H2 MAN HA . 57.89 -0.31 -10.39
H3 MAN HA . 58.92 -1.52 -8.48
H4 MAN HA . 61.57 -0.59 -9.70
H5 MAN HA . 60.24 0.02 -7.00
H61 MAN HA . 62.41 0.16 -6.36
H62 MAN HA . 62.11 1.82 -6.94
HO2 MAN HA . 59.24 0.99 -11.74
HO3 MAN HA . 59.81 -2.16 -11.02
HO4 MAN HA . 62.42 -1.74 -7.95
HO6 MAN HA . 63.96 1.25 -7.92
C1 MAN HA . 52.66 2.56 -6.44
C2 MAN HA . 52.72 1.11 -6.63
C3 MAN HA . 51.89 0.71 -7.84
C4 MAN HA . 50.49 1.20 -7.72
C5 MAN HA . 50.51 2.69 -7.39
C6 MAN HA . 49.09 3.29 -7.12
O2 MAN HA . 52.10 0.46 -5.50
O3 MAN HA . 51.87 -0.69 -8.01
O4 MAN HA . 49.81 1.02 -8.93
O5 MAN HA . 51.36 2.92 -6.25
O6 MAN HA . 48.30 2.46 -6.24
H2 MAN HA . 53.76 0.78 -6.77
H3 MAN HA . 52.36 1.15 -8.73
H4 MAN HA . 49.99 0.67 -6.89
H5 MAN HA . 50.94 3.23 -8.25
H61 MAN HA . 48.60 3.41 -8.11
H62 MAN HA . 49.24 4.29 -6.69
HO2 MAN HA . 51.57 -0.26 -5.84
HO3 MAN HA . 51.00 -0.88 -8.39
HO4 MAN HA . 49.26 0.24 -8.79
HO6 MAN HA . 47.48 2.95 -6.06
C1 FUC HA . 53.60 -1.18 2.57
C2 FUC HA . 54.36 -2.27 1.75
C3 FUC HA . 55.37 -3.07 2.58
C4 FUC HA . 54.63 -3.67 3.77
C5 FUC HA . 53.96 -2.52 4.61
C6 FUC HA . 53.19 -3.02 5.83
O2 FUC HA . 55.05 -1.77 0.62
O3 FUC HA . 55.82 -4.11 1.79
O4 FUC HA . 53.62 -4.59 3.26
O5 FUC HA . 53.03 -1.72 3.77
H2 FUC HA . 53.56 -2.94 1.42
H3 FUC HA . 56.20 -2.44 2.95
H4 FUC HA . 55.33 -4.20 4.45
H5 FUC HA . 54.76 -1.85 4.96
H61 FUC HA . 52.72 -2.17 6.34
H62 FUC HA . 53.87 -3.52 6.52
H63 FUC HA . 52.42 -3.72 5.51
HO2 FUC HA . 55.36 -0.88 0.87
HO3 FUC HA . 55.19 -4.82 1.92
HO4 FUC HA . 53.40 -5.16 4.00
C1 NAG IA . -1.21 73.63 -24.49
C2 NAG IA . -0.16 74.65 -24.06
C3 NAG IA . -0.04 75.75 -25.12
C4 NAG IA . 0.26 75.11 -26.47
C5 NAG IA . -0.86 74.13 -26.79
C6 NAG IA . -0.74 73.48 -28.16
C7 NAG IA . 0.30 74.93 -21.69
C8 NAG IA . -0.13 75.57 -20.40
N2 NAG IA . -0.44 75.23 -22.76
O3 NAG IA . 0.99 76.61 -24.70
O4 NAG IA . 0.33 76.09 -27.50
O5 NAG IA . -0.88 73.10 -25.80
O6 NAG IA . 0.22 72.44 -28.20
O7 NAG IA . 1.27 74.19 -21.75
H2 NAG IA . 0.70 74.19 -24.01
H3 NAG IA . -0.87 76.25 -25.21
H4 NAG IA . 1.13 74.66 -26.43
H5 NAG IA . -1.71 74.59 -26.79
H61 NAG IA . -0.49 74.15 -28.81
H62 NAG IA . -1.61 73.10 -28.39
H81 NAG IA . 0.50 75.34 -19.70
H82 NAG IA . -1.01 75.26 -20.16
H83 NAG IA . -0.14 76.53 -20.52
HN2 NAG IA . -1.14 75.79 -22.68
HO3 NAG IA . 0.96 77.35 -25.17
HO6 NAG IA . 0.49 72.25 -27.37
C1 NAG IA . 1.50 76.74 -27.93
C2 NAG IA . 1.13 77.34 -29.27
C3 NAG IA . 2.30 78.15 -29.83
C4 NAG IA . 2.86 79.11 -28.79
C5 NAG IA . 3.08 78.41 -27.45
C6 NAG IA . 3.48 79.34 -26.33
C7 NAG IA . -0.52 76.26 -30.71
C8 NAG IA . -0.81 75.15 -31.67
N2 NAG IA . 0.71 76.32 -30.22
O3 NAG IA . 1.84 78.87 -30.98
O4 NAG IA . 4.12 79.60 -29.24
O5 NAG IA . 1.86 77.76 -27.04
O6 NAG IA . 2.37 80.04 -25.79
O7 NAG IA . -1.39 77.07 -30.38
H2 NAG IA . 0.38 77.95 -29.14
H3 NAG IA . 3.02 77.53 -30.10
H4 NAG IA . 2.23 79.83 -28.68
H5 NAG IA . 3.77 77.73 -27.55
H61 NAG IA . 4.12 80.00 -26.68
H62 NAG IA . 3.91 78.82 -25.62
H81 NAG IA . -1.72 75.23 -32.01
H82 NAG IA . -0.71 74.29 -31.22
H83 NAG IA . -0.18 75.19 -32.42
HN2 NAG IA . 1.32 75.69 -30.48
HO3 NAG IA . 2.25 79.66 -31.02
HO6 NAG IA . 1.61 79.66 -26.07
C1 BMA IA . 4.23 80.99 -29.54
C2 BMA IA . 5.73 81.35 -29.34
C3 BMA IA . 5.90 82.92 -29.51
C4 BMA IA . 5.03 83.59 -30.63
C5 BMA IA . 3.60 83.02 -30.77
C6 BMA IA . 2.87 83.45 -32.09
O2 BMA IA . 6.59 80.60 -30.27
O3 BMA IA . 7.32 83.28 -29.69
O4 BMA IA . 4.93 85.01 -30.37
O5 BMA IA . 3.67 81.55 -30.77
O6 BMA IA . 1.62 82.76 -32.17
H2 BMA IA . 6.06 81.08 -28.33
H3 BMA IA . 5.56 83.37 -28.57
H4 BMA IA . 5.53 83.35 -31.58
H5 BMA IA . 3.00 83.36 -29.91
H61 BMA IA . 3.52 83.19 -32.94
H62 BMA IA . 2.73 84.54 -32.07
HO2 BMA IA . 7.23 81.24 -30.63
HO4 BMA IA . 4.97 85.42 -31.26
HO6 BMA IA . 1.58 82.12 -31.45
C1 MAN IA . 7.95 83.70 -28.41
C2 MAN IA . 9.17 84.57 -28.83
C3 MAN IA . 10.47 83.71 -28.72
C4 MAN IA . 10.58 83.06 -27.30
C5 MAN IA . 9.35 82.13 -27.00
C6 MAN IA . 8.71 82.31 -25.58
O2 MAN IA . 9.26 85.75 -27.94
O3 MAN IA . 11.68 84.44 -29.05
O4 MAN IA . 11.78 82.29 -27.17
O5 MAN IA . 8.30 82.33 -28.03
O6 MAN IA . 7.70 81.27 -25.36
H2 MAN IA . 9.09 84.91 -29.87
H3 MAN IA . 10.43 82.92 -29.48
H4 MAN IA . 10.54 83.90 -26.58
H5 MAN IA . 9.71 81.09 -27.06
H61 MAN IA . 8.26 83.31 -25.54
H62 MAN IA . 9.52 82.26 -24.84
HO2 MAN IA . 10.11 86.17 -28.07
HO3 MAN IA . 12.35 84.13 -28.42
HO4 MAN IA . 12.04 82.36 -26.24
HO6 MAN IA . 7.48 81.28 -24.42
C1 NAG JA . 22.72 85.98 -12.37
C2 NAG JA . 24.21 85.87 -12.71
C3 NAG JA . 24.57 86.72 -13.92
C4 NAG JA . 23.54 86.61 -15.04
C5 NAG JA . 22.16 86.81 -14.45
C6 NAG JA . 21.05 86.68 -15.46
C7 NAG JA . 25.72 85.44 -10.85
C8 NAG JA . 26.42 86.00 -9.65
N2 NAG JA . 24.98 86.28 -11.55
O3 NAG JA . 25.78 86.22 -14.45
O4 NAG JA . 23.78 87.60 -16.03
O5 NAG JA . 21.98 85.76 -13.50
O6 NAG JA . 21.41 85.64 -16.36
O7 NAG JA . 25.84 84.27 -11.19
H2 NAG JA . 24.41 84.96 -12.95
H3 NAG JA . 24.63 87.65 -13.62
H4 NAG JA . 23.60 85.74 -15.46
H5 NAG JA . 22.07 87.68 -14.03
H61 NAG JA . 20.96 87.52 -15.95
H62 NAG JA . 20.21 86.47 -15.01
H81 NAG JA . 26.83 85.27 -9.13
H82 NAG JA . 25.78 86.46 -9.08
H83 NAG JA . 27.11 86.62 -9.94
HN2 NAG JA . 24.95 87.17 -11.29
HO3 NAG JA . 26.07 86.77 -15.08
HO6 NAG JA . 20.74 85.53 -16.93
C1 NAG JA . 24.40 87.47 -17.31
C2 NAG JA . 24.24 88.56 -18.34
C3 NAG JA . 25.17 88.30 -19.52
C4 NAG JA . 26.61 88.21 -19.02
C5 NAG JA . 26.73 87.14 -17.93
C6 NAG JA . 28.12 87.10 -17.30
C7 NAG JA . 21.98 89.51 -18.20
C8 NAG JA . 20.59 89.52 -18.78
N2 NAG JA . 22.86 88.68 -18.80
O3 NAG JA . 25.05 89.34 -20.47
O4 NAG JA . 27.46 87.85 -20.11
O5 NAG JA . 25.79 87.41 -16.87
O6 NAG JA . 28.36 88.22 -16.44
O7 NAG JA . 22.29 90.20 -17.24
H2 NAG JA . 24.49 89.41 -17.94
H3 NAG JA . 24.92 87.45 -19.94
H4 NAG JA . 26.87 89.07 -18.66
H5 NAG JA . 26.53 86.27 -18.30
H61 NAG JA . 28.79 87.10 -18.01
H62 NAG JA . 28.20 86.28 -16.77
H81 NAG JA . 20.07 90.23 -18.37
H82 NAG JA . 20.16 88.66 -18.61
H83 NAG JA . 20.64 89.67 -19.75
HN2 NAG JA . 22.58 88.17 -19.51
HO3 NAG JA . 25.70 89.27 -21.06
HO6 NAG JA . 27.62 88.70 -16.34
C1 BMA JA . 28.21 88.59 -21.04
C2 BMA JA . 29.54 87.80 -21.28
C3 BMA JA . 30.42 88.53 -22.32
C4 BMA JA . 29.67 89.42 -23.36
C5 BMA JA . 28.43 90.11 -22.82
C6 BMA JA . 27.63 90.80 -23.93
O2 BMA JA . 29.30 86.49 -21.77
O3 BMA JA . 31.24 87.58 -23.02
O4 BMA JA . 30.56 90.42 -23.81
O5 BMA JA . 27.62 89.11 -22.21
O6 BMA JA . 26.23 90.78 -23.62
H2 BMA JA . 30.07 87.74 -20.32
H3 BMA JA . 31.06 89.23 -21.75
H4 BMA JA . 29.31 88.72 -24.14
H5 BMA JA . 28.69 90.88 -22.07
H61 BMA JA . 27.85 90.28 -24.87
H62 BMA JA . 28.01 91.84 -24.02
HO2 BMA JA . 29.85 86.39 -22.57
HO4 BMA JA . 31.44 90.07 -23.62
C1 MAN JA . 32.65 87.87 -23.25
C2 MAN JA . 33.41 87.61 -21.87
C3 MAN JA . 34.94 87.60 -22.15
C4 MAN JA . 35.44 88.92 -22.88
C5 MAN JA . 34.21 89.86 -23.26
C6 MAN JA . 34.64 91.12 -24.10
O2 MAN JA . 33.06 86.34 -21.20
O3 MAN JA . 35.36 86.45 -22.95
O4 MAN JA . 36.48 89.67 -22.11
O5 MAN JA . 33.18 89.02 -24.01
O6 MAN JA . 33.70 92.19 -23.91
H2 MAN JA . 33.14 88.40 -21.16
H3 MAN JA . 35.44 87.53 -21.18
H4 MAN JA . 35.88 88.59 -23.83
H5 MAN JA . 33.71 90.25 -22.36
H61 MAN JA . 34.69 90.82 -25.16
H62 MAN JA . 35.65 91.40 -23.77
HO2 MAN JA . 33.53 85.63 -21.63
HO3 MAN JA . 36.31 86.36 -22.78
HO4 MAN JA . 37.12 89.97 -22.79
HO6 MAN JA . 32.89 91.81 -23.55
C1 MAN JA . 25.20 90.99 -24.72
C2 MAN JA . 24.88 92.54 -24.74
C3 MAN JA . 23.84 92.88 -23.59
C4 MAN JA . 22.57 91.94 -23.67
C5 MAN JA . 23.07 90.45 -23.64
C6 MAN JA . 21.98 89.37 -23.66
O2 MAN JA . 24.31 92.97 -26.02
O3 MAN JA . 23.48 94.30 -23.55
O4 MAN JA . 21.64 92.19 -22.57
O5 MAN JA . 23.98 90.19 -24.77
O6 MAN JA . 21.23 89.49 -22.43
H2 MAN JA . 25.80 93.11 -24.55
H3 MAN JA . 24.30 92.71 -22.62
H4 MAN JA . 22.05 92.11 -24.62
H5 MAN JA . 23.62 90.31 -22.68
H61 MAN JA . 22.44 88.37 -23.75
H62 MAN JA . 21.34 89.54 -24.54
HO2 MAN JA . 23.70 93.70 -25.85
HO3 MAN JA . 22.51 94.33 -23.42
HO4 MAN JA . 22.08 91.87 -21.76
HO6 MAN JA . 20.48 88.88 -22.48
C1 NAG KA . 4.03 35.15 -4.08
C2 NAG KA . 4.43 33.70 -3.97
C3 NAG KA . 4.21 33.23 -2.54
C4 NAG KA . 5.00 34.10 -1.57
C5 NAG KA . 4.74 35.58 -1.80
C6 NAG KA . 5.72 36.48 -1.05
C7 NAG KA . 4.15 32.70 -6.19
C8 NAG KA . 3.33 31.79 -7.03
N2 NAG KA . 3.74 32.86 -4.92
O3 NAG KA . 4.62 31.88 -2.40
O4 NAG KA . 4.61 33.71 -0.26
O5 NAG KA . 4.83 35.94 -3.18
O6 NAG KA . 7.06 36.25 -1.45
O7 NAG KA . 5.14 33.28 -6.63
H2 NAG KA . 5.40 33.64 -4.16
H3 NAG KA . 3.25 33.29 -2.36
H4 NAG KA . 5.96 33.96 -1.70
H5 NAG KA . 3.82 35.77 -1.50
H61 NAG KA . 5.64 36.31 -0.10
H62 NAG KA . 5.50 37.41 -1.23
H81 NAG KA . 3.66 31.82 -7.95
H82 NAG KA . 2.40 32.08 -7.01
H83 NAG KA . 3.40 30.88 -6.69
HN2 NAG KA . 2.99 32.42 -4.65
HO3 NAG KA . 5.10 31.80 -1.65
C1 NAG KA . 5.58 33.47 0.66
C2 NAG KA . 4.98 33.75 2.05
C3 NAG KA . 5.97 33.33 3.14
C4 NAG KA . 6.35 31.86 2.93
C5 NAG KA . 6.93 31.70 1.53
C6 NAG KA . 7.32 30.27 1.22
C7 NAG KA . 3.36 35.63 2.14
C8 NAG KA . 3.23 37.12 2.30
N2 NAG KA . 4.62 35.15 2.20
O3 NAG KA . 5.47 33.54 4.45
O4 NAG KA . 7.29 31.41 3.90
O5 NAG KA . 5.95 32.10 0.56
O6 NAG KA . 6.25 29.37 1.48
O7 NAG KA . 2.40 34.93 1.95
H2 NAG KA . 4.16 33.20 2.16
H3 NAG KA . 6.76 33.90 3.06
H4 NAG KA . 5.55 31.32 3.03
H5 NAG KA . 7.72 32.26 1.43
H61 NAG KA . 8.08 30.02 1.76
H62 NAG KA . 7.56 30.20 0.28
H81 NAG KA . 2.30 37.37 2.17
H82 NAG KA . 3.79 37.57 1.65
H83 NAG KA . 3.51 37.36 3.21
HN2 NAG KA . 5.29 35.75 2.35
HO3 NAG KA . 5.03 32.81 4.73
HO6 NAG KA . 5.52 29.66 1.07
C1 BMA KA . 6.89 30.51 4.93
C2 BMA KA . 8.00 29.56 5.23
C3 BMA KA . 7.64 28.70 6.43
C4 BMA KA . 7.15 29.48 7.59
C5 BMA KA . 6.11 30.48 7.17
C6 BMA KA . 5.75 31.39 8.30
O2 BMA KA . 9.17 30.30 5.60
O3 BMA KA . 8.76 28.04 6.91
O4 BMA KA . 6.61 28.57 8.50
O5 BMA KA . 6.68 31.26 6.08
O6 BMA KA . 6.99 31.97 8.82
H2 BMA KA . 8.18 28.91 4.36
H3 BMA KA . 6.87 28.00 6.11
H4 BMA KA . 7.98 30.08 8.01
H5 BMA KA . 5.20 29.98 6.82
H61 BMA KA . 5.21 30.81 9.07
H62 BMA KA . 5.07 32.17 7.93
HO2 BMA KA . 9.47 29.92 6.43
HO4 BMA KA . 7.24 27.83 8.52
C1 MAN KA . 8.73 26.62 6.87
C2 MAN KA . 10.18 26.25 7.48
C3 MAN KA . 10.55 24.88 6.96
C4 MAN KA . 10.60 24.97 5.45
C5 MAN KA . 9.19 25.35 4.83
C6 MAN KA . 8.05 24.30 5.03
O2 MAN KA . 10.20 26.15 8.89
O3 MAN KA . 9.60 23.88 7.39
O4 MAN KA . 11.63 25.97 5.17
O5 MAN KA . 8.67 26.58 5.42
O6 MAN KA . 8.55 23.06 4.57
H2 MAN KA . 10.89 27.03 7.18
H3 MAN KA . 11.51 24.55 7.35
H4 MAN KA . 10.82 23.99 4.98
H5 MAN KA . 9.37 25.48 3.75
H61 MAN KA . 7.17 24.61 4.46
H62 MAN KA . 7.79 24.26 6.09
HO2 MAN KA . 9.66 25.41 9.15
HO3 MAN KA . 9.95 23.03 7.06
HO4 MAN KA . 11.81 25.89 4.22
HO6 MAN KA . 8.96 23.22 3.71
C1 MAN KA . 7.19 33.30 8.19
C2 MAN KA . 8.68 33.33 8.01
C3 MAN KA . 9.26 33.48 9.42
C4 MAN KA . 8.64 34.71 10.15
C5 MAN KA . 7.13 34.60 10.20
C6 MAN KA . 6.51 35.86 10.72
O2 MAN KA . 9.08 34.45 7.16
O3 MAN KA . 10.65 33.51 9.36
O4 MAN KA . 9.07 34.79 11.53
O5 MAN KA . 6.72 34.44 8.86
O6 MAN KA . 7.15 36.90 10.00
H2 MAN KA . 9.08 32.43 7.53
H3 MAN KA . 9.01 32.61 10.04
H4 MAN KA . 8.95 35.59 9.56
H5 MAN KA . 6.80 33.76 10.82
H61 MAN KA . 6.68 35.94 11.81
H62 MAN KA . 5.42 35.83 10.55
HO2 MAN KA . 9.89 34.82 7.52
HO3 MAN KA . 10.92 33.90 10.21
HO4 MAN KA . 8.95 35.73 11.77
HO6 MAN KA . 6.71 37.72 10.25
C1 FUC KA . 8.02 36.84 -0.60
C2 FUC KA . 9.22 35.86 -0.61
C3 FUC KA . 9.62 35.51 -2.01
C4 FUC KA . 9.97 36.78 -2.79
C5 FUC KA . 8.83 37.73 -2.74
C6 FUC KA . 9.19 39.06 -3.36
O2 FUC KA . 9.06 34.65 0.21
O3 FUC KA . 10.80 34.67 -1.96
O4 FUC KA . 11.09 37.40 -2.21
O5 FUC KA . 8.38 37.98 -1.33
H2 FUC KA . 10.04 36.42 -0.13
H3 FUC KA . 8.78 35.01 -2.52
H4 FUC KA . 10.17 36.50 -3.84
H5 FUC KA . 7.97 37.29 -3.26
H61 FUC KA . 8.35 39.75 -3.30
H62 FUC KA . 9.45 38.92 -4.41
H63 FUC KA . 10.04 39.50 -2.84
HO2 FUC KA . 8.27 34.22 -0.12
HO3 FUC KA . 11.54 35.25 -2.20
HO4 FUC KA . 11.49 37.87 -2.95
C1 NAG LA . -2.02 40.26 54.29
C2 NAG LA . -3.52 40.07 54.14
C3 NAG LA . -4.18 39.74 55.50
C4 NAG LA . -3.41 38.63 56.22
C5 NAG LA . -1.91 38.93 56.25
C6 NAG LA . -1.06 37.86 56.88
C7 NAG LA . -4.71 41.15 52.30
C8 NAG LA . -5.29 42.43 51.78
N2 NAG LA . -4.15 41.22 53.52
O3 NAG LA . -5.54 39.37 55.30
O4 NAG LA . -3.90 38.48 57.56
O5 NAG LA . -1.44 39.11 54.91
O6 NAG LA . -0.98 36.72 56.06
O7 NAG LA . -4.75 40.12 51.66
H2 NAG LA . -3.67 39.29 53.57
H3 NAG LA . -4.14 40.54 56.06
H4 NAG LA . -3.55 37.78 55.75
H5 NAG LA . -1.77 39.76 56.75
H61 NAG LA . -1.45 37.60 57.74
H62 NAG LA . -0.17 38.21 57.03
H81 NAG LA . -5.62 42.28 50.87
H82 NAG LA . -4.59 43.11 51.76
H83 NAG LA . -6.02 42.72 52.35
HN2 NAG LA . -4.15 42.02 53.97
HO3 NAG LA . -5.92 39.15 56.07
HO6 NAG LA . -1.12 36.96 55.21
C1 NAG LA . -4.67 37.22 57.85
C2 NAG LA . -4.66 37.24 59.40
C3 NAG LA . -5.87 36.49 59.98
C4 NAG LA . -7.17 36.94 59.31
C5 NAG LA . -7.00 36.78 57.80
C6 NAG LA . -8.25 37.08 56.99
C7 NAG LA . -2.38 37.38 60.32
C8 NAG LA . -1.19 36.60 60.80
N2 NAG LA . -3.42 36.65 59.91
O3 NAG LA . -5.94 36.78 61.38
O4 NAG LA . -8.26 36.14 59.73
O5 NAG LA . -5.96 37.66 57.37
O6 NAG LA . -8.74 38.41 57.15
O7 NAG LA . -2.40 38.63 60.30
H2 NAG LA . -4.73 38.17 59.68
H3 NAG LA . -5.77 35.53 59.83
H4 NAG LA . -7.35 37.86 59.54
H5 NAG LA . -6.77 35.85 57.59
H61 NAG LA . -8.95 36.45 57.26
H62 NAG LA . -8.05 36.94 56.04
H81 NAG LA . -0.46 37.21 61.01
H82 NAG LA . -0.91 35.98 60.10
H83 NAG LA . -1.44 36.09 61.60
HN2 NAG LA . -3.36 35.75 59.95
HO3 NAG LA . -6.76 37.04 61.60
HO6 NAG LA . -9.56 38.45 56.81
C1 BMA LA . -8.67 35.10 60.68
C2 BMA LA . -9.26 35.29 62.13
C3 BMA LA . -10.82 35.32 62.10
C4 BMA LA . -11.47 34.11 61.33
C5 BMA LA . -10.41 33.40 60.41
C6 BMA LA . -11.06 32.49 59.34
O2 BMA LA . -8.86 36.54 62.74
O3 BMA LA . -11.26 36.57 61.57
O4 BMA LA . -12.10 33.13 62.24
O5 BMA LA . -9.58 34.43 59.76
O6 BMA LA . -11.83 31.52 60.04
H2 BMA LA . -8.90 34.43 62.73
H3 BMA LA . -11.20 35.23 63.12
H4 BMA LA . -12.24 34.53 60.67
H5 BMA LA . -9.74 32.77 61.02
H61 BMA LA . -10.26 32.03 58.75
H62 BMA LA . -11.67 33.12 58.68
HO2 BMA LA . -9.05 36.45 63.69
HO3 BMA LA . -10.43 37.10 61.42
HO4 BMA LA . -12.81 32.72 61.74
HO6 BMA LA . -12.45 31.15 59.40
C1 NAG MA . -28.79 32.66 44.20
C2 NAG MA . -29.28 31.30 43.68
C3 NAG MA . -29.79 30.42 44.82
C4 NAG MA . -28.83 30.43 46.00
C5 NAG MA . -28.44 31.86 46.35
C6 NAG MA . -27.43 31.97 47.48
C7 NAG MA . -30.22 30.95 41.45
C8 NAG MA . -31.29 31.33 40.48
N2 NAG MA . -30.29 31.52 42.65
O3 NAG MA . -29.92 29.07 44.37
O4 NAG MA . -29.40 29.86 47.17
O5 NAG MA . -27.85 32.46 45.20
O6 NAG MA . -26.70 30.76 47.62
O7 NAG MA . -29.34 30.14 41.17
H2 NAG MA . -28.52 30.82 43.29
H3 NAG MA . -30.66 30.77 45.09
H4 NAG MA . -28.04 29.91 45.74
H5 NAG MA . -29.24 32.35 46.62
H61 NAG MA . -27.90 32.16 48.31
H62 NAG MA . -26.82 32.70 47.29
H81 NAG MA . -31.07 30.97 39.59
H82 NAG MA . -31.35 32.30 40.43
H83 NAG MA . -32.14 30.96 40.78
HN2 NAG MA . -30.99 32.06 42.84
HO3 NAG MA . -30.32 28.58 45.00
HO6 NAG MA . -26.10 30.86 48.26
C1 NAG MA . -29.62 28.76 47.99
C2 NAG MA . -29.91 28.89 49.47
C3 NAG MA . -29.66 27.54 50.14
C4 NAG MA . -30.62 26.51 49.53
C5 NAG MA . -30.49 26.45 48.00
C6 NAG MA . -31.61 25.67 47.36
C7 NAG MA . -29.66 31.10 50.48
C8 NAG MA . -28.73 32.08 51.15
N2 NAG MA . -29.13 29.94 50.10
O3 NAG MA . -29.84 27.68 51.54
O4 NAG MA . -30.38 25.19 50.06
O5 NAG MA . -30.53 27.77 47.40
O6 NAG MA . -31.56 25.77 45.94
O7 NAG MA . -30.85 31.36 50.28
H2 NAG MA . -30.84 29.13 49.57
H3 NAG MA . -28.75 27.24 49.99
H4 NAG MA . -31.52 26.78 49.78
H5 NAG MA . -29.62 26.06 47.79
H61 NAG MA . -32.46 26.01 47.68
H62 NAG MA . -31.53 24.73 47.62
H81 NAG MA . -29.23 32.88 51.43
H82 NAG MA . -28.03 32.35 50.52
H83 NAG MA . -28.32 31.66 51.93
HN2 NAG MA . -28.24 29.79 50.25
HO3 NAG MA . -29.79 26.88 51.93
HO4 NAG MA . -31.08 24.68 49.89
HO6 NAG MA . -31.06 26.47 45.71
C1 NAG NA . 17.94 35.12 15.51
C2 NAG NA . 18.82 34.37 14.55
C3 NAG NA . 18.85 35.10 13.22
C4 NAG NA . 17.43 35.27 12.69
C5 NAG NA . 16.49 35.83 13.74
C6 NAG NA . 15.03 35.72 13.34
C7 NAG NA . 20.51 33.15 15.83
C8 NAG NA . 21.93 33.12 16.31
N2 NAG NA . 20.16 34.19 15.08
O3 NAG NA . 19.62 34.40 12.26
O4 NAG NA . 17.51 36.18 11.60
O5 NAG NA . 16.62 35.16 15.00
O6 NAG NA . 14.56 34.38 13.32
O7 NAG NA . 19.71 32.26 16.13
H2 NAG NA . 18.45 33.48 14.40
H3 NAG NA . 19.27 35.97 13.38
H4 NAG NA . 17.08 34.40 12.41
H5 NAG NA . 16.73 36.77 13.89
H61 NAG NA . 14.93 36.10 12.44
H62 NAG NA . 14.50 36.24 13.96
H81 NAG NA . 22.05 32.37 16.92
H82 NAG NA . 22.13 33.96 16.76
H83 NAG NA . 22.52 33.02 15.54
HN2 NAG NA . 20.79 34.82 14.89
HO3 NAG NA . 19.81 34.95 11.60
C1 NAG NA . 17.03 35.92 10.39
C2 NAG NA . 16.66 37.22 9.66
C3 NAG NA . 16.05 36.89 8.31
C4 NAG NA . 17.04 36.06 7.51
C5 NAG NA . 17.32 34.79 8.29
C6 NAG NA . 18.30 33.87 7.59
C7 NAG NA . 16.11 39.03 11.25
C8 NAG NA . 15.02 39.70 11.99
N2 NAG NA . 15.73 38.01 10.45
O3 NAG NA . 15.71 38.08 7.66
O4 NAG NA . 16.52 35.75 6.22
O5 NAG NA . 17.90 35.13 9.55
O6 NAG NA . 19.56 34.51 7.43
O7 NAG NA . 17.28 39.40 11.35
H2 NAG NA . 17.47 37.74 9.52
H3 NAG NA . 15.23 36.37 8.43
H4 NAG NA . 17.86 36.57 7.37
H5 NAG NA . 16.49 34.30 8.44
H61 NAG NA . 17.94 33.64 6.71
H62 NAG NA . 18.42 33.06 8.12
H81 NAG NA . 15.40 40.39 12.57
H82 NAG NA . 14.56 39.04 12.55
H83 NAG NA . 14.39 40.10 11.37
HN2 NAG NA . 14.84 37.80 10.40
HO3 NAG NA . 16.45 38.44 7.31
HO6 NAG NA . 19.76 34.95 8.17
C1 BMA NA . 17.11 36.32 5.07
C2 BMA NA . 16.92 35.43 3.88
C3 BMA NA . 17.48 36.12 2.66
C4 BMA NA . 16.82 37.45 2.40
C5 BMA NA . 16.75 38.29 3.67
C6 BMA NA . 15.88 39.54 3.46
O2 BMA NA . 15.52 35.24 3.69
O3 BMA NA . 17.38 35.33 1.49
O4 BMA NA . 17.62 38.13 1.48
O5 BMA NA . 16.30 37.44 4.83
O6 BMA NA . 14.62 39.20 2.86
H2 BMA NA . 17.43 34.45 4.02
H3 BMA NA . 18.55 36.29 2.83
H4 BMA NA . 15.78 37.26 2.08
H5 BMA NA . 17.75 38.64 3.95
H61 BMA NA . 16.44 40.24 2.82
H62 BMA NA . 15.73 40.01 4.45
HO2 BMA NA . 15.39 35.15 2.74
HO4 BMA NA . 17.77 37.50 0.75
C1 MAN NA . 18.57 34.87 0.79
C2 MAN NA . 17.83 34.17 -0.38
C3 MAN NA . 17.77 32.67 -0.08
C4 MAN NA . 19.20 32.15 0.10
C5 MAN NA . 19.85 32.81 1.34
C6 MAN NA . 21.29 33.35 1.05
O2 MAN NA . 18.56 34.33 -1.64
O3 MAN NA . 17.11 31.98 -1.09
O4 MAN NA . 19.21 30.77 0.24
O5 MAN NA . 18.98 33.93 1.80
O6 MAN NA . 21.62 34.52 1.95
H2 MAN NA . 16.81 34.58 -0.48
H3 MAN NA . 17.18 32.48 0.83
H4 MAN NA . 19.79 32.46 -0.79
H5 MAN NA . 19.94 32.09 2.15
H61 MAN NA . 21.31 33.65 -0.01
H62 MAN NA . 21.99 32.53 1.20
HO2 MAN NA . 18.32 33.62 -2.23
HO3 MAN NA . 17.68 31.22 -1.29
HO4 MAN NA . 20.14 30.54 0.33
HO6 MAN NA . 20.85 34.73 2.49
C1 MAN NA . 13.79 39.07 4.11
C2 MAN NA . 12.99 37.81 3.80
C3 MAN NA . 12.16 38.06 2.55
C4 MAN NA . 11.34 39.33 2.63
C5 MAN NA . 12.13 40.50 3.22
C6 MAN NA . 11.20 41.64 3.67
O2 MAN NA . 12.06 37.54 4.88
O3 MAN NA . 11.25 36.98 2.28
O4 MAN NA . 10.89 39.62 1.32
O5 MAN NA . 12.90 40.06 4.39
O6 MAN NA . 10.37 41.19 4.81
H2 MAN NA . 13.65 36.95 3.64
H3 MAN NA . 12.87 38.13 1.72
H4 MAN NA . 10.50 39.19 3.35
H5 MAN NA . 12.84 40.85 2.46
H61 MAN NA . 10.58 41.94 2.82
H62 MAN NA . 11.82 42.49 3.97
HO2 MAN NA . 11.26 37.19 4.49
HO3 MAN NA . 10.52 37.38 1.75
HO4 MAN NA . 9.94 39.56 1.36
HO6 MAN NA . 10.92 40.70 5.44
C1 FUC NA . 13.15 34.35 12.97
C2 FUC NA . 13.31 33.31 11.91
C3 FUC NA . 13.89 32.05 12.49
C4 FUC NA . 12.97 31.57 13.60
C5 FUC NA . 12.84 32.68 14.62
C6 FUC NA . 11.96 32.32 15.79
O2 FUC NA . 14.11 33.69 10.83
O3 FUC NA . 13.93 31.08 11.44
O4 FUC NA . 11.68 31.30 13.02
O5 FUC NA . 12.31 33.86 13.99
H2 FUC NA . 12.30 33.15 11.52
H3 FUC NA . 14.90 32.20 12.91
H4 FUC NA . 13.38 30.68 14.09
H5 FUC NA . 13.83 32.91 15.03
H61 FUC NA . 11.88 33.16 16.48
H62 FUC NA . 12.37 31.47 16.33
H63 FUC NA . 10.95 32.06 15.44
HO2 FUC NA . 14.92 34.06 11.22
HO3 FUC NA . 13.02 30.73 11.39
HO4 FUC NA . 11.26 30.68 13.64
C1 NAG OA . -55.11 9.02 -8.26
C2 NAG OA . -54.22 10.16 -7.77
C3 NAG OA . -55.04 11.18 -6.98
C4 NAG OA . -56.27 11.62 -7.78
C5 NAG OA . -57.04 10.41 -8.32
C6 NAG OA . -58.14 10.78 -9.30
C7 NAG OA . -51.90 9.52 -7.38
C8 NAG OA . -50.94 8.94 -6.40
N2 NAG OA . -53.15 9.65 -6.94
O3 NAG OA . -54.19 12.28 -6.71
O4 NAG OA . -57.10 12.42 -6.92
O5 NAG OA . -56.15 9.54 -9.04
O6 NAG OA . -57.61 11.32 -10.50
O7 NAG OA . -51.57 9.84 -8.52
H2 NAG OA . -53.85 10.62 -8.55
H3 NAG OA . -55.37 10.79 -6.15
H4 NAG OA . -56.00 12.16 -8.54
H5 NAG OA . -57.42 9.93 -7.56
H61 NAG OA . -58.72 11.44 -8.88
H62 NAG OA . -58.66 9.97 -9.50
H81 NAG OA . -50.03 8.97 -6.77
H82 NAG OA . -51.17 8.02 -6.21
H83 NAG OA . -50.96 9.46 -5.57
HN2 NAG OA . -53.35 9.40 -6.09
HO3 NAG OA . -54.56 12.80 -6.10
HO6 NAG OA . -56.89 10.85 -10.76
C1 NAG OA . -56.95 13.84 -7.10
C2 NAG OA . -58.26 14.45 -6.68
C3 NAG OA . -58.16 15.97 -6.68
C4 NAG OA . -56.98 16.45 -5.83
C5 NAG OA . -55.70 15.71 -6.23
C6 NAG OA . -54.55 16.00 -5.28
C7 NAG OA . -60.19 13.03 -7.22
C8 NAG OA . -61.30 12.75 -8.19
N2 NAG OA . -59.38 14.03 -7.53
O3 NAG OA . -59.38 16.48 -6.16
O4 NAG OA . -56.79 17.86 -5.98
O5 NAG OA . -55.92 14.28 -6.22
O6 NAG OA . -53.28 15.79 -5.87
O7 NAG OA . -60.03 12.35 -6.18
H2 NAG OA . -58.45 14.14 -5.78
H3 NAG OA . -58.01 16.30 -7.59
H4 NAG OA . -57.18 16.25 -4.89
H5 NAG OA . -55.45 15.96 -7.14
H61 NAG OA . -54.63 15.42 -4.50
H62 NAG OA . -54.62 16.93 -5.00
H81 NAG OA . -61.85 12.02 -7.87
H82 NAG OA . -60.91 12.49 -9.06
H83 NAG OA . -61.84 13.55 -8.31
HN2 NAG OA . -59.50 14.47 -8.32
HO3 NAG OA . -59.63 17.19 -6.63
HO6 NAG OA . -52.65 15.84 -5.24
C1 BMA OA . -57.11 19.39 -5.64
C2 BMA OA . -58.23 19.19 -4.49
C3 BMA OA . -58.18 20.26 -3.40
C4 BMA OA . -56.71 20.48 -2.89
C5 BMA OA . -55.73 20.80 -4.11
C6 BMA OA . -54.28 20.94 -3.62
O2 BMA OA . -58.10 17.96 -3.74
O3 BMA OA . -59.08 19.89 -2.28
O4 BMA OA . -56.66 21.55 -1.92
O5 BMA OA . -55.78 19.74 -5.17
O6 BMA OA . -54.09 22.30 -3.18
H2 BMA OA . -59.17 19.25 -5.05
H3 BMA OA . -58.54 21.22 -3.78
H4 BMA OA . -56.37 19.52 -2.47
H5 BMA OA . -56.06 21.72 -4.60
H61 BMA OA . -53.60 20.68 -4.45
H62 BMA OA . -54.11 20.23 -2.80
HO2 BMA OA . -58.33 18.17 -2.82
HO3 BMA OA . -59.17 20.70 -1.75
HO4 BMA OA . -56.58 22.35 -2.45
HO6 BMA OA . -53.29 22.33 -2.64
C1 NAG PA . -32.94 28.22 -4.44
C2 NAG PA . -32.92 29.29 -5.52
C3 NAG PA . -33.48 30.58 -4.97
C4 NAG PA . -34.92 30.31 -4.58
C5 NAG PA . -34.95 29.21 -3.52
C6 NAG PA . -36.35 28.82 -3.11
C7 NAG PA . -30.46 29.21 -5.54
C8 NAG PA . -29.24 29.38 -6.39
N2 NAG PA . -31.61 29.48 -6.14
O3 NAG PA . -33.40 31.57 -5.98
O4 NAG PA . -35.58 31.45 -4.06
O5 NAG PA . -34.30 28.01 -4.00
O6 NAG PA . -36.34 28.33 -1.77
O7 NAG PA . -30.38 28.88 -4.36
H2 NAG PA . -33.49 28.98 -6.24
H3 NAG PA . -32.98 30.90 -4.19
H4 NAG PA . -35.40 30.04 -5.39
H5 NAG PA . -34.47 29.52 -2.73
H61 NAG PA . -36.68 28.11 -3.70
H62 NAG PA . -36.94 29.59 -3.17
H81 NAG PA . -28.46 29.52 -5.83
H82 NAG PA . -29.35 30.16 -6.98
H83 NAG PA . -29.11 28.58 -6.94
HN2 NAG PA . -31.59 29.80 -7.00
HO3 NAG PA . -33.63 32.35 -5.63
HO6 NAG PA . -37.02 27.77 -1.65
C1 NAG PA . -36.29 32.54 -4.49
C2 NAG PA . -37.04 33.36 -3.45
C3 NAG PA . -37.80 34.49 -4.17
C4 NAG PA . -36.81 35.36 -4.95
C5 NAG PA . -35.99 34.48 -5.91
C6 NAG PA . -34.89 35.24 -6.63
C7 NAG PA . -37.56 32.05 -1.44
C8 NAG PA . -38.61 31.25 -0.72
N2 NAG PA . -37.93 32.54 -2.65
O3 NAG PA . -38.53 35.27 -3.23
O4 NAG PA . -37.49 36.40 -5.64
O5 NAG PA . -35.36 33.39 -5.21
O6 NAG PA . -33.72 35.39 -5.84
O7 NAG PA . -36.44 32.25 -0.97
H2 NAG PA . -36.40 33.76 -2.85
H3 NAG PA . -38.45 34.09 -4.78
H4 NAG PA . -36.19 35.79 -4.32
H5 NAG PA . -36.61 34.12 -6.57
H61 NAG PA . -35.21 36.12 -6.88
H62 NAG PA . -34.65 34.74 -7.44
H81 NAG PA . -38.25 30.96 0.14
H82 NAG PA . -38.85 30.47 -1.25
H83 NAG PA . -39.40 31.80 -0.57
HN2 NAG PA . -38.76 32.36 -2.96
HO3 NAG PA . -38.92 35.96 -3.65
HO4 NAG PA . -36.95 37.09 -5.74
HO6 NAG PA . -33.83 34.98 -5.06
C1 NAG QA . -36.43 -11.45 -42.13
C2 NAG QA . -36.33 -11.73 -43.60
C3 NAG QA . -35.19 -12.67 -43.84
C4 NAG QA . -33.90 -12.08 -43.31
C5 NAG QA . -34.06 -11.56 -41.88
C6 NAG QA . -32.91 -10.67 -41.49
C7 NAG QA . -38.39 -11.48 -44.87
C8 NAG QA . -39.65 -12.13 -45.39
N2 NAG QA . -37.57 -12.25 -44.16
O3 NAG QA . -35.07 -12.85 -45.24
O4 NAG QA . -32.91 -13.09 -43.27
O5 NAG QA . -35.25 -10.79 -41.70
O6 NAG QA . -32.73 -9.64 -42.45
O7 NAG QA . -38.15 -10.28 -45.08
H2 NAG QA . -36.15 -10.89 -44.06
H3 NAG QA . -35.35 -13.53 -43.40
H4 NAG QA . -33.66 -11.33 -43.89
H5 NAG QA . -34.13 -12.33 -41.29
H61 NAG QA . -32.10 -11.20 -41.43
H62 NAG QA . -33.10 -10.27 -40.62
H81 NAG QA . -40.22 -11.44 -45.79
H82 NAG QA . -40.11 -12.56 -44.64
H83 NAG QA . -39.41 -12.79 -46.06
HN2 NAG QA . -37.78 -13.13 -44.02
HO3 NAG QA . -34.21 -12.96 -45.44
C1 NAG QA . -31.66 -12.87 -43.77
C2 NAG QA . -30.67 -13.85 -43.15
C3 NAG QA . -29.33 -13.67 -43.82
C4 NAG QA . -29.48 -13.89 -45.31
C5 NAG QA . -30.53 -12.93 -45.84
C6 NAG QA . -30.82 -13.15 -47.30
C7 NAG QA . -31.25 -14.34 -40.80
C8 NAG QA . -31.06 -13.91 -39.38
N2 NAG QA . -30.55 -13.66 -41.71
O3 NAG QA . -28.41 -14.58 -43.22
O4 NAG QA . -28.28 -13.63 -46.02
O5 NAG QA . -31.78 -13.12 -45.14
O6 NAG QA . -31.57 -14.34 -47.48
O7 NAG QA . -32.00 -15.28 -41.10
H2 NAG QA . -30.98 -14.76 -43.31
H3 NAG QA . -28.97 -12.77 -43.69
H4 NAG QA . -29.74 -14.81 -45.46
H5 NAG QA . -30.23 -12.01 -45.69
H61 NAG QA . -29.97 -13.23 -47.78
H62 NAG QA . -31.33 -12.39 -47.65
H81 NAG QA . -31.56 -14.50 -38.79
H82 NAG QA . -31.39 -13.00 -39.27
H83 NAG QA . -30.11 -13.94 -39.15
HN2 NAG QA . -29.97 -13.03 -41.42
HO3 NAG QA . -28.80 -15.38 -43.13
HO6 NAG QA . -32.08 -14.47 -46.77
C1 BMA QA . -27.54 -14.72 -46.57
C2 BMA QA . -26.84 -14.41 -47.85
C3 BMA QA . -26.11 -15.68 -48.32
C4 BMA QA . -25.10 -16.12 -47.26
C5 BMA QA . -25.88 -16.35 -45.94
C6 BMA QA . -24.98 -16.73 -44.76
O2 BMA QA . -25.86 -13.41 -47.61
O3 BMA QA . -25.50 -15.51 -49.62
O4 BMA QA . -24.43 -17.31 -47.65
O5 BMA QA . -26.63 -15.15 -45.60
O6 BMA QA . -23.84 -15.82 -44.69
H2 BMA QA . -27.54 -14.08 -48.63
H3 BMA QA . -26.82 -16.51 -48.48
H4 BMA QA . -24.37 -15.32 -47.10
H5 BMA QA . -26.60 -17.17 -46.10
H61 BMA QA . -24.65 -17.76 -44.89
H62 BMA QA . -25.58 -16.67 -43.83
HO2 BMA QA . -26.21 -12.87 -46.87
HO4 BMA QA . -25.12 -17.95 -47.88
C1 MAN QA . -26.71 -15.51 -50.67
C2 MAN QA . -25.91 -16.10 -51.79
C3 MAN QA . -24.66 -15.15 -52.06
C4 MAN QA . -25.12 -13.71 -52.42
C5 MAN QA . -26.28 -13.24 -51.43
C6 MAN QA . -27.03 -11.90 -51.76
O2 MAN QA . -26.81 -16.18 -52.96
O3 MAN QA . -23.76 -15.66 -53.03
O4 MAN QA . -23.97 -12.88 -52.25
O5 MAN QA . -27.30 -14.33 -51.26
O6 MAN QA . -27.69 -11.44 -50.58
H2 MAN QA . -25.49 -17.10 -51.58
H3 MAN QA . -24.07 -15.10 -51.14
H4 MAN QA . -25.54 -13.67 -53.43
H5 MAN QA . -25.78 -13.03 -50.47
H61 MAN QA . -27.74 -12.09 -52.58
H62 MAN QA . -26.29 -11.16 -52.13
HO2 MAN QA . -27.58 -15.64 -52.79
HO3 MAN QA . -24.32 -15.98 -53.75
HO4 MAN QA . -23.27 -13.33 -52.73
HO6 MAN QA . -28.00 -12.22 -50.09
C1 MAN QA . -24.40 -14.84 -43.66
C2 MAN QA . -23.89 -13.51 -44.31
C3 MAN QA . -22.35 -13.51 -44.31
C4 MAN QA . -21.80 -13.81 -42.85
C5 MAN QA . -22.47 -15.04 -42.19
C6 MAN QA . -22.14 -15.14 -40.67
O2 MAN QA . -24.34 -12.30 -43.53
O3 MAN QA . -21.86 -12.28 -44.79
O4 MAN QA . -20.39 -14.02 -42.85
O5 MAN QA . -23.94 -14.99 -42.33
O6 MAN QA . -22.71 -14.00 -39.90
H2 MAN QA . -24.26 -13.43 -45.33
H3 MAN QA . -21.97 -14.31 -44.97
H4 MAN QA . -22.09 -12.93 -42.25
H5 MAN QA . -22.10 -15.94 -42.70
H61 MAN QA . -21.04 -15.18 -40.56
H62 MAN QA . -22.55 -16.09 -40.30
HO2 MAN QA . -23.89 -11.52 -43.89
HO3 MAN QA . -20.98 -12.17 -44.38
HO4 MAN QA . -20.01 -13.23 -42.42
HO6 MAN QA . -23.59 -13.79 -40.24
C1 FUC QA . -31.62 -8.71 -42.07
C2 FUC QA . -31.24 -8.18 -43.48
C3 FUC QA . -32.45 -7.48 -44.11
C4 FUC QA . -32.82 -6.34 -43.22
C5 FUC QA . -33.19 -6.90 -41.83
C6 FUC QA . -33.61 -5.83 -40.83
O2 FUC QA . -30.74 -9.15 -44.39
O3 FUC QA . -32.12 -6.99 -45.39
O4 FUC QA . -31.71 -5.45 -43.18
O5 FUC QA . -32.13 -7.63 -41.22
H2 FUC QA . -30.42 -7.47 -43.30
H3 FUC QA . -33.30 -8.18 -44.22
H4 FUC QA . -33.71 -5.79 -43.58
H5 FUC QA . -34.03 -7.60 -42.00
H61 FUC QA . -33.91 -6.30 -39.89
H62 FUC QA . -34.47 -5.27 -41.23
H63 FUC QA . -32.78 -5.14 -40.65
HO2 FUC QA . -31.20 -9.96 -44.15
HO3 FUC QA . -31.48 -6.27 -45.22
HO4 FUC QA . -32.10 -4.59 -42.98
C1 NAG RA . 13.95 -38.51 -29.01
C2 NAG RA . 13.14 -39.77 -28.77
C3 NAG RA . 14.05 -40.97 -28.70
C4 NAG RA . 14.94 -41.07 -29.94
C5 NAG RA . 15.61 -39.72 -30.26
C6 NAG RA . 16.24 -39.68 -31.64
C7 NAG RA . 11.03 -39.49 -27.55
C8 NAG RA . 10.38 -39.42 -26.22
N2 NAG RA . 12.36 -39.65 -27.55
O3 NAG RA . 13.31 -42.18 -28.60
O4 NAG RA . 15.89 -42.09 -29.66
O5 NAG RA . 14.66 -38.64 -30.21
O6 NAG RA . 15.32 -39.94 -32.68
O7 NAG RA . 10.39 -39.39 -28.60
H2 NAG RA . 12.53 -39.88 -29.52
H3 NAG RA . 14.61 -40.86 -27.90
H4 NAG RA . 14.43 -41.29 -30.74
H5 NAG RA . 16.28 -39.56 -29.57
H61 NAG RA . 16.96 -40.34 -31.67
H62 NAG RA . 16.63 -38.79 -31.78
H81 NAG RA . 9.41 -39.45 -26.34
H82 NAG RA . 10.64 -38.60 -25.78
H83 NAG RA . 10.67 -40.19 -25.68
HN2 NAG RA . 12.79 -39.68 -26.75
HO3 NAG RA . 13.88 -42.85 -28.50
HO6 NAG RA . 14.60 -39.42 -32.61
C1 NAG RA . 15.90 -43.22 -30.64
C2 NAG RA . 17.28 -43.90 -30.53
C3 NAG RA . 17.20 -45.36 -30.99
C4 NAG RA . 16.04 -46.10 -30.32
C5 NAG RA . 14.74 -45.32 -30.47
C6 NAG RA . 13.57 -45.93 -29.73
C7 NAG RA . 19.13 -42.30 -30.76
C8 NAG RA . 20.10 -41.67 -31.71
N2 NAG RA . 18.30 -43.20 -31.29
O3 NAG RA . 18.43 -45.97 -30.64
O4 NAG RA . 15.95 -47.40 -30.89
O5 NAG RA . 14.92 -43.99 -29.93
O6 NAG RA . 13.93 -46.38 -28.42
O7 NAG RA . 19.09 -41.98 -29.56
H2 NAG RA . 17.53 -43.90 -29.59
H3 NAG RA . 17.05 -45.40 -31.96
H4 NAG RA . 16.21 -46.19 -29.37
H5 NAG RA . 14.51 -45.26 -31.41
H61 NAG RA . 13.24 -46.70 -30.24
H62 NAG RA . 12.86 -45.27 -29.65
H81 NAG RA . 20.73 -41.11 -31.21
H82 NAG RA . 19.61 -41.11 -32.35
H83 NAG RA . 20.59 -42.37 -32.19
HN2 NAG RA . 18.37 -43.38 -32.18
HO3 NAG RA . 18.33 -46.85 -30.64
HO6 NAG RA . 13.22 -46.73 -28.02
C1 BMA RA . 15.85 -48.61 -29.96
C2 BMA RA . 14.72 -49.64 -30.34
C3 BMA RA . 14.92 -50.89 -29.43
C4 BMA RA . 16.38 -51.45 -29.65
C5 BMA RA . 17.50 -50.35 -29.45
C6 BMA RA . 18.93 -50.84 -29.96
O2 BMA RA . 14.80 -49.99 -31.76
O3 BMA RA . 13.86 -51.93 -29.57
O4 BMA RA . 16.63 -52.55 -28.74
O5 BMA RA . 17.16 -49.15 -30.19
O6 BMA RA . 19.99 -49.80 -29.83
H2 BMA RA . 13.72 -49.22 -30.17
H3 BMA RA . 14.80 -50.64 -28.37
H4 BMA RA . 16.42 -51.74 -30.71
H5 BMA RA . 17.57 -50.10 -28.37
H61 BMA RA . 18.82 -51.13 -31.01
H62 BMA RA . 19.19 -51.74 -29.37
HO2 BMA RA . 15.24 -49.24 -32.21
HO3 BMA RA . 13.89 -52.43 -28.73
HO4 BMA RA . 17.21 -53.14 -29.24
HO6 BMA RA . 19.57 -48.94 -29.91
C1 NAG SA . -7.32 -59.01 -26.49
C2 NAG SA . -7.70 -59.81 -27.73
C3 NAG SA . -6.98 -61.14 -27.73
C4 NAG SA . -5.48 -60.90 -27.66
C5 NAG SA . -5.12 -60.02 -26.45
C6 NAG SA . -3.66 -59.66 -26.40
C7 NAG SA . -10.05 -60.06 -26.97
C8 NAG SA . -11.46 -60.18 -27.44
N2 NAG SA . -9.13 -59.96 -27.94
O3 NAG SA . -7.31 -61.78 -28.95
O4 NAG SA . -4.74 -62.10 -27.58
O5 NAG SA . -5.86 -58.78 -26.48
O6 NAG SA . -3.14 -59.63 -27.72
O7 NAG SA . -9.74 -60.07 -25.78
H2 NAG SA . -7.39 -59.29 -28.50
H3 NAG SA . -7.24 -61.71 -26.96
H4 NAG SA . -5.23 -60.43 -28.48
H5 NAG SA . -5.37 -60.49 -25.63
H61 NAG SA . -3.17 -60.33 -25.87
H62 NAG SA . -3.55 -58.78 -25.98
H81 NAG SA . -12.03 -60.47 -26.69
H82 NAG SA . -11.51 -60.81 -28.16
H83 NAG SA . -11.78 -59.30 -27.75
HN2 NAG SA . -9.42 -59.99 -28.81
HO3 NAG SA . -7.14 -62.64 -28.89
HO6 NAG SA . -3.57 -58.99 -28.17
C1 NAG SA . -4.25 -62.85 -28.74
C2 NAG SA . -3.09 -63.78 -28.49
C3 NAG SA . -2.58 -64.28 -29.82
C4 NAG SA . -3.67 -65.09 -30.51
C5 NAG SA . -5.02 -64.34 -30.59
C6 NAG SA . -6.19 -65.30 -30.76
C7 NAG SA . -1.98 -63.14 -26.41
C8 NAG SA . -0.83 -62.38 -25.79
N2 NAG SA . -2.04 -63.12 -27.74
O3 NAG SA . -1.40 -65.08 -29.63
O4 NAG SA . -3.21 -65.48 -31.81
O5 NAG SA . -5.32 -63.59 -29.41
O6 NAG SA . -7.45 -64.75 -30.36
O7 NAG SA . -2.80 -63.74 -25.72
H2 NAG SA . -3.38 -64.55 -27.95
H3 NAG SA . -2.34 -63.53 -30.38
H4 NAG SA . -3.87 -65.88 -29.97
H5 NAG SA . -4.95 -63.71 -31.34
H61 NAG SA . -6.02 -66.09 -30.22
H62 NAG SA . -6.26 -65.56 -31.71
H81 NAG SA . -0.84 -62.51 -24.82
H82 NAG SA . -0.92 -61.43 -26.00
H83 NAG SA . 0.01 -62.71 -26.16
HN2 NAG SA . -1.39 -62.67 -28.20
HO3 NAG SA . -1.15 -65.42 -30.41
HO4 NAG SA . -3.72 -66.13 -32.12
HO6 NAG SA . -7.50 -64.68 -29.48
C1 NAG TA . -13.07 -8.24 -45.55
C2 NAG TA . -13.68 -7.40 -46.65
C3 NAG TA . -14.73 -6.51 -46.04
C4 NAG TA . -15.80 -7.39 -45.40
C5 NAG TA . -15.18 -8.37 -44.41
C6 NAG TA . -16.16 -9.45 -43.97
C7 NAG TA . -11.96 -7.19 -48.35
C8 NAG TA . -10.94 -6.33 -48.99
N2 NAG TA . -12.68 -6.64 -47.38
O3 NAG TA . -15.31 -5.68 -47.05
O4 NAG TA . -16.72 -6.59 -44.67
O5 NAG TA . -14.06 -9.06 -44.97
O6 NAG TA . -16.69 -10.17 -45.07
O7 NAG TA . -12.11 -8.36 -48.69
H2 NAG TA . -14.12 -7.98 -47.30
H3 NAG TA . -14.33 -5.92 -45.37
H4 NAG TA . -16.25 -7.88 -46.12
H5 NAG TA . -14.87 -7.87 -43.64
H61 NAG TA . -16.89 -9.03 -43.48
H62 NAG TA . -15.69 -10.07 -43.38
H81 NAG TA . -10.47 -6.83 -49.69
H82 NAG TA . -10.29 -6.03 -48.33
H83 NAG TA . -11.37 -5.54 -49.38
HN2 NAG TA . -12.54 -5.76 -47.16
HO3 NAG TA . -16.20 -5.69 -46.96
C1 NAG TA . -18.00 -6.63 -44.86
C2 NAG TA . -18.68 -6.07 -43.59
C3 NAG TA . -20.19 -6.11 -43.77
C4 NAG TA . -20.58 -5.36 -45.03
C5 NAG TA . -19.82 -5.94 -46.22
C6 NAG TA . -20.11 -5.19 -47.50
C7 NAG TA . -17.41 -6.46 -41.50
C8 NAG TA . -17.10 -7.45 -40.43
N2 NAG TA . -18.29 -6.85 -42.42
O3 NAG TA . -20.80 -5.55 -42.63
O4 NAG TA . -21.96 -5.48 -45.32
O5 NAG TA . -18.41 -5.87 -45.98
O6 NAG TA . -19.53 -3.89 -47.52
O7 NAG TA . -16.88 -5.35 -41.51
H2 NAG TA . -18.40 -5.15 -43.46
H3 NAG TA . -20.49 -7.03 -43.86
H4 NAG TA . -20.36 -4.41 -44.89
H5 NAG TA . -20.06 -6.87 -46.34
H61 NAG TA . -21.08 -5.10 -47.60
H62 NAG TA . -19.76 -5.70 -48.25
H81 NAG TA . -16.41 -7.08 -39.84
H82 NAG TA . -16.78 -8.27 -40.84
H83 NAG TA . -17.92 -7.63 -39.91
HN2 NAG TA . -18.68 -7.67 -42.31
HO3 NAG TA . -20.87 -4.67 -42.71
HO6 NAG TA . -18.68 -3.94 -47.25
C1 BMA TA . -22.49 -4.16 -45.19
C2 BMA TA . -23.65 -4.24 -46.14
C3 BMA TA . -24.55 -3.00 -46.01
C4 BMA TA . -25.04 -2.85 -44.54
C5 BMA TA . -23.87 -2.97 -43.53
C6 BMA TA . -24.36 -3.08 -42.09
O2 BMA TA . -24.53 -5.32 -45.78
O3 BMA TA . -25.66 -3.03 -46.92
O4 BMA TA . -25.65 -1.61 -44.41
O5 BMA TA . -22.99 -4.14 -43.83
O6 BMA TA . -25.53 -4.01 -42.02
H2 BMA TA . -23.25 -4.34 -47.16
H3 BMA TA . -23.98 -2.09 -46.27
H4 BMA TA . -25.72 -3.69 -44.33
H5 BMA TA . -23.23 -2.07 -43.65
H61 BMA TA . -24.64 -2.07 -41.74
H62 BMA TA . -23.53 -3.45 -41.46
HO2 BMA TA . -25.41 -5.07 -46.08
HO4 BMA TA . -24.93 -0.96 -44.51
C1 MAN TA . -26.19 -1.71 -47.15
C2 MAN TA . -27.43 -2.16 -47.93
C3 MAN TA . -26.92 -2.79 -49.24
C4 MAN TA . -26.05 -1.75 -50.05
C5 MAN TA . -24.86 -1.22 -49.20
C6 MAN TA . -24.13 -0.03 -49.92
O2 MAN TA . -28.27 -1.01 -48.26
O3 MAN TA . -28.01 -3.30 -49.98
O4 MAN TA . -25.48 -2.31 -51.23
O5 MAN TA . -25.37 -0.77 -47.90
O6 MAN TA . -23.38 0.78 -48.97
H2 MAN TA . -28.03 -2.88 -47.37
H3 MAN TA . -26.27 -3.66 -49.06
H4 MAN TA . -26.75 -0.93 -50.28
H5 MAN TA . -24.12 -2.02 -49.01
H61 MAN TA . -24.89 0.58 -50.42
H62 MAN TA . -23.47 -0.46 -50.69
HO2 MAN TA . -28.67 -1.16 -49.13
HO3 MAN TA . -27.71 -3.26 -50.89
HO4 MAN TA . -25.18 -1.53 -51.73
HO6 MAN TA . -23.46 0.37 -48.11
C1 MAN TA . -24.97 -5.32 -41.73
C2 MAN TA . -25.67 -6.31 -42.64
C3 MAN TA . -27.10 -6.52 -42.13
C4 MAN TA . -27.17 -6.71 -40.58
C5 MAN TA . -26.21 -5.77 -39.81
C6 MAN TA . -26.06 -6.15 -38.29
O2 MAN TA . -24.94 -7.56 -42.65
O3 MAN TA . -27.75 -7.64 -42.83
O4 MAN TA . -28.51 -6.44 -40.10
O5 MAN TA . -24.91 -5.82 -40.44
O6 MAN TA . -25.31 -7.39 -38.16
H2 MAN TA . -25.74 -5.93 -43.67
H3 MAN TA . -27.70 -5.62 -42.36
H4 MAN TA . -26.83 -7.74 -40.41
H5 MAN TA . -26.59 -4.74 -39.85
H61 MAN TA . -27.06 -6.25 -37.87
H62 MAN TA . -25.54 -5.32 -37.79
HO2 MAN TA . -25.57 -8.26 -42.47
HO3 MAN TA . -28.55 -7.85 -42.31
HO4 MAN TA . -28.65 -7.07 -39.39
HO6 MAN TA . -24.64 -7.42 -38.87
C1 FUC TA . -17.79 -11.09 -44.85
C2 FUC TA . -18.61 -11.05 -46.11
C3 FUC TA . -17.72 -11.43 -47.31
C4 FUC TA . -17.11 -12.77 -46.97
C5 FUC TA . -16.27 -12.66 -45.76
C6 FUC TA . -15.56 -13.95 -45.35
O2 FUC TA . -19.25 -9.78 -46.29
O3 FUC TA . -18.47 -11.54 -48.55
O4 FUC TA . -18.18 -13.68 -46.64
O5 FUC TA . -17.16 -12.32 -44.70
H2 FUC TA . -19.43 -11.78 -46.05
H3 FUC TA . -16.94 -10.66 -47.47
H4 FUC TA . -16.49 -13.13 -47.82
H5 FUC TA . -15.49 -11.90 -45.92
H61 FUC TA . -15.03 -13.80 -44.41
H62 FUC TA . -14.85 -14.24 -46.12
H63 FUC TA . -16.29 -14.76 -45.22
HO2 FUC TA . -18.54 -9.13 -46.16
HO3 FUC TA . -19.05 -12.30 -48.44
HO4 FUC TA . -17.85 -14.56 -46.88
CL CL UA . -23.25 -45.12 10.88
FE HEC VA . -22.41 -62.48 6.02
CHA HEC VA . -23.20 -60.93 9.00
CHB HEC VA . -23.58 -65.45 7.46
CHC HEC VA . -21.04 -64.43 3.53
CHD HEC VA . -20.38 -59.96 5.21
NA HEC VA . -23.18 -63.10 7.89
C1A HEC VA . -23.59 -62.23 8.88
C2A HEC VA . -24.48 -62.92 9.82
C3A HEC VA . -24.58 -64.19 9.39
C4A HEC VA . -23.76 -64.31 8.19
CMA HEC VA . -25.45 -65.34 10.02
CAA HEC VA . -25.17 -62.28 11.06
CBA HEC VA . -26.63 -61.96 10.77
CGA HEC VA . -27.33 -61.25 11.90
O1A HEC VA . -27.45 -59.99 11.91
O2A HEC VA . -27.84 -61.97 12.77
NB HEC VA . -22.27 -64.51 5.60
C1B HEC VA . -22.87 -65.52 6.31
C2B HEC VA . -22.72 -66.75 5.60
C3B HEC VA . -22.01 -66.52 4.53
C4B HEC VA . -21.72 -65.10 4.50
CMB HEC VA . -23.24 -68.12 6.03
CAB HEC VA . -21.67 -67.63 3.51
CBB HEC VA . -20.20 -68.02 3.59
NC HEC VA . -20.94 -62.30 4.69
C1C HEC VA . -20.70 -63.11 3.59
C2C HEC VA . -20.00 -62.37 2.58
C3C HEC VA . -19.83 -61.13 3.03
C4C HEC VA . -20.39 -61.07 4.38
CMC HEC VA . -19.60 -62.95 1.22
CAC HEC VA . -19.11 -59.91 2.42
CBC HEC VA . -18.74 -59.87 0.93
ND HEC VA . -21.90 -60.70 6.93
C1D HEC VA . -20.93 -59.86 6.46
C2D HEC VA . -20.67 -58.85 7.44
C3D HEC VA . -21.57 -59.14 8.60
C4D HEC VA . -22.28 -60.31 8.21
CMD HEC VA . -19.74 -57.65 7.38
CAD HEC VA . -21.71 -58.38 9.93
CBD HEC VA . -20.46 -58.65 10.76
CGD HEC VA . -20.47 -57.97 12.12
O1D HEC VA . -20.86 -58.67 13.12
O2D HEC VA . -20.06 -56.77 12.24
HHA HEC VA . -23.62 -60.39 9.71
HHB HEC VA . -24.00 -66.26 7.80
HHC HEC VA . -20.79 -64.93 2.72
HHD HEC VA . -19.92 -59.17 4.87
HMA1 HEC VA . -26.15 -65.60 9.39
HMA2 HEC VA . -25.84 -65.03 10.86
HMA3 HEC VA . -24.87 -66.13 10.19
HAA1 HEC VA . -24.70 -61.46 11.30
HAA2 HEC VA . -25.12 -62.90 11.81
HBA1 HEC VA . -27.09 -62.78 10.58
HBA2 HEC VA . -26.65 -61.38 9.98
HMB1 HEC VA . -22.74 -68.80 5.54
HMB2 HEC VA . -24.18 -68.17 5.78
HAB HEC VA . -21.85 -67.30 2.63
HBB1 HEC VA . -19.71 -67.44 2.98
HMC1 HEC VA . -18.65 -62.83 1.09
HMC2 HEC VA . -20.10 -62.51 0.52
HMC3 HEC VA . -19.81 -63.90 1.21
HAC HEC VA . -19.74 -59.19 2.52
HBC1 HEC VA . -17.80 -59.66 0.84
HBC2 HEC VA . -19.28 -59.19 0.48
HBC3 HEC VA . -18.92 -60.74 0.54
HMD1 HEC VA . -19.71 -57.25 8.28
HMD2 HEC VA . -20.10 -57.00 6.75
HAD1 HEC VA . -22.49 -58.70 10.41
HAD2 HEC VA . -21.79 -57.43 9.76
HBD1 HEC VA . -19.68 -58.33 10.27
HBD2 HEC VA . -20.37 -59.61 10.89
CA CA WA . -8.49 -56.05 11.70
C1 EDO XA . -35.83 -36.79 -7.66
O1 EDO XA . -35.00 -37.96 -7.72
C2 EDO XA . -35.28 -35.70 -6.72
O2 EDO XA . -36.15 -34.53 -6.75
H11 EDO XA . -36.83 -37.07 -7.32
H12 EDO XA . -35.92 -36.37 -8.67
HO1 EDO XA . -35.47 -38.67 -8.19
H21 EDO XA . -34.28 -35.41 -7.04
H22 EDO XA . -35.21 -36.08 -5.71
HO2 EDO XA . -35.82 -33.86 -6.14
CL CL YA . -15.90 -31.64 19.57
FE HEC ZA . -18.24 -17.94 31.01
CHA HEC ZA . -18.01 -21.38 31.43
CHB HEC ZA . -17.87 -17.64 34.43
CHC HEC ZA . -19.10 -14.52 30.95
CHD HEC ZA . -19.44 -18.29 27.94
NA HEC ZA . -18.02 -19.25 32.61
C1A HEC ZA . -17.82 -20.60 32.54
C2A HEC ZA . -17.40 -21.09 33.83
C3A HEC ZA . -17.39 -20.05 34.66
C4A HEC ZA . -17.78 -18.89 33.91
CMA HEC ZA . -17.02 -20.02 36.15
CAA HEC ZA . -17.08 -22.56 34.13
CBA HEC ZA . -15.56 -22.69 34.19
CGA HEC ZA . -15.12 -24.12 34.41
O1A HEC ZA . -14.95 -24.50 35.60
O2A HEC ZA . -14.86 -24.87 33.45
NB HEC ZA . -18.49 -16.37 32.41
C1B HEC ZA . -18.27 -16.52 33.76
C2B HEC ZA . -18.50 -15.25 34.40
C3B HEC ZA . -18.86 -14.37 33.48
C4B HEC ZA . -18.84 -15.05 32.18
CMB HEC ZA . -18.34 -14.96 35.90
CAB HEC ZA . -19.15 -12.90 33.82
CBB HEC ZA . -20.66 -12.65 33.76
NC HEC ZA . -19.20 -16.65 29.77
C1C HEC ZA . -19.23 -15.27 29.81
C2C HEC ZA . -19.60 -14.78 28.49
C3C HEC ZA . -19.54 -15.82 27.64
C4C HEC ZA . -19.39 -17.01 28.45
CMC HEC ZA . -19.52 -13.29 28.14
CAC HEC ZA . -19.80 -15.97 26.12
CBC HEC ZA . -19.69 -14.70 25.24
ND HEC ZA . -18.64 -19.59 29.86
C1D HEC ZA . -19.24 -19.46 28.63
C2D HEC ZA . -19.58 -20.79 28.18
C3D HEC ZA . -19.14 -21.75 29.25
C4D HEC ZA . -18.57 -20.93 30.26
CMD HEC ZA . -20.23 -21.22 26.87
CAD HEC ZA . -19.34 -23.27 29.23
CBD HEC ZA . -20.75 -23.56 29.76
CGD HEC ZA . -20.92 -25.06 29.85
O1D HEC ZA . -20.89 -25.58 30.99
O2D HEC ZA . -21.08 -25.74 28.79
HHA HEC ZA . -17.73 -22.32 31.47
HHB HEC ZA . -17.64 -17.53 35.38
HHC HEC ZA . -19.20 -13.55 30.87
HHD HEC ZA . -19.64 -18.36 26.99
HMA1 HEC ZA . -16.21 -19.48 36.28
HMA2 HEC ZA . -16.86 -20.93 36.46
HMA3 HEC ZA . -17.76 -19.61 36.65
HAA1 HEC ZA . -17.43 -23.12 33.43
HAA2 HEC ZA . -17.46 -22.82 34.98
HBA1 HEC ZA . -15.22 -22.15 34.90
HBA2 HEC ZA . -15.20 -22.39 33.33
HMB1 HEC ZA . -18.83 -14.16 36.14
HMB2 HEC ZA . -17.40 -14.83 36.08
HAB HEC ZA . -18.84 -12.71 34.71
HBB1 HEC ZA . -20.89 -12.35 32.86
HMC1 HEC ZA . -20.34 -13.02 27.68
HMC2 HEC ZA . -18.77 -13.12 27.57
HMC3 HEC ZA . -19.44 -12.76 28.96
HAC HEC ZA . -19.11 -16.56 25.80
HBC1 HEC ZA . -20.47 -14.65 24.67
HBC2 HEC ZA . -18.89 -14.77 24.70
HBC3 HEC ZA . -19.64 -13.92 25.81
HMD1 HEC ZA . -20.49 -22.16 26.94
HMD2 HEC ZA . -19.58 -21.11 26.16
HAD1 HEC ZA . -18.68 -23.70 29.80
HAD2 HEC ZA . -19.25 -23.60 28.32
HBD1 HEC ZA . -21.42 -23.20 29.16
HBD2 HEC ZA . -20.86 -23.16 30.64
CA CA AB . -31.81 -23.99 24.57
C1 NAG BB . -49.68 -15.03 39.93
C2 NAG BB . -48.63 -14.53 40.93
C3 NAG BB . -49.25 -13.54 41.93
C4 NAG BB . -50.01 -12.42 41.20
C5 NAG BB . -51.03 -13.08 40.27
C6 NAG BB . -51.84 -12.11 39.45
C7 NAG BB . -46.74 -15.97 41.55
C8 NAG BB . -46.27 -17.14 42.35
N2 NAG BB . -48.03 -15.67 41.63
O3 NAG BB . -48.25 -12.99 42.80
O4 NAG BB . -50.63 -11.51 42.12
O5 NAG BB . -50.33 -13.93 39.33
O6 NAG BB . -51.03 -11.33 38.60
O7 NAG BB . -45.97 -15.32 40.87
H2 NAG BB . -47.94 -14.06 40.44
H3 NAG BB . -49.88 -14.03 42.49
H4 NAG BB . -49.40 -11.88 40.68
H5 NAG BB . -51.64 -13.63 40.79
H61 NAG BB . -52.33 -11.53 40.06
H62 NAG BB . -52.49 -12.61 38.92
H81 NAG BB . -45.32 -17.27 42.22
H82 NAG BB . -46.76 -17.94 42.06
H83 NAG BB . -46.46 -16.98 43.30
HN2 NAG BB . -48.57 -16.19 42.15
HO3 NAG BB . -48.60 -12.32 43.27
HO4 NAG BB . -50.74 -10.72 41.73
HO6 NAG BB . -51.52 -10.65 38.29
C1 NAG CB . -13.19 -52.13 33.94
C2 NAG CB . -14.45 -52.67 34.63
C3 NAG CB . -14.23 -52.77 36.15
C4 NAG CB . -12.94 -53.54 36.47
C5 NAG CB . -11.76 -52.96 35.69
C6 NAG CB . -10.47 -53.74 35.87
C7 NAG CB . -16.70 -52.32 33.70
C8 NAG CB . -17.80 -51.33 33.48
N2 NAG CB . -15.61 -51.85 34.32
O3 NAG CB . -15.33 -53.44 36.76
O4 NAG CB . -12.67 -53.45 37.86
O5 NAG CB . -12.06 -52.96 34.29
O6 NAG CB . -10.55 -55.04 35.32
O7 NAG CB . -16.78 -53.50 33.33
H2 NAG CB . -14.61 -53.58 34.29
H3 NAG CB . -14.16 -51.87 36.50
H4 NAG CB . -13.06 -54.46 36.21
H5 NAG CB . -11.61 -52.04 35.99
H61 NAG CB . -10.28 -53.82 36.83
H62 NAG CB . -9.74 -53.26 35.44
H81 NAG CB . -18.55 -51.77 33.04
H82 NAG CB . -17.48 -50.61 32.91
H83 NAG CB . -18.10 -50.96 34.34
HN2 NAG CB . -15.59 -50.98 34.57
HO3 NAG CB . -15.38 -53.24 37.62
HO4 NAG CB . -12.19 -54.15 38.11
HO6 NAG CB . -11.27 -55.10 34.79
C ACT DB . -11.15 -10.65 7.10
O ACT DB . -10.89 -10.21 8.26
OXT ACT DB . -12.02 -10.22 6.24
CH3 ACT DB . -10.29 -11.86 6.65
H1 ACT DB . -10.86 -12.63 6.49
H2 ACT DB . -9.64 -12.08 7.35
H3 ACT DB . -9.81 -11.63 5.83
CL CL EB . 46.02 10.99 -3.96
FE HEC FB . 46.76 25.07 -14.92
CHA HEC FB . 44.46 24.09 -12.68
CHB HEC FB . 45.20 28.22 -14.93
CHC HEC FB . 48.28 25.94 -17.91
CHD HEC FB . 47.50 21.77 -15.67
NA HEC FB . 45.05 25.98 -14.03
C1A HEC FB . 44.42 25.41 -12.98
C2A HEC FB . 43.70 26.41 -12.23
C3A HEC FB . 43.91 27.58 -12.84
C4A HEC FB . 44.75 27.31 -14.00
CMA HEC FB . 43.35 28.97 -12.43
CAA HEC FB . 42.90 26.17 -10.93
CBA HEC FB . 43.55 27.01 -9.78
CGA HEC FB . 42.95 26.69 -8.41
O1A HEC FB . 43.26 25.59 -7.91
O2A HEC FB . 42.18 27.51 -7.83
NB HEC FB . 46.72 26.73 -16.17
C1B HEC FB . 46.04 27.92 -15.98
C2B HEC FB . 46.41 28.84 -17.05
C3B HEC FB . 47.24 28.20 -17.87
C4B HEC FB . 47.46 26.87 -17.34
CMB HEC FB . 45.87 30.27 -17.23
CAB HEC FB . 47.93 28.77 -19.13
CBB HEC FB . 46.93 29.11 -20.23
NC HEC FB . 47.61 24.04 -16.55
C1C HEC FB . 48.37 24.63 -17.54
C2C HEC FB . 49.34 23.69 -18.03
C3C HEC FB . 49.06 22.51 -17.47
C4C HEC FB . 48.02 22.73 -16.50
CMC HEC FB . 50.26 23.99 -19.25
CAC HEC FB . 49.66 21.09 -17.69
CBC HEC FB . 51.07 20.95 -18.25
ND HEC FB . 46.08 23.25 -14.33
C1D HEC FB . 46.52 21.99 -14.74
C2D HEC FB . 45.82 20.98 -14.00
C3D HEC FB . 44.89 21.69 -13.09
C4D HEC FB . 45.12 23.09 -13.34
CMD HEC FB . 45.94 19.47 -14.05
CAD HEC FB . 43.90 20.99 -12.10
CBD HEC FB . 42.59 20.72 -12.85
CGD HEC FB . 41.47 20.37 -11.93
O1D HEC FB . 40.69 21.30 -11.54
O2D HEC FB . 41.34 19.16 -11.57
HHA HEC FB . 43.96 23.82 -11.89
HHB HEC FB . 44.89 29.14 -14.85
HHC HEC FB . 48.85 26.25 -18.65
HHD HEC FB . 47.84 20.86 -15.76
HMA1 HEC FB . 42.94 29.40 -13.21
HMA2 HEC FB . 44.08 29.52 -12.09
HMA3 HEC FB . 42.67 28.84 -11.73
HAA1 HEC FB . 42.93 25.23 -10.71
HAA2 HEC FB . 41.98 26.44 -11.05
HBA1 HEC FB . 43.41 27.95 -9.96
HBA2 HEC FB . 44.50 26.82 -9.75
HMB1 HEC FB . 46.60 30.90 -17.23
HMB2 HEC FB . 45.26 30.48 -16.50
HMB3 HEC FB . 45.39 30.33 -18.07
HAB HEC FB . 48.38 29.58 -18.87
HBB1 HEC FB . 46.03 28.87 -19.92
HMC1 HEC FB . 50.12 23.32 -19.94
HMC2 HEC FB . 51.20 23.95 -18.96
HMC3 HEC FB . 50.06 24.87 -19.60
HAC HEC FB . 49.69 20.71 -16.82
HBC1 HEC FB . 51.08 20.24 -18.91
HBC2 HEC FB . 51.68 20.74 -17.54
HBC3 HEC FB . 51.33 21.79 -18.68
HMD1 HEC FB . 45.07 19.07 -13.84
HMD2 HEC FB . 46.59 19.16 -13.39
HAD1 HEC FB . 43.74 21.57 -11.34
HAD2 HEC FB . 44.29 20.16 -11.79
HBD1 HEC FB . 42.74 19.99 -13.47
HBD2 HEC FB . 42.35 21.52 -13.35
CA CA GB . 38.66 11.98 -20.66
C1 NAG HB . 38.68 45.91 -28.31
C2 NAG HB . 40.04 46.42 -28.78
C3 NAG HB . 39.86 47.30 -30.04
C4 NAG HB . 39.08 46.55 -31.12
C5 NAG HB . 37.77 45.99 -30.56
C6 NAG HB . 37.04 45.13 -31.55
C7 NAG HB . 41.24 46.64 -26.61
C8 NAG HB . 41.97 47.59 -25.72
N2 NAG HB . 40.75 47.17 -27.74
O3 NAG HB . 41.14 47.69 -30.53
O4 NAG HB . 38.81 47.43 -32.21
O5 NAG HB . 38.02 45.19 -29.39
O6 NAG HB . 35.66 45.00 -31.23
O7 NAG HB . 41.08 45.46 -26.30
H2 NAG HB . 40.58 45.64 -29.01
H3 NAG HB . 39.36 48.10 -29.78
H4 NAG HB . 39.63 45.81 -31.43
H5 NAG HB . 37.20 46.74 -30.29
H61 NAG HB . 37.44 44.23 -31.56
H62 NAG HB . 37.12 45.51 -32.44
H81 NAG HB . 42.44 47.09 -25.02
H82 NAG HB . 41.34 48.20 -25.30
H83 NAG HB . 42.62 48.09 -26.24
HN2 NAG HB . 40.88 48.06 -27.88
HO3 NAG HB . 41.03 48.18 -31.28
HO4 NAG HB . 38.83 46.98 -32.97
HO6 NAG HB . 35.21 44.72 -31.94
CL CL IB . 38.47 -4.56 0.32
FE HEC JB . 31.43 -15.09 13.11
CHA HEC JB . 30.24 -12.17 11.56
CHB HEC JB . 28.19 -15.43 14.35
CHC HEC JB . 32.47 -17.39 15.40
CHD HEC JB . 34.49 -14.05 12.75
NA HEC JB . 29.64 -13.98 13.03
C1A HEC JB . 29.35 -12.93 12.22
C2A HEC JB . 27.94 -12.75 12.12
C3A HEC JB . 27.35 -13.66 12.87
C4A HEC JB . 28.40 -14.42 13.48
CMA HEC JB . 25.85 -13.80 13.08
CAA HEC JB . 27.24 -11.70 11.24
CBA HEC JB . 26.71 -12.49 10.05
CGA HEC JB . 26.21 -11.52 9.03
O1A HEC JB . 26.93 -11.01 8.14
O2A HEC JB . 25.03 -11.23 9.13
NB HEC JB . 30.55 -16.14 14.57
C1B HEC JB . 29.20 -16.16 14.91
C2B HEC JB . 28.99 -17.13 15.97
C3B HEC JB . 30.16 -17.66 16.29
C4B HEC JB . 31.14 -17.07 15.40
CMB HEC JB . 27.66 -17.47 16.67
CAB HEC JB . 30.31 -18.79 17.35
CBB HEC JB . 31.08 -18.44 18.63
NC HEC JB . 33.10 -15.55 14.01
C1C HEC JB . 33.41 -16.68 14.72
C2C HEC JB . 34.85 -16.91 14.79
C3C HEC JB . 35.37 -16.09 13.89
C4C HEC JB . 34.31 -15.16 13.51
CMC HEC JB . 35.45 -18.22 15.31
CAC HEC JB . 36.86 -15.87 13.47
CBC HEC JB . 37.89 -16.97 13.82
ND HEC JB . 32.18 -13.41 12.27
C1D HEC JB . 33.54 -13.18 12.31
C2D HEC JB . 33.83 -11.86 11.80
C3D HEC JB . 32.50 -11.26 11.40
C4D HEC JB . 31.56 -12.28 11.75
CMD HEC JB . 35.19 -11.16 11.64
CAD HEC JB . 32.23 -9.86 10.80
CBD HEC JB . 32.37 -8.84 11.93
CGD HEC JB . 31.95 -7.46 11.50
O1D HEC JB . 30.77 -7.08 11.77
O2D HEC JB . 32.82 -6.76 10.88
HHA HEC JB . 29.91 -11.51 10.91
HHB HEC JB . 27.27 -15.64 14.61
HHC HEC JB . 32.75 -18.16 15.92
HHD HEC JB . 35.41 -13.86 12.47
HMA1 HEC JB . 25.66 -13.84 14.05
HMA2 HEC JB . 25.53 -14.62 12.65
HMA3 HEC JB . 25.39 -13.02 12.70
HAA1 HEC JB . 27.88 -11.03 10.94
HAA2 HEC JB . 26.52 -11.27 11.72
HBA1 HEC JB . 25.99 -13.07 10.34
HBA2 HEC JB . 27.42 -13.04 9.67
HMB1 HEC JB . 27.75 -17.32 17.62
HMB2 HEC JB . 27.44 -18.41 16.52
HMB3 HEC JB . 26.95 -16.92 16.31
HAB HEC JB . 30.83 -19.48 16.91
HBB1 HEC JB . 32.04 -18.58 18.49
HMC1 HEC JB . 36.20 -18.03 15.88
HMC2 HEC JB . 35.74 -18.76 14.57
HMC3 HEC JB . 34.77 -18.71 15.82
HAC HEC JB . 36.84 -15.84 12.51
HBC1 HEC JB . 38.62 -16.56 14.32
HBC2 HEC JB . 38.23 -17.35 12.99
HBC3 HEC JB . 37.46 -17.65 14.35
HMD1 HEC JB . 35.06 -10.19 11.60
HMD2 HEC JB . 35.61 -11.46 10.81
HAD1 HEC JB . 31.34 -9.82 10.43
HAD2 HEC JB . 32.88 -9.67 10.11
HBD1 HEC JB . 33.29 -8.81 12.22
HBD2 HEC JB . 31.81 -9.12 12.68
CA CA KB . 40.56 -2.76 18.52
CL CL LB . 12.77 49.28 7.72
FE HEC MB . 20.11 62.46 -2.15
CHA HEC MB . 17.91 62.43 0.45
CHB HEC MB . 20.31 65.91 -1.71
CHC HEC MB . 21.89 62.87 -5.17
CHD HEC MB . 19.06 59.46 -3.19
NA HEC MB . 19.21 63.90 -0.93
C1A HEC MB . 18.50 63.62 0.19
C2A HEC MB . 18.44 64.78 1.05
C3A HEC MB . 19.10 65.74 0.43
C4A HEC MB . 19.58 65.22 -0.81
CMA HEC MB . 19.36 67.16 0.94
CAA HEC MB . 17.73 64.84 2.41
CBA HEC MB . 18.77 64.90 3.50
CGA HEC MB . 18.07 64.82 4.85
O1A HEC MB . 17.91 65.83 5.57
O2A HEC MB . 17.69 63.72 5.25
NB HEC MB . 20.91 64.01 -3.24
C1B HEC MB . 20.87 65.36 -2.85
C2B HEC MB . 21.60 66.16 -3.81
C3B HEC MB . 22.04 65.35 -4.77
C4B HEC MB . 21.63 63.99 -4.43
CMB HEC MB . 21.74 67.68 -3.76
CAB HEC MB . 22.89 65.83 -5.94
CBB HEC MB . 22.00 66.14 -7.16
NC HEC MB . 20.33 61.47 -3.93
C1C HEC MB . 21.28 61.67 -4.92
C2C HEC MB . 21.50 60.42 -5.61
C3C HEC MB . 20.73 59.49 -5.02
C4C HEC MB . 19.97 60.14 -3.99
CMC HEC MB . 22.50 60.20 -6.75
CAC HEC MB . 20.47 57.99 -5.28
CBC HEC MB . 21.33 57.20 -6.27
ND HEC MB . 18.73 61.17 -1.48
C1D HEC MB . 18.41 60.00 -2.12
C2D HEC MB . 17.28 59.43 -1.52
C3D HEC MB . 16.91 60.34 -0.39
C4D HEC MB . 17.86 61.38 -0.44
CMD HEC MB . 16.59 58.14 -1.87
CAD HEC MB . 15.76 60.17 0.61
CBD HEC MB . 14.47 60.65 -0.08
CGD HEC MB . 13.29 60.61 0.89
O1D HEC MB . 12.91 61.70 1.39
O2D HEC MB . 12.73 59.50 1.18
HHA HEC MB . 17.47 62.30 1.32
HHB HEC MB . 20.43 66.87 -1.56
HHC HEC MB . 22.53 62.92 -5.91
HHD HEC MB . 18.87 58.53 -3.42
HMA1 HEC MB . 20.29 67.24 1.24
HMA2 HEC MB . 18.76 67.36 1.68
HMA3 HEC MB . 19.20 67.80 0.20
HAA1 HEC MB . 17.19 64.05 2.52
HAA2 HEC MB . 17.18 65.63 2.45
HBA1 HEC MB . 19.26 65.74 3.44
HBA2 HEC MB . 19.38 64.16 3.41
HMB1 HEC MB . 21.39 68.06 -4.58
HMB2 HEC MB . 22.68 67.91 -3.68
HMB3 HEC MB . 21.25 68.03 -3.00
HAB HEC MB . 23.49 65.12 -6.20
HBB1 HEC MB . 21.07 66.05 -6.89
HMC1 HEC MB . 22.02 59.84 -7.53
HMC2 HEC MB . 23.19 59.58 -6.48
HMC3 HEC MB . 22.90 61.05 -7.01
HAC HEC MB . 20.65 57.57 -4.43
HBC1 HEC MB . 20.74 56.70 -6.86
HBC2 HEC MB . 21.90 56.59 -5.78
HBC3 HEC MB . 21.86 57.83 -6.78
HMD1 HEC MB . 15.74 58.08 -1.38
HMD2 HEC MB . 17.19 57.42 -1.59
HAD1 HEC MB . 15.92 60.70 1.40
HAD2 HEC MB . 15.68 59.23 0.85
HBD1 HEC MB . 14.28 60.06 -0.83
HBD2 HEC MB . 14.60 61.55 -0.39
CA CA NB . 6.16 56.20 -7.92
CL CL OB . -1.52 39.45 11.41
FE HEC PB . -12.48 32.65 24.04
CHA HEC PB . -12.06 35.71 22.71
CHB HEC PB . -15.38 33.77 25.53
CHC HEC PB . -12.67 29.79 26.10
CHD HEC PB . -9.24 31.89 23.43
NA HEC PB . -13.50 34.40 24.15
C1A HEC PB . -13.24 35.51 23.38
C2A HEC PB . -14.37 36.42 23.40
C3A HEC PB . -15.29 35.88 24.18
C4A HEC PB . -14.77 34.62 24.68
CMA HEC PB . -16.65 36.49 24.48
CAA HEC PB . -14.46 37.76 22.64
CBA HEC PB . -15.28 37.58 21.37
CGA HEC PB . -15.40 38.90 20.63
O1A HEC PB . -14.54 39.12 19.74
O2A HEC PB . -16.35 39.71 20.92
NB HEC PB . -13.73 31.94 25.58
C1B HEC PB . -14.89 32.56 25.97
C2B HEC PB . -15.57 31.71 26.91
C3B HEC PB . -14.85 30.62 27.09
C4B HEC PB . -13.69 30.72 26.25
CMB HEC PB . -16.90 32.00 27.60
CAB HEC PB . -15.35 29.48 27.98
CBB HEC PB . -14.79 29.63 29.40
NC HEC PB . -11.20 31.19 24.73
C1C HEC PB . -11.53 30.00 25.37
C2C HEC PB . -10.46 29.03 25.14
C3C HEC PB . -9.53 29.60 24.41
C4C HEC PB . -9.97 30.96 24.15
CMC HEC PB . -10.48 27.60 25.73
CAC HEC PB . -8.14 29.11 23.92
CBC HEC PB . -7.81 27.63 23.85
ND HEC PB . -10.92 33.63 23.16
C1D HEC PB . -9.62 33.17 23.15
C2D HEC PB . -8.74 34.24 22.74
C3D HEC PB . -9.63 35.43 22.53
C4D HEC PB . -10.95 34.95 22.81
CMD HEC PB . -7.23 34.26 22.54
CAD HEC PB . -9.19 36.84 22.09
CBD HEC PB . -8.48 37.51 23.23
CGD HEC PB . -8.16 38.92 22.81
O1D HEC PB . -8.95 39.81 23.16
O2D HEC PB . -7.12 39.18 22.12
HHA HEC PB . -12.03 36.47 22.09
HHB HEC PB . -16.26 34.03 25.87
HHC HEC PB . -12.78 28.92 26.55
HHD HEC PB . -8.37 31.59 23.09
HMA1 HEC PB . -17.35 35.96 24.05
HMA2 HEC PB . -16.69 37.41 24.12
HMA3 HEC PB . -16.80 36.52 25.45
HAA1 HEC PB . -13.58 38.06 22.41
HAA2 HEC PB . -14.89 38.43 23.21
HBA1 HEC PB . -16.16 37.25 21.60
HBA2 HEC PB . -14.84 36.93 20.80
HMB1 HEC PB . -16.79 31.96 28.56
HMB2 HEC PB . -17.57 31.35 27.32
HMB3 HEC PB . -17.21 32.90 27.36
HAB HEC PB . -16.30 29.53 28.03
HBB1 HEC PB . -14.25 30.42 29.41
HMC1 HEC PB . -9.66 27.45 26.23
HMC2 HEC PB . -10.53 26.96 25.01
HMC3 HEC PB . -11.25 27.50 26.31
HAC HEC PB . -8.09 29.41 23.02
HBC1 HEC PB . -6.95 27.48 24.29
HBC2 HEC PB . -7.76 27.37 22.93
HBC3 HEC PB . -8.51 27.13 24.31
HMD1 HEC PB . -6.93 35.19 22.46
HMD2 HEC PB . -7.02 33.79 21.71
HAD1 HEC PB . -9.97 37.35 21.84
HAD2 HEC PB . -8.59 36.76 21.33
HBD1 HEC PB . -7.66 37.04 23.44
HBD2 HEC PB . -9.04 37.52 24.02
CA CA QB . 1.97 38.13 29.44
C1 NAG RB . -9.87 62.41 7.36
C2 NAG RB . -9.45 63.66 8.18
C3 NAG RB . -10.68 64.51 8.59
C4 NAG RB . -11.61 64.77 7.40
C5 NAG RB . -11.98 63.44 6.73
C6 NAG RB . -12.92 63.57 5.55
C7 NAG RB . -7.58 63.89 9.79
C8 NAG RB . -6.98 63.36 11.06
N2 NAG RB . -8.69 63.27 9.37
O3 NAG RB . -10.22 65.74 9.15
O4 NAG RB . -12.78 65.48 7.82
O5 NAG RB . -10.78 62.80 6.26
O6 NAG RB . -12.42 64.41 4.52
O7 NAG RB . -7.07 64.83 9.17
H2 NAG RB . -8.88 64.21 7.61
H3 NAG RB . -11.19 64.01 9.25
H4 NAG RB . -11.15 65.33 6.74
H5 NAG RB . -12.43 62.87 7.39
H61 NAG RB . -13.77 63.94 5.87
H62 NAG RB . -13.09 62.68 5.18
H81 NAG RB . -6.20 63.91 11.31
H82 NAG RB . -6.69 62.44 10.92
H83 NAG RB . -7.63 63.40 11.77
HN2 NAG RB . -9.00 62.57 9.86
HO3 NAG RB . -10.91 66.23 9.40
HO4 NAG RB . -13.06 66.02 7.17
HO6 NAG RB . -13.08 64.62 3.95
C1 OXL SB . 0.67 14.42 10.66
C2 OXL SB . 1.65 13.22 11.01
O1 OXL SB . -0.54 14.25 10.56
O2 OXL SB . 1.05 12.04 11.20
O3 OXL SB . 1.29 15.58 10.48
O4 OXL SB . 2.87 13.40 11.08
CL CL TB . -21.21 -3.54 -31.37
FE HEC UB . -26.20 12.04 -23.51
CHA HEC UB . -24.79 9.05 -22.32
CHB HEC UB . -25.54 13.39 -20.36
CHC HEC UB . -28.19 14.75 -24.23
CHD HEC UB . -27.68 10.28 -26.01
NA HEC UB . -25.38 11.31 -21.63
C1A HEC UB . -24.69 10.14 -21.49
C2A HEC UB . -23.86 10.22 -20.33
C3A HEC UB . -24.07 11.42 -19.80
C4A HEC UB . -25.03 12.13 -20.59
CMA HEC UB . -23.44 11.96 -18.56
CAA HEC UB . -22.94 9.07 -19.86
CBA HEC UB . -21.49 9.44 -20.12
CGA HEC UB . -20.60 8.34 -19.64
O1A HEC UB . -20.34 7.46 -20.49
O2A HEC UB . -20.14 8.32 -18.46
NB HEC UB . -26.78 13.76 -22.49
C1B HEC UB . -26.39 14.09 -21.20
C2B HEC UB . -26.98 15.37 -20.89
C3B HEC UB . -27.72 15.76 -21.92
C4B HEC UB . -27.60 14.76 -22.98
CMB HEC UB . -26.85 16.13 -19.56
CAB HEC UB . -28.45 17.13 -21.94
CBB HEC UB . -29.80 17.08 -21.28
NC HEC UB . -27.75 12.40 -24.79
C1C HEC UB . -28.24 13.66 -25.08
C2C HEC UB . -28.80 13.61 -26.42
C3C HEC UB . -28.61 12.39 -26.89
C4C HEC UB . -27.97 11.62 -25.87
CMC HEC UB . -29.46 14.78 -27.17
CAC HEC UB . -29.02 11.71 -28.22
CBC HEC UB . -29.44 12.55 -29.43
ND HEC UB . -26.20 9.98 -24.09
C1D HEC UB . -27.00 9.50 -25.11
C2D HEC UB . -27.00 8.07 -25.07
C3D HEC UB . -26.11 7.67 -23.93
C4D HEC UB . -25.66 8.92 -23.37
CMD HEC UB . -27.74 7.10 -25.97
CAD HEC UB . -25.80 6.22 -23.50
CBD HEC UB . -26.98 5.72 -22.66
CGD HEC UB . -26.63 4.38 -22.07
O1D HEC UB . -26.39 4.29 -20.83
O2D HEC UB . -26.55 3.38 -22.82
HHA HEC UB . -24.18 8.30 -22.15
HHB HEC UB . -25.28 13.83 -19.53
HHC HEC UB . -28.60 15.59 -24.54
HHD HEC UB . -27.98 9.84 -26.83
HMA1 HEC UB . -22.82 12.70 -18.80
HMA2 HEC UB . -22.93 11.26 -18.10
HMA3 HEC UB . -24.13 12.32 -17.96
HAA1 HEC UB . -23.15 8.26 -20.34
HAA2 HEC UB . -23.06 8.93 -18.91
HBA1 HEC UB . -21.28 10.26 -19.64
HBA2 HEC UB . -21.36 9.58 -21.07
HMB1 HEC UB . -27.73 16.26 -19.18
HMB2 HEC UB . -26.43 17.00 -19.72
HMB3 HEC UB . -26.30 15.62 -18.95
HAB HEC UB . -28.57 17.36 -22.86
HBB1 HEC UB . -29.87 16.23 -20.80
HMC1 HEC UB . -30.34 14.51 -27.48
HMC2 HEC UB . -28.91 15.02 -27.94
HMC3 HEC UB . -29.53 15.55 -26.57
HAC HEC UB . -28.23 11.26 -28.50
HBC1 HEC UB . -30.29 12.21 -29.77
HBC2 HEC UB . -28.76 12.48 -30.11
HBC3 HEC UB . -29.55 13.48 -29.16
HMD1 HEC UB . -27.83 6.23 -25.52
HMD2 HEC UB . -27.26 7.00 -26.82
HAD1 HEC UB . -24.99 6.20 -22.97
HAD2 HEC UB . -25.69 5.66 -24.28
HBD1 HEC UB . -27.75 5.64 -23.23
HBD2 HEC UB . -27.15 6.36 -21.95
CA CA VB . -37.79 0.58 -24.60
CL CL WB . -24.74 -20.63 -34.16
FE HEC XB . -18.53 -37.49 -34.74
CHA HEC XB . -19.25 -35.35 -32.17
CHB HEC XB . -18.25 -40.02 -32.48
CHC HEC XB . -17.01 -39.63 -37.11
CHD HEC XB . -17.79 -34.92 -36.74
NA HEC XB . -18.62 -37.64 -32.70
C1A HEC XB . -19.14 -36.69 -31.88
C2A HEC XB . -19.53 -37.28 -30.63
C3A HEC XB . -19.26 -38.56 -30.69
C4A HEC XB . -18.69 -38.81 -32.01
CMA HEC XB . -19.52 -39.61 -29.59
CAA HEC XB . -20.15 -36.51 -29.43
CBA HEC XB . -21.62 -36.83 -29.37
CGA HEC XB . -22.25 -35.94 -28.36
O1A HEC XB . -22.69 -34.84 -28.77
O2A HEC XB . -22.32 -36.35 -27.18
NB HEC XB . -17.70 -39.38 -34.82
C1B HEC XB . -17.77 -40.26 -33.75
C2B HEC XB . -17.31 -41.55 -34.21
C3B HEC XB . -16.93 -41.47 -35.48
C4B HEC XB . -17.19 -40.10 -35.87
CMB HEC XB . -17.22 -42.83 -33.38
CAB HEC XB . -16.41 -42.63 -36.33
CBB HEC XB . -14.97 -42.80 -35.92
NC HEC XB . -17.51 -37.36 -36.48
C1C HEC XB . -17.18 -38.33 -37.40
C2C HEC XB . -16.79 -37.73 -38.65
C3C HEC XB . -17.25 -36.49 -38.62
C4C HEC XB . -17.55 -36.19 -37.22
CMC HEC XB . -16.68 -38.61 -39.89
CAC HEC XB . -17.16 -35.35 -39.68
CBC HEC XB . -17.07 -35.69 -41.19
ND HEC XB . -18.52 -35.44 -34.49
C1D HEC XB . -18.09 -34.57 -35.46
C2D HEC XB . -18.04 -33.26 -34.92
C3D HEC XB . -18.50 -33.37 -33.51
C4D HEC XB . -18.77 -34.77 -33.31
CMD HEC XB . -17.61 -32.00 -35.64
CAD HEC XB . -18.61 -32.25 -32.48
CBD HEC XB . -17.21 -31.99 -31.97
CGD HEC XB . -17.23 -30.91 -30.91
O1D HEC XB . -17.11 -31.28 -29.72
O2D HEC XB . -17.39 -29.69 -31.23
HHA HEC XB . -19.70 -34.78 -31.51
HHB HEC XB . -18.28 -40.77 -31.85
HHC HEC XB . -16.73 -40.24 -37.83
HHD HEC XB . -17.75 -34.19 -37.40
HMA1 HEC XB . -20.20 -40.24 -29.90
HMA2 HEC XB . -19.83 -39.15 -28.78
HMA3 HEC XB . -18.69 -40.09 -29.39
HAA1 HEC XB . -20.04 -35.55 -29.56
HAA2 HEC XB . -19.72 -36.78 -28.60
HBA1 HEC XB . -21.74 -37.76 -29.10
HBA2 HEC XB . -22.03 -36.70 -30.24
HMB1 HEC XB . -16.66 -43.48 -33.84
HMB2 HEC XB . -18.12 -43.19 -33.32
HAB HEC XB . -16.92 -43.43 -36.15
HBB1 HEC XB . -14.74 -42.02 -35.38
HMC1 HEC XB . -15.92 -38.34 -40.42
HMC2 HEC XB . -17.49 -38.53 -40.42
HMC3 HEC XB . -16.56 -39.54 -39.62
HAC HEC XB . -18.00 -34.87 -39.59
HBC1 HEC XB . -16.31 -35.21 -41.57
HBC2 HEC XB . -17.89 -35.39 -41.62
HBC3 HEC XB . -16.96 -36.63 -41.30
HMD1 HEC XB . -17.37 -31.32 -34.97
HMD2 HEC XB . -18.35 -31.67 -36.19
HAD1 HEC XB . -19.19 -32.52 -31.75
HAD2 HEC XB . -18.97 -31.45 -32.90
HBD1 HEC XB . -16.65 -31.70 -32.70
HBD2 HEC XB . -16.84 -32.80 -31.59
CA CA YB . -7.13 -25.69 -35.02
#